data_9DGQ
#
_entry.id   9DGQ
#
loop_
_entity.id
_entity.type
_entity.pdbx_description
1 polymer 'Cytoplasmic dynein 1 heavy chain 1'
2 polymer 'Dynein light intermediate chain'
3 non-polymer "ADENOSINE-5'-DIPHOSPHATE"
4 non-polymer "ADENOSINE-5'-TRIPHOSPHATE"
5 non-polymer 'MAGNESIUM ION'
6 non-polymer 'PHOSPHOAMINOPHOSPHONIC ACID-ADENYLATE ESTER'
#
loop_
_entity_poly.entity_id
_entity_poly.type
_entity_poly.pdbx_seq_one_letter_code
_entity_poly.pdbx_strand_id
1 'polypeptide(L)'
;MSEPGGGGGEDGSAGLEVSAVQNVADVSVLQKHLRKLVPLLLEDGGEAPAALEAALEEKSALEQMRKFLSDPQVHTVLVE
RSTLKEDVGDEGEEEKEFISYNINIDIHYGVKSNSLAFIKRAPVIDADKPVSSQLRVLTLSEDSPYETLHSFISNAVAPF
FKSYIRESGKADRDGDKMAPSVEKKIAELEMGLLHLQQNIEIPEISLPIHPIITNVAKQCYERGEKPKVTDFGDKVEDPT
FLNQLQSGVNRWIREIQKVTKLDRDPASGTALQEISFWLNLERALYRIQEKRESPEVLLTLDILKHGKRFHATVSFDTDT
GLKQALETVNDYNPLMKDFPLNDLLSATELDKIRQALVAIFTHLRKIRNTKYPIQRALRLVEAISRDLSSQLLKVLGTRK
LMHVAYEEFEKVMVACFEVFQTWDDEYEKLQVLLRDIVKRKREENLKMVWRINPAHRKLQARLDQMRKFRRQHEQLRAVI
VRVLRPQVTAVAQQNQGEAPEPQDMKVAEVLFDAADANAIEEVNLAYENVKEVDGLDVSKEGTEAWEAAMKRYDERIDRV
ETRITARLRDQLGTAKNANEMFRIFSRFNALFVRPHIRGAIREYQTQLIQRVKDDIESLHDKFKVQYPQSQACKMSHVRD
LPPVSGSIIWAKQIDRQLTAYMKRVEDVLGKGWENHVEGQKLKQDGDSFRMKLNTQEIFDDWARKVQQRNLGVSGRIFAI
ESTRVRGRSGNVLKLKVNFLPEIITLSKEVRNLKWLGFRVPLAIVNKAHQANQLYPFAISLIESVRTYERTCEKVEERNT
ISLLVAGLKKEVQALIAEGIALVWESYKLDPYVQRLAETVFNFQEKVDDLLIIEEKIDLEVRSLETCVYDHKTFSEILNR
VQKAVDDLNLHSYSNLPIWVNKLDMEIERILGVRLQAGLRAWTQVLLGQAEDKAEVDMDTDAPQVSHKPGGEPKIKNVVH
ELRITNQVIYLNPPIEECRYKLYQEMFAWKMVVLSLPRIQSQRYQVGVHYELTEEEKFYRNALTRMPDGPVALEESYSAV
MGIVTEVEQYVKVWLQYQCLWDMQAENIYNRLGEDLNKWQALLVQIRKARGTFDNAETKKEFGPVVIDYGKVQSKVNLKY
DSWHKEVLSKFGQMLGSNMTEFHSQISKSRQELEQHSVDTASTSDAVTFITYVQSLKRKIKQFEKQVELYRNGQRLLEKQ
RFQFPPSWLYIDNIEGEWGAFNDIMRRKDSAIQQQVANLQMKIVQEDRAVESRTTDLLADWEKTKPVTGNLRPEEALQAL
TIYEGKFGRLKDDREKCAKAKEALELTETGLLSGSEERVQVALEELQDLKGVWSELSKIWEQIDQMKEQPWVSVQPRKLR
QNLDGLLNQLKNFPARLRQYASYEFVQRLLKGYLKINMLVIELKSEALKDRHWKQLMKRLHVNWVVSELTLGQIWDVDLQ
KNEAVVKDVLLVAQGEMALEEFLKQIREVWNTYELDLVNYQNKCRLIRGWDDLFNKVKEHINSVSAMKLSPYYKVFEEDA
LSWEDKLNRIMALFDVWIDVQRRWVYLEGIFTGSADIKHLLPVETQRFQSISTEFLALMKKVSKSPLVMDVLNIQGVQRS
LERLADLLGKIQKALGEYLERERSSFPRFYFVGDEDLLEIIGNSKNVAKLQKHFKKMFAGVSSIILSEDNSVVLGISSRE
GEEVTFKTPVSITEHPKINEWLTLVEKEMRVTLAKLLAESVTEVEIFGKATSIDPNTYITWIDKYQAQLVVLSAQIAWSE
NVEAALSSIGGSGDSAPLQSVLSNVEVTLNVLADSVLMEQPPLRRRKLEHLITELVHQRDVTRSLIKSKIDNAKSFEWLS
QMRFYFDPKQTDVLQQLSIQMANAKFNYGFEYLGVQDKLVQTPLTDRCYLTMTQALEARLGGSPFGPAGTGKTESVKALG
HQLGRFVLVFNCDETFDFQAMGRIFVGLCQVGAWGCFDEFNRLEERMLSAVSQQVQCIQEALREHSSPNHDKASAPITCE
LLNKQVKVSPDMAIFITMNPGYAGRSNLPDNLKKLFRSLAMTKPDRQLIAQVMLYSQGFRTAEVLANKIVPFFKLCDEQL
SSQSHYDFGLRALKSVLVSAGNVKRERIQKIKREKEERGEAVDEGEIAENLPEQEILIQSVCETMVPKLVAEDIPLLFSL
LSDVFPGVQYHRGEMTALREELKKVCQEMYLTYGDGEEVGGMWVEKVLQLYQITQINHGLMMVGPSGSGKSMAWRVLLKA
LERLEGVEGVAHIIDPKAISKDHLYGTLDPNTREWTDGLFTHVLRKIIDNVRGELQKRQWIVFDGDVDPEWVENLNSVLD
DNKLLTLPNGERLSLPPNVRIMFEVQDLKYATLATVSRCGMVWFSEDVLSTDMIFNNFLARLRSIPLDEGEDEAQRRRKG
KEDEGEEAASPMLQIQRDAATTLQPYFTPNGLVTKALEHAFKLEHIMDLTRLRCLGSLFSMLHQACRNVAQYNANHPDFP
MQMEQLERYIQRYLVYAILWSLSGDSRLKMRAELGEYIRRITTVPLPAAPNIPIIDYEVSISGEWSPWQAKVPQIEVETH
KVAAPDVVVPTLDTVRHEALLYTWLAEHKPLVLCGPPGSGKTMTLFSALRALPDMEVVGLNFSSATTPELLLKTFDHYCE
YRRTPNGVVLAPVQLGKWLVLFCDEINLPDMDKYGTQRVISFIRQMVEHGGFYRTSDQTWVKLERIQFVGACNPPTDPGR
KPLSHRFLRHVPVVYVDYPGPASLTQIYGTFNRAMLRLVPSLRTYAEPLTAAMVEFYTMSQERFTQDTQPHYIYSPREMT
RWVRGIFEALRPLETLPVEGLIRIWAHEALRLFQDRLVEDEERRWTDENIDLVALKHFPNIDKEKAMSRPILYSNWLSKD
YIPVDQEELRDYVKARLKVFYEEELDVPLVLFNEVLDHVLRIDRIFRQPQGHLLLIGVSGAGKTTLSRFVAWMNGLSVYQ
IKVHRKYTGEDFDEDLRTVLRRSGCKNEKIAFIMDESNVLDSGFLERMNTLLANGEVPGLFEGDEYATLMTQCKEGAQKE
GLMLDSHEELYKWFTSQVIRNLHVVFTMNPSSEGLKDRAATSPALFNRCVLNWFGDWSTEALYQVGKEFTSKMDLEKPNY
VVPDYMPVVYDKLPQPPSHREAIVNSCVFVHQTLHQANARLAKRGGRTMAITPRHYLDFINHYANLFHEKRSELEEQQMH
LNVGLRKIKETVDQVEELRRDLRIKSQELEVKNAAANDKLKKMVKDQQEAEKKKVMSQEIQEQLHKQQEVIADKQMSVKE
DLDKVEPAVIEAQNAVKSIKKQHLVEVRSMANPPAAVKLALESICLLLGESTTDWKQIRSIIMRENFIPTIVNFSAEEIS
DAIREKMKKNYMSNPSYNYEIVNRASLACGPMVKWAIAQLNYADMLKRVEPLRNELQKLEDDAKDNQQKANEVEQMIRDL
EASIARYKEEYAVLISEAQAIKADLAAVEAKVNRSTALLKSLSAERERWEKTSETFKNQMSTIAGDCLLSAAFIAYAGYF
DQQMRQNLFTTWSHHLQQANIQFRTDIARTEYLSNADERLRWQASSLPADDLCTENAIMLKRFNRYPLIIDPSGQATEFI
MNEYKDRKITRTSFLDDAFRKNLESALRFGNPLLVQDVESYDPVLNPVLNREVRRTGGRVLITLGDQDIDLSPSFVIFLS
TRDPTVEFPPDLCSRVTFVNFTVTRSSLQSQCLNEVLKAERPDVDEKRSDLLKLQGEFQLRLRQLEKSLLQALNEVKGRI
LDDDTIITTLENLKREAAEVTRKVEETDIVMQEVETVSQQYLPLSTACSSIYFTMESLKQIHFLYQYSLQFFLDIYHNVL
YENPNLKGVTDHTQRLCIITKDLFQVAFNRVARGMLHQDHITFAMLLARIKLKGTVGEPTYEAEFQHFLRGKEIVLSAGS
TPKIPGLTVEQAEAVVRLSCLPAFKDLIAKVQADEQFSIWLDSSSPEQTVPHLWSEENPATPIGQAIHRLLLIQAFRPDR
LLAMAHVFVSTNLGESFMSIMEQPLDLTHIVDTEVKPNTPVLMCSVPGYDASGHVEDLAAEQNTQITSIAIGSAEGFNQA
DKAINTAVKSGRWVMLKNVHLAPGWLMQLEKKLHSLQPHACFRLFLTMEINPKVPVNLLRAGRIFVFEPPPGVKANMLRT
FSSVPVSRICKSPNERARLYFLLAWFHAIIQERLRYAPLGWSKKYEFGESDLRSACDTVDTWLDDTAKGRQNISPDKIPW
SALKTLMAQSIYGGRVDNEFDQRLLNTFLERLFTTRSFDSEFKLACKVDGHKDIQMPDGIRREEFVQWVELLPDTQTPSW
LGLPNNAERVLLTTQGVDMISKMLKMQMLEDEDDLAYAETEKKTRTDSTADGRPAWMRTLHTTASNWLHLIPQTLSHLKR
TVDNIKDPLFRFFEREVKMGARLLQDVRQDLADVVQVCEGKKKQTNYLRTLINELVKGILPRSWSHYTVPAGMTVIQWVS
DFSERIKQLQSVSQAAASGGAKELKNIHVCLGGLFVPEAYITATRQYVAQANSWSLEELCLEVIVTTSQSATLDACSFGV
TGLKLQGATCSNNKLSLSNAISTVLPLTQLRWVKQTNAEKKANVVTLPVYLNFTRADLIFTVDFEIATKEDPRSFYERGV
AVLCTE
;
m,n
2 'polypeptide(L)'
;MAPVGVEKKLLLGPNGPAVAAAGDLTSEEEEGQSLWSSILSEVSTRARSKLPSGKNILVFGEDGSGKTTLMTKLQGAEHG
KKGRGLEYLYLSIHDEDRDDHTRCNVWILDGDLYHKGLLKFAVSAESLPETLVIFVADMSRPWTVMESLQKWASVLREHI
DKMKIPPEEMRELERKFMKDFQDYIEPEEGSQGSPQRRGPLTSGPDEENVALPLGDNVLTHNLGVPVLVVCTKCDAVSVL
EKEHDYRDEHFDFIQSHLRRFCLQYGAALIYTSVKEEKNLDLLYKYIVHKTYGFHFTTPALVVEKEAVFIPAGWDNEKKI
AILHENFTTVKPEDAYEDFIVKPPVRKLVHDKELAAEDEQVFLMKQQSLLAKQPATPTRASESPARGPSGSPRTQGRGGP
ASVPSASPGTSVKKPDPNIKNNAASEGVLASFFNSLLSKKTGSPGSPGAGGVQSTAKKSGQKTVLTNVQEELDRMTRKPD
SMVTNSSTENEA
;
q,r
#
# COMPACT_ATOMS: atom_id res chain seq x y z
N VAL A 992 -136.75 100.61 36.00
CA VAL A 992 -137.91 101.50 35.80
C VAL A 992 -138.56 101.73 37.18
N VAL A 993 -138.63 100.67 37.97
CA VAL A 993 -139.27 100.76 39.32
C VAL A 993 -138.23 100.93 40.41
N LEU A 994 -137.18 100.12 40.40
CA LEU A 994 -136.23 100.10 41.54
C LEU A 994 -135.50 101.43 41.75
N SER A 995 -135.44 102.27 40.71
CA SER A 995 -134.71 103.55 40.80
C SER A 995 -135.66 104.72 41.14
N LEU A 996 -136.92 104.44 41.43
CA LEU A 996 -137.88 105.56 41.69
C LEU A 996 -137.58 106.20 43.05
N PRO A 997 -137.89 107.49 43.26
CA PRO A 997 -137.62 108.13 44.54
C PRO A 997 -138.56 107.63 45.65
N ARG A 998 -138.00 107.40 46.82
CA ARG A 998 -138.82 106.93 47.96
C ARG A 998 -139.43 108.12 48.70
N ILE A 999 -140.72 108.01 49.00
CA ILE A 999 -141.40 109.11 49.73
C ILE A 999 -140.86 109.14 51.16
N GLN A 1000 -140.59 110.34 51.67
CA GLN A 1000 -140.06 110.48 53.04
C GLN A 1000 -141.05 111.32 53.86
N SER A 1001 -141.43 110.85 55.05
CA SER A 1001 -142.34 111.65 55.91
C SER A 1001 -141.66 112.96 56.30
N GLN A 1002 -140.37 112.91 56.62
CA GLN A 1002 -139.65 114.13 57.10
C GLN A 1002 -138.81 114.73 55.97
N ARG A 1003 -139.23 114.60 54.71
CA ARG A 1003 -138.50 115.29 53.62
C ARG A 1003 -138.57 116.80 53.85
N TYR A 1004 -139.71 117.27 54.35
CA TYR A 1004 -139.90 118.73 54.55
C TYR A 1004 -138.85 119.25 55.53
N GLN A 1005 -138.42 118.41 56.47
CA GLN A 1005 -137.33 118.83 57.38
C GLN A 1005 -136.02 118.76 56.60
N VAL A 1006 -135.36 119.90 56.47
CA VAL A 1006 -134.11 119.96 55.66
C VAL A 1006 -132.93 119.92 56.63
N GLY A 1007 -131.93 119.09 56.31
CA GLY A 1007 -130.77 118.95 57.22
C GLY A 1007 -131.10 118.12 58.44
N VAL A 1008 -132.20 117.36 58.39
CA VAL A 1008 -132.54 116.48 59.54
C VAL A 1008 -131.45 115.44 59.71
N HIS A 1009 -131.06 115.19 60.96
CA HIS A 1009 -129.91 114.27 61.21
C HIS A 1009 -130.42 112.83 61.21
N TYR A 1010 -130.81 112.36 60.04
CA TYR A 1010 -131.30 110.97 59.89
C TYR A 1010 -130.48 110.29 58.79
N GLU A 1011 -129.97 109.11 59.10
CA GLU A 1011 -129.21 108.36 58.08
C GLU A 1011 -130.11 107.98 56.91
N LEU A 1012 -129.58 108.13 55.69
CA LEU A 1012 -130.35 107.78 54.48
C LEU A 1012 -129.48 106.94 53.54
N THR A 1013 -129.87 105.69 53.33
CA THR A 1013 -129.17 104.79 52.40
C THR A 1013 -129.94 104.73 51.08
N GLU A 1014 -129.41 103.96 50.12
CA GLU A 1014 -130.08 103.85 48.80
C GLU A 1014 -131.47 103.21 48.96
N GLU A 1015 -131.60 102.18 49.80
CA GLU A 1015 -132.91 101.56 50.05
C GLU A 1015 -133.85 102.57 50.70
N GLU A 1016 -133.33 103.43 51.57
CA GLU A 1016 -134.16 104.53 52.11
C GLU A 1016 -134.47 105.55 51.01
N LYS A 1017 -133.49 105.87 50.18
CA LYS A 1017 -133.70 106.92 49.15
C LYS A 1017 -134.64 106.46 48.04
N PHE A 1018 -134.47 105.23 47.56
CA PHE A 1018 -135.29 104.72 46.45
C PHE A 1018 -136.05 103.49 46.90
N TYR A 1019 -136.98 103.04 46.05
CA TYR A 1019 -137.67 101.77 46.34
C TYR A 1019 -136.80 100.65 45.78
N ARG A 1020 -135.64 100.46 46.40
CA ARG A 1020 -134.75 99.36 45.97
C ARG A 1020 -135.30 98.02 46.48
N ASN A 1021 -136.27 98.08 47.39
CA ASN A 1021 -136.83 96.85 47.99
C ASN A 1021 -138.20 96.49 47.40
N ALA A 1022 -138.62 97.15 46.33
CA ALA A 1022 -139.94 96.88 45.73
C ALA A 1022 -139.98 95.46 45.19
N LEU A 1023 -138.82 94.93 44.78
CA LEU A 1023 -138.76 93.55 44.24
C LEU A 1023 -139.09 92.54 45.34
N THR A 1024 -139.18 92.97 46.60
CA THR A 1024 -139.57 92.03 47.68
C THR A 1024 -141.02 92.34 48.07
N ARG A 1025 -141.45 93.59 47.87
CA ARG A 1025 -142.83 94.01 48.26
C ARG A 1025 -143.90 93.39 47.35
N MET A 1026 -143.50 92.80 46.22
CA MET A 1026 -144.51 92.27 45.26
C MET A 1026 -145.41 91.27 45.98
N PRO A 1027 -146.76 91.41 45.91
CA PRO A 1027 -147.68 90.56 46.68
C PRO A 1027 -147.79 89.05 46.44
N ASP A 1028 -147.78 88.58 45.17
CA ASP A 1028 -148.01 87.14 44.91
C ASP A 1028 -146.90 86.29 45.52
N GLY A 1029 -145.65 86.73 45.41
CA GLY A 1029 -144.51 85.94 45.92
C GLY A 1029 -143.24 86.46 45.29
N PRO A 1030 -142.09 85.73 45.33
CA PRO A 1030 -140.91 86.19 44.62
C PRO A 1030 -141.13 85.54 43.26
N VAL A 1031 -142.35 85.05 43.03
CA VAL A 1031 -142.57 84.23 41.80
C VAL A 1031 -142.40 85.05 40.52
N ALA A 1032 -142.98 86.26 40.42
CA ALA A 1032 -142.89 87.04 39.17
C ALA A 1032 -141.42 87.37 38.90
N LEU A 1033 -140.72 87.71 39.97
CA LEU A 1033 -139.27 88.01 39.81
C LEU A 1033 -138.50 86.74 39.39
N GLU A 1034 -138.78 85.60 40.01
CA GLU A 1034 -138.06 84.33 39.69
C GLU A 1034 -138.36 83.94 38.24
N GLU A 1035 -139.59 84.16 37.81
CA GLU A 1035 -139.97 83.81 36.43
C GLU A 1035 -139.17 84.64 35.44
N SER A 1036 -138.96 85.92 35.74
CA SER A 1036 -138.14 86.74 34.83
C SER A 1036 -136.72 86.19 34.75
N TYR A 1037 -136.14 85.80 35.89
CA TYR A 1037 -134.75 85.25 35.91
C TYR A 1037 -134.71 83.92 35.17
N SER A 1038 -135.72 83.09 35.41
CA SER A 1038 -135.78 81.78 34.73
C SER A 1038 -135.93 81.99 33.22
N ALA A 1039 -136.73 82.98 32.82
CA ALA A 1039 -136.94 83.24 31.38
C ALA A 1039 -135.61 83.65 30.75
N VAL A 1040 -134.87 84.53 31.42
CA VAL A 1040 -133.58 84.98 30.83
C VAL A 1040 -132.63 83.79 30.75
N MET A 1041 -132.55 83.01 31.83
CA MET A 1041 -131.64 81.83 31.85
C MET A 1041 -132.07 80.84 30.77
N GLY A 1042 -133.38 80.68 30.61
CA GLY A 1042 -133.87 79.73 29.58
C GLY A 1042 -133.48 80.17 28.19
N ILE A 1043 -133.63 81.45 27.87
CA ILE A 1043 -133.32 81.95 26.50
C ILE A 1043 -131.82 81.87 26.23
N VAL A 1044 -131.06 82.27 27.24
CA VAL A 1044 -129.58 82.23 27.09
C VAL A 1044 -129.15 80.77 26.92
N THR A 1045 -129.76 79.88 27.69
CA THR A 1045 -129.39 78.45 27.59
C THR A 1045 -129.75 77.91 26.21
N GLU A 1046 -130.89 78.31 25.68
CA GLU A 1046 -131.26 77.84 24.33
C GLU A 1046 -130.24 78.36 23.31
N VAL A 1047 -129.84 79.61 23.48
CA VAL A 1047 -128.90 80.19 22.49
C VAL A 1047 -127.59 79.43 22.63
N GLU A 1048 -127.22 79.11 23.87
CA GLU A 1048 -125.90 78.46 24.09
C GLU A 1048 -125.93 77.11 23.45
N GLN A 1049 -127.03 76.38 23.59
CA GLN A 1049 -127.12 75.03 22.98
C GLN A 1049 -127.08 75.15 21.45
N TYR A 1050 -127.73 76.18 20.90
CA TYR A 1050 -127.67 76.40 19.43
C TYR A 1050 -126.21 76.69 19.05
N VAL A 1051 -125.47 77.37 19.92
CA VAL A 1051 -124.01 77.63 19.66
C VAL A 1051 -123.29 76.29 19.62
N LYS A 1052 -123.62 75.38 20.55
CA LYS A 1052 -122.84 74.12 20.66
C LYS A 1052 -122.90 73.32 19.37
N VAL A 1053 -124.06 73.20 18.72
CA VAL A 1053 -124.14 72.35 17.50
C VAL A 1053 -123.18 72.95 16.46
N TRP A 1054 -123.29 74.25 16.21
CA TRP A 1054 -122.44 74.94 15.19
C TRP A 1054 -120.95 74.95 15.61
N LEU A 1055 -120.65 74.95 16.91
CA LEU A 1055 -119.26 75.02 17.41
C LEU A 1055 -118.61 73.64 17.28
N GLN A 1056 -119.38 72.56 17.41
CA GLN A 1056 -118.85 71.18 17.19
C GLN A 1056 -118.35 71.04 15.76
N TYR A 1057 -118.66 72.02 14.89
CA TYR A 1057 -118.23 71.95 13.47
C TYR A 1057 -116.72 72.19 13.44
N GLN A 1058 -116.05 72.40 14.57
CA GLN A 1058 -114.57 72.61 14.49
C GLN A 1058 -114.01 71.24 14.09
N CYS A 1059 -114.91 70.33 13.74
CA CYS A 1059 -114.53 68.95 13.36
C CYS A 1059 -113.61 69.03 12.11
N LEU A 1060 -113.86 69.99 11.21
CA LEU A 1060 -112.93 70.11 10.04
C LEU A 1060 -111.52 70.39 10.57
N TRP A 1061 -111.34 71.33 11.50
CA TRP A 1061 -109.96 71.76 11.87
C TRP A 1061 -109.16 70.68 12.61
N ASP A 1062 -109.74 70.09 13.63
CA ASP A 1062 -108.97 69.16 14.50
C ASP A 1062 -108.53 67.90 13.73
N MET A 1063 -109.35 67.39 12.81
CA MET A 1063 -109.08 66.15 12.06
C MET A 1063 -109.01 66.66 10.65
N GLN A 1064 -107.85 66.49 10.06
CA GLN A 1064 -107.59 67.00 8.70
C GLN A 1064 -108.30 66.12 7.68
N ALA A 1065 -108.37 66.56 6.42
CA ALA A 1065 -108.94 65.70 5.35
C ALA A 1065 -108.13 64.40 5.35
N GLU A 1066 -106.83 64.46 5.64
CA GLU A 1066 -105.96 63.26 5.74
C GLU A 1066 -106.47 62.24 6.77
N ASN A 1067 -106.87 62.64 7.99
CA ASN A 1067 -107.46 61.61 8.88
C ASN A 1067 -108.63 60.93 8.17
N ILE A 1068 -109.46 61.69 7.47
CA ILE A 1068 -110.60 61.10 6.69
C ILE A 1068 -109.97 60.19 5.60
N TYR A 1069 -108.87 60.61 4.99
CA TYR A 1069 -108.20 59.81 3.93
C TYR A 1069 -107.60 58.51 4.51
N ASN A 1070 -106.70 58.54 5.57
CA ASN A 1070 -106.30 57.26 6.23
C ASN A 1070 -107.54 56.38 6.46
N ARG A 1071 -108.67 56.97 6.81
CA ARG A 1071 -109.93 56.20 7.04
C ARG A 1071 -110.49 55.62 5.73
N LEU A 1072 -110.44 56.39 4.64
CA LEU A 1072 -110.92 55.90 3.32
C LEU A 1072 -109.94 54.88 2.71
N GLY A 1073 -108.64 55.07 2.92
CA GLY A 1073 -107.62 54.17 2.33
C GLY A 1073 -107.66 54.20 0.82
N GLU A 1074 -107.46 53.06 0.15
CA GLU A 1074 -107.43 53.00 -1.35
C GLU A 1074 -108.81 52.60 -1.90
N ASP A 1075 -109.83 52.48 -1.05
CA ASP A 1075 -111.15 51.95 -1.51
C ASP A 1075 -111.96 53.03 -2.24
N LEU A 1076 -111.96 53.01 -3.59
CA LEU A 1076 -112.67 54.02 -4.43
C LEU A 1076 -114.18 54.03 -4.11
N ASN A 1077 -114.79 52.91 -3.68
CA ASN A 1077 -116.22 52.92 -3.29
C ASN A 1077 -116.48 53.85 -2.09
N LYS A 1078 -115.61 53.82 -1.08
CA LYS A 1078 -115.75 54.71 0.10
C LYS A 1078 -115.56 56.17 -0.31
N TRP A 1079 -114.63 56.43 -1.22
CA TRP A 1079 -114.43 57.82 -1.74
C TRP A 1079 -115.67 58.30 -2.48
N GLN A 1080 -116.27 57.46 -3.32
CA GLN A 1080 -117.53 57.84 -4.03
C GLN A 1080 -118.63 58.13 -3.01
N ALA A 1081 -118.76 57.30 -1.97
CA ALA A 1081 -119.79 57.50 -0.92
C ALA A 1081 -119.54 58.82 -0.15
N LEU A 1082 -118.28 59.11 0.17
CA LEU A 1082 -117.94 60.36 0.91
C LEU A 1082 -118.27 61.59 0.05
N LEU A 1083 -117.96 61.57 -1.24
CA LEU A 1083 -118.24 62.74 -2.12
C LEU A 1083 -119.75 63.00 -2.18
N VAL A 1084 -120.55 61.93 -2.19
CA VAL A 1084 -122.04 62.10 -2.15
C VAL A 1084 -122.46 62.67 -0.79
N GLN A 1085 -121.86 62.22 0.32
CA GLN A 1085 -122.19 62.73 1.68
C GLN A 1085 -121.80 64.21 1.87
N ILE A 1086 -120.60 64.60 1.39
CA ILE A 1086 -120.13 66.01 1.54
C ILE A 1086 -121.10 66.92 0.77
N ARG A 1087 -121.52 66.50 -0.43
CA ARG A 1087 -122.49 67.31 -1.23
C ARG A 1087 -123.84 67.41 -0.52
N LYS A 1088 -124.30 66.33 0.11
CA LYS A 1088 -125.58 66.36 0.87
C LYS A 1088 -125.45 67.31 2.07
N ALA A 1089 -124.31 67.29 2.77
CA ALA A 1089 -124.05 68.17 3.93
C ALA A 1089 -123.89 69.64 3.50
N ARG A 1090 -123.36 69.91 2.30
CA ARG A 1090 -123.29 71.30 1.79
C ARG A 1090 -124.71 71.85 1.57
N GLY A 1091 -125.63 71.01 1.09
CA GLY A 1091 -127.01 71.47 0.79
C GLY A 1091 -127.74 72.02 1.99
N THR A 1092 -127.36 71.60 3.21
CA THR A 1092 -127.98 72.14 4.46
C THR A 1092 -127.61 73.62 4.73
N PHE A 1093 -126.55 74.15 4.11
CA PHE A 1093 -126.10 75.55 4.38
C PHE A 1093 -126.39 76.48 3.20
N ASP A 1094 -127.04 75.97 2.15
CA ASP A 1094 -127.38 76.78 0.95
C ASP A 1094 -128.74 77.45 1.23
N ASN A 1095 -128.88 78.09 2.40
CA ASN A 1095 -130.13 78.78 2.78
C ASN A 1095 -129.84 80.30 2.86
N ALA A 1096 -130.78 81.16 2.47
CA ALA A 1096 -130.53 82.62 2.45
C ALA A 1096 -130.61 83.23 3.87
N GLU A 1097 -131.14 82.46 4.82
CA GLU A 1097 -131.35 82.99 6.20
C GLU A 1097 -129.98 83.20 6.85
N THR A 1098 -129.77 84.36 7.47
CA THR A 1098 -128.50 84.57 8.21
C THR A 1098 -128.78 84.56 9.71
N LYS A 1099 -130.01 84.86 10.12
CA LYS A 1099 -130.28 85.00 11.58
C LYS A 1099 -131.47 84.15 12.03
N LYS A 1100 -131.33 83.41 13.13
CA LYS A 1100 -132.47 82.63 13.68
C LYS A 1100 -132.88 83.22 15.04
N GLU A 1101 -134.15 83.63 15.17
CA GLU A 1101 -134.63 84.28 16.40
C GLU A 1101 -135.23 83.23 17.32
N PHE A 1102 -134.83 83.26 18.58
CA PHE A 1102 -135.41 82.38 19.61
C PHE A 1102 -135.98 83.34 20.64
N GLY A 1103 -137.17 83.88 20.38
CA GLY A 1103 -137.64 84.96 21.26
C GLY A 1103 -136.91 86.21 20.79
N PRO A 1104 -136.13 86.94 21.62
CA PRO A 1104 -135.48 88.17 21.17
C PRO A 1104 -134.06 88.02 20.63
N VAL A 1105 -133.49 86.80 20.62
CA VAL A 1105 -132.06 86.66 20.22
C VAL A 1105 -131.98 86.31 18.74
N VAL A 1106 -131.57 87.28 17.91
CA VAL A 1106 -131.43 87.07 16.44
C VAL A 1106 -130.03 86.52 16.16
N ILE A 1107 -129.74 85.29 16.60
CA ILE A 1107 -128.35 84.75 16.47
C ILE A 1107 -127.95 84.74 14.99
N ASP A 1108 -126.86 85.44 14.66
CA ASP A 1108 -126.38 85.50 13.26
C ASP A 1108 -125.51 84.27 12.97
N TYR A 1109 -126.12 83.17 12.54
CA TYR A 1109 -125.33 81.98 12.16
C TYR A 1109 -124.85 82.14 10.72
N GLY A 1110 -125.34 83.18 10.02
CA GLY A 1110 -125.01 83.40 8.61
C GLY A 1110 -123.53 83.65 8.37
N LYS A 1111 -122.85 84.33 9.28
CA LYS A 1111 -121.38 84.50 9.10
C LYS A 1111 -120.69 83.14 9.09
N VAL A 1112 -121.00 82.24 10.04
CA VAL A 1112 -120.40 80.87 9.94
C VAL A 1112 -120.97 80.17 8.71
N GLN A 1113 -122.25 80.39 8.39
CA GLN A 1113 -122.82 79.64 7.25
C GLN A 1113 -121.97 79.98 6.03
N SER A 1114 -121.63 81.26 5.84
CA SER A 1114 -120.71 81.66 4.73
C SER A 1114 -119.28 81.13 4.96
N LYS A 1115 -118.75 81.25 6.18
CA LYS A 1115 -117.36 80.82 6.47
C LYS A 1115 -117.21 79.31 6.29
N VAL A 1116 -118.17 78.55 6.81
CA VAL A 1116 -118.13 77.06 6.70
C VAL A 1116 -118.53 76.70 5.27
N ASN A 1117 -119.28 77.57 4.59
CA ASN A 1117 -119.55 77.28 3.15
C ASN A 1117 -118.23 77.30 2.38
N LEU A 1118 -117.41 78.32 2.61
CA LEU A 1118 -116.05 78.36 1.99
C LEU A 1118 -115.30 77.11 2.39
N LYS A 1119 -115.33 76.75 3.69
CA LYS A 1119 -114.60 75.56 4.20
C LYS A 1119 -115.13 74.27 3.56
N TYR A 1120 -116.42 74.21 3.24
CA TYR A 1120 -117.02 72.97 2.69
C TYR A 1120 -116.70 72.92 1.21
N ASP A 1121 -116.56 74.09 0.57
CA ASP A 1121 -116.16 74.18 -0.86
C ASP A 1121 -114.68 73.80 -0.99
N SER A 1122 -113.81 74.41 -0.20
CA SER A 1122 -112.39 74.01 -0.28
C SER A 1122 -112.31 72.50 -0.07
N TRP A 1123 -112.93 72.01 1.01
CA TRP A 1123 -112.83 70.57 1.37
C TRP A 1123 -113.41 69.71 0.24
N HIS A 1124 -114.53 70.12 -0.35
CA HIS A 1124 -115.17 69.26 -1.37
C HIS A 1124 -114.23 69.26 -2.57
N LYS A 1125 -113.66 70.43 -2.89
CA LYS A 1125 -112.69 70.54 -4.02
C LYS A 1125 -111.45 69.68 -3.75
N GLU A 1126 -110.93 69.67 -2.53
CA GLU A 1126 -109.72 68.86 -2.17
C GLU A 1126 -110.02 67.35 -2.25
N VAL A 1127 -111.14 66.90 -1.66
CA VAL A 1127 -111.54 65.45 -1.70
C VAL A 1127 -111.85 65.04 -3.15
N LEU A 1128 -112.55 65.91 -3.90
CA LEU A 1128 -112.87 65.63 -5.32
C LEU A 1128 -111.58 65.55 -6.15
N SER A 1129 -110.62 66.44 -5.90
CA SER A 1129 -109.32 66.41 -6.61
C SER A 1129 -108.55 65.12 -6.30
N LYS A 1130 -108.51 64.72 -5.03
CA LYS A 1130 -107.79 63.50 -4.62
C LYS A 1130 -108.47 62.23 -5.17
N PHE A 1131 -109.80 62.18 -5.10
CA PHE A 1131 -110.55 61.04 -5.70
C PHE A 1131 -110.32 61.02 -7.22
N GLY A 1132 -110.33 62.18 -7.87
CA GLY A 1132 -110.04 62.27 -9.31
C GLY A 1132 -108.65 61.74 -9.64
N GLN A 1133 -107.62 62.15 -8.88
CA GLN A 1133 -106.25 61.63 -9.13
C GLN A 1133 -106.17 60.12 -8.91
N MET A 1134 -106.76 59.60 -7.83
CA MET A 1134 -106.73 58.14 -7.54
C MET A 1134 -107.49 57.36 -8.63
N LEU A 1135 -108.67 57.87 -9.01
CA LEU A 1135 -109.48 57.19 -10.04
C LEU A 1135 -108.71 57.18 -11.38
N GLY A 1136 -108.12 58.32 -11.77
CA GLY A 1136 -107.35 58.42 -13.03
C GLY A 1136 -106.12 57.51 -13.02
N SER A 1137 -105.42 57.43 -11.89
CA SER A 1137 -104.24 56.52 -11.78
C SER A 1137 -104.69 55.05 -11.94
N ASN A 1138 -105.74 54.65 -11.22
CA ASN A 1138 -106.24 53.26 -11.25
C ASN A 1138 -106.76 52.94 -12.67
N MET A 1139 -107.42 53.90 -13.30
CA MET A 1139 -107.94 53.74 -14.69
C MET A 1139 -106.78 53.56 -15.69
N THR A 1140 -105.70 54.34 -15.55
CA THR A 1140 -104.53 54.23 -16.46
C THR A 1140 -103.82 52.88 -16.26
N GLU A 1141 -103.62 52.46 -15.02
CA GLU A 1141 -102.95 51.16 -14.72
C GLU A 1141 -103.80 49.99 -15.27
N PHE A 1142 -105.11 50.06 -15.03
CA PHE A 1142 -106.04 49.00 -15.48
C PHE A 1142 -106.08 48.94 -17.02
N HIS A 1143 -106.08 50.09 -17.69
CA HIS A 1143 -106.05 50.12 -19.17
C HIS A 1143 -104.75 49.48 -19.68
N SER A 1144 -103.61 49.78 -19.05
CA SER A 1144 -102.31 49.16 -19.43
C SER A 1144 -102.39 47.64 -19.24
N GLN A 1145 -103.00 47.20 -18.13
CA GLN A 1145 -103.13 45.74 -17.84
C GLN A 1145 -104.01 45.03 -18.88
N ILE A 1146 -105.15 45.61 -19.24
CA ILE A 1146 -106.05 45.03 -20.29
C ILE A 1146 -105.34 45.05 -21.64
N SER A 1147 -104.70 46.17 -21.99
CA SER A 1147 -104.03 46.31 -23.31
C SER A 1147 -102.92 45.27 -23.44
N LYS A 1148 -102.13 45.07 -22.38
CA LYS A 1148 -101.06 44.04 -22.39
C LYS A 1148 -101.68 42.63 -22.53
N SER A 1149 -102.74 42.34 -21.77
CA SER A 1149 -103.41 41.01 -21.82
C SER A 1149 -103.99 40.78 -23.22
N ARG A 1150 -104.53 41.84 -23.84
CA ARG A 1150 -105.06 41.76 -25.22
C ARG A 1150 -103.94 41.49 -26.25
N GLN A 1151 -102.81 42.20 -26.15
CA GLN A 1151 -101.68 42.00 -27.09
C GLN A 1151 -101.12 40.57 -26.96
N GLU A 1152 -101.02 40.06 -25.74
CA GLU A 1152 -100.55 38.66 -25.52
C GLU A 1152 -101.56 37.68 -26.13
N LEU A 1153 -102.87 37.92 -25.96
CA LEU A 1153 -103.91 37.06 -26.60
C LEU A 1153 -103.85 37.15 -28.13
N GLU A 1154 -103.56 38.33 -28.69
CA GLU A 1154 -103.44 38.49 -30.17
C GLU A 1154 -102.24 37.71 -30.72
N GLN A 1155 -101.09 37.74 -30.04
CA GLN A 1155 -99.84 37.09 -30.53
C GLN A 1155 -99.97 35.56 -30.63
N HIS A 1156 -100.70 34.94 -29.71
CA HIS A 1156 -100.78 33.46 -29.71
C HIS A 1156 -101.89 32.94 -30.62
N SER A 1157 -101.57 32.04 -31.56
CA SER A 1157 -102.60 31.42 -32.44
C SER A 1157 -102.96 30.03 -31.93
N VAL A 1158 -104.22 29.62 -32.08
CA VAL A 1158 -104.66 28.24 -31.69
C VAL A 1158 -103.96 27.21 -32.61
N ASP A 1159 -103.64 27.58 -33.84
CA ASP A 1159 -102.97 26.65 -34.81
C ASP A 1159 -101.45 26.60 -34.56
N THR A 1160 -101.04 26.60 -33.28
CA THR A 1160 -99.60 26.57 -32.96
C THR A 1160 -99.01 25.21 -33.35
N ALA A 1161 -97.84 25.23 -33.99
CA ALA A 1161 -97.21 23.99 -34.51
C ALA A 1161 -96.85 23.00 -33.39
N SER A 1162 -96.48 23.50 -32.21
CA SER A 1162 -96.02 22.62 -31.11
C SER A 1162 -97.09 22.42 -30.02
N THR A 1163 -97.18 21.21 -29.48
CA THR A 1163 -98.13 20.90 -28.37
C THR A 1163 -97.76 21.79 -27.17
N SER A 1164 -96.47 22.08 -26.96
CA SER A 1164 -96.01 22.94 -25.83
C SER A 1164 -96.56 24.37 -25.92
N ASP A 1165 -96.55 24.97 -27.11
CA ASP A 1165 -97.11 26.33 -27.30
C ASP A 1165 -98.61 26.31 -27.07
N ALA A 1166 -99.29 25.27 -27.56
CA ALA A 1166 -100.75 25.12 -27.37
C ALA A 1166 -101.07 25.02 -25.86
N VAL A 1167 -100.29 24.23 -25.11
CA VAL A 1167 -100.48 24.05 -23.64
C VAL A 1167 -100.29 25.40 -22.93
N THR A 1168 -99.23 26.12 -23.29
CA THR A 1168 -98.91 27.43 -22.63
C THR A 1168 -100.03 28.44 -22.91
N PHE A 1169 -100.49 28.47 -24.16
CA PHE A 1169 -101.58 29.38 -24.58
C PHE A 1169 -102.89 29.05 -23.85
N ILE A 1170 -103.25 27.78 -23.78
CA ILE A 1170 -104.52 27.34 -23.11
C ILE A 1170 -104.46 27.72 -21.62
N THR A 1171 -103.31 27.48 -20.97
CA THR A 1171 -103.13 27.81 -19.52
C THR A 1171 -103.29 29.33 -19.32
N TYR A 1172 -102.71 30.11 -20.23
CA TYR A 1172 -102.81 31.59 -20.19
C TYR A 1172 -104.28 32.07 -20.37
N VAL A 1173 -104.97 31.52 -21.36
CA VAL A 1173 -106.40 31.91 -21.63
C VAL A 1173 -107.25 31.57 -20.41
N GLN A 1174 -107.07 30.40 -19.81
CA GLN A 1174 -107.84 30.02 -18.59
C GLN A 1174 -107.55 30.99 -17.44
N SER A 1175 -106.29 31.39 -17.28
CA SER A 1175 -105.91 32.35 -16.21
C SER A 1175 -106.62 33.71 -16.43
N LEU A 1176 -106.71 34.15 -17.68
CA LEU A 1176 -107.44 35.41 -18.01
C LEU A 1176 -108.96 35.23 -17.79
N LYS A 1177 -109.50 34.05 -18.12
CA LYS A 1177 -110.96 33.78 -17.96
C LYS A 1177 -111.35 33.93 -16.49
N ARG A 1178 -110.48 33.50 -15.56
CA ARG A 1178 -110.72 33.67 -14.10
C ARG A 1178 -110.73 35.17 -13.74
N LYS A 1179 -109.90 35.99 -14.39
CA LYS A 1179 -109.80 37.45 -14.11
C LYS A 1179 -110.94 38.30 -14.72
N ILE A 1180 -111.64 37.80 -15.74
CA ILE A 1180 -112.68 38.60 -16.47
C ILE A 1180 -113.73 39.14 -15.48
N LYS A 1181 -114.18 38.33 -14.52
CA LYS A 1181 -115.21 38.74 -13.53
C LYS A 1181 -114.70 39.88 -12.65
N GLN A 1182 -113.42 39.89 -12.32
CA GLN A 1182 -112.80 41.00 -11.51
C GLN A 1182 -112.69 42.27 -12.36
N PHE A 1183 -112.25 42.13 -13.61
CA PHE A 1183 -112.10 43.27 -14.54
C PHE A 1183 -113.46 43.92 -14.82
N GLU A 1184 -114.51 43.12 -14.97
CA GLU A 1184 -115.88 43.66 -15.21
C GLU A 1184 -116.32 44.54 -14.02
N LYS A 1185 -116.07 44.10 -12.79
CA LYS A 1185 -116.42 44.90 -11.57
C LYS A 1185 -115.60 46.20 -11.52
N GLN A 1186 -114.33 46.13 -11.91
CA GLN A 1186 -113.45 47.33 -11.94
C GLN A 1186 -113.94 48.33 -13.00
N VAL A 1187 -114.31 47.85 -14.20
CA VAL A 1187 -114.84 48.74 -15.28
C VAL A 1187 -116.10 49.46 -14.77
N GLU A 1188 -117.00 48.74 -14.10
CA GLU A 1188 -118.24 49.36 -13.55
C GLU A 1188 -117.89 50.40 -12.47
N LEU A 1189 -116.91 50.10 -11.62
CA LEU A 1189 -116.49 51.04 -10.57
C LEU A 1189 -115.92 52.33 -11.19
N TYR A 1190 -115.09 52.18 -12.23
CA TYR A 1190 -114.48 53.34 -12.93
C TYR A 1190 -115.57 54.14 -13.67
N ARG A 1191 -116.52 53.44 -14.30
CA ARG A 1191 -117.66 54.12 -15.01
C ARG A 1191 -118.46 54.97 -14.02
N ASN A 1192 -118.78 54.42 -12.86
CA ASN A 1192 -119.54 55.17 -11.82
C ASN A 1192 -118.69 56.32 -11.27
N GLY A 1193 -117.38 56.08 -11.10
CA GLY A 1193 -116.47 57.13 -10.60
C GLY A 1193 -116.34 58.31 -11.55
N GLN A 1194 -116.16 58.06 -12.85
CA GLN A 1194 -116.03 59.18 -13.82
C GLN A 1194 -117.36 59.94 -13.94
N ARG A 1195 -118.49 59.22 -13.97
CA ARG A 1195 -119.83 59.88 -14.00
C ARG A 1195 -120.01 60.75 -12.76
N LEU A 1196 -119.50 60.33 -11.60
CA LEU A 1196 -119.57 61.18 -10.38
C LEU A 1196 -118.71 62.44 -10.53
N LEU A 1197 -117.49 62.31 -11.08
CA LEU A 1197 -116.59 63.48 -11.31
C LEU A 1197 -117.26 64.45 -12.30
N GLU A 1198 -117.87 63.94 -13.37
CA GLU A 1198 -118.58 64.79 -14.37
C GLU A 1198 -119.77 65.51 -13.72
N LYS A 1199 -120.57 64.80 -12.92
CA LYS A 1199 -121.76 65.39 -12.25
C LYS A 1199 -121.34 66.46 -11.23
N GLN A 1200 -120.11 66.38 -10.72
CA GLN A 1200 -119.59 67.36 -9.72
C GLN A 1200 -118.71 68.43 -10.40
N ARG A 1201 -118.67 68.47 -11.73
CA ARG A 1201 -117.91 69.50 -12.51
C ARG A 1201 -116.41 69.46 -12.18
N PHE A 1202 -115.86 68.26 -12.03
CA PHE A 1202 -114.39 68.12 -11.81
C PHE A 1202 -113.67 68.61 -13.06
N GLN A 1203 -112.43 69.08 -12.93
CA GLN A 1203 -111.69 69.44 -14.16
C GLN A 1203 -110.84 68.24 -14.60
N PHE A 1204 -111.21 67.57 -15.68
CA PHE A 1204 -110.40 66.44 -16.19
C PHE A 1204 -109.10 66.95 -16.82
N PRO A 1205 -107.92 66.39 -16.46
CA PRO A 1205 -106.68 66.76 -17.13
C PRO A 1205 -106.69 66.36 -18.61
N PRO A 1206 -105.92 67.02 -19.50
CA PRO A 1206 -105.87 66.65 -20.93
C PRO A 1206 -105.39 65.21 -21.15
N SER A 1207 -104.64 64.66 -20.19
CA SER A 1207 -104.09 63.27 -20.29
C SER A 1207 -105.05 62.26 -19.63
N TRP A 1208 -106.29 62.66 -19.34
CA TRP A 1208 -107.25 61.75 -18.66
C TRP A 1208 -107.66 60.61 -19.59
N LEU A 1209 -107.52 59.37 -19.10
CA LEU A 1209 -107.99 58.23 -19.90
C LEU A 1209 -109.49 58.06 -19.66
N TYR A 1210 -110.28 58.28 -20.71
CA TYR A 1210 -111.75 58.14 -20.60
C TYR A 1210 -112.15 56.67 -20.52
N ILE A 1211 -113.25 56.39 -19.82
CA ILE A 1211 -113.75 54.99 -19.62
C ILE A 1211 -114.04 54.36 -20.99
N ASP A 1212 -114.42 55.16 -21.99
CA ASP A 1212 -114.70 54.64 -23.37
C ASP A 1212 -113.45 53.94 -23.93
N ASN A 1213 -112.24 54.46 -23.67
CA ASN A 1213 -110.99 53.77 -24.11
C ASN A 1213 -110.82 52.44 -23.38
N ILE A 1214 -111.07 52.41 -22.06
CA ILE A 1214 -110.97 51.15 -21.27
C ILE A 1214 -112.05 50.17 -21.74
N GLU A 1215 -113.27 50.65 -21.97
CA GLU A 1215 -114.36 49.78 -22.47
C GLU A 1215 -114.02 49.26 -23.87
N GLY A 1216 -113.42 50.10 -24.72
CA GLY A 1216 -112.99 49.62 -26.05
C GLY A 1216 -111.90 48.55 -25.96
N GLU A 1217 -110.86 48.76 -25.15
CA GLU A 1217 -109.79 47.73 -24.95
C GLU A 1217 -110.38 46.50 -24.26
N TRP A 1218 -111.26 46.69 -23.27
CA TRP A 1218 -111.91 45.57 -22.56
C TRP A 1218 -112.80 44.79 -23.53
N GLY A 1219 -113.53 45.50 -24.41
CA GLY A 1219 -114.33 44.81 -25.44
C GLY A 1219 -113.44 44.04 -26.41
N ALA A 1220 -112.36 44.66 -26.89
CA ALA A 1220 -111.42 43.99 -27.82
C ALA A 1220 -110.78 42.77 -27.14
N PHE A 1221 -110.40 42.92 -25.87
CA PHE A 1221 -109.80 41.79 -25.09
C PHE A 1221 -110.83 40.67 -24.94
N ASN A 1222 -112.08 40.99 -24.59
CA ASN A 1222 -113.14 39.98 -24.45
C ASN A 1222 -113.44 39.29 -25.78
N ASP A 1223 -113.44 40.02 -26.90
CA ASP A 1223 -113.67 39.41 -28.23
C ASP A 1223 -112.53 38.45 -28.62
N ILE A 1224 -111.28 38.85 -28.36
CA ILE A 1224 -110.12 37.94 -28.63
C ILE A 1224 -110.18 36.77 -27.66
N MET A 1225 -110.46 37.04 -26.39
CA MET A 1225 -110.52 35.98 -25.36
C MET A 1225 -111.67 35.02 -25.71
N ARG A 1226 -112.84 35.51 -26.14
CA ARG A 1226 -113.94 34.59 -26.55
C ARG A 1226 -113.53 33.77 -27.78
N ARG A 1227 -112.88 34.37 -28.78
CA ARG A 1227 -112.45 33.61 -29.98
C ARG A 1227 -111.43 32.52 -29.57
N LYS A 1228 -110.43 32.88 -28.76
CA LYS A 1228 -109.37 31.93 -28.33
C LYS A 1228 -109.94 30.87 -27.38
N ASP A 1229 -110.79 31.27 -26.42
CA ASP A 1229 -111.44 30.33 -25.47
C ASP A 1229 -112.34 29.38 -26.24
N SER A 1230 -113.08 29.86 -27.26
CA SER A 1230 -113.94 28.98 -28.09
C SER A 1230 -113.07 27.99 -28.87
N ALA A 1231 -111.95 28.45 -29.43
CA ALA A 1231 -111.03 27.56 -30.18
C ALA A 1231 -110.40 26.52 -29.23
N ILE A 1232 -110.04 26.92 -28.01
CA ILE A 1232 -109.53 25.95 -27.00
C ILE A 1232 -110.66 24.98 -26.64
N GLN A 1233 -111.89 25.47 -26.42
CA GLN A 1233 -113.04 24.58 -26.07
C GLN A 1233 -113.34 23.58 -27.19
N GLN A 1234 -113.23 24.00 -28.46
CA GLN A 1234 -113.44 23.07 -29.61
C GLN A 1234 -112.38 21.97 -29.62
N GLN A 1235 -111.15 22.29 -29.21
CA GLN A 1235 -110.05 21.30 -29.22
C GLN A 1235 -109.83 20.71 -27.82
N VAL A 1236 -110.70 20.96 -26.82
CA VAL A 1236 -110.42 20.51 -25.41
C VAL A 1236 -110.19 19.00 -25.39
N ALA A 1237 -111.06 18.22 -26.05
CA ALA A 1237 -110.93 16.75 -26.04
C ALA A 1237 -109.62 16.32 -26.71
N ASN A 1238 -109.24 16.93 -27.83
CA ASN A 1238 -107.95 16.59 -28.51
C ASN A 1238 -106.75 17.02 -27.65
N LEU A 1239 -106.80 18.20 -27.02
CA LEU A 1239 -105.71 18.67 -26.11
C LEU A 1239 -105.62 17.77 -24.87
N GLN A 1240 -106.76 17.38 -24.32
CA GLN A 1240 -106.80 16.46 -23.16
C GLN A 1240 -106.20 15.11 -23.58
N MET A 1241 -106.56 14.58 -24.76
CA MET A 1241 -105.92 13.32 -25.23
C MET A 1241 -104.43 13.50 -25.49
N LYS A 1242 -103.98 14.62 -26.08
CA LYS A 1242 -102.52 14.86 -26.28
C LYS A 1242 -101.78 14.90 -24.94
N ILE A 1243 -102.33 15.59 -23.94
CA ILE A 1243 -101.71 15.68 -22.58
C ILE A 1243 -101.71 14.31 -21.89
N VAL A 1244 -102.80 13.54 -22.02
CA VAL A 1244 -102.85 12.15 -21.45
C VAL A 1244 -101.85 11.26 -22.20
N GLN A 1245 -101.70 11.40 -23.52
CA GLN A 1245 -100.67 10.63 -24.26
C GLN A 1245 -99.25 11.03 -23.84
N GLU A 1246 -98.98 12.34 -23.70
CA GLU A 1246 -97.64 12.81 -23.24
C GLU A 1246 -97.39 12.30 -21.81
N ASP A 1247 -98.41 12.36 -20.96
CA ASP A 1247 -98.28 11.87 -19.56
C ASP A 1247 -98.02 10.36 -19.57
N ARG A 1248 -98.71 9.58 -20.41
CA ARG A 1248 -98.41 8.13 -20.54
C ARG A 1248 -96.99 7.93 -21.07
N ALA A 1249 -96.52 8.76 -22.02
CA ALA A 1249 -95.13 8.68 -22.51
C ALA A 1249 -94.13 9.02 -21.38
N VAL A 1250 -94.42 10.04 -20.56
CA VAL A 1250 -93.57 10.40 -19.39
C VAL A 1250 -93.61 9.22 -18.39
N GLU A 1251 -94.78 8.63 -18.16
CA GLU A 1251 -94.92 7.47 -17.22
C GLU A 1251 -94.18 6.24 -17.75
N SER A 1252 -94.24 5.99 -19.07
CA SER A 1252 -93.47 4.87 -19.67
C SER A 1252 -91.97 5.15 -19.50
N ARG A 1253 -91.53 6.38 -19.80
CA ARG A 1253 -90.10 6.78 -19.63
C ARG A 1253 -89.72 6.67 -18.15
N THR A 1254 -90.64 7.01 -17.23
CA THR A 1254 -90.39 6.87 -15.77
C THR A 1254 -90.16 5.40 -15.40
N THR A 1255 -91.02 4.50 -15.89
CA THR A 1255 -90.90 3.05 -15.58
C THR A 1255 -89.63 2.48 -16.21
N ASP A 1256 -89.31 2.87 -17.45
CA ASP A 1256 -88.07 2.39 -18.12
C ASP A 1256 -86.83 2.89 -17.36
N LEU A 1257 -86.81 4.17 -16.96
CA LEU A 1257 -85.63 4.74 -16.24
C LEU A 1257 -85.48 4.04 -14.88
N LEU A 1258 -86.58 3.79 -14.16
CA LEU A 1258 -86.52 3.08 -12.86
C LEU A 1258 -86.07 1.62 -13.05
N ALA A 1259 -86.52 0.95 -14.12
CA ALA A 1259 -86.05 -0.43 -14.43
C ALA A 1259 -84.56 -0.43 -14.78
N ASP A 1260 -84.10 0.59 -15.52
CA ASP A 1260 -82.65 0.73 -15.86
C ASP A 1260 -81.87 1.00 -14.56
N TRP A 1261 -82.37 1.90 -13.71
CA TRP A 1261 -81.69 2.26 -12.42
C TRP A 1261 -81.55 1.03 -11.51
N GLU A 1262 -82.58 0.20 -11.39
CA GLU A 1262 -82.53 -0.99 -10.50
C GLU A 1262 -81.43 -1.96 -10.97
N LYS A 1263 -81.19 -2.05 -12.27
CA LYS A 1263 -80.14 -2.96 -12.82
C LYS A 1263 -78.74 -2.36 -12.83
N THR A 1264 -78.60 -1.04 -13.00
CA THR A 1264 -77.27 -0.42 -13.19
C THR A 1264 -76.79 0.38 -11.97
N LYS A 1265 -77.63 0.45 -10.92
CA LYS A 1265 -77.23 1.25 -9.73
C LYS A 1265 -75.91 0.68 -9.24
N PRO A 1266 -74.92 1.53 -8.91
CA PRO A 1266 -73.59 1.04 -8.57
C PRO A 1266 -73.53 0.44 -7.17
N VAL A 1267 -74.11 -0.77 -7.05
CA VAL A 1267 -74.10 -1.54 -5.78
C VAL A 1267 -73.00 -2.61 -5.88
N THR A 1268 -72.41 -2.80 -7.07
CA THR A 1268 -71.36 -3.84 -7.27
C THR A 1268 -70.10 -3.41 -6.52
N GLY A 1269 -69.61 -4.27 -5.60
CA GLY A 1269 -68.51 -3.92 -4.69
C GLY A 1269 -67.18 -3.58 -5.32
N ASN A 1270 -66.94 -4.02 -6.55
CA ASN A 1270 -65.62 -3.86 -7.22
C ASN A 1270 -65.45 -2.50 -7.92
N LEU A 1271 -66.46 -1.63 -7.87
CA LEU A 1271 -66.36 -0.31 -8.56
C LEU A 1271 -65.39 0.66 -7.86
N ARG A 1272 -64.73 1.52 -8.64
CA ARG A 1272 -63.83 2.57 -8.11
C ARG A 1272 -64.67 3.82 -7.76
N PRO A 1273 -64.32 4.67 -6.77
CA PRO A 1273 -65.01 5.87 -6.44
C PRO A 1273 -65.56 6.77 -7.55
N GLU A 1274 -64.61 6.97 -8.39
CA GLU A 1274 -64.90 7.85 -9.54
C GLU A 1274 -65.97 7.25 -10.46
N GLU A 1275 -65.89 5.94 -10.72
CA GLU A 1275 -66.82 5.30 -11.67
C GLU A 1275 -68.23 5.37 -11.09
N ALA A 1276 -68.35 5.08 -9.80
CA ALA A 1276 -69.77 5.10 -9.39
C ALA A 1276 -70.29 6.49 -9.06
N LEU A 1277 -69.44 7.46 -8.69
CA LEU A 1277 -69.88 8.87 -8.61
C LEU A 1277 -70.32 9.38 -10.02
N GLN A 1278 -69.59 9.00 -11.07
CA GLN A 1278 -69.95 9.42 -12.46
C GLN A 1278 -71.30 8.83 -12.85
N ALA A 1279 -71.54 7.55 -12.52
CA ALA A 1279 -72.82 6.89 -12.84
C ALA A 1279 -73.96 7.61 -12.10
N LEU A 1280 -73.74 7.98 -10.83
CA LEU A 1280 -74.78 8.65 -10.02
C LEU A 1280 -75.13 10.03 -10.59
N THR A 1281 -74.12 10.80 -11.02
CA THR A 1281 -74.36 12.14 -11.61
C THR A 1281 -75.21 12.01 -12.88
N ILE A 1282 -74.97 10.96 -13.67
CA ILE A 1282 -75.79 10.73 -14.90
C ILE A 1282 -77.27 10.46 -14.52
N TYR A 1283 -77.51 9.62 -13.50
CA TYR A 1283 -78.89 9.30 -13.04
C TYR A 1283 -79.57 10.54 -12.45
N GLU A 1284 -78.81 11.36 -11.74
CA GLU A 1284 -79.34 12.61 -11.13
C GLU A 1284 -79.89 13.51 -12.24
N GLY A 1285 -79.13 13.64 -13.34
CA GLY A 1285 -79.59 14.42 -14.50
C GLY A 1285 -80.82 13.82 -15.16
N LYS A 1286 -80.86 12.49 -15.28
CA LYS A 1286 -82.03 11.79 -15.90
C LYS A 1286 -83.30 11.99 -15.05
N PHE A 1287 -83.20 11.84 -13.73
CA PHE A 1287 -84.35 12.02 -12.80
C PHE A 1287 -84.81 13.48 -12.80
N GLY A 1288 -83.86 14.43 -12.85
CA GLY A 1288 -84.22 15.86 -12.87
C GLY A 1288 -85.03 16.22 -14.12
N ARG A 1289 -84.61 15.75 -15.29
CA ARG A 1289 -85.36 16.01 -16.55
C ARG A 1289 -86.75 15.38 -16.49
N LEU A 1290 -86.84 14.18 -15.92
CA LEU A 1290 -88.14 13.47 -15.79
C LEU A 1290 -89.09 14.27 -14.88
N LYS A 1291 -88.55 14.84 -13.79
CA LYS A 1291 -89.36 15.67 -12.87
C LYS A 1291 -89.88 16.92 -13.59
N ASP A 1292 -89.03 17.57 -14.39
CA ASP A 1292 -89.41 18.82 -15.13
C ASP A 1292 -90.54 18.49 -16.13
N ASP A 1293 -90.43 17.37 -16.83
CA ASP A 1293 -91.46 16.93 -17.82
C ASP A 1293 -92.79 16.65 -17.10
N ARG A 1294 -92.71 16.01 -15.92
CA ARG A 1294 -93.93 15.68 -15.11
C ARG A 1294 -94.61 16.97 -14.61
N GLU A 1295 -93.82 17.95 -14.15
CA GLU A 1295 -94.38 19.25 -13.67
C GLU A 1295 -95.07 19.99 -14.82
N LYS A 1296 -94.50 19.92 -16.03
CA LYS A 1296 -95.13 20.56 -17.22
C LYS A 1296 -96.48 19.89 -17.52
N CYS A 1297 -96.53 18.57 -17.48
CA CYS A 1297 -97.78 17.81 -17.71
C CYS A 1297 -98.81 18.15 -16.62
N ALA A 1298 -98.38 18.28 -15.35
CA ALA A 1298 -99.28 18.61 -14.24
C ALA A 1298 -99.90 20.01 -14.42
N LYS A 1299 -99.10 21.01 -14.81
CA LYS A 1299 -99.62 22.40 -15.05
C LYS A 1299 -100.64 22.37 -16.20
N ALA A 1300 -100.35 21.60 -17.24
CA ALA A 1300 -101.27 21.47 -18.39
C ALA A 1300 -102.58 20.77 -18.00
N LYS A 1301 -102.48 19.72 -17.18
CA LYS A 1301 -103.69 18.99 -16.69
C LYS A 1301 -104.55 19.91 -15.84
N GLU A 1302 -103.94 20.71 -14.95
CA GLU A 1302 -104.69 21.69 -14.12
C GLU A 1302 -105.36 22.70 -15.05
N ALA A 1303 -104.64 23.16 -16.07
CA ALA A 1303 -105.15 24.20 -17.00
C ALA A 1303 -106.31 23.69 -17.88
N LEU A 1304 -106.37 22.38 -18.15
CA LEU A 1304 -107.46 21.78 -18.97
C LEU A 1304 -108.52 21.08 -18.09
N GLU A 1305 -108.49 21.31 -16.77
CA GLU A 1305 -109.50 20.73 -15.85
C GLU A 1305 -109.40 19.20 -15.90
N LEU A 1306 -108.24 18.67 -16.27
CA LEU A 1306 -108.01 17.19 -16.18
C LEU A 1306 -107.58 16.96 -14.74
N THR A 1307 -108.50 17.18 -13.81
CA THR A 1307 -108.17 16.96 -12.38
C THR A 1307 -108.39 15.48 -12.13
N GLU A 1308 -107.30 14.72 -12.19
CA GLU A 1308 -107.39 13.30 -11.80
C GLU A 1308 -106.78 13.27 -10.41
N THR A 1309 -107.40 12.56 -9.47
CA THR A 1309 -107.00 12.43 -8.03
C THR A 1309 -105.60 12.89 -7.61
N GLY A 1310 -105.53 13.70 -6.53
CA GLY A 1310 -104.25 14.28 -6.07
C GLY A 1310 -103.41 13.26 -5.32
N LEU A 1311 -103.57 11.98 -5.67
CA LEU A 1311 -102.69 10.93 -5.11
C LEU A 1311 -101.44 10.93 -5.99
N LEU A 1312 -100.27 11.00 -5.35
CA LEU A 1312 -99.02 10.89 -6.10
C LEU A 1312 -99.16 9.56 -6.84
N SER A 1313 -99.00 9.50 -8.17
CA SER A 1313 -99.06 8.17 -8.86
C SER A 1313 -97.91 7.33 -8.25
N GLY A 1314 -97.98 5.96 -8.11
CA GLY A 1314 -96.92 5.07 -7.50
C GLY A 1314 -95.57 5.45 -8.12
N SER A 1315 -95.57 6.16 -9.26
CA SER A 1315 -94.35 6.75 -9.86
C SER A 1315 -93.72 7.82 -8.95
N GLU A 1316 -94.50 8.64 -8.26
CA GLU A 1316 -93.99 9.70 -7.33
C GLU A 1316 -93.23 9.06 -6.16
N GLU A 1317 -93.78 7.98 -5.61
CA GLU A 1317 -93.09 7.27 -4.49
C GLU A 1317 -91.76 6.73 -5.03
N ARG A 1318 -91.74 6.19 -6.25
CA ARG A 1318 -90.46 5.72 -6.86
C ARG A 1318 -89.50 6.88 -7.10
N VAL A 1319 -89.99 8.05 -7.53
CA VAL A 1319 -89.12 9.25 -7.73
C VAL A 1319 -88.53 9.68 -6.38
N GLN A 1320 -89.35 9.68 -5.33
CA GLN A 1320 -88.89 10.06 -3.98
C GLN A 1320 -87.83 9.07 -3.49
N VAL A 1321 -88.06 7.77 -3.69
CA VAL A 1321 -87.07 6.72 -3.30
C VAL A 1321 -85.79 6.91 -4.14
N ALA A 1322 -85.91 7.21 -5.44
CA ALA A 1322 -84.73 7.44 -6.31
C ALA A 1322 -83.95 8.68 -5.85
N LEU A 1323 -84.63 9.72 -5.37
CA LEU A 1323 -83.89 10.88 -4.82
C LEU A 1323 -83.03 10.40 -3.66
N GLU A 1324 -83.64 9.78 -2.65
CA GLU A 1324 -82.90 9.37 -1.43
C GLU A 1324 -81.81 8.35 -1.77
N GLU A 1325 -82.12 7.36 -2.63
CA GLU A 1325 -81.13 6.28 -2.91
C GLU A 1325 -79.88 6.87 -3.57
N LEU A 1326 -80.07 7.79 -4.51
CA LEU A 1326 -78.92 8.40 -5.23
C LEU A 1326 -78.07 9.17 -4.21
N GLN A 1327 -78.73 9.94 -3.33
CA GLN A 1327 -78.00 10.75 -2.31
C GLN A 1327 -77.23 9.84 -1.36
N ASP A 1328 -77.86 8.73 -0.94
CA ASP A 1328 -77.21 7.81 0.03
C ASP A 1328 -75.95 7.23 -0.62
N LEU A 1329 -76.05 6.80 -1.88
CA LEU A 1329 -74.88 6.24 -2.59
C LEU A 1329 -73.80 7.31 -2.72
N LYS A 1330 -74.19 8.54 -3.05
CA LYS A 1330 -73.20 9.64 -3.23
C LYS A 1330 -72.45 9.85 -1.92
N GLY A 1331 -73.15 9.76 -0.78
CA GLY A 1331 -72.50 9.91 0.53
C GLY A 1331 -71.44 8.84 0.77
N VAL A 1332 -71.73 7.59 0.39
CA VAL A 1332 -70.72 6.51 0.53
C VAL A 1332 -69.51 6.86 -0.36
N TRP A 1333 -69.76 7.31 -1.59
CA TRP A 1333 -68.63 7.55 -2.53
C TRP A 1333 -67.83 8.81 -2.17
N SER A 1334 -68.45 9.84 -1.56
CA SER A 1334 -67.67 11.02 -1.10
C SER A 1334 -66.69 10.61 0.01
N GLU A 1335 -67.12 9.78 0.96
CA GLU A 1335 -66.20 9.27 2.02
C GLU A 1335 -65.14 8.33 1.43
N LEU A 1336 -65.54 7.48 0.48
CA LEU A 1336 -64.56 6.58 -0.20
C LEU A 1336 -63.56 7.38 -1.03
N SER A 1337 -63.97 8.54 -1.59
CA SER A 1337 -63.05 9.40 -2.38
C SER A 1337 -61.85 9.82 -1.51
N LYS A 1338 -62.08 10.21 -0.26
CA LYS A 1338 -60.97 10.59 0.67
C LYS A 1338 -60.03 9.40 0.94
N ILE A 1339 -60.58 8.19 1.01
CA ILE A 1339 -59.73 6.96 1.17
C ILE A 1339 -58.95 6.68 -0.13
N TRP A 1340 -59.60 6.83 -1.29
CA TRP A 1340 -58.96 6.60 -2.61
C TRP A 1340 -57.84 7.61 -2.87
N GLU A 1341 -58.03 8.88 -2.48
CA GLU A 1341 -56.98 9.93 -2.66
C GLU A 1341 -55.73 9.47 -1.91
N GLN A 1342 -55.90 8.92 -0.71
CA GLN A 1342 -54.75 8.37 0.07
C GLN A 1342 -54.17 7.11 -0.60
N ILE A 1343 -55.01 6.23 -1.15
CA ILE A 1343 -54.52 5.03 -1.88
C ILE A 1343 -53.73 5.47 -3.12
N ASP A 1344 -54.23 6.47 -3.84
CA ASP A 1344 -53.55 6.98 -5.07
C ASP A 1344 -52.20 7.63 -4.69
N GLN A 1345 -52.16 8.41 -3.60
CA GLN A 1345 -50.89 9.03 -3.14
C GLN A 1345 -49.89 7.90 -2.80
N MET A 1346 -50.38 6.83 -2.18
CA MET A 1346 -49.51 5.67 -1.88
C MET A 1346 -49.06 4.98 -3.18
N LYS A 1347 -49.97 4.79 -4.14
CA LYS A 1347 -49.59 4.18 -5.43
C LYS A 1347 -48.49 5.04 -6.05
N GLU A 1348 -48.62 6.37 -5.94
CA GLU A 1348 -47.62 7.31 -6.49
C GLU A 1348 -46.27 7.14 -5.79
N GLN A 1349 -46.28 6.89 -4.48
CA GLN A 1349 -44.99 6.84 -3.73
C GLN A 1349 -44.07 5.74 -4.29
N PRO A 1350 -42.80 6.06 -4.62
CA PRO A 1350 -41.82 5.06 -5.09
C PRO A 1350 -41.32 4.15 -3.97
N TRP A 1351 -41.01 2.89 -4.30
CA TRP A 1351 -40.61 1.88 -3.29
C TRP A 1351 -39.30 2.28 -2.60
N VAL A 1352 -38.30 2.72 -3.37
CA VAL A 1352 -36.96 3.04 -2.78
C VAL A 1352 -37.12 4.21 -1.82
N SER A 1353 -37.86 5.24 -2.21
CA SER A 1353 -38.07 6.43 -1.33
C SER A 1353 -38.89 6.04 -0.10
N VAL A 1354 -39.88 5.16 -0.26
CA VAL A 1354 -40.80 4.84 0.87
C VAL A 1354 -40.03 4.22 2.04
N GLN A 1355 -40.34 4.66 3.27
CA GLN A 1355 -39.73 4.06 4.47
C GLN A 1355 -40.85 3.25 5.15
N PRO A 1356 -40.66 1.95 5.45
CA PRO A 1356 -41.72 1.12 6.00
C PRO A 1356 -42.24 1.63 7.36
N ARG A 1357 -41.35 2.15 8.21
CA ARG A 1357 -41.78 2.70 9.53
C ARG A 1357 -42.73 3.88 9.32
N LYS A 1358 -42.44 4.78 8.36
CA LYS A 1358 -43.36 5.90 8.05
C LYS A 1358 -44.60 5.31 7.37
N LEU A 1359 -44.41 4.34 6.49
CA LEU A 1359 -45.52 3.64 5.86
C LEU A 1359 -46.48 3.09 6.89
N ARG A 1360 -45.96 2.52 7.98
CA ARG A 1360 -46.82 2.03 9.05
C ARG A 1360 -47.59 3.18 9.69
N GLN A 1361 -46.93 4.32 9.89
CA GLN A 1361 -47.61 5.48 10.46
C GLN A 1361 -48.77 5.92 9.57
N ASN A 1362 -48.52 6.02 8.26
CA ASN A 1362 -49.57 6.45 7.34
C ASN A 1362 -50.70 5.43 7.28
N LEU A 1363 -50.37 4.14 7.28
CA LEU A 1363 -51.39 3.10 7.25
C LEU A 1363 -52.24 3.13 8.51
N ASP A 1364 -51.61 3.36 9.67
CA ASP A 1364 -52.35 3.45 10.91
C ASP A 1364 -53.29 4.65 10.89
N GLY A 1365 -52.82 5.79 10.38
CA GLY A 1365 -53.68 6.95 10.23
C GLY A 1365 -54.88 6.63 9.32
N LEU A 1366 -54.63 5.93 8.22
CA LEU A 1366 -55.72 5.57 7.32
C LEU A 1366 -56.72 4.65 7.98
N LEU A 1367 -56.25 3.64 8.73
CA LEU A 1367 -57.15 2.71 9.38
C LEU A 1367 -57.99 3.42 10.45
N ASN A 1368 -57.37 4.30 11.23
CA ASN A 1368 -58.13 5.04 12.24
C ASN A 1368 -59.12 6.00 11.60
N GLN A 1369 -58.77 6.57 10.43
CA GLN A 1369 -59.73 7.39 9.70
C GLN A 1369 -60.91 6.54 9.24
N LEU A 1370 -60.64 5.34 8.73
CA LEU A 1370 -61.72 4.47 8.27
C LEU A 1370 -62.63 4.07 9.42
N LYS A 1371 -62.07 3.87 10.61
CA LYS A 1371 -62.87 3.42 11.75
C LYS A 1371 -63.91 4.46 12.19
N ASN A 1372 -63.79 5.71 11.74
CA ASN A 1372 -64.69 6.79 12.18
C ASN A 1372 -65.87 7.01 11.23
N PHE A 1373 -66.06 6.16 10.23
CA PHE A 1373 -67.15 6.36 9.29
C PHE A 1373 -68.49 6.10 9.98
N PRO A 1374 -69.60 6.66 9.46
CA PRO A 1374 -70.91 6.34 10.02
C PRO A 1374 -71.24 4.86 9.87
N ALA A 1375 -72.04 4.36 10.82
CA ALA A 1375 -72.38 2.93 10.82
C ALA A 1375 -73.16 2.52 9.58
N ARG A 1376 -73.91 3.45 8.98
CA ARG A 1376 -74.66 3.11 7.77
C ARG A 1376 -73.72 2.75 6.63
N LEU A 1377 -72.59 3.46 6.52
CA LEU A 1377 -71.63 3.17 5.46
C LEU A 1377 -70.92 1.84 5.70
N ARG A 1378 -70.66 1.51 6.96
CA ARG A 1378 -69.83 0.35 7.28
C ARG A 1378 -70.46 -0.96 6.84
N GLN A 1379 -71.77 -1.00 6.62
CA GLN A 1379 -72.42 -2.24 6.19
C GLN A 1379 -72.01 -2.66 4.79
N TYR A 1380 -71.55 -1.72 3.97
CA TYR A 1380 -71.30 -2.01 2.56
C TYR A 1380 -70.06 -2.89 2.38
N ALA A 1381 -70.03 -3.59 1.25
CA ALA A 1381 -68.91 -4.49 0.96
C ALA A 1381 -67.66 -3.72 0.55
N SER A 1382 -67.82 -2.53 -0.03
CA SER A 1382 -66.65 -1.75 -0.43
C SER A 1382 -65.83 -1.31 0.77
N TYR A 1383 -66.50 -0.85 1.83
CA TYR A 1383 -65.79 -0.46 3.05
C TYR A 1383 -65.05 -1.65 3.64
N GLU A 1384 -65.69 -2.81 3.69
CA GLU A 1384 -65.02 -4.01 4.19
C GLU A 1384 -63.83 -4.39 3.34
N PHE A 1385 -63.97 -4.27 2.01
CA PHE A 1385 -62.87 -4.59 1.11
C PHE A 1385 -61.68 -3.67 1.36
N VAL A 1386 -61.94 -2.37 1.50
CA VAL A 1386 -60.84 -1.43 1.69
C VAL A 1386 -60.19 -1.62 3.05
N GLN A 1387 -60.99 -1.86 4.09
CA GLN A 1387 -60.43 -2.12 5.41
C GLN A 1387 -59.59 -3.38 5.41
N ARG A 1388 -60.06 -4.45 4.74
CA ARG A 1388 -59.28 -5.66 4.62
C ARG A 1388 -57.99 -5.41 3.83
N LEU A 1389 -58.06 -4.55 2.82
CA LEU A 1389 -56.87 -4.23 2.03
C LEU A 1389 -55.81 -3.56 2.89
N LEU A 1390 -56.23 -2.56 3.69
CA LEU A 1390 -55.27 -1.90 4.57
C LEU A 1390 -54.77 -2.84 5.66
N LYS A 1391 -55.62 -3.74 6.14
CA LYS A 1391 -55.18 -4.74 7.11
C LYS A 1391 -54.12 -5.65 6.50
N GLY A 1392 -54.31 -6.06 5.24
CA GLY A 1392 -53.31 -6.88 4.57
C GLY A 1392 -52.00 -6.13 4.37
N TYR A 1393 -52.08 -4.86 4.02
CA TYR A 1393 -50.85 -4.06 3.88
C TYR A 1393 -50.12 -3.97 5.23
N LEU A 1394 -50.87 -3.77 6.31
CA LEU A 1394 -50.24 -3.80 7.64
C LEU A 1394 -49.60 -5.15 7.92
N LYS A 1395 -50.27 -6.23 7.54
CA LYS A 1395 -49.74 -7.56 7.83
C LYS A 1395 -48.43 -7.81 7.07
N ILE A 1396 -48.37 -7.42 5.79
CA ILE A 1396 -47.16 -7.59 4.99
C ILE A 1396 -46.15 -6.47 5.20
N ASN A 1397 -46.44 -5.50 6.08
CA ASN A 1397 -45.43 -4.49 6.40
C ASN A 1397 -44.13 -5.12 6.93
N MET A 1398 -44.22 -6.27 7.60
CA MET A 1398 -43.02 -6.95 8.07
C MET A 1398 -42.14 -7.37 6.89
N LEU A 1399 -42.75 -8.00 5.88
CA LEU A 1399 -41.99 -8.40 4.70
C LEU A 1399 -41.53 -7.17 3.91
N VAL A 1400 -42.28 -6.07 3.98
CA VAL A 1400 -41.84 -4.83 3.33
C VAL A 1400 -40.58 -4.31 4.02
N ILE A 1401 -40.55 -4.35 5.35
CA ILE A 1401 -39.34 -3.98 6.08
C ILE A 1401 -38.18 -4.87 5.67
N GLU A 1402 -38.43 -6.18 5.60
CA GLU A 1402 -37.37 -7.10 5.23
C GLU A 1402 -36.90 -6.91 3.79
N LEU A 1403 -37.77 -6.36 2.93
CA LEU A 1403 -37.38 -6.11 1.54
C LEU A 1403 -36.54 -4.85 1.39
N LYS A 1404 -36.59 -3.94 2.35
CA LYS A 1404 -35.66 -2.81 2.42
C LYS A 1404 -34.32 -3.18 3.05
N SER A 1405 -34.10 -4.46 3.37
CA SER A 1405 -32.82 -4.88 3.90
C SER A 1405 -31.69 -4.57 2.92
N GLU A 1406 -30.57 -4.11 3.46
CA GLU A 1406 -29.38 -3.88 2.66
C GLU A 1406 -28.72 -5.17 2.18
N ALA A 1407 -29.14 -6.32 2.72
CA ALA A 1407 -28.61 -7.60 2.23
C ALA A 1407 -28.97 -7.83 0.78
N LEU A 1408 -30.21 -7.50 0.39
CA LEU A 1408 -30.65 -7.70 -0.98
C LEU A 1408 -29.81 -6.88 -1.95
N LYS A 1409 -29.43 -7.49 -3.06
CA LYS A 1409 -28.61 -6.87 -4.10
C LYS A 1409 -29.33 -7.06 -5.45
N ASP A 1410 -28.63 -6.70 -6.53
CA ASP A 1410 -29.20 -6.90 -7.86
C ASP A 1410 -29.49 -8.36 -8.14
N ARG A 1411 -28.59 -9.26 -7.71
CA ARG A 1411 -28.81 -10.69 -7.93
C ARG A 1411 -30.05 -11.18 -7.21
N HIS A 1412 -30.26 -10.72 -5.97
CA HIS A 1412 -31.43 -11.17 -5.20
C HIS A 1412 -32.71 -10.58 -5.75
N TRP A 1413 -32.67 -9.33 -6.24
CA TRP A 1413 -33.84 -8.78 -6.92
C TRP A 1413 -34.16 -9.56 -8.19
N LYS A 1414 -33.12 -9.97 -8.93
CA LYS A 1414 -33.32 -10.82 -10.09
C LYS A 1414 -33.96 -12.15 -9.69
N GLN A 1415 -33.50 -12.73 -8.58
CA GLN A 1415 -34.08 -13.98 -8.10
C GLN A 1415 -35.54 -13.82 -7.75
N LEU A 1416 -35.89 -12.73 -7.05
CA LEU A 1416 -37.29 -12.45 -6.74
C LEU A 1416 -38.11 -12.29 -8.01
N MET A 1417 -37.59 -11.55 -8.98
CA MET A 1417 -38.30 -11.34 -10.24
C MET A 1417 -38.55 -12.67 -10.95
N LYS A 1418 -37.53 -13.51 -11.02
CA LYS A 1418 -37.67 -14.78 -11.73
C LYS A 1418 -38.67 -15.69 -11.02
N ARG A 1419 -38.55 -15.82 -9.69
CA ARG A 1419 -39.40 -16.78 -8.99
C ARG A 1419 -40.85 -16.31 -8.91
N LEU A 1420 -41.08 -15.00 -8.76
CA LEU A 1420 -42.43 -14.47 -8.71
C LEU A 1420 -42.99 -14.15 -10.09
N HIS A 1421 -42.21 -14.34 -11.16
CA HIS A 1421 -42.68 -14.12 -12.53
C HIS A 1421 -43.14 -12.68 -12.75
N VAL A 1422 -42.28 -11.73 -12.39
CA VAL A 1422 -42.55 -10.31 -12.52
C VAL A 1422 -41.31 -9.64 -13.10
N ASN A 1423 -41.51 -8.78 -14.10
CA ASN A 1423 -40.44 -8.03 -14.73
C ASN A 1423 -40.42 -6.62 -14.13
N TRP A 1424 -39.79 -6.49 -12.97
CA TRP A 1424 -39.60 -5.21 -12.33
C TRP A 1424 -38.38 -4.50 -12.91
N VAL A 1425 -38.31 -3.20 -12.65
CA VAL A 1425 -37.11 -2.39 -12.91
C VAL A 1425 -36.77 -1.70 -11.59
N VAL A 1426 -35.56 -1.96 -11.10
CA VAL A 1426 -35.22 -1.60 -9.72
C VAL A 1426 -35.26 -0.09 -9.52
N SER A 1427 -34.74 0.68 -10.48
CA SER A 1427 -34.79 2.13 -10.35
C SER A 1427 -36.23 2.65 -10.43
N GLU A 1428 -37.05 2.03 -11.28
CA GLU A 1428 -38.41 2.48 -11.53
C GLU A 1428 -39.45 1.77 -10.68
N LEU A 1429 -39.04 0.87 -9.78
CA LEU A 1429 -40.00 0.14 -8.98
C LEU A 1429 -40.71 1.06 -8.00
N THR A 1430 -42.00 0.81 -7.80
CA THR A 1430 -42.85 1.58 -6.90
C THR A 1430 -43.40 0.67 -5.82
N LEU A 1431 -43.82 1.29 -4.70
CA LEU A 1431 -44.38 0.54 -3.59
C LEU A 1431 -45.62 -0.23 -4.00
N GLY A 1432 -46.43 0.35 -4.88
CA GLY A 1432 -47.68 -0.28 -5.27
C GLY A 1432 -47.49 -1.59 -6.00
N GLN A 1433 -46.44 -1.69 -6.82
CA GLN A 1433 -46.20 -2.91 -7.57
C GLN A 1433 -45.85 -4.07 -6.63
N ILE A 1434 -45.04 -3.79 -5.60
CA ILE A 1434 -44.75 -4.82 -4.61
C ILE A 1434 -46.00 -5.12 -3.79
N TRP A 1435 -46.80 -4.10 -3.49
CA TRP A 1435 -47.99 -4.28 -2.67
C TRP A 1435 -49.00 -5.20 -3.36
N ASP A 1436 -49.32 -4.90 -4.62
CA ASP A 1436 -50.33 -5.67 -5.34
C ASP A 1436 -49.85 -7.06 -5.75
N VAL A 1437 -48.55 -7.29 -5.77
CA VAL A 1437 -48.02 -8.65 -5.89
C VAL A 1437 -48.26 -9.37 -4.58
N ASP A 1438 -48.76 -10.60 -4.66
CA ASP A 1438 -49.27 -11.30 -3.48
C ASP A 1438 -48.09 -11.73 -2.61
N LEU A 1439 -47.60 -10.78 -1.82
CA LEU A 1439 -46.54 -11.10 -0.86
C LEU A 1439 -47.07 -11.98 0.26
N GLN A 1440 -48.33 -11.80 0.64
CA GLN A 1440 -48.92 -12.62 1.70
C GLN A 1440 -48.96 -14.08 1.29
N LYS A 1441 -49.45 -14.37 0.08
CA LYS A 1441 -49.49 -15.75 -0.39
C LYS A 1441 -48.09 -16.30 -0.62
N ASN A 1442 -47.18 -15.48 -1.15
CA ASN A 1442 -45.85 -15.90 -1.55
C ASN A 1442 -44.80 -15.64 -0.48
N GLU A 1443 -45.18 -15.70 0.79
CA GLU A 1443 -44.23 -15.37 1.86
C GLU A 1443 -43.07 -16.35 1.92
N ALA A 1444 -43.30 -17.60 1.53
CA ALA A 1444 -42.22 -18.59 1.58
C ALA A 1444 -41.08 -18.24 0.64
N VAL A 1445 -41.41 -17.80 -0.58
CA VAL A 1445 -40.39 -17.43 -1.55
C VAL A 1445 -39.60 -16.23 -1.04
N VAL A 1446 -40.30 -15.23 -0.50
CA VAL A 1446 -39.64 -14.04 0.01
C VAL A 1446 -38.71 -14.40 1.15
N LYS A 1447 -39.17 -15.27 2.05
CA LYS A 1447 -38.34 -15.71 3.17
C LYS A 1447 -37.10 -16.44 2.68
N ASP A 1448 -37.25 -17.31 1.67
CA ASP A 1448 -36.10 -18.03 1.14
C ASP A 1448 -35.10 -17.06 0.52
N VAL A 1449 -35.57 -16.09 -0.26
CA VAL A 1449 -34.64 -15.19 -0.94
C VAL A 1449 -33.92 -14.32 0.08
N LEU A 1450 -34.63 -13.82 1.10
CA LEU A 1450 -33.95 -12.99 2.09
C LEU A 1450 -33.02 -13.82 2.96
N LEU A 1451 -33.31 -15.11 3.16
CA LEU A 1451 -32.36 -15.98 3.85
C LEU A 1451 -31.07 -16.11 3.05
N VAL A 1452 -31.19 -16.36 1.75
CA VAL A 1452 -30.01 -16.44 0.89
C VAL A 1452 -29.25 -15.12 0.92
N ALA A 1453 -29.99 -14.00 0.93
CA ALA A 1453 -29.36 -12.69 0.99
C ALA A 1453 -28.59 -12.51 2.30
N GLN A 1454 -29.16 -12.95 3.41
CA GLN A 1454 -28.48 -12.84 4.69
C GLN A 1454 -27.18 -13.64 4.68
N GLY A 1455 -27.24 -14.86 4.17
CA GLY A 1455 -26.02 -15.67 4.12
C GLY A 1455 -24.95 -15.04 3.25
N GLU A 1456 -25.32 -14.58 2.06
CA GLU A 1456 -24.34 -13.97 1.18
C GLU A 1456 -23.80 -12.66 1.75
N MET A 1457 -24.64 -11.90 2.46
CA MET A 1457 -24.17 -10.69 3.14
C MET A 1457 -23.15 -11.04 4.20
N ALA A 1458 -23.38 -12.12 4.95
CA ALA A 1458 -22.41 -12.54 5.96
C ALA A 1458 -21.07 -12.86 5.32
N LEU A 1459 -21.07 -13.65 4.23
CA LEU A 1459 -19.81 -13.97 3.57
C LEU A 1459 -19.15 -12.72 3.01
N GLU A 1460 -19.94 -11.81 2.43
CA GLU A 1460 -19.39 -10.60 1.83
C GLU A 1460 -18.71 -9.74 2.88
N GLU A 1461 -19.35 -9.56 4.03
CA GLU A 1461 -18.76 -8.72 5.05
C GLU A 1461 -17.56 -9.39 5.71
N PHE A 1462 -17.53 -10.73 5.73
CA PHE A 1462 -16.31 -11.41 6.16
C PHE A 1462 -15.14 -11.12 5.22
N LEU A 1463 -15.38 -11.20 3.91
CA LEU A 1463 -14.31 -10.88 2.97
C LEU A 1463 -13.92 -9.41 3.08
N LYS A 1464 -14.88 -8.53 3.36
CA LYS A 1464 -14.57 -7.12 3.59
C LYS A 1464 -13.65 -6.97 4.80
N GLN A 1465 -13.93 -7.72 5.87
CA GLN A 1465 -13.07 -7.68 7.05
C GLN A 1465 -11.65 -8.12 6.71
N ILE A 1466 -11.52 -9.21 5.94
CA ILE A 1466 -10.19 -9.66 5.52
C ILE A 1466 -9.47 -8.54 4.77
N ARG A 1467 -10.16 -7.94 3.80
CA ARG A 1467 -9.53 -6.93 2.96
C ARG A 1467 -9.07 -5.73 3.78
N GLU A 1468 -9.94 -5.23 4.65
CA GLU A 1468 -9.59 -4.08 5.47
C GLU A 1468 -8.41 -4.41 6.39
N VAL A 1469 -8.48 -5.55 7.06
CA VAL A 1469 -7.45 -5.91 8.04
C VAL A 1469 -6.09 -6.01 7.35
N TRP A 1470 -6.01 -6.76 6.26
CA TRP A 1470 -4.71 -6.97 5.65
C TRP A 1470 -4.24 -5.80 4.80
N ASN A 1471 -5.14 -4.89 4.40
CA ASN A 1471 -4.69 -3.65 3.78
C ASN A 1471 -4.23 -2.63 4.81
N THR A 1472 -4.63 -2.77 6.08
CA THR A 1472 -4.24 -1.85 7.14
C THR A 1472 -3.25 -2.44 8.13
N TYR A 1473 -2.77 -3.65 7.91
CA TYR A 1473 -1.85 -4.29 8.87
C TYR A 1473 -0.43 -3.84 8.61
N GLU A 1474 0.22 -3.32 9.65
CA GLU A 1474 1.61 -2.86 9.58
C GLU A 1474 2.49 -3.75 10.45
N LEU A 1475 3.63 -4.15 9.91
CA LEU A 1475 4.59 -4.95 10.68
C LEU A 1475 5.32 -4.04 11.67
N ASP A 1476 5.11 -4.30 12.96
CA ASP A 1476 5.79 -3.53 13.99
C ASP A 1476 7.28 -3.82 13.93
N LEU A 1477 8.09 -2.82 14.27
CA LEU A 1477 9.53 -2.94 14.27
C LEU A 1477 10.10 -2.29 15.54
N VAL A 1478 11.06 -2.96 16.15
CA VAL A 1478 11.72 -2.49 17.37
C VAL A 1478 13.23 -2.50 17.13
N ASN A 1479 13.88 -1.40 17.50
CA ASN A 1479 15.31 -1.28 17.30
C ASN A 1479 16.04 -2.35 18.12
N TYR A 1480 17.17 -2.82 17.58
CA TYR A 1480 17.97 -3.88 18.20
C TYR A 1480 19.43 -3.45 18.19
N GLN A 1481 19.90 -2.90 19.33
CA GLN A 1481 21.30 -2.53 19.54
C GLN A 1481 21.76 -1.49 18.53
N ASN A 1482 20.83 -0.66 18.03
CA ASN A 1482 21.15 0.42 17.10
C ASN A 1482 21.83 -0.08 15.83
N LYS A 1483 21.51 -1.32 15.44
CA LYS A 1483 22.01 -1.92 14.20
C LYS A 1483 20.93 -2.03 13.14
N CYS A 1484 19.70 -2.30 13.55
CA CYS A 1484 18.54 -2.35 12.65
C CYS A 1484 17.31 -2.42 13.53
N ARG A 1485 16.15 -2.64 12.91
CA ARG A 1485 14.90 -2.85 13.61
C ARG A 1485 14.34 -4.22 13.25
N LEU A 1486 14.22 -5.09 14.24
CA LEU A 1486 13.68 -6.42 14.06
C LEU A 1486 12.17 -6.41 14.29
N ILE A 1487 11.48 -7.36 13.66
CA ILE A 1487 10.03 -7.41 13.74
C ILE A 1487 9.61 -7.94 15.10
N ARG A 1488 8.63 -7.30 15.71
CA ARG A 1488 8.01 -7.73 16.96
C ARG A 1488 6.55 -8.06 16.68
N GLY A 1489 5.99 -8.96 17.48
CA GLY A 1489 4.61 -9.36 17.34
C GLY A 1489 4.37 -10.57 16.48
N TRP A 1490 5.29 -11.54 16.49
CA TRP A 1490 5.11 -12.74 15.67
C TRP A 1490 3.88 -13.52 16.10
N ASP A 1491 3.63 -13.59 17.41
CA ASP A 1491 2.49 -14.35 17.90
C ASP A 1491 1.18 -13.77 17.36
N ASP A 1492 1.03 -12.45 17.41
CA ASP A 1492 -0.19 -11.82 16.90
C ASP A 1492 -0.34 -12.02 15.40
N LEU A 1493 0.76 -11.84 14.66
CA LEU A 1493 0.70 -11.99 13.20
C LEU A 1493 0.30 -13.41 12.81
N PHE A 1494 0.96 -14.40 13.42
CA PHE A 1494 0.65 -15.79 13.07
C PHE A 1494 -0.73 -16.18 13.56
N ASN A 1495 -1.18 -15.67 14.70
CA ASN A 1495 -2.53 -15.96 15.16
C ASN A 1495 -3.57 -15.41 14.20
N LYS A 1496 -3.36 -14.18 13.72
CA LYS A 1496 -4.31 -13.59 12.77
C LYS A 1496 -4.30 -14.34 11.45
N VAL A 1497 -3.11 -14.72 10.97
CA VAL A 1497 -3.02 -15.46 9.71
C VAL A 1497 -3.71 -16.81 9.84
N LYS A 1498 -3.48 -17.51 10.96
CA LYS A 1498 -4.12 -18.80 11.18
C LYS A 1498 -5.64 -18.65 11.25
N GLU A 1499 -6.12 -17.62 11.96
CA GLU A 1499 -7.56 -17.39 12.06
C GLU A 1499 -8.16 -17.15 10.68
N HIS A 1500 -7.51 -16.32 9.87
CA HIS A 1500 -8.07 -15.98 8.58
C HIS A 1500 -8.02 -17.17 7.61
N ILE A 1501 -6.92 -17.94 7.64
CA ILE A 1501 -6.83 -19.09 6.75
C ILE A 1501 -7.87 -20.14 7.14
N ASN A 1502 -8.02 -20.41 8.43
CA ASN A 1502 -9.03 -21.36 8.88
C ASN A 1502 -10.43 -20.87 8.53
N SER A 1503 -10.68 -19.57 8.68
CA SER A 1503 -12.00 -19.04 8.38
C SER A 1503 -12.31 -19.10 6.89
N VAL A 1504 -11.32 -18.87 6.04
CA VAL A 1504 -11.56 -19.02 4.60
C VAL A 1504 -11.80 -20.47 4.24
N SER A 1505 -11.05 -21.39 4.86
CA SER A 1505 -11.27 -22.81 4.60
C SER A 1505 -12.66 -23.24 5.04
N ALA A 1506 -13.14 -22.69 6.15
CA ALA A 1506 -14.51 -22.97 6.58
C ALA A 1506 -15.53 -22.32 5.67
N MET A 1507 -15.22 -21.13 5.15
CA MET A 1507 -16.11 -20.47 4.20
C MET A 1507 -16.25 -21.26 2.92
N LYS A 1508 -15.22 -22.01 2.54
CA LYS A 1508 -15.30 -22.86 1.35
C LYS A 1508 -16.40 -23.90 1.47
N LEU A 1509 -16.79 -24.27 2.70
CA LEU A 1509 -17.85 -25.24 2.92
C LEU A 1509 -19.24 -24.61 2.96
N SER A 1510 -19.35 -23.29 2.94
CA SER A 1510 -20.64 -22.65 3.13
C SER A 1510 -21.55 -22.90 1.92
N PRO A 1511 -22.86 -23.06 2.12
CA PRO A 1511 -23.75 -23.25 0.96
C PRO A 1511 -23.84 -22.04 0.05
N TYR A 1512 -23.57 -20.84 0.56
CA TYR A 1512 -23.65 -19.61 -0.21
C TYR A 1512 -22.29 -19.21 -0.79
N TYR A 1513 -21.36 -20.15 -0.91
CA TYR A 1513 -19.97 -19.81 -1.21
C TYR A 1513 -19.72 -19.58 -2.69
N LYS A 1514 -20.57 -20.12 -3.57
CA LYS A 1514 -20.28 -20.10 -5.00
C LYS A 1514 -20.21 -18.68 -5.55
N VAL A 1515 -20.94 -17.74 -4.96
CA VAL A 1515 -20.96 -16.37 -5.47
C VAL A 1515 -19.60 -15.71 -5.31
N PHE A 1516 -18.98 -15.87 -4.14
CA PHE A 1516 -17.74 -15.20 -3.80
C PHE A 1516 -16.49 -16.02 -4.11
N GLU A 1517 -16.67 -17.20 -4.73
CA GLU A 1517 -15.64 -18.22 -4.82
C GLU A 1517 -14.31 -17.66 -5.31
N GLU A 1518 -14.32 -17.07 -6.51
CA GLU A 1518 -13.08 -16.57 -7.11
C GLU A 1518 -12.36 -15.61 -6.17
N ASP A 1519 -13.12 -14.67 -5.57
CA ASP A 1519 -12.49 -13.71 -4.67
C ASP A 1519 -11.86 -14.41 -3.50
N ALA A 1520 -12.59 -15.37 -2.90
CA ALA A 1520 -12.07 -16.13 -1.79
C ALA A 1520 -10.75 -16.79 -2.16
N LEU A 1521 -10.71 -17.42 -3.35
CA LEU A 1521 -9.51 -18.12 -3.76
C LEU A 1521 -8.34 -17.16 -3.83
N SER A 1522 -8.56 -15.95 -4.36
CA SER A 1522 -7.48 -14.97 -4.43
C SER A 1522 -6.92 -14.72 -3.04
N TRP A 1523 -7.80 -14.43 -2.08
CA TRP A 1523 -7.31 -14.12 -0.75
C TRP A 1523 -6.60 -15.33 -0.15
N GLU A 1524 -7.12 -16.54 -0.42
CA GLU A 1524 -6.49 -17.75 0.08
C GLU A 1524 -5.04 -17.77 -0.35
N ASP A 1525 -4.78 -17.54 -1.65
CA ASP A 1525 -3.42 -17.51 -2.15
C ASP A 1525 -2.59 -16.51 -1.38
N LYS A 1526 -3.08 -15.28 -1.28
CA LYS A 1526 -2.33 -14.24 -0.57
C LYS A 1526 -2.08 -14.65 0.85
N LEU A 1527 -3.12 -15.18 1.52
CA LEU A 1527 -2.96 -15.55 2.93
C LEU A 1527 -1.88 -16.61 3.06
N ASN A 1528 -1.94 -17.63 2.18
CA ASN A 1528 -0.92 -18.68 2.25
C ASN A 1528 0.45 -18.09 2.02
N ARG A 1529 0.58 -17.21 1.02
CA ARG A 1529 1.87 -16.59 0.74
C ARG A 1529 2.37 -15.85 1.97
N ILE A 1530 1.47 -15.13 2.66
CA ILE A 1530 1.86 -14.39 3.85
C ILE A 1530 2.45 -15.35 4.87
N MET A 1531 1.75 -16.46 5.13
CA MET A 1531 2.27 -17.46 6.04
C MET A 1531 3.58 -18.01 5.50
N ALA A 1532 3.59 -18.35 4.20
CA ALA A 1532 4.77 -18.93 3.58
C ALA A 1532 5.96 -17.98 3.63
N LEU A 1533 5.72 -16.68 3.84
CA LEU A 1533 6.81 -15.75 4.07
C LEU A 1533 7.24 -15.78 5.53
N PHE A 1534 6.30 -15.52 6.44
CA PHE A 1534 6.72 -15.18 7.79
C PHE A 1534 7.16 -16.39 8.58
N ASP A 1535 6.61 -17.58 8.26
CA ASP A 1535 7.14 -18.81 8.82
C ASP A 1535 8.62 -18.93 8.55
N VAL A 1536 9.07 -18.53 7.37
CA VAL A 1536 10.50 -18.47 7.09
C VAL A 1536 11.13 -17.31 7.87
N TRP A 1537 10.48 -16.14 7.86
CA TRP A 1537 11.15 -14.91 8.28
C TRP A 1537 11.61 -14.99 9.72
N ILE A 1538 10.72 -15.42 10.61
CA ILE A 1538 11.07 -15.54 12.03
C ILE A 1538 12.30 -16.42 12.19
N ASP A 1539 12.37 -17.52 11.46
CA ASP A 1539 13.54 -18.38 11.51
C ASP A 1539 14.78 -17.60 11.10
N VAL A 1540 14.71 -16.92 9.95
CA VAL A 1540 15.85 -16.14 9.47
C VAL A 1540 16.20 -15.05 10.46
N GLN A 1541 15.21 -14.57 11.23
CA GLN A 1541 15.53 -13.64 12.29
C GLN A 1541 16.28 -14.36 13.42
N ARG A 1542 15.66 -15.41 13.97
CA ARG A 1542 16.12 -15.99 15.23
C ARG A 1542 17.57 -16.43 15.14
N ARG A 1543 17.88 -17.27 14.15
CA ARG A 1543 19.24 -17.75 13.94
C ARG A 1543 20.21 -16.59 13.84
N TRP A 1544 19.85 -15.59 13.01
CA TRP A 1544 20.73 -14.43 12.85
C TRP A 1544 21.00 -13.79 14.18
N VAL A 1545 19.93 -13.53 14.96
CA VAL A 1545 20.09 -12.93 16.28
C VAL A 1545 21.03 -13.79 17.11
N TYR A 1546 20.77 -15.10 17.13
CA TYR A 1546 21.63 -16.02 17.86
C TYR A 1546 23.06 -15.91 17.37
N LEU A 1547 23.25 -15.99 16.05
CA LEU A 1547 24.60 -15.93 15.53
C LEU A 1547 25.23 -14.58 15.80
N GLU A 1548 24.43 -13.51 15.75
CA GLU A 1548 24.97 -12.20 16.07
C GLU A 1548 25.50 -12.19 17.49
N GLY A 1549 24.72 -12.74 18.43
CA GLY A 1549 25.12 -12.77 19.83
C GLY A 1549 26.40 -13.56 20.04
N ILE A 1550 26.79 -14.41 19.11
CA ILE A 1550 28.02 -15.18 19.22
C ILE A 1550 29.16 -14.51 18.47
N PHE A 1551 28.87 -13.82 17.37
CA PHE A 1551 29.92 -13.40 16.46
C PHE A 1551 30.42 -11.98 16.70
N THR A 1552 29.79 -11.22 17.61
CA THR A 1552 30.28 -9.91 18.02
C THR A 1552 30.54 -9.81 19.51
N GLY A 1553 29.96 -10.69 20.33
CA GLY A 1553 30.27 -10.67 21.75
C GLY A 1553 31.72 -11.03 22.03
N SER A 1554 32.25 -11.99 21.29
CA SER A 1554 33.63 -12.45 21.42
C SER A 1554 34.41 -12.05 20.18
N ALA A 1555 35.54 -11.35 20.38
CA ALA A 1555 36.38 -10.92 19.28
C ALA A 1555 37.34 -12.01 18.80
N ASP A 1556 37.52 -13.08 19.57
CA ASP A 1556 38.41 -14.18 19.17
C ASP A 1556 37.72 -15.23 18.32
N ILE A 1557 36.39 -15.19 18.19
CA ILE A 1557 35.68 -16.14 17.34
C ILE A 1557 36.09 -15.97 15.87
N LYS A 1558 36.56 -14.78 15.49
CA LYS A 1558 37.00 -14.57 14.12
C LYS A 1558 38.18 -15.47 13.78
N HIS A 1559 39.11 -15.64 14.71
CA HIS A 1559 40.31 -16.44 14.46
C HIS A 1559 40.01 -17.94 14.50
N LEU A 1560 39.04 -18.36 15.33
CA LEU A 1560 38.71 -19.78 15.42
C LEU A 1560 37.97 -20.24 14.16
N LEU A 1561 37.02 -19.43 13.67
CA LEU A 1561 36.11 -19.81 12.59
C LEU A 1561 36.13 -18.71 11.54
N PRO A 1562 37.21 -18.63 10.74
CA PRO A 1562 37.28 -17.54 9.76
C PRO A 1562 36.27 -17.66 8.63
N VAL A 1563 36.09 -18.86 8.07
CA VAL A 1563 35.20 -19.01 6.92
C VAL A 1563 33.76 -18.75 7.34
N GLU A 1564 33.33 -19.30 8.48
CA GLU A 1564 31.99 -19.04 8.97
C GLU A 1564 31.81 -17.56 9.30
N THR A 1565 32.87 -16.92 9.80
CA THR A 1565 32.81 -15.48 10.05
C THR A 1565 32.56 -14.71 8.77
N GLN A 1566 33.28 -15.06 7.69
CA GLN A 1566 33.09 -14.35 6.43
C GLN A 1566 31.70 -14.60 5.87
N ARG A 1567 31.20 -15.84 5.96
CA ARG A 1567 29.86 -16.13 5.47
C ARG A 1567 28.82 -15.38 6.29
N PHE A 1568 29.00 -15.28 7.61
CA PHE A 1568 28.05 -14.53 8.42
C PHE A 1568 28.13 -13.04 8.13
N GLN A 1569 29.32 -12.52 7.80
CA GLN A 1569 29.40 -11.12 7.38
C GLN A 1569 28.58 -10.88 6.12
N SER A 1570 28.79 -11.73 5.09
CA SER A 1570 28.04 -11.59 3.85
C SER A 1570 26.54 -11.84 4.03
N ILE A 1571 26.15 -12.60 5.04
CA ILE A 1571 24.73 -12.83 5.32
C ILE A 1571 24.14 -11.65 6.08
N SER A 1572 24.89 -11.11 7.04
CA SER A 1572 24.39 -10.00 7.82
C SER A 1572 24.20 -8.76 6.96
N THR A 1573 25.10 -8.53 6.00
CA THR A 1573 24.92 -7.41 5.09
C THR A 1573 23.60 -7.52 4.33
N GLU A 1574 23.33 -8.68 3.76
CA GLU A 1574 22.11 -8.88 2.99
C GLU A 1574 20.87 -8.78 3.87
N PHE A 1575 20.91 -9.37 5.07
CA PHE A 1575 19.76 -9.31 5.97
C PHE A 1575 19.50 -7.89 6.43
N LEU A 1576 20.56 -7.13 6.69
CA LEU A 1576 20.40 -5.74 7.09
C LEU A 1576 19.79 -4.92 5.96
N ALA A 1577 20.22 -5.17 4.72
CA ALA A 1577 19.60 -4.47 3.59
C ALA A 1577 18.11 -4.81 3.47
N LEU A 1578 17.77 -6.09 3.61
CA LEU A 1578 16.36 -6.48 3.54
C LEU A 1578 15.55 -5.83 4.66
N MET A 1579 16.11 -5.78 5.87
CA MET A 1579 15.38 -5.18 6.97
C MET A 1579 15.26 -3.67 6.80
N LYS A 1580 16.24 -3.02 6.19
CA LYS A 1580 16.11 -1.61 5.86
C LYS A 1580 14.97 -1.39 4.88
N LYS A 1581 14.90 -2.23 3.84
CA LYS A 1581 13.82 -2.13 2.87
C LYS A 1581 12.46 -2.33 3.53
N VAL A 1582 12.38 -3.27 4.47
CA VAL A 1582 11.13 -3.48 5.20
C VAL A 1582 10.79 -2.26 6.05
N SER A 1583 11.81 -1.67 6.69
CA SER A 1583 11.57 -0.52 7.55
C SER A 1583 11.08 0.68 6.75
N LYS A 1584 11.49 0.79 5.48
CA LYS A 1584 10.99 1.86 4.63
C LYS A 1584 9.55 1.62 4.16
N SER A 1585 8.98 0.45 4.41
CA SER A 1585 7.60 0.16 4.02
C SER A 1585 7.08 -0.99 4.88
N PRO A 1586 6.70 -0.71 6.12
CA PRO A 1586 6.38 -1.80 7.06
C PRO A 1586 5.02 -2.45 6.86
N LEU A 1587 4.27 -2.11 5.82
CA LEU A 1587 3.00 -2.76 5.57
C LEU A 1587 3.21 -4.22 5.16
N VAL A 1588 2.30 -5.09 5.58
CA VAL A 1588 2.43 -6.51 5.27
C VAL A 1588 2.36 -6.73 3.77
N MET A 1589 1.38 -6.10 3.11
CA MET A 1589 1.22 -6.30 1.68
C MET A 1589 2.37 -5.68 0.90
N ASP A 1590 2.90 -4.55 1.35
CA ASP A 1590 4.06 -3.96 0.70
C ASP A 1590 5.28 -4.87 0.86
N VAL A 1591 5.45 -5.48 2.03
CA VAL A 1591 6.57 -6.39 2.24
C VAL A 1591 6.43 -7.63 1.35
N LEU A 1592 5.23 -8.18 1.25
CA LEU A 1592 5.01 -9.40 0.49
C LEU A 1592 5.36 -9.21 -0.98
N ASN A 1593 5.14 -8.01 -1.52
CA ASN A 1593 5.36 -7.73 -2.93
C ASN A 1593 6.81 -7.37 -3.24
N ILE A 1594 7.72 -7.44 -2.27
CA ILE A 1594 9.13 -7.20 -2.55
C ILE A 1594 9.62 -8.27 -3.52
N GLN A 1595 10.44 -7.84 -4.49
CA GLN A 1595 10.86 -8.73 -5.57
C GLN A 1595 11.78 -9.80 -5.04
N GLY A 1596 11.36 -11.06 -5.15
CA GLY A 1596 12.19 -12.17 -4.73
C GLY A 1596 12.49 -12.21 -3.25
N VAL A 1597 11.55 -11.79 -2.41
CA VAL A 1597 11.77 -11.85 -0.97
C VAL A 1597 11.74 -13.29 -0.48
N GLN A 1598 10.86 -14.12 -1.05
CA GLN A 1598 10.72 -15.49 -0.59
C GLN A 1598 12.00 -16.29 -0.85
N ARG A 1599 12.52 -16.21 -2.08
CA ARG A 1599 13.73 -16.95 -2.40
C ARG A 1599 14.93 -16.43 -1.62
N SER A 1600 15.02 -15.10 -1.46
CA SER A 1600 16.11 -14.54 -0.68
C SER A 1600 16.07 -15.00 0.77
N LEU A 1601 14.88 -15.01 1.37
CA LEU A 1601 14.78 -15.47 2.76
C LEU A 1601 15.03 -16.96 2.88
N GLU A 1602 14.63 -17.75 1.88
CA GLU A 1602 14.96 -19.17 1.91
C GLU A 1602 16.46 -19.39 1.83
N ARG A 1603 17.14 -18.62 0.98
CA ARG A 1603 18.61 -18.70 0.91
C ARG A 1603 19.23 -18.31 2.24
N LEU A 1604 18.73 -17.25 2.86
CA LEU A 1604 19.27 -16.82 4.15
C LEU A 1604 19.03 -17.87 5.23
N ALA A 1605 17.85 -18.49 5.24
CA ALA A 1605 17.58 -19.56 6.20
C ALA A 1605 18.54 -20.72 6.00
N ASP A 1606 18.77 -21.11 4.74
CA ASP A 1606 19.67 -22.22 4.47
C ASP A 1606 21.09 -21.90 4.93
N LEU A 1607 21.59 -20.71 4.59
CA LEU A 1607 22.98 -20.40 4.94
C LEU A 1607 23.14 -20.20 6.45
N LEU A 1608 22.17 -19.57 7.11
CA LEU A 1608 22.25 -19.42 8.55
C LEU A 1608 22.19 -20.77 9.25
N GLY A 1609 21.36 -21.68 8.74
CA GLY A 1609 21.34 -23.03 9.29
C GLY A 1609 22.67 -23.74 9.09
N LYS A 1610 23.30 -23.54 7.93
CA LYS A 1610 24.62 -24.15 7.72
C LYS A 1610 25.66 -23.60 8.68
N ILE A 1611 25.67 -22.28 8.90
CA ILE A 1611 26.67 -21.72 9.80
C ILE A 1611 26.39 -22.14 11.25
N GLN A 1612 25.12 -22.22 11.64
CA GLN A 1612 24.80 -22.70 12.98
C GLN A 1612 25.21 -24.16 13.15
N LYS A 1613 25.02 -24.97 12.11
CA LYS A 1613 25.47 -26.36 12.16
C LYS A 1613 26.98 -26.43 12.29
N ALA A 1614 27.71 -25.60 11.55
CA ALA A 1614 29.16 -25.61 11.65
C ALA A 1614 29.62 -25.19 13.04
N LEU A 1615 28.98 -24.17 13.61
CA LEU A 1615 29.33 -23.73 14.96
C LEU A 1615 29.04 -24.82 15.98
N GLY A 1616 27.89 -25.49 15.86
CA GLY A 1616 27.58 -26.57 16.76
C GLY A 1616 28.56 -27.72 16.66
N GLU A 1617 28.95 -28.06 15.43
CA GLU A 1617 29.93 -29.13 15.25
C GLU A 1617 31.28 -28.74 15.84
N TYR A 1618 31.69 -27.48 15.66
CA TYR A 1618 32.96 -27.04 16.23
C TYR A 1618 32.92 -27.08 17.76
N LEU A 1619 31.84 -26.60 18.37
CA LEU A 1619 31.75 -26.65 19.82
C LEU A 1619 31.68 -28.08 20.33
N GLU A 1620 31.00 -28.97 19.60
CA GLU A 1620 30.98 -30.37 20.02
C GLU A 1620 32.36 -31.00 19.90
N ARG A 1621 33.12 -30.64 18.86
CA ARG A 1621 34.48 -31.13 18.74
C ARG A 1621 35.33 -30.65 19.91
N GLU A 1622 35.20 -29.38 20.28
CA GLU A 1622 35.94 -28.87 21.43
C GLU A 1622 35.52 -29.56 22.72
N ARG A 1623 34.22 -29.85 22.88
CA ARG A 1623 33.76 -30.58 24.05
C ARG A 1623 34.36 -31.98 24.10
N SER A 1624 34.36 -32.68 22.97
CA SER A 1624 34.86 -34.06 22.96
C SER A 1624 36.38 -34.10 23.13
N SER A 1625 37.08 -33.04 22.72
CA SER A 1625 38.53 -33.01 22.93
C SER A 1625 38.86 -32.97 24.41
N PHE A 1626 38.12 -32.20 25.19
CA PHE A 1626 38.26 -32.10 26.64
C PHE A 1626 36.90 -32.39 27.27
N PRO A 1627 36.61 -33.64 27.65
CA PRO A 1627 35.22 -34.02 27.93
C PRO A 1627 34.55 -33.26 29.07
N ARG A 1628 35.30 -32.69 30.01
CA ARG A 1628 34.68 -31.99 31.13
C ARG A 1628 33.86 -30.78 30.67
N PHE A 1629 34.12 -30.24 29.48
CA PHE A 1629 33.30 -29.16 28.95
C PHE A 1629 31.84 -29.58 28.77
N TYR A 1630 31.56 -30.88 28.71
CA TYR A 1630 30.17 -31.32 28.65
C TYR A 1630 29.37 -30.90 29.89
N PHE A 1631 30.04 -30.57 30.99
CA PHE A 1631 29.36 -29.99 32.14
C PHE A 1631 29.15 -28.48 32.01
N VAL A 1632 29.61 -27.87 30.91
CA VAL A 1632 29.60 -26.43 30.72
C VAL A 1632 28.60 -26.10 29.63
N GLY A 1633 27.84 -25.01 29.83
CA GLY A 1633 26.85 -24.61 28.85
C GLY A 1633 27.47 -24.07 27.58
N ASP A 1634 26.60 -23.79 26.62
CA ASP A 1634 27.06 -23.32 25.31
C ASP A 1634 27.71 -21.94 25.42
N GLU A 1635 27.01 -20.99 26.04
CA GLU A 1635 27.57 -19.65 26.19
C GLU A 1635 28.84 -19.66 27.04
N ASP A 1636 28.87 -20.50 28.09
CA ASP A 1636 30.06 -20.56 28.93
C ASP A 1636 31.23 -21.16 28.17
N LEU A 1637 30.99 -22.20 27.36
CA LEU A 1637 32.07 -22.77 26.57
C LEU A 1637 32.58 -21.77 25.53
N LEU A 1638 31.66 -21.01 24.92
CA LEU A 1638 32.08 -19.98 23.98
C LEU A 1638 32.91 -18.92 24.67
N GLU A 1639 32.52 -18.54 25.90
CA GLU A 1639 33.33 -17.61 26.68
C GLU A 1639 34.71 -18.18 26.97
N ILE A 1640 34.77 -19.48 27.29
CA ILE A 1640 36.04 -20.11 27.63
C ILE A 1640 36.98 -20.10 26.44
N ILE A 1641 36.49 -20.55 25.28
CA ILE A 1641 37.37 -20.66 24.12
C ILE A 1641 37.71 -19.28 23.59
N GLY A 1642 36.74 -18.36 23.57
CA GLY A 1642 36.99 -17.03 23.04
C GLY A 1642 38.00 -16.25 23.86
N ASN A 1643 38.00 -16.45 25.18
CA ASN A 1643 38.92 -15.78 26.09
C ASN A 1643 40.14 -16.65 26.37
N SER A 1644 40.60 -17.39 25.37
CA SER A 1644 41.73 -18.30 25.57
C SER A 1644 42.98 -17.56 25.98
N LYS A 1645 43.15 -16.31 25.53
CA LYS A 1645 44.32 -15.52 25.89
C LYS A 1645 44.10 -14.67 27.14
N ASN A 1646 42.84 -14.43 27.53
CA ASN A 1646 42.52 -13.75 28.77
C ASN A 1646 42.14 -14.82 29.80
N VAL A 1647 43.16 -15.41 30.41
CA VAL A 1647 42.97 -16.58 31.25
C VAL A 1647 42.18 -16.26 32.51
N ALA A 1648 42.23 -15.02 33.00
CA ALA A 1648 41.54 -14.68 34.24
C ALA A 1648 40.04 -14.91 34.12
N LYS A 1649 39.45 -14.60 32.97
CA LYS A 1649 38.02 -14.81 32.77
C LYS A 1649 37.65 -16.29 32.87
N LEU A 1650 38.61 -17.19 32.64
CA LEU A 1650 38.32 -18.62 32.75
C LEU A 1650 38.23 -19.07 34.20
N GLN A 1651 38.69 -18.25 35.14
CA GLN A 1651 38.87 -18.74 36.51
C GLN A 1651 37.55 -19.11 37.17
N LYS A 1652 36.45 -18.51 36.74
CA LYS A 1652 35.16 -18.77 37.38
C LYS A 1652 34.50 -20.05 36.91
N HIS A 1653 34.94 -20.62 35.79
CA HIS A 1653 34.27 -21.79 35.20
C HIS A 1653 34.87 -23.12 35.66
N PHE A 1654 35.94 -23.11 36.46
CA PHE A 1654 36.56 -24.37 36.85
C PHE A 1654 35.73 -25.11 37.90
N LYS A 1655 34.93 -24.38 38.68
CA LYS A 1655 34.09 -25.04 39.67
C LYS A 1655 33.03 -25.92 39.04
N LYS A 1656 32.68 -25.68 37.78
CA LYS A 1656 31.72 -26.52 37.06
C LYS A 1656 32.37 -27.75 36.44
N MET A 1657 33.62 -27.63 36.00
CA MET A 1657 34.31 -28.71 35.28
C MET A 1657 35.02 -29.67 36.22
N PHE A 1658 35.72 -29.14 37.23
CA PHE A 1658 36.53 -29.93 38.15
C PHE A 1658 35.82 -30.09 39.49
N ALA A 1659 36.27 -31.09 40.25
CA ALA A 1659 35.61 -31.40 41.52
C ALA A 1659 35.96 -30.38 42.59
N GLY A 1660 37.22 -29.99 42.69
CA GLY A 1660 37.70 -29.09 43.72
C GLY A 1660 38.46 -27.89 43.21
N VAL A 1661 38.93 -27.95 41.96
CA VAL A 1661 39.76 -26.88 41.41
C VAL A 1661 38.90 -25.64 41.24
N SER A 1662 39.11 -24.64 42.10
CA SER A 1662 38.43 -23.36 41.97
C SER A 1662 39.17 -22.38 41.08
N SER A 1663 40.47 -22.57 40.88
CA SER A 1663 41.25 -21.69 40.02
C SER A 1663 42.56 -22.40 39.69
N ILE A 1664 43.35 -21.78 38.82
CA ILE A 1664 44.67 -22.26 38.44
C ILE A 1664 45.69 -21.17 38.76
N ILE A 1665 46.73 -21.55 39.48
CA ILE A 1665 47.84 -20.64 39.75
C ILE A 1665 48.67 -20.51 38.48
N LEU A 1666 49.00 -19.28 38.10
CA LEU A 1666 49.65 -18.98 36.84
C LEU A 1666 50.92 -18.17 37.07
N SER A 1667 51.84 -18.27 36.12
CA SER A 1667 53.01 -17.41 36.12
C SER A 1667 52.55 -15.95 35.98
N GLU A 1668 53.46 -15.03 36.32
CA GLU A 1668 53.10 -13.60 36.31
C GLU A 1668 52.66 -13.15 34.92
N ASP A 1669 53.21 -13.74 33.86
CA ASP A 1669 52.80 -13.44 32.49
C ASP A 1669 51.69 -14.36 31.98
N ASN A 1670 51.18 -15.26 32.83
CA ASN A 1670 50.05 -16.13 32.49
C ASN A 1670 50.36 -17.04 31.31
N SER A 1671 51.62 -17.46 31.19
CA SER A 1671 52.05 -18.36 30.11
C SER A 1671 52.28 -19.79 30.56
N VAL A 1672 52.38 -20.05 31.86
CA VAL A 1672 52.62 -21.37 32.40
C VAL A 1672 51.70 -21.58 33.60
N VAL A 1673 51.03 -22.72 33.65
CA VAL A 1673 50.18 -23.09 34.78
C VAL A 1673 51.05 -23.83 35.78
N LEU A 1674 51.11 -23.34 37.02
CA LEU A 1674 51.95 -23.91 38.05
C LEU A 1674 51.22 -24.85 38.99
N GLY A 1675 49.90 -24.75 39.08
CA GLY A 1675 49.17 -25.64 39.97
C GLY A 1675 47.69 -25.34 39.97
N ILE A 1676 47.01 -25.85 40.99
CA ILE A 1676 45.58 -25.65 41.17
C ILE A 1676 45.34 -25.22 42.62
N SER A 1677 44.17 -24.62 42.85
CA SER A 1677 43.77 -24.16 44.18
C SER A 1677 42.31 -24.49 44.41
N SER A 1678 41.96 -24.67 45.67
CA SER A 1678 40.59 -25.01 46.07
C SER A 1678 39.85 -23.75 46.52
N ARG A 1679 38.59 -23.95 46.92
CA ARG A 1679 37.82 -22.85 47.49
C ARG A 1679 38.42 -22.39 48.82
N GLU A 1680 38.91 -23.33 49.62
CA GLU A 1680 39.50 -23.04 50.92
C GLU A 1680 40.90 -22.45 50.83
N GLY A 1681 41.47 -22.34 49.63
CA GLY A 1681 42.82 -21.85 49.45
C GLY A 1681 43.89 -22.91 49.46
N GLU A 1682 43.55 -24.17 49.70
CA GLU A 1682 44.52 -25.25 49.62
C GLU A 1682 45.01 -25.37 48.18
N GLU A 1683 46.33 -25.48 48.01
CA GLU A 1683 46.96 -25.46 46.70
C GLU A 1683 47.71 -26.76 46.47
N VAL A 1684 47.65 -27.24 45.23
CA VAL A 1684 48.49 -28.35 44.76
C VAL A 1684 49.40 -27.80 43.68
N THR A 1685 50.70 -27.81 43.93
CA THR A 1685 51.69 -27.31 42.99
C THR A 1685 52.15 -28.46 42.11
N PHE A 1686 52.01 -28.30 40.79
CA PHE A 1686 52.38 -29.37 39.88
C PHE A 1686 53.88 -29.65 39.94
N LYS A 1687 54.22 -30.94 39.91
CA LYS A 1687 55.63 -31.31 39.80
C LYS A 1687 56.21 -30.85 38.48
N THR A 1688 55.44 -30.96 37.41
CA THR A 1688 55.82 -30.51 36.07
C THR A 1688 54.80 -29.47 35.61
N PRO A 1689 55.15 -28.18 35.52
CA PRO A 1689 54.14 -27.19 35.10
C PRO A 1689 53.68 -27.41 33.66
N VAL A 1690 52.44 -27.02 33.41
CA VAL A 1690 51.85 -27.09 32.07
C VAL A 1690 52.13 -25.78 31.37
N SER A 1691 52.84 -25.84 30.24
CA SER A 1691 53.25 -24.65 29.51
C SER A 1691 52.17 -24.32 28.47
N ILE A 1692 51.45 -23.21 28.70
CA ILE A 1692 50.41 -22.80 27.76
C ILE A 1692 51.02 -22.41 26.42
N THR A 1693 52.22 -21.81 26.44
CA THR A 1693 52.84 -21.35 25.21
C THR A 1693 53.14 -22.51 24.27
N GLU A 1694 53.59 -23.64 24.81
CA GLU A 1694 53.84 -24.82 24.00
C GLU A 1694 52.57 -25.54 23.56
N HIS A 1695 51.46 -25.33 24.29
CA HIS A 1695 50.18 -25.98 24.01
C HIS A 1695 49.09 -24.91 23.99
N PRO A 1696 49.10 -24.04 22.98
CA PRO A 1696 48.24 -22.84 23.04
C PRO A 1696 46.75 -23.14 23.10
N LYS A 1697 46.28 -24.22 22.49
CA LYS A 1697 44.85 -24.49 22.46
C LYS A 1697 44.33 -24.75 23.87
N ILE A 1698 43.12 -24.27 24.13
CA ILE A 1698 42.55 -24.37 25.48
C ILE A 1698 42.36 -25.82 25.87
N ASN A 1699 41.81 -26.62 24.96
CA ASN A 1699 41.53 -28.02 25.28
C ASN A 1699 42.83 -28.78 25.57
N GLU A 1700 43.89 -28.48 24.81
CA GLU A 1700 45.15 -29.21 24.99
C GLU A 1700 45.74 -28.96 26.36
N TRP A 1701 45.91 -27.68 26.75
CA TRP A 1701 46.53 -27.42 28.03
C TRP A 1701 45.59 -27.69 29.20
N LEU A 1702 44.27 -27.66 28.98
CA LEU A 1702 43.37 -28.10 30.04
C LEU A 1702 43.47 -29.61 30.27
N THR A 1703 43.58 -30.38 29.19
CA THR A 1703 43.80 -31.81 29.33
C THR A 1703 45.13 -32.09 30.03
N LEU A 1704 46.17 -31.32 29.67
CA LEU A 1704 47.45 -31.48 30.35
C LEU A 1704 47.35 -31.08 31.81
N VAL A 1705 46.54 -30.08 32.14
CA VAL A 1705 46.34 -29.70 33.54
C VAL A 1705 45.68 -30.84 34.30
N GLU A 1706 44.67 -31.47 33.71
CA GLU A 1706 44.03 -32.62 34.37
C GLU A 1706 45.03 -33.76 34.57
N LYS A 1707 45.81 -34.06 33.54
CA LYS A 1707 46.81 -35.12 33.62
C LYS A 1707 47.83 -34.82 34.72
N GLU A 1708 48.31 -33.58 34.78
CA GLU A 1708 49.31 -33.23 35.77
C GLU A 1708 48.72 -33.17 37.17
N MET A 1709 47.46 -32.79 37.30
CA MET A 1709 46.79 -32.89 38.59
C MET A 1709 46.81 -34.32 39.09
N ARG A 1710 46.41 -35.27 38.24
CA ARG A 1710 46.40 -36.66 38.67
C ARG A 1710 47.81 -37.16 38.97
N VAL A 1711 48.79 -36.83 38.11
CA VAL A 1711 50.15 -37.31 38.29
C VAL A 1711 50.74 -36.76 39.58
N THR A 1712 50.57 -35.47 39.83
CA THR A 1712 51.13 -34.86 41.03
C THR A 1712 50.43 -35.32 42.29
N LEU A 1713 49.11 -35.52 42.25
CA LEU A 1713 48.43 -36.09 43.40
C LEU A 1713 48.94 -37.49 43.73
N ALA A 1714 49.13 -38.33 42.72
CA ALA A 1714 49.71 -39.64 42.97
C ALA A 1714 51.14 -39.58 43.50
N LYS A 1715 51.97 -38.71 42.93
CA LYS A 1715 53.36 -38.61 43.36
C LYS A 1715 53.48 -38.04 44.77
N LEU A 1716 52.58 -37.15 45.17
CA LEU A 1716 52.56 -36.66 46.54
C LEU A 1716 51.96 -37.67 47.52
N LEU A 1717 50.96 -38.45 47.10
CA LEU A 1717 50.48 -39.54 47.92
C LEU A 1717 51.57 -40.57 48.19
N ALA A 1718 52.42 -40.84 47.21
CA ALA A 1718 53.55 -41.75 47.42
C ALA A 1718 54.45 -41.26 48.55
N GLU A 1719 54.86 -40.00 48.50
CA GLU A 1719 55.72 -39.45 49.55
C GLU A 1719 55.00 -39.41 50.89
N SER A 1720 53.71 -39.07 50.89
CA SER A 1720 52.96 -39.03 52.13
C SER A 1720 52.88 -40.40 52.79
N VAL A 1721 52.63 -41.44 52.00
CA VAL A 1721 52.60 -42.80 52.55
C VAL A 1721 53.98 -43.20 53.04
N THR A 1722 55.03 -42.86 52.30
CA THR A 1722 56.38 -43.19 52.72
C THR A 1722 56.72 -42.53 54.05
N GLU A 1723 56.25 -41.30 54.26
CA GLU A 1723 56.52 -40.61 55.52
C GLU A 1723 55.67 -41.15 56.66
N VAL A 1724 54.40 -41.46 56.39
CA VAL A 1724 53.52 -41.91 57.46
C VAL A 1724 53.78 -43.36 57.86
N GLU A 1725 54.48 -44.14 57.01
CA GLU A 1725 54.86 -45.48 57.41
C GLU A 1725 55.73 -45.46 58.66
N ILE A 1726 56.53 -44.40 58.85
CA ILE A 1726 57.35 -44.28 60.04
C ILE A 1726 56.47 -44.15 61.28
N PHE A 1727 55.43 -43.32 61.20
CA PHE A 1727 54.52 -43.19 62.34
C PHE A 1727 53.72 -44.47 62.56
N GLY A 1728 53.46 -45.23 61.49
CA GLY A 1728 52.73 -46.47 61.64
C GLY A 1728 53.47 -47.50 62.47
N LYS A 1729 54.80 -47.53 62.34
CA LYS A 1729 55.63 -48.53 62.99
C LYS A 1729 56.29 -48.02 64.28
N ALA A 1730 55.93 -46.83 64.74
CA ALA A 1730 56.58 -46.19 65.89
C ALA A 1730 55.72 -46.34 67.13
N THR A 1731 56.38 -46.59 68.27
CA THR A 1731 55.66 -46.71 69.53
C THR A 1731 55.17 -45.36 70.04
N SER A 1732 55.91 -44.29 69.75
CA SER A 1732 55.53 -42.93 70.13
C SER A 1732 55.69 -42.02 68.92
N ILE A 1733 54.80 -41.04 68.83
CA ILE A 1733 54.78 -40.09 67.72
C ILE A 1733 55.12 -38.71 68.28
N ASP A 1734 56.13 -38.09 67.70
CA ASP A 1734 56.49 -36.73 68.09
C ASP A 1734 55.42 -35.78 67.55
N PRO A 1735 54.73 -35.00 68.39
CA PRO A 1735 53.66 -34.13 67.83
C PRO A 1735 54.15 -33.14 66.80
N ASN A 1736 55.36 -32.60 66.95
CA ASN A 1736 55.87 -31.61 66.00
C ASN A 1736 56.02 -32.22 64.62
N THR A 1737 56.60 -33.42 64.53
CA THR A 1737 56.79 -34.06 63.23
C THR A 1737 55.45 -34.40 62.59
N TYR A 1738 54.49 -34.87 63.40
CA TYR A 1738 53.18 -35.20 62.86
C TYR A 1738 52.47 -33.96 62.32
N ILE A 1739 52.55 -32.84 63.05
CA ILE A 1739 51.93 -31.61 62.57
C ILE A 1739 52.63 -31.11 61.32
N THR A 1740 53.95 -31.25 61.26
CA THR A 1740 54.68 -30.86 60.06
C THR A 1740 54.25 -31.70 58.86
N TRP A 1741 54.07 -33.01 59.07
CA TRP A 1741 53.58 -33.87 58.00
C TRP A 1741 52.17 -33.47 57.57
N ILE A 1742 51.31 -33.14 58.52
CA ILE A 1742 49.95 -32.71 58.17
C ILE A 1742 49.99 -31.43 57.35
N ASP A 1743 50.84 -30.48 57.75
CA ASP A 1743 50.93 -29.22 57.01
C ASP A 1743 51.49 -29.44 55.61
N LYS A 1744 52.45 -30.36 55.47
CA LYS A 1744 53.16 -30.50 54.20
C LYS A 1744 52.26 -31.03 53.08
N TYR A 1745 51.18 -31.73 53.41
CA TYR A 1745 50.37 -32.44 52.44
C TYR A 1745 48.90 -32.08 52.59
N GLN A 1746 48.17 -32.30 51.50
CA GLN A 1746 46.77 -31.90 51.42
C GLN A 1746 45.91 -32.80 52.30
N ALA A 1747 44.68 -32.33 52.59
CA ALA A 1747 43.78 -33.09 53.45
C ALA A 1747 43.42 -34.43 52.82
N GLN A 1748 43.14 -34.43 51.52
CA GLN A 1748 42.79 -35.67 50.82
C GLN A 1748 43.93 -36.68 50.92
N LEU A 1749 45.15 -36.25 50.57
CA LEU A 1749 46.28 -37.16 50.64
C LEU A 1749 46.61 -37.53 52.08
N VAL A 1750 46.36 -36.65 53.04
CA VAL A 1750 46.61 -36.98 54.43
C VAL A 1750 45.71 -38.13 54.87
N VAL A 1751 44.41 -38.02 54.61
CA VAL A 1751 43.48 -39.07 55.01
C VAL A 1751 43.77 -40.36 54.24
N LEU A 1752 44.10 -40.24 52.95
CA LEU A 1752 44.43 -41.44 52.18
C LEU A 1752 45.68 -42.12 52.71
N SER A 1753 46.68 -41.33 53.10
CA SER A 1753 47.90 -41.91 53.66
C SER A 1753 47.62 -42.62 54.97
N ALA A 1754 46.80 -42.01 55.82
CA ALA A 1754 46.44 -42.68 57.07
C ALA A 1754 45.71 -43.99 56.82
N GLN A 1755 44.75 -43.97 55.88
CA GLN A 1755 44.00 -45.19 55.57
C GLN A 1755 44.89 -46.25 54.97
N ILE A 1756 45.79 -45.87 54.06
CA ILE A 1756 46.69 -46.83 53.44
C ILE A 1756 47.60 -47.45 54.48
N ALA A 1757 48.15 -46.64 55.38
CA ALA A 1757 49.04 -47.17 56.40
C ALA A 1757 48.30 -48.13 57.32
N TRP A 1758 47.09 -47.76 57.75
CA TRP A 1758 46.35 -48.66 58.64
C TRP A 1758 46.00 -49.96 57.94
N SER A 1759 45.57 -49.89 56.67
CA SER A 1759 45.21 -51.11 55.95
C SER A 1759 46.42 -52.00 55.75
N GLU A 1760 47.56 -51.43 55.35
CA GLU A 1760 48.75 -52.25 55.14
C GLU A 1760 49.25 -52.84 56.46
N ASN A 1761 49.20 -52.07 57.55
CA ASN A 1761 49.63 -52.59 58.84
C ASN A 1761 48.73 -53.74 59.28
N VAL A 1762 47.42 -53.59 59.13
CA VAL A 1762 46.52 -54.66 59.54
C VAL A 1762 46.70 -55.88 58.65
N GLU A 1763 46.96 -55.67 57.35
CA GLU A 1763 47.20 -56.80 56.46
C GLU A 1763 48.46 -57.56 56.86
N ALA A 1764 49.54 -56.82 57.15
CA ALA A 1764 50.77 -57.48 57.58
C ALA A 1764 50.57 -58.19 58.92
N ALA A 1765 49.82 -57.58 59.83
CA ALA A 1765 49.52 -58.23 61.10
C ALA A 1765 48.80 -59.55 60.88
N LEU A 1766 47.70 -59.53 60.12
CA LEU A 1766 46.90 -60.73 59.91
C LEU A 1766 47.69 -61.80 59.16
N SER A 1767 48.59 -61.39 58.26
CA SER A 1767 49.48 -62.36 57.64
C SER A 1767 50.44 -62.97 58.66
N SER A 1768 50.94 -62.15 59.59
CA SER A 1768 51.92 -62.64 60.55
C SER A 1768 51.30 -63.59 61.57
N ILE A 1769 50.06 -63.34 62.00
CA ILE A 1769 49.45 -64.24 62.98
C ILE A 1769 49.25 -65.63 62.38
N GLY A 1770 48.60 -65.72 61.22
CA GLY A 1770 48.69 -66.89 60.36
C GLY A 1770 48.28 -68.21 60.99
N GLY A 1771 47.14 -68.24 61.69
CA GLY A 1771 46.63 -69.48 62.24
C GLY A 1771 47.18 -69.87 63.58
N SER A 1772 48.17 -69.13 64.12
CA SER A 1772 48.71 -69.43 65.43
C SER A 1772 47.90 -68.89 66.60
N GLY A 1773 46.96 -67.99 66.35
CA GLY A 1773 46.15 -67.42 67.40
C GLY A 1773 46.82 -66.34 68.22
N ASP A 1774 48.01 -65.88 67.82
CA ASP A 1774 48.72 -64.86 68.57
C ASP A 1774 48.20 -63.49 68.14
N SER A 1775 47.57 -62.76 69.07
CA SER A 1775 46.92 -61.50 68.78
C SER A 1775 47.80 -60.29 69.03
N ALA A 1776 49.10 -60.50 69.30
CA ALA A 1776 49.98 -59.36 69.60
C ALA A 1776 50.08 -58.34 68.46
N PRO A 1777 50.20 -58.72 67.17
CA PRO A 1777 50.32 -57.68 66.13
C PRO A 1777 49.11 -56.76 66.04
N LEU A 1778 47.89 -57.30 66.15
CA LEU A 1778 46.72 -56.44 66.13
C LEU A 1778 46.67 -55.54 67.35
N GLN A 1779 47.12 -56.04 68.51
CA GLN A 1779 47.22 -55.19 69.69
C GLN A 1779 48.21 -54.07 69.46
N SER A 1780 49.32 -54.35 68.77
CA SER A 1780 50.27 -53.30 68.44
C SER A 1780 49.64 -52.26 67.52
N VAL A 1781 48.86 -52.71 66.53
CA VAL A 1781 48.20 -51.79 65.61
C VAL A 1781 47.24 -50.90 66.38
N LEU A 1782 46.45 -51.49 67.29
CA LEU A 1782 45.52 -50.70 68.09
C LEU A 1782 46.25 -49.72 68.99
N SER A 1783 47.39 -50.14 69.55
CA SER A 1783 48.18 -49.24 70.38
C SER A 1783 48.68 -48.04 69.58
N ASN A 1784 49.18 -48.29 68.37
CA ASN A 1784 49.64 -47.18 67.53
C ASN A 1784 48.50 -46.24 67.16
N VAL A 1785 47.34 -46.81 66.84
CA VAL A 1785 46.18 -45.97 66.49
C VAL A 1785 45.77 -45.13 67.69
N GLU A 1786 45.77 -45.71 68.89
CA GLU A 1786 45.39 -44.95 70.07
C GLU A 1786 46.41 -43.88 70.40
N VAL A 1787 47.70 -44.15 70.18
CA VAL A 1787 48.72 -43.13 70.40
C VAL A 1787 48.51 -41.97 69.44
N THR A 1788 48.24 -42.27 68.16
CA THR A 1788 47.97 -41.20 67.21
C THR A 1788 46.72 -40.43 67.59
N LEU A 1789 45.70 -41.12 68.08
CA LEU A 1789 44.48 -40.43 68.51
C LEU A 1789 44.76 -39.50 69.68
N ASN A 1790 45.58 -39.94 70.64
CA ASN A 1790 45.92 -39.07 71.76
C ASN A 1790 46.69 -37.85 71.29
N VAL A 1791 47.64 -38.04 70.36
CA VAL A 1791 48.40 -36.90 69.83
C VAL A 1791 47.46 -35.92 69.15
N LEU A 1792 46.54 -36.43 68.33
CA LEU A 1792 45.62 -35.55 67.62
C LEU A 1792 44.67 -34.83 68.57
N ALA A 1793 44.20 -35.54 69.61
CA ALA A 1793 43.31 -34.91 70.59
C ALA A 1793 44.03 -33.81 71.35
N ASP A 1794 45.30 -34.02 71.67
CA ASP A 1794 46.08 -32.95 72.29
C ASP A 1794 46.29 -31.79 71.34
N SER A 1795 46.53 -32.07 70.06
CA SER A 1795 46.85 -31.01 69.11
C SER A 1795 45.62 -30.19 68.75
N VAL A 1796 44.43 -30.79 68.75
CA VAL A 1796 43.24 -30.08 68.31
C VAL A 1796 42.71 -29.12 69.37
N LEU A 1797 43.01 -29.37 70.64
CA LEU A 1797 42.66 -28.40 71.68
C LEU A 1797 43.45 -27.12 71.57
N MET A 1798 44.67 -27.18 71.03
CA MET A 1798 45.46 -25.99 70.80
C MET A 1798 44.80 -25.11 69.73
N GLU A 1799 45.28 -23.88 69.61
CA GLU A 1799 44.85 -22.99 68.55
C GLU A 1799 45.63 -23.31 67.28
N GLN A 1800 44.91 -23.59 66.21
CA GLN A 1800 45.47 -24.03 64.94
C GLN A 1800 44.95 -23.14 63.81
N PRO A 1801 45.65 -23.09 62.68
CA PRO A 1801 45.06 -22.44 61.50
C PRO A 1801 43.84 -23.22 61.03
N PRO A 1802 42.93 -22.57 60.29
CA PRO A 1802 41.70 -23.27 59.91
C PRO A 1802 41.92 -24.50 59.05
N LEU A 1803 42.82 -24.42 58.07
CA LEU A 1803 43.07 -25.57 57.20
C LEU A 1803 43.67 -26.74 57.99
N ARG A 1804 44.66 -26.46 58.85
CA ARG A 1804 45.22 -27.51 59.66
C ARG A 1804 44.20 -28.06 60.65
N ARG A 1805 43.29 -27.22 61.13
CA ARG A 1805 42.23 -27.71 62.00
C ARG A 1805 41.32 -28.67 61.26
N ARG A 1806 40.98 -28.35 60.01
CA ARG A 1806 40.16 -29.27 59.22
C ARG A 1806 40.90 -30.57 58.97
N LYS A 1807 42.20 -30.51 58.67
CA LYS A 1807 42.98 -31.73 58.49
C LYS A 1807 42.99 -32.58 59.75
N LEU A 1808 43.20 -31.95 60.91
CA LEU A 1808 43.19 -32.69 62.17
C LEU A 1808 41.83 -33.31 62.44
N GLU A 1809 40.75 -32.58 62.15
CA GLU A 1809 39.41 -33.12 62.35
C GLU A 1809 39.17 -34.33 61.46
N HIS A 1810 39.59 -34.24 60.20
CA HIS A 1810 39.45 -35.38 59.29
C HIS A 1810 40.25 -36.58 59.78
N LEU A 1811 41.49 -36.34 60.22
CA LEU A 1811 42.31 -37.44 60.71
C LEU A 1811 41.70 -38.09 61.94
N ILE A 1812 41.15 -37.29 62.85
CA ILE A 1812 40.50 -37.85 64.04
C ILE A 1812 39.29 -38.67 63.64
N THR A 1813 38.47 -38.15 62.71
CA THR A 1813 37.28 -38.88 62.30
C THR A 1813 37.64 -40.20 61.64
N GLU A 1814 38.75 -40.24 60.90
CA GLU A 1814 39.18 -41.49 60.28
C GLU A 1814 39.77 -42.45 61.32
N LEU A 1815 40.56 -41.92 62.25
CA LEU A 1815 41.26 -42.80 63.18
C LEU A 1815 40.32 -43.36 64.24
N VAL A 1816 39.23 -42.67 64.56
CA VAL A 1816 38.23 -43.27 65.45
C VAL A 1816 37.62 -44.50 64.80
N HIS A 1817 37.28 -44.40 63.51
CA HIS A 1817 36.74 -45.55 62.79
C HIS A 1817 37.78 -46.66 62.70
N GLN A 1818 39.04 -46.31 62.46
CA GLN A 1818 40.09 -47.33 62.41
C GLN A 1818 40.24 -48.03 63.75
N ARG A 1819 40.19 -47.28 64.85
CA ARG A 1819 40.25 -47.87 66.17
C ARG A 1819 39.09 -48.82 66.40
N ASP A 1820 37.88 -48.40 66.00
CA ASP A 1820 36.72 -49.26 66.18
C ASP A 1820 36.85 -50.54 65.37
N VAL A 1821 37.33 -50.44 64.13
CA VAL A 1821 37.46 -51.63 63.29
C VAL A 1821 38.52 -52.57 63.86
N THR A 1822 39.65 -52.04 64.33
CA THR A 1822 40.68 -52.89 64.90
C THR A 1822 40.19 -53.55 66.18
N ARG A 1823 39.44 -52.82 67.01
CA ARG A 1823 38.87 -53.42 68.21
C ARG A 1823 37.89 -54.53 67.86
N SER A 1824 37.08 -54.32 66.82
CA SER A 1824 36.16 -55.37 66.37
C SER A 1824 36.92 -56.61 65.90
N LEU A 1825 38.01 -56.40 65.15
CA LEU A 1825 38.80 -57.53 64.68
C LEU A 1825 39.41 -58.29 65.84
N ILE A 1826 39.93 -57.57 66.84
CA ILE A 1826 40.51 -58.24 68.00
C ILE A 1826 39.45 -59.01 68.77
N LYS A 1827 38.26 -58.41 68.94
CA LYS A 1827 37.20 -59.09 69.67
C LYS A 1827 36.73 -60.34 68.94
N SER A 1828 36.62 -60.27 67.62
CA SER A 1828 36.18 -61.43 66.84
C SER A 1828 37.27 -62.47 66.65
N LYS A 1829 38.50 -62.20 67.07
CA LYS A 1829 39.62 -63.14 66.94
C LYS A 1829 39.84 -63.54 65.48
N ILE A 1830 39.82 -62.54 64.60
CA ILE A 1830 40.11 -62.79 63.19
C ILE A 1830 41.59 -63.14 63.07
N ASP A 1831 41.88 -64.22 62.33
CA ASP A 1831 43.21 -64.79 62.27
C ASP A 1831 43.65 -65.12 60.84
N ASN A 1832 42.98 -64.58 59.83
CA ASN A 1832 43.38 -64.81 58.45
C ASN A 1832 42.95 -63.60 57.62
N ALA A 1833 43.84 -63.15 56.73
CA ALA A 1833 43.56 -61.95 55.94
C ALA A 1833 42.39 -62.14 54.99
N LYS A 1834 42.04 -63.38 54.65
CA LYS A 1834 40.96 -63.67 53.73
C LYS A 1834 39.64 -63.97 54.44
N SER A 1835 39.59 -63.81 55.76
CA SER A 1835 38.31 -63.89 56.46
C SER A 1835 37.42 -62.73 56.07
N PHE A 1836 36.11 -62.97 56.06
CA PHE A 1836 35.19 -61.95 55.56
C PHE A 1836 35.11 -60.75 56.48
N GLU A 1837 35.35 -60.94 57.78
CA GLU A 1837 35.29 -59.81 58.71
C GLU A 1837 36.32 -58.74 58.37
N TRP A 1838 37.43 -59.14 57.75
CA TRP A 1838 38.42 -58.18 57.26
C TRP A 1838 38.16 -57.76 55.82
N LEU A 1839 37.64 -58.67 55.00
CA LEU A 1839 37.36 -58.31 53.61
C LEU A 1839 36.17 -57.37 53.51
N SER A 1840 35.19 -57.50 54.40
CA SER A 1840 34.02 -56.63 54.38
C SER A 1840 34.35 -55.19 54.77
N GLN A 1841 35.51 -54.96 55.40
CA GLN A 1841 35.97 -53.61 55.71
C GLN A 1841 36.76 -53.09 54.50
N MET A 1842 36.53 -51.81 54.17
CA MET A 1842 37.21 -51.22 53.03
C MET A 1842 38.71 -51.21 53.28
N ARG A 1843 39.47 -51.55 52.24
CA ARG A 1843 40.91 -51.74 52.32
C ARG A 1843 41.60 -51.00 51.20
N PHE A 1844 42.81 -50.55 51.46
CA PHE A 1844 43.59 -49.72 50.55
C PHE A 1844 44.91 -50.42 50.29
N TYR A 1845 45.25 -50.59 49.00
CA TYR A 1845 46.47 -51.26 48.59
C TYR A 1845 47.22 -50.33 47.64
N PHE A 1846 48.30 -49.74 48.11
CA PHE A 1846 49.11 -48.82 47.34
C PHE A 1846 50.32 -49.55 46.79
N ASP A 1847 50.50 -49.48 45.47
CA ASP A 1847 51.61 -50.12 44.76
C ASP A 1847 52.40 -49.02 44.06
N PRO A 1848 53.40 -48.43 44.72
CA PRO A 1848 54.16 -47.35 44.06
C PRO A 1848 54.87 -47.78 42.79
N LYS A 1849 55.15 -49.08 42.63
CA LYS A 1849 55.93 -49.54 41.50
C LYS A 1849 55.15 -49.48 40.18
N GLN A 1850 53.83 -49.39 40.23
CA GLN A 1850 53.05 -49.29 39.00
C GLN A 1850 53.41 -48.04 38.23
N THR A 1851 53.67 -48.19 36.94
CA THR A 1851 54.08 -47.05 36.12
C THR A 1851 52.90 -46.12 35.87
N ASP A 1852 51.74 -46.67 35.51
CA ASP A 1852 50.54 -45.86 35.34
C ASP A 1852 50.11 -45.29 36.69
N VAL A 1853 49.57 -44.08 36.65
CA VAL A 1853 49.26 -43.33 37.87
C VAL A 1853 47.77 -43.36 38.21
N LEU A 1854 46.97 -44.14 37.47
CA LEU A 1854 45.56 -44.34 37.78
C LEU A 1854 45.25 -45.77 38.22
N GLN A 1855 46.27 -46.60 38.42
CA GLN A 1855 46.10 -47.96 38.93
C GLN A 1855 47.14 -48.25 40.00
N GLN A 1856 47.50 -47.23 40.80
CA GLN A 1856 48.46 -47.38 41.89
C GLN A 1856 47.76 -47.71 43.19
N LEU A 1857 46.83 -46.86 43.62
CA LEU A 1857 46.00 -47.14 44.79
C LEU A 1857 44.78 -47.93 44.34
N SER A 1858 44.57 -49.08 44.96
CA SER A 1858 43.41 -49.93 44.70
C SER A 1858 42.60 -50.00 45.98
N ILE A 1859 41.31 -49.66 45.88
CA ILE A 1859 40.39 -49.66 47.00
C ILE A 1859 39.45 -50.85 46.85
N GLN A 1860 39.45 -51.73 47.85
CA GLN A 1860 38.75 -53.00 47.76
C GLN A 1860 37.75 -53.11 48.90
N MET A 1861 36.59 -53.67 48.59
CA MET A 1861 35.56 -53.94 49.59
C MET A 1861 34.79 -55.18 49.14
N ALA A 1862 35.00 -56.29 49.85
CA ALA A 1862 34.36 -57.57 49.54
C ALA A 1862 34.72 -57.93 48.11
N ASN A 1863 33.76 -58.08 47.18
CA ASN A 1863 34.12 -58.38 45.80
C ASN A 1863 34.75 -57.17 45.12
N ALA A 1864 34.22 -55.97 45.38
CA ALA A 1864 34.53 -54.82 44.54
C ALA A 1864 35.98 -54.42 44.67
N LYS A 1865 36.61 -54.13 43.52
CA LYS A 1865 38.02 -53.77 43.41
C LYS A 1865 38.13 -52.53 42.53
N PHE A 1866 37.96 -51.35 43.12
CA PHE A 1866 38.05 -50.09 42.40
C PHE A 1866 39.48 -49.59 42.38
N ASN A 1867 39.75 -48.63 41.48
CA ASN A 1867 40.98 -47.87 41.46
C ASN A 1867 40.68 -46.42 41.82
N TYR A 1868 41.62 -45.78 42.48
CA TYR A 1868 41.45 -44.40 42.92
C TYR A 1868 41.72 -43.47 41.74
N GLY A 1869 40.68 -42.81 41.25
CA GLY A 1869 40.85 -41.75 40.28
C GLY A 1869 41.34 -40.49 40.98
N PHE A 1870 42.56 -40.05 40.65
CA PHE A 1870 43.23 -39.00 41.40
C PHE A 1870 42.69 -37.62 41.00
N GLU A 1871 41.41 -37.41 41.30
CA GLU A 1871 40.74 -36.14 41.06
C GLU A 1871 40.80 -35.31 42.34
N TYR A 1872 41.29 -34.08 42.21
CA TYR A 1872 41.45 -33.22 43.38
C TYR A 1872 40.08 -32.80 43.90
N LEU A 1873 39.84 -33.07 45.18
CA LEU A 1873 38.55 -32.80 45.82
C LEU A 1873 38.61 -31.67 46.83
N GLY A 1874 39.77 -31.07 47.07
CA GLY A 1874 39.84 -30.03 48.07
C GLY A 1874 39.65 -30.58 49.47
N VAL A 1875 39.33 -29.68 50.39
CA VAL A 1875 39.09 -30.04 51.79
C VAL A 1875 37.59 -30.30 51.91
N GLN A 1876 37.19 -31.53 51.62
CA GLN A 1876 35.79 -31.91 51.68
C GLN A 1876 35.39 -32.22 53.13
N ASP A 1877 34.09 -32.21 53.37
CA ASP A 1877 33.55 -32.56 54.67
C ASP A 1877 33.48 -34.08 54.80
N LYS A 1878 34.25 -34.64 55.71
CA LYS A 1878 34.26 -36.08 55.91
C LYS A 1878 33.00 -36.52 56.66
N LEU A 1879 32.70 -37.81 56.54
CA LEU A 1879 31.51 -38.40 57.12
C LEU A 1879 31.91 -39.36 58.23
N VAL A 1880 31.21 -39.28 59.36
CA VAL A 1880 31.46 -40.21 60.46
C VAL A 1880 30.98 -41.58 60.02
N GLN A 1881 31.91 -42.53 59.90
CA GLN A 1881 31.58 -43.84 59.34
C GLN A 1881 30.79 -44.63 60.37
N THR A 1882 29.49 -44.36 60.41
CA THR A 1882 28.57 -45.12 61.24
C THR A 1882 28.35 -46.51 60.64
N PRO A 1883 27.81 -47.45 61.42
CA PRO A 1883 27.46 -48.75 60.81
C PRO A 1883 26.46 -48.62 59.67
N LEU A 1884 25.56 -47.64 59.72
CA LEU A 1884 24.63 -47.44 58.61
C LEU A 1884 25.37 -46.97 57.36
N THR A 1885 26.32 -46.05 57.51
CA THR A 1885 27.13 -45.64 56.36
C THR A 1885 28.04 -46.77 55.89
N ASP A 1886 28.51 -47.62 56.81
CA ASP A 1886 29.27 -48.78 56.38
C ASP A 1886 28.41 -49.74 55.57
N ARG A 1887 27.17 -49.96 55.99
CA ARG A 1887 26.25 -50.76 55.19
C ARG A 1887 26.02 -50.12 53.84
N CYS A 1888 25.84 -48.80 53.81
CA CYS A 1888 25.63 -48.10 52.55
C CYS A 1888 26.82 -48.31 51.62
N TYR A 1889 28.03 -48.17 52.15
CA TYR A 1889 29.24 -48.37 51.36
C TYR A 1889 29.30 -49.80 50.83
N LEU A 1890 29.02 -50.78 51.69
CA LEU A 1890 29.07 -52.18 51.29
C LEU A 1890 28.09 -52.46 50.15
N THR A 1891 26.82 -52.11 50.36
CA THR A 1891 25.81 -52.38 49.34
C THR A 1891 26.10 -51.62 48.05
N MET A 1892 26.57 -50.38 48.16
CA MET A 1892 26.72 -49.55 46.98
C MET A 1892 27.91 -50.04 46.16
N THR A 1893 29.00 -50.45 46.83
CA THR A 1893 30.12 -51.05 46.13
C THR A 1893 29.76 -52.40 45.54
N GLN A 1894 28.89 -53.17 46.22
CA GLN A 1894 28.41 -54.41 45.62
C GLN A 1894 27.61 -54.15 44.36
N ALA A 1895 26.74 -53.13 44.39
CA ALA A 1895 25.97 -52.78 43.20
C ALA A 1895 26.89 -52.31 42.07
N LEU A 1896 27.91 -51.51 42.40
CA LEU A 1896 28.84 -51.06 41.38
C LEU A 1896 29.63 -52.23 40.79
N GLU A 1897 30.02 -53.19 41.63
CA GLU A 1897 30.71 -54.37 41.11
C GLU A 1897 29.82 -55.18 40.19
N ALA A 1898 28.52 -55.25 40.50
CA ALA A 1898 27.55 -55.91 39.64
C ALA A 1898 27.05 -55.01 38.52
N ARG A 1899 27.58 -53.79 38.38
CA ARG A 1899 27.20 -52.82 37.37
C ARG A 1899 25.77 -52.33 37.50
N LEU A 1900 25.12 -52.57 38.63
CA LEU A 1900 23.80 -52.04 38.89
C LEU A 1900 23.90 -50.61 39.42
N GLY A 1901 22.75 -49.91 39.41
CA GLY A 1901 22.67 -48.59 39.99
C GLY A 1901 22.35 -48.64 41.47
N GLY A 1902 22.51 -47.50 42.12
CA GLY A 1902 22.29 -47.37 43.57
C GLY A 1902 21.07 -46.53 43.87
N SER A 1903 20.30 -46.95 44.88
CA SER A 1903 19.11 -46.23 45.30
C SER A 1903 19.00 -46.23 46.82
N PRO A 1904 19.72 -45.35 47.50
CA PRO A 1904 19.49 -45.17 48.93
C PRO A 1904 18.22 -44.37 49.19
N PHE A 1905 17.16 -45.03 49.66
CA PHE A 1905 15.87 -44.41 49.91
C PHE A 1905 15.61 -44.32 51.40
N GLY A 1906 14.97 -43.22 51.82
CA GLY A 1906 14.62 -43.02 53.20
C GLY A 1906 14.03 -41.65 53.44
N PRO A 1907 13.68 -41.34 54.69
CA PRO A 1907 13.16 -40.01 55.00
C PRO A 1907 14.20 -38.93 54.74
N ALA A 1908 13.75 -37.68 54.78
CA ALA A 1908 14.63 -36.56 54.50
C ALA A 1908 15.66 -36.38 55.60
N GLY A 1909 16.84 -35.92 55.21
CA GLY A 1909 17.89 -35.62 56.17
C GLY A 1909 18.45 -36.82 56.90
N THR A 1910 18.69 -37.92 56.19
CA THR A 1910 19.25 -39.14 56.76
C THR A 1910 20.62 -39.47 56.18
N GLY A 1911 21.27 -38.51 55.52
CA GLY A 1911 22.61 -38.71 55.02
C GLY A 1911 22.73 -39.44 53.70
N LYS A 1912 21.62 -39.60 52.97
CA LYS A 1912 21.63 -40.41 51.76
C LYS A 1912 22.57 -39.83 50.70
N THR A 1913 22.25 -38.63 50.22
CA THR A 1913 23.08 -38.01 49.19
C THR A 1913 24.47 -37.70 49.72
N GLU A 1914 24.58 -37.30 50.98
CA GLU A 1914 25.90 -37.06 51.55
C GLU A 1914 26.71 -38.35 51.67
N SER A 1915 26.05 -39.45 52.01
CA SER A 1915 26.77 -40.73 52.07
C SER A 1915 27.23 -41.15 50.68
N VAL A 1916 26.40 -40.96 49.66
CA VAL A 1916 26.83 -41.29 48.29
C VAL A 1916 28.00 -40.40 47.88
N LYS A 1917 27.93 -39.12 48.22
CA LYS A 1917 29.04 -38.21 47.92
C LYS A 1917 30.31 -38.65 48.63
N ALA A 1918 30.20 -39.05 49.89
CA ALA A 1918 31.37 -39.50 50.64
C ALA A 1918 31.96 -40.76 50.03
N LEU A 1919 31.11 -41.70 49.61
CA LEU A 1919 31.61 -42.91 48.96
C LEU A 1919 32.33 -42.57 47.67
N GLY A 1920 31.76 -41.68 46.87
CA GLY A 1920 32.40 -41.29 45.63
C GLY A 1920 33.72 -40.58 45.86
N HIS A 1921 33.79 -39.75 46.90
CA HIS A 1921 35.02 -39.03 47.20
C HIS A 1921 36.08 -39.95 47.80
N GLN A 1922 35.66 -41.00 48.50
CA GLN A 1922 36.61 -41.95 49.05
C GLN A 1922 37.37 -42.66 47.94
N LEU A 1923 36.69 -42.97 46.84
CA LEU A 1923 37.32 -43.55 45.67
C LEU A 1923 37.90 -42.51 44.72
N GLY A 1924 37.79 -41.21 45.05
CA GLY A 1924 38.40 -40.18 44.25
C GLY A 1924 37.64 -39.81 42.99
N ARG A 1925 36.42 -40.31 42.83
CA ARG A 1925 35.65 -40.06 41.61
C ARG A 1925 34.80 -38.80 41.78
N PHE A 1926 34.79 -37.98 40.73
CA PHE A 1926 34.02 -36.74 40.71
C PHE A 1926 32.53 -37.06 40.88
N VAL A 1927 31.95 -36.58 41.97
CA VAL A 1927 30.51 -36.69 42.20
C VAL A 1927 29.87 -35.37 41.78
N LEU A 1928 28.63 -35.47 41.28
CA LEU A 1928 27.89 -34.30 40.79
C LEU A 1928 26.43 -34.47 41.24
N VAL A 1929 26.10 -33.86 42.39
CA VAL A 1929 24.74 -33.97 42.91
C VAL A 1929 23.81 -33.08 42.10
N PHE A 1930 22.69 -33.64 41.65
CA PHE A 1930 21.67 -32.92 40.91
C PHE A 1930 20.46 -32.76 41.83
N ASN A 1931 20.18 -31.52 42.22
CA ASN A 1931 18.97 -31.24 42.99
C ASN A 1931 17.74 -31.43 42.12
N CYS A 1932 16.62 -31.78 42.75
CA CYS A 1932 15.37 -32.08 42.07
C CYS A 1932 14.22 -31.33 42.73
N ASP A 1933 14.42 -30.05 43.00
CA ASP A 1933 13.40 -29.18 43.61
C ASP A 1933 13.43 -27.84 42.89
N GLU A 1934 12.65 -27.73 41.82
CA GLU A 1934 12.42 -26.50 41.05
C GLU A 1934 13.72 -25.78 40.65
N THR A 1935 14.80 -26.55 40.49
CA THR A 1935 16.05 -26.05 39.94
C THR A 1935 16.68 -27.09 39.01
N PHE A 1936 15.84 -27.93 38.42
CA PHE A 1936 16.29 -29.11 37.67
C PHE A 1936 16.51 -28.70 36.23
N ASP A 1937 17.73 -28.26 35.91
CA ASP A 1937 18.02 -27.77 34.56
C ASP A 1937 18.02 -28.95 33.61
N PHE A 1938 16.90 -29.15 32.92
CA PHE A 1938 16.80 -30.27 31.98
C PHE A 1938 17.70 -30.09 30.77
N GLN A 1939 17.77 -28.87 30.24
CA GLN A 1939 18.39 -28.68 28.93
C GLN A 1939 19.88 -29.01 28.95
N ALA A 1940 20.50 -29.03 30.12
CA ALA A 1940 21.87 -29.50 30.30
C ALA A 1940 21.94 -30.96 30.71
N MET A 1941 20.80 -31.61 30.98
CA MET A 1941 20.85 -32.91 31.63
C MET A 1941 21.37 -33.99 30.68
N GLY A 1942 20.97 -33.94 29.42
CA GLY A 1942 21.58 -34.82 28.42
C GLY A 1942 23.06 -34.53 28.26
N ARG A 1943 23.42 -33.24 28.20
CA ARG A 1943 24.83 -32.87 28.13
C ARG A 1943 25.59 -33.34 29.36
N ILE A 1944 24.98 -33.20 30.53
CA ILE A 1944 25.64 -33.64 31.75
C ILE A 1944 25.82 -35.15 31.75
N PHE A 1945 24.82 -35.90 31.27
CA PHE A 1945 24.95 -37.35 31.20
C PHE A 1945 26.07 -37.76 30.25
N VAL A 1946 26.16 -37.09 29.09
CA VAL A 1946 27.25 -37.40 28.17
C VAL A 1946 28.60 -37.08 28.80
N GLY A 1947 28.67 -35.97 29.55
CA GLY A 1947 29.91 -35.65 30.24
C GLY A 1947 30.30 -36.68 31.27
N LEU A 1948 29.33 -37.13 32.07
CA LEU A 1948 29.59 -38.18 33.06
C LEU A 1948 30.07 -39.45 32.38
N CYS A 1949 29.43 -39.83 31.27
CA CYS A 1949 29.82 -41.05 30.57
C CYS A 1949 31.23 -40.93 30.02
N GLN A 1950 31.57 -39.79 29.43
CA GLN A 1950 32.84 -39.68 28.72
C GLN A 1950 34.02 -39.47 29.67
N VAL A 1951 33.87 -38.63 30.69
CA VAL A 1951 35.00 -38.34 31.56
C VAL A 1951 35.19 -39.41 32.64
N GLY A 1952 34.09 -39.98 33.13
CA GLY A 1952 34.13 -40.87 34.26
C GLY A 1952 33.87 -40.08 35.52
N ALA A 1953 32.65 -40.17 36.04
CA ALA A 1953 32.25 -39.33 37.16
C ALA A 1953 30.88 -39.78 37.62
N TRP A 1954 30.62 -39.63 38.91
CA TRP A 1954 29.38 -40.10 39.50
C TRP A 1954 28.31 -39.01 39.41
N GLY A 1955 27.06 -39.44 39.53
CA GLY A 1955 25.93 -38.53 39.53
C GLY A 1955 24.85 -39.00 40.46
N CYS A 1956 24.47 -38.15 41.41
CA CYS A 1956 23.50 -38.49 42.45
C CYS A 1956 22.30 -37.56 42.32
N PHE A 1957 21.11 -38.15 42.22
CA PHE A 1957 19.87 -37.40 42.12
C PHE A 1957 19.25 -37.32 43.51
N ASP A 1958 19.31 -36.15 44.13
CA ASP A 1958 18.76 -35.96 45.46
C ASP A 1958 17.25 -35.81 45.36
N GLU A 1959 16.52 -36.71 46.03
CA GLU A 1959 15.06 -36.72 46.01
C GLU A 1959 14.53 -36.79 44.57
N PHE A 1960 14.85 -37.90 43.91
CA PHE A 1960 14.37 -38.13 42.55
C PHE A 1960 12.85 -38.25 42.48
N ASN A 1961 12.19 -38.51 43.61
CA ASN A 1961 10.72 -38.53 43.62
C ASN A 1961 10.14 -37.18 43.25
N ARG A 1962 10.82 -36.09 43.61
CA ARG A 1962 10.25 -34.75 43.48
C ARG A 1962 10.16 -34.27 42.05
N LEU A 1963 10.82 -34.94 41.10
CA LEU A 1963 10.64 -34.59 39.70
C LEU A 1963 9.20 -34.89 39.27
N GLU A 1964 8.62 -33.98 38.49
CA GLU A 1964 7.27 -34.17 37.98
C GLU A 1964 7.26 -35.33 36.98
N GLU A 1965 6.04 -35.75 36.61
CA GLU A 1965 5.87 -37.02 35.91
C GLU A 1965 6.57 -37.03 34.56
N ARG A 1966 6.41 -35.97 33.76
CA ARG A 1966 7.12 -35.87 32.49
C ARG A 1966 8.63 -35.88 32.73
N MET A 1967 9.09 -35.06 33.66
CA MET A 1967 10.52 -34.97 33.96
C MET A 1967 11.04 -36.32 34.44
N LEU A 1968 10.26 -36.96 35.32
CA LEU A 1968 10.64 -38.26 35.86
C LEU A 1968 10.77 -39.29 34.76
N SER A 1969 9.79 -39.34 33.86
CA SER A 1969 9.82 -40.35 32.79
C SER A 1969 10.98 -40.13 31.84
N ALA A 1970 11.24 -38.88 31.44
CA ALA A 1970 12.33 -38.64 30.50
C ALA A 1970 13.69 -38.98 31.12
N VAL A 1971 13.93 -38.50 32.35
CA VAL A 1971 15.19 -38.80 33.00
C VAL A 1971 15.30 -40.30 33.27
N SER A 1972 14.19 -40.95 33.58
CA SER A 1972 14.20 -42.39 33.80
C SER A 1972 14.63 -43.13 32.55
N GLN A 1973 14.12 -42.72 31.39
CA GLN A 1973 14.53 -43.35 30.15
C GLN A 1973 16.02 -43.16 29.89
N GLN A 1974 16.53 -41.94 30.13
CA GLN A 1974 17.95 -41.69 29.89
C GLN A 1974 18.82 -42.55 30.82
N VAL A 1975 18.47 -42.59 32.10
CA VAL A 1975 19.26 -43.37 33.05
C VAL A 1975 19.11 -44.86 32.74
N GLN A 1976 17.95 -45.29 32.23
CA GLN A 1976 17.79 -46.69 31.86
C GLN A 1976 18.73 -47.06 30.73
N CYS A 1977 18.84 -46.20 29.72
CA CYS A 1977 19.77 -46.48 28.63
C CYS A 1977 21.21 -46.54 29.13
N ILE A 1978 21.58 -45.60 30.01
CA ILE A 1978 22.94 -45.58 30.53
C ILE A 1978 23.19 -46.85 31.35
N GLN A 1979 22.22 -47.27 32.15
CA GLN A 1979 22.41 -48.43 33.01
C GLN A 1979 22.51 -49.71 32.19
N GLU A 1980 21.73 -49.82 31.11
CA GLU A 1980 21.88 -50.97 30.23
C GLU A 1980 23.25 -50.99 29.59
N ALA A 1981 23.75 -49.81 29.16
CA ALA A 1981 25.09 -49.75 28.60
C ALA A 1981 26.13 -50.18 29.61
N LEU A 1982 25.96 -49.77 30.88
CA LEU A 1982 26.90 -50.19 31.92
C LEU A 1982 26.82 -51.69 32.18
N ARG A 1983 25.60 -52.23 32.25
CA ARG A 1983 25.42 -53.66 32.51
C ARG A 1983 26.01 -54.50 31.39
N GLU A 1984 26.09 -53.96 30.18
CA GLU A 1984 26.74 -54.67 29.09
C GLU A 1984 28.21 -54.98 29.37
N HIS A 1985 28.85 -54.23 30.28
CA HIS A 1985 30.24 -54.53 30.65
C HIS A 1985 30.36 -55.90 31.29
N SER A 1986 29.40 -56.26 32.14
CA SER A 1986 29.59 -57.36 33.08
C SER A 1986 29.71 -58.72 32.42
N SER A 1987 29.23 -58.88 31.19
CA SER A 1987 29.22 -60.21 30.59
C SER A 1987 30.65 -60.70 30.34
N PRO A 1988 30.94 -62.00 30.52
CA PRO A 1988 32.33 -62.45 30.41
C PRO A 1988 32.78 -62.70 28.97
N ASN A 1989 31.83 -63.05 28.10
CA ASN A 1989 32.18 -63.37 26.71
C ASN A 1989 32.76 -62.16 26.00
N HIS A 1990 32.29 -60.96 26.31
CA HIS A 1990 32.78 -59.74 25.66
C HIS A 1990 34.21 -59.48 26.11
N ASP A 1991 35.17 -59.68 25.21
CA ASP A 1991 36.57 -59.40 25.52
C ASP A 1991 36.84 -57.91 25.40
N LYS A 1992 37.50 -57.35 26.41
CA LYS A 1992 37.68 -55.92 26.52
C LYS A 1992 38.99 -55.42 25.89
N ALA A 1993 39.70 -56.26 25.14
CA ALA A 1993 40.78 -55.76 24.32
C ALA A 1993 40.25 -54.79 23.27
N SER A 1994 39.12 -55.15 22.64
CA SER A 1994 38.43 -54.30 21.67
C SER A 1994 36.94 -54.35 22.03
N ALA A 1995 36.52 -53.44 22.90
CA ALA A 1995 35.12 -53.37 23.35
C ALA A 1995 34.73 -51.91 23.51
N PRO A 1996 34.37 -51.23 22.40
CA PRO A 1996 33.87 -49.86 22.54
C PRO A 1996 32.40 -49.82 22.92
N ILE A 1997 32.13 -49.87 24.23
CA ILE A 1997 30.74 -49.79 24.69
C ILE A 1997 30.19 -48.43 24.28
N THR A 1998 28.88 -48.39 24.02
CA THR A 1998 28.23 -47.17 23.58
C THR A 1998 26.81 -47.13 24.13
N CYS A 1999 26.27 -45.92 24.28
CA CYS A 1999 24.88 -45.71 24.66
C CYS A 1999 24.27 -44.66 23.75
N GLU A 2000 22.95 -44.75 23.60
CA GLU A 2000 22.18 -43.83 22.75
C GLU A 2000 21.78 -42.64 23.60
N LEU A 2001 22.49 -41.51 23.42
CA LEU A 2001 22.21 -40.29 24.16
C LEU A 2001 22.19 -39.13 23.19
N LEU A 2002 21.12 -38.33 23.24
CA LEU A 2002 20.97 -37.16 22.37
C LEU A 2002 21.11 -37.55 20.89
N ASN A 2003 20.59 -38.72 20.55
CA ASN A 2003 20.68 -39.27 19.19
C ASN A 2003 22.12 -39.34 18.72
N LYS A 2004 23.01 -39.80 19.60
CA LYS A 2004 24.38 -40.11 19.22
C LYS A 2004 24.89 -41.25 20.08
N GLN A 2005 25.87 -41.97 19.55
CA GLN A 2005 26.48 -43.11 20.22
C GLN A 2005 27.64 -42.59 21.07
N VAL A 2006 27.39 -42.44 22.38
CA VAL A 2006 28.37 -41.90 23.31
C VAL A 2006 29.07 -43.06 24.00
N LYS A 2007 30.40 -43.04 23.96
CA LYS A 2007 31.18 -44.06 24.66
C LYS A 2007 31.04 -43.89 26.16
N VAL A 2008 30.89 -45.02 26.86
CA VAL A 2008 30.71 -45.05 28.31
C VAL A 2008 31.97 -45.62 28.93
N SER A 2009 32.56 -44.88 29.86
CA SER A 2009 33.69 -45.40 30.62
C SER A 2009 33.19 -46.29 31.75
N PRO A 2010 34.01 -47.26 32.21
CA PRO A 2010 33.52 -48.18 33.25
C PRO A 2010 33.49 -47.55 34.63
N ASP A 2011 34.34 -46.56 34.88
CA ASP A 2011 34.41 -45.92 36.19
C ASP A 2011 33.14 -45.15 36.53
N MET A 2012 32.35 -44.76 35.53
CA MET A 2012 31.16 -43.96 35.76
C MET A 2012 30.09 -44.76 36.50
N ALA A 2013 29.23 -44.04 37.23
CA ALA A 2013 28.11 -44.65 37.93
C ALA A 2013 27.04 -43.58 38.14
N ILE A 2014 25.82 -44.05 38.44
CA ILE A 2014 24.68 -43.18 38.69
C ILE A 2014 23.95 -43.68 39.93
N PHE A 2015 23.49 -42.74 40.76
CA PHE A 2015 22.80 -43.04 42.00
C PHE A 2015 21.52 -42.22 42.04
N ILE A 2016 20.48 -42.77 42.66
CA ILE A 2016 19.17 -42.13 42.70
C ILE A 2016 18.63 -42.17 44.12
N THR A 2017 18.80 -41.09 44.85
CA THR A 2017 18.20 -40.97 46.18
C THR A 2017 16.69 -40.81 46.04
N MET A 2018 15.95 -41.43 46.95
CA MET A 2018 14.49 -41.46 46.91
C MET A 2018 13.93 -41.15 48.28
N ASN A 2019 12.71 -40.61 48.29
CA ASN A 2019 11.95 -40.35 49.50
C ASN A 2019 10.70 -41.23 49.51
N PRO A 2020 10.56 -42.21 50.41
CA PRO A 2020 9.34 -43.04 50.36
C PRO A 2020 8.14 -42.24 50.87
N GLY A 2021 7.02 -42.38 50.18
CA GLY A 2021 5.80 -41.68 50.54
C GLY A 2021 5.94 -40.17 50.43
N SER A 2026 6.72 -43.11 45.59
CA SER A 2026 7.40 -43.84 46.66
C SER A 2026 8.42 -44.81 46.07
N ASN A 2027 7.98 -45.66 45.17
CA ASN A 2027 8.83 -46.67 44.55
C ASN A 2027 9.55 -46.10 43.35
N LEU A 2028 10.61 -46.79 42.94
CA LEU A 2028 11.38 -46.37 41.78
C LEU A 2028 10.52 -46.54 40.52
N PRO A 2029 10.80 -45.78 39.46
CA PRO A 2029 10.06 -45.99 38.20
C PRO A 2029 10.25 -47.39 37.66
N ASP A 2030 9.21 -47.89 36.98
CA ASP A 2030 9.21 -49.27 36.51
C ASP A 2030 10.33 -49.54 35.50
N ASN A 2031 10.85 -48.50 34.85
CA ASN A 2031 11.98 -48.70 33.94
C ASN A 2031 13.19 -49.22 34.68
N LEU A 2032 13.47 -48.68 35.86
CA LEU A 2032 14.73 -48.88 36.56
C LEU A 2032 14.61 -49.75 37.79
N LYS A 2033 13.45 -50.35 38.05
CA LYS A 2033 13.29 -51.19 39.24
C LYS A 2033 14.22 -52.39 39.17
N LYS A 2034 14.39 -52.97 37.97
CA LYS A 2034 15.26 -54.13 37.82
C LYS A 2034 16.74 -53.75 37.84
N LEU A 2035 17.08 -52.53 37.41
CA LEU A 2035 18.47 -52.14 37.22
C LEU A 2035 19.11 -51.49 38.45
N PHE A 2036 18.33 -51.22 39.50
CA PHE A 2036 18.80 -50.44 40.64
C PHE A 2036 18.61 -51.23 41.93
N ARG A 2037 19.66 -51.28 42.76
CA ARG A 2037 19.59 -51.91 44.07
C ARG A 2037 19.23 -50.86 45.11
N SER A 2038 18.19 -51.14 45.89
CA SER A 2038 17.63 -50.18 46.83
C SER A 2038 18.07 -50.50 48.25
N LEU A 2039 18.35 -49.46 49.03
CA LEU A 2039 18.80 -49.60 50.41
C LEU A 2039 18.02 -48.65 51.31
N ALA A 2040 17.57 -49.16 52.45
CA ALA A 2040 16.74 -48.38 53.37
C ALA A 2040 17.63 -47.66 54.37
N MET A 2041 17.85 -46.37 54.15
CA MET A 2041 18.57 -45.51 55.08
C MET A 2041 17.59 -44.76 55.98
N THR A 2042 16.82 -45.55 56.74
CA THR A 2042 15.68 -44.98 57.45
C THR A 2042 16.09 -44.12 58.64
N LYS A 2043 17.16 -44.48 59.35
CA LYS A 2043 17.46 -43.92 60.66
C LYS A 2043 18.97 -43.85 60.84
N PRO A 2044 19.59 -42.67 60.71
CA PRO A 2044 21.03 -42.59 60.95
C PRO A 2044 21.36 -42.70 62.44
N ASP A 2045 22.62 -43.03 62.70
CA ASP A 2045 23.11 -43.18 64.07
C ASP A 2045 23.50 -41.81 64.60
N ARG A 2046 22.57 -41.17 65.30
CA ARG A 2046 22.84 -39.85 65.86
C ARG A 2046 23.92 -39.92 66.93
N GLN A 2047 23.86 -40.94 67.80
CA GLN A 2047 24.74 -41.01 68.96
C GLN A 2047 26.20 -41.08 68.53
N LEU A 2048 26.52 -41.96 67.59
CA LEU A 2048 27.92 -42.14 67.22
C LEU A 2048 28.44 -40.96 66.43
N ILE A 2049 27.61 -40.32 65.61
CA ILE A 2049 28.03 -39.12 64.90
C ILE A 2049 28.37 -38.03 65.90
N ALA A 2050 27.50 -37.82 66.88
CA ALA A 2050 27.79 -36.83 67.92
C ALA A 2050 29.05 -37.19 68.69
N GLN A 2051 29.24 -38.47 69.01
CA GLN A 2051 30.43 -38.90 69.72
C GLN A 2051 31.69 -38.56 68.95
N VAL A 2052 31.74 -38.94 67.68
CA VAL A 2052 32.95 -38.72 66.89
C VAL A 2052 33.20 -37.24 66.71
N MET A 2053 32.15 -36.45 66.45
CA MET A 2053 32.37 -35.02 66.25
C MET A 2053 32.84 -34.34 67.52
N LEU A 2054 32.23 -34.65 68.67
CA LEU A 2054 32.66 -34.06 69.92
C LEU A 2054 34.08 -34.47 70.27
N TYR A 2055 34.45 -35.72 70.00
CA TYR A 2055 35.84 -36.14 70.20
C TYR A 2055 36.77 -35.39 69.26
N SER A 2056 36.28 -35.04 68.06
CA SER A 2056 37.12 -34.32 67.11
C SER A 2056 37.43 -32.91 67.59
N GLN A 2057 36.51 -32.30 68.35
CA GLN A 2057 36.72 -30.94 68.86
C GLN A 2057 37.55 -30.91 70.14
N GLY A 2058 37.96 -32.06 70.67
CA GLY A 2058 38.83 -32.12 71.82
C GLY A 2058 38.15 -32.31 73.15
N PHE A 2059 36.85 -32.59 73.17
CA PHE A 2059 36.15 -32.79 74.43
C PHE A 2059 36.66 -34.06 75.11
N ARG A 2060 36.99 -33.94 76.40
CA ARG A 2060 37.48 -35.10 77.14
C ARG A 2060 36.41 -36.18 77.24
N THR A 2061 35.19 -35.78 77.59
CA THR A 2061 34.04 -36.68 77.62
C THR A 2061 33.20 -36.39 76.39
N ALA A 2062 32.95 -37.44 75.59
CA ALA A 2062 32.16 -37.32 74.38
C ALA A 2062 31.00 -38.31 74.39
N GLU A 2063 31.21 -39.47 75.02
CA GLU A 2063 30.18 -40.50 75.07
C GLU A 2063 28.95 -39.99 75.84
N VAL A 2064 29.17 -39.46 77.03
CA VAL A 2064 28.06 -38.98 77.84
C VAL A 2064 27.41 -37.76 77.20
N LEU A 2065 28.23 -36.84 76.68
CA LEU A 2065 27.69 -35.65 76.04
C LEU A 2065 26.87 -36.00 74.81
N ALA A 2066 27.36 -36.91 73.98
CA ALA A 2066 26.60 -37.33 72.81
C ALA A 2066 25.30 -38.01 73.22
N ASN A 2067 25.39 -38.95 74.17
CA ASN A 2067 24.20 -39.67 74.61
C ASN A 2067 23.19 -38.76 75.30
N LYS A 2068 23.62 -37.59 75.78
CA LYS A 2068 22.68 -36.62 76.32
C LYS A 2068 22.09 -35.73 75.24
N ILE A 2069 22.95 -35.15 74.38
CA ILE A 2069 22.51 -34.14 73.44
C ILE A 2069 21.59 -34.75 72.38
N VAL A 2070 21.87 -35.99 71.96
CA VAL A 2070 21.08 -36.59 70.89
C VAL A 2070 19.63 -36.78 71.30
N PRO A 2071 19.29 -37.43 72.42
CA PRO A 2071 17.87 -37.50 72.81
C PRO A 2071 17.26 -36.14 73.09
N PHE A 2072 18.07 -35.16 73.49
CA PHE A 2072 17.53 -33.83 73.79
C PHE A 2072 16.97 -33.17 72.54
N PHE A 2073 17.66 -33.32 71.40
CA PHE A 2073 17.18 -32.71 70.16
C PHE A 2073 15.86 -33.31 69.72
N LYS A 2074 15.73 -34.65 69.82
CA LYS A 2074 14.46 -35.28 69.48
C LYS A 2074 13.37 -34.88 70.47
N LEU A 2075 13.73 -34.71 71.74
CA LEU A 2075 12.77 -34.24 72.73
C LEU A 2075 12.26 -32.85 72.36
N CYS A 2076 13.16 -31.96 71.94
CA CYS A 2076 12.75 -30.64 71.50
C CYS A 2076 11.88 -30.71 70.26
N ASP A 2077 12.22 -31.61 69.34
CA ASP A 2077 11.44 -31.76 68.11
C ASP A 2077 10.01 -32.19 68.42
N GLU A 2078 9.84 -33.11 69.37
CA GLU A 2078 8.51 -33.58 69.70
C GLU A 2078 7.74 -32.58 70.55
N GLN A 2079 8.33 -32.15 71.66
CA GLN A 2079 7.57 -31.40 72.67
C GLN A 2079 7.22 -30.00 72.19
N LEU A 2080 8.19 -29.28 71.63
CA LEU A 2080 7.97 -27.89 71.26
C LEU A 2080 6.93 -27.80 70.14
N SER A 2081 6.18 -26.68 70.16
CA SER A 2081 5.16 -26.46 69.15
C SER A 2081 5.78 -26.40 67.77
N SER A 2082 5.14 -27.07 66.81
CA SER A 2082 5.69 -27.18 65.47
C SER A 2082 5.70 -25.80 64.79
N GLN A 2083 6.88 -25.38 64.37
CA GLN A 2083 7.04 -24.13 63.63
C GLN A 2083 7.99 -24.38 62.47
N SER A 2084 7.82 -23.60 61.41
CA SER A 2084 8.61 -23.80 60.21
C SER A 2084 10.09 -23.56 60.46
N HIS A 2085 10.42 -22.53 61.24
CA HIS A 2085 11.82 -22.13 61.41
C HIS A 2085 12.61 -23.07 62.31
N TYR A 2086 11.96 -23.88 63.14
CA TYR A 2086 12.71 -24.84 63.95
C TYR A 2086 13.37 -25.87 63.05
N ASP A 2087 14.61 -26.24 63.40
CA ASP A 2087 15.37 -27.20 62.62
C ASP A 2087 16.24 -27.99 63.58
N PHE A 2088 15.75 -29.16 63.99
CA PHE A 2088 16.48 -30.08 64.86
C PHE A 2088 17.02 -31.28 64.10
N GLY A 2089 17.31 -31.10 62.80
CA GLY A 2089 17.93 -32.13 62.02
C GLY A 2089 19.40 -32.28 62.35
N LEU A 2090 20.06 -33.18 61.64
CA LEU A 2090 21.46 -33.48 61.96
C LEU A 2090 22.37 -32.33 61.59
N ARG A 2091 22.05 -31.56 60.54
CA ARG A 2091 22.89 -30.42 60.19
C ARG A 2091 22.93 -29.41 61.34
N ALA A 2092 21.78 -29.15 61.95
CA ALA A 2092 21.75 -28.25 63.11
C ALA A 2092 22.55 -28.81 64.27
N LEU A 2093 22.45 -30.12 64.51
CA LEU A 2093 23.20 -30.73 65.60
C LEU A 2093 24.70 -30.61 65.38
N LYS A 2094 25.16 -30.88 64.15
CA LYS A 2094 26.59 -30.78 63.86
C LYS A 2094 27.07 -29.34 63.99
N SER A 2095 26.28 -28.38 63.52
CA SER A 2095 26.64 -26.98 63.66
C SER A 2095 26.73 -26.58 65.14
N VAL A 2096 25.79 -27.07 65.94
CA VAL A 2096 25.80 -26.77 67.38
C VAL A 2096 27.05 -27.36 68.03
N LEU A 2097 27.44 -28.57 67.64
CA LEU A 2097 28.63 -29.18 68.23
C LEU A 2097 29.90 -28.46 67.81
N VAL A 2098 29.96 -27.99 66.55
CA VAL A 2098 31.11 -27.18 66.13
C VAL A 2098 31.15 -25.88 66.93
N SER A 2099 30.00 -25.26 67.16
CA SER A 2099 29.95 -24.05 67.97
C SER A 2099 30.42 -24.33 69.40
N ALA A 2100 30.04 -25.49 69.94
CA ALA A 2100 30.49 -25.87 71.28
C ALA A 2100 32.00 -26.03 71.32
N GLY A 2101 32.58 -26.63 70.29
CA GLY A 2101 34.03 -26.72 70.22
C GLY A 2101 34.70 -25.35 70.16
N ASN A 2102 34.10 -24.44 69.38
CA ASN A 2102 34.64 -23.08 69.30
C ASN A 2102 34.58 -22.39 70.67
N VAL A 2103 33.47 -22.57 71.39
CA VAL A 2103 33.33 -21.96 72.71
C VAL A 2103 34.36 -22.55 73.67
N LYS A 2104 34.57 -23.87 73.60
CA LYS A 2104 35.58 -24.50 74.45
C LYS A 2104 36.95 -23.91 74.19
N ARG A 2105 37.34 -23.80 72.92
CA ARG A 2105 38.65 -23.25 72.59
C ARG A 2105 38.76 -21.79 73.03
N GLU A 2106 37.67 -21.04 72.90
CA GLU A 2106 37.67 -19.66 73.39
C GLU A 2106 37.91 -19.62 74.89
N ARG A 2107 37.30 -20.54 75.64
CA ARG A 2107 37.52 -20.58 77.08
C ARG A 2107 38.97 -20.97 77.41
N ILE A 2108 39.56 -21.90 76.64
CA ILE A 2108 40.95 -22.24 76.88
C ILE A 2108 41.82 -21.01 76.68
N GLN A 2109 41.58 -20.27 75.60
CA GLN A 2109 42.38 -19.08 75.33
C GLN A 2109 42.16 -18.01 76.40
N LYS A 2110 40.92 -17.88 76.88
CA LYS A 2110 40.63 -16.92 77.94
C LYS A 2110 41.41 -17.23 79.19
N ILE A 2111 41.36 -18.49 79.64
CA ILE A 2111 42.09 -18.88 80.85
C ILE A 2111 43.59 -18.73 80.63
N LYS A 2112 44.07 -19.10 79.44
CA LYS A 2112 45.49 -18.99 79.15
C LYS A 2112 45.97 -17.55 79.23
N ARG A 2113 45.25 -16.63 78.59
CA ARG A 2113 45.68 -15.23 78.61
C ARG A 2113 45.52 -14.63 80.00
N GLU A 2114 44.48 -15.02 80.73
CA GLU A 2114 44.30 -14.52 82.10
C GLU A 2114 45.47 -14.96 82.98
N LYS A 2115 45.90 -16.21 82.85
CA LYS A 2115 47.05 -16.67 83.63
C LYS A 2115 48.34 -16.03 83.15
N GLU A 2116 48.46 -15.78 81.84
CA GLU A 2116 49.70 -15.20 81.30
C GLU A 2116 49.88 -13.76 81.76
N GLU A 2117 48.79 -13.01 81.87
CA GLU A 2117 48.89 -11.66 82.42
C GLU A 2117 49.37 -11.70 83.87
N ARG A 2118 49.05 -12.77 84.59
CA ARG A 2118 49.65 -13.05 85.88
C ARG A 2118 50.93 -13.85 85.69
N GLY A 2119 51.60 -14.17 86.80
CA GLY A 2119 52.78 -15.03 86.75
C GLY A 2119 52.42 -16.49 86.88
N GLU A 2120 52.59 -17.25 85.80
CA GLU A 2120 52.15 -18.64 85.80
C GLU A 2120 52.89 -19.43 84.73
N ALA A 2121 52.84 -20.75 84.87
CA ALA A 2121 53.32 -21.69 83.86
C ALA A 2121 52.11 -22.28 83.16
N VAL A 2122 52.16 -22.30 81.82
CA VAL A 2122 50.99 -22.57 80.99
C VAL A 2122 51.16 -23.91 80.28
N ASP A 2123 50.08 -24.71 80.29
CA ASP A 2123 49.97 -25.90 79.47
C ASP A 2123 48.52 -26.01 79.01
N GLU A 2124 48.32 -26.18 77.70
CA GLU A 2124 46.96 -26.20 77.15
C GLU A 2124 46.17 -27.38 77.70
N GLY A 2125 46.80 -28.57 77.73
CA GLY A 2125 46.09 -29.75 78.21
C GLY A 2125 45.67 -29.64 79.67
N GLU A 2126 46.55 -29.08 80.50
CA GLU A 2126 46.22 -28.93 81.92
C GLU A 2126 45.03 -28.01 82.11
N ILE A 2127 44.98 -26.90 81.36
CA ILE A 2127 43.84 -25.99 81.45
C ILE A 2127 42.58 -26.68 80.96
N ALA A 2128 42.68 -27.40 79.84
CA ALA A 2128 41.51 -28.07 79.26
C ALA A 2128 41.00 -29.20 80.14
N GLU A 2129 41.85 -29.78 80.99
CA GLU A 2129 41.41 -30.90 81.82
C GLU A 2129 40.33 -30.48 82.81
N ASN A 2130 40.54 -29.36 83.50
CA ASN A 2130 39.66 -28.93 84.59
C ASN A 2130 38.70 -27.86 84.10
N LEU A 2131 37.75 -28.28 83.27
CA LEU A 2131 36.69 -27.44 82.76
C LEU A 2131 35.40 -28.25 82.69
N PRO A 2132 34.22 -27.62 82.79
CA PRO A 2132 32.98 -28.36 82.54
C PRO A 2132 32.63 -28.40 81.07
N GLU A 2133 32.64 -29.59 80.46
CA GLU A 2133 32.23 -29.70 79.08
C GLU A 2133 30.73 -29.50 78.92
N GLN A 2134 29.95 -29.92 79.92
CA GLN A 2134 28.50 -29.76 79.83
C GLN A 2134 28.10 -28.29 79.82
N GLU A 2135 28.82 -27.46 80.58
CA GLU A 2135 28.54 -26.03 80.56
C GLU A 2135 28.79 -25.43 79.18
N ILE A 2136 29.89 -25.83 78.53
CA ILE A 2136 30.17 -25.35 77.19
C ILE A 2136 29.09 -25.80 76.23
N LEU A 2137 28.69 -27.07 76.31
CA LEU A 2137 27.72 -27.60 75.37
C LEU A 2137 26.35 -26.95 75.56
N ILE A 2138 25.90 -26.81 76.81
CA ILE A 2138 24.61 -26.19 77.06
C ILE A 2138 24.63 -24.72 76.67
N GLN A 2139 25.78 -24.05 76.89
CA GLN A 2139 25.91 -22.66 76.44
C GLN A 2139 25.78 -22.56 74.92
N SER A 2140 26.44 -23.45 74.19
CA SER A 2140 26.34 -23.41 72.73
C SER A 2140 24.92 -23.69 72.28
N VAL A 2141 24.27 -24.68 72.89
CA VAL A 2141 22.90 -25.02 72.51
C VAL A 2141 21.97 -23.84 72.75
N CYS A 2142 22.09 -23.20 73.91
CA CYS A 2142 21.23 -22.06 74.22
C CYS A 2142 21.51 -20.89 73.28
N GLU A 2143 22.80 -20.59 73.05
CA GLU A 2143 23.14 -19.47 72.20
C GLU A 2143 22.66 -19.67 70.77
N THR A 2144 22.61 -20.92 70.30
CA THR A 2144 22.18 -21.19 68.94
C THR A 2144 20.66 -21.32 68.81
N MET A 2145 19.96 -21.75 69.85
CA MET A 2145 18.54 -22.05 69.76
C MET A 2145 17.64 -20.96 70.34
N VAL A 2146 17.99 -20.42 71.52
CA VAL A 2146 17.08 -19.52 72.23
C VAL A 2146 16.69 -18.30 71.41
N PRO A 2147 17.58 -17.67 70.62
CA PRO A 2147 17.11 -16.56 69.77
C PRO A 2147 15.97 -16.93 68.85
N LYS A 2148 15.94 -18.16 68.34
CA LYS A 2148 14.85 -18.62 67.49
C LYS A 2148 13.60 -19.01 68.27
N LEU A 2149 13.69 -19.14 69.59
CA LEU A 2149 12.60 -19.71 70.37
C LEU A 2149 11.49 -18.70 70.59
N VAL A 2150 10.24 -19.17 70.48
CA VAL A 2150 9.08 -18.35 70.80
C VAL A 2150 8.95 -18.27 72.32
N ALA A 2151 8.31 -17.20 72.81
CA ALA A 2151 8.18 -17.01 74.24
C ALA A 2151 7.35 -18.12 74.89
N GLU A 2152 6.44 -18.74 74.13
CA GLU A 2152 5.69 -19.86 74.67
C GLU A 2152 6.56 -21.09 74.85
N ASP A 2153 7.59 -21.25 74.01
CA ASP A 2153 8.39 -22.46 73.97
C ASP A 2153 9.68 -22.37 74.78
N ILE A 2154 10.14 -21.16 75.14
CA ILE A 2154 11.39 -21.06 75.90
C ILE A 2154 11.32 -21.76 77.26
N PRO A 2155 10.25 -21.66 78.07
CA PRO A 2155 10.30 -22.38 79.35
C PRO A 2155 10.21 -23.88 79.17
N LEU A 2156 9.50 -24.34 78.14
CA LEU A 2156 9.51 -25.77 77.83
C LEU A 2156 10.90 -26.23 77.44
N LEU A 2157 11.60 -25.45 76.62
CA LEU A 2157 12.96 -25.82 76.24
C LEU A 2157 13.87 -25.86 77.46
N PHE A 2158 13.73 -24.90 78.38
CA PHE A 2158 14.59 -24.92 79.55
C PHE A 2158 14.24 -26.08 80.47
N SER A 2159 12.96 -26.47 80.55
CA SER A 2159 12.60 -27.65 81.32
C SER A 2159 13.21 -28.91 80.72
N LEU A 2160 13.13 -29.05 79.39
CA LEU A 2160 13.75 -30.21 78.74
C LEU A 2160 15.25 -30.23 78.96
N LEU A 2161 15.89 -29.06 78.85
CA LEU A 2161 17.33 -28.97 79.04
C LEU A 2161 17.73 -29.33 80.48
N SER A 2162 16.92 -28.90 81.45
CA SER A 2162 17.19 -29.29 82.83
C SER A 2162 17.00 -30.79 83.02
N ASP A 2163 16.01 -31.37 82.35
CA ASP A 2163 15.80 -32.81 82.47
C ASP A 2163 16.97 -33.60 81.90
N VAL A 2164 17.38 -33.27 80.67
CA VAL A 2164 18.47 -34.02 80.04
C VAL A 2164 19.80 -33.68 80.71
N PHE A 2165 20.05 -32.41 81.00
CA PHE A 2165 21.27 -31.95 81.65
C PHE A 2165 20.97 -31.53 83.07
N PRO A 2166 20.85 -32.45 84.01
CA PRO A 2166 20.48 -32.06 85.38
C PRO A 2166 21.58 -31.26 86.06
N GLY A 2167 21.15 -30.33 86.92
CA GLY A 2167 22.07 -29.56 87.73
C GLY A 2167 23.04 -28.71 86.95
N VAL A 2168 22.71 -28.34 85.71
CA VAL A 2168 23.56 -27.53 84.86
C VAL A 2168 22.71 -26.41 84.28
N GLN A 2169 23.14 -25.16 84.48
CA GLN A 2169 22.39 -23.99 84.09
C GLN A 2169 23.26 -23.07 83.24
N TYR A 2170 22.62 -22.38 82.29
CA TYR A 2170 23.28 -21.50 81.34
C TYR A 2170 23.15 -20.06 81.84
N HIS A 2171 24.24 -19.51 82.36
CA HIS A 2171 24.29 -18.12 82.76
C HIS A 2171 24.70 -17.28 81.54
N ARG A 2172 23.88 -16.29 81.20
CA ARG A 2172 24.16 -15.48 80.03
C ARG A 2172 25.44 -14.68 80.21
N GLY A 2173 26.26 -14.65 79.17
CA GLY A 2173 27.47 -13.85 79.17
C GLY A 2173 27.17 -12.38 79.38
N GLU A 2174 27.90 -11.74 80.28
CA GLU A 2174 27.63 -10.36 80.66
C GLU A 2174 28.34 -9.41 79.70
N MET A 2175 27.57 -8.51 79.09
CA MET A 2175 28.09 -7.46 78.21
C MET A 2175 27.83 -6.13 78.90
N THR A 2176 28.78 -5.70 79.73
CA THR A 2176 28.57 -4.49 80.52
C THR A 2176 28.58 -3.24 79.65
N ALA A 2177 29.57 -3.12 78.75
CA ALA A 2177 29.71 -1.91 77.95
C ALA A 2177 28.51 -1.73 77.02
N LEU A 2178 28.11 -2.80 76.34
CA LEU A 2178 26.97 -2.71 75.43
C LEU A 2178 25.69 -2.41 76.20
N ARG A 2179 25.54 -2.99 77.39
CA ARG A 2179 24.34 -2.70 78.18
C ARG A 2179 24.31 -1.26 78.64
N GLU A 2180 25.46 -0.69 79.02
CA GLU A 2180 25.50 0.72 79.39
C GLU A 2180 25.15 1.61 78.22
N GLU A 2181 25.69 1.30 77.03
CA GLU A 2181 25.33 2.08 75.85
C GLU A 2181 23.85 1.93 75.51
N LEU A 2182 23.30 0.73 75.69
CA LEU A 2182 21.88 0.53 75.48
C LEU A 2182 21.06 1.39 76.44
N LYS A 2183 21.49 1.46 77.70
CA LYS A 2183 20.81 2.32 78.67
C LYS A 2183 20.84 3.77 78.23
N LYS A 2184 22.01 4.24 77.78
CA LYS A 2184 22.14 5.63 77.36
C LYS A 2184 21.23 5.92 76.17
N VAL A 2185 21.26 5.07 75.15
CA VAL A 2185 20.45 5.31 73.96
C VAL A 2185 18.97 5.19 74.27
N CYS A 2186 18.59 4.23 75.13
CA CYS A 2186 17.19 4.07 75.48
C CYS A 2186 16.66 5.28 76.21
N GLN A 2187 17.44 5.83 77.15
CA GLN A 2187 17.02 7.08 77.79
C GLN A 2187 17.00 8.22 76.78
N GLU A 2188 17.90 8.19 75.80
CA GLU A 2188 17.91 9.24 74.77
C GLU A 2188 16.69 9.15 73.86
N MET A 2189 16.22 7.93 73.56
CA MET A 2189 15.13 7.72 72.62
C MET A 2189 13.78 7.46 73.31
N TYR A 2190 13.69 7.69 74.61
CA TYR A 2190 12.44 7.53 75.36
C TYR A 2190 11.96 6.07 75.31
N LEU A 2191 12.83 5.17 75.75
CA LEU A 2191 12.56 3.75 75.81
C LEU A 2191 12.98 3.20 77.16
N THR A 2192 12.22 2.20 77.64
CA THR A 2192 12.55 1.57 78.90
C THR A 2192 13.72 0.60 78.73
N TYR A 2193 14.52 0.48 79.78
CA TYR A 2193 15.65 -0.44 79.82
C TYR A 2193 15.61 -1.20 81.13
N GLY A 2194 15.94 -2.49 81.08
CA GLY A 2194 15.98 -3.31 82.27
C GLY A 2194 17.14 -4.29 82.21
N ASP A 2195 17.58 -4.71 83.39
CA ASP A 2195 18.73 -5.61 83.53
C ASP A 2195 18.32 -7.07 83.60
N GLY A 2196 17.21 -7.45 82.96
CA GLY A 2196 16.75 -8.82 82.97
C GLY A 2196 15.80 -9.10 84.11
N GLU A 2197 14.69 -9.77 83.82
CA GLU A 2197 13.65 -10.06 84.80
C GLU A 2197 13.12 -8.80 85.46
N GLU A 2198 13.05 -7.71 84.67
CA GLU A 2198 12.46 -6.46 85.10
C GLU A 2198 11.47 -6.01 84.05
N VAL A 2199 10.96 -4.78 84.14
CA VAL A 2199 10.13 -4.23 83.08
C VAL A 2199 11.06 -3.91 81.90
N GLY A 2200 11.00 -4.74 80.87
CA GLY A 2200 11.82 -4.56 79.68
C GLY A 2200 13.06 -5.42 79.60
N GLY A 2201 13.22 -6.39 80.50
CA GLY A 2201 14.40 -7.25 80.43
C GLY A 2201 14.44 -8.10 79.17
N MET A 2202 13.27 -8.61 78.75
CA MET A 2202 13.22 -9.47 77.57
C MET A 2202 13.65 -8.71 76.32
N TRP A 2203 13.25 -7.45 76.20
CA TRP A 2203 13.62 -6.66 75.03
C TRP A 2203 15.12 -6.39 75.01
N VAL A 2204 15.72 -6.09 76.17
CA VAL A 2204 17.17 -5.92 76.23
C VAL A 2204 17.87 -7.20 75.84
N GLU A 2205 17.37 -8.34 76.34
CA GLU A 2205 17.96 -9.62 75.97
C GLU A 2205 17.85 -9.86 74.47
N LYS A 2206 16.73 -9.49 73.86
CA LYS A 2206 16.54 -9.73 72.44
C LYS A 2206 17.46 -8.87 71.59
N VAL A 2207 17.66 -7.61 71.99
CA VAL A 2207 18.61 -6.77 71.23
C VAL A 2207 20.04 -7.29 71.41
N LEU A 2208 20.37 -7.80 72.60
CA LEU A 2208 21.69 -8.41 72.78
C LEU A 2208 21.85 -9.63 71.88
N GLN A 2209 20.81 -10.45 71.79
CA GLN A 2209 20.85 -11.59 70.87
C GLN A 2209 20.99 -11.14 69.44
N LEU A 2210 20.34 -10.03 69.07
CA LEU A 2210 20.49 -9.47 67.74
C LEU A 2210 21.93 -9.08 67.47
N TYR A 2211 22.58 -8.47 68.47
CA TYR A 2211 24.00 -8.15 68.31
C TYR A 2211 24.82 -9.41 68.10
N GLN A 2212 24.53 -10.46 68.87
CA GLN A 2212 25.26 -11.72 68.72
C GLN A 2212 25.10 -12.29 67.32
N ILE A 2213 23.87 -12.32 66.81
CA ILE A 2213 23.63 -12.91 65.50
C ILE A 2213 24.26 -12.05 64.40
N THR A 2214 24.23 -10.73 64.55
CA THR A 2214 24.92 -9.88 63.57
C THR A 2214 26.42 -10.13 63.60
N GLN A 2215 26.98 -10.37 64.78
CA GLN A 2215 28.40 -10.70 64.86
C GLN A 2215 28.69 -12.02 64.18
N ILE A 2216 27.84 -13.02 64.37
CA ILE A 2216 28.09 -14.35 63.81
C ILE A 2216 27.84 -14.35 62.31
N ASN A 2217 26.60 -14.09 61.91
CA ASN A 2217 26.16 -14.22 60.53
C ASN A 2217 26.25 -12.88 59.80
N HIS A 2218 26.28 -12.96 58.47
CA HIS A 2218 26.20 -11.78 57.61
C HIS A 2218 24.81 -11.53 57.08
N GLY A 2219 23.80 -12.25 57.59
CA GLY A 2219 22.42 -12.03 57.21
C GLY A 2219 21.49 -12.58 58.26
N LEU A 2220 20.46 -11.82 58.64
CA LEU A 2220 19.62 -12.20 59.77
C LEU A 2220 18.22 -11.64 59.58
N MET A 2221 17.29 -12.17 60.36
CA MET A 2221 15.88 -11.78 60.31
C MET A 2221 15.33 -11.59 61.72
N MET A 2222 14.34 -10.70 61.82
CA MET A 2222 13.50 -10.56 63.00
C MET A 2222 12.07 -10.91 62.58
N VAL A 2223 11.51 -11.93 63.22
CA VAL A 2223 10.31 -12.60 62.71
C VAL A 2223 9.21 -12.58 63.77
N GLY A 2224 9.15 -11.53 64.56
CA GLY A 2224 8.13 -11.41 65.56
C GLY A 2224 6.80 -11.00 64.96
N PRO A 2225 5.74 -11.02 65.78
CA PRO A 2225 4.48 -10.40 65.36
C PRO A 2225 4.61 -8.89 65.28
N SER A 2226 3.58 -8.27 64.73
CA SER A 2226 3.57 -6.81 64.61
C SER A 2226 3.45 -6.18 65.98
N GLY A 2227 4.31 -5.20 66.26
CA GLY A 2227 4.27 -4.50 67.53
C GLY A 2227 5.02 -5.23 68.63
N SER A 2228 6.25 -5.64 68.34
CA SER A 2228 7.11 -6.31 69.32
C SER A 2228 8.46 -5.62 69.47
N GLY A 2229 8.71 -4.52 68.77
CA GLY A 2229 9.92 -3.76 68.98
C GLY A 2229 11.13 -4.23 68.20
N LYS A 2230 10.95 -4.96 67.11
CA LYS A 2230 12.11 -5.44 66.36
C LYS A 2230 12.81 -4.28 65.63
N SER A 2231 12.03 -3.43 64.96
CA SER A 2231 12.61 -2.28 64.29
C SER A 2231 13.20 -1.28 65.29
N MET A 2232 12.51 -1.05 66.41
CA MET A 2232 13.07 -0.19 67.44
C MET A 2232 14.32 -0.81 68.06
N ALA A 2233 14.31 -2.13 68.27
CA ALA A 2233 15.49 -2.79 68.83
C ALA A 2233 16.69 -2.65 67.91
N TRP A 2234 16.47 -2.85 66.61
CA TRP A 2234 17.57 -2.70 65.66
C TRP A 2234 18.08 -1.26 65.62
N ARG A 2235 17.16 -0.28 65.63
CA ARG A 2235 17.60 1.12 65.63
C ARG A 2235 18.43 1.43 66.87
N VAL A 2236 17.97 0.96 68.04
CA VAL A 2236 18.70 1.20 69.27
C VAL A 2236 20.06 0.53 69.22
N LEU A 2237 20.13 -0.69 68.67
CA LEU A 2237 21.41 -1.38 68.59
C LEU A 2237 22.39 -0.62 67.69
N LEU A 2238 21.92 -0.12 66.55
CA LEU A 2238 22.81 0.62 65.67
C LEU A 2238 23.31 1.89 66.36
N LYS A 2239 22.40 2.62 67.00
CA LYS A 2239 22.80 3.87 67.65
C LYS A 2239 23.64 3.63 68.90
N ALA A 2240 23.60 2.42 69.48
CA ALA A 2240 24.44 2.08 70.62
C ALA A 2240 25.83 1.63 70.18
N LEU A 2241 25.91 0.82 69.12
CA LEU A 2241 27.22 0.48 68.58
C LEU A 2241 27.92 1.70 68.01
N GLU A 2242 27.14 2.69 67.55
CA GLU A 2242 27.72 3.98 67.15
C GLU A 2242 28.60 4.55 68.24
N ARG A 2243 28.09 4.58 69.49
CA ARG A 2243 28.88 5.09 70.60
C ARG A 2243 29.95 4.10 71.02
N LEU A 2244 29.62 2.81 71.04
CA LEU A 2244 30.53 1.81 71.59
C LEU A 2244 31.81 1.71 70.76
N GLU A 2245 31.67 1.50 69.45
CA GLU A 2245 32.80 1.18 68.59
C GLU A 2245 33.31 2.37 67.80
N GLY A 2246 32.71 3.55 67.95
CA GLY A 2246 33.17 4.71 67.20
C GLY A 2246 33.05 4.56 65.71
N VAL A 2247 32.04 3.82 65.24
CA VAL A 2247 31.80 3.56 63.82
C VAL A 2247 30.41 4.04 63.49
N GLU A 2248 30.29 4.80 62.39
CA GLU A 2248 29.03 5.45 62.06
C GLU A 2248 28.05 4.45 61.49
N GLY A 2249 26.87 4.38 62.08
CA GLY A 2249 25.83 3.46 61.64
C GLY A 2249 24.88 4.06 60.65
N VAL A 2250 24.76 3.46 59.48
CA VAL A 2250 23.86 3.89 58.42
C VAL A 2250 22.85 2.78 58.17
N ALA A 2251 21.60 3.18 57.94
CA ALA A 2251 20.50 2.24 57.69
C ALA A 2251 19.91 2.52 56.32
N HIS A 2252 19.70 1.47 55.54
CA HIS A 2252 19.03 1.54 54.25
C HIS A 2252 17.80 0.64 54.34
N ILE A 2253 16.64 1.24 54.56
CA ILE A 2253 15.39 0.51 54.78
C ILE A 2253 14.65 0.44 53.46
N ILE A 2254 14.35 -0.76 53.01
CA ILE A 2254 13.69 -1.00 51.73
C ILE A 2254 12.47 -1.85 51.97
N ASP A 2255 11.33 -1.44 51.39
CA ASP A 2255 10.14 -2.29 51.36
C ASP A 2255 10.18 -3.08 50.06
N PRO A 2256 10.44 -4.40 50.09
CA PRO A 2256 10.72 -5.08 48.82
C PRO A 2256 9.46 -5.38 48.02
N LYS A 2257 8.34 -5.61 48.70
CA LYS A 2257 7.11 -5.95 48.01
C LYS A 2257 6.42 -4.71 47.43
N ALA A 2258 6.62 -3.54 48.02
CA ALA A 2258 6.06 -2.32 47.46
C ALA A 2258 6.65 -2.03 46.08
N ILE A 2259 7.94 -2.28 45.91
CA ILE A 2259 8.64 -2.07 44.64
C ILE A 2259 8.65 -3.38 43.87
N SER A 2260 8.59 -3.28 42.55
CA SER A 2260 8.64 -4.46 41.72
C SER A 2260 10.05 -5.05 41.72
N LYS A 2261 10.13 -6.35 41.41
CA LYS A 2261 11.42 -7.04 41.42
C LYS A 2261 12.36 -6.45 40.38
N ASP A 2262 11.81 -6.06 39.22
CA ASP A 2262 12.64 -5.49 38.17
C ASP A 2262 13.30 -4.19 38.62
N HIS A 2263 12.54 -3.32 39.28
CA HIS A 2263 13.12 -2.10 39.83
C HIS A 2263 14.01 -2.39 41.02
N LEU A 2264 13.69 -3.42 41.81
CA LEU A 2264 14.49 -3.73 42.99
C LEU A 2264 15.89 -4.16 42.59
N TYR A 2265 16.01 -5.14 41.70
CA TYR A 2265 17.29 -5.68 41.28
C TYR A 2265 17.80 -5.11 39.97
N GLY A 2266 17.05 -4.21 39.33
CA GLY A 2266 17.48 -3.65 38.06
C GLY A 2266 17.20 -4.61 36.93
N THR A 2267 16.74 -4.10 35.80
CA THR A 2267 16.37 -4.92 34.66
C THR A 2267 17.24 -4.58 33.45
N LEU A 2268 17.61 -5.61 32.71
CA LEU A 2268 18.37 -5.45 31.48
C LEU A 2268 17.42 -5.10 30.34
N ASP A 2269 17.80 -4.11 29.55
CA ASP A 2269 16.96 -3.73 28.41
C ASP A 2269 17.00 -4.84 27.37
N PRO A 2270 15.86 -5.38 26.92
CA PRO A 2270 15.93 -6.44 25.90
C PRO A 2270 16.54 -5.99 24.59
N ASN A 2271 16.54 -4.69 24.30
CA ASN A 2271 17.18 -4.15 23.12
C ASN A 2271 17.87 -2.85 23.49
N THR A 2272 18.82 -2.45 22.65
CA THR A 2272 19.63 -1.25 22.89
C THR A 2272 20.33 -1.36 24.24
N ARG A 2273 21.19 -2.37 24.34
CA ARG A 2273 21.73 -2.82 25.62
C ARG A 2273 22.38 -1.75 26.48
N GLU A 2274 21.76 -1.54 27.66
CA GLU A 2274 22.20 -0.61 28.68
C GLU A 2274 21.64 -1.13 30.01
N TRP A 2275 22.45 -1.02 31.07
CA TRP A 2275 22.07 -1.51 32.39
C TRP A 2275 21.52 -0.37 33.24
N THR A 2276 20.37 -0.62 33.88
CA THR A 2276 19.75 0.30 34.82
C THR A 2276 19.79 -0.34 36.21
N ASP A 2277 20.63 0.22 37.08
CA ASP A 2277 20.77 -0.35 38.42
C ASP A 2277 19.47 -0.25 39.19
N GLY A 2278 19.07 -1.35 39.81
CA GLY A 2278 17.93 -1.34 40.71
C GLY A 2278 18.30 -0.66 42.01
N LEU A 2279 17.31 -0.58 42.90
CA LEU A 2279 17.51 0.10 44.16
C LEU A 2279 18.52 -0.63 45.04
N PHE A 2280 18.32 -1.94 45.23
CA PHE A 2280 19.26 -2.71 46.04
C PHE A 2280 20.64 -2.77 45.39
N THR A 2281 20.68 -2.98 44.07
CA THR A 2281 21.96 -2.98 43.38
C THR A 2281 22.61 -1.61 43.44
N HIS A 2282 21.80 -0.54 43.39
CA HIS A 2282 22.35 0.80 43.52
C HIS A 2282 22.99 1.01 44.88
N VAL A 2283 22.32 0.55 45.95
CA VAL A 2283 22.89 0.69 47.28
C VAL A 2283 24.19 -0.10 47.39
N LEU A 2284 24.18 -1.34 46.89
CA LEU A 2284 25.38 -2.18 46.96
C LEU A 2284 26.53 -1.55 46.19
N ARG A 2285 26.26 -1.03 44.98
CA ARG A 2285 27.31 -0.39 44.20
C ARG A 2285 27.81 0.87 44.88
N LYS A 2286 26.92 1.62 45.53
CA LYS A 2286 27.31 2.83 46.22
C LYS A 2286 28.28 2.50 47.36
N ILE A 2287 27.95 1.49 48.17
CA ILE A 2287 28.84 1.14 49.27
C ILE A 2287 30.15 0.56 48.73
N ILE A 2288 30.08 -0.22 47.65
CA ILE A 2288 31.29 -0.83 47.10
C ILE A 2288 32.24 0.23 46.57
N ASP A 2289 31.72 1.21 45.84
CA ASP A 2289 32.58 2.27 45.30
C ASP A 2289 33.20 3.09 46.42
N ASN A 2290 32.42 3.43 47.44
CA ASN A 2290 32.90 4.18 48.60
C ASN A 2290 33.42 5.55 48.18
N VAL A 2291 32.58 6.29 47.45
CA VAL A 2291 32.94 7.64 47.03
C VAL A 2291 33.09 8.55 48.25
N ARG A 2292 32.14 8.46 49.19
CA ARG A 2292 32.17 9.22 50.43
C ARG A 2292 32.76 8.43 51.58
N GLY A 2293 33.67 7.50 51.29
CA GLY A 2293 34.26 6.67 52.32
C GLY A 2293 33.29 5.77 53.03
N GLU A 2294 32.42 5.08 52.28
CA GLU A 2294 31.43 4.21 52.89
C GLU A 2294 32.04 2.95 53.48
N LEU A 2295 33.22 2.53 53.00
CA LEU A 2295 33.88 1.38 53.58
C LEU A 2295 34.25 1.62 55.03
N GLN A 2296 34.67 2.85 55.35
CA GLN A 2296 34.96 3.20 56.74
C GLN A 2296 33.72 3.06 57.60
N LYS A 2297 32.58 3.52 57.10
CA LYS A 2297 31.32 3.46 57.83
C LYS A 2297 30.75 2.04 57.79
N ARG A 2298 29.80 1.80 58.69
CA ARG A 2298 29.08 0.54 58.77
C ARG A 2298 27.63 0.77 58.33
N GLN A 2299 27.16 -0.05 57.40
CA GLN A 2299 25.87 0.12 56.75
C GLN A 2299 25.08 -1.18 56.85
N TRP A 2300 23.82 -1.07 57.26
CA TRP A 2300 22.90 -2.20 57.36
C TRP A 2300 21.72 -1.98 56.44
N ILE A 2301 21.42 -2.97 55.60
CA ILE A 2301 20.28 -2.95 54.70
C ILE A 2301 19.18 -3.78 55.33
N VAL A 2302 18.01 -3.18 55.51
CA VAL A 2302 16.90 -3.79 56.23
C VAL A 2302 15.72 -3.89 55.26
N PHE A 2303 15.33 -5.12 54.93
CA PHE A 2303 14.19 -5.37 54.05
C PHE A 2303 12.95 -5.45 54.92
N ASP A 2304 12.35 -4.29 55.19
CA ASP A 2304 11.22 -4.17 56.09
C ASP A 2304 9.95 -4.47 55.30
N GLY A 2305 9.66 -5.75 55.17
CA GLY A 2305 8.47 -6.19 54.46
C GLY A 2305 8.42 -7.70 54.44
N ASP A 2306 7.28 -8.22 54.00
CA ASP A 2306 7.06 -9.65 53.98
C ASP A 2306 8.03 -10.34 53.03
N VAL A 2307 8.56 -11.49 53.46
CA VAL A 2307 9.50 -12.26 52.65
C VAL A 2307 8.70 -13.20 51.75
N ASP A 2308 9.10 -13.26 50.48
CA ASP A 2308 8.46 -14.06 49.46
C ASP A 2308 9.56 -14.77 48.67
N PRO A 2309 9.25 -15.88 48.01
CA PRO A 2309 10.29 -16.55 47.21
C PRO A 2309 10.75 -15.73 46.03
N GLU A 2310 9.90 -14.90 45.44
CA GLU A 2310 10.20 -14.32 44.15
C GLU A 2310 11.33 -13.30 44.23
N TRP A 2311 11.26 -12.38 45.20
CA TRP A 2311 12.23 -11.30 45.28
C TRP A 2311 13.50 -11.66 46.06
N VAL A 2312 13.60 -12.89 46.58
CA VAL A 2312 14.77 -13.33 47.34
C VAL A 2312 15.63 -14.34 46.58
N GLU A 2313 15.29 -14.63 45.31
CA GLU A 2313 16.10 -15.59 44.55
C GLU A 2313 17.50 -15.05 44.32
N ASN A 2314 17.60 -13.80 43.85
CA ASN A 2314 18.91 -13.18 43.65
C ASN A 2314 19.64 -13.00 44.97
N LEU A 2315 18.90 -12.75 46.06
CA LEU A 2315 19.51 -12.55 47.36
C LEU A 2315 20.02 -13.84 47.99
N ASN A 2316 19.64 -15.00 47.46
CA ASN A 2316 20.13 -16.26 48.03
C ASN A 2316 21.64 -16.38 47.88
N SER A 2317 22.18 -15.99 46.72
CA SER A 2317 23.62 -16.07 46.51
C SER A 2317 24.35 -15.14 47.47
N VAL A 2318 23.79 -13.96 47.75
CA VAL A 2318 24.43 -13.04 48.67
C VAL A 2318 24.35 -13.58 50.10
N LEU A 2319 23.18 -14.09 50.50
CA LEU A 2319 23.00 -14.59 51.85
C LEU A 2319 23.77 -15.89 52.10
N ASP A 2320 24.11 -16.63 51.05
CA ASP A 2320 24.89 -17.84 51.21
C ASP A 2320 26.34 -17.47 51.54
N ASP A 2321 27.18 -18.50 51.72
CA ASP A 2321 28.58 -18.27 52.03
C ASP A 2321 29.33 -17.64 50.87
N ASN A 2322 28.79 -17.67 49.66
CA ASN A 2322 29.46 -17.03 48.53
C ASN A 2322 29.57 -15.53 48.74
N LYS A 2323 28.50 -14.90 49.23
CA LYS A 2323 28.44 -13.45 49.40
C LYS A 2323 28.73 -12.74 48.07
N LEU A 2324 27.86 -13.03 47.09
CA LEU A 2324 28.05 -12.53 45.72
C LEU A 2324 26.68 -12.34 45.09
N LEU A 2325 26.39 -11.11 44.67
CA LEU A 2325 25.17 -10.82 43.92
C LEU A 2325 25.48 -10.95 42.44
N THR A 2326 24.73 -11.82 41.76
CA THR A 2326 24.82 -12.01 40.32
C THR A 2326 23.57 -11.44 39.66
N LEU A 2327 23.77 -10.72 38.57
CA LEU A 2327 22.73 -9.99 37.87
C LEU A 2327 22.64 -10.48 36.43
N PRO A 2328 21.52 -10.27 35.74
CA PRO A 2328 21.46 -10.63 34.32
C PRO A 2328 22.45 -9.85 33.46
N ASN A 2329 22.92 -8.69 33.94
CA ASN A 2329 23.98 -7.96 33.24
C ASN A 2329 25.28 -8.74 33.17
N GLY A 2330 25.47 -9.71 34.06
CA GLY A 2330 26.71 -10.45 34.14
C GLY A 2330 27.71 -9.91 35.15
N GLU A 2331 27.39 -8.83 35.85
CA GLU A 2331 28.26 -8.29 36.88
C GLU A 2331 28.08 -9.07 38.17
N ARG A 2332 29.19 -9.20 38.91
CA ARG A 2332 29.25 -9.99 40.13
C ARG A 2332 29.71 -9.07 41.26
N LEU A 2333 28.77 -8.59 42.06
CA LEU A 2333 29.07 -7.67 43.14
C LEU A 2333 29.40 -8.45 44.40
N SER A 2334 30.59 -8.21 44.96
CA SER A 2334 31.04 -8.88 46.16
C SER A 2334 30.59 -8.07 47.38
N LEU A 2335 29.81 -8.70 48.24
CA LEU A 2335 29.34 -8.04 49.44
C LEU A 2335 30.53 -7.76 50.36
N PRO A 2336 30.81 -6.52 50.76
CA PRO A 2336 31.93 -6.29 51.68
C PRO A 2336 31.54 -6.66 53.10
N PRO A 2337 32.52 -6.80 54.00
CA PRO A 2337 32.19 -7.21 55.37
C PRO A 2337 31.36 -6.20 56.15
N ASN A 2338 31.37 -4.93 55.75
CA ASN A 2338 30.61 -3.92 56.49
C ASN A 2338 29.11 -4.07 56.31
N VAL A 2339 28.66 -4.68 55.22
CA VAL A 2339 27.23 -4.79 54.94
C VAL A 2339 26.63 -5.93 55.76
N ARG A 2340 25.39 -5.73 56.19
CA ARG A 2340 24.65 -6.75 56.94
C ARG A 2340 23.20 -6.68 56.47
N ILE A 2341 22.79 -7.65 55.66
CA ILE A 2341 21.46 -7.65 55.08
C ILE A 2341 20.48 -8.19 56.12
N MET A 2342 19.51 -7.37 56.49
CA MET A 2342 18.59 -7.64 57.59
C MET A 2342 17.17 -7.74 57.06
N PHE A 2343 16.31 -8.41 57.84
CA PHE A 2343 14.93 -8.64 57.46
C PHE A 2343 14.02 -8.37 58.64
N GLU A 2344 12.86 -7.76 58.36
CA GLU A 2344 11.74 -7.68 59.29
C GLU A 2344 10.53 -8.30 58.62
N VAL A 2345 9.90 -9.23 59.31
CA VAL A 2345 8.69 -9.89 58.82
C VAL A 2345 7.76 -10.12 59.99
N GLN A 2346 6.47 -9.92 59.77
CA GLN A 2346 5.48 -10.34 60.76
C GLN A 2346 5.52 -11.86 60.93
N ASP A 2347 5.65 -12.58 59.83
CA ASP A 2347 5.74 -14.03 59.84
C ASP A 2347 6.54 -14.47 58.61
N LEU A 2348 6.94 -15.73 58.62
CA LEU A 2348 7.65 -16.35 57.50
C LEU A 2348 6.81 -17.47 56.90
N LYS A 2349 5.50 -17.20 56.76
CA LYS A 2349 4.58 -18.21 56.23
C LYS A 2349 4.94 -18.59 54.80
N TYR A 2350 5.31 -17.60 53.98
CA TYR A 2350 5.62 -17.80 52.57
C TYR A 2350 7.12 -17.75 52.28
N ALA A 2351 7.96 -17.78 53.31
CA ALA A 2351 9.40 -17.78 53.12
C ALA A 2351 9.90 -19.19 52.83
N THR A 2352 10.72 -19.34 51.80
CA THR A 2352 11.30 -20.63 51.49
C THR A 2352 12.29 -21.06 52.57
N LEU A 2353 12.36 -22.38 52.79
CA LEU A 2353 13.34 -22.91 53.74
C LEU A 2353 14.77 -22.58 53.32
N ALA A 2354 15.01 -22.44 52.02
CA ALA A 2354 16.34 -22.05 51.55
C ALA A 2354 16.72 -20.67 52.07
N THR A 2355 15.75 -19.75 52.13
CA THR A 2355 16.03 -18.42 52.65
C THR A 2355 16.21 -18.43 54.16
N VAL A 2356 15.42 -19.23 54.86
CA VAL A 2356 15.51 -19.26 56.32
C VAL A 2356 16.82 -19.89 56.76
N SER A 2357 17.29 -20.92 56.05
CA SER A 2357 18.49 -21.63 56.46
C SER A 2357 19.73 -20.74 56.41
N ARG A 2358 19.84 -19.92 55.37
CA ARG A 2358 21.04 -19.11 55.20
C ARG A 2358 21.16 -18.02 56.25
N CYS A 2359 20.04 -17.54 56.79
CA CYS A 2359 20.01 -16.39 57.67
C CYS A 2359 19.87 -16.80 59.13
N GLY A 2360 20.49 -16.02 60.00
CA GLY A 2360 20.19 -16.11 61.42
C GLY A 2360 18.84 -15.50 61.71
N MET A 2361 18.38 -15.66 62.95
CA MET A 2361 17.02 -15.26 63.26
C MET A 2361 16.87 -14.97 64.73
N VAL A 2362 16.05 -13.96 65.04
CA VAL A 2362 15.69 -13.59 66.40
C VAL A 2362 14.18 -13.39 66.41
N TRP A 2363 13.45 -14.31 67.03
CA TRP A 2363 12.00 -14.24 67.07
C TRP A 2363 11.58 -13.27 68.17
N PHE A 2364 10.95 -12.16 67.77
CA PHE A 2364 10.52 -11.12 68.70
C PHE A 2364 9.07 -11.36 69.10
N SER A 2365 8.87 -12.26 70.05
CA SER A 2365 7.53 -12.62 70.49
C SER A 2365 6.78 -11.41 71.02
N GLU A 2366 5.46 -11.44 70.90
CA GLU A 2366 4.65 -10.27 71.24
C GLU A 2366 4.77 -9.90 72.71
N ASP A 2367 5.08 -10.86 73.58
CA ASP A 2367 5.32 -10.59 74.99
C ASP A 2367 6.79 -10.32 75.26
N VAL A 2368 7.38 -9.46 74.42
CA VAL A 2368 8.62 -8.78 74.71
C VAL A 2368 8.38 -7.32 75.03
N LEU A 2369 7.31 -6.73 74.50
CA LEU A 2369 6.92 -5.34 74.75
C LEU A 2369 5.66 -5.34 75.59
N SER A 2370 5.81 -5.17 76.89
CA SER A 2370 4.66 -5.12 77.78
C SER A 2370 3.92 -3.80 77.61
N THR A 2371 2.68 -3.78 78.10
CA THR A 2371 1.91 -2.54 78.06
C THR A 2371 2.58 -1.43 78.87
N ASP A 2372 3.24 -1.81 79.98
CA ASP A 2372 3.90 -0.81 80.81
C ASP A 2372 5.02 -0.11 80.06
N MET A 2373 5.74 -0.84 79.21
CA MET A 2373 6.81 -0.22 78.42
C MET A 2373 6.24 0.81 77.46
N ILE A 2374 5.12 0.50 76.81
CA ILE A 2374 4.56 1.44 75.85
C ILE A 2374 3.99 2.66 76.57
N PHE A 2375 3.36 2.45 77.73
CA PHE A 2375 2.86 3.59 78.49
C PHE A 2375 4.00 4.47 78.97
N ASN A 2376 5.12 3.86 79.38
CA ASN A 2376 6.28 4.65 79.78
C ASN A 2376 6.84 5.42 78.59
N ASN A 2377 6.86 4.80 77.40
CA ASN A 2377 7.30 5.51 76.22
C ASN A 2377 6.40 6.70 75.92
N PHE A 2378 5.09 6.53 76.05
CA PHE A 2378 4.16 7.62 75.81
C PHE A 2378 4.38 8.76 76.81
N LEU A 2379 4.43 8.43 78.09
CA LEU A 2379 4.59 9.48 79.10
C LEU A 2379 5.95 10.14 79.03
N ALA A 2380 6.97 9.44 78.54
CA ALA A 2380 8.28 10.05 78.37
C ALA A 2380 8.30 10.95 77.14
N ARG A 2381 7.60 10.55 76.07
CA ARG A 2381 7.51 11.40 74.90
C ARG A 2381 6.75 12.68 75.21
N LEU A 2382 5.71 12.59 76.03
CA LEU A 2382 4.95 13.78 76.37
C LEU A 2382 5.80 14.81 77.11
N ARG A 2383 6.63 14.35 78.05
CA ARG A 2383 7.32 15.26 78.95
C ARG A 2383 8.45 16.04 78.29
N SER A 2384 8.89 15.65 77.09
CA SER A 2384 10.09 16.24 76.49
C SER A 2384 9.95 16.61 75.02
N ILE A 2385 8.92 16.15 74.33
CA ILE A 2385 8.68 16.50 72.93
C ILE A 2385 7.59 17.58 72.90
N PRO A 2386 7.91 18.83 72.55
CA PRO A 2386 6.82 19.80 72.36
C PRO A 2386 5.89 19.35 71.25
N LEU A 2387 4.59 19.46 71.51
CA LEU A 2387 3.59 18.87 70.65
C LEU A 2387 3.17 19.77 69.49
N ASP A 2388 3.58 21.05 69.49
CA ASP A 2388 3.24 21.98 68.43
C ASP A 2388 4.42 22.40 67.56
N GLU A 2389 5.66 22.25 68.05
CA GLU A 2389 6.79 22.85 67.36
C GLU A 2389 7.13 22.10 66.06
N GLY A 2390 6.65 20.86 65.92
CA GLY A 2390 6.77 20.17 64.64
C GLY A 2390 8.11 19.52 64.38
N GLU A 2391 8.73 19.88 63.26
CA GLU A 2391 9.94 19.23 62.77
C GLU A 2391 11.17 20.13 62.75
N ASP A 2392 10.99 21.45 62.79
CA ASP A 2392 12.15 22.34 62.81
C ASP A 2392 12.98 22.13 64.07
N GLU A 2393 12.31 21.91 65.20
CA GLU A 2393 12.97 21.65 66.48
C GLU A 2393 13.35 20.19 66.66
N ALA A 2394 13.04 19.32 65.70
CA ALA A 2394 13.44 17.92 65.80
C ALA A 2394 14.97 17.80 65.80
N GLN A 2395 15.65 18.60 64.98
CA GLN A 2395 17.10 18.54 64.94
C GLN A 2395 17.70 19.04 66.25
N ARG A 2396 17.07 20.04 66.87
CA ARG A 2396 17.59 20.58 68.13
C ARG A 2396 17.49 19.58 69.28
N ARG A 2397 16.70 18.51 69.12
CA ARG A 2397 16.66 17.47 70.14
C ARG A 2397 18.02 16.82 70.32
N ARG A 2398 18.76 16.64 69.23
CA ARG A 2398 20.11 16.07 69.30
C ARG A 2398 21.19 17.08 69.65
N LYS A 2399 20.90 18.38 69.55
CA LYS A 2399 21.91 19.37 69.90
C LYS A 2399 22.20 19.32 71.40
N GLY A 2400 21.17 19.13 72.22
CA GLY A 2400 21.32 19.04 73.65
C GLY A 2400 21.25 17.59 74.10
N LYS A 2401 22.30 17.16 74.82
CA LYS A 2401 22.31 15.82 75.38
C LYS A 2401 21.32 15.68 76.53
N GLU A 2402 21.00 16.79 77.20
CA GLU A 2402 19.97 16.82 78.23
C GLU A 2402 19.03 18.01 78.11
N ASP A 2403 19.33 19.00 77.26
CA ASP A 2403 18.51 20.20 77.08
C ASP A 2403 18.32 20.93 78.42
N GLU A 2404 19.45 21.32 79.00
CA GLU A 2404 19.44 22.08 80.24
C GLU A 2404 19.08 23.53 79.95
N GLY A 2405 18.29 24.12 80.84
CA GLY A 2405 17.78 25.46 80.64
C GLY A 2405 16.63 25.54 79.65
N GLU A 2406 16.14 24.41 79.14
CA GLU A 2406 15.05 24.36 78.18
C GLU A 2406 13.85 23.61 78.75
N GLU A 2407 13.71 23.59 80.08
CA GLU A 2407 12.54 22.96 80.69
C GLU A 2407 11.27 23.67 80.25
N ALA A 2408 11.28 25.00 80.24
CA ALA A 2408 10.18 25.80 79.73
C ALA A 2408 10.44 26.18 78.27
N ALA A 2409 10.53 25.16 77.42
CA ALA A 2409 10.72 25.40 75.99
C ALA A 2409 9.53 26.17 75.42
N SER A 2410 8.33 25.83 75.86
CA SER A 2410 7.12 26.53 75.46
C SER A 2410 6.06 26.28 76.51
N PRO A 2411 4.99 27.08 76.53
CA PRO A 2411 3.86 26.75 77.43
C PRO A 2411 3.23 25.41 77.11
N MET A 2412 3.33 24.97 75.85
CA MET A 2412 2.80 23.64 75.49
C MET A 2412 3.50 22.54 76.26
N LEU A 2413 4.82 22.65 76.44
CA LEU A 2413 5.55 21.64 77.21
C LEU A 2413 5.05 21.59 78.64
N GLN A 2414 4.83 22.75 79.26
CA GLN A 2414 4.35 22.78 80.63
C GLN A 2414 2.95 22.18 80.73
N ILE A 2415 2.08 22.52 79.77
CA ILE A 2415 0.70 22.02 79.82
C ILE A 2415 0.68 20.51 79.66
N GLN A 2416 1.45 19.98 78.70
CA GLN A 2416 1.43 18.54 78.50
C GLN A 2416 2.17 17.80 79.60
N ARG A 2417 3.16 18.43 80.24
CA ARG A 2417 3.78 17.83 81.41
C ARG A 2417 2.77 17.72 82.56
N ASP A 2418 2.01 18.79 82.80
CA ASP A 2418 0.97 18.71 83.82
C ASP A 2418 -0.06 17.65 83.47
N ALA A 2419 -0.41 17.55 82.18
CA ALA A 2419 -1.36 16.54 81.75
C ALA A 2419 -0.82 15.13 82.00
N ALA A 2420 0.47 14.92 81.72
CA ALA A 2420 1.07 13.62 82.02
C ALA A 2420 1.03 13.34 83.52
N THR A 2421 1.22 14.37 84.33
CA THR A 2421 1.12 14.18 85.78
C THR A 2421 -0.29 13.76 86.18
N THR A 2422 -1.31 14.37 85.58
CA THR A 2422 -2.68 13.96 85.88
C THR A 2422 -2.93 12.54 85.38
N LEU A 2423 -2.33 12.16 84.25
CA LEU A 2423 -2.64 10.89 83.60
C LEU A 2423 -1.86 9.72 84.14
N GLN A 2424 -0.78 9.96 84.89
CA GLN A 2424 0.06 8.85 85.36
C GLN A 2424 -0.67 7.82 86.22
N PRO A 2425 -1.53 8.19 87.18
CA PRO A 2425 -2.17 7.16 88.00
C PRO A 2425 -3.03 6.18 87.22
N TYR A 2426 -3.55 6.58 86.06
CA TYR A 2426 -4.41 5.71 85.27
C TYR A 2426 -3.66 4.83 84.28
N PHE A 2427 -2.36 5.07 84.07
CA PHE A 2427 -1.55 4.31 83.14
C PHE A 2427 -0.71 3.24 83.84
N THR A 2428 -0.95 2.98 85.12
CA THR A 2428 -0.15 2.03 85.88
C THR A 2428 -0.34 0.62 85.32
N PRO A 2429 0.43 -0.33 85.88
CA PRO A 2429 0.41 -1.70 85.40
C PRO A 2429 -0.93 -2.39 85.67
N ASN A 2430 -1.72 -1.88 86.61
CA ASN A 2430 -3.05 -2.40 86.90
C ASN A 2430 -4.07 -1.26 86.96
N GLY A 2431 -3.87 -0.22 86.16
CA GLY A 2431 -4.71 0.95 86.17
C GLY A 2431 -5.94 0.78 85.28
N LEU A 2432 -6.61 1.90 85.04
CA LEU A 2432 -7.83 1.89 84.25
C LEU A 2432 -7.55 1.45 82.81
N VAL A 2433 -6.47 1.96 82.21
CA VAL A 2433 -6.21 1.69 80.81
C VAL A 2433 -5.92 0.21 80.60
N THR A 2434 -5.15 -0.40 81.50
CA THR A 2434 -4.79 -1.81 81.33
C THR A 2434 -6.01 -2.71 81.42
N LYS A 2435 -6.84 -2.50 82.45
CA LYS A 2435 -8.05 -3.31 82.60
C LYS A 2435 -8.99 -3.09 81.42
N ALA A 2436 -9.11 -1.84 80.97
CA ALA A 2436 -9.96 -1.55 79.82
C ALA A 2436 -9.47 -2.26 78.57
N LEU A 2437 -8.16 -2.26 78.35
CA LEU A 2437 -7.61 -2.94 77.17
C LEU A 2437 -7.81 -4.45 77.25
N GLU A 2438 -7.59 -5.03 78.43
CA GLU A 2438 -7.78 -6.47 78.57
C GLU A 2438 -9.24 -6.86 78.36
N HIS A 2439 -10.18 -6.04 78.84
CA HIS A 2439 -11.58 -6.32 78.59
C HIS A 2439 -11.93 -6.13 77.12
N ALA A 2440 -11.37 -5.09 76.49
CA ALA A 2440 -11.66 -4.83 75.08
C ALA A 2440 -11.15 -5.93 74.18
N PHE A 2441 -10.03 -6.57 74.55
CA PHE A 2441 -9.53 -7.68 73.75
C PHE A 2441 -10.54 -8.83 73.69
N LYS A 2442 -11.37 -8.97 74.73
CA LYS A 2442 -12.41 -9.99 74.71
C LYS A 2442 -13.49 -9.64 73.69
N LEU A 2443 -13.79 -8.36 73.53
CA LEU A 2443 -14.84 -7.94 72.61
C LEU A 2443 -14.43 -8.24 71.16
N GLU A 2444 -15.40 -8.69 70.35
CA GLU A 2444 -15.15 -8.90 68.94
C GLU A 2444 -15.22 -7.57 68.20
N HIS A 2445 -14.28 -7.36 67.28
CA HIS A 2445 -14.22 -6.19 66.43
C HIS A 2445 -14.16 -6.66 64.99
N ILE A 2446 -14.77 -5.90 64.08
CA ILE A 2446 -14.77 -6.26 62.67
C ILE A 2446 -13.34 -6.40 62.16
N MET A 2447 -12.50 -5.43 62.47
CA MET A 2447 -11.09 -5.51 62.17
C MET A 2447 -10.35 -6.15 63.35
N ASP A 2448 -9.23 -6.80 63.04
CA ASP A 2448 -8.46 -7.47 64.08
C ASP A 2448 -7.94 -6.45 65.09
N LEU A 2449 -8.19 -6.72 66.37
CA LEU A 2449 -7.85 -5.78 67.44
C LEU A 2449 -6.41 -6.04 67.88
N THR A 2450 -5.50 -5.16 67.46
CA THR A 2450 -4.11 -5.21 67.88
C THR A 2450 -3.87 -4.23 69.03
N ARG A 2451 -2.90 -4.57 69.88
CA ARG A 2451 -2.63 -3.76 71.05
C ARG A 2451 -2.16 -2.36 70.67
N LEU A 2452 -1.19 -2.27 69.76
CA LEU A 2452 -0.58 -0.99 69.48
C LEU A 2452 -1.50 -0.08 68.68
N ARG A 2453 -2.44 -0.64 67.92
CA ARG A 2453 -3.44 0.20 67.26
C ARG A 2453 -4.27 0.96 68.28
N CYS A 2454 -4.81 0.24 69.26
CA CYS A 2454 -5.61 0.87 70.31
C CYS A 2454 -4.77 1.86 71.10
N LEU A 2455 -3.54 1.48 71.44
CA LEU A 2455 -2.71 2.36 72.25
C LEU A 2455 -2.34 3.63 71.49
N GLY A 2456 -2.02 3.51 70.20
CA GLY A 2456 -1.71 4.70 69.41
C GLY A 2456 -2.91 5.61 69.26
N SER A 2457 -4.09 5.02 69.06
CA SER A 2457 -5.31 5.81 69.01
C SER A 2457 -5.51 6.59 70.31
N LEU A 2458 -5.35 5.90 71.45
CA LEU A 2458 -5.53 6.56 72.74
C LEU A 2458 -4.52 7.67 72.93
N PHE A 2459 -3.26 7.44 72.56
CA PHE A 2459 -2.24 8.46 72.73
C PHE A 2459 -2.53 9.68 71.86
N SER A 2460 -3.01 9.46 70.62
CA SER A 2460 -3.35 10.58 69.77
C SER A 2460 -4.51 11.38 70.36
N MET A 2461 -5.50 10.70 70.92
CA MET A 2461 -6.61 11.43 71.53
C MET A 2461 -6.15 12.25 72.73
N LEU A 2462 -5.25 11.70 73.55
CA LEU A 2462 -4.76 12.47 74.69
C LEU A 2462 -3.90 13.66 74.24
N HIS A 2463 -3.12 13.47 73.18
CA HIS A 2463 -2.41 14.57 72.56
C HIS A 2463 -3.38 15.69 72.18
N GLN A 2464 -4.50 15.32 71.55
CA GLN A 2464 -5.48 16.34 71.20
C GLN A 2464 -6.13 16.94 72.43
N ALA A 2465 -6.23 16.18 73.52
CA ALA A 2465 -6.78 16.75 74.76
C ALA A 2465 -5.91 17.89 75.27
N CYS A 2466 -4.60 17.65 75.34
CA CYS A 2466 -3.73 18.72 75.81
C CYS A 2466 -3.66 19.86 74.79
N ARG A 2467 -3.81 19.57 73.50
CA ARG A 2467 -3.92 20.64 72.50
C ARG A 2467 -5.16 21.50 72.74
N ASN A 2468 -6.29 20.86 73.10
CA ASN A 2468 -7.50 21.61 73.41
C ASN A 2468 -7.28 22.50 74.63
N VAL A 2469 -6.58 21.99 75.64
CA VAL A 2469 -6.26 22.82 76.81
C VAL A 2469 -5.43 24.03 76.39
N ALA A 2470 -4.44 23.81 75.52
CA ALA A 2470 -3.63 24.93 75.03
C ALA A 2470 -4.47 25.94 74.27
N GLN A 2471 -5.44 25.44 73.48
CA GLN A 2471 -6.35 26.35 72.78
C GLN A 2471 -7.14 27.20 73.76
N TYR A 2472 -7.65 26.58 74.83
CA TYR A 2472 -8.40 27.35 75.83
C TYR A 2472 -7.52 28.39 76.50
N ASN A 2473 -6.28 28.02 76.81
CA ASN A 2473 -5.36 28.99 77.41
C ASN A 2473 -5.10 30.15 76.46
N ALA A 2474 -4.94 29.87 75.16
CA ALA A 2474 -4.73 30.94 74.20
C ALA A 2474 -5.95 31.84 74.11
N ASN A 2475 -7.15 31.25 74.17
CA ASN A 2475 -8.38 32.05 74.10
C ASN A 2475 -8.72 32.73 75.42
N HIS A 2476 -8.04 32.41 76.51
CA HIS A 2476 -8.23 33.07 77.81
C HIS A 2476 -6.88 33.52 78.35
N PRO A 2477 -6.24 34.50 77.68
CA PRO A 2477 -4.93 34.95 78.15
C PRO A 2477 -4.95 35.62 79.51
N ASP A 2478 -6.10 36.13 79.95
CA ASP A 2478 -6.16 36.86 81.21
C ASP A 2478 -6.11 35.94 82.42
N PHE A 2479 -6.58 34.69 82.28
CA PHE A 2479 -6.50 33.71 83.35
C PHE A 2479 -6.48 32.32 82.70
N PRO A 2480 -5.30 31.65 82.64
CA PRO A 2480 -5.25 30.37 81.93
C PRO A 2480 -5.94 29.26 82.69
N MET A 2481 -5.87 28.04 82.16
CA MET A 2481 -6.54 26.89 82.77
C MET A 2481 -5.99 26.65 84.17
N GLN A 2482 -6.89 26.47 85.13
CA GLN A 2482 -6.50 26.13 86.49
C GLN A 2482 -6.27 24.62 86.60
N MET A 2483 -5.52 24.23 87.63
CA MET A 2483 -5.16 22.83 87.78
C MET A 2483 -6.37 21.99 88.16
N GLU A 2484 -7.36 22.58 88.84
CA GLU A 2484 -8.57 21.83 89.16
C GLU A 2484 -9.37 21.53 87.90
N GLN A 2485 -9.60 22.54 87.07
CA GLN A 2485 -10.29 22.33 85.81
C GLN A 2485 -9.49 21.40 84.90
N LEU A 2486 -8.17 21.55 84.91
CA LEU A 2486 -7.33 20.65 84.13
C LEU A 2486 -7.47 19.21 84.59
N GLU A 2487 -7.49 18.99 85.90
CA GLU A 2487 -7.68 17.66 86.46
C GLU A 2487 -9.00 17.07 86.00
N ARG A 2488 -10.10 17.82 86.17
CA ARG A 2488 -11.41 17.30 85.78
C ARG A 2488 -11.46 17.01 84.27
N TYR A 2489 -10.94 17.94 83.47
CA TYR A 2489 -11.02 17.80 82.02
C TYR A 2489 -10.26 16.58 81.55
N ILE A 2490 -9.01 16.41 82.01
CA ILE A 2490 -8.23 15.28 81.52
C ILE A 2490 -8.74 13.98 82.10
N GLN A 2491 -9.25 13.97 83.32
CA GLN A 2491 -9.84 12.75 83.87
C GLN A 2491 -11.03 12.29 83.05
N ARG A 2492 -11.90 13.22 82.65
CA ARG A 2492 -13.03 12.83 81.82
C ARG A 2492 -12.58 12.47 80.40
N TYR A 2493 -11.61 13.21 79.86
CA TYR A 2493 -11.14 12.94 78.51
C TYR A 2493 -10.48 11.58 78.41
N LEU A 2494 -9.82 11.13 79.48
CA LEU A 2494 -9.19 9.81 79.42
C LEU A 2494 -10.24 8.72 79.25
N VAL A 2495 -11.34 8.81 79.99
CA VAL A 2495 -12.42 7.83 79.83
C VAL A 2495 -13.02 7.93 78.44
N TYR A 2496 -13.27 9.16 77.97
CA TYR A 2496 -13.86 9.34 76.65
C TYR A 2496 -12.97 8.74 75.56
N ALA A 2497 -11.67 9.01 75.63
CA ALA A 2497 -10.73 8.47 74.66
C ALA A 2497 -10.58 6.97 74.81
N ILE A 2498 -10.68 6.45 76.03
CA ILE A 2498 -10.63 5.00 76.23
C ILE A 2498 -11.77 4.34 75.46
N LEU A 2499 -12.98 4.86 75.64
CA LEU A 2499 -14.12 4.32 74.92
C LEU A 2499 -13.91 4.42 73.42
N TRP A 2500 -13.56 5.59 72.92
CA TRP A 2500 -13.50 5.79 71.48
C TRP A 2500 -12.27 5.16 70.83
N SER A 2501 -11.27 4.72 71.61
CA SER A 2501 -10.13 3.99 71.07
C SER A 2501 -10.35 2.49 71.12
N LEU A 2502 -10.95 1.98 72.20
CA LEU A 2502 -11.13 0.54 72.34
C LEU A 2502 -12.39 0.08 71.63
N SER A 2503 -13.56 0.61 72.02
CA SER A 2503 -14.82 0.21 71.43
C SER A 2503 -15.19 1.05 70.21
N GLY A 2504 -14.26 1.84 69.69
CA GLY A 2504 -14.52 2.58 68.47
C GLY A 2504 -14.67 1.72 67.23
N ASP A 2505 -14.27 0.46 67.30
CA ASP A 2505 -14.38 -0.49 66.20
C ASP A 2505 -15.58 -1.42 66.32
N SER A 2506 -16.37 -1.29 67.38
CA SER A 2506 -17.42 -2.25 67.71
C SER A 2506 -18.79 -1.61 67.53
N ARG A 2507 -19.83 -2.43 67.72
CA ARG A 2507 -21.20 -1.97 67.56
C ARG A 2507 -21.57 -1.05 68.72
N LEU A 2508 -22.80 -0.54 68.69
CA LEU A 2508 -23.25 0.34 69.76
C LEU A 2508 -23.50 -0.42 71.05
N LYS A 2509 -24.02 -1.64 70.96
CA LYS A 2509 -24.28 -2.43 72.15
C LYS A 2509 -22.98 -2.75 72.88
N MET A 2510 -21.92 -3.06 72.14
CA MET A 2510 -20.66 -3.41 72.78
C MET A 2510 -19.92 -2.16 73.29
N ARG A 2511 -20.12 -1.02 72.62
CA ARG A 2511 -19.67 0.24 73.19
C ARG A 2511 -20.34 0.49 74.53
N ALA A 2512 -21.64 0.20 74.62
CA ALA A 2512 -22.34 0.34 75.89
C ALA A 2512 -21.80 -0.65 76.92
N GLU A 2513 -21.46 -1.87 76.48
CA GLU A 2513 -20.88 -2.85 77.40
C GLU A 2513 -19.56 -2.35 77.98
N LEU A 2514 -18.68 -1.85 77.13
CA LEU A 2514 -17.41 -1.32 77.62
C LEU A 2514 -17.64 -0.11 78.52
N GLY A 2515 -18.61 0.73 78.17
CA GLY A 2515 -18.94 1.84 79.05
C GLY A 2515 -19.40 1.38 80.42
N GLU A 2516 -20.19 0.32 80.46
CA GLU A 2516 -20.62 -0.23 81.75
C GLU A 2516 -19.44 -0.75 82.54
N TYR A 2517 -18.51 -1.46 81.87
CA TYR A 2517 -17.34 -1.97 82.59
C TYR A 2517 -16.49 -0.84 83.14
N ILE A 2518 -16.26 0.19 82.34
CA ILE A 2518 -15.50 1.36 82.80
C ILE A 2518 -16.21 2.01 83.98
N ARG A 2519 -17.53 2.16 83.87
CA ARG A 2519 -18.31 2.70 84.99
C ARG A 2519 -18.15 1.85 86.23
N ARG A 2520 -17.98 0.54 86.08
CA ARG A 2520 -17.77 -0.32 87.24
C ARG A 2520 -16.41 -0.06 87.87
N ILE A 2521 -15.35 0.00 87.06
CA ILE A 2521 -13.99 0.02 87.60
C ILE A 2521 -13.41 1.42 87.78
N THR A 2522 -14.06 2.46 87.24
CA THR A 2522 -13.46 3.79 87.24
C THR A 2522 -13.78 4.53 88.53
N THR A 2523 -12.88 5.45 88.88
CA THR A 2523 -13.12 6.44 89.93
C THR A 2523 -13.58 7.78 89.38
N VAL A 2524 -13.39 8.04 88.10
CA VAL A 2524 -13.80 9.33 87.52
C VAL A 2524 -15.32 9.37 87.43
N PRO A 2525 -15.99 10.47 87.79
CA PRO A 2525 -17.45 10.52 87.59
C PRO A 2525 -17.80 10.47 86.11
N LEU A 2526 -18.96 9.88 85.83
CA LEU A 2526 -19.48 9.70 84.48
C LEU A 2526 -20.84 10.39 84.38
N PRO A 2527 -21.44 10.48 83.19
CA PRO A 2527 -22.76 11.12 83.09
C PRO A 2527 -23.80 10.40 83.95
N ALA A 2528 -24.69 11.20 84.54
CA ALA A 2528 -25.70 10.70 85.48
C ALA A 2528 -27.09 10.72 84.86
N ALA A 2529 -27.17 10.42 83.55
CA ALA A 2529 -28.41 10.23 82.83
C ALA A 2529 -28.59 8.75 82.54
N PRO A 2530 -29.69 8.10 82.95
CA PRO A 2530 -29.72 6.63 82.92
C PRO A 2530 -29.65 6.02 81.53
N ASN A 2531 -30.59 6.36 80.66
CA ASN A 2531 -30.72 5.71 79.36
C ASN A 2531 -30.05 6.54 78.26
N ILE A 2532 -28.75 6.79 78.44
CA ILE A 2532 -27.90 7.38 77.42
C ILE A 2532 -26.56 6.67 77.50
N PRO A 2533 -25.99 6.16 76.41
CA PRO A 2533 -24.63 5.61 76.49
C PRO A 2533 -23.61 6.69 76.77
N ILE A 2534 -22.48 6.26 77.37
CA ILE A 2534 -21.43 7.22 77.71
C ILE A 2534 -20.80 7.79 76.45
N ILE A 2535 -20.78 7.02 75.36
CA ILE A 2535 -20.19 7.48 74.12
C ILE A 2535 -20.95 8.65 73.52
N ASP A 2536 -22.24 8.80 73.85
CA ASP A 2536 -23.03 9.91 73.34
C ASP A 2536 -22.64 11.26 73.95
N TYR A 2537 -21.81 11.27 74.99
CA TYR A 2537 -21.41 12.49 75.67
C TYR A 2537 -20.02 12.93 75.23
N GLU A 2538 -19.84 14.23 75.07
CA GLU A 2538 -18.55 14.87 74.87
C GLU A 2538 -18.07 15.45 76.19
N VAL A 2539 -16.76 15.65 76.28
CA VAL A 2539 -16.14 16.37 77.38
C VAL A 2539 -15.91 17.80 76.93
N SER A 2540 -16.56 18.74 77.60
CA SER A 2540 -16.38 20.15 77.26
C SER A 2540 -14.98 20.61 77.66
N ILE A 2541 -14.64 21.83 77.28
CA ILE A 2541 -13.34 22.39 77.69
C ILE A 2541 -13.32 22.51 79.21
N SER A 2542 -14.42 22.95 79.81
CA SER A 2542 -14.61 22.77 81.24
C SER A 2542 -14.80 21.29 81.53
N GLY A 2543 -14.49 20.89 82.76
CA GLY A 2543 -14.39 19.48 83.08
C GLY A 2543 -15.68 18.71 82.89
N GLU A 2544 -16.83 19.35 83.07
CA GLU A 2544 -18.10 18.64 83.09
C GLU A 2544 -18.43 18.07 81.71
N TRP A 2545 -19.19 16.97 81.72
CA TRP A 2545 -19.67 16.37 80.49
C TRP A 2545 -20.71 17.26 79.83
N SER A 2546 -21.03 16.95 78.58
CA SER A 2546 -22.10 17.63 77.87
C SER A 2546 -22.58 16.73 76.74
N PRO A 2547 -23.88 16.58 76.52
CA PRO A 2547 -24.33 15.68 75.44
C PRO A 2547 -23.95 16.21 74.07
N TRP A 2548 -23.71 15.26 73.16
CA TRP A 2548 -23.40 15.64 71.78
C TRP A 2548 -24.58 16.31 71.10
N GLN A 2549 -25.80 16.01 71.54
CA GLN A 2549 -27.00 16.52 70.88
C GLN A 2549 -27.08 18.05 70.88
N ALA A 2550 -26.39 18.71 71.81
CA ALA A 2550 -26.40 20.17 71.83
C ALA A 2550 -25.61 20.75 70.67
N LYS A 2551 -24.61 20.02 70.16
CA LYS A 2551 -23.68 20.54 69.16
C LYS A 2551 -24.09 20.22 67.73
N VAL A 2552 -25.25 19.60 67.51
CA VAL A 2552 -25.72 19.23 66.18
C VAL A 2552 -26.86 20.18 65.81
N PRO A 2553 -26.68 21.11 64.87
CA PRO A 2553 -27.78 22.03 64.54
C PRO A 2553 -28.90 21.36 63.78
N GLN A 2554 -30.08 21.97 63.85
CA GLN A 2554 -31.22 21.63 63.01
C GLN A 2554 -31.26 22.63 61.87
N ILE A 2555 -31.01 22.17 60.64
CA ILE A 2555 -30.87 23.04 59.49
C ILE A 2555 -32.09 22.89 58.59
N GLU A 2556 -32.15 23.74 57.57
CA GLU A 2556 -33.16 23.68 56.53
C GLU A 2556 -32.46 23.60 55.18
N VAL A 2557 -32.87 22.63 54.35
CA VAL A 2557 -32.22 22.36 53.08
C VAL A 2557 -33.04 22.97 51.96
N GLU A 2558 -32.35 23.44 50.92
CA GLU A 2558 -33.04 23.99 49.76
C GLU A 2558 -33.77 22.90 49.01
N THR A 2559 -34.84 23.30 48.31
CA THR A 2559 -35.55 22.35 47.46
C THR A 2559 -34.73 21.95 46.24
N HIS A 2560 -33.73 22.76 45.87
CA HIS A 2560 -32.88 22.43 44.74
C HIS A 2560 -32.13 21.12 44.98
N LYS A 2561 -31.58 20.95 46.17
CA LYS A 2561 -30.76 19.79 46.52
C LYS A 2561 -31.39 19.14 47.75
N VAL A 2562 -32.36 18.27 47.51
CA VAL A 2562 -33.09 17.60 48.58
C VAL A 2562 -32.53 16.19 48.79
N ALA A 2563 -32.03 15.58 47.71
CA ALA A 2563 -31.48 14.24 47.75
C ALA A 2563 -29.98 14.17 47.48
N ALA A 2564 -29.38 15.23 46.93
CA ALA A 2564 -27.94 15.31 46.79
C ALA A 2564 -27.35 16.52 47.51
N PRO A 2565 -27.62 16.73 48.82
CA PRO A 2565 -26.78 17.64 49.59
C PRO A 2565 -25.54 16.92 50.09
N ASP A 2566 -24.49 16.89 49.25
CA ASP A 2566 -23.26 16.19 49.64
C ASP A 2566 -22.69 16.73 50.94
N VAL A 2567 -22.94 18.00 51.26
CA VAL A 2567 -22.76 18.46 52.63
C VAL A 2567 -23.74 17.70 53.51
N VAL A 2568 -23.21 16.93 54.46
CA VAL A 2568 -24.04 16.01 55.23
C VAL A 2568 -24.97 16.79 56.14
N VAL A 2569 -26.21 16.34 56.25
CA VAL A 2569 -27.14 16.90 57.21
C VAL A 2569 -26.55 16.64 58.59
N PRO A 2570 -26.34 17.65 59.44
CA PRO A 2570 -25.72 17.36 60.75
C PRO A 2570 -26.58 16.44 61.60
N THR A 2571 -26.04 15.26 61.90
CA THR A 2571 -26.65 14.30 62.80
C THR A 2571 -25.62 13.93 63.87
N LEU A 2572 -26.08 13.18 64.87
CA LEU A 2572 -25.25 12.90 66.04
C LEU A 2572 -23.99 12.11 65.64
N ASP A 2573 -24.17 11.08 64.80
CA ASP A 2573 -23.02 10.30 64.35
C ASP A 2573 -22.07 11.15 63.53
N THR A 2574 -22.60 12.02 62.69
CA THR A 2574 -21.73 12.85 61.85
C THR A 2574 -20.87 13.78 62.69
N VAL A 2575 -21.46 14.43 63.70
CA VAL A 2575 -20.70 15.36 64.51
C VAL A 2575 -19.65 14.61 65.33
N ARG A 2576 -20.01 13.44 65.88
CA ARG A 2576 -19.01 12.61 66.58
C ARG A 2576 -17.85 12.27 65.65
N HIS A 2577 -18.17 11.80 64.44
CA HIS A 2577 -17.12 11.29 63.58
C HIS A 2577 -16.25 12.40 63.02
N GLU A 2578 -16.80 13.60 62.77
CA GLU A 2578 -15.92 14.68 62.33
C GLU A 2578 -15.05 15.20 63.47
N ALA A 2579 -15.57 15.17 64.71
CA ALA A 2579 -14.71 15.51 65.85
C ALA A 2579 -13.53 14.57 65.92
N LEU A 2580 -13.79 13.26 65.83
CA LEU A 2580 -12.70 12.29 65.83
C LEU A 2580 -11.79 12.46 64.63
N LEU A 2581 -12.37 12.81 63.47
CA LEU A 2581 -11.58 13.03 62.27
C LEU A 2581 -10.58 14.15 62.47
N TYR A 2582 -11.02 15.26 63.04
CA TYR A 2582 -10.11 16.36 63.31
C TYR A 2582 -9.06 15.96 64.34
N THR A 2583 -9.47 15.22 65.39
CA THR A 2583 -8.50 14.83 66.41
C THR A 2583 -7.40 13.96 65.84
N TRP A 2584 -7.74 13.00 64.97
CA TRP A 2584 -6.75 12.09 64.40
C TRP A 2584 -6.07 12.64 63.16
N LEU A 2585 -6.60 13.70 62.55
CA LEU A 2585 -5.87 14.38 61.48
C LEU A 2585 -4.89 15.41 62.01
N ALA A 2586 -5.11 15.94 63.22
CA ALA A 2586 -4.13 16.83 63.81
C ALA A 2586 -2.78 16.15 63.98
N GLU A 2587 -2.77 14.85 64.24
CA GLU A 2587 -1.53 14.07 64.36
C GLU A 2587 -1.07 13.47 63.05
N HIS A 2588 -1.79 13.69 61.95
CA HIS A 2588 -1.46 13.15 60.63
C HIS A 2588 -1.52 11.62 60.59
N LYS A 2589 -2.19 11.00 61.55
CA LYS A 2589 -2.35 9.56 61.49
C LYS A 2589 -3.31 9.19 60.37
N PRO A 2590 -3.13 8.03 59.71
CA PRO A 2590 -4.05 7.66 58.61
C PRO A 2590 -5.35 7.11 59.17
N LEU A 2591 -6.40 7.92 59.13
CA LEU A 2591 -7.70 7.47 59.58
C LEU A 2591 -8.26 6.44 58.60
N VAL A 2592 -9.05 5.51 59.13
CA VAL A 2592 -9.81 4.56 58.32
C VAL A 2592 -11.19 4.43 58.94
N LEU A 2593 -12.22 4.34 58.12
CA LEU A 2593 -13.59 4.11 58.59
C LEU A 2593 -14.17 2.89 57.91
N CYS A 2594 -14.75 2.00 58.71
CA CYS A 2594 -15.44 0.80 58.25
C CYS A 2594 -16.92 0.91 58.59
N GLY A 2595 -17.70 0.02 57.99
CA GLY A 2595 -19.11 -0.05 58.26
C GLY A 2595 -19.86 -0.69 57.10
N PRO A 2596 -21.14 -1.01 57.31
CA PRO A 2596 -21.90 -1.64 56.25
C PRO A 2596 -22.14 -0.67 55.11
N PRO A 2597 -22.48 -1.16 53.92
CA PRO A 2597 -22.63 -0.26 52.77
C PRO A 2597 -23.76 0.73 52.99
N GLY A 2598 -23.56 1.95 52.51
CA GLY A 2598 -24.54 2.99 52.64
C GLY A 2598 -24.68 3.58 54.02
N SER A 2599 -23.76 3.27 54.94
CA SER A 2599 -23.86 3.84 56.28
C SER A 2599 -23.62 5.34 56.28
N GLY A 2600 -22.86 5.84 55.31
CA GLY A 2600 -22.57 7.25 55.20
C GLY A 2600 -21.14 7.65 55.47
N LYS A 2601 -20.19 6.73 55.31
CA LYS A 2601 -18.80 7.05 55.66
C LYS A 2601 -18.16 7.96 54.62
N THR A 2602 -18.41 7.72 53.34
CA THR A 2602 -17.78 8.53 52.30
C THR A 2602 -18.23 9.99 52.39
N MET A 2603 -19.53 10.22 52.58
CA MET A 2603 -20.02 11.59 52.64
C MET A 2603 -19.47 12.32 53.86
N THR A 2604 -19.49 11.65 55.02
CA THR A 2604 -18.98 12.29 56.23
C THR A 2604 -17.50 12.61 56.09
N LEU A 2605 -16.73 11.68 55.52
CA LEU A 2605 -15.31 11.92 55.30
C LEU A 2605 -15.10 13.12 54.39
N PHE A 2606 -15.82 13.17 53.26
CA PHE A 2606 -15.62 14.27 52.32
C PHE A 2606 -16.03 15.60 52.93
N SER A 2607 -17.17 15.63 53.63
CA SER A 2607 -17.65 16.88 54.22
C SER A 2607 -16.70 17.37 55.31
N ALA A 2608 -16.25 16.46 56.18
CA ALA A 2608 -15.33 16.85 57.25
C ALA A 2608 -14.01 17.32 56.67
N LEU A 2609 -13.50 16.64 55.64
CA LEU A 2609 -12.23 17.04 55.06
C LEU A 2609 -12.34 18.39 54.36
N ARG A 2610 -13.45 18.62 53.63
CA ARG A 2610 -13.62 19.87 52.93
C ARG A 2610 -13.98 21.03 53.85
N ALA A 2611 -14.49 20.74 55.05
CA ALA A 2611 -14.73 21.81 56.02
C ALA A 2611 -13.43 22.47 56.44
N LEU A 2612 -12.35 21.70 56.55
CA LEU A 2612 -11.06 22.26 56.91
C LEU A 2612 -10.58 23.20 55.81
N PRO A 2613 -9.91 24.32 56.14
CA PRO A 2613 -9.51 25.25 55.07
C PRO A 2613 -8.25 24.80 54.34
N ASP A 2614 -7.31 24.20 55.06
CA ASP A 2614 -6.03 23.81 54.47
C ASP A 2614 -6.14 22.55 53.63
N MET A 2615 -7.01 21.62 54.00
CA MET A 2615 -7.00 20.29 53.39
C MET A 2615 -7.42 20.37 51.93
N GLU A 2616 -6.63 19.73 51.06
CA GLU A 2616 -6.93 19.57 49.64
C GLU A 2616 -7.21 18.11 49.38
N VAL A 2617 -8.48 17.77 49.15
CA VAL A 2617 -8.90 16.39 49.03
C VAL A 2617 -8.64 15.91 47.61
N VAL A 2618 -8.09 14.70 47.50
CA VAL A 2618 -7.93 14.00 46.23
C VAL A 2618 -8.68 12.69 46.35
N GLY A 2619 -9.72 12.53 45.54
CA GLY A 2619 -10.56 11.35 45.62
C GLY A 2619 -10.10 10.21 44.75
N LEU A 2620 -9.38 9.25 45.34
CA LEU A 2620 -8.98 8.04 44.65
C LEU A 2620 -9.85 6.88 45.11
N ASN A 2621 -10.30 6.07 44.15
CA ASN A 2621 -11.06 4.87 44.44
C ASN A 2621 -10.22 3.66 44.06
N PHE A 2622 -10.02 2.77 45.03
CA PHE A 2622 -9.19 1.59 44.84
C PHE A 2622 -10.03 0.46 44.26
N SER A 2623 -9.35 -0.45 43.58
CA SER A 2623 -9.98 -1.62 42.97
C SER A 2623 -9.02 -2.79 43.09
N SER A 2624 -9.44 -3.95 42.56
CA SER A 2624 -8.63 -5.15 42.66
C SER A 2624 -7.32 -5.02 41.91
N ALA A 2625 -7.25 -4.16 40.89
CA ALA A 2625 -6.06 -4.01 40.05
C ALA A 2625 -5.24 -2.78 40.41
N THR A 2626 -5.55 -2.10 41.51
CA THR A 2626 -4.82 -0.92 41.92
C THR A 2626 -3.47 -1.30 42.50
N THR A 2627 -2.47 -0.44 42.27
CA THR A 2627 -1.08 -0.71 42.62
C THR A 2627 -0.44 0.54 43.18
N PRO A 2628 0.83 0.47 43.59
CA PRO A 2628 1.58 1.71 43.88
C PRO A 2628 1.56 2.74 42.75
N GLU A 2629 1.39 2.29 41.50
CA GLU A 2629 1.40 3.21 40.36
C GLU A 2629 0.31 4.25 40.47
N LEU A 2630 -0.85 3.90 41.04
CA LEU A 2630 -1.92 4.88 41.20
C LEU A 2630 -1.49 6.01 42.13
N LEU A 2631 -0.89 5.66 43.27
CA LEU A 2631 -0.45 6.69 44.21
C LEU A 2631 0.68 7.52 43.62
N LEU A 2632 1.61 6.88 42.91
CA LEU A 2632 2.70 7.63 42.28
C LEU A 2632 2.16 8.60 41.23
N LYS A 2633 1.18 8.15 40.44
CA LYS A 2633 0.55 9.01 39.46
C LYS A 2633 -0.16 10.19 40.12
N THR A 2634 -0.85 9.93 41.24
CA THR A 2634 -1.51 11.01 41.96
C THR A 2634 -0.50 12.03 42.48
N PHE A 2635 0.62 11.55 43.01
CA PHE A 2635 1.67 12.46 43.47
C PHE A 2635 2.22 13.29 42.31
N ASP A 2636 2.42 12.65 41.14
CA ASP A 2636 2.89 13.39 39.97
C ASP A 2636 1.87 14.43 39.55
N HIS A 2637 0.59 14.12 39.70
CA HIS A 2637 -0.47 15.07 39.34
C HIS A 2637 -0.45 16.26 40.28
N TYR A 2638 -0.70 16.03 41.57
CA TYR A 2638 -0.92 17.13 42.50
C TYR A 2638 0.35 17.62 43.18
N CYS A 2639 1.34 16.75 43.35
CA CYS A 2639 2.56 17.06 44.09
C CYS A 2639 3.75 17.15 43.15
N GLU A 2640 4.91 17.48 43.72
CA GLU A 2640 6.12 17.65 42.94
C GLU A 2640 7.33 17.40 43.83
N TYR A 2641 8.41 16.96 43.20
CA TYR A 2641 9.67 16.69 43.88
C TYR A 2641 10.56 17.93 43.78
N ARG A 2642 11.11 18.34 44.92
CA ARG A 2642 12.03 19.46 44.99
C ARG A 2642 13.27 19.06 45.78
N ARG A 2643 14.44 19.44 45.28
CA ARG A 2643 15.69 19.10 45.93
C ARG A 2643 15.99 20.12 47.03
N THR A 2644 16.44 19.60 48.17
CA THR A 2644 16.79 20.40 49.33
C THR A 2644 18.08 19.87 49.91
N PRO A 2645 18.80 20.67 50.72
CA PRO A 2645 20.02 20.13 51.35
C PRO A 2645 19.77 18.92 52.22
N ASN A 2646 18.62 18.84 52.89
CA ASN A 2646 18.29 17.64 53.65
C ASN A 2646 18.09 16.45 52.72
N GLY A 2647 17.47 16.66 51.57
CA GLY A 2647 17.24 15.59 50.63
C GLY A 2647 16.09 15.93 49.70
N VAL A 2648 15.80 15.00 48.81
CA VAL A 2648 14.67 15.16 47.90
C VAL A 2648 13.38 15.09 48.69
N VAL A 2649 12.50 16.06 48.46
CA VAL A 2649 11.26 16.22 49.22
C VAL A 2649 10.10 16.28 48.24
N LEU A 2650 9.08 15.45 48.46
CA LEU A 2650 7.83 15.54 47.73
C LEU A 2650 6.88 16.45 48.51
N ALA A 2651 6.28 17.42 47.82
CA ALA A 2651 5.39 18.36 48.47
C ALA A 2651 4.26 18.74 47.51
N PRO A 2652 3.09 19.13 48.03
CA PRO A 2652 2.04 19.64 47.14
C PRO A 2652 2.46 20.94 46.48
N VAL A 2653 1.96 21.14 45.26
CA VAL A 2653 2.30 22.35 44.52
C VAL A 2653 1.77 23.59 45.23
N GLN A 2654 0.58 23.49 45.82
CA GLN A 2654 -0.01 24.62 46.54
C GLN A 2654 0.67 24.78 47.88
N LEU A 2655 1.26 25.95 48.12
CA LEU A 2655 1.97 26.19 49.36
C LEU A 2655 0.98 26.36 50.52
N GLY A 2656 1.36 25.83 51.68
CA GLY A 2656 0.53 25.96 52.87
C GLY A 2656 -0.81 25.25 52.78
N LYS A 2657 -0.85 24.09 52.14
CA LYS A 2657 -2.05 23.28 52.05
C LYS A 2657 -1.68 21.82 52.23
N TRP A 2658 -2.43 21.13 53.09
CA TRP A 2658 -2.16 19.72 53.40
C TRP A 2658 -2.92 18.82 52.45
N LEU A 2659 -2.20 18.15 51.56
CA LEU A 2659 -2.83 17.24 50.60
C LEU A 2659 -3.19 15.94 51.30
N VAL A 2660 -4.47 15.58 51.25
CA VAL A 2660 -4.99 14.38 51.89
C VAL A 2660 -5.58 13.50 50.80
N LEU A 2661 -5.15 12.24 50.75
CA LEU A 2661 -5.61 11.29 49.75
C LEU A 2661 -6.76 10.47 50.34
N PHE A 2662 -7.90 10.49 49.65
CA PHE A 2662 -9.04 9.66 50.00
C PHE A 2662 -8.89 8.34 49.26
N CYS A 2663 -8.79 7.24 50.00
CA CYS A 2663 -8.78 5.89 49.45
C CYS A 2663 -10.10 5.24 49.86
N ASP A 2664 -11.08 5.30 48.96
CA ASP A 2664 -12.46 5.00 49.34
C ASP A 2664 -12.66 3.53 49.71
N GLU A 2665 -11.89 2.62 49.12
CA GLU A 2665 -11.98 1.19 49.42
C GLU A 2665 -10.58 0.63 49.65
N ILE A 2666 -10.07 0.78 50.87
CA ILE A 2666 -8.72 0.31 51.17
C ILE A 2666 -8.65 -1.21 51.13
N ASN A 2667 -9.74 -1.89 51.52
CA ASN A 2667 -9.70 -3.35 51.60
C ASN A 2667 -9.62 -3.98 50.21
N LEU A 2668 -10.30 -3.40 49.22
CA LEU A 2668 -10.59 -4.11 47.98
C LEU A 2668 -9.39 -4.55 47.14
N PRO A 2669 -8.19 -3.94 47.19
CA PRO A 2669 -7.09 -4.47 46.37
C PRO A 2669 -6.78 -5.93 46.66
N ASP A 2670 -6.58 -6.69 45.58
CA ASP A 2670 -6.35 -8.12 45.69
C ASP A 2670 -5.01 -8.40 46.34
N MET A 2671 -4.98 -9.43 47.19
CA MET A 2671 -3.71 -9.92 47.71
C MET A 2671 -2.94 -10.66 46.62
N ASP A 2672 -1.64 -10.72 46.78
CA ASP A 2672 -0.78 -11.49 45.89
C ASP A 2672 -0.98 -12.98 46.18
N LYS A 2673 -0.19 -13.82 45.53
CA LYS A 2673 -0.21 -15.24 45.85
C LYS A 2673 0.28 -15.51 47.28
N TYR A 2674 1.01 -14.57 47.88
CA TYR A 2674 1.59 -14.72 49.20
C TYR A 2674 0.92 -13.81 50.23
N GLY A 2675 -0.35 -13.47 50.00
CA GLY A 2675 -1.17 -12.80 50.99
C GLY A 2675 -0.69 -11.43 51.43
N THR A 2676 -0.28 -10.58 50.50
CA THR A 2676 0.09 -9.20 50.81
C THR A 2676 -0.45 -8.29 49.71
N GLN A 2677 -1.06 -7.18 50.12
CA GLN A 2677 -1.48 -6.15 49.18
C GLN A 2677 -0.34 -5.18 48.96
N ARG A 2678 0.02 -4.98 47.68
CA ARG A 2678 1.17 -4.14 47.37
C ARG A 2678 0.93 -2.69 47.78
N VAL A 2679 -0.24 -2.15 47.42
CA VAL A 2679 -0.52 -0.75 47.70
C VAL A 2679 -0.61 -0.50 49.19
N ILE A 2680 -1.14 -1.47 49.95
CA ILE A 2680 -1.22 -1.31 51.39
C ILE A 2680 0.16 -1.25 52.00
N SER A 2681 1.09 -2.10 51.54
CA SER A 2681 2.46 -2.03 52.02
C SER A 2681 3.12 -0.72 51.64
N PHE A 2682 2.82 -0.22 50.44
CA PHE A 2682 3.36 1.05 49.99
C PHE A 2682 2.90 2.19 50.90
N ILE A 2683 1.60 2.24 51.17
CA ILE A 2683 1.06 3.25 52.08
C ILE A 2683 1.63 3.07 53.48
N ARG A 2684 1.84 1.83 53.90
CA ARG A 2684 2.42 1.57 55.21
C ARG A 2684 3.82 2.15 55.32
N GLN A 2685 4.65 1.92 54.31
CA GLN A 2685 6.01 2.46 54.37
C GLN A 2685 5.99 3.98 54.32
N MET A 2686 5.03 4.56 53.57
CA MET A 2686 4.95 6.01 53.54
C MET A 2686 4.59 6.57 54.91
N VAL A 2687 3.54 6.02 55.53
CA VAL A 2687 3.05 6.60 56.78
C VAL A 2687 4.03 6.33 57.92
N GLU A 2688 4.75 5.21 57.88
CA GLU A 2688 5.63 4.84 58.99
C GLU A 2688 7.04 5.40 58.84
N HIS A 2689 7.65 5.29 57.66
CA HIS A 2689 8.95 5.89 57.41
C HIS A 2689 8.88 7.32 56.92
N GLY A 2690 7.69 7.84 56.63
CA GLY A 2690 7.58 9.20 56.12
C GLY A 2690 8.23 9.41 54.78
N GLY A 2691 8.14 8.44 53.88
CA GLY A 2691 8.73 8.61 52.57
C GLY A 2691 8.72 7.31 51.80
N PHE A 2692 9.39 7.34 50.65
CA PHE A 2692 9.48 6.17 49.79
C PHE A 2692 10.65 6.37 48.83
N TYR A 2693 10.95 5.33 48.05
CA TYR A 2693 12.10 5.32 47.15
C TYR A 2693 11.64 5.56 45.72
N ARG A 2694 12.06 6.69 45.15
CA ARG A 2694 11.93 6.89 43.71
C ARG A 2694 12.72 5.79 43.00
N THR A 2695 11.99 4.95 42.26
CA THR A 2695 12.61 3.80 41.61
C THR A 2695 13.40 4.22 40.38
N SER A 2696 12.89 5.21 39.63
CA SER A 2696 13.59 5.67 38.43
C SER A 2696 14.96 6.23 38.78
N ASP A 2697 15.03 7.05 39.83
CA ASP A 2697 16.28 7.58 40.34
C ASP A 2697 16.90 6.71 41.43
N GLN A 2698 16.15 5.75 41.99
CA GLN A 2698 16.64 4.87 43.03
C GLN A 2698 17.14 5.67 44.23
N THR A 2699 16.34 6.65 44.66
CA THR A 2699 16.74 7.56 45.74
C THR A 2699 15.58 7.80 46.68
N TRP A 2700 15.91 8.05 47.94
CA TRP A 2700 14.91 8.28 48.97
C TRP A 2700 14.30 9.66 48.83
N VAL A 2701 12.97 9.73 49.00
CA VAL A 2701 12.24 10.98 49.03
C VAL A 2701 11.29 10.94 50.22
N LYS A 2702 10.97 12.12 50.76
CA LYS A 2702 10.19 12.27 51.97
C LYS A 2702 8.93 13.04 51.67
N LEU A 2703 7.80 12.53 52.16
CA LEU A 2703 6.56 13.30 52.12
C LEU A 2703 6.64 14.45 53.10
N GLU A 2704 6.05 15.59 52.74
CA GLU A 2704 6.07 16.79 53.54
C GLU A 2704 4.68 17.20 54.04
N ARG A 2705 3.69 17.21 53.16
CA ARG A 2705 2.32 17.58 53.52
C ARG A 2705 1.34 16.62 52.88
N ILE A 2706 1.64 15.33 52.91
CA ILE A 2706 0.81 14.28 52.33
C ILE A 2706 0.20 13.48 53.46
N GLN A 2707 -1.09 13.15 53.31
CA GLN A 2707 -1.80 12.34 54.28
C GLN A 2707 -2.65 11.31 53.54
N PHE A 2708 -3.21 10.37 54.30
CA PHE A 2708 -4.10 9.35 53.78
C PHE A 2708 -5.27 9.19 54.73
N VAL A 2709 -6.46 9.01 54.18
CA VAL A 2709 -7.68 8.80 54.97
C VAL A 2709 -8.59 7.89 54.15
N GLY A 2710 -8.91 6.71 54.69
CA GLY A 2710 -9.58 5.68 53.95
C GLY A 2710 -10.97 5.34 54.47
N ALA A 2711 -11.73 4.70 53.59
CA ALA A 2711 -13.04 4.15 53.92
C ALA A 2711 -13.05 2.67 53.51
N CYS A 2712 -13.92 1.91 54.15
CA CYS A 2712 -13.97 0.47 53.93
C CYS A 2712 -15.35 -0.06 54.22
N ASN A 2713 -15.61 -1.26 53.72
CA ASN A 2713 -16.63 -2.16 54.23
C ASN A 2713 -15.96 -3.20 55.11
N PRO A 2714 -16.70 -3.88 55.98
CA PRO A 2714 -16.06 -4.85 56.87
C PRO A 2714 -15.46 -5.99 56.06
N PRO A 2715 -14.39 -6.61 56.56
CA PRO A 2715 -13.72 -7.65 55.76
C PRO A 2715 -14.54 -8.91 55.58
N THR A 2716 -15.64 -9.09 56.32
CA THR A 2716 -16.48 -10.25 56.15
C THR A 2716 -17.16 -10.25 54.77
N ASP A 2717 -17.36 -9.08 54.18
CA ASP A 2717 -18.01 -9.01 52.88
C ASP A 2717 -17.13 -9.68 51.82
N PRO A 2718 -17.73 -10.19 50.73
CA PRO A 2718 -16.99 -11.12 49.86
C PRO A 2718 -15.83 -10.51 49.12
N GLY A 2719 -16.03 -9.33 48.53
CA GLY A 2719 -14.98 -8.72 47.71
C GLY A 2719 -13.82 -8.15 48.49
N ARG A 2720 -13.92 -8.08 49.82
CA ARG A 2720 -12.93 -7.41 50.65
C ARG A 2720 -11.89 -8.41 51.15
N LYS A 2721 -10.81 -7.88 51.71
CA LYS A 2721 -9.75 -8.66 52.31
C LYS A 2721 -9.30 -7.98 53.60
N PRO A 2722 -8.76 -8.72 54.56
CA PRO A 2722 -8.20 -8.08 55.75
C PRO A 2722 -6.89 -7.39 55.43
N LEU A 2723 -6.56 -6.37 56.23
CA LEU A 2723 -5.37 -5.57 56.03
C LEU A 2723 -4.20 -6.12 56.85
N SER A 2724 -2.99 -5.78 56.41
CA SER A 2724 -1.78 -6.23 57.10
C SER A 2724 -1.73 -5.65 58.50
N HIS A 2725 -1.25 -6.47 59.45
CA HIS A 2725 -1.21 -6.03 60.84
C HIS A 2725 -0.14 -4.97 61.06
N ARG A 2726 0.95 -4.97 60.29
CA ARG A 2726 1.88 -3.85 60.38
C ARG A 2726 1.24 -2.57 59.86
N PHE A 2727 0.19 -2.65 59.04
CA PHE A 2727 -0.52 -1.47 58.56
C PHE A 2727 -1.64 -1.06 59.50
N LEU A 2728 -2.42 -2.01 60.00
CA LEU A 2728 -3.52 -1.67 60.91
C LEU A 2728 -3.03 -1.06 62.21
N ARG A 2729 -1.76 -1.27 62.58
CA ARG A 2729 -1.24 -0.65 63.79
C ARG A 2729 -1.29 0.86 63.70
N HIS A 2730 -0.92 1.43 62.56
CA HIS A 2730 -0.86 2.88 62.43
C HIS A 2730 -2.25 3.51 62.33
N VAL A 2731 -3.16 2.87 61.61
CA VAL A 2731 -4.46 3.49 61.34
C VAL A 2731 -5.40 3.28 62.52
N PRO A 2732 -6.09 4.32 63.02
CA PRO A 2732 -7.24 4.08 63.92
C PRO A 2732 -8.51 3.87 63.14
N VAL A 2733 -9.23 2.79 63.42
CA VAL A 2733 -10.40 2.40 62.64
C VAL A 2733 -11.66 2.72 63.43
N VAL A 2734 -12.60 3.42 62.79
CA VAL A 2734 -13.90 3.73 63.35
C VAL A 2734 -14.94 2.92 62.61
N TYR A 2735 -16.01 2.56 63.30
CA TYR A 2735 -17.11 1.77 62.76
C TYR A 2735 -18.35 2.66 62.65
N VAL A 2736 -18.70 3.02 61.42
CA VAL A 2736 -19.87 3.87 61.16
C VAL A 2736 -21.04 2.91 60.92
N ASP A 2737 -21.77 2.62 62.00
CA ASP A 2737 -22.98 1.82 61.89
C ASP A 2737 -24.09 2.65 61.26
N TYR A 2738 -25.27 2.05 61.11
CA TYR A 2738 -26.37 2.77 60.52
C TYR A 2738 -26.87 3.85 61.48
N PRO A 2739 -27.47 4.94 60.96
CA PRO A 2739 -27.83 6.06 61.84
C PRO A 2739 -28.80 5.71 62.96
N GLY A 2740 -29.74 4.81 62.72
CA GLY A 2740 -30.75 4.47 63.70
C GLY A 2740 -31.96 5.37 63.60
N PRO A 2741 -32.96 5.17 64.46
CA PRO A 2741 -34.24 5.88 64.31
C PRO A 2741 -34.15 7.38 64.52
N ALA A 2742 -33.46 7.83 65.57
CA ALA A 2742 -33.41 9.26 65.86
C ALA A 2742 -32.68 10.02 64.75
N SER A 2743 -31.51 9.52 64.35
CA SER A 2743 -30.74 10.20 63.32
C SER A 2743 -31.48 10.19 61.98
N LEU A 2744 -32.11 9.05 61.63
CA LEU A 2744 -32.88 8.99 60.40
C LEU A 2744 -34.05 9.97 60.43
N THR A 2745 -34.74 10.05 61.58
CA THR A 2745 -35.85 10.99 61.69
C THR A 2745 -35.37 12.42 61.51
N GLN A 2746 -34.24 12.77 62.11
CA GLN A 2746 -33.72 14.14 61.94
C GLN A 2746 -33.34 14.42 60.49
N ILE A 2747 -32.56 13.51 59.89
CA ILE A 2747 -32.06 13.72 58.53
C ILE A 2747 -33.20 13.86 57.54
N TYR A 2748 -34.14 12.91 57.58
CA TYR A 2748 -35.22 12.94 56.61
C TYR A 2748 -36.35 13.88 57.02
N GLY A 2749 -36.37 14.36 58.26
CA GLY A 2749 -37.16 15.53 58.56
C GLY A 2749 -36.65 16.74 57.81
N THR A 2750 -35.34 16.95 57.81
CA THR A 2750 -34.78 18.04 57.01
C THR A 2750 -35.11 17.86 55.53
N PHE A 2751 -34.88 16.65 55.01
CA PHE A 2751 -35.13 16.41 53.58
C PHE A 2751 -36.59 16.61 53.21
N ASN A 2752 -37.52 16.10 54.04
CA ASN A 2752 -38.93 16.22 53.69
C ASN A 2752 -39.46 17.63 53.90
N ARG A 2753 -38.93 18.35 54.89
CA ARG A 2753 -39.28 19.76 54.99
C ARG A 2753 -38.81 20.53 53.77
N ALA A 2754 -37.65 20.17 53.23
CA ALA A 2754 -37.23 20.78 51.97
C ALA A 2754 -38.14 20.36 50.82
N MET A 2755 -38.55 19.09 50.80
CA MET A 2755 -39.30 18.56 49.66
C MET A 2755 -40.71 19.13 49.61
N LEU A 2756 -41.35 19.31 50.77
CA LEU A 2756 -42.72 19.79 50.81
C LEU A 2756 -42.83 21.29 50.58
N ARG A 2757 -41.71 22.01 50.48
CA ARG A 2757 -41.77 23.44 50.17
C ARG A 2757 -42.42 23.71 48.81
N LEU A 2758 -42.40 22.73 47.91
CA LEU A 2758 -43.01 22.92 46.60
C LEU A 2758 -44.51 23.19 46.72
N VAL A 2759 -45.20 22.39 47.53
CA VAL A 2759 -46.64 22.48 47.73
C VAL A 2759 -46.88 23.05 49.12
N PRO A 2760 -47.46 24.24 49.28
CA PRO A 2760 -47.47 24.88 50.59
C PRO A 2760 -48.58 24.42 51.52
N SER A 2761 -49.54 23.62 51.04
CA SER A 2761 -50.64 23.16 51.88
C SER A 2761 -50.32 21.89 52.67
N LEU A 2762 -49.19 21.24 52.40
CA LEU A 2762 -48.82 19.97 53.03
C LEU A 2762 -47.60 20.09 53.94
N ARG A 2763 -47.19 21.30 54.30
CA ARG A 2763 -46.04 21.46 55.20
C ARG A 2763 -46.33 20.83 56.55
N THR A 2764 -47.55 20.98 57.05
CA THR A 2764 -47.93 20.42 58.35
C THR A 2764 -47.80 18.91 58.38
N TYR A 2765 -47.88 18.24 57.23
CA TYR A 2765 -47.74 16.80 57.14
C TYR A 2765 -46.30 16.36 56.90
N ALA A 2766 -45.33 17.26 57.09
CA ALA A 2766 -43.94 16.87 56.92
C ALA A 2766 -43.50 15.92 58.02
N GLU A 2767 -43.60 16.35 59.28
CA GLU A 2767 -43.13 15.52 60.38
C GLU A 2767 -43.88 14.20 60.51
N PRO A 2768 -45.22 14.13 60.43
CA PRO A 2768 -45.87 12.81 60.47
C PRO A 2768 -45.41 11.87 59.37
N LEU A 2769 -45.16 12.39 58.16
CA LEU A 2769 -44.65 11.54 57.09
C LEU A 2769 -43.26 10.99 57.44
N THR A 2770 -42.40 11.85 57.99
CA THR A 2770 -40.99 11.47 58.16
C THR A 2770 -40.85 10.31 59.13
N ALA A 2771 -41.66 10.29 60.18
CA ALA A 2771 -41.65 9.15 61.08
C ALA A 2771 -42.05 7.88 60.33
N ALA A 2772 -43.09 7.97 59.51
CA ALA A 2772 -43.57 6.79 58.78
C ALA A 2772 -42.48 6.22 57.90
N MET A 2773 -41.84 7.07 57.09
CA MET A 2773 -40.74 6.64 56.23
C MET A 2773 -39.65 5.97 57.05
N VAL A 2774 -39.43 6.45 58.28
CA VAL A 2774 -38.47 5.80 59.15
C VAL A 2774 -39.05 4.50 59.69
N GLU A 2775 -40.27 4.57 60.25
CA GLU A 2775 -40.79 3.47 61.06
C GLU A 2775 -40.88 2.19 60.23
N PHE A 2776 -41.61 2.28 59.11
CA PHE A 2776 -41.73 1.14 58.21
C PHE A 2776 -40.36 0.64 57.79
N TYR A 2777 -39.45 1.56 57.45
CA TYR A 2777 -38.12 1.16 57.05
C TYR A 2777 -37.45 0.33 58.15
N THR A 2778 -37.49 0.83 59.38
CA THR A 2778 -36.91 0.08 60.49
C THR A 2778 -37.60 -1.27 60.64
N MET A 2779 -38.93 -1.29 60.48
CA MET A 2779 -39.66 -2.55 60.59
C MET A 2779 -39.16 -3.52 59.53
N SER A 2780 -38.96 -3.05 58.30
CA SER A 2780 -38.43 -3.93 57.27
C SER A 2780 -37.04 -4.42 57.67
N GLN A 2781 -36.21 -3.50 58.20
CA GLN A 2781 -34.86 -3.89 58.62
C GLN A 2781 -34.90 -4.94 59.71
N GLU A 2782 -35.98 -4.99 60.49
CA GLU A 2782 -36.11 -6.01 61.53
C GLU A 2782 -36.73 -7.30 61.02
N ARG A 2783 -37.52 -7.24 59.94
CA ARG A 2783 -38.25 -8.42 59.49
C ARG A 2783 -37.47 -9.21 58.44
N PHE A 2784 -36.77 -8.53 57.55
CA PHE A 2784 -36.02 -9.16 56.47
C PHE A 2784 -34.54 -8.91 56.70
N THR A 2785 -33.76 -9.99 56.69
CA THR A 2785 -32.33 -9.96 56.95
C THR A 2785 -31.60 -10.68 55.84
N GLN A 2786 -30.27 -10.51 55.81
CA GLN A 2786 -29.47 -11.15 54.78
C GLN A 2786 -29.49 -12.67 54.89
N ASP A 2787 -29.83 -13.22 56.05
CA ASP A 2787 -29.87 -14.67 56.21
C ASP A 2787 -30.94 -15.30 55.32
N THR A 2788 -32.13 -14.71 55.28
CA THR A 2788 -33.22 -15.30 54.49
C THR A 2788 -32.90 -15.28 53.01
N GLN A 2789 -32.41 -14.15 52.50
CA GLN A 2789 -31.95 -14.02 51.13
C GLN A 2789 -30.75 -13.09 51.14
N PRO A 2790 -29.77 -13.30 50.24
CA PRO A 2790 -28.56 -12.48 50.29
C PRO A 2790 -28.79 -11.03 49.94
N HIS A 2791 -29.88 -10.70 49.24
CA HIS A 2791 -30.11 -9.35 48.74
C HIS A 2791 -31.13 -8.57 49.58
N TYR A 2792 -31.56 -9.11 50.72
CA TYR A 2792 -32.46 -8.38 51.62
C TYR A 2792 -31.61 -7.47 52.52
N ILE A 2793 -31.07 -6.44 51.90
CA ILE A 2793 -30.19 -5.48 52.55
C ILE A 2793 -30.85 -4.11 52.52
N TYR A 2794 -30.87 -3.44 53.68
CA TYR A 2794 -31.45 -2.12 53.83
C TYR A 2794 -30.43 -1.16 54.40
N SER A 2795 -30.56 0.10 54.03
CA SER A 2795 -29.66 1.15 54.50
C SER A 2795 -30.34 2.49 54.26
N PRO A 2796 -29.77 3.60 54.74
CA PRO A 2796 -30.35 4.91 54.41
C PRO A 2796 -30.33 5.25 52.93
N ARG A 2797 -29.60 4.51 52.09
CA ARG A 2797 -29.72 4.72 50.65
C ARG A 2797 -31.13 4.46 50.17
N GLU A 2798 -31.81 3.47 50.76
CA GLU A 2798 -33.21 3.24 50.44
C GLU A 2798 -34.07 4.42 50.86
N MET A 2799 -33.77 5.03 52.01
CA MET A 2799 -34.52 6.20 52.43
C MET A 2799 -34.30 7.39 51.49
N THR A 2800 -33.07 7.59 51.03
CA THR A 2800 -32.83 8.67 50.08
C THR A 2800 -33.51 8.38 48.74
N ARG A 2801 -33.54 7.11 48.34
CA ARG A 2801 -34.28 6.76 47.13
C ARG A 2801 -35.76 7.04 47.31
N TRP A 2802 -36.30 6.78 48.50
CA TRP A 2802 -37.68 7.10 48.80
C TRP A 2802 -37.93 8.60 48.67
N VAL A 2803 -37.04 9.41 49.25
CA VAL A 2803 -37.18 10.86 49.17
C VAL A 2803 -37.11 11.31 47.72
N ARG A 2804 -36.18 10.75 46.96
CA ARG A 2804 -36.03 11.11 45.56
C ARG A 2804 -37.27 10.74 44.77
N GLY A 2805 -37.84 9.57 45.03
CA GLY A 2805 -39.04 9.16 44.32
C GLY A 2805 -40.20 10.09 44.58
N ILE A 2806 -40.43 10.42 45.85
CA ILE A 2806 -41.51 11.35 46.17
C ILE A 2806 -41.22 12.72 45.57
N PHE A 2807 -39.95 13.12 45.54
CA PHE A 2807 -39.59 14.42 44.99
C PHE A 2807 -39.88 14.49 43.49
N GLU A 2808 -39.48 13.45 42.75
CA GLU A 2808 -39.76 13.43 41.32
C GLU A 2808 -41.25 13.31 41.03
N ALA A 2809 -41.99 12.61 41.89
CA ALA A 2809 -43.44 12.58 41.72
C ALA A 2809 -44.03 13.97 41.92
N LEU A 2810 -43.57 14.70 42.92
CA LEU A 2810 -44.17 15.97 43.29
C LEU A 2810 -43.66 17.15 42.46
N ARG A 2811 -42.53 17.02 41.79
CA ARG A 2811 -41.93 18.17 41.12
C ARG A 2811 -42.79 18.74 40.01
N PRO A 2812 -43.31 17.96 39.05
CA PRO A 2812 -44.19 18.56 38.04
C PRO A 2812 -45.58 18.89 38.57
N LEU A 2813 -45.98 18.33 39.71
CA LEU A 2813 -47.33 18.57 40.23
C LEU A 2813 -47.41 19.95 40.85
N GLU A 2814 -48.46 20.70 40.49
CA GLU A 2814 -48.66 22.03 41.05
C GLU A 2814 -49.22 21.98 42.47
N THR A 2815 -50.04 20.99 42.79
CA THR A 2815 -50.62 20.86 44.12
C THR A 2815 -51.06 19.42 44.32
N LEU A 2816 -51.29 19.07 45.58
CA LEU A 2816 -51.71 17.74 45.98
C LEU A 2816 -52.65 17.85 47.17
N PRO A 2817 -53.51 16.86 47.39
CA PRO A 2817 -54.09 16.67 48.72
C PRO A 2817 -53.22 15.72 49.55
N VAL A 2818 -53.52 15.68 50.85
CA VAL A 2818 -52.77 14.82 51.75
C VAL A 2818 -52.87 13.36 51.34
N GLU A 2819 -54.05 12.96 50.85
CA GLU A 2819 -54.25 11.56 50.48
C GLU A 2819 -53.41 11.18 49.27
N GLY A 2820 -53.23 12.09 48.32
CA GLY A 2820 -52.34 11.82 47.21
C GLY A 2820 -50.90 11.67 47.65
N LEU A 2821 -50.47 12.48 48.63
CA LEU A 2821 -49.14 12.32 49.18
C LEU A 2821 -48.98 10.95 49.84
N ILE A 2822 -50.00 10.52 50.60
CA ILE A 2822 -49.94 9.20 51.21
C ILE A 2822 -49.88 8.12 50.15
N ARG A 2823 -50.63 8.30 49.05
CA ARG A 2823 -50.62 7.31 47.99
C ARG A 2823 -49.26 7.22 47.31
N ILE A 2824 -48.62 8.37 47.06
CA ILE A 2824 -47.28 8.34 46.47
C ILE A 2824 -46.29 7.71 47.42
N TRP A 2825 -46.42 8.00 48.72
CA TRP A 2825 -45.57 7.39 49.73
C TRP A 2825 -45.71 5.87 49.72
N ALA A 2826 -46.94 5.38 49.68
CA ALA A 2826 -47.17 3.94 49.67
C ALA A 2826 -46.64 3.32 48.37
N HIS A 2827 -46.82 4.01 47.25
CA HIS A 2827 -46.31 3.49 45.99
C HIS A 2827 -44.80 3.35 46.02
N GLU A 2828 -44.10 4.36 46.54
CA GLU A 2828 -42.65 4.28 46.62
C GLU A 2828 -42.21 3.20 47.61
N ALA A 2829 -42.97 3.03 48.71
CA ALA A 2829 -42.69 1.94 49.63
C ALA A 2829 -42.75 0.59 48.92
N LEU A 2830 -43.81 0.37 48.15
CA LEU A 2830 -43.96 -0.88 47.43
C LEU A 2830 -42.85 -1.05 46.40
N ARG A 2831 -42.52 0.02 45.68
CA ARG A 2831 -41.56 -0.08 44.60
C ARG A 2831 -40.11 -0.21 45.09
N LEU A 2832 -39.84 0.16 46.34
CA LEU A 2832 -38.50 0.03 46.91
C LEU A 2832 -38.32 -1.22 47.76
N PHE A 2833 -39.38 -1.68 48.44
CA PHE A 2833 -39.28 -2.81 49.37
C PHE A 2833 -40.03 -4.05 48.90
N GLN A 2834 -41.25 -3.91 48.37
CA GLN A 2834 -42.01 -5.09 47.98
C GLN A 2834 -41.43 -5.78 46.75
N ASP A 2835 -40.64 -5.08 45.93
CA ASP A 2835 -40.10 -5.69 44.73
C ASP A 2835 -38.98 -6.68 45.05
N ARG A 2836 -38.10 -6.31 45.99
CA ARG A 2836 -36.95 -7.17 46.30
C ARG A 2836 -37.36 -8.50 46.92
N LEU A 2837 -38.55 -8.57 47.53
CA LEU A 2837 -38.94 -9.77 48.25
C LEU A 2837 -39.14 -10.94 47.30
N VAL A 2838 -38.87 -12.13 47.82
CA VAL A 2838 -38.95 -13.36 47.05
C VAL A 2838 -40.25 -14.11 47.30
N GLU A 2839 -40.67 -14.24 48.55
CA GLU A 2839 -41.82 -15.05 48.92
C GLU A 2839 -43.09 -14.22 48.86
N ASP A 2840 -44.19 -14.86 48.45
CA ASP A 2840 -45.46 -14.16 48.31
C ASP A 2840 -45.99 -13.66 49.65
N GLU A 2841 -45.84 -14.47 50.70
CA GLU A 2841 -46.37 -14.08 52.00
C GLU A 2841 -45.63 -12.88 52.57
N GLU A 2842 -44.34 -12.76 52.28
CA GLU A 2842 -43.59 -11.55 52.68
C GLU A 2842 -44.17 -10.32 51.98
N ARG A 2843 -44.53 -10.46 50.71
CA ARG A 2843 -45.18 -9.37 50.00
C ARG A 2843 -46.51 -9.02 50.63
N ARG A 2844 -47.27 -10.03 51.07
CA ARG A 2844 -48.53 -9.75 51.75
C ARG A 2844 -48.28 -9.00 53.06
N TRP A 2845 -47.23 -9.39 53.77
CA TRP A 2845 -46.89 -8.70 55.03
C TRP A 2845 -46.54 -7.25 54.77
N THR A 2846 -45.75 -6.98 53.73
CA THR A 2846 -45.44 -5.61 53.37
C THR A 2846 -46.71 -4.84 52.99
N ASP A 2847 -47.61 -5.50 52.26
CA ASP A 2847 -48.86 -4.88 51.87
C ASP A 2847 -49.67 -4.45 53.08
N GLU A 2848 -49.76 -5.32 54.09
CA GLU A 2848 -50.51 -4.97 55.28
C GLU A 2848 -49.80 -3.90 56.10
N ASN A 2849 -48.46 -3.98 56.17
CA ASN A 2849 -47.72 -3.08 57.04
C ASN A 2849 -47.66 -1.66 56.50
N ILE A 2850 -47.66 -1.49 55.18
CA ILE A 2850 -47.74 -0.16 54.60
C ILE A 2850 -49.04 0.52 55.05
N ASP A 2851 -50.15 -0.20 54.94
CA ASP A 2851 -51.44 0.33 55.38
C ASP A 2851 -51.43 0.63 56.86
N LEU A 2852 -50.86 -0.28 57.66
CA LEU A 2852 -50.83 -0.08 59.11
C LEU A 2852 -50.05 1.18 59.48
N VAL A 2853 -48.85 1.34 58.93
CA VAL A 2853 -48.03 2.50 59.24
C VAL A 2853 -48.72 3.78 58.78
N ALA A 2854 -49.30 3.76 57.58
CA ALA A 2854 -49.96 4.95 57.06
C ALA A 2854 -51.12 5.36 57.94
N LEU A 2855 -51.99 4.42 58.29
CA LEU A 2855 -53.14 4.75 59.12
C LEU A 2855 -52.74 5.08 60.55
N LYS A 2856 -51.57 4.62 61.01
CA LYS A 2856 -51.10 5.01 62.33
C LYS A 2856 -50.62 6.45 62.34
N HIS A 2857 -49.83 6.85 61.33
CA HIS A 2857 -49.25 8.19 61.30
C HIS A 2857 -50.09 9.21 60.54
N PHE A 2858 -51.17 8.79 59.88
CA PHE A 2858 -52.07 9.70 59.17
C PHE A 2858 -53.51 9.35 59.56
N PRO A 2859 -53.89 9.59 60.80
CA PRO A 2859 -55.26 9.27 61.22
C PRO A 2859 -56.28 10.20 60.58
N ASN A 2860 -57.54 9.74 60.58
CA ASN A 2860 -58.69 10.43 60.03
C ASN A 2860 -58.59 10.65 58.50
N ILE A 2861 -57.69 9.94 57.83
CA ILE A 2861 -57.59 9.94 56.38
C ILE A 2861 -58.13 8.61 55.88
N ASP A 2862 -59.22 8.66 55.11
CA ASP A 2862 -59.92 7.44 54.71
C ASP A 2862 -59.05 6.60 53.79
N LYS A 2863 -58.95 5.31 54.10
CA LYS A 2863 -58.01 4.44 53.40
C LYS A 2863 -58.44 4.17 51.96
N GLU A 2864 -59.74 4.07 51.71
CA GLU A 2864 -60.21 3.66 50.38
C GLU A 2864 -59.78 4.67 49.31
N LYS A 2865 -59.93 5.97 49.59
CA LYS A 2865 -59.50 6.98 48.63
C LYS A 2865 -57.98 7.13 48.65
N ALA A 2866 -57.37 7.08 49.84
CA ALA A 2866 -55.94 7.38 49.94
C ALA A 2866 -55.09 6.28 49.35
N MET A 2867 -55.46 5.01 49.56
CA MET A 2867 -54.65 3.90 49.10
C MET A 2867 -55.57 2.74 48.74
N SER A 2868 -55.83 2.58 47.44
CA SER A 2868 -56.45 1.40 46.88
C SER A 2868 -55.35 0.40 46.51
N ARG A 2869 -55.68 -0.89 46.65
CA ARG A 2869 -54.67 -1.93 46.44
C ARG A 2869 -54.06 -1.91 45.04
N PRO A 2870 -54.83 -1.85 43.95
CA PRO A 2870 -54.18 -1.77 42.63
C PRO A 2870 -53.62 -0.39 42.38
N ILE A 2871 -52.50 -0.08 43.05
CA ILE A 2871 -51.86 1.23 42.94
C ILE A 2871 -50.88 1.20 41.77
N LEU A 2872 -51.07 2.12 40.83
CA LEU A 2872 -50.20 2.24 39.68
C LEU A 2872 -50.01 3.72 39.35
N TYR A 2873 -48.76 4.09 39.08
CA TYR A 2873 -48.40 5.43 38.65
C TYR A 2873 -47.62 5.32 37.35
N SER A 2874 -48.01 6.10 36.35
CA SER A 2874 -47.37 6.04 35.05
C SER A 2874 -47.44 7.41 34.38
N ASN A 2875 -46.51 7.62 33.44
CA ASN A 2875 -46.35 8.89 32.75
C ASN A 2875 -46.71 8.80 31.27
N TRP A 2876 -47.01 7.61 30.75
CA TRP A 2876 -47.30 7.47 29.33
C TRP A 2876 -48.68 8.00 28.98
N LEU A 2877 -49.68 7.73 29.83
CA LEU A 2877 -51.04 8.13 29.50
C LEU A 2877 -51.20 9.64 29.47
N SER A 2878 -50.55 10.34 30.41
CA SER A 2878 -50.67 11.78 30.54
C SER A 2878 -49.29 12.38 30.79
N LYS A 2879 -49.15 13.66 30.45
CA LYS A 2879 -47.86 14.33 30.58
C LYS A 2879 -47.38 14.38 32.03
N ASP A 2880 -48.28 14.31 33.00
CA ASP A 2880 -47.93 14.37 34.41
C ASP A 2880 -47.84 12.96 34.99
N TYR A 2881 -47.02 12.83 36.03
CA TYR A 2881 -46.83 11.56 36.74
C TYR A 2881 -47.97 11.43 37.76
N ILE A 2882 -49.10 10.87 37.31
CA ILE A 2882 -50.30 10.79 38.12
C ILE A 2882 -50.83 9.36 38.06
N PRO A 2883 -51.66 8.97 39.03
CA PRO A 2883 -52.19 7.59 39.01
C PRO A 2883 -53.07 7.34 37.79
N VAL A 2884 -53.03 6.10 37.31
CA VAL A 2884 -53.80 5.68 36.14
C VAL A 2884 -54.42 4.33 36.42
N ASP A 2885 -55.44 3.99 35.64
CA ASP A 2885 -56.15 2.74 35.81
C ASP A 2885 -55.39 1.59 35.16
N GLN A 2886 -55.69 0.38 35.61
CA GLN A 2886 -55.00 -0.80 35.09
C GLN A 2886 -55.33 -1.03 33.61
N GLU A 2887 -56.60 -0.85 33.23
CA GLU A 2887 -57.01 -1.23 31.88
C GLU A 2887 -56.41 -0.32 30.83
N GLU A 2888 -56.37 0.99 31.09
CA GLU A 2888 -55.78 1.91 30.13
C GLU A 2888 -54.31 1.62 29.92
N LEU A 2889 -53.58 1.37 31.00
CA LEU A 2889 -52.17 1.04 30.89
C LEU A 2889 -51.98 -0.29 30.18
N ARG A 2890 -52.85 -1.26 30.45
CA ARG A 2890 -52.80 -2.53 29.74
C ARG A 2890 -52.95 -2.33 28.24
N ASP A 2891 -53.94 -1.53 27.84
CA ASP A 2891 -54.17 -1.30 26.42
C ASP A 2891 -52.98 -0.58 25.77
N TYR A 2892 -52.45 0.44 26.45
CA TYR A 2892 -51.32 1.18 25.89
C TYR A 2892 -50.11 0.28 25.73
N VAL A 2893 -49.80 -0.51 26.76
CA VAL A 2893 -48.62 -1.37 26.69
C VAL A 2893 -48.81 -2.46 25.65
N LYS A 2894 -50.03 -2.98 25.52
CA LYS A 2894 -50.31 -3.98 24.50
C LYS A 2894 -50.10 -3.42 23.10
N ALA A 2895 -50.60 -2.20 22.86
CA ALA A 2895 -50.41 -1.57 21.55
C ALA A 2895 -48.93 -1.33 21.27
N ARG A 2896 -48.20 -0.81 22.25
CA ARG A 2896 -46.78 -0.54 22.05
C ARG A 2896 -46.00 -1.83 21.88
N LEU A 2897 -46.42 -2.92 22.52
CA LEU A 2897 -45.74 -4.19 22.38
C LEU A 2897 -46.00 -4.79 21.00
N LYS A 2898 -47.23 -4.70 20.51
CA LYS A 2898 -47.52 -5.13 19.15
C LYS A 2898 -46.72 -4.31 18.14
N VAL A 2899 -46.52 -3.03 18.42
CA VAL A 2899 -45.62 -2.23 17.59
C VAL A 2899 -44.20 -2.79 17.68
N PHE A 2900 -43.75 -3.10 18.90
CA PHE A 2900 -42.39 -3.57 19.11
C PHE A 2900 -42.12 -4.89 18.41
N TYR A 2901 -43.16 -5.69 18.17
CA TYR A 2901 -42.98 -6.95 17.44
C TYR A 2901 -42.32 -6.71 16.09
N GLU A 2902 -42.88 -5.80 15.29
CA GLU A 2902 -42.46 -5.59 13.92
C GLU A 2902 -41.50 -4.42 13.76
N GLU A 2903 -40.83 -4.01 14.83
CA GLU A 2903 -39.92 -2.88 14.82
C GLU A 2903 -38.47 -3.28 15.05
N GLU A 2904 -38.19 -4.00 16.14
CA GLU A 2904 -36.84 -4.36 16.54
C GLU A 2904 -36.61 -5.86 16.61
N LEU A 2905 -37.55 -6.62 17.17
CA LEU A 2905 -37.40 -8.06 17.33
C LEU A 2905 -38.75 -8.72 17.09
N ASP A 2906 -38.80 -9.66 16.15
CA ASP A 2906 -40.03 -10.33 15.75
C ASP A 2906 -40.18 -11.65 16.51
N VAL A 2907 -40.56 -11.52 17.78
CA VAL A 2907 -40.92 -12.65 18.63
C VAL A 2907 -42.14 -12.24 19.45
N PRO A 2908 -43.22 -13.02 19.51
CA PRO A 2908 -44.37 -12.59 20.32
C PRO A 2908 -44.01 -12.49 21.80
N LEU A 2909 -44.63 -11.53 22.48
CA LEU A 2909 -44.40 -11.27 23.89
C LEU A 2909 -45.75 -11.03 24.54
N VAL A 2910 -46.21 -12.00 25.33
CA VAL A 2910 -47.52 -11.91 25.96
C VAL A 2910 -47.45 -11.01 27.18
N LEU A 2911 -48.47 -10.18 27.34
CA LEU A 2911 -48.63 -9.33 28.53
C LEU A 2911 -49.56 -10.05 29.50
N PHE A 2912 -49.02 -10.48 30.63
CA PHE A 2912 -49.78 -11.06 31.73
C PHE A 2912 -49.60 -10.17 32.95
N ASN A 2913 -50.36 -10.47 34.00
CA ASN A 2913 -50.47 -9.57 35.14
C ASN A 2913 -49.13 -9.34 35.83
N GLU A 2914 -48.20 -10.29 35.73
CA GLU A 2914 -46.92 -10.22 36.43
C GLU A 2914 -45.78 -9.73 35.53
N VAL A 2915 -46.07 -9.29 34.31
CA VAL A 2915 -45.07 -8.67 33.44
C VAL A 2915 -45.36 -7.20 33.17
N LEU A 2916 -46.63 -6.80 33.18
CA LEU A 2916 -46.95 -5.37 33.12
C LEU A 2916 -46.37 -4.65 34.32
N ASP A 2917 -46.45 -5.28 35.50
CA ASP A 2917 -45.88 -4.67 36.70
C ASP A 2917 -44.37 -4.47 36.56
N HIS A 2918 -43.68 -5.45 35.98
CA HIS A 2918 -42.24 -5.29 35.78
C HIS A 2918 -41.94 -4.21 34.74
N VAL A 2919 -42.79 -4.09 33.72
CA VAL A 2919 -42.62 -2.99 32.76
C VAL A 2919 -42.73 -1.66 33.48
N LEU A 2920 -43.73 -1.52 34.34
CA LEU A 2920 -43.91 -0.26 35.07
C LEU A 2920 -42.75 0.00 36.03
N ARG A 2921 -42.26 -1.04 36.70
CA ARG A 2921 -41.14 -0.87 37.62
C ARG A 2921 -39.89 -0.41 36.86
N ILE A 2922 -39.62 -1.06 35.72
CA ILE A 2922 -38.43 -0.70 34.94
C ILE A 2922 -38.55 0.73 34.44
N ASP A 2923 -39.75 1.12 33.98
CA ASP A 2923 -39.95 2.50 33.54
C ASP A 2923 -39.74 3.48 34.69
N ARG A 2924 -40.28 3.15 35.88
CA ARG A 2924 -40.13 4.01 37.04
C ARG A 2924 -38.65 4.24 37.36
N ILE A 2925 -37.88 3.16 37.43
CA ILE A 2925 -36.45 3.32 37.71
C ILE A 2925 -35.75 4.06 36.59
N PHE A 2926 -36.27 3.98 35.36
CA PHE A 2926 -35.68 4.78 34.29
C PHE A 2926 -35.97 6.26 34.46
N ARG A 2927 -37.10 6.63 35.05
CA ARG A 2927 -37.42 8.04 35.21
C ARG A 2927 -36.69 8.70 36.38
N GLN A 2928 -36.24 7.93 37.38
CA GLN A 2928 -35.59 8.51 38.53
C GLN A 2928 -34.16 8.95 38.17
N PRO A 2929 -33.57 9.88 38.94
CA PRO A 2929 -32.17 10.22 38.71
C PRO A 2929 -31.23 9.27 39.45
N GLN A 2930 -30.13 8.93 38.78
CA GLN A 2930 -29.23 7.87 39.27
C GLN A 2930 -29.99 6.56 39.45
N GLY A 2931 -30.95 6.32 38.56
CA GLY A 2931 -31.79 5.14 38.66
C GLY A 2931 -31.16 3.92 38.02
N HIS A 2932 -30.62 3.03 38.85
CA HIS A 2932 -30.03 1.78 38.40
C HIS A 2932 -30.86 0.62 38.95
N LEU A 2933 -31.18 -0.33 38.07
CA LEU A 2933 -32.03 -1.47 38.39
C LEU A 2933 -31.19 -2.74 38.41
N LEU A 2934 -31.57 -3.65 39.30
CA LEU A 2934 -30.96 -4.97 39.44
C LEU A 2934 -32.09 -5.99 39.37
N LEU A 2935 -32.28 -6.58 38.20
CA LEU A 2935 -33.32 -7.58 37.97
C LEU A 2935 -32.74 -8.94 38.30
N ILE A 2936 -33.26 -9.57 39.36
CA ILE A 2936 -32.81 -10.88 39.80
C ILE A 2936 -34.00 -11.81 39.77
N GLY A 2937 -33.82 -12.99 39.17
CA GLY A 2937 -34.92 -13.92 39.04
C GLY A 2937 -34.48 -15.16 38.28
N VAL A 2938 -35.45 -16.05 38.07
CA VAL A 2938 -35.14 -17.31 37.41
C VAL A 2938 -34.68 -17.05 35.98
N SER A 2939 -33.95 -18.01 35.43
CA SER A 2939 -33.49 -17.89 34.05
C SER A 2939 -34.67 -17.83 33.11
N GLY A 2940 -34.60 -16.93 32.14
CA GLY A 2940 -35.76 -16.58 31.34
C GLY A 2940 -36.62 -15.57 32.07
N ALA A 2941 -37.93 -15.69 31.95
CA ALA A 2941 -38.94 -14.96 32.70
C ALA A 2941 -39.09 -13.50 32.27
N GLY A 2942 -38.28 -12.99 31.34
CA GLY A 2942 -38.44 -11.67 30.76
C GLY A 2942 -37.26 -10.76 30.91
N LYS A 2943 -36.41 -10.94 31.92
CA LYS A 2943 -35.25 -10.08 32.08
C LYS A 2943 -34.31 -10.26 30.91
N THR A 2944 -33.73 -9.15 30.44
CA THR A 2944 -32.98 -8.98 29.20
C THR A 2944 -33.91 -8.89 27.99
N THR A 2945 -35.20 -9.11 28.14
CA THR A 2945 -36.21 -8.88 27.12
C THR A 2945 -37.18 -7.77 27.51
N LEU A 2946 -37.51 -7.67 28.79
CA LEU A 2946 -38.30 -6.53 29.27
C LEU A 2946 -37.44 -5.28 29.38
N SER A 2947 -36.18 -5.44 29.81
CA SER A 2947 -35.30 -4.28 29.89
C SER A 2947 -35.10 -3.65 28.53
N ARG A 2948 -34.84 -4.47 27.52
CA ARG A 2948 -34.70 -3.97 26.16
C ARG A 2948 -36.00 -3.34 25.67
N PHE A 2949 -37.13 -3.96 26.02
CA PHE A 2949 -38.42 -3.44 25.57
C PHE A 2949 -38.71 -2.06 26.15
N VAL A 2950 -38.52 -1.91 27.46
CA VAL A 2950 -38.79 -0.62 28.09
C VAL A 2950 -37.76 0.42 27.63
N ALA A 2951 -36.50 0.00 27.42
CA ALA A 2951 -35.51 0.92 26.91
C ALA A 2951 -35.90 1.42 25.52
N TRP A 2952 -36.40 0.53 24.67
CA TRP A 2952 -36.89 0.96 23.37
C TRP A 2952 -38.07 1.91 23.51
N MET A 2953 -38.99 1.60 24.43
CA MET A 2953 -40.18 2.44 24.59
C MET A 2953 -39.80 3.85 25.03
N ASN A 2954 -38.87 3.96 25.99
CA ASN A 2954 -38.47 5.25 26.53
C ASN A 2954 -37.35 5.91 25.74
N GLY A 2955 -36.93 5.33 24.61
CA GLY A 2955 -35.97 5.97 23.75
C GLY A 2955 -34.53 5.89 24.20
N LEU A 2956 -34.20 5.01 25.15
CA LEU A 2956 -32.86 4.90 25.67
C LEU A 2956 -32.04 3.98 24.77
N SER A 2957 -30.98 4.52 24.16
CA SER A 2957 -30.10 3.71 23.34
C SER A 2957 -29.38 2.70 24.23
N VAL A 2958 -29.51 1.42 23.91
CA VAL A 2958 -29.03 0.34 24.75
C VAL A 2958 -27.56 0.09 24.46
N TYR A 2959 -26.74 0.09 25.52
CA TYR A 2959 -25.32 -0.24 25.44
C TYR A 2959 -25.06 -1.48 26.26
N GLN A 2960 -24.38 -2.45 25.66
CA GLN A 2960 -24.03 -3.70 26.33
C GLN A 2960 -22.55 -3.96 26.13
N ILE A 2961 -21.86 -4.28 27.23
CA ILE A 2961 -20.42 -4.51 27.19
C ILE A 2961 -20.13 -5.86 26.55
N LYS A 2962 -19.07 -5.92 25.76
CA LYS A 2962 -18.66 -7.11 25.01
C LYS A 2962 -17.28 -7.51 25.51
N VAL A 2963 -17.24 -8.34 26.55
CA VAL A 2963 -15.97 -8.77 27.14
C VAL A 2963 -15.35 -9.84 26.25
N HIS A 2964 -14.07 -9.64 25.91
CA HIS A 2964 -13.27 -10.58 25.16
C HIS A 2964 -12.33 -11.29 26.13
N ARG A 2965 -11.58 -12.27 25.64
CA ARG A 2965 -10.42 -12.75 26.37
C ARG A 2965 -9.28 -11.74 26.24
N LYS A 2966 -8.47 -11.66 27.30
CA LYS A 2966 -7.48 -10.59 27.44
C LYS A 2966 -8.16 -9.22 27.37
N TYR A 2967 -9.35 -9.13 27.98
CA TYR A 2967 -10.11 -7.89 28.08
C TYR A 2967 -9.72 -7.21 29.39
N THR A 2968 -8.58 -6.53 29.34
CA THR A 2968 -8.03 -5.89 30.53
C THR A 2968 -8.96 -4.79 31.03
N GLY A 2969 -8.65 -4.32 32.24
CA GLY A 2969 -9.44 -3.25 32.84
C GLY A 2969 -9.37 -1.95 32.06
N GLU A 2970 -8.33 -1.75 31.26
CA GLU A 2970 -8.26 -0.55 30.43
C GLU A 2970 -9.33 -0.55 29.36
N ASP A 2971 -9.67 -1.72 28.81
CA ASP A 2971 -10.75 -1.79 27.82
C ASP A 2971 -12.09 -1.43 28.44
N PHE A 2972 -12.36 -1.95 29.64
CA PHE A 2972 -13.57 -1.56 30.35
C PHE A 2972 -13.56 -0.07 30.67
N ASP A 2973 -12.37 0.46 31.01
CA ASP A 2973 -12.24 1.89 31.25
C ASP A 2973 -12.59 2.69 30.00
N GLU A 2974 -12.13 2.26 28.84
CA GLU A 2974 -12.42 2.97 27.60
C GLU A 2974 -13.90 2.89 27.26
N ASP A 2975 -14.51 1.72 27.45
CA ASP A 2975 -15.95 1.59 27.22
C ASP A 2975 -16.73 2.52 28.13
N LEU A 2976 -16.34 2.58 29.40
CA LEU A 2976 -17.01 3.48 30.34
C LEU A 2976 -16.80 4.93 29.92
N ARG A 2977 -15.61 5.25 29.41
CA ARG A 2977 -15.36 6.61 28.92
C ARG A 2977 -16.30 6.96 27.78
N THR A 2978 -16.46 6.03 26.83
CA THR A 2978 -17.30 6.31 25.67
C THR A 2978 -18.76 6.50 26.08
N VAL A 2979 -19.28 5.60 26.91
CA VAL A 2979 -20.69 5.72 27.30
C VAL A 2979 -20.91 6.96 28.15
N LEU A 2980 -19.93 7.30 29.01
CA LEU A 2980 -20.07 8.49 29.83
C LEU A 2980 -20.04 9.75 28.97
N ARG A 2981 -19.17 9.79 27.96
CA ARG A 2981 -19.15 10.93 27.05
C ARG A 2981 -20.47 11.07 26.32
N ARG A 2982 -21.03 9.94 25.86
CA ARG A 2982 -22.31 9.99 25.16
C ARG A 2982 -23.42 10.46 26.09
N SER A 2983 -23.44 9.97 27.33
CA SER A 2983 -24.55 10.29 28.24
C SER A 2983 -24.48 11.71 28.76
N GLY A 2984 -23.28 12.21 29.08
CA GLY A 2984 -23.12 13.51 29.69
C GLY A 2984 -22.94 14.64 28.70
N CYS A 2985 -21.96 14.50 27.80
CA CYS A 2985 -21.68 15.58 26.85
C CYS A 2985 -22.80 15.72 25.84
N LYS A 2986 -23.23 14.61 25.23
CA LYS A 2986 -24.24 14.65 24.17
C LYS A 2986 -25.66 14.59 24.70
N ASN A 2987 -25.86 14.36 25.99
CA ASN A 2987 -27.19 14.33 26.59
C ASN A 2987 -28.07 13.25 25.96
N GLU A 2988 -27.48 12.08 25.71
CA GLU A 2988 -28.16 10.95 25.11
C GLU A 2988 -28.42 9.91 26.20
N LYS A 2989 -29.68 9.71 26.55
CA LYS A 2989 -30.04 8.74 27.57
C LYS A 2989 -29.62 7.33 27.14
N ILE A 2990 -29.00 6.60 28.06
CA ILE A 2990 -28.49 5.25 27.79
C ILE A 2990 -28.96 4.33 28.90
N ALA A 2991 -29.39 3.13 28.53
CA ALA A 2991 -29.66 2.05 29.46
C ALA A 2991 -28.48 1.08 29.35
N PHE A 2992 -27.61 1.11 30.35
CA PHE A 2992 -26.36 0.35 30.33
C PHE A 2992 -26.65 -1.04 30.87
N ILE A 2993 -26.98 -1.96 29.96
CA ILE A 2993 -27.40 -3.31 30.34
C ILE A 2993 -26.15 -4.16 30.58
N MET A 2994 -26.14 -4.88 31.70
CA MET A 2994 -25.07 -5.79 32.06
C MET A 2994 -25.66 -7.13 32.48
N ASP A 2995 -25.05 -8.22 32.04
CA ASP A 2995 -25.53 -9.57 32.28
C ASP A 2995 -24.45 -10.38 33.00
N GLU A 2996 -24.89 -11.41 33.73
CA GLU A 2996 -23.96 -12.22 34.50
C GLU A 2996 -22.96 -12.94 33.60
N SER A 2997 -23.30 -13.17 32.34
CA SER A 2997 -22.39 -13.86 31.44
C SER A 2997 -21.11 -13.05 31.22
N ASN A 2998 -21.25 -11.76 30.92
CA ASN A 2998 -20.11 -10.87 30.72
C ASN A 2998 -19.65 -10.19 32.00
N VAL A 2999 -20.24 -10.53 33.15
CA VAL A 2999 -19.85 -10.01 34.46
C VAL A 2999 -19.22 -11.18 35.23
N LEU A 3000 -18.54 -12.06 34.49
CA LEU A 3000 -17.89 -13.21 35.13
C LEU A 3000 -16.77 -12.74 36.06
N ASP A 3001 -16.01 -11.73 35.67
CA ASP A 3001 -14.95 -11.17 36.48
C ASP A 3001 -15.53 -10.08 37.39
N SER A 3002 -15.23 -10.19 38.68
CA SER A 3002 -15.65 -9.18 39.66
C SER A 3002 -14.65 -8.03 39.79
N GLY A 3003 -13.48 -8.13 39.14
CA GLY A 3003 -12.50 -7.07 39.27
C GLY A 3003 -12.95 -5.75 38.67
N PHE A 3004 -13.71 -5.81 37.58
CA PHE A 3004 -14.20 -4.61 36.90
C PHE A 3004 -15.53 -4.11 37.45
N LEU A 3005 -16.19 -4.87 38.33
CA LEU A 3005 -17.48 -4.49 38.87
C LEU A 3005 -17.38 -3.58 40.10
N GLU A 3006 -16.17 -3.25 40.53
CA GLU A 3006 -15.96 -2.27 41.59
C GLU A 3006 -15.57 -0.90 41.03
N ARG A 3007 -15.18 -0.83 39.75
CA ARG A 3007 -15.16 0.46 39.07
C ARG A 3007 -16.57 0.98 38.85
N MET A 3008 -17.54 0.08 38.68
CA MET A 3008 -18.90 0.51 38.42
C MET A 3008 -19.59 1.05 39.67
N ASN A 3009 -19.13 0.61 40.85
CA ASN A 3009 -19.78 1.04 42.09
C ASN A 3009 -19.65 2.54 42.30
N THR A 3010 -18.50 3.11 41.92
CA THR A 3010 -18.34 4.56 42.00
C THR A 3010 -19.35 5.26 41.10
N LEU A 3011 -19.55 4.73 39.90
CA LEU A 3011 -20.54 5.31 38.99
C LEU A 3011 -21.94 5.22 39.59
N LEU A 3012 -22.28 4.06 40.16
CA LEU A 3012 -23.63 3.89 40.70
C LEU A 3012 -23.87 4.80 41.89
N ALA A 3013 -22.86 5.03 42.72
CA ALA A 3013 -23.04 5.83 43.93
C ALA A 3013 -22.93 7.33 43.69
N ASN A 3014 -22.09 7.76 42.74
CA ASN A 3014 -21.79 9.17 42.54
C ASN A 3014 -22.01 9.66 41.11
N GLY A 3015 -22.08 8.77 40.12
CA GLY A 3015 -22.25 9.18 38.74
C GLY A 3015 -20.99 9.62 38.04
N GLU A 3016 -19.88 9.76 38.77
CA GLU A 3016 -18.59 10.11 38.19
C GLU A 3016 -17.54 9.17 38.78
N VAL A 3017 -16.66 8.69 37.92
CA VAL A 3017 -15.58 7.80 38.31
C VAL A 3017 -14.26 8.55 38.10
N PRO A 3018 -13.68 9.12 39.16
CA PRO A 3018 -12.44 9.89 38.96
C PRO A 3018 -11.29 9.01 38.49
N GLY A 3019 -10.42 9.61 37.68
CA GLY A 3019 -9.30 8.92 37.08
C GLY A 3019 -9.56 8.36 35.70
N LEU A 3020 -10.81 8.36 35.23
CA LEU A 3020 -11.09 7.86 33.88
C LEU A 3020 -10.48 8.76 32.82
N PHE A 3021 -10.73 10.07 32.92
CA PHE A 3021 -10.41 11.01 31.86
C PHE A 3021 -9.09 11.73 32.10
N GLU A 3022 -8.23 11.21 32.97
CA GLU A 3022 -6.96 11.86 33.28
C GLU A 3022 -6.09 11.98 32.04
N GLY A 3023 -5.46 13.14 31.89
CA GLY A 3023 -4.61 13.43 30.75
C GLY A 3023 -5.28 14.32 29.72
N ASP A 3024 -4.88 14.18 28.45
CA ASP A 3024 -5.49 14.97 27.39
C ASP A 3024 -6.98 14.65 27.24
N GLU A 3025 -7.40 13.45 27.64
CA GLU A 3025 -8.81 13.11 27.65
C GLU A 3025 -9.61 14.09 28.51
N TYR A 3026 -9.01 14.59 29.60
CA TYR A 3026 -9.68 15.61 30.39
C TYR A 3026 -9.91 16.87 29.57
N ALA A 3027 -8.92 17.28 28.79
CA ALA A 3027 -9.08 18.48 27.97
C ALA A 3027 -10.15 18.30 26.91
N THR A 3028 -10.14 17.15 26.22
CA THR A 3028 -11.15 16.91 25.19
C THR A 3028 -12.55 16.83 25.80
N LEU A 3029 -12.68 16.16 26.94
CA LEU A 3029 -13.97 16.08 27.60
C LEU A 3029 -14.43 17.45 28.08
N MET A 3030 -13.51 18.28 28.55
CA MET A 3030 -13.88 19.64 28.95
C MET A 3030 -14.38 20.44 27.77
N THR A 3031 -13.72 20.30 26.61
CA THR A 3031 -14.16 21.00 25.41
C THR A 3031 -15.58 20.56 25.01
N GLN A 3032 -15.78 19.24 24.93
CA GLN A 3032 -17.10 18.73 24.55
C GLN A 3032 -18.15 19.09 25.60
N CYS A 3033 -17.77 19.10 26.87
CA CYS A 3033 -18.69 19.44 27.94
C CYS A 3033 -19.14 20.89 27.86
N LYS A 3034 -18.21 21.81 27.59
CA LYS A 3034 -18.60 23.20 27.44
C LYS A 3034 -19.43 23.40 26.18
N GLU A 3035 -19.14 22.65 25.12
CA GLU A 3035 -19.99 22.70 23.93
C GLU A 3035 -21.42 22.26 24.27
N GLY A 3036 -21.55 21.17 25.01
CA GLY A 3036 -22.87 20.71 25.41
C GLY A 3036 -23.58 21.70 26.31
N ALA A 3037 -22.84 22.33 27.24
CA ALA A 3037 -23.44 23.31 28.12
C ALA A 3037 -23.93 24.53 27.32
N GLN A 3038 -23.15 24.96 26.33
CA GLN A 3038 -23.59 26.03 25.45
C GLN A 3038 -24.85 25.62 24.69
N LYS A 3039 -24.90 24.36 24.26
CA LYS A 3039 -26.12 23.86 23.60
C LYS A 3039 -27.31 23.95 24.53
N GLU A 3040 -27.13 23.57 25.81
CA GLU A 3040 -28.21 23.64 26.78
C GLU A 3040 -28.52 25.06 27.22
N GLY A 3041 -27.67 26.03 26.92
CA GLY A 3041 -27.92 27.41 27.24
C GLY A 3041 -27.24 27.94 28.48
N LEU A 3042 -26.33 27.17 29.09
CA LEU A 3042 -25.61 27.59 30.28
C LEU A 3042 -24.16 27.88 29.91
N MET A 3043 -23.68 29.06 30.30
CA MET A 3043 -22.31 29.50 30.03
C MET A 3043 -21.46 29.22 31.26
N LEU A 3044 -20.53 28.28 31.13
CA LEU A 3044 -19.66 27.86 32.21
C LEU A 3044 -18.20 27.99 31.77
N ASP A 3045 -17.35 28.43 32.69
CA ASP A 3045 -15.94 28.66 32.43
C ASP A 3045 -15.02 27.73 33.21
N SER A 3046 -15.19 27.67 34.54
CA SER A 3046 -14.28 26.89 35.38
C SER A 3046 -14.41 25.40 35.07
N HIS A 3047 -13.27 24.71 35.07
CA HIS A 3047 -13.27 23.28 34.81
C HIS A 3047 -14.00 22.50 35.89
N GLU A 3048 -13.91 22.95 37.15
CA GLU A 3048 -14.59 22.25 38.23
C GLU A 3048 -16.11 22.32 38.06
N GLU A 3049 -16.63 23.49 37.73
CA GLU A 3049 -18.07 23.63 37.52
C GLU A 3049 -18.52 22.83 36.30
N LEU A 3050 -17.73 22.83 35.23
CA LEU A 3050 -18.07 22.03 34.06
C LEU A 3050 -18.09 20.55 34.39
N TYR A 3051 -17.12 20.08 35.19
CA TYR A 3051 -17.11 18.68 35.58
C TYR A 3051 -18.32 18.36 36.45
N LYS A 3052 -18.72 19.28 37.33
CA LYS A 3052 -19.89 19.05 38.16
C LYS A 3052 -21.15 18.95 37.30
N TRP A 3053 -21.27 19.83 36.30
CA TRP A 3053 -22.42 19.77 35.40
C TRP A 3053 -22.41 18.47 34.59
N PHE A 3054 -21.23 18.03 34.15
CA PHE A 3054 -21.12 16.75 33.46
C PHE A 3054 -21.56 15.60 34.36
N THR A 3055 -21.16 15.64 35.63
CA THR A 3055 -21.58 14.62 36.58
C THR A 3055 -23.10 14.64 36.77
N SER A 3056 -23.69 15.83 36.85
CA SER A 3056 -25.15 15.92 36.99
C SER A 3056 -25.84 15.35 35.76
N GLN A 3057 -25.30 15.63 34.56
CA GLN A 3057 -25.88 15.07 33.35
C GLN A 3057 -25.77 13.55 33.33
N VAL A 3058 -24.65 13.01 33.82
CA VAL A 3058 -24.49 11.56 33.87
C VAL A 3058 -25.48 10.95 34.87
N ILE A 3059 -25.70 11.65 35.99
CA ILE A 3059 -26.74 11.21 36.93
C ILE A 3059 -28.10 11.16 36.25
N ARG A 3060 -28.43 12.21 35.50
CA ARG A 3060 -29.75 12.26 34.87
C ARG A 3060 -29.92 11.19 33.81
N ASN A 3061 -28.90 11.01 32.95
CA ASN A 3061 -29.07 10.29 31.69
C ASN A 3061 -28.70 8.82 31.81
N LEU A 3062 -27.45 8.52 32.16
CA LEU A 3062 -26.98 7.14 32.12
C LEU A 3062 -27.64 6.31 33.21
N HIS A 3063 -28.24 5.18 32.80
CA HIS A 3063 -28.81 4.21 33.72
C HIS A 3063 -28.09 2.87 33.52
N VAL A 3064 -28.11 2.05 34.58
CA VAL A 3064 -27.49 0.74 34.58
C VAL A 3064 -28.55 -0.28 34.91
N VAL A 3065 -28.64 -1.33 34.10
CA VAL A 3065 -29.60 -2.42 34.30
C VAL A 3065 -28.79 -3.70 34.42
N PHE A 3066 -28.58 -4.16 35.65
CA PHE A 3066 -27.96 -5.44 35.90
C PHE A 3066 -29.02 -6.54 35.83
N THR A 3067 -28.65 -7.67 35.26
CA THR A 3067 -29.51 -8.85 35.19
C THR A 3067 -28.74 -10.03 35.78
N MET A 3068 -29.33 -10.67 36.79
CA MET A 3068 -28.68 -11.77 37.48
C MET A 3068 -29.69 -12.89 37.72
N ASN A 3069 -29.15 -14.08 37.96
CA ASN A 3069 -29.90 -15.21 38.45
C ASN A 3069 -29.81 -15.27 39.97
N PRO A 3070 -30.68 -16.03 40.64
CA PRO A 3070 -30.57 -16.15 42.10
C PRO A 3070 -29.23 -16.75 42.52
N SER A 3071 -29.02 -16.78 43.83
CA SER A 3071 -27.71 -17.13 44.39
C SER A 3071 -27.46 -18.63 44.25
N SER A 3072 -27.25 -19.05 43.01
CA SER A 3072 -26.71 -20.36 42.67
C SER A 3072 -25.34 -20.27 42.03
N GLU A 3073 -24.78 -19.08 41.90
CA GLU A 3073 -23.47 -18.87 41.27
C GLU A 3073 -22.34 -18.92 42.29
N GLY A 3074 -22.32 -19.98 43.11
CA GLY A 3074 -21.26 -20.13 44.09
C GLY A 3074 -19.91 -20.36 43.45
N LEU A 3075 -19.86 -21.07 42.32
CA LEU A 3075 -18.61 -21.35 41.65
C LEU A 3075 -17.97 -20.07 41.10
N LYS A 3076 -18.78 -19.08 40.75
CA LYS A 3076 -18.26 -17.83 40.23
C LYS A 3076 -17.52 -17.07 41.31
N ASP A 3077 -16.61 -16.19 40.87
CA ASP A 3077 -15.87 -15.35 41.82
C ASP A 3077 -16.80 -14.42 42.58
N ARG A 3078 -17.94 -14.06 41.99
CA ARG A 3078 -18.92 -13.23 42.69
C ARG A 3078 -19.46 -13.95 43.92
N ALA A 3079 -19.73 -15.24 43.81
CA ALA A 3079 -20.53 -15.98 44.80
C ALA A 3079 -21.84 -15.21 44.91
N ALA A 3080 -22.26 -14.80 46.10
CA ALA A 3080 -23.23 -13.70 46.21
C ALA A 3080 -22.47 -12.40 46.02
N THR A 3081 -22.88 -11.61 45.03
CA THR A 3081 -22.17 -10.37 44.74
C THR A 3081 -22.22 -9.43 45.95
N SER A 3082 -21.39 -8.39 45.90
CA SER A 3082 -21.12 -7.59 47.08
C SER A 3082 -22.41 -6.90 47.55
N PRO A 3083 -22.62 -6.77 48.86
CA PRO A 3083 -23.83 -6.06 49.32
C PRO A 3083 -23.85 -4.59 48.91
N ALA A 3084 -22.69 -4.01 48.60
CA ALA A 3084 -22.66 -2.65 48.06
C ALA A 3084 -23.42 -2.58 46.74
N LEU A 3085 -23.25 -3.59 45.89
CA LEU A 3085 -23.96 -3.60 44.60
C LEU A 3085 -25.46 -3.70 44.82
N PHE A 3086 -25.90 -4.53 45.77
CA PHE A 3086 -27.32 -4.60 46.10
C PHE A 3086 -27.83 -3.26 46.61
N ASN A 3087 -27.04 -2.59 47.45
CA ASN A 3087 -27.49 -1.32 48.02
C ASN A 3087 -27.59 -0.24 46.95
N ARG A 3088 -26.64 -0.19 46.02
CA ARG A 3088 -26.58 0.91 45.06
C ARG A 3088 -27.75 0.87 44.08
N CYS A 3089 -28.16 -0.31 43.64
CA CYS A 3089 -29.24 -0.46 42.67
C CYS A 3089 -30.58 -0.64 43.38
N VAL A 3090 -31.66 -0.51 42.61
CA VAL A 3090 -33.00 -0.87 43.05
C VAL A 3090 -33.26 -2.30 42.60
N LEU A 3091 -33.52 -3.18 43.54
CA LEU A 3091 -33.61 -4.61 43.26
C LEU A 3091 -35.04 -5.01 42.95
N ASN A 3092 -35.19 -5.88 41.95
CA ASN A 3092 -36.49 -6.34 41.49
C ASN A 3092 -36.45 -7.85 41.35
N TRP A 3093 -37.27 -8.54 42.15
CA TRP A 3093 -37.35 -10.00 42.10
C TRP A 3093 -38.31 -10.41 41.00
N PHE A 3094 -37.78 -11.01 39.93
CA PHE A 3094 -38.64 -11.42 38.83
C PHE A 3094 -39.45 -12.66 39.17
N GLY A 3095 -38.84 -13.64 39.82
CA GLY A 3095 -39.56 -14.84 40.18
C GLY A 3095 -39.84 -15.71 38.97
N ASP A 3096 -40.74 -16.68 39.20
CA ASP A 3096 -41.16 -17.64 38.19
C ASP A 3096 -42.64 -17.46 37.91
N TRP A 3097 -43.03 -17.79 36.67
CA TRP A 3097 -44.40 -17.56 36.24
C TRP A 3097 -45.37 -18.42 37.05
N SER A 3098 -46.45 -17.79 37.53
CA SER A 3098 -47.44 -18.50 38.33
C SER A 3098 -48.38 -19.27 37.41
N THR A 3099 -49.43 -19.85 37.98
CA THR A 3099 -50.40 -20.57 37.16
C THR A 3099 -51.11 -19.64 36.19
N GLU A 3100 -51.47 -18.44 36.64
CA GLU A 3100 -52.15 -17.49 35.77
C GLU A 3100 -51.26 -17.04 34.62
N ALA A 3101 -49.98 -16.81 34.90
CA ALA A 3101 -49.06 -16.40 33.84
C ALA A 3101 -48.91 -17.49 32.78
N LEU A 3102 -48.77 -18.74 33.22
CA LEU A 3102 -48.70 -19.85 32.28
C LEU A 3102 -49.98 -19.98 31.48
N TYR A 3103 -51.12 -19.83 32.13
CA TYR A 3103 -52.40 -19.92 31.45
C TYR A 3103 -52.54 -18.85 30.38
N GLN A 3104 -52.18 -17.61 30.72
CA GLN A 3104 -52.35 -16.50 29.78
C GLN A 3104 -51.34 -16.58 28.64
N VAL A 3105 -50.09 -16.92 28.92
CA VAL A 3105 -49.10 -17.06 27.86
C VAL A 3105 -49.36 -18.29 27.01
N GLY A 3106 -50.14 -19.25 27.51
CA GLY A 3106 -50.56 -20.37 26.69
C GLY A 3106 -51.73 -20.02 25.80
N LYS A 3107 -52.71 -19.26 26.33
CA LYS A 3107 -53.89 -18.94 25.55
C LYS A 3107 -53.57 -18.07 24.35
N GLU A 3108 -52.70 -17.07 24.52
CA GLU A 3108 -52.39 -16.15 23.44
C GLU A 3108 -51.35 -16.69 22.46
N PHE A 3109 -50.76 -17.86 22.73
CA PHE A 3109 -49.91 -18.54 21.76
C PHE A 3109 -50.63 -19.65 21.01
N THR A 3110 -51.67 -20.24 21.61
CA THR A 3110 -52.47 -21.28 20.98
C THR A 3110 -53.85 -20.77 20.59
N SER A 3111 -53.99 -19.46 20.37
CA SER A 3111 -55.26 -18.88 19.93
C SER A 3111 -55.46 -19.00 18.43
N LYS A 3112 -54.37 -19.00 17.66
CA LYS A 3112 -54.47 -19.20 16.22
C LYS A 3112 -54.85 -20.62 15.85
N MET A 3113 -54.71 -21.57 16.78
CA MET A 3113 -55.04 -22.96 16.51
C MET A 3113 -56.55 -23.17 16.61
N ASP A 3114 -57.05 -24.14 15.84
CA ASP A 3114 -58.47 -24.46 15.85
C ASP A 3114 -58.74 -25.58 16.85
N LEU A 3115 -58.66 -25.22 18.13
CA LEU A 3115 -58.90 -26.14 19.24
C LEU A 3115 -60.35 -26.12 19.69
N GLU A 3116 -61.28 -25.77 18.80
CA GLU A 3116 -62.69 -25.62 19.16
C GLU A 3116 -63.45 -26.90 18.83
N LYS A 3117 -64.24 -27.37 19.78
CA LYS A 3117 -65.08 -28.56 19.62
C LYS A 3117 -66.47 -28.22 20.13
N PRO A 3118 -67.49 -28.10 19.26
CA PRO A 3118 -68.82 -27.72 19.78
C PRO A 3118 -69.46 -28.78 20.66
N ASN A 3119 -69.01 -30.03 20.61
CA ASN A 3119 -69.61 -31.14 21.35
C ASN A 3119 -68.78 -31.54 22.56
N TYR A 3120 -67.90 -30.66 23.05
CA TYR A 3120 -67.07 -30.99 24.21
C TYR A 3120 -67.95 -31.14 25.44
N VAL A 3121 -68.12 -32.39 25.89
CA VAL A 3121 -68.89 -32.66 27.10
C VAL A 3121 -67.98 -32.38 28.29
N VAL A 3122 -68.30 -31.33 29.05
CA VAL A 3122 -67.47 -31.00 30.21
C VAL A 3122 -67.54 -32.13 31.22
N PRO A 3123 -66.43 -32.54 31.86
CA PRO A 3123 -66.54 -33.62 32.84
C PRO A 3123 -67.28 -33.16 34.08
N ASP A 3124 -67.87 -34.13 34.79
CA ASP A 3124 -68.62 -33.81 36.00
C ASP A 3124 -67.72 -33.17 37.05
N TYR A 3125 -66.51 -33.70 37.23
CA TYR A 3125 -65.52 -33.16 38.15
C TYR A 3125 -64.19 -33.09 37.41
N MET A 3126 -63.70 -31.84 37.16
CA MET A 3126 -62.47 -31.62 36.44
C MET A 3126 -61.34 -31.28 37.40
N PRO A 3127 -60.08 -31.69 37.12
CA PRO A 3127 -58.96 -31.18 37.92
C PRO A 3127 -58.45 -29.87 37.33
N VAL A 3128 -58.18 -28.88 38.16
CA VAL A 3128 -57.86 -27.52 37.72
C VAL A 3128 -56.55 -27.07 38.36
N VAL A 3129 -55.66 -26.52 37.55
CA VAL A 3129 -54.52 -25.78 38.07
C VAL A 3129 -54.83 -24.29 38.18
N TYR A 3130 -55.65 -23.76 37.28
CA TYR A 3130 -56.02 -22.35 37.25
C TYR A 3130 -57.39 -22.22 37.91
N ASP A 3131 -57.40 -21.76 39.16
CA ASP A 3131 -58.65 -21.66 39.92
C ASP A 3131 -59.65 -20.73 39.26
N LYS A 3132 -59.20 -19.77 38.47
CA LYS A 3132 -60.07 -18.80 37.79
C LYS A 3132 -60.34 -19.19 36.34
N LEU A 3133 -60.42 -20.49 36.06
CA LEU A 3133 -60.76 -20.91 34.70
C LEU A 3133 -62.18 -20.46 34.37
N PRO A 3134 -62.49 -20.10 33.12
CA PRO A 3134 -63.89 -19.90 32.75
C PRO A 3134 -64.69 -21.17 32.97
N GLN A 3135 -65.91 -21.01 33.49
CA GLN A 3135 -66.75 -22.13 33.89
C GLN A 3135 -68.14 -21.96 33.26
N PRO A 3136 -68.70 -22.99 32.60
CA PRO A 3136 -68.15 -24.32 32.29
C PRO A 3136 -67.02 -24.21 31.25
N PRO A 3137 -65.84 -24.80 31.43
CA PRO A 3137 -64.77 -24.58 30.45
C PRO A 3137 -65.10 -25.15 29.09
N SER A 3138 -64.64 -24.45 28.05
CA SER A 3138 -64.76 -24.91 26.68
C SER A 3138 -63.54 -25.77 26.33
N HIS A 3139 -63.48 -26.21 25.07
CA HIS A 3139 -62.38 -27.08 24.66
C HIS A 3139 -61.04 -26.35 24.69
N ARG A 3140 -61.01 -25.11 24.21
CA ARG A 3140 -59.76 -24.36 24.23
C ARG A 3140 -59.30 -24.12 25.66
N GLU A 3141 -60.23 -23.76 26.55
CA GLU A 3141 -59.88 -23.53 27.95
C GLU A 3141 -59.33 -24.81 28.59
N ALA A 3142 -59.98 -25.94 28.34
CA ALA A 3142 -59.52 -27.20 28.90
C ALA A 3142 -58.16 -27.58 28.35
N ILE A 3143 -57.93 -27.35 27.06
CA ILE A 3143 -56.65 -27.71 26.45
C ILE A 3143 -55.53 -26.86 27.03
N VAL A 3144 -55.77 -25.57 27.22
CA VAL A 3144 -54.72 -24.72 27.79
C VAL A 3144 -54.49 -25.07 29.26
N ASN A 3145 -55.55 -25.42 29.98
CA ASN A 3145 -55.39 -25.84 31.37
C ASN A 3145 -54.56 -27.13 31.44
N SER A 3146 -54.78 -28.05 30.51
CA SER A 3146 -53.95 -29.24 30.44
C SER A 3146 -52.50 -28.90 30.08
N CYS A 3147 -52.31 -27.93 29.18
CA CYS A 3147 -50.96 -27.49 28.84
C CYS A 3147 -50.24 -26.92 30.05
N VAL A 3148 -50.96 -26.29 30.98
CA VAL A 3148 -50.34 -25.84 32.23
C VAL A 3148 -50.15 -27.01 33.20
N PHE A 3149 -51.05 -28.00 33.16
CA PHE A 3149 -50.84 -29.21 33.94
C PHE A 3149 -49.53 -29.87 33.59
N VAL A 3150 -49.13 -29.82 32.32
CA VAL A 3150 -47.86 -30.41 31.91
C VAL A 3150 -46.72 -29.77 32.70
N HIS A 3151 -46.68 -28.44 32.71
CA HIS A 3151 -45.61 -27.72 33.42
C HIS A 3151 -45.65 -28.01 34.92
N GLN A 3152 -46.86 -28.00 35.50
CA GLN A 3152 -46.96 -28.21 36.94
C GLN A 3152 -46.52 -29.62 37.33
N THR A 3153 -46.96 -30.63 36.57
CA THR A 3153 -46.55 -32.00 36.85
C THR A 3153 -45.05 -32.19 36.65
N LEU A 3154 -44.47 -31.51 35.65
CA LEU A 3154 -43.02 -31.63 35.47
C LEU A 3154 -42.26 -31.01 36.63
N HIS A 3155 -42.74 -29.86 37.13
CA HIS A 3155 -42.11 -29.26 38.31
C HIS A 3155 -42.22 -30.20 39.51
N GLN A 3156 -43.40 -30.81 39.70
CA GLN A 3156 -43.56 -31.75 40.81
C GLN A 3156 -42.64 -32.95 40.65
N ALA A 3157 -42.49 -33.46 39.42
CA ALA A 3157 -41.62 -34.60 39.19
C ALA A 3157 -40.16 -34.25 39.48
N ASN A 3158 -39.72 -33.07 39.06
CA ASN A 3158 -38.34 -32.67 39.35
C ASN A 3158 -38.13 -32.49 40.85
N ALA A 3159 -39.12 -31.93 41.55
CA ALA A 3159 -39.01 -31.82 43.01
C ALA A 3159 -38.93 -33.20 43.65
N ARG A 3160 -39.73 -34.15 43.18
CA ARG A 3160 -39.67 -35.51 43.71
C ARG A 3160 -38.31 -36.14 43.45
N LEU A 3161 -37.76 -35.94 42.26
CA LEU A 3161 -36.44 -36.48 41.94
C LEU A 3161 -35.38 -35.87 42.85
N ALA A 3162 -35.51 -34.58 43.17
CA ALA A 3162 -34.62 -33.98 44.16
C ALA A 3162 -34.80 -34.63 45.52
N LYS A 3163 -36.05 -35.00 45.86
CA LYS A 3163 -36.31 -35.61 47.16
C LYS A 3163 -35.58 -36.93 47.33
N ARG A 3164 -35.54 -37.75 46.27
CA ARG A 3164 -34.89 -39.06 46.32
C ARG A 3164 -33.41 -38.99 45.96
N GLY A 3165 -32.81 -37.80 45.95
CA GLY A 3165 -31.38 -37.67 45.74
C GLY A 3165 -30.92 -37.69 44.30
N GLY A 3166 -31.83 -37.85 43.34
CA GLY A 3166 -31.43 -37.87 41.95
C GLY A 3166 -30.99 -36.51 41.44
N ARG A 3167 -30.28 -36.53 40.31
CA ARG A 3167 -29.80 -35.30 39.70
C ARG A 3167 -30.95 -34.59 39.02
N THR A 3168 -31.30 -33.41 39.50
CA THR A 3168 -32.38 -32.61 38.94
C THR A 3168 -31.83 -31.62 37.90
N MET A 3169 -32.75 -31.09 37.10
CA MET A 3169 -32.43 -30.11 36.07
C MET A 3169 -33.42 -28.96 36.19
N ALA A 3170 -32.92 -27.74 35.99
CA ALA A 3170 -33.72 -26.55 36.17
C ALA A 3170 -34.87 -26.50 35.16
N ILE A 3171 -36.06 -26.18 35.63
CA ILE A 3171 -37.25 -26.00 34.80
C ILE A 3171 -37.60 -24.53 34.82
N THR A 3172 -37.69 -23.93 33.64
CA THR A 3172 -37.82 -22.48 33.46
C THR A 3172 -38.97 -22.18 32.54
N PRO A 3173 -39.39 -20.90 32.46
CA PRO A 3173 -40.47 -20.56 31.52
C PRO A 3173 -40.16 -20.86 30.07
N ARG A 3174 -38.89 -20.84 29.67
CA ARG A 3174 -38.56 -21.13 28.28
C ARG A 3174 -38.93 -22.56 27.91
N HIS A 3175 -38.92 -23.46 28.89
CA HIS A 3175 -39.45 -24.81 28.63
C HIS A 3175 -40.91 -24.73 28.22
N TYR A 3176 -41.70 -23.92 28.91
CA TYR A 3176 -43.12 -23.79 28.57
C TYR A 3176 -43.29 -23.15 27.20
N LEU A 3177 -42.51 -22.13 26.89
CA LEU A 3177 -42.62 -21.50 25.56
C LEU A 3177 -42.24 -22.49 24.47
N ASP A 3178 -41.18 -23.27 24.68
CA ASP A 3178 -40.80 -24.28 23.70
C ASP A 3178 -41.88 -25.35 23.55
N PHE A 3179 -42.48 -25.75 24.67
CA PHE A 3179 -43.58 -26.72 24.63
C PHE A 3179 -44.74 -26.19 23.80
N ILE A 3180 -45.12 -24.93 24.03
CA ILE A 3180 -46.26 -24.38 23.30
C ILE A 3180 -45.93 -24.25 21.82
N ASN A 3181 -44.70 -23.83 21.50
CA ASN A 3181 -44.30 -23.73 20.10
C ASN A 3181 -44.33 -25.10 19.42
N HIS A 3182 -43.82 -26.12 20.10
CA HIS A 3182 -43.86 -27.47 19.53
C HIS A 3182 -45.29 -27.95 19.37
N TYR A 3183 -46.16 -27.65 20.32
CA TYR A 3183 -47.56 -28.05 20.21
C TYR A 3183 -48.20 -27.38 19.00
N ALA A 3184 -47.92 -26.10 18.78
CA ALA A 3184 -48.51 -25.41 17.64
C ALA A 3184 -47.99 -25.96 16.32
N ASN A 3185 -46.67 -26.13 16.20
CA ASN A 3185 -46.12 -26.66 14.97
C ASN A 3185 -46.62 -28.06 14.68
N LEU A 3186 -46.67 -28.91 15.71
CA LEU A 3186 -47.13 -30.29 15.53
C LEU A 3186 -48.61 -30.33 15.17
N PHE A 3187 -49.43 -29.50 15.81
CA PHE A 3187 -50.84 -29.45 15.48
C PHE A 3187 -51.05 -29.04 14.03
N HIS A 3188 -50.34 -28.00 13.59
CA HIS A 3188 -50.45 -27.57 12.20
C HIS A 3188 -50.00 -28.67 11.25
N GLU A 3189 -48.87 -29.32 11.56
CA GLU A 3189 -48.35 -30.35 10.66
C GLU A 3189 -49.32 -31.52 10.53
N LYS A 3190 -49.82 -32.03 11.66
CA LYS A 3190 -50.68 -33.19 11.61
C LYS A 3190 -52.02 -32.87 10.96
N ARG A 3191 -52.58 -31.69 11.24
CA ARG A 3191 -53.84 -31.31 10.60
C ARG A 3191 -53.64 -31.14 9.09
N SER A 3192 -52.52 -30.55 8.67
CA SER A 3192 -52.24 -30.42 7.24
C SER A 3192 -52.12 -31.79 6.58
N GLU A 3193 -51.42 -32.72 7.23
CA GLU A 3193 -51.28 -34.06 6.67
C GLU A 3193 -52.65 -34.73 6.51
N LEU A 3194 -53.49 -34.64 7.54
CA LEU A 3194 -54.78 -35.32 7.48
C LEU A 3194 -55.66 -34.69 6.41
N GLU A 3195 -55.63 -33.35 6.31
CA GLU A 3195 -56.42 -32.69 5.29
C GLU A 3195 -55.96 -33.08 3.89
N GLU A 3196 -54.64 -33.19 3.70
CA GLU A 3196 -54.11 -33.63 2.40
C GLU A 3196 -54.61 -35.02 2.06
N GLN A 3197 -54.55 -35.94 3.03
CA GLN A 3197 -55.00 -37.30 2.77
C GLN A 3197 -56.49 -37.35 2.48
N GLN A 3198 -57.30 -36.60 3.22
CA GLN A 3198 -58.74 -36.60 2.99
C GLN A 3198 -59.08 -36.01 1.62
N MET A 3199 -58.42 -34.90 1.30
CA MET A 3199 -58.66 -34.20 0.01
C MET A 3199 -58.24 -35.13 -1.12
N HIS A 3200 -57.05 -35.74 -1.02
CA HIS A 3200 -56.57 -36.67 -2.06
C HIS A 3200 -57.53 -37.87 -2.14
N LEU A 3201 -57.98 -38.39 -1.00
CA LEU A 3201 -58.92 -39.53 -0.99
C LEU A 3201 -60.24 -39.10 -1.65
N ASN A 3202 -60.70 -37.89 -1.37
CA ASN A 3202 -61.97 -37.39 -1.96
C ASN A 3202 -61.80 -37.27 -3.48
N VAL A 3203 -60.64 -36.79 -3.93
CA VAL A 3203 -60.37 -36.64 -5.39
C VAL A 3203 -60.40 -38.04 -6.01
N GLY A 3204 -59.81 -39.02 -5.31
CA GLY A 3204 -59.80 -40.40 -5.81
C GLY A 3204 -61.22 -40.94 -5.92
N LEU A 3205 -62.06 -40.66 -4.91
CA LEU A 3205 -63.47 -41.12 -4.93
C LEU A 3205 -64.18 -40.47 -6.12
N ARG A 3206 -63.93 -39.18 -6.37
CA ARG A 3206 -64.58 -38.46 -7.48
C ARG A 3206 -64.15 -39.11 -8.80
N LYS A 3207 -62.89 -39.54 -8.87
CA LYS A 3207 -62.38 -40.23 -10.10
C LYS A 3207 -62.93 -41.66 -10.14
N ILE A 3208 -62.97 -42.36 -9.01
CA ILE A 3208 -63.46 -43.77 -8.96
C ILE A 3208 -64.95 -43.79 -9.37
N LYS A 3209 -65.73 -42.80 -8.93
CA LYS A 3209 -67.16 -42.72 -9.34
C LYS A 3209 -67.24 -42.48 -10.86
N GLU A 3210 -66.38 -41.61 -11.39
CA GLU A 3210 -66.37 -41.37 -12.86
C GLU A 3210 -65.99 -42.68 -13.56
N THR A 3211 -64.98 -43.38 -13.06
CA THR A 3211 -64.56 -44.67 -13.68
C THR A 3211 -65.63 -45.74 -13.52
N VAL A 3212 -66.33 -45.78 -12.38
CA VAL A 3212 -67.45 -46.76 -12.23
C VAL A 3212 -68.49 -46.46 -13.31
N ASP A 3213 -68.77 -45.18 -13.58
CA ASP A 3213 -69.71 -44.82 -14.67
C ASP A 3213 -69.14 -45.27 -16.02
N GLN A 3214 -67.84 -45.06 -16.24
CA GLN A 3214 -67.20 -45.44 -17.53
C GLN A 3214 -67.27 -46.97 -17.71
N VAL A 3215 -66.95 -47.73 -16.66
CA VAL A 3215 -67.03 -49.22 -16.74
C VAL A 3215 -68.49 -49.62 -16.95
N GLU A 3216 -69.42 -48.98 -16.23
CA GLU A 3216 -70.86 -49.29 -16.36
C GLU A 3216 -71.33 -48.98 -17.79
N GLU A 3217 -70.74 -47.98 -18.42
CA GLU A 3217 -71.17 -47.55 -19.77
C GLU A 3217 -70.63 -48.56 -20.79
N LEU A 3218 -69.32 -48.83 -20.77
CA LEU A 3218 -68.78 -49.85 -21.69
C LEU A 3218 -69.48 -51.20 -21.46
N ARG A 3219 -69.63 -51.62 -20.21
CA ARG A 3219 -70.21 -52.95 -19.85
C ARG A 3219 -71.64 -53.03 -20.36
N ARG A 3220 -72.43 -52.01 -20.02
CA ARG A 3220 -73.85 -52.12 -20.42
C ARG A 3220 -73.87 -52.25 -21.95
N ASP A 3221 -73.05 -51.46 -22.66
CA ASP A 3221 -73.07 -51.46 -24.15
C ASP A 3221 -72.49 -52.79 -24.61
N LEU A 3222 -71.46 -53.28 -23.91
CA LEU A 3222 -70.84 -54.60 -24.22
C LEU A 3222 -71.85 -55.73 -23.99
N ARG A 3223 -72.65 -55.68 -22.93
CA ARG A 3223 -73.70 -56.69 -22.61
C ARG A 3223 -74.81 -56.63 -23.67
N ILE A 3224 -75.20 -55.41 -24.09
CA ILE A 3224 -76.31 -55.22 -25.08
C ILE A 3224 -75.85 -55.79 -26.42
N LYS A 3225 -74.57 -55.53 -26.80
CA LYS A 3225 -74.02 -56.05 -28.08
C LYS A 3225 -73.93 -57.57 -28.00
N SER A 3226 -73.50 -58.13 -26.86
CA SER A 3226 -73.36 -59.59 -26.65
C SER A 3226 -74.75 -60.24 -26.80
N GLN A 3227 -75.79 -59.62 -26.22
CA GLN A 3227 -77.20 -60.13 -26.31
C GLN A 3227 -77.70 -60.07 -27.76
N GLU A 3228 -77.43 -58.94 -28.45
CA GLU A 3228 -77.85 -58.77 -29.88
C GLU A 3228 -77.14 -59.80 -30.75
N LEU A 3229 -75.84 -60.08 -30.49
CA LEU A 3229 -75.02 -61.04 -31.28
C LEU A 3229 -75.54 -62.46 -31.02
N GLU A 3230 -75.90 -62.77 -29.77
CA GLU A 3230 -76.47 -64.11 -29.41
C GLU A 3230 -77.80 -64.30 -30.16
N VAL A 3231 -78.69 -63.30 -30.17
CA VAL A 3231 -80.02 -63.40 -30.84
C VAL A 3231 -79.79 -63.57 -32.34
N LYS A 3232 -78.84 -62.81 -32.93
CA LYS A 3232 -78.51 -62.90 -34.39
C LYS A 3232 -77.95 -64.30 -34.67
N ASN A 3233 -77.10 -64.79 -33.76
CA ASN A 3233 -76.49 -66.15 -33.88
C ASN A 3233 -77.62 -67.18 -33.83
N ALA A 3234 -78.56 -67.05 -32.87
CA ALA A 3234 -79.69 -68.01 -32.68
C ALA A 3234 -80.58 -67.99 -33.93
N ALA A 3235 -80.79 -66.81 -34.54
CA ALA A 3235 -81.61 -66.70 -35.78
C ALA A 3235 -80.90 -67.40 -36.95
N ALA A 3236 -79.59 -67.18 -37.12
CA ALA A 3236 -78.77 -67.80 -38.20
C ALA A 3236 -78.70 -69.32 -37.99
N ASN A 3237 -78.72 -69.79 -36.72
CA ASN A 3237 -78.73 -71.24 -36.43
C ASN A 3237 -80.06 -71.84 -36.92
N ASP A 3238 -81.20 -71.19 -36.59
CA ASP A 3238 -82.55 -71.70 -36.99
C ASP A 3238 -82.64 -71.72 -38.52
N LYS A 3239 -82.13 -70.67 -39.21
CA LYS A 3239 -82.22 -70.60 -40.70
C LYS A 3239 -81.32 -71.69 -41.30
N LEU A 3240 -80.13 -71.90 -40.71
CA LEU A 3240 -79.16 -72.95 -41.17
C LEU A 3240 -79.77 -74.34 -40.95
N LYS A 3241 -80.50 -74.55 -39.84
CA LYS A 3241 -81.17 -75.84 -39.53
C LYS A 3241 -82.31 -76.06 -40.53
N LYS A 3242 -83.07 -75.01 -40.87
CA LYS A 3242 -84.18 -75.11 -41.86
C LYS A 3242 -83.59 -75.49 -43.23
N MET A 3243 -82.46 -74.86 -43.60
CA MET A 3243 -81.79 -75.12 -44.91
C MET A 3243 -81.23 -76.54 -44.86
N VAL A 3244 -80.74 -76.97 -43.69
CA VAL A 3244 -80.18 -78.34 -43.48
C VAL A 3244 -81.26 -79.40 -43.64
N LYS A 3245 -82.48 -79.13 -43.15
CA LYS A 3245 -83.63 -80.07 -43.33
C LYS A 3245 -84.03 -80.09 -44.81
N ASP A 3246 -84.09 -78.92 -45.47
CA ASP A 3246 -84.47 -78.82 -46.90
C ASP A 3246 -83.43 -79.59 -47.73
N GLN A 3247 -82.13 -79.47 -47.35
CA GLN A 3247 -81.02 -80.13 -48.08
C GLN A 3247 -81.10 -81.65 -47.88
N GLN A 3248 -81.46 -82.11 -46.68
CA GLN A 3248 -81.65 -83.56 -46.37
C GLN A 3248 -82.82 -84.12 -47.20
N GLU A 3249 -83.92 -83.36 -47.34
CA GLU A 3249 -85.10 -83.78 -48.15
C GLU A 3249 -84.70 -83.87 -49.62
N ALA A 3250 -83.92 -82.87 -50.11
CA ALA A 3250 -83.44 -82.84 -51.52
C ALA A 3250 -82.47 -84.00 -51.74
N GLU A 3251 -81.65 -84.33 -50.73
CA GLU A 3251 -80.67 -85.46 -50.79
C GLU A 3251 -81.43 -86.78 -50.91
N LYS A 3252 -82.54 -86.92 -50.16
CA LYS A 3252 -83.41 -88.14 -50.22
C LYS A 3252 -84.06 -88.24 -51.59
N LYS A 3253 -84.55 -87.11 -52.14
CA LYS A 3253 -85.19 -87.07 -53.49
C LYS A 3253 -84.14 -87.45 -54.55
N LYS A 3254 -82.88 -86.99 -54.35
CA LYS A 3254 -81.76 -87.26 -55.29
C LYS A 3254 -81.38 -88.76 -55.25
N VAL A 3255 -81.36 -89.38 -54.07
CA VAL A 3255 -81.05 -90.83 -53.91
C VAL A 3255 -82.16 -91.69 -54.53
N MET A 3256 -83.43 -91.25 -54.41
CA MET A 3256 -84.58 -91.98 -55.03
C MET A 3256 -84.47 -91.86 -56.56
N SER A 3257 -84.16 -90.66 -57.07
CA SER A 3257 -84.00 -90.40 -58.53
C SER A 3257 -82.79 -91.19 -59.04
N GLN A 3258 -81.76 -91.35 -58.18
CA GLN A 3258 -80.52 -92.13 -58.52
C GLN A 3258 -80.88 -93.60 -58.67
N GLU A 3259 -81.66 -94.14 -57.71
CA GLU A 3259 -82.15 -95.55 -57.75
C GLU A 3259 -83.06 -95.74 -58.97
N ILE A 3260 -83.90 -94.74 -59.29
CA ILE A 3260 -84.83 -94.81 -60.46
C ILE A 3260 -83.97 -94.85 -61.72
N GLN A 3261 -82.92 -94.01 -61.78
CA GLN A 3261 -82.00 -93.91 -62.96
C GLN A 3261 -81.26 -95.23 -63.16
N GLU A 3262 -80.86 -95.90 -62.07
CA GLU A 3262 -80.17 -97.24 -62.15
C GLU A 3262 -81.14 -98.30 -62.68
N GLN A 3263 -82.40 -98.30 -62.19
CA GLN A 3263 -83.44 -99.29 -62.62
C GLN A 3263 -83.74 -99.07 -64.10
N LEU A 3264 -83.80 -97.80 -64.56
CA LEU A 3264 -84.10 -97.48 -66.00
C LEU A 3264 -82.91 -97.90 -66.86
N HIS A 3265 -81.67 -97.76 -66.34
CA HIS A 3265 -80.43 -98.21 -67.04
C HIS A 3265 -80.42 -99.74 -67.19
N LYS A 3266 -80.87 -100.47 -66.15
CA LYS A 3266 -80.97 -101.97 -66.21
C LYS A 3266 -82.08 -102.36 -67.18
N GLN A 3267 -83.22 -101.64 -67.16
CA GLN A 3267 -84.39 -101.92 -68.05
C GLN A 3267 -83.98 -101.67 -69.50
N GLN A 3268 -83.15 -100.64 -69.73
CA GLN A 3268 -82.63 -100.29 -71.09
C GLN A 3268 -81.68 -101.40 -71.57
N GLU A 3269 -80.82 -101.91 -70.67
CA GLU A 3269 -79.89 -103.03 -71.01
C GLU A 3269 -80.67 -104.30 -71.35
N VAL A 3270 -81.76 -104.58 -70.60
CA VAL A 3270 -82.62 -105.77 -70.89
C VAL A 3270 -83.31 -105.57 -72.25
N ILE A 3271 -83.78 -104.34 -72.52
CA ILE A 3271 -84.48 -103.99 -73.80
C ILE A 3271 -83.47 -104.12 -74.94
N ALA A 3272 -82.19 -103.75 -74.72
CA ALA A 3272 -81.11 -103.85 -75.73
C ALA A 3272 -80.82 -105.34 -76.02
N ASP A 3273 -80.83 -106.19 -74.98
CA ASP A 3273 -80.66 -107.66 -75.17
C ASP A 3273 -81.84 -108.25 -75.95
N LYS A 3274 -83.08 -107.82 -75.65
CA LYS A 3274 -84.32 -108.28 -76.37
C LYS A 3274 -84.22 -107.80 -77.83
N GLN A 3275 -83.69 -106.58 -78.05
CA GLN A 3275 -83.56 -105.98 -79.40
C GLN A 3275 -82.56 -106.80 -80.22
N MET A 3276 -81.44 -107.23 -79.58
CA MET A 3276 -80.41 -108.06 -80.28
C MET A 3276 -80.98 -109.43 -80.65
N SER A 3277 -81.77 -110.04 -79.74
CA SER A 3277 -82.42 -111.36 -80.00
C SER A 3277 -83.43 -111.24 -81.15
N VAL A 3278 -84.18 -110.15 -81.24
CA VAL A 3278 -85.11 -110.07 -82.41
C VAL A 3278 -84.34 -109.69 -83.68
N LYS A 3279 -83.16 -109.07 -83.53
CA LYS A 3279 -82.32 -108.73 -84.70
C LYS A 3279 -81.87 -110.03 -85.38
N GLU A 3280 -81.54 -111.06 -84.59
CA GLU A 3280 -81.15 -112.37 -85.17
C GLU A 3280 -82.33 -112.95 -85.96
N ASP A 3281 -83.55 -112.82 -85.42
CA ASP A 3281 -84.76 -113.32 -86.13
C ASP A 3281 -84.92 -112.55 -87.44
N LEU A 3282 -84.67 -111.23 -87.40
CA LEU A 3282 -84.77 -110.40 -88.63
C LEU A 3282 -83.74 -110.87 -89.65
N ASP A 3283 -82.53 -111.20 -89.20
CA ASP A 3283 -81.49 -111.73 -90.13
C ASP A 3283 -81.97 -113.07 -90.71
N LYS A 3284 -82.55 -113.95 -89.89
CA LYS A 3284 -83.03 -115.21 -90.49
C LYS A 3284 -84.06 -114.85 -91.57
N VAL A 3285 -84.99 -113.94 -91.29
CA VAL A 3285 -86.06 -113.66 -92.29
C VAL A 3285 -85.42 -113.09 -93.58
N GLU A 3286 -84.41 -112.22 -93.44
CA GLU A 3286 -83.73 -111.66 -94.63
C GLU A 3286 -83.06 -112.79 -95.45
N PRO A 3287 -82.21 -113.69 -94.93
CA PRO A 3287 -81.78 -114.89 -95.66
C PRO A 3287 -82.90 -115.77 -96.23
N ALA A 3288 -84.02 -115.98 -95.53
CA ALA A 3288 -85.13 -116.75 -96.14
C ALA A 3288 -85.66 -116.03 -97.39
N VAL A 3289 -85.79 -114.71 -97.33
CA VAL A 3289 -86.24 -113.91 -98.51
C VAL A 3289 -85.20 -114.03 -99.62
N ILE A 3290 -83.90 -114.05 -99.26
CA ILE A 3290 -82.81 -114.19 -100.26
C ILE A 3290 -82.94 -115.57 -100.93
N GLU A 3291 -83.25 -116.61 -100.15
CA GLU A 3291 -83.45 -117.97 -100.73
C GLU A 3291 -84.66 -117.96 -101.67
N ALA A 3292 -85.72 -117.24 -101.30
CA ALA A 3292 -86.91 -117.13 -102.19
C ALA A 3292 -86.51 -116.44 -103.50
N GLN A 3293 -85.68 -115.40 -103.42
CA GLN A 3293 -85.20 -114.67 -104.63
C GLN A 3293 -84.34 -115.62 -105.48
N ASN A 3294 -83.53 -116.46 -104.84
CA ASN A 3294 -82.70 -117.46 -105.58
C ASN A 3294 -83.64 -118.43 -106.31
N ALA A 3295 -84.73 -118.84 -105.65
CA ALA A 3295 -85.73 -119.73 -106.30
C ALA A 3295 -86.34 -119.00 -107.50
N VAL A 3296 -86.61 -117.70 -107.36
CA VAL A 3296 -87.16 -116.90 -108.49
C VAL A 3296 -86.14 -116.88 -109.64
N LYS A 3297 -84.85 -116.70 -109.33
CA LYS A 3297 -83.80 -116.64 -110.38
C LYS A 3297 -83.70 -117.99 -111.08
N SER A 3298 -84.04 -119.07 -110.36
CA SER A 3298 -83.93 -120.43 -110.92
C SER A 3298 -85.13 -120.66 -111.84
N ILE A 3299 -85.21 -119.81 -112.87
CA ILE A 3299 -86.31 -119.90 -113.87
C ILE A 3299 -85.67 -119.92 -115.26
N LYS A 3300 -86.04 -120.91 -116.05
CA LYS A 3300 -85.57 -121.03 -117.44
C LYS A 3300 -86.60 -120.43 -118.38
N LYS A 3301 -86.12 -119.71 -119.40
CA LYS A 3301 -87.02 -119.08 -120.38
C LYS A 3301 -87.71 -120.17 -121.21
N GLN A 3302 -87.02 -121.28 -121.43
CA GLN A 3302 -87.56 -122.40 -122.25
C GLN A 3302 -88.68 -123.11 -121.50
N HIS A 3303 -88.55 -123.20 -120.18
CA HIS A 3303 -89.54 -123.98 -119.38
C HIS A 3303 -90.88 -123.26 -119.36
N LEU A 3304 -90.84 -121.93 -119.44
CA LEU A 3304 -92.08 -121.13 -119.41
C LEU A 3304 -92.88 -121.39 -120.69
N VAL A 3305 -92.17 -121.41 -121.83
CA VAL A 3305 -92.86 -121.50 -123.14
C VAL A 3305 -93.29 -122.94 -123.43
N GLU A 3306 -92.77 -123.90 -122.67
CA GLU A 3306 -93.22 -125.31 -122.78
C GLU A 3306 -94.68 -125.32 -122.33
N VAL A 3307 -94.97 -124.50 -121.34
CA VAL A 3307 -96.37 -124.32 -120.86
C VAL A 3307 -97.17 -123.54 -121.91
N ARG A 3308 -96.51 -122.64 -122.64
CA ARG A 3308 -97.18 -121.81 -123.68
C ARG A 3308 -97.47 -122.66 -124.92
N SER A 3309 -96.70 -123.75 -125.10
CA SER A 3309 -96.82 -124.64 -126.29
C SER A 3309 -97.61 -125.91 -125.95
N MET A 3310 -98.09 -125.98 -124.71
CA MET A 3310 -98.82 -127.17 -124.22
C MET A 3310 -100.32 -126.91 -124.33
N ALA A 3311 -101.03 -127.81 -124.99
CA ALA A 3311 -102.44 -127.59 -125.32
C ALA A 3311 -103.38 -128.49 -124.50
N ASN A 3312 -102.93 -129.70 -124.16
CA ASN A 3312 -103.74 -130.67 -123.37
C ASN A 3312 -102.86 -131.24 -122.26
N PRO A 3313 -102.51 -130.44 -121.23
CA PRO A 3313 -101.53 -130.85 -120.21
C PRO A 3313 -101.98 -131.88 -119.18
N PRO A 3314 -101.01 -132.48 -118.42
CA PRO A 3314 -101.37 -133.32 -117.29
C PRO A 3314 -102.16 -132.48 -116.28
N ALA A 3315 -103.07 -133.13 -115.54
CA ALA A 3315 -103.94 -132.43 -114.58
C ALA A 3315 -103.12 -131.88 -113.41
N ALA A 3316 -101.94 -132.48 -113.19
CA ALA A 3316 -101.02 -132.05 -112.12
C ALA A 3316 -100.38 -130.69 -112.46
N VAL A 3317 -99.92 -130.55 -113.70
CA VAL A 3317 -99.27 -129.28 -114.13
C VAL A 3317 -100.34 -128.22 -114.35
N LYS A 3318 -101.58 -128.65 -114.62
CA LYS A 3318 -102.69 -127.71 -114.83
C LYS A 3318 -103.04 -127.03 -113.52
N LEU A 3319 -103.07 -127.82 -112.43
CA LEU A 3319 -103.34 -127.27 -111.07
C LEU A 3319 -102.14 -126.45 -110.62
N ALA A 3320 -100.94 -126.83 -111.07
CA ALA A 3320 -99.69 -126.12 -110.70
C ALA A 3320 -99.71 -124.69 -111.24
N LEU A 3321 -100.39 -124.45 -112.37
CA LEU A 3321 -100.52 -123.09 -112.93
C LEU A 3321 -101.74 -122.39 -112.36
N GLU A 3322 -102.74 -123.16 -111.90
CA GLU A 3322 -103.89 -122.58 -111.15
C GLU A 3322 -103.35 -122.04 -109.82
N SER A 3323 -102.23 -122.59 -109.36
CA SER A 3323 -101.58 -122.10 -108.13
C SER A 3323 -101.10 -120.67 -108.32
N ILE A 3324 -100.51 -120.39 -109.49
CA ILE A 3324 -99.95 -119.06 -109.80
C ILE A 3324 -100.99 -118.21 -110.55
N CYS A 3325 -102.07 -118.85 -111.02
CA CYS A 3325 -103.13 -118.10 -111.74
C CYS A 3325 -103.81 -117.10 -110.80
N LEU A 3326 -104.23 -117.55 -109.61
CA LEU A 3326 -104.98 -116.66 -108.68
C LEU A 3326 -104.00 -115.91 -107.78
N LEU A 3327 -102.71 -116.25 -107.83
CA LEU A 3327 -101.68 -115.46 -107.12
C LEU A 3327 -101.66 -114.06 -107.74
N LEU A 3328 -101.79 -113.99 -109.07
CA LEU A 3328 -101.88 -112.69 -109.78
C LEU A 3328 -103.32 -112.19 -109.77
N GLY A 3329 -104.30 -113.11 -109.72
CA GLY A 3329 -105.70 -112.70 -109.49
C GLY A 3329 -106.64 -113.11 -110.60
N GLU A 3330 -106.42 -114.29 -111.19
CA GLU A 3330 -107.29 -114.79 -112.29
C GLU A 3330 -108.07 -116.00 -111.80
N SER A 3331 -109.40 -115.84 -111.71
CA SER A 3331 -110.28 -116.87 -111.11
C SER A 3331 -110.68 -117.93 -112.15
N THR A 3332 -110.36 -117.68 -113.43
CA THR A 3332 -110.69 -118.65 -114.50
C THR A 3332 -109.85 -119.91 -114.35
N THR A 3333 -110.46 -121.06 -114.63
CA THR A 3333 -109.80 -122.36 -114.38
C THR A 3333 -109.74 -123.24 -115.63
N ASP A 3334 -110.46 -122.85 -116.68
CA ASP A 3334 -110.40 -123.59 -117.96
C ASP A 3334 -108.95 -123.53 -118.46
N TRP A 3335 -108.47 -124.60 -119.07
CA TRP A 3335 -107.10 -124.60 -119.62
C TRP A 3335 -107.02 -123.79 -120.91
N LYS A 3336 -108.12 -123.81 -121.68
CA LYS A 3336 -108.18 -123.05 -122.95
C LYS A 3336 -108.13 -121.55 -122.65
N GLN A 3337 -108.68 -121.17 -121.48
CA GLN A 3337 -108.79 -119.75 -121.09
C GLN A 3337 -107.64 -119.32 -120.18
N ILE A 3338 -107.02 -120.27 -119.48
CA ILE A 3338 -105.95 -119.90 -118.53
C ILE A 3338 -104.61 -119.83 -119.26
N ARG A 3339 -104.54 -120.44 -120.44
CA ARG A 3339 -103.27 -120.42 -121.21
C ARG A 3339 -103.04 -119.03 -121.78
N SER A 3340 -104.09 -118.19 -121.78
CA SER A 3340 -103.99 -116.81 -122.30
C SER A 3340 -103.07 -115.96 -121.42
N ILE A 3341 -103.22 -116.07 -120.09
CA ILE A 3341 -102.31 -115.34 -119.16
C ILE A 3341 -100.89 -115.88 -119.32
N ILE A 3342 -100.76 -117.20 -119.45
CA ILE A 3342 -99.44 -117.85 -119.69
C ILE A 3342 -98.89 -117.38 -121.03
N MET A 3343 -99.75 -117.28 -122.04
CA MET A 3343 -99.36 -116.90 -123.43
C MET A 3343 -98.85 -115.46 -123.47
N ARG A 3344 -99.46 -114.57 -122.70
CA ARG A 3344 -99.09 -113.14 -122.75
C ARG A 3344 -97.67 -112.94 -122.23
N GLU A 3345 -97.04 -111.87 -122.71
CA GLU A 3345 -95.62 -111.57 -122.41
C GLU A 3345 -95.51 -110.78 -121.11
N ASN A 3346 -96.65 -110.38 -120.54
CA ASN A 3346 -96.68 -109.68 -119.22
C ASN A 3346 -96.30 -110.68 -118.14
N PHE A 3347 -96.42 -111.97 -118.45
CA PHE A 3347 -96.28 -113.06 -117.47
C PHE A 3347 -94.86 -113.20 -116.93
N ILE A 3348 -93.86 -112.91 -117.77
CA ILE A 3348 -92.44 -113.14 -117.36
C ILE A 3348 -91.94 -112.06 -116.39
N PRO A 3349 -92.09 -110.75 -116.65
CA PRO A 3349 -91.54 -109.71 -115.75
C PRO A 3349 -92.26 -109.63 -114.40
N THR A 3350 -93.54 -110.05 -114.39
CA THR A 3350 -94.34 -110.01 -113.15
C THR A 3350 -93.83 -111.06 -112.16
N ILE A 3351 -93.27 -112.15 -112.68
CA ILE A 3351 -92.74 -113.24 -111.80
C ILE A 3351 -91.40 -112.79 -111.20
N VAL A 3352 -90.76 -111.81 -111.86
CA VAL A 3352 -89.41 -111.36 -111.42
C VAL A 3352 -89.49 -110.51 -110.16
N ASN A 3353 -90.41 -109.54 -110.15
CA ASN A 3353 -90.43 -108.51 -109.08
C ASN A 3353 -91.46 -108.85 -108.01
N PHE A 3354 -91.99 -110.07 -108.05
CA PHE A 3354 -93.17 -110.39 -107.21
C PHE A 3354 -92.90 -110.46 -105.71
N SER A 3355 -93.81 -109.88 -104.94
CA SER A 3355 -93.74 -109.94 -103.46
C SER A 3355 -95.13 -110.26 -102.89
N ALA A 3356 -95.16 -111.19 -101.93
CA ALA A 3356 -96.42 -111.58 -101.25
C ALA A 3356 -96.69 -110.65 -100.06
N GLU A 3357 -95.72 -109.77 -99.74
CA GLU A 3357 -95.92 -108.78 -98.66
C GLU A 3357 -97.07 -107.86 -99.06
N GLU A 3358 -97.14 -107.51 -100.36
CA GLU A 3358 -98.21 -106.63 -100.89
C GLU A 3358 -99.43 -107.44 -101.33
N ILE A 3359 -99.26 -108.76 -101.49
CA ILE A 3359 -100.39 -109.67 -101.86
C ILE A 3359 -101.39 -109.68 -100.69
N SER A 3360 -102.67 -109.57 -101.01
CA SER A 3360 -103.72 -109.52 -99.97
C SER A 3360 -103.80 -110.83 -99.20
N ASP A 3361 -104.14 -110.70 -97.91
CA ASP A 3361 -104.29 -111.87 -97.00
C ASP A 3361 -105.45 -112.76 -97.46
N ALA A 3362 -106.57 -112.15 -97.85
CA ALA A 3362 -107.78 -112.91 -98.25
C ALA A 3362 -107.50 -113.81 -99.45
N ILE A 3363 -106.87 -113.27 -100.49
CA ILE A 3363 -106.52 -114.09 -101.70
C ILE A 3363 -105.49 -115.15 -101.29
N ARG A 3364 -104.53 -114.78 -100.45
CA ARG A 3364 -103.51 -115.75 -99.94
C ARG A 3364 -104.22 -116.86 -99.16
N GLU A 3365 -105.25 -116.50 -98.39
CA GLU A 3365 -106.04 -117.50 -97.62
C GLU A 3365 -106.65 -118.49 -98.61
N LYS A 3366 -107.19 -117.99 -99.72
CA LYS A 3366 -107.67 -118.86 -100.82
C LYS A 3366 -106.50 -119.65 -101.39
N MET A 3367 -105.31 -119.05 -101.49
CA MET A 3367 -104.12 -119.81 -101.96
C MET A 3367 -103.70 -120.86 -100.93
N LYS A 3368 -103.90 -120.58 -99.65
CA LYS A 3368 -103.53 -121.54 -98.58
C LYS A 3368 -104.52 -122.71 -98.50
N LYS A 3369 -105.83 -122.38 -98.53
CA LYS A 3369 -106.90 -123.40 -98.36
C LYS A 3369 -106.89 -124.40 -99.51
N ASN A 3370 -106.80 -123.90 -100.73
CA ASN A 3370 -106.84 -124.76 -101.94
C ASN A 3370 -105.56 -125.58 -102.08
N TYR A 3371 -104.41 -124.95 -101.81
CA TYR A 3371 -103.09 -125.57 -102.13
C TYR A 3371 -102.49 -126.34 -100.97
N MET A 3372 -103.14 -126.32 -99.80
CA MET A 3372 -102.70 -127.19 -98.68
C MET A 3372 -103.37 -128.55 -98.80
N SER A 3373 -104.25 -128.70 -99.80
CA SER A 3373 -104.94 -129.99 -100.08
C SER A 3373 -104.36 -130.63 -101.36
N ASN A 3374 -103.49 -129.91 -102.06
CA ASN A 3374 -102.98 -130.35 -103.39
C ASN A 3374 -102.07 -131.56 -103.32
N PRO A 3375 -102.27 -132.58 -104.18
CA PRO A 3375 -101.24 -133.59 -104.43
C PRO A 3375 -100.08 -132.90 -105.18
N SER A 3376 -100.41 -131.88 -106.00
CA SER A 3376 -99.43 -131.14 -106.82
C SER A 3376 -98.48 -130.31 -105.95
N TYR A 3377 -98.93 -129.92 -104.76
CA TYR A 3377 -98.09 -129.14 -103.82
C TYR A 3377 -96.95 -130.04 -103.34
N ASN A 3378 -97.21 -131.35 -103.28
CA ASN A 3378 -96.16 -132.34 -102.91
C ASN A 3378 -95.11 -132.27 -104.02
N TYR A 3379 -93.86 -132.02 -103.64
CA TYR A 3379 -92.82 -131.70 -104.64
C TYR A 3379 -92.49 -132.92 -105.49
N GLU A 3380 -93.15 -134.04 -105.19
CA GLU A 3380 -92.90 -135.36 -105.83
C GLU A 3380 -93.82 -135.53 -107.05
N ILE A 3381 -95.04 -135.02 -106.94
CA ILE A 3381 -96.06 -135.20 -108.01
C ILE A 3381 -95.70 -134.33 -109.21
N VAL A 3382 -95.36 -133.08 -108.92
CA VAL A 3382 -95.00 -132.11 -110.00
C VAL A 3382 -93.74 -132.61 -110.70
N ASN A 3383 -92.72 -133.03 -109.93
CA ASN A 3383 -91.42 -133.42 -110.52
C ASN A 3383 -91.64 -134.63 -111.42
N ARG A 3384 -92.48 -135.57 -110.96
CA ARG A 3384 -92.80 -136.77 -111.77
C ARG A 3384 -93.54 -136.34 -113.04
N ALA A 3385 -94.51 -135.43 -112.92
CA ALA A 3385 -95.32 -135.02 -114.08
C ALA A 3385 -94.44 -134.38 -115.14
N SER A 3386 -93.61 -133.43 -114.74
CA SER A 3386 -92.71 -132.73 -115.68
C SER A 3386 -91.64 -131.95 -114.92
N LEU A 3387 -90.50 -131.70 -115.58
CA LEU A 3387 -89.49 -130.79 -114.99
C LEU A 3387 -89.76 -129.40 -115.57
N ALA A 3388 -90.75 -129.31 -116.46
CA ALA A 3388 -91.26 -128.02 -116.98
C ALA A 3388 -92.03 -127.30 -115.86
N CYS A 3389 -92.68 -128.05 -114.97
CA CYS A 3389 -93.44 -127.44 -113.86
C CYS A 3389 -92.69 -127.58 -112.54
N GLY A 3390 -91.56 -128.29 -112.61
CA GLY A 3390 -90.74 -128.48 -111.40
C GLY A 3390 -90.30 -127.15 -110.84
N PRO A 3391 -89.45 -126.34 -111.51
CA PRO A 3391 -88.94 -125.10 -110.90
C PRO A 3391 -90.00 -124.04 -110.57
N MET A 3392 -90.97 -123.81 -111.46
CA MET A 3392 -92.05 -122.84 -111.16
C MET A 3392 -92.92 -123.30 -109.98
N VAL A 3393 -93.26 -124.59 -109.91
CA VAL A 3393 -94.01 -125.09 -108.72
C VAL A 3393 -93.13 -124.98 -107.48
N LYS A 3394 -91.82 -125.21 -107.63
CA LYS A 3394 -90.89 -125.10 -106.49
C LYS A 3394 -90.96 -123.66 -106.01
N TRP A 3395 -91.02 -122.70 -106.95
CA TRP A 3395 -91.13 -121.26 -106.59
C TRP A 3395 -92.46 -121.02 -105.86
N ALA A 3396 -93.57 -121.63 -106.32
CA ALA A 3396 -94.87 -121.47 -105.64
C ALA A 3396 -94.81 -122.04 -104.22
N ILE A 3397 -94.18 -123.21 -104.05
CA ILE A 3397 -94.10 -123.86 -102.71
C ILE A 3397 -93.28 -122.91 -101.84
N ALA A 3398 -92.19 -122.37 -102.41
CA ALA A 3398 -91.31 -121.49 -101.63
C ALA A 3398 -92.14 -120.31 -101.18
N GLN A 3399 -92.97 -119.73 -102.07
CA GLN A 3399 -93.79 -118.54 -101.74
C GLN A 3399 -94.84 -118.85 -100.67
N LEU A 3400 -95.53 -120.00 -100.70
CA LEU A 3400 -96.50 -120.28 -99.60
C LEU A 3400 -95.77 -120.51 -98.26
N ASN A 3401 -94.63 -121.20 -98.32
CA ASN A 3401 -93.84 -121.41 -97.08
C ASN A 3401 -93.45 -120.01 -96.62
N TYR A 3402 -93.12 -119.13 -97.56
CA TYR A 3402 -92.68 -117.74 -97.28
C TYR A 3402 -93.82 -116.99 -96.60
N ALA A 3403 -95.06 -117.17 -97.04
CA ALA A 3403 -96.24 -116.53 -96.42
C ALA A 3403 -96.45 -117.04 -94.98
N ASP A 3404 -96.27 -118.33 -94.72
CA ASP A 3404 -96.38 -118.75 -93.29
C ASP A 3404 -95.23 -118.11 -92.50
N MET A 3405 -94.05 -118.13 -93.10
CA MET A 3405 -92.88 -117.59 -92.40
C MET A 3405 -93.21 -116.13 -92.14
N LEU A 3406 -93.93 -115.46 -93.05
CA LEU A 3406 -94.36 -114.02 -92.99
C LEU A 3406 -95.41 -113.71 -91.93
N LYS A 3407 -96.36 -114.59 -91.69
CA LYS A 3407 -97.23 -114.24 -90.54
C LYS A 3407 -96.19 -114.18 -89.41
N ARG A 3408 -95.33 -115.21 -89.38
CA ARG A 3408 -94.38 -115.14 -88.24
C ARG A 3408 -93.56 -113.84 -88.33
N VAL A 3409 -93.08 -113.45 -89.53
CA VAL A 3409 -92.17 -112.30 -89.72
C VAL A 3409 -92.86 -110.98 -89.38
N GLU A 3410 -94.12 -110.78 -89.78
CA GLU A 3410 -94.74 -109.50 -89.38
C GLU A 3410 -94.76 -109.47 -87.86
N PRO A 3411 -95.30 -110.46 -87.10
CA PRO A 3411 -95.13 -110.39 -85.67
C PRO A 3411 -93.69 -110.12 -85.19
N LEU A 3412 -92.70 -110.86 -85.68
CA LEU A 3412 -91.31 -110.71 -85.15
C LEU A 3412 -90.75 -109.30 -85.42
N ARG A 3413 -90.96 -108.77 -86.63
CA ARG A 3413 -90.44 -107.44 -87.04
C ARG A 3413 -91.16 -106.33 -86.27
N ASN A 3414 -92.45 -106.52 -86.03
CA ASN A 3414 -93.19 -105.52 -85.23
C ASN A 3414 -92.52 -105.52 -83.85
N GLU A 3415 -92.24 -106.72 -83.34
CA GLU A 3415 -91.60 -106.81 -82.00
C GLU A 3415 -90.25 -106.09 -82.04
N LEU A 3416 -89.47 -106.31 -83.11
CA LEU A 3416 -88.12 -105.71 -83.20
C LEU A 3416 -88.20 -104.19 -83.24
N GLN A 3417 -89.13 -103.65 -84.03
CA GLN A 3417 -89.21 -102.17 -84.18
C GLN A 3417 -89.59 -101.64 -82.80
N LYS A 3418 -90.51 -102.31 -82.12
CA LYS A 3418 -90.85 -101.89 -80.75
C LYS A 3418 -89.64 -102.09 -79.85
N LEU A 3419 -88.95 -103.22 -79.98
CA LEU A 3419 -87.85 -103.49 -79.01
C LEU A 3419 -86.67 -102.54 -79.23
N GLU A 3420 -86.31 -102.26 -80.49
CA GLU A 3420 -85.18 -101.34 -80.82
C GLU A 3420 -85.56 -99.92 -80.40
N ASP A 3421 -86.80 -99.49 -80.72
CA ASP A 3421 -87.29 -98.12 -80.40
C ASP A 3421 -87.37 -97.95 -78.88
N ASP A 3422 -87.84 -98.98 -78.15
CA ASP A 3422 -87.97 -98.92 -76.66
C ASP A 3422 -86.56 -98.84 -76.08
N ALA A 3423 -85.61 -99.63 -76.62
CA ALA A 3423 -84.20 -99.65 -76.14
C ALA A 3423 -83.55 -98.28 -76.35
N LYS A 3424 -83.77 -97.63 -77.50
CA LYS A 3424 -83.19 -96.30 -77.80
C LYS A 3424 -83.82 -95.25 -76.87
N ASP A 3425 -85.16 -95.31 -76.71
CA ASP A 3425 -85.90 -94.34 -75.86
C ASP A 3425 -85.47 -94.53 -74.41
N ASN A 3426 -85.26 -95.79 -73.98
CA ASN A 3426 -84.87 -96.13 -72.59
C ASN A 3426 -83.46 -95.62 -72.35
N GLN A 3427 -82.56 -95.74 -73.34
CA GLN A 3427 -81.15 -95.24 -73.25
C GLN A 3427 -81.12 -93.72 -73.15
N GLN A 3428 -81.96 -93.03 -73.97
CA GLN A 3428 -82.03 -91.54 -73.95
C GLN A 3428 -82.60 -91.11 -72.59
N LYS A 3429 -83.62 -91.83 -72.10
CA LYS A 3429 -84.26 -91.51 -70.79
C LYS A 3429 -83.22 -91.76 -69.70
N ALA A 3430 -82.43 -92.85 -69.81
CA ALA A 3430 -81.39 -93.22 -68.81
C ALA A 3430 -80.33 -92.11 -68.79
N ASN A 3431 -79.95 -91.58 -69.96
CA ASN A 3431 -78.98 -90.46 -70.06
C ASN A 3431 -79.55 -89.18 -69.44
N GLU A 3432 -80.83 -88.86 -69.72
CA GLU A 3432 -81.52 -87.65 -69.19
C GLU A 3432 -81.66 -87.73 -67.65
N VAL A 3433 -82.03 -88.91 -67.12
CA VAL A 3433 -82.24 -89.08 -65.65
C VAL A 3433 -80.87 -89.04 -64.96
N GLU A 3434 -79.83 -89.57 -65.61
CA GLU A 3434 -78.44 -89.54 -65.07
C GLU A 3434 -77.99 -88.07 -64.99
N GLN A 3435 -78.32 -87.27 -66.02
CA GLN A 3435 -78.02 -85.80 -66.02
C GLN A 3435 -78.82 -85.09 -64.92
N MET A 3436 -80.09 -85.46 -64.71
CA MET A 3436 -80.94 -84.88 -63.64
C MET A 3436 -80.33 -85.25 -62.26
N ILE A 3437 -79.85 -86.49 -62.11
CA ILE A 3437 -79.24 -86.98 -60.83
C ILE A 3437 -77.96 -86.19 -60.58
N ARG A 3438 -77.14 -85.96 -61.61
CA ARG A 3438 -75.86 -85.18 -61.48
C ARG A 3438 -76.19 -83.74 -61.10
N ASP A 3439 -77.25 -83.16 -61.67
CA ASP A 3439 -77.70 -81.77 -61.32
C ASP A 3439 -78.17 -81.74 -59.86
N LEU A 3440 -78.93 -82.75 -59.42
CA LEU A 3440 -79.42 -82.86 -58.00
C LEU A 3440 -78.22 -83.05 -57.07
N GLU A 3441 -77.23 -83.86 -57.47
CA GLU A 3441 -76.01 -84.12 -56.65
C GLU A 3441 -75.24 -82.80 -56.52
N ALA A 3442 -75.15 -82.02 -57.61
CA ALA A 3442 -74.47 -80.68 -57.61
C ALA A 3442 -75.23 -79.69 -56.71
N SER A 3443 -76.58 -79.71 -56.76
CA SER A 3443 -77.43 -78.85 -55.89
C SER A 3443 -77.22 -79.27 -54.42
N ILE A 3444 -77.14 -80.57 -54.13
CA ILE A 3444 -76.94 -81.10 -52.75
C ILE A 3444 -75.56 -80.65 -52.27
N ALA A 3445 -74.53 -80.73 -53.14
CA ALA A 3445 -73.15 -80.34 -52.77
C ALA A 3445 -73.10 -78.83 -52.51
N ARG A 3446 -73.78 -78.03 -53.34
CA ARG A 3446 -73.83 -76.54 -53.20
C ARG A 3446 -74.54 -76.18 -51.88
N TYR A 3447 -75.63 -76.88 -51.55
CA TYR A 3447 -76.39 -76.66 -50.29
C TYR A 3447 -75.51 -77.06 -49.09
N LYS A 3448 -74.78 -78.18 -49.20
CA LYS A 3448 -73.89 -78.67 -48.11
C LYS A 3448 -72.77 -77.63 -47.90
N GLU A 3449 -72.26 -77.05 -49.00
CA GLU A 3449 -71.21 -75.98 -48.92
C GLU A 3449 -71.79 -74.72 -48.25
N GLU A 3450 -73.01 -74.33 -48.61
CA GLU A 3450 -73.70 -73.15 -48.01
C GLU A 3450 -73.90 -73.40 -46.50
N TYR A 3451 -74.23 -74.64 -46.11
CA TYR A 3451 -74.44 -75.00 -44.68
C TYR A 3451 -73.11 -74.93 -43.93
N ALA A 3452 -72.03 -75.47 -44.52
CA ALA A 3452 -70.67 -75.44 -43.91
C ALA A 3452 -70.24 -73.97 -43.77
N VAL A 3453 -70.60 -73.13 -44.75
CA VAL A 3453 -70.30 -71.66 -44.69
C VAL A 3453 -71.14 -71.03 -43.59
N LEU A 3454 -72.44 -71.36 -43.50
CA LEU A 3454 -73.38 -70.86 -42.47
C LEU A 3454 -72.92 -71.33 -41.09
N ILE A 3455 -72.34 -72.53 -41.00
CA ILE A 3455 -71.85 -73.09 -39.71
C ILE A 3455 -70.57 -72.37 -39.31
N SER A 3456 -69.67 -72.11 -40.28
CA SER A 3456 -68.40 -71.38 -40.03
C SER A 3456 -68.72 -69.95 -39.57
N GLU A 3457 -69.71 -69.29 -40.21
CA GLU A 3457 -70.10 -67.88 -39.87
C GLU A 3457 -70.70 -67.88 -38.46
N ALA A 3458 -71.49 -68.92 -38.14
CA ALA A 3458 -72.10 -69.08 -36.79
C ALA A 3458 -70.98 -69.23 -35.75
N GLN A 3459 -69.97 -70.05 -36.01
CA GLN A 3459 -68.84 -70.31 -35.06
C GLN A 3459 -68.09 -68.99 -34.84
N ALA A 3460 -67.92 -68.14 -35.87
CA ALA A 3460 -67.29 -66.79 -35.70
C ALA A 3460 -68.19 -65.87 -34.87
N ILE A 3461 -69.50 -65.88 -35.13
CA ILE A 3461 -70.50 -65.10 -34.34
C ILE A 3461 -70.50 -65.62 -32.90
N LYS A 3462 -70.34 -66.94 -32.69
CA LYS A 3462 -70.38 -67.58 -31.35
C LYS A 3462 -69.12 -67.19 -30.58
N ALA A 3463 -67.96 -67.23 -31.24
CA ALA A 3463 -66.66 -66.90 -30.58
C ALA A 3463 -66.63 -65.40 -30.27
N ASP A 3464 -67.23 -64.58 -31.16
CA ASP A 3464 -67.31 -63.11 -30.96
C ASP A 3464 -68.24 -62.84 -29.77
N LEU A 3465 -69.33 -63.62 -29.67
CA LEU A 3465 -70.31 -63.52 -28.55
C LEU A 3465 -69.65 -63.97 -27.24
N ALA A 3466 -68.82 -65.03 -27.26
CA ALA A 3466 -68.14 -65.56 -26.06
C ALA A 3466 -67.14 -64.50 -25.58
N ALA A 3467 -66.47 -63.80 -26.52
CA ALA A 3467 -65.53 -62.69 -26.15
C ALA A 3467 -66.32 -61.52 -25.57
N VAL A 3468 -67.48 -61.18 -26.17
CA VAL A 3468 -68.35 -60.04 -25.71
C VAL A 3468 -68.96 -60.37 -24.34
N GLU A 3469 -69.20 -61.66 -24.06
CA GLU A 3469 -69.75 -62.11 -22.74
C GLU A 3469 -68.62 -62.13 -21.71
N ALA A 3470 -67.50 -62.75 -22.12
CA ALA A 3470 -66.36 -62.82 -21.20
C ALA A 3470 -66.26 -61.37 -20.77
N LYS A 3471 -66.30 -60.47 -21.75
CA LYS A 3471 -66.30 -59.03 -21.38
C LYS A 3471 -67.50 -58.77 -20.49
N VAL A 3472 -68.72 -59.19 -20.85
CA VAL A 3472 -69.88 -58.80 -19.99
C VAL A 3472 -69.68 -59.31 -18.56
N ASN A 3473 -69.37 -60.60 -18.39
CA ASN A 3473 -69.33 -61.16 -17.02
C ASN A 3473 -68.20 -60.51 -16.22
N ARG A 3474 -67.04 -60.40 -16.85
CA ARG A 3474 -65.87 -59.87 -16.10
C ARG A 3474 -66.14 -58.40 -15.78
N SER A 3475 -66.79 -57.64 -16.67
CA SER A 3475 -67.13 -56.21 -16.45
C SER A 3475 -68.13 -56.05 -15.30
N THR A 3476 -69.10 -56.97 -15.20
CA THR A 3476 -70.02 -56.93 -14.05
C THR A 3476 -69.19 -57.16 -12.78
N ALA A 3477 -68.25 -58.10 -12.86
CA ALA A 3477 -67.38 -58.37 -11.70
C ALA A 3477 -66.58 -57.10 -11.40
N LEU A 3478 -66.11 -56.40 -12.44
CA LEU A 3478 -65.35 -55.13 -12.25
C LEU A 3478 -66.24 -54.15 -11.49
N LEU A 3479 -67.50 -54.02 -11.89
CA LEU A 3479 -68.41 -53.01 -11.26
C LEU A 3479 -68.57 -53.33 -9.77
N LYS A 3480 -68.71 -54.62 -9.43
CA LYS A 3480 -68.86 -55.04 -8.01
C LYS A 3480 -67.58 -54.68 -7.24
N SER A 3481 -66.41 -54.92 -7.85
CA SER A 3481 -65.12 -54.61 -7.19
C SER A 3481 -65.02 -53.10 -6.94
N LEU A 3482 -65.40 -52.29 -7.94
CA LEU A 3482 -65.31 -50.81 -7.84
C LEU A 3482 -66.23 -50.29 -6.73
N SER A 3483 -67.45 -50.82 -6.61
CA SER A 3483 -68.42 -50.30 -5.62
C SER A 3483 -67.97 -50.67 -4.21
N ALA A 3484 -67.54 -51.92 -3.99
CA ALA A 3484 -66.98 -52.35 -2.69
C ALA A 3484 -65.75 -51.51 -2.36
N GLU A 3485 -64.89 -51.26 -3.35
CA GLU A 3485 -63.68 -50.41 -3.14
C GLU A 3485 -64.14 -49.00 -2.79
N ARG A 3486 -65.20 -48.52 -3.45
CA ARG A 3486 -65.72 -47.15 -3.17
C ARG A 3486 -66.19 -47.11 -1.72
N GLU A 3487 -66.88 -48.16 -1.25
CA GLU A 3487 -67.37 -48.21 0.15
C GLU A 3487 -66.18 -48.24 1.10
N ARG A 3488 -65.12 -48.97 0.75
CA ARG A 3488 -63.90 -49.03 1.60
C ARG A 3488 -63.30 -47.63 1.70
N TRP A 3489 -63.26 -46.90 0.57
CA TRP A 3489 -62.70 -45.53 0.56
C TRP A 3489 -63.60 -44.61 1.41
N GLU A 3490 -64.92 -44.83 1.36
CA GLU A 3490 -65.88 -44.03 2.16
C GLU A 3490 -65.61 -44.30 3.65
N LYS A 3491 -65.34 -45.55 4.01
CA LYS A 3491 -65.02 -45.91 5.41
C LYS A 3491 -63.71 -45.22 5.79
N THR A 3492 -62.74 -45.16 4.86
CA THR A 3492 -61.45 -44.49 5.12
C THR A 3492 -61.72 -43.00 5.37
N SER A 3493 -62.64 -42.41 4.60
CA SER A 3493 -63.01 -40.99 4.81
C SER A 3493 -63.74 -40.86 6.15
N GLU A 3494 -64.53 -41.88 6.53
CA GLU A 3494 -65.19 -41.74 7.83
C GLU A 3494 -64.15 -41.82 8.95
N THR A 3495 -63.20 -42.76 8.83
CA THR A 3495 -62.19 -42.89 9.87
C THR A 3495 -61.38 -41.60 10.02
N PHE A 3496 -61.13 -40.90 8.91
CA PHE A 3496 -60.36 -39.67 9.00
C PHE A 3496 -61.05 -38.65 9.90
N LYS A 3497 -62.39 -38.61 9.86
CA LYS A 3497 -63.10 -37.70 10.74
C LYS A 3497 -62.78 -38.00 12.19
N ASN A 3498 -62.83 -39.28 12.57
CA ASN A 3498 -62.48 -39.66 13.93
C ASN A 3498 -61.05 -39.25 14.25
N GLN A 3499 -60.15 -39.37 13.26
CA GLN A 3499 -58.77 -38.97 13.50
C GLN A 3499 -58.68 -37.48 13.81
N MET A 3500 -59.50 -36.64 13.13
CA MET A 3500 -59.60 -35.24 13.51
C MET A 3500 -59.90 -35.11 14.99
N SER A 3501 -60.93 -35.82 15.46
CA SER A 3501 -61.37 -35.66 16.83
C SER A 3501 -60.31 -36.08 17.83
N THR A 3502 -59.29 -36.81 17.38
CA THR A 3502 -58.25 -37.33 18.26
C THR A 3502 -56.94 -36.56 18.13
N ILE A 3503 -56.83 -35.63 17.17
CA ILE A 3503 -55.52 -35.05 16.86
C ILE A 3503 -55.01 -34.20 18.03
N ALA A 3504 -55.86 -33.31 18.57
CA ALA A 3504 -55.40 -32.24 19.44
C ALA A 3504 -54.66 -32.79 20.66
N GLY A 3505 -55.37 -33.55 21.49
CA GLY A 3505 -54.74 -34.14 22.66
C GLY A 3505 -53.50 -34.94 22.31
N ASP A 3506 -53.54 -35.68 21.20
CA ASP A 3506 -52.39 -36.48 20.82
C ASP A 3506 -51.17 -35.61 20.64
N CYS A 3507 -51.33 -34.51 19.90
CA CYS A 3507 -50.21 -33.59 19.68
C CYS A 3507 -49.71 -33.07 21.01
N LEU A 3508 -50.63 -32.75 21.92
CA LEU A 3508 -50.24 -32.31 23.25
C LEU A 3508 -49.33 -33.33 23.90
N LEU A 3509 -49.77 -34.60 23.94
CA LEU A 3509 -48.99 -35.62 24.61
C LEU A 3509 -47.66 -35.87 23.92
N SER A 3510 -47.55 -35.51 22.64
CA SER A 3510 -46.27 -35.60 21.96
C SER A 3510 -45.46 -34.32 22.17
N ALA A 3511 -46.13 -33.17 22.12
CA ALA A 3511 -45.42 -31.89 22.19
C ALA A 3511 -44.65 -31.76 23.49
N ALA A 3512 -45.35 -32.02 24.61
CA ALA A 3512 -44.71 -32.06 25.91
C ALA A 3512 -43.51 -33.00 25.90
N PHE A 3513 -43.68 -34.18 25.29
CA PHE A 3513 -42.60 -35.15 25.28
C PHE A 3513 -41.40 -34.61 24.54
N ILE A 3514 -41.62 -33.82 23.49
CA ILE A 3514 -40.48 -33.28 22.75
C ILE A 3514 -39.81 -32.18 23.55
N ALA A 3515 -40.57 -31.49 24.41
CA ALA A 3515 -40.06 -30.30 25.08
C ALA A 3515 -39.51 -30.59 26.47
N TYR A 3516 -40.24 -31.35 27.26
CA TYR A 3516 -39.94 -31.50 28.69
C TYR A 3516 -39.08 -32.72 28.98
N ALA A 3517 -39.59 -33.91 28.69
CA ALA A 3517 -39.01 -35.15 29.20
C ALA A 3517 -37.90 -35.66 28.29
N GLY A 3518 -36.87 -34.82 28.14
CA GLY A 3518 -35.72 -35.14 27.34
C GLY A 3518 -34.51 -35.55 28.16
N TYR A 3519 -34.41 -35.02 29.38
CA TYR A 3519 -33.32 -35.38 30.28
C TYR A 3519 -33.63 -36.64 31.07
N PHE A 3520 -34.90 -36.93 31.33
CA PHE A 3520 -35.26 -38.00 32.24
C PHE A 3520 -34.94 -39.37 31.64
N ASP A 3521 -34.89 -40.37 32.50
CA ASP A 3521 -34.69 -41.74 32.07
C ASP A 3521 -35.98 -42.28 31.46
N GLN A 3522 -35.88 -43.49 30.89
CA GLN A 3522 -37.03 -44.08 30.21
C GLN A 3522 -38.19 -44.33 31.16
N GLN A 3523 -37.89 -44.80 32.38
CA GLN A 3523 -38.95 -45.11 33.32
C GLN A 3523 -39.73 -43.86 33.71
N MET A 3524 -39.01 -42.78 34.03
CA MET A 3524 -39.71 -41.55 34.41
C MET A 3524 -40.34 -40.88 33.21
N ARG A 3525 -39.78 -41.06 32.00
CA ARG A 3525 -40.46 -40.62 30.79
C ARG A 3525 -41.82 -41.28 30.67
N GLN A 3526 -41.87 -42.60 30.84
CA GLN A 3526 -43.14 -43.31 30.74
C GLN A 3526 -44.08 -42.91 31.87
N ASN A 3527 -43.54 -42.69 33.07
CA ASN A 3527 -44.38 -42.28 34.19
C ASN A 3527 -45.01 -40.92 33.93
N LEU A 3528 -44.23 -39.97 33.43
CA LEU A 3528 -44.77 -38.65 33.10
C LEU A 3528 -45.80 -38.76 32.00
N PHE A 3529 -45.54 -39.58 30.98
CA PHE A 3529 -46.49 -39.73 29.90
C PHE A 3529 -47.80 -40.32 30.39
N THR A 3530 -47.73 -41.31 31.28
CA THR A 3530 -48.95 -41.89 31.83
C THR A 3530 -49.70 -40.87 32.67
N THR A 3531 -48.99 -40.04 33.43
CA THR A 3531 -49.65 -39.01 34.23
C THR A 3531 -50.36 -38.00 33.32
N TRP A 3532 -49.69 -37.56 32.26
CA TRP A 3532 -50.31 -36.62 31.33
C TRP A 3532 -51.51 -37.24 30.64
N SER A 3533 -51.39 -38.50 30.22
CA SER A 3533 -52.51 -39.17 29.57
C SER A 3533 -53.70 -39.31 30.52
N HIS A 3534 -53.43 -39.65 31.78
CA HIS A 3534 -54.52 -39.77 32.75
C HIS A 3534 -55.19 -38.43 32.99
N HIS A 3535 -54.40 -37.35 33.05
CA HIS A 3535 -54.99 -36.03 33.25
C HIS A 3535 -55.81 -35.61 32.04
N LEU A 3536 -55.34 -35.93 30.83
CA LEU A 3536 -56.12 -35.65 29.64
C LEU A 3536 -57.42 -36.44 29.63
N GLN A 3537 -57.36 -37.71 30.04
CA GLN A 3537 -58.56 -38.52 30.13
C GLN A 3537 -59.54 -37.92 31.15
N GLN A 3538 -59.01 -37.39 32.24
CA GLN A 3538 -59.87 -36.81 33.27
C GLN A 3538 -60.63 -35.60 32.75
N ALA A 3539 -60.04 -34.86 31.81
CA ALA A 3539 -60.64 -33.65 31.27
C ALA A 3539 -61.52 -33.89 30.04
N ASN A 3540 -61.77 -35.15 29.70
CA ASN A 3540 -62.58 -35.53 28.54
C ASN A 3540 -61.98 -35.04 27.22
N ILE A 3541 -60.68 -34.76 27.20
CA ILE A 3541 -59.99 -34.47 25.94
C ILE A 3541 -59.74 -35.79 25.23
N GLN A 3542 -60.15 -35.86 23.97
CA GLN A 3542 -60.05 -37.10 23.20
C GLN A 3542 -58.63 -37.28 22.69
N PHE A 3543 -58.03 -38.43 22.99
CA PHE A 3543 -56.68 -38.75 22.57
C PHE A 3543 -56.60 -40.25 22.31
N ARG A 3544 -55.63 -40.65 21.47
CA ARG A 3544 -55.47 -42.07 21.16
C ARG A 3544 -55.12 -42.82 22.44
N THR A 3545 -55.70 -44.02 22.59
CA THR A 3545 -55.45 -44.80 23.79
C THR A 3545 -54.03 -45.33 23.82
N ASP A 3546 -53.64 -46.08 22.78
CA ASP A 3546 -52.32 -46.71 22.70
C ASP A 3546 -51.44 -45.89 21.76
N ILE A 3547 -50.94 -44.77 22.29
CA ILE A 3547 -50.06 -43.90 21.52
C ILE A 3547 -48.64 -44.44 21.58
N ALA A 3548 -47.96 -44.42 20.45
CA ALA A 3548 -46.52 -44.69 20.36
C ALA A 3548 -45.86 -43.38 19.98
N ARG A 3549 -45.08 -42.81 20.91
CA ARG A 3549 -44.46 -41.52 20.66
C ARG A 3549 -43.48 -41.61 19.49
N THR A 3550 -42.60 -42.62 19.51
CA THR A 3550 -41.60 -42.75 18.47
C THR A 3550 -42.21 -42.98 17.10
N GLU A 3551 -43.42 -43.54 17.05
CA GLU A 3551 -44.09 -43.81 15.79
C GLU A 3551 -44.97 -42.65 15.33
N TYR A 3552 -45.56 -41.91 16.28
CA TYR A 3552 -46.42 -40.78 15.93
C TYR A 3552 -45.63 -39.60 15.41
N LEU A 3553 -44.33 -39.52 15.68
CA LEU A 3553 -43.51 -38.35 15.38
C LEU A 3553 -42.47 -38.59 14.30
N SER A 3554 -42.46 -39.76 13.67
CA SER A 3554 -41.45 -40.06 12.66
C SER A 3554 -41.97 -41.13 11.71
N ASN A 3555 -41.67 -40.95 10.43
CA ASN A 3555 -42.01 -41.93 9.41
C ASN A 3555 -40.93 -43.00 9.33
N ALA A 3556 -41.31 -44.18 8.84
CA ALA A 3556 -40.39 -45.32 8.86
C ALA A 3556 -39.16 -45.09 8.00
N ASP A 3557 -39.27 -44.24 6.97
CA ASP A 3557 -38.09 -43.92 6.17
C ASP A 3557 -37.05 -43.20 7.02
N GLU A 3558 -37.48 -42.28 7.88
CA GLU A 3558 -36.54 -41.58 8.74
C GLU A 3558 -35.90 -42.52 9.75
N ARG A 3559 -36.67 -43.44 10.32
CA ARG A 3559 -36.11 -44.40 11.26
C ARG A 3559 -35.12 -45.32 10.57
N LEU A 3560 -35.42 -45.73 9.35
CA LEU A 3560 -34.48 -46.54 8.58
C LEU A 3560 -33.20 -45.76 8.29
N ARG A 3561 -33.34 -44.47 7.98
CA ARG A 3561 -32.15 -43.64 7.74
C ARG A 3561 -31.31 -43.51 9.00
N TRP A 3562 -31.96 -43.32 10.16
CA TRP A 3562 -31.21 -43.22 11.40
C TRP A 3562 -30.49 -44.51 11.72
N GLN A 3563 -31.17 -45.66 11.54
CA GLN A 3563 -30.51 -46.94 11.79
C GLN A 3563 -29.40 -47.20 10.79
N ALA A 3564 -29.52 -46.67 9.57
CA ALA A 3564 -28.40 -46.72 8.64
C ALA A 3564 -27.22 -45.94 9.19
N SER A 3565 -27.48 -44.79 9.82
CA SER A 3565 -26.47 -44.13 10.61
C SER A 3565 -26.24 -44.90 11.89
N SER A 3566 -25.31 -44.42 12.72
CA SER A 3566 -24.90 -45.15 13.93
C SER A 3566 -25.87 -44.89 15.08
N LEU A 3567 -27.12 -45.31 14.88
CA LEU A 3567 -28.15 -45.22 15.90
C LEU A 3567 -28.33 -46.60 16.53
N PRO A 3568 -28.02 -46.80 17.81
CA PRO A 3568 -28.48 -48.03 18.48
C PRO A 3568 -30.00 -48.08 18.52
N ALA A 3569 -30.56 -49.13 17.92
CA ALA A 3569 -32.00 -49.22 17.77
C ALA A 3569 -32.68 -49.63 19.07
N ASP A 3570 -33.06 -48.64 19.88
CA ASP A 3570 -33.84 -48.87 21.09
C ASP A 3570 -34.95 -47.83 21.15
N ASP A 3571 -35.93 -48.08 22.02
CA ASP A 3571 -37.03 -47.13 22.18
C ASP A 3571 -36.53 -45.79 22.69
N LEU A 3572 -35.67 -45.82 23.72
CA LEU A 3572 -35.09 -44.59 24.25
C LEU A 3572 -34.24 -43.89 23.20
N CYS A 3573 -33.44 -44.66 22.46
CA CYS A 3573 -32.56 -44.05 21.46
C CYS A 3573 -33.36 -43.49 20.29
N THR A 3574 -34.44 -44.17 19.89
CA THR A 3574 -35.29 -43.62 18.83
C THR A 3574 -35.97 -42.33 19.28
N GLU A 3575 -36.47 -42.30 20.53
CA GLU A 3575 -37.07 -41.08 21.04
C GLU A 3575 -36.05 -39.95 21.08
N ASN A 3576 -34.83 -40.26 21.51
CA ASN A 3576 -33.78 -39.25 21.52
C ASN A 3576 -33.45 -38.75 20.12
N ALA A 3577 -33.40 -39.68 19.15
CA ALA A 3577 -33.15 -39.27 17.78
C ALA A 3577 -34.25 -38.36 17.25
N ILE A 3578 -35.49 -38.62 17.64
CA ILE A 3578 -36.58 -37.73 17.28
C ILE A 3578 -36.37 -36.36 17.92
N MET A 3579 -35.93 -36.34 19.18
CA MET A 3579 -35.66 -35.07 19.84
C MET A 3579 -34.56 -34.27 19.15
N LEU A 3580 -33.66 -34.95 18.44
CA LEU A 3580 -32.64 -34.27 17.65
C LEU A 3580 -33.13 -33.83 16.29
N LYS A 3581 -34.41 -34.08 15.96
CA LYS A 3581 -35.03 -33.65 14.71
C LYS A 3581 -36.02 -32.53 14.92
N ARG A 3582 -36.84 -32.61 15.96
CA ARG A 3582 -37.94 -31.67 16.20
C ARG A 3582 -37.59 -30.68 17.31
N PHE A 3583 -36.34 -30.26 17.39
CA PHE A 3583 -35.89 -29.34 18.42
C PHE A 3583 -36.02 -27.89 17.93
N ASN A 3584 -36.60 -27.04 18.78
CA ASN A 3584 -36.54 -25.61 18.53
C ASN A 3584 -35.24 -25.03 19.07
N ARG A 3585 -34.94 -25.31 20.34
CA ARG A 3585 -33.68 -24.93 20.94
C ARG A 3585 -32.62 -25.97 20.65
N TYR A 3586 -31.37 -25.55 20.62
CA TYR A 3586 -30.29 -26.44 20.28
C TYR A 3586 -30.16 -27.53 21.35
N PRO A 3587 -29.74 -28.74 20.99
CA PRO A 3587 -29.76 -29.84 21.95
C PRO A 3587 -28.44 -30.07 22.68
N LEU A 3588 -28.59 -30.67 23.87
CA LEU A 3588 -27.49 -31.09 24.74
C LEU A 3588 -27.56 -32.62 24.82
N ILE A 3589 -26.59 -33.29 24.21
CA ILE A 3589 -26.57 -34.73 24.06
C ILE A 3589 -25.67 -35.31 25.15
N ILE A 3590 -26.27 -35.96 26.14
CA ILE A 3590 -25.54 -36.60 27.23
C ILE A 3590 -25.37 -38.06 26.82
N ASP A 3591 -24.18 -38.41 26.32
CA ASP A 3591 -23.90 -39.72 25.74
C ASP A 3591 -22.59 -40.27 26.28
N PRO A 3592 -22.61 -40.97 27.42
CA PRO A 3592 -21.36 -41.60 27.88
C PRO A 3592 -20.82 -42.64 26.92
N SER A 3593 -21.69 -43.33 26.18
CA SER A 3593 -21.22 -44.32 25.21
C SER A 3593 -20.47 -43.65 24.06
N GLY A 3594 -20.94 -42.50 23.60
CA GLY A 3594 -20.38 -41.82 22.45
C GLY A 3594 -21.01 -42.17 21.13
N GLN A 3595 -22.08 -42.99 21.13
CA GLN A 3595 -22.74 -43.34 19.88
C GLN A 3595 -23.42 -42.13 19.25
N ALA A 3596 -24.01 -41.26 20.08
CA ALA A 3596 -24.84 -40.18 19.55
C ALA A 3596 -24.00 -39.14 18.80
N THR A 3597 -22.76 -38.90 19.22
CA THR A 3597 -21.91 -37.99 18.47
C THR A 3597 -21.65 -38.52 17.07
N GLU A 3598 -21.36 -39.81 16.94
CA GLU A 3598 -21.18 -40.41 15.62
C GLU A 3598 -22.47 -40.37 14.82
N PHE A 3599 -23.61 -40.56 15.49
CA PHE A 3599 -24.90 -40.47 14.80
C PHE A 3599 -25.12 -39.09 14.22
N ILE A 3600 -24.88 -38.05 15.03
CA ILE A 3600 -25.02 -36.67 14.55
C ILE A 3600 -24.06 -36.41 13.40
N MET A 3601 -22.84 -36.96 13.51
CA MET A 3601 -21.84 -36.70 12.46
C MET A 3601 -22.24 -37.35 11.15
N ASN A 3602 -22.74 -38.60 11.21
CA ASN A 3602 -23.14 -39.27 9.99
C ASN A 3602 -24.39 -38.66 9.39
N GLU A 3603 -25.31 -38.20 10.23
CA GLU A 3603 -26.54 -37.59 9.72
C GLU A 3603 -26.25 -36.30 8.95
N TYR A 3604 -25.36 -35.47 9.50
CA TYR A 3604 -25.08 -34.14 8.96
C TYR A 3604 -23.81 -34.10 8.10
N LYS A 3605 -23.34 -35.26 7.65
CA LYS A 3605 -22.14 -35.28 6.82
C LYS A 3605 -22.35 -34.53 5.52
N ASP A 3606 -23.56 -34.60 4.96
CA ASP A 3606 -23.85 -33.86 3.73
C ASP A 3606 -23.72 -32.36 3.92
N ARG A 3607 -24.00 -31.87 5.13
CA ARG A 3607 -23.88 -30.46 5.45
C ARG A 3607 -22.48 -30.07 5.94
N LYS A 3608 -21.53 -31.00 5.92
CA LYS A 3608 -20.12 -30.72 6.25
C LYS A 3608 -19.98 -30.25 7.69
N ILE A 3609 -20.62 -30.99 8.61
CA ILE A 3609 -20.46 -30.72 10.03
C ILE A 3609 -19.00 -30.95 10.43
N THR A 3610 -18.53 -30.18 11.40
CA THR A 3610 -17.15 -30.23 11.87
C THR A 3610 -17.14 -30.41 13.39
N ARG A 3611 -16.15 -31.15 13.88
CA ARG A 3611 -16.06 -31.46 15.31
C ARG A 3611 -15.24 -30.39 16.03
N THR A 3612 -15.67 -30.06 17.24
CA THR A 3612 -14.96 -29.10 18.08
C THR A 3612 -15.24 -29.46 19.53
N SER A 3613 -14.42 -28.91 20.42
CA SER A 3613 -14.63 -29.05 21.85
C SER A 3613 -14.33 -27.73 22.54
N PHE A 3614 -14.97 -27.50 23.70
CA PHE A 3614 -14.68 -26.31 24.46
C PHE A 3614 -13.22 -26.27 24.90
N LEU A 3615 -12.68 -27.42 25.29
CA LEU A 3615 -11.31 -27.48 25.78
C LEU A 3615 -10.28 -27.16 24.70
N ASP A 3616 -10.65 -27.29 23.42
CA ASP A 3616 -9.70 -27.00 22.35
C ASP A 3616 -9.36 -25.52 22.32
N ASP A 3617 -8.08 -25.23 22.07
CA ASP A 3617 -7.63 -23.83 22.02
C ASP A 3617 -8.31 -23.09 20.87
N ALA A 3618 -8.40 -23.72 19.71
CA ALA A 3618 -9.03 -23.11 18.54
C ALA A 3618 -10.53 -23.41 18.50
N PHE A 3619 -11.22 -23.14 19.60
CA PHE A 3619 -12.65 -23.35 19.70
C PHE A 3619 -13.44 -22.11 19.32
N ARG A 3620 -13.05 -20.96 19.87
CA ARG A 3620 -13.81 -19.73 19.62
C ARG A 3620 -13.79 -19.36 18.15
N LYS A 3621 -12.64 -19.52 17.48
CA LYS A 3621 -12.57 -19.15 16.07
C LYS A 3621 -13.36 -20.12 15.20
N ASN A 3622 -13.33 -21.41 15.53
CA ASN A 3622 -14.16 -22.38 14.81
C ASN A 3622 -15.64 -22.08 15.01
N LEU A 3623 -16.03 -21.72 16.24
CA LEU A 3623 -17.41 -21.32 16.49
C LEU A 3623 -17.77 -20.08 15.70
N GLU A 3624 -16.85 -19.11 15.62
CA GLU A 3624 -17.09 -17.90 14.84
C GLU A 3624 -17.32 -18.26 13.38
N SER A 3625 -16.49 -19.14 12.83
CA SER A 3625 -16.65 -19.53 11.43
C SER A 3625 -17.97 -20.24 11.21
N ALA A 3626 -18.34 -21.15 12.12
CA ALA A 3626 -19.60 -21.88 11.96
C ALA A 3626 -20.80 -20.94 12.03
N LEU A 3627 -20.77 -19.99 12.96
CA LEU A 3627 -21.86 -19.03 13.07
C LEU A 3627 -21.89 -18.09 11.88
N ARG A 3628 -20.72 -17.76 11.33
CA ARG A 3628 -20.62 -16.79 10.25
C ARG A 3628 -21.07 -17.38 8.91
N PHE A 3629 -20.74 -18.64 8.65
CA PHE A 3629 -20.98 -19.27 7.37
C PHE A 3629 -22.19 -20.21 7.34
N GLY A 3630 -22.61 -20.73 8.49
CA GLY A 3630 -23.82 -21.51 8.60
C GLY A 3630 -23.64 -23.02 8.58
N ASN A 3631 -22.41 -23.51 8.54
CA ASN A 3631 -22.22 -24.95 8.62
C ASN A 3631 -22.63 -25.45 10.01
N PRO A 3632 -23.26 -26.63 10.11
CA PRO A 3632 -23.58 -27.14 11.44
C PRO A 3632 -22.33 -27.52 12.21
N LEU A 3633 -22.45 -27.52 13.53
CA LEU A 3633 -21.32 -27.73 14.43
C LEU A 3633 -21.73 -28.68 15.56
N LEU A 3634 -20.76 -29.49 15.98
CA LEU A 3634 -20.88 -30.32 17.18
C LEU A 3634 -19.75 -29.91 18.13
N VAL A 3635 -20.12 -29.51 19.34
CA VAL A 3635 -19.17 -29.07 20.36
C VAL A 3635 -19.21 -30.09 21.49
N GLN A 3636 -18.05 -30.65 21.82
CA GLN A 3636 -17.91 -31.69 22.82
C GLN A 3636 -17.34 -31.13 24.12
N ASP A 3637 -17.52 -31.89 25.20
CA ASP A 3637 -17.04 -31.51 26.52
C ASP A 3637 -17.65 -30.18 26.96
N VAL A 3638 -18.99 -30.16 27.03
CA VAL A 3638 -19.71 -29.00 27.53
C VAL A 3638 -19.78 -28.97 29.05
N GLU A 3639 -19.13 -29.91 29.74
CA GLU A 3639 -19.01 -29.81 31.20
C GLU A 3639 -18.28 -28.53 31.58
N SER A 3640 -17.26 -28.15 30.80
CA SER A 3640 -16.59 -26.86 30.95
C SER A 3640 -17.21 -25.84 30.00
N TYR A 3641 -18.50 -25.58 30.22
CA TYR A 3641 -19.26 -24.73 29.32
C TYR A 3641 -18.76 -23.29 29.39
N ASP A 3642 -18.32 -22.77 28.24
CA ASP A 3642 -17.94 -21.37 28.15
C ASP A 3642 -19.20 -20.49 28.13
N PRO A 3643 -19.19 -19.32 28.79
CA PRO A 3643 -20.41 -18.51 28.80
C PRO A 3643 -20.60 -17.67 27.55
N VAL A 3644 -19.60 -17.57 26.68
CA VAL A 3644 -19.71 -16.79 25.45
C VAL A 3644 -20.81 -17.32 24.55
N LEU A 3645 -21.15 -18.60 24.67
CA LEU A 3645 -22.22 -19.21 23.90
C LEU A 3645 -23.61 -18.89 24.44
N ASN A 3646 -23.72 -18.07 25.49
CA ASN A 3646 -25.03 -17.79 26.07
C ASN A 3646 -26.00 -17.13 25.10
N PRO A 3647 -25.66 -16.04 24.40
CA PRO A 3647 -26.64 -15.48 23.44
C PRO A 3647 -26.88 -16.39 22.25
N VAL A 3648 -25.88 -17.13 21.79
CA VAL A 3648 -26.03 -17.96 20.61
C VAL A 3648 -27.10 -19.02 20.84
N LEU A 3649 -27.08 -19.67 22.01
CA LEU A 3649 -28.13 -20.61 22.34
C LEU A 3649 -29.45 -19.90 22.55
N ASN A 3650 -29.43 -18.66 23.02
CA ASN A 3650 -30.65 -17.90 23.25
C ASN A 3650 -31.16 -17.19 21.99
N ARG A 3651 -30.36 -17.17 20.92
CA ARG A 3651 -30.78 -16.58 19.64
C ARG A 3651 -31.08 -15.09 19.80
N GLU A 3652 -30.12 -14.37 20.40
CA GLU A 3652 -30.28 -12.93 20.67
C GLU A 3652 -29.79 -12.11 19.48
N VAL A 3653 -30.46 -12.31 18.35
CA VAL A 3653 -30.10 -11.59 17.13
C VAL A 3653 -30.40 -10.11 17.30
N ARG A 3654 -29.46 -9.27 16.89
CA ARG A 3654 -29.64 -7.82 16.81
C ARG A 3654 -29.66 -7.43 15.34
N ARG A 3655 -30.77 -6.87 14.88
CA ARG A 3655 -30.99 -6.59 13.47
C ARG A 3655 -30.63 -5.13 13.19
N THR A 3656 -29.73 -4.91 12.23
CA THR A 3656 -29.37 -3.58 11.77
C THR A 3656 -29.31 -3.62 10.24
N GLY A 3657 -30.35 -3.07 9.60
CA GLY A 3657 -30.46 -3.20 8.16
C GLY A 3657 -30.52 -4.66 7.77
N GLY A 3658 -29.72 -5.04 6.78
CA GLY A 3658 -29.57 -6.42 6.40
C GLY A 3658 -28.57 -7.20 7.22
N ARG A 3659 -27.82 -6.54 8.10
CA ARG A 3659 -26.79 -7.19 8.91
C ARG A 3659 -27.42 -7.64 10.22
N VAL A 3660 -27.47 -8.95 10.43
CA VAL A 3660 -28.02 -9.53 11.64
C VAL A 3660 -26.84 -9.96 12.52
N LEU A 3661 -26.50 -9.12 13.48
CA LEU A 3661 -25.34 -9.33 14.35
C LEU A 3661 -25.71 -10.17 15.55
N ILE A 3662 -24.72 -10.89 16.07
CA ILE A 3662 -24.78 -11.51 17.38
C ILE A 3662 -23.41 -11.33 18.04
N THR A 3663 -23.41 -10.98 19.31
CA THR A 3663 -22.16 -10.70 20.01
C THR A 3663 -21.46 -11.99 20.38
N LEU A 3664 -20.16 -12.07 20.09
CA LEU A 3664 -19.33 -13.18 20.52
C LEU A 3664 -17.95 -12.60 20.84
N GLY A 3665 -17.61 -12.58 22.13
CA GLY A 3665 -16.36 -11.96 22.54
C GLY A 3665 -16.33 -10.51 22.13
N ASP A 3666 -15.22 -10.11 21.50
CA ASP A 3666 -15.12 -8.75 20.98
C ASP A 3666 -16.01 -8.57 19.75
N GLN A 3667 -16.17 -9.61 18.94
CA GLN A 3667 -16.75 -9.45 17.62
C GLN A 3667 -18.26 -9.45 17.66
N ASP A 3668 -18.86 -8.92 16.60
CA ASP A 3668 -20.29 -8.98 16.33
C ASP A 3668 -20.43 -9.64 14.97
N ILE A 3669 -20.82 -10.91 14.97
CA ILE A 3669 -20.71 -11.76 13.79
C ILE A 3669 -22.10 -12.00 13.22
N ASP A 3670 -22.14 -12.28 11.92
CA ASP A 3670 -23.38 -12.35 11.17
C ASP A 3670 -23.92 -13.78 11.22
N LEU A 3671 -25.09 -13.93 11.85
CA LEU A 3671 -25.72 -15.24 11.96
C LEU A 3671 -26.18 -15.70 10.58
N SER A 3672 -25.56 -16.75 10.06
CA SER A 3672 -26.04 -17.34 8.82
C SER A 3672 -27.28 -18.19 9.10
N PRO A 3673 -28.20 -18.31 8.14
CA PRO A 3673 -29.42 -19.10 8.41
C PRO A 3673 -29.16 -20.57 8.72
N SER A 3674 -28.17 -21.16 8.07
CA SER A 3674 -27.97 -22.61 8.15
C SER A 3674 -27.36 -23.07 9.47
N PHE A 3675 -26.94 -22.16 10.34
CA PHE A 3675 -26.19 -22.56 11.52
C PHE A 3675 -27.04 -23.39 12.48
N VAL A 3676 -26.48 -24.52 12.91
CA VAL A 3676 -27.03 -25.34 13.98
C VAL A 3676 -25.87 -25.86 14.80
N ILE A 3677 -26.06 -25.91 16.13
CA ILE A 3677 -25.03 -26.38 17.05
C ILE A 3677 -25.62 -27.49 17.91
N PHE A 3678 -24.81 -28.51 18.18
CA PHE A 3678 -25.17 -29.61 19.06
C PHE A 3678 -24.12 -29.69 20.16
N LEU A 3679 -24.53 -29.47 21.41
CA LEU A 3679 -23.63 -29.60 22.54
C LEU A 3679 -23.62 -31.06 22.97
N SER A 3680 -22.46 -31.51 23.46
CA SER A 3680 -22.26 -32.92 23.79
C SER A 3680 -21.57 -33.05 25.14
N THR A 3681 -21.82 -34.17 25.80
CA THR A 3681 -21.23 -34.47 27.10
C THR A 3681 -20.95 -35.96 27.18
N ARG A 3682 -19.67 -36.33 27.28
CA ARG A 3682 -19.32 -37.70 27.62
C ARG A 3682 -19.54 -38.00 29.09
N ASP A 3683 -19.50 -36.99 29.95
CA ASP A 3683 -19.76 -37.19 31.37
C ASP A 3683 -21.27 -37.26 31.60
N PRO A 3684 -21.80 -38.35 32.15
CA PRO A 3684 -23.22 -38.36 32.53
C PRO A 3684 -23.50 -37.83 33.93
N THR A 3685 -22.46 -37.49 34.70
CA THR A 3685 -22.60 -36.96 36.05
C THR A 3685 -22.18 -35.49 36.00
N VAL A 3686 -23.14 -34.63 35.68
CA VAL A 3686 -22.89 -33.19 35.52
C VAL A 3686 -24.10 -32.44 36.06
N GLU A 3687 -23.83 -31.29 36.70
CA GLU A 3687 -24.85 -30.40 37.22
C GLU A 3687 -24.72 -29.08 36.46
N PHE A 3688 -25.52 -28.90 35.42
CA PHE A 3688 -25.41 -27.70 34.61
C PHE A 3688 -26.07 -26.52 35.33
N PRO A 3689 -25.66 -25.29 35.05
CA PRO A 3689 -26.30 -24.14 35.70
C PRO A 3689 -27.73 -23.98 35.21
N PRO A 3690 -28.62 -23.39 36.01
CA PRO A 3690 -29.96 -23.08 35.49
C PRO A 3690 -29.95 -22.12 34.31
N ASP A 3691 -28.88 -21.33 34.15
CA ASP A 3691 -28.77 -20.45 33.00
C ASP A 3691 -28.75 -21.24 31.70
N LEU A 3692 -27.98 -22.33 31.67
CA LEU A 3692 -27.85 -23.13 30.46
C LEU A 3692 -29.07 -24.02 30.21
N CYS A 3693 -29.77 -24.42 31.28
CA CYS A 3693 -30.89 -25.34 31.10
C CYS A 3693 -32.00 -24.69 30.30
N SER A 3694 -32.32 -23.43 30.59
CA SER A 3694 -33.35 -22.73 29.83
C SER A 3694 -32.92 -22.48 28.39
N ARG A 3695 -31.63 -22.49 28.10
CA ARG A 3695 -31.11 -22.20 26.77
C ARG A 3695 -30.90 -23.43 25.91
N VAL A 3696 -31.26 -24.62 26.39
CA VAL A 3696 -30.90 -25.85 25.69
C VAL A 3696 -31.91 -26.93 26.08
N THR A 3697 -32.18 -27.84 25.15
CA THR A 3697 -33.06 -28.98 25.39
C THR A 3697 -32.21 -30.24 25.55
N PHE A 3698 -32.49 -31.02 26.58
CA PHE A 3698 -31.63 -32.13 26.94
C PHE A 3698 -32.06 -33.42 26.24
N VAL A 3699 -31.07 -34.25 25.91
CA VAL A 3699 -31.26 -35.50 25.20
C VAL A 3699 -30.30 -36.50 25.84
N ASN A 3700 -30.82 -37.42 26.64
CA ASN A 3700 -30.01 -38.28 27.51
C ASN A 3700 -29.84 -39.65 26.86
N PHE A 3701 -28.65 -39.91 26.33
CA PHE A 3701 -28.28 -41.23 25.81
C PHE A 3701 -27.58 -42.06 26.88
N THR A 3702 -28.18 -42.18 28.06
CA THR A 3702 -27.57 -42.84 29.20
C THR A 3702 -28.28 -44.16 29.47
N VAL A 3703 -27.50 -45.23 29.59
CA VAL A 3703 -28.05 -46.52 29.97
C VAL A 3703 -28.43 -46.48 31.44
N THR A 3704 -29.60 -47.03 31.76
CA THR A 3704 -30.10 -47.09 33.13
C THR A 3704 -30.70 -48.48 33.34
N ARG A 3705 -31.34 -48.68 34.49
CA ARG A 3705 -31.92 -49.99 34.79
C ARG A 3705 -33.03 -50.33 33.80
N SER A 3706 -33.99 -49.41 33.62
CA SER A 3706 -35.14 -49.70 32.77
C SER A 3706 -34.77 -49.75 31.30
N SER A 3707 -33.82 -48.91 30.87
CA SER A 3707 -33.41 -48.95 29.46
C SER A 3707 -32.79 -50.29 29.11
N LEU A 3708 -31.85 -50.75 29.92
CA LEU A 3708 -31.23 -52.05 29.65
C LEU A 3708 -32.22 -53.19 29.84
N GLN A 3709 -33.15 -53.04 30.78
CA GLN A 3709 -34.19 -54.06 30.94
C GLN A 3709 -35.02 -54.18 29.67
N SER A 3710 -35.43 -53.05 29.11
CA SER A 3710 -36.22 -53.08 27.87
C SER A 3710 -35.41 -53.63 26.71
N GLN A 3711 -34.14 -53.24 26.60
CA GLN A 3711 -33.30 -53.75 25.53
C GLN A 3711 -33.16 -55.27 25.62
N CYS A 3712 -32.88 -55.77 26.81
CA CYS A 3712 -32.72 -57.21 27.00
C CYS A 3712 -34.03 -57.95 26.73
N LEU A 3713 -35.16 -57.40 27.19
CA LEU A 3713 -36.44 -58.06 26.95
C LEU A 3713 -36.75 -58.12 25.47
N ASN A 3714 -36.49 -57.03 24.74
CA ASN A 3714 -36.70 -57.05 23.30
C ASN A 3714 -35.79 -58.05 22.62
N GLU A 3715 -34.53 -58.14 23.08
CA GLU A 3715 -33.62 -59.12 22.50
C GLU A 3715 -34.11 -60.54 22.71
N VAL A 3716 -34.60 -60.84 23.92
CA VAL A 3716 -35.09 -62.20 24.18
C VAL A 3716 -36.32 -62.49 23.34
N LEU A 3717 -37.24 -61.54 23.25
CA LEU A 3717 -38.43 -61.75 22.44
C LEU A 3717 -38.08 -61.94 20.98
N LYS A 3718 -37.03 -61.27 20.50
CA LYS A 3718 -36.61 -61.46 19.12
C LYS A 3718 -35.93 -62.80 18.92
N ALA A 3719 -35.17 -63.27 19.91
CA ALA A 3719 -34.36 -64.47 19.74
C ALA A 3719 -35.13 -65.76 19.98
N GLU A 3720 -36.00 -65.79 20.99
CA GLU A 3720 -36.63 -67.03 21.45
C GLU A 3720 -38.10 -67.15 21.09
N ARG A 3721 -38.81 -66.04 20.93
CA ARG A 3721 -40.21 -66.04 20.52
C ARG A 3721 -40.38 -65.05 19.38
N PRO A 3722 -39.81 -65.34 18.20
CA PRO A 3722 -39.91 -64.38 17.09
C PRO A 3722 -41.32 -64.11 16.62
N ASP A 3723 -42.26 -65.03 16.84
CA ASP A 3723 -43.65 -64.78 16.47
C ASP A 3723 -44.22 -63.61 17.27
N VAL A 3724 -43.92 -63.55 18.56
CA VAL A 3724 -44.38 -62.42 19.37
C VAL A 3724 -43.65 -61.16 18.96
N ASP A 3725 -42.39 -61.26 18.52
CA ASP A 3725 -41.72 -60.08 18.00
C ASP A 3725 -42.42 -59.55 16.75
N GLU A 3726 -42.85 -60.45 15.87
CA GLU A 3726 -43.61 -60.03 14.70
C GLU A 3726 -44.93 -59.38 15.10
N LYS A 3727 -45.64 -60.00 16.05
CA LYS A 3727 -46.92 -59.46 16.49
C LYS A 3727 -46.77 -58.18 17.31
N ARG A 3728 -45.56 -57.87 17.80
CA ARG A 3728 -45.29 -56.61 18.46
C ARG A 3728 -44.92 -55.52 17.46
N SER A 3729 -44.01 -55.83 16.53
CA SER A 3729 -43.71 -54.88 15.47
C SER A 3729 -44.92 -54.61 14.59
N ASP A 3730 -45.83 -55.58 14.44
CA ASP A 3730 -47.06 -55.36 13.71
C ASP A 3730 -48.08 -54.54 14.49
N LEU A 3731 -47.94 -54.44 15.81
CA LEU A 3731 -48.81 -53.60 16.61
C LEU A 3731 -48.40 -52.14 16.60
N LEU A 3732 -47.12 -51.86 16.36
CA LEU A 3732 -46.63 -50.50 16.13
C LEU A 3732 -46.58 -50.16 14.65
N LYS A 3733 -47.05 -51.06 13.77
CA LYS A 3733 -47.21 -50.77 12.36
C LYS A 3733 -48.67 -50.57 11.96
N LEU A 3734 -49.61 -50.78 12.88
CA LEU A 3734 -50.99 -50.37 12.67
C LEU A 3734 -51.18 -48.88 12.87
N GLN A 3735 -50.13 -48.18 13.28
CA GLN A 3735 -50.01 -46.75 13.11
C GLN A 3735 -49.55 -46.51 11.68
N GLY A 3736 -49.06 -45.31 11.40
CA GLY A 3736 -48.89 -44.78 10.06
C GLY A 3736 -48.39 -45.70 8.96
N GLU A 3737 -47.57 -46.72 9.29
CA GLU A 3737 -46.90 -47.52 8.27
C GLU A 3737 -47.89 -48.23 7.36
N PHE A 3738 -48.71 -49.12 7.93
CA PHE A 3738 -49.54 -49.99 7.08
C PHE A 3738 -50.62 -49.19 6.35
N GLN A 3739 -51.25 -48.22 7.01
CA GLN A 3739 -52.25 -47.42 6.32
C GLN A 3739 -51.61 -46.55 5.25
N LEU A 3740 -50.42 -46.04 5.52
CA LEU A 3740 -49.70 -45.27 4.51
C LEU A 3740 -49.42 -46.12 3.28
N ARG A 3741 -48.99 -47.37 3.48
CA ARG A 3741 -48.79 -48.25 2.33
C ARG A 3741 -50.12 -48.58 1.64
N LEU A 3742 -51.18 -48.75 2.42
CA LEU A 3742 -52.48 -49.11 1.87
C LEU A 3742 -52.99 -48.03 0.93
N ARG A 3743 -52.80 -46.76 1.28
CA ARG A 3743 -53.19 -45.66 0.39
C ARG A 3743 -52.13 -45.28 -0.63
N GLN A 3744 -50.87 -45.61 -0.38
CA GLN A 3744 -49.86 -45.49 -1.44
C GLN A 3744 -50.13 -46.47 -2.57
N LEU A 3745 -50.76 -47.61 -2.26
CA LEU A 3745 -51.24 -48.49 -3.32
C LEU A 3745 -52.43 -47.86 -4.05
N GLU A 3746 -53.30 -47.13 -3.34
CA GLU A 3746 -54.37 -46.41 -4.01
C GLU A 3746 -53.81 -45.34 -4.94
N LYS A 3747 -52.66 -44.76 -4.59
CA LYS A 3747 -52.01 -43.82 -5.48
C LYS A 3747 -51.71 -44.46 -6.84
N SER A 3748 -51.06 -45.63 -6.82
CA SER A 3748 -50.77 -46.32 -8.08
C SER A 3748 -52.03 -46.82 -8.75
N LEU A 3749 -53.07 -47.16 -7.98
CA LEU A 3749 -54.35 -47.51 -8.56
C LEU A 3749 -54.91 -46.35 -9.38
N LEU A 3750 -54.99 -45.17 -8.76
CA LEU A 3750 -55.53 -44.01 -9.46
C LEU A 3750 -54.64 -43.58 -10.61
N GLN A 3751 -53.34 -43.86 -10.52
CA GLN A 3751 -52.45 -43.63 -11.67
C GLN A 3751 -52.87 -44.50 -12.84
N ALA A 3752 -53.23 -45.76 -12.58
CA ALA A 3752 -53.58 -46.73 -13.60
C ALA A 3752 -55.08 -47.03 -13.58
N LEU A 3753 -55.90 -46.01 -13.31
CA LEU A 3753 -57.35 -46.11 -13.37
C LEU A 3753 -57.97 -45.21 -14.43
N ASN A 3754 -57.48 -43.97 -14.56
CA ASN A 3754 -57.96 -43.05 -15.58
C ASN A 3754 -57.16 -43.11 -16.87
N GLU A 3755 -56.12 -43.94 -16.94
CA GLU A 3755 -55.38 -44.17 -18.18
C GLU A 3755 -56.22 -45.06 -19.10
N VAL A 3756 -57.27 -44.45 -19.65
CA VAL A 3756 -58.34 -45.17 -20.33
C VAL A 3756 -58.76 -44.40 -21.58
N LYS A 3757 -58.96 -45.13 -22.67
CA LYS A 3757 -59.66 -44.65 -23.85
C LYS A 3757 -60.55 -45.76 -24.38
N GLY A 3758 -61.27 -46.42 -23.47
CA GLY A 3758 -61.99 -47.63 -23.79
C GLY A 3758 -61.15 -48.89 -23.72
N ARG A 3759 -59.89 -48.80 -23.29
CA ARG A 3759 -59.00 -49.93 -23.16
C ARG A 3759 -58.90 -50.43 -21.71
N ILE A 3760 -59.88 -50.10 -20.87
CA ILE A 3760 -59.90 -50.66 -19.52
C ILE A 3760 -60.13 -52.17 -19.58
N LEU A 3761 -60.94 -52.63 -20.53
CA LEU A 3761 -61.23 -54.05 -20.71
C LEU A 3761 -60.33 -54.65 -21.78
N ASP A 3762 -59.01 -54.54 -21.56
CA ASP A 3762 -58.07 -55.21 -22.45
C ASP A 3762 -58.25 -56.73 -22.35
N ASP A 3763 -58.47 -57.24 -21.14
CA ASP A 3763 -58.90 -58.61 -20.93
C ASP A 3763 -59.97 -58.71 -19.84
N ASP A 3764 -60.46 -57.57 -19.32
CA ASP A 3764 -61.32 -57.57 -18.15
C ASP A 3764 -60.62 -58.23 -16.96
N THR A 3765 -59.31 -58.03 -16.86
CA THR A 3765 -58.49 -58.54 -15.77
C THR A 3765 -57.74 -57.43 -15.05
N ILE A 3766 -58.26 -56.19 -15.09
CA ILE A 3766 -57.71 -55.13 -14.26
C ILE A 3766 -57.98 -55.40 -12.78
N ILE A 3767 -58.93 -56.28 -12.46
CA ILE A 3767 -59.30 -56.57 -11.08
C ILE A 3767 -58.11 -57.06 -10.28
N THR A 3768 -57.10 -57.65 -10.94
CA THR A 3768 -55.87 -58.04 -10.25
C THR A 3768 -55.26 -56.84 -9.51
N THR A 3769 -55.09 -55.72 -10.23
CA THR A 3769 -54.63 -54.50 -9.56
C THR A 3769 -55.60 -54.05 -8.48
N LEU A 3770 -56.91 -54.29 -8.69
CA LEU A 3770 -57.90 -54.01 -7.67
C LEU A 3770 -58.00 -55.12 -6.63
N GLU A 3771 -57.48 -56.32 -6.93
CA GLU A 3771 -57.47 -57.39 -5.95
C GLU A 3771 -56.26 -57.31 -5.02
N ASN A 3772 -55.14 -56.77 -5.53
CA ASN A 3772 -53.97 -56.58 -4.67
C ASN A 3772 -54.28 -55.64 -3.52
N LEU A 3773 -55.20 -54.68 -3.73
CA LEU A 3773 -55.69 -53.84 -2.66
C LEU A 3773 -56.85 -54.46 -1.90
N LYS A 3774 -57.52 -55.47 -2.47
CA LYS A 3774 -58.59 -56.14 -1.75
C LYS A 3774 -58.04 -56.97 -0.59
N ARG A 3775 -56.91 -57.65 -0.82
CA ARG A 3775 -56.29 -58.46 0.21
C ARG A 3775 -55.86 -57.61 1.40
N GLU A 3776 -54.90 -56.71 1.15
CA GLU A 3776 -54.20 -56.03 2.23
C GLU A 3776 -55.16 -55.27 3.14
N ALA A 3777 -56.14 -54.60 2.55
CA ALA A 3777 -57.18 -53.92 3.32
C ALA A 3777 -57.77 -54.83 4.37
N ALA A 3778 -58.33 -55.97 3.94
CA ALA A 3778 -58.91 -56.93 4.87
C ALA A 3778 -57.86 -57.37 5.88
N GLU A 3779 -56.63 -57.60 5.42
CA GLU A 3779 -55.56 -57.97 6.34
C GLU A 3779 -55.36 -56.87 7.38
N VAL A 3780 -55.21 -55.62 6.94
CA VAL A 3780 -55.05 -54.53 7.90
C VAL A 3780 -56.36 -54.11 8.52
N THR A 3781 -57.48 -54.77 8.15
CA THR A 3781 -58.70 -54.68 8.92
C THR A 3781 -58.79 -55.81 9.93
N ARG A 3782 -58.14 -56.95 9.65
CA ARG A 3782 -58.10 -58.03 10.63
C ARG A 3782 -57.25 -57.62 11.83
N LYS A 3783 -56.03 -57.12 11.56
CA LYS A 3783 -55.11 -56.78 12.64
C LYS A 3783 -55.66 -55.64 13.50
N VAL A 3784 -56.36 -54.69 12.88
CA VAL A 3784 -56.99 -53.62 13.65
C VAL A 3784 -58.07 -54.22 14.56
N GLU A 3785 -58.79 -55.23 14.08
CA GLU A 3785 -59.74 -55.91 14.94
C GLU A 3785 -59.02 -56.75 15.99
N GLU A 3786 -57.93 -57.41 15.59
CA GLU A 3786 -57.12 -58.23 16.50
C GLU A 3786 -55.95 -57.40 17.05
N THR A 3787 -56.31 -56.27 17.67
CA THR A 3787 -55.34 -55.39 18.31
C THR A 3787 -55.45 -55.38 19.83
N ASP A 3788 -56.52 -55.96 20.39
CA ASP A 3788 -56.63 -56.20 21.83
C ASP A 3788 -56.17 -57.58 22.22
N ILE A 3789 -56.48 -58.60 21.40
CA ILE A 3789 -55.98 -59.94 21.66
C ILE A 3789 -54.47 -59.96 21.56
N VAL A 3790 -53.92 -59.29 20.54
CA VAL A 3790 -52.47 -59.30 20.36
C VAL A 3790 -51.78 -58.53 21.47
N MET A 3791 -52.37 -57.42 21.91
CA MET A 3791 -51.76 -56.62 22.99
C MET A 3791 -51.72 -57.42 24.29
N GLN A 3792 -52.83 -58.06 24.65
CA GLN A 3792 -52.85 -58.89 25.84
C GLN A 3792 -51.88 -60.05 25.71
N GLU A 3793 -51.80 -60.64 24.52
CA GLU A 3793 -50.92 -61.78 24.32
C GLU A 3793 -49.45 -61.39 24.49
N VAL A 3794 -49.04 -60.26 23.89
CA VAL A 3794 -47.65 -59.85 24.05
C VAL A 3794 -47.38 -59.44 25.49
N GLU A 3795 -48.36 -58.85 26.18
CA GLU A 3795 -48.17 -58.54 27.59
C GLU A 3795 -47.93 -59.81 28.41
N THR A 3796 -48.78 -60.82 28.22
CA THR A 3796 -48.65 -62.05 28.98
C THR A 3796 -47.36 -62.78 28.65
N VAL A 3797 -46.93 -62.75 27.39
CA VAL A 3797 -45.72 -63.47 27.01
C VAL A 3797 -44.47 -62.69 27.43
N SER A 3798 -44.55 -61.36 27.50
CA SER A 3798 -43.40 -60.56 27.88
C SER A 3798 -43.19 -60.55 29.39
N GLN A 3799 -44.26 -60.64 30.18
CA GLN A 3799 -44.08 -60.72 31.63
C GLN A 3799 -43.39 -62.03 32.01
N GLN A 3800 -43.55 -63.08 31.21
CA GLN A 3800 -42.87 -64.34 31.48
C GLN A 3800 -41.36 -64.17 31.41
N TYR A 3801 -40.88 -63.44 30.40
CA TYR A 3801 -39.45 -63.28 30.16
C TYR A 3801 -38.88 -62.06 30.87
N LEU A 3802 -39.62 -61.48 31.81
CA LEU A 3802 -39.21 -60.26 32.51
C LEU A 3802 -38.19 -60.51 33.62
N PRO A 3803 -38.31 -61.56 34.44
CA PRO A 3803 -37.24 -61.82 35.42
C PRO A 3803 -35.87 -61.97 34.79
N LEU A 3804 -35.79 -62.57 33.60
CA LEU A 3804 -34.51 -62.63 32.91
C LEU A 3804 -33.98 -61.22 32.62
N SER A 3805 -34.85 -60.32 32.18
CA SER A 3805 -34.42 -58.95 31.89
C SER A 3805 -33.93 -58.24 33.15
N THR A 3806 -34.65 -58.41 34.27
CA THR A 3806 -34.21 -57.79 35.51
C THR A 3806 -32.86 -58.35 35.95
N ALA A 3807 -32.68 -59.67 35.82
CA ALA A 3807 -31.39 -60.26 36.14
C ALA A 3807 -30.29 -59.70 35.25
N CYS A 3808 -30.59 -59.49 33.96
CA CYS A 3808 -29.60 -58.91 33.05
C CYS A 3808 -29.20 -57.51 33.48
N SER A 3809 -30.18 -56.67 33.81
CA SER A 3809 -29.88 -55.31 34.24
C SER A 3809 -29.04 -55.32 35.52
N SER A 3810 -29.44 -56.15 36.49
CA SER A 3810 -28.69 -56.22 37.74
C SER A 3810 -27.27 -56.70 37.51
N ILE A 3811 -27.09 -57.71 36.66
CA ILE A 3811 -25.76 -58.24 36.40
C ILE A 3811 -24.88 -57.17 35.75
N TYR A 3812 -25.41 -56.48 34.73
CA TYR A 3812 -24.60 -55.46 34.07
C TYR A 3812 -24.23 -54.34 35.03
N PHE A 3813 -25.17 -53.90 35.86
CA PHE A 3813 -24.85 -52.80 36.76
C PHE A 3813 -23.91 -53.25 37.87
N THR A 3814 -23.92 -54.53 38.23
CA THR A 3814 -22.88 -55.04 39.12
C THR A 3814 -21.52 -54.99 38.45
N MET A 3815 -21.45 -55.39 37.17
CA MET A 3815 -20.18 -55.31 36.44
C MET A 3815 -19.70 -53.87 36.35
N GLU A 3816 -20.62 -52.92 36.20
CA GLU A 3816 -20.23 -51.51 36.24
C GLU A 3816 -19.76 -51.11 37.62
N SER A 3817 -20.38 -51.66 38.67
CA SER A 3817 -19.99 -51.38 40.03
C SER A 3817 -18.61 -51.93 40.38
N LEU A 3818 -18.14 -52.92 39.61
CA LEU A 3818 -16.88 -53.57 39.92
C LEU A 3818 -15.67 -52.62 39.89
N LYS A 3819 -15.81 -51.40 39.35
CA LYS A 3819 -14.68 -50.48 39.26
C LYS A 3819 -14.09 -50.17 40.63
N GLN A 3820 -14.94 -49.88 41.63
CA GLN A 3820 -14.47 -49.42 42.93
C GLN A 3820 -14.01 -50.54 43.84
N ILE A 3821 -13.90 -51.77 43.33
CA ILE A 3821 -13.27 -52.87 44.05
C ILE A 3821 -11.79 -53.00 43.65
N HIS A 3822 -11.51 -52.85 42.36
CA HIS A 3822 -10.15 -52.81 41.87
C HIS A 3822 -10.15 -52.01 40.57
N PHE A 3823 -9.07 -51.26 40.34
CA PHE A 3823 -9.03 -50.39 39.18
C PHE A 3823 -9.07 -51.16 37.86
N LEU A 3824 -8.58 -52.41 37.85
CA LEU A 3824 -8.62 -53.20 36.62
C LEU A 3824 -10.01 -53.70 36.27
N TYR A 3825 -10.93 -53.75 37.23
CA TYR A 3825 -12.23 -54.38 37.01
C TYR A 3825 -13.15 -53.38 36.30
N GLN A 3826 -12.82 -53.13 35.03
CA GLN A 3826 -13.58 -52.22 34.17
C GLN A 3826 -14.11 -53.02 32.99
N TYR A 3827 -15.42 -53.00 32.79
CA TYR A 3827 -16.08 -53.76 31.74
C TYR A 3827 -17.10 -52.88 31.04
N SER A 3828 -17.03 -52.83 29.71
CA SER A 3828 -17.94 -52.02 28.93
C SER A 3828 -19.31 -52.70 28.86
N LEU A 3829 -20.30 -51.94 28.36
CA LEU A 3829 -21.59 -52.54 28.08
C LEU A 3829 -21.51 -53.51 26.91
N GLN A 3830 -20.57 -53.28 26.00
CA GLN A 3830 -20.31 -54.25 24.93
C GLN A 3830 -19.93 -55.60 25.51
N PHE A 3831 -19.24 -55.61 26.66
CA PHE A 3831 -18.90 -56.88 27.31
C PHE A 3831 -20.16 -57.66 27.68
N PHE A 3832 -21.09 -57.00 28.38
CA PHE A 3832 -22.32 -57.68 28.79
C PHE A 3832 -23.16 -58.07 27.59
N LEU A 3833 -23.24 -57.21 26.58
CA LEU A 3833 -24.03 -57.56 25.41
C LEU A 3833 -23.41 -58.71 24.62
N ASP A 3834 -22.08 -58.80 24.58
CA ASP A 3834 -21.44 -59.95 23.95
C ASP A 3834 -21.68 -61.23 24.76
N ILE A 3835 -21.65 -61.11 26.09
CA ILE A 3835 -22.01 -62.24 26.93
C ILE A 3835 -23.42 -62.70 26.61
N TYR A 3836 -24.34 -61.75 26.40
CA TYR A 3836 -25.72 -62.11 26.16
C TYR A 3836 -25.91 -62.69 24.76
N HIS A 3837 -25.17 -62.19 23.77
CA HIS A 3837 -25.21 -62.80 22.45
C HIS A 3837 -24.69 -64.23 22.49
N ASN A 3838 -23.65 -64.48 23.30
CA ASN A 3838 -23.17 -65.85 23.47
C ASN A 3838 -24.22 -66.71 24.15
N VAL A 3839 -24.92 -66.15 25.14
CA VAL A 3839 -25.84 -66.94 25.94
C VAL A 3839 -27.13 -67.23 25.16
N LEU A 3840 -27.51 -66.37 24.22
CA LEU A 3840 -28.76 -66.53 23.50
C LEU A 3840 -28.60 -67.30 22.19
N TYR A 3841 -27.59 -66.93 21.39
CA TYR A 3841 -27.43 -67.46 20.04
C TYR A 3841 -26.38 -68.56 19.94
N GLU A 3842 -25.25 -68.42 20.62
CA GLU A 3842 -24.15 -69.37 20.55
C GLU A 3842 -24.10 -70.29 21.76
N ASN A 3843 -25.27 -70.69 22.27
CA ASN A 3843 -25.36 -71.51 23.47
C ASN A 3843 -25.53 -72.97 23.07
N PRO A 3844 -24.52 -73.84 23.24
CA PRO A 3844 -24.71 -75.24 22.85
C PRO A 3844 -25.69 -76.00 23.73
N ASN A 3845 -26.01 -75.50 24.93
CA ASN A 3845 -26.94 -76.20 25.79
C ASN A 3845 -28.39 -76.09 25.31
N LEU A 3846 -28.69 -75.12 24.45
CA LEU A 3846 -30.05 -74.96 23.93
C LEU A 3846 -30.36 -75.87 22.76
N LYS A 3847 -29.36 -76.52 22.16
CA LYS A 3847 -29.59 -77.34 20.99
C LYS A 3847 -30.47 -78.53 21.35
N GLY A 3848 -31.48 -78.80 20.52
CA GLY A 3848 -32.39 -79.90 20.75
C GLY A 3848 -33.51 -79.62 21.70
N VAL A 3849 -33.57 -78.43 22.30
CA VAL A 3849 -34.62 -78.05 23.24
C VAL A 3849 -35.59 -77.13 22.51
N THR A 3850 -36.87 -77.52 22.51
CA THR A 3850 -37.93 -76.77 21.83
C THR A 3850 -38.92 -76.14 22.78
N ASP A 3851 -39.19 -76.74 23.94
CA ASP A 3851 -40.08 -76.14 24.91
C ASP A 3851 -39.49 -74.82 25.40
N HIS A 3852 -40.32 -73.79 25.47
CA HIS A 3852 -39.82 -72.45 25.76
C HIS A 3852 -39.45 -72.26 27.22
N THR A 3853 -40.15 -72.94 28.14
CA THR A 3853 -39.80 -72.82 29.55
C THR A 3853 -38.42 -73.39 29.83
N GLN A 3854 -38.11 -74.56 29.27
CA GLN A 3854 -36.78 -75.13 29.43
C GLN A 3854 -35.72 -74.22 28.81
N ARG A 3855 -36.03 -73.64 27.65
CA ARG A 3855 -35.07 -72.72 27.02
C ARG A 3855 -34.84 -71.50 27.90
N LEU A 3856 -35.90 -70.97 28.52
CA LEU A 3856 -35.74 -69.81 29.40
C LEU A 3856 -34.89 -70.16 30.61
N CYS A 3857 -35.15 -71.30 31.23
CA CYS A 3857 -34.37 -71.71 32.40
C CYS A 3857 -32.91 -71.91 32.04
N ILE A 3858 -32.65 -72.59 30.91
CA ILE A 3858 -31.28 -72.82 30.47
C ILE A 3858 -30.60 -71.49 30.16
N ILE A 3859 -31.33 -70.54 29.56
CA ILE A 3859 -30.76 -69.24 29.25
C ILE A 3859 -30.38 -68.51 30.52
N THR A 3860 -31.24 -68.56 31.54
CA THR A 3860 -30.93 -67.88 32.80
C THR A 3860 -29.68 -68.48 33.45
N LYS A 3861 -29.65 -69.81 33.55
CA LYS A 3861 -28.50 -70.45 34.18
C LYS A 3861 -27.21 -70.19 33.40
N ASP A 3862 -27.28 -70.26 32.08
CA ASP A 3862 -26.09 -69.99 31.26
C ASP A 3862 -25.70 -68.53 31.34
N LEU A 3863 -26.66 -67.62 31.49
CA LEU A 3863 -26.33 -66.22 31.67
C LEU A 3863 -25.48 -66.03 32.92
N PHE A 3864 -25.95 -66.55 34.05
CA PHE A 3864 -25.18 -66.42 35.29
C PHE A 3864 -23.81 -67.08 35.15
N GLN A 3865 -23.76 -68.29 34.59
CA GLN A 3865 -22.51 -69.04 34.49
C GLN A 3865 -21.51 -68.31 33.60
N VAL A 3866 -21.93 -67.89 32.40
CA VAL A 3866 -21.02 -67.27 31.47
C VAL A 3866 -20.59 -65.90 31.96
N ALA A 3867 -21.50 -65.16 32.61
CA ALA A 3867 -21.11 -63.88 33.18
C ALA A 3867 -20.03 -64.06 34.23
N PHE A 3868 -20.21 -65.04 35.12
CA PHE A 3868 -19.20 -65.27 36.14
C PHE A 3868 -17.87 -65.71 35.52
N ASN A 3869 -17.92 -66.60 34.55
CA ASN A 3869 -16.67 -67.09 33.94
C ASN A 3869 -15.93 -65.94 33.26
N ARG A 3870 -16.64 -65.18 32.42
CA ARG A 3870 -16.01 -64.11 31.67
C ARG A 3870 -15.45 -63.03 32.57
N VAL A 3871 -16.18 -62.66 33.62
CA VAL A 3871 -15.68 -61.63 34.53
C VAL A 3871 -14.52 -62.17 35.36
N ALA A 3872 -14.70 -63.33 35.99
CA ALA A 3872 -13.72 -63.84 36.93
C ALA A 3872 -12.43 -64.29 36.26
N ARG A 3873 -12.44 -64.52 34.95
CA ARG A 3873 -11.18 -64.78 34.26
C ARG A 3873 -10.26 -63.57 34.27
N GLY A 3874 -10.80 -62.37 34.50
CA GLY A 3874 -10.02 -61.17 34.61
C GLY A 3874 -10.11 -60.52 35.98
N MET A 3875 -10.10 -61.34 37.03
CA MET A 3875 -10.16 -60.88 38.42
C MET A 3875 -9.13 -61.63 39.25
N LEU A 3876 -8.67 -60.97 40.32
CA LEU A 3876 -7.81 -61.64 41.28
C LEU A 3876 -8.61 -62.67 42.07
N HIS A 3877 -7.92 -63.70 42.54
CA HIS A 3877 -8.60 -64.83 43.17
C HIS A 3877 -9.34 -64.44 44.43
N GLN A 3878 -8.96 -63.34 45.08
CA GLN A 3878 -9.66 -62.91 46.28
C GLN A 3878 -11.10 -62.51 45.96
N ASP A 3879 -11.30 -61.84 44.83
CA ASP A 3879 -12.58 -61.21 44.51
C ASP A 3879 -13.55 -62.13 43.77
N HIS A 3880 -13.15 -63.35 43.43
CA HIS A 3880 -14.06 -64.27 42.77
C HIS A 3880 -15.27 -64.57 43.65
N ILE A 3881 -15.02 -64.84 44.93
CA ILE A 3881 -16.12 -65.17 45.85
C ILE A 3881 -17.04 -63.97 46.02
N THR A 3882 -16.47 -62.75 46.00
CA THR A 3882 -17.30 -61.56 46.15
C THR A 3882 -18.28 -61.43 45.00
N PHE A 3883 -17.79 -61.57 43.76
CA PHE A 3883 -18.68 -61.44 42.61
C PHE A 3883 -19.67 -62.59 42.55
N ALA A 3884 -19.23 -63.78 42.95
CA ALA A 3884 -20.16 -64.91 43.01
C ALA A 3884 -21.27 -64.65 44.02
N MET A 3885 -20.92 -64.05 45.16
CA MET A 3885 -21.92 -63.69 46.16
C MET A 3885 -22.89 -62.66 45.59
N LEU A 3886 -22.37 -61.68 44.85
CA LEU A 3886 -23.24 -60.68 44.23
C LEU A 3886 -24.22 -61.33 43.25
N LEU A 3887 -23.71 -62.25 42.40
CA LEU A 3887 -24.60 -62.92 41.46
C LEU A 3887 -25.60 -63.80 42.17
N ALA A 3888 -25.20 -64.45 43.26
CA ALA A 3888 -26.13 -65.26 44.04
C ALA A 3888 -27.23 -64.39 44.63
N ARG A 3889 -26.88 -63.21 45.13
CA ARG A 3889 -27.89 -62.29 45.64
C ARG A 3889 -28.81 -61.81 44.53
N ILE A 3890 -28.26 -61.57 43.34
CA ILE A 3890 -29.08 -61.15 42.22
C ILE A 3890 -30.10 -62.23 41.86
N LYS A 3891 -29.64 -63.48 41.81
CA LYS A 3891 -30.56 -64.58 41.53
C LYS A 3891 -31.59 -64.73 42.63
N LEU A 3892 -31.19 -64.56 43.89
CA LEU A 3892 -32.13 -64.64 44.99
C LEU A 3892 -33.20 -63.56 44.88
N LYS A 3893 -32.81 -62.37 44.43
CA LYS A 3893 -33.80 -61.36 44.10
C LYS A 3893 -34.71 -61.84 42.98
N GLY A 3894 -34.13 -62.46 41.95
CA GLY A 3894 -34.87 -62.90 40.79
C GLY A 3894 -35.50 -64.27 40.88
N THR A 3895 -35.13 -65.09 41.86
CA THR A 3895 -35.72 -66.42 41.97
C THR A 3895 -37.14 -66.34 42.49
N VAL A 3896 -37.92 -67.36 42.18
CA VAL A 3896 -39.35 -67.40 42.47
C VAL A 3896 -39.59 -68.29 43.68
N GLY A 3897 -40.40 -67.79 44.63
CA GLY A 3897 -40.80 -68.54 45.79
C GLY A 3897 -39.98 -68.29 47.04
N GLU A 3898 -38.83 -67.62 46.91
CA GLU A 3898 -37.96 -67.34 48.06
C GLU A 3898 -38.15 -65.90 48.53
N PRO A 3899 -38.22 -65.60 49.82
CA PRO A 3899 -38.24 -64.20 50.24
C PRO A 3899 -36.89 -63.53 50.00
N THR A 3900 -36.92 -62.20 49.99
CA THR A 3900 -35.72 -61.44 49.67
C THR A 3900 -34.62 -61.63 50.72
N TYR A 3901 -35.00 -61.95 51.96
CA TYR A 3901 -34.04 -62.03 53.07
C TYR A 3901 -33.26 -60.72 53.21
N GLU A 3902 -33.96 -59.60 53.08
CA GLU A 3902 -33.31 -58.31 53.17
C GLU A 3902 -32.76 -58.04 54.57
N ALA A 3903 -33.51 -58.44 55.60
CA ALA A 3903 -33.06 -58.17 56.97
C ALA A 3903 -31.84 -59.00 57.33
N GLU A 3904 -31.85 -60.29 56.97
CA GLU A 3904 -30.72 -61.14 57.29
C GLU A 3904 -29.45 -60.69 56.57
N PHE A 3905 -29.56 -60.34 55.29
CA PHE A 3905 -28.39 -59.82 54.58
C PHE A 3905 -27.97 -58.46 55.12
N GLN A 3906 -28.93 -57.65 55.57
CA GLN A 3906 -28.58 -56.37 56.18
C GLN A 3906 -27.76 -56.59 57.45
N HIS A 3907 -28.13 -57.58 58.25
CA HIS A 3907 -27.32 -57.91 59.41
C HIS A 3907 -25.98 -58.52 59.01
N PHE A 3908 -25.96 -59.30 57.94
CA PHE A 3908 -24.72 -59.90 57.48
C PHE A 3908 -23.71 -58.83 57.09
N LEU A 3909 -24.17 -57.78 56.40
CA LEU A 3909 -23.28 -56.73 55.91
C LEU A 3909 -23.05 -55.62 56.93
N ARG A 3910 -23.99 -55.40 57.85
CA ARG A 3910 -23.93 -54.29 58.79
C ARG A 3910 -24.33 -54.75 60.19
N GLY A 3911 -24.05 -56.01 60.53
CA GLY A 3911 -24.31 -56.45 61.89
C GLY A 3911 -23.46 -55.72 62.90
N LYS A 3912 -22.19 -55.48 62.56
CA LYS A 3912 -21.32 -54.72 63.44
C LYS A 3912 -21.84 -53.31 63.66
N GLU A 3913 -22.57 -52.74 62.69
CA GLU A 3913 -23.14 -51.41 62.87
C GLU A 3913 -24.13 -51.36 64.02
N ILE A 3914 -24.71 -52.50 64.40
CA ILE A 3914 -25.55 -52.53 65.59
C ILE A 3914 -24.69 -52.18 66.80
N VAL A 3915 -25.30 -51.53 67.78
CA VAL A 3915 -24.58 -50.95 68.92
C VAL A 3915 -24.77 -51.87 70.12
N LEU A 3916 -23.68 -52.15 70.82
CA LEU A 3916 -23.69 -52.83 72.10
C LEU A 3916 -23.27 -51.84 73.18
N SER A 3917 -24.16 -51.60 74.14
CA SER A 3917 -23.84 -50.68 75.22
C SER A 3917 -22.73 -51.24 76.09
N ALA A 3918 -21.96 -50.35 76.69
CA ALA A 3918 -20.84 -50.76 77.54
C ALA A 3918 -21.35 -51.55 78.73
N GLY A 3919 -20.83 -52.77 78.90
CA GLY A 3919 -21.28 -53.65 79.95
C GLY A 3919 -22.49 -54.48 79.62
N SER A 3920 -23.11 -54.27 78.45
CA SER A 3920 -24.28 -55.06 78.06
C SER A 3920 -23.91 -56.44 77.56
N THR A 3921 -22.63 -56.67 77.23
CA THR A 3921 -22.21 -57.98 76.76
C THR A 3921 -22.03 -58.92 77.95
N PRO A 3922 -22.80 -60.02 78.05
CA PRO A 3922 -22.58 -60.95 79.15
C PRO A 3922 -21.43 -61.91 78.84
N LYS A 3923 -21.11 -62.73 79.84
CA LYS A 3923 -20.12 -63.80 79.70
C LYS A 3923 -20.87 -65.10 79.42
N ILE A 3924 -20.42 -65.82 78.40
CA ILE A 3924 -21.02 -67.08 77.98
C ILE A 3924 -19.96 -68.17 78.06
N PRO A 3925 -20.34 -69.32 78.60
CA PRO A 3925 -19.41 -70.42 78.77
C PRO A 3925 -18.91 -70.91 77.42
N GLY A 3926 -17.59 -70.90 77.23
CA GLY A 3926 -16.97 -71.41 76.03
C GLY A 3926 -16.69 -70.37 74.96
N LEU A 3927 -17.36 -69.22 75.01
CA LEU A 3927 -17.19 -68.17 74.02
C LEU A 3927 -16.23 -67.10 74.54
N THR A 3928 -15.36 -66.63 73.65
CA THR A 3928 -14.48 -65.52 73.98
C THR A 3928 -15.29 -64.23 74.04
N VAL A 3929 -14.60 -63.11 74.30
CA VAL A 3929 -15.29 -61.83 74.34
C VAL A 3929 -15.85 -61.48 72.96
N GLU A 3930 -15.04 -61.66 71.91
CA GLU A 3930 -15.46 -61.28 70.57
C GLU A 3930 -16.65 -62.11 70.10
N GLN A 3931 -16.62 -63.42 70.35
CA GLN A 3931 -17.77 -64.25 70.02
C GLN A 3931 -19.00 -63.84 70.83
N ALA A 3932 -18.80 -63.38 72.06
CA ALA A 3932 -19.92 -62.89 72.85
C ALA A 3932 -20.55 -61.65 72.23
N GLU A 3933 -19.72 -60.71 71.77
CA GLU A 3933 -20.27 -59.53 71.10
C GLU A 3933 -20.99 -59.93 69.82
N ALA A 3934 -20.42 -60.88 69.08
CA ALA A 3934 -21.04 -61.32 67.84
C ALA A 3934 -22.41 -61.95 68.12
N VAL A 3935 -22.50 -62.79 69.14
CA VAL A 3935 -23.77 -63.43 69.46
C VAL A 3935 -24.78 -62.41 69.96
N VAL A 3936 -24.33 -61.42 70.75
CA VAL A 3936 -25.24 -60.38 71.21
C VAL A 3936 -25.78 -59.58 70.03
N ARG A 3937 -24.92 -59.26 69.07
CA ARG A 3937 -25.39 -58.55 67.89
C ARG A 3937 -26.36 -59.41 67.08
N LEU A 3938 -26.07 -60.70 66.94
CA LEU A 3938 -26.93 -61.58 66.17
C LEU A 3938 -28.27 -61.81 66.84
N SER A 3939 -28.33 -61.67 68.17
CA SER A 3939 -29.59 -61.86 68.88
C SER A 3939 -30.61 -60.76 68.59
N CYS A 3940 -30.20 -59.67 67.95
CA CYS A 3940 -31.17 -58.62 67.62
C CYS A 3940 -32.20 -59.11 66.61
N LEU A 3941 -31.79 -59.97 65.68
CA LEU A 3941 -32.73 -60.51 64.71
C LEU A 3941 -33.75 -61.41 65.42
N PRO A 3942 -34.98 -61.51 64.88
CA PRO A 3942 -36.00 -62.27 65.61
C PRO A 3942 -35.80 -63.77 65.56
N ALA A 3943 -35.14 -64.29 64.51
CA ALA A 3943 -34.94 -65.73 64.42
C ALA A 3943 -33.91 -66.21 65.44
N PHE A 3944 -32.88 -65.40 65.71
CA PHE A 3944 -31.82 -65.75 66.64
C PHE A 3944 -32.07 -65.17 68.04
N LYS A 3945 -33.32 -64.95 68.40
CA LYS A 3945 -33.62 -64.35 69.71
C LYS A 3945 -33.21 -65.27 70.85
N ASP A 3946 -33.43 -66.58 70.70
CA ASP A 3946 -33.06 -67.56 71.71
C ASP A 3946 -31.65 -68.12 71.49
N LEU A 3947 -30.80 -67.39 70.78
CA LEU A 3947 -29.50 -67.94 70.40
C LEU A 3947 -28.61 -68.18 71.62
N ILE A 3948 -28.61 -67.25 72.58
CA ILE A 3948 -27.68 -67.35 73.70
C ILE A 3948 -28.03 -68.56 74.57
N ALA A 3949 -29.31 -68.73 74.90
CA ALA A 3949 -29.71 -69.85 75.74
C ALA A 3949 -29.44 -71.18 75.04
N LYS A 3950 -29.72 -71.25 73.74
CA LYS A 3950 -29.45 -72.47 72.99
C LYS A 3950 -27.96 -72.79 72.95
N VAL A 3951 -27.13 -71.76 72.77
CA VAL A 3951 -25.68 -71.97 72.77
C VAL A 3951 -25.23 -72.48 74.13
N GLN A 3952 -25.76 -71.91 75.21
CA GLN A 3952 -25.39 -72.37 76.54
C GLN A 3952 -25.82 -73.81 76.77
N ALA A 3953 -27.02 -74.18 76.32
CA ALA A 3953 -27.54 -75.52 76.59
C ALA A 3953 -26.90 -76.59 75.71
N ASP A 3954 -26.22 -76.20 74.63
CA ASP A 3954 -25.67 -77.18 73.69
C ASP A 3954 -24.40 -77.79 74.27
N GLU A 3955 -24.43 -79.10 74.53
CA GLU A 3955 -23.25 -79.78 75.04
C GLU A 3955 -22.20 -79.96 73.96
N GLN A 3956 -22.63 -80.27 72.73
CA GLN A 3956 -21.72 -80.52 71.62
C GLN A 3956 -21.33 -79.24 70.88
N PHE A 3957 -21.43 -78.08 71.53
CA PHE A 3957 -21.07 -76.84 70.85
C PHE A 3957 -19.56 -76.72 70.69
N SER A 3958 -18.81 -77.03 71.75
CA SER A 3958 -17.37 -76.82 71.72
C SER A 3958 -16.68 -77.61 70.63
N ILE A 3959 -17.06 -78.88 70.46
CA ILE A 3959 -16.48 -79.70 69.39
C ILE A 3959 -16.78 -79.06 68.04
N TRP A 3960 -17.95 -78.44 67.88
CA TRP A 3960 -18.22 -77.72 66.64
C TRP A 3960 -17.34 -76.48 66.54
N LEU A 3961 -17.14 -75.77 67.66
CA LEU A 3961 -16.44 -74.50 67.60
C LEU A 3961 -14.95 -74.70 67.32
N ASP A 3962 -14.37 -75.79 67.82
CA ASP A 3962 -12.97 -76.12 67.56
C ASP A 3962 -12.78 -77.00 66.33
N SER A 3963 -13.86 -77.33 65.61
CA SER A 3963 -13.74 -78.19 64.45
C SER A 3963 -12.97 -77.50 63.33
N SER A 3964 -12.33 -78.30 62.48
CA SER A 3964 -11.58 -77.76 61.36
C SER A 3964 -12.49 -77.31 60.22
N SER A 3965 -13.65 -77.94 60.06
CA SER A 3965 -14.62 -77.60 59.01
C SER A 3965 -16.00 -77.46 59.64
N PRO A 3966 -16.20 -76.43 60.47
CA PRO A 3966 -17.52 -76.25 61.09
C PRO A 3966 -18.62 -75.95 60.09
N GLU A 3967 -18.29 -75.28 58.97
CA GLU A 3967 -19.32 -74.81 58.05
C GLU A 3967 -20.14 -75.95 57.47
N GLN A 3968 -19.56 -77.14 57.39
CA GLN A 3968 -20.29 -78.29 56.84
C GLN A 3968 -21.32 -78.84 57.81
N THR A 3969 -21.19 -78.55 59.11
CA THR A 3969 -22.06 -79.14 60.13
C THR A 3969 -22.50 -78.08 61.14
N VAL A 3970 -22.98 -76.95 60.64
CA VAL A 3970 -23.42 -75.88 61.55
C VAL A 3970 -24.65 -76.36 62.32
N PRO A 3971 -24.73 -76.18 63.64
CA PRO A 3971 -25.90 -76.67 64.37
C PRO A 3971 -27.13 -75.82 64.08
N HIS A 3972 -28.28 -76.41 64.38
CA HIS A 3972 -29.57 -75.72 64.20
C HIS A 3972 -29.88 -74.96 65.49
N LEU A 3973 -29.82 -73.63 65.41
CA LEU A 3973 -30.05 -72.75 66.54
C LEU A 3973 -31.13 -71.71 66.30
N TRP A 3974 -31.28 -71.24 65.07
CA TRP A 3974 -32.29 -70.24 64.76
C TRP A 3974 -33.69 -70.82 64.96
N SER A 3975 -34.59 -69.98 65.47
CA SER A 3975 -35.99 -70.35 65.67
C SER A 3975 -36.79 -69.98 64.43
N GLU A 3976 -37.60 -70.92 63.94
CA GLU A 3976 -38.40 -70.75 62.74
C GLU A 3976 -39.85 -71.05 63.06
N GLU A 3977 -40.75 -70.16 62.62
CA GLU A 3977 -42.18 -70.42 62.74
C GLU A 3977 -42.64 -71.45 61.71
N ASN A 3978 -42.00 -71.50 60.55
CA ASN A 3978 -42.25 -72.46 59.49
C ASN A 3978 -40.92 -73.05 59.03
N PRO A 3979 -40.92 -74.27 58.50
CA PRO A 3979 -39.66 -74.81 57.95
C PRO A 3979 -39.11 -73.94 56.83
N ALA A 3980 -37.79 -73.79 56.81
CA ALA A 3980 -37.13 -72.87 55.90
C ALA A 3980 -36.71 -73.57 54.62
N THR A 3981 -36.56 -72.78 53.56
CA THR A 3981 -36.05 -73.29 52.31
C THR A 3981 -34.56 -73.59 52.43
N PRO A 3982 -34.00 -74.35 51.49
CA PRO A 3982 -32.55 -74.61 51.56
C PRO A 3982 -31.71 -73.34 51.55
N ILE A 3983 -32.11 -72.32 50.80
CA ILE A 3983 -31.35 -71.07 50.80
C ILE A 3983 -31.54 -70.34 52.11
N GLY A 3984 -32.71 -70.45 52.75
CA GLY A 3984 -32.89 -69.90 54.07
C GLY A 3984 -31.95 -70.53 55.08
N GLN A 3985 -31.83 -71.85 55.05
CA GLN A 3985 -30.87 -72.53 55.91
C GLN A 3985 -29.45 -72.09 55.59
N ALA A 3986 -29.15 -71.90 54.30
CA ALA A 3986 -27.80 -71.49 53.91
C ALA A 3986 -27.46 -70.10 54.48
N ILE A 3987 -28.39 -69.15 54.38
CA ILE A 3987 -28.10 -67.81 54.86
C ILE A 3987 -28.05 -67.79 56.39
N HIS A 3988 -28.89 -68.57 57.06
CA HIS A 3988 -28.81 -68.65 58.51
C HIS A 3988 -27.48 -69.26 58.96
N ARG A 3989 -27.03 -70.31 58.27
CA ARG A 3989 -25.72 -70.88 58.56
C ARG A 3989 -24.62 -69.85 58.29
N LEU A 3990 -24.79 -69.04 57.25
CA LEU A 3990 -23.81 -67.98 56.97
C LEU A 3990 -23.73 -66.99 58.12
N LEU A 3991 -24.88 -66.58 58.66
CA LEU A 3991 -24.88 -65.67 59.79
C LEU A 3991 -24.22 -66.31 61.01
N LEU A 3992 -24.53 -67.58 61.28
CA LEU A 3992 -23.95 -68.25 62.43
C LEU A 3992 -22.43 -68.37 62.29
N ILE A 3993 -21.96 -68.72 61.10
CA ILE A 3993 -20.52 -68.85 60.89
C ILE A 3993 -19.84 -67.49 60.99
N GLN A 3994 -20.49 -66.43 60.50
CA GLN A 3994 -19.94 -65.09 60.68
C GLN A 3994 -19.84 -64.75 62.15
N ALA A 3995 -20.83 -65.16 62.94
CA ALA A 3995 -20.82 -64.84 64.37
C ALA A 3995 -19.72 -65.59 65.10
N PHE A 3996 -19.59 -66.90 64.85
CA PHE A 3996 -18.75 -67.76 65.67
C PHE A 3996 -17.36 -68.01 65.07
N ARG A 3997 -17.28 -68.36 63.78
CA ARG A 3997 -16.03 -68.74 63.13
C ARG A 3997 -15.86 -67.92 61.85
N PRO A 3998 -15.54 -66.64 61.97
CA PRO A 3998 -15.34 -65.83 60.74
C PRO A 3998 -14.21 -66.32 59.86
N ASP A 3999 -13.23 -67.04 60.43
CA ASP A 3999 -12.12 -67.55 59.61
C ASP A 3999 -12.61 -68.51 58.53
N ARG A 4000 -13.73 -69.18 58.77
CA ARG A 4000 -14.31 -70.09 57.79
C ARG A 4000 -15.37 -69.42 56.92
N LEU A 4001 -15.58 -68.11 57.08
CA LEU A 4001 -16.71 -67.45 56.42
C LEU A 4001 -16.66 -67.63 54.92
N LEU A 4002 -15.49 -67.42 54.31
CA LEU A 4002 -15.34 -67.60 52.87
C LEU A 4002 -15.78 -69.00 52.45
N ALA A 4003 -15.33 -70.02 53.17
CA ALA A 4003 -15.75 -71.38 52.86
C ALA A 4003 -17.27 -71.50 52.98
N MET A 4004 -17.84 -70.95 54.04
CA MET A 4004 -19.29 -70.95 54.17
C MET A 4004 -19.92 -70.19 53.02
N ALA A 4005 -19.33 -69.07 52.63
CA ALA A 4005 -19.85 -68.30 51.50
C ALA A 4005 -19.86 -69.16 50.24
N HIS A 4006 -18.82 -69.96 50.03
CA HIS A 4006 -18.80 -70.83 48.87
C HIS A 4006 -19.99 -71.77 48.88
N VAL A 4007 -20.30 -72.34 50.04
CA VAL A 4007 -21.45 -73.23 50.14
C VAL A 4007 -22.72 -72.49 49.77
N PHE A 4008 -22.85 -71.23 50.21
CA PHE A 4008 -24.03 -70.46 49.84
C PHE A 4008 -24.13 -70.33 48.33
N VAL A 4009 -23.01 -70.04 47.67
CA VAL A 4009 -23.02 -70.00 46.21
C VAL A 4009 -23.40 -71.36 45.66
N SER A 4010 -22.83 -72.43 46.22
CA SER A 4010 -23.19 -73.76 45.77
C SER A 4010 -24.65 -74.07 46.06
N THR A 4011 -25.24 -73.43 47.07
CA THR A 4011 -26.64 -73.64 47.37
C THR A 4011 -27.55 -72.90 46.40
N ASN A 4012 -27.03 -71.93 45.66
CA ASN A 4012 -27.86 -71.01 44.87
C ASN A 4012 -27.56 -71.07 43.38
N LEU A 4013 -26.30 -71.22 42.98
CA LEU A 4013 -25.89 -71.12 41.59
C LEU A 4013 -25.27 -72.41 41.04
N GLY A 4014 -25.26 -73.48 41.80
CA GLY A 4014 -24.79 -74.77 41.34
C GLY A 4014 -23.44 -75.14 41.93
N GLU A 4015 -23.19 -76.45 42.02
CA GLU A 4015 -21.95 -76.92 42.63
C GLU A 4015 -20.74 -76.65 41.73
N SER A 4016 -20.90 -76.86 40.43
CA SER A 4016 -19.81 -76.64 39.47
C SER A 4016 -19.68 -75.19 39.04
N PHE A 4017 -20.42 -74.28 39.68
CA PHE A 4017 -20.42 -72.88 39.27
C PHE A 4017 -19.03 -72.25 39.41
N MET A 4018 -18.44 -72.40 40.59
CA MET A 4018 -17.11 -71.85 40.84
C MET A 4018 -15.99 -72.74 40.32
N SER A 4019 -16.30 -73.98 39.94
CA SER A 4019 -15.26 -74.96 39.65
C SER A 4019 -14.47 -74.62 38.39
N ILE A 4020 -15.13 -74.02 37.40
CA ILE A 4020 -14.46 -73.80 36.11
C ILE A 4020 -13.29 -72.84 36.26
N MET A 4021 -13.35 -71.92 37.24
CA MET A 4021 -12.22 -71.04 37.49
C MET A 4021 -11.07 -71.78 38.18
N GLU A 4022 -11.39 -72.78 38.99
CA GLU A 4022 -10.37 -73.63 39.64
C GLU A 4022 -9.90 -74.67 38.62
N GLN A 4023 -9.16 -74.19 37.63
CA GLN A 4023 -8.76 -74.99 36.49
C GLN A 4023 -7.68 -74.21 35.73
N PRO A 4024 -7.01 -74.86 34.79
CA PRO A 4024 -6.04 -74.12 33.96
C PRO A 4024 -6.76 -73.29 32.90
N LEU A 4025 -6.17 -72.14 32.60
CA LEU A 4025 -6.81 -71.21 31.68
C LEU A 4025 -6.79 -71.77 30.26
N ASP A 4026 -7.96 -71.90 29.65
CA ASP A 4026 -8.11 -72.44 28.30
C ASP A 4026 -8.22 -71.26 27.33
N LEU A 4027 -7.07 -70.68 27.01
CA LEU A 4027 -7.03 -69.51 26.14
C LEU A 4027 -7.40 -69.85 24.70
N THR A 4028 -7.30 -71.12 24.30
CA THR A 4028 -7.54 -71.50 22.91
C THR A 4028 -8.95 -71.16 22.47
N HIS A 4029 -9.95 -71.78 23.12
CA HIS A 4029 -11.34 -71.56 22.73
C HIS A 4029 -11.74 -70.11 22.93
N ILE A 4030 -11.28 -69.48 24.01
CA ILE A 4030 -11.68 -68.11 24.31
C ILE A 4030 -11.17 -67.17 23.22
N VAL A 4031 -9.89 -67.28 22.87
CA VAL A 4031 -9.36 -66.38 21.86
C VAL A 4031 -9.92 -66.70 20.48
N ASP A 4032 -10.19 -67.98 20.20
CA ASP A 4032 -10.74 -68.34 18.91
C ASP A 4032 -12.16 -67.82 18.70
N THR A 4033 -13.01 -67.97 19.72
CA THR A 4033 -14.44 -67.72 19.58
C THR A 4033 -14.90 -66.43 20.24
N GLU A 4034 -14.53 -66.21 21.51
CA GLU A 4034 -15.12 -65.15 22.31
C GLU A 4034 -14.40 -63.82 22.21
N VAL A 4035 -13.36 -63.71 21.37
CA VAL A 4035 -12.58 -62.49 21.22
C VAL A 4035 -12.64 -62.06 19.77
N LYS A 4036 -13.02 -60.80 19.54
CA LYS A 4036 -13.02 -60.24 18.21
C LYS A 4036 -11.60 -59.78 17.84
N PRO A 4037 -11.29 -59.67 16.54
CA PRO A 4037 -9.92 -59.27 16.16
C PRO A 4037 -9.53 -57.88 16.65
N ASN A 4038 -10.48 -56.95 16.72
CA ASN A 4038 -10.16 -55.58 17.13
C ASN A 4038 -10.11 -55.41 18.65
N THR A 4039 -10.51 -56.44 19.42
CA THR A 4039 -10.46 -56.36 20.88
C THR A 4039 -9.12 -56.92 21.34
N PRO A 4040 -8.21 -56.12 21.90
CA PRO A 4040 -6.93 -56.69 22.32
C PRO A 4040 -7.06 -57.51 23.59
N VAL A 4041 -6.28 -58.59 23.65
CA VAL A 4041 -6.27 -59.48 24.81
C VAL A 4041 -5.25 -58.92 25.78
N LEU A 4042 -5.73 -58.30 26.86
CA LEU A 4042 -4.88 -57.73 27.90
C LEU A 4042 -4.61 -58.80 28.95
N MET A 4043 -3.38 -59.29 29.00
CA MET A 4043 -2.96 -60.26 30.00
C MET A 4043 -2.20 -59.49 31.09
N CYS A 4044 -2.89 -59.23 32.18
CA CYS A 4044 -2.32 -58.53 33.32
C CYS A 4044 -1.83 -59.55 34.35
N SER A 4045 -0.63 -59.31 34.88
CA SER A 4045 -0.03 -60.18 35.89
C SER A 4045 0.33 -59.35 37.11
N VAL A 4046 0.38 -60.02 38.26
CA VAL A 4046 0.87 -59.37 39.47
C VAL A 4046 2.35 -59.09 39.24
N PRO A 4047 2.96 -58.09 39.90
CA PRO A 4047 4.35 -57.77 39.61
C PRO A 4047 5.29 -58.94 39.88
N GLY A 4048 6.29 -59.08 39.02
CA GLY A 4048 7.26 -60.16 39.11
C GLY A 4048 6.88 -61.44 38.40
N TYR A 4049 5.68 -61.51 37.82
CA TYR A 4049 5.20 -62.69 37.12
C TYR A 4049 4.96 -62.34 35.66
N ASP A 4050 5.48 -63.17 34.75
CA ASP A 4050 5.34 -62.98 33.32
C ASP A 4050 4.45 -64.06 32.74
N ALA A 4051 3.53 -63.65 31.86
CA ALA A 4051 2.53 -64.54 31.28
C ALA A 4051 2.69 -64.74 29.79
N SER A 4052 3.76 -64.22 29.18
CA SER A 4052 3.95 -64.39 27.74
C SER A 4052 4.14 -65.85 27.35
N GLY A 4053 4.57 -66.70 28.28
CA GLY A 4053 4.69 -68.12 27.99
C GLY A 4053 3.37 -68.74 27.60
N HIS A 4054 2.28 -68.29 28.21
CA HIS A 4054 0.96 -68.80 27.85
C HIS A 4054 0.62 -68.48 26.40
N VAL A 4055 0.88 -67.25 25.97
CA VAL A 4055 0.58 -66.86 24.60
C VAL A 4055 1.48 -67.61 23.63
N GLU A 4056 2.75 -67.78 23.98
CA GLU A 4056 3.65 -68.54 23.11
C GLU A 4056 3.19 -69.99 22.98
N ASP A 4057 2.77 -70.60 24.09
CA ASP A 4057 2.26 -71.95 24.06
C ASP A 4057 1.01 -72.05 23.19
N LEU A 4058 0.10 -71.07 23.32
CA LEU A 4058 -1.11 -71.09 22.50
C LEU A 4058 -0.78 -70.93 21.03
N ALA A 4059 0.16 -70.05 20.69
CA ALA A 4059 0.55 -69.88 19.30
C ALA A 4059 1.17 -71.15 18.75
N ALA A 4060 1.98 -71.84 19.55
CA ALA A 4060 2.52 -73.12 19.13
C ALA A 4060 1.41 -74.14 18.91
N GLU A 4061 0.43 -74.18 19.82
CA GLU A 4061 -0.64 -75.17 19.72
C GLU A 4061 -1.50 -74.95 18.48
N GLN A 4062 -1.87 -73.69 18.21
CA GLN A 4062 -2.75 -73.39 17.09
C GLN A 4062 -2.03 -73.38 15.75
N ASN A 4063 -0.70 -73.40 15.73
CA ASN A 4063 0.09 -73.29 14.50
C ASN A 4063 -0.29 -71.98 13.82
N THR A 4064 0.10 -70.90 14.47
CA THR A 4064 -0.12 -69.55 13.97
C THR A 4064 1.15 -68.74 14.21
N GLN A 4065 1.65 -68.08 13.16
CA GLN A 4065 2.83 -67.25 13.29
C GLN A 4065 2.54 -66.08 14.22
N ILE A 4066 3.46 -65.82 15.15
CA ILE A 4066 3.31 -64.78 16.14
C ILE A 4066 4.59 -63.94 16.16
N THR A 4067 4.42 -62.62 16.19
CA THR A 4067 5.53 -61.68 16.28
C THR A 4067 5.46 -61.01 17.64
N SER A 4068 6.53 -61.14 18.42
CA SER A 4068 6.61 -60.64 19.78
C SER A 4068 7.61 -59.50 19.85
N ILE A 4069 7.19 -58.37 20.41
CA ILE A 4069 8.03 -57.18 20.54
C ILE A 4069 7.99 -56.71 21.99
N ALA A 4070 9.15 -56.34 22.52
CA ALA A 4070 9.26 -55.80 23.87
C ALA A 4070 9.27 -54.29 23.81
N ILE A 4071 8.31 -53.65 24.48
CA ILE A 4071 8.22 -52.19 24.54
C ILE A 4071 9.05 -51.75 25.74
N GLY A 4072 10.24 -51.24 25.46
CA GLY A 4072 11.09 -50.67 26.49
C GLY A 4072 11.90 -49.47 26.03
N SER A 4073 11.59 -48.96 24.83
CA SER A 4073 12.34 -47.84 24.28
C SER A 4073 11.52 -47.23 23.14
N ALA A 4074 11.96 -46.07 22.69
CA ALA A 4074 11.26 -45.39 21.59
C ALA A 4074 11.30 -46.21 20.31
N GLU A 4075 12.35 -47.01 20.11
CA GLU A 4075 12.44 -47.85 18.92
C GLU A 4075 11.33 -48.90 18.93
N GLY A 4076 11.03 -49.46 20.10
CA GLY A 4076 10.02 -50.49 20.19
C GLY A 4076 8.65 -50.02 19.74
N PHE A 4077 8.35 -48.74 19.92
CA PHE A 4077 7.09 -48.20 19.42
C PHE A 4077 7.02 -48.30 17.90
N ASN A 4078 8.11 -47.93 17.22
CA ASN A 4078 8.15 -48.04 15.77
C ASN A 4078 8.05 -49.48 15.31
N GLN A 4079 8.77 -50.38 15.99
CA GLN A 4079 8.68 -51.80 15.63
C GLN A 4079 7.27 -52.32 15.83
N ALA A 4080 6.61 -51.94 16.93
CA ALA A 4080 5.25 -52.40 17.19
C ALA A 4080 4.29 -51.85 16.15
N ASP A 4081 4.45 -50.58 15.78
CA ASP A 4081 3.59 -50.00 14.75
C ASP A 4081 3.75 -50.71 13.42
N LYS A 4082 5.00 -50.99 13.03
CA LYS A 4082 5.23 -51.70 11.77
C LYS A 4082 4.63 -53.10 11.83
N ALA A 4083 4.85 -53.81 12.94
CA ALA A 4083 4.35 -55.18 13.05
C ALA A 4083 2.83 -55.21 13.04
N ILE A 4084 2.18 -54.25 13.72
CA ILE A 4084 0.73 -54.21 13.75
C ILE A 4084 0.18 -53.84 12.40
N ASN A 4085 0.81 -52.90 11.69
CA ASN A 4085 0.36 -52.55 10.36
C ASN A 4085 0.50 -53.73 9.40
N THR A 4086 1.52 -54.57 9.59
CA THR A 4086 1.65 -55.76 8.76
C THR A 4086 0.61 -56.81 9.11
N ALA A 4087 0.41 -57.06 10.41
CA ALA A 4087 -0.44 -58.16 10.84
C ALA A 4087 -1.92 -57.85 10.66
N VAL A 4088 -2.31 -56.58 10.80
CA VAL A 4088 -3.71 -56.20 10.64
C VAL A 4088 -4.16 -56.48 9.21
N LYS A 4089 -3.27 -56.31 8.25
CA LYS A 4089 -3.58 -56.65 6.86
C LYS A 4089 -3.44 -58.14 6.60
N SER A 4090 -2.34 -58.74 7.06
CA SER A 4090 -2.06 -60.15 6.82
C SER A 4090 -2.70 -61.09 7.84
N GLY A 4091 -3.34 -60.55 8.88
CA GLY A 4091 -4.02 -61.40 9.84
C GLY A 4091 -3.11 -62.18 10.76
N ARG A 4092 -1.90 -61.69 11.00
CA ARG A 4092 -0.96 -62.37 11.88
C ARG A 4092 -1.27 -62.06 13.34
N TRP A 4093 -0.53 -62.73 14.23
CA TRP A 4093 -0.64 -62.53 15.67
C TRP A 4093 0.49 -61.64 16.15
N VAL A 4094 0.17 -60.67 16.99
CA VAL A 4094 1.14 -59.74 17.55
C VAL A 4094 1.07 -59.82 19.07
N MET A 4095 2.23 -59.79 19.71
CA MET A 4095 2.34 -59.73 21.17
C MET A 4095 3.25 -58.56 21.54
N LEU A 4096 2.80 -57.76 22.50
CA LEU A 4096 3.58 -56.65 23.04
C LEU A 4096 3.84 -56.92 24.51
N LYS A 4097 5.12 -56.99 24.87
CA LYS A 4097 5.55 -57.38 26.21
C LYS A 4097 5.84 -56.15 27.05
N ASN A 4098 5.31 -56.15 28.28
CA ASN A 4098 5.58 -55.10 29.27
C ASN A 4098 5.16 -53.73 28.74
N VAL A 4099 3.87 -53.63 28.36
CA VAL A 4099 3.36 -52.37 27.83
C VAL A 4099 2.97 -51.37 28.91
N HIS A 4100 2.96 -51.79 30.19
CA HIS A 4100 2.67 -50.83 31.26
C HIS A 4100 3.71 -49.72 31.36
N LEU A 4101 4.90 -49.93 30.79
CA LEU A 4101 5.94 -48.91 30.81
C LEU A 4101 5.62 -47.70 29.94
N ALA A 4102 4.59 -47.78 29.09
CA ALA A 4102 4.25 -46.73 28.12
C ALA A 4102 2.75 -46.42 28.20
N PRO A 4103 2.32 -45.63 29.19
CA PRO A 4103 0.88 -45.31 29.28
C PRO A 4103 0.36 -44.48 28.11
N GLY A 4104 1.06 -43.40 27.77
CA GLY A 4104 0.62 -42.56 26.68
C GLY A 4104 0.58 -43.28 25.35
N TRP A 4105 1.61 -44.09 25.08
CA TRP A 4105 1.58 -44.88 23.85
C TRP A 4105 0.46 -45.91 23.87
N LEU A 4106 0.07 -46.40 25.05
CA LEU A 4106 -1.08 -47.29 25.12
C LEU A 4106 -2.37 -46.54 24.80
N MET A 4107 -2.50 -45.29 25.26
CA MET A 4107 -3.65 -44.49 24.86
C MET A 4107 -3.67 -44.29 23.35
N GLN A 4108 -2.50 -44.01 22.76
CA GLN A 4108 -2.41 -43.86 21.31
C GLN A 4108 -2.79 -45.15 20.61
N LEU A 4109 -2.37 -46.29 21.15
CA LEU A 4109 -2.71 -47.58 20.55
C LEU A 4109 -4.19 -47.85 20.64
N GLU A 4110 -4.83 -47.47 21.74
CA GLU A 4110 -6.28 -47.63 21.85
C GLU A 4110 -7.00 -46.78 20.81
N LYS A 4111 -6.56 -45.53 20.64
CA LYS A 4111 -7.14 -44.67 19.62
C LYS A 4111 -6.94 -45.27 18.23
N LYS A 4112 -5.76 -45.83 17.97
CA LYS A 4112 -5.51 -46.48 16.69
C LYS A 4112 -6.43 -47.68 16.50
N LEU A 4113 -6.56 -48.51 17.54
CA LEU A 4113 -7.36 -49.74 17.44
C LEU A 4113 -8.83 -49.41 17.19
N HIS A 4114 -9.31 -48.28 17.70
CA HIS A 4114 -10.70 -47.91 17.46
C HIS A 4114 -11.02 -47.68 15.99
N SER A 4115 -10.00 -47.43 15.15
CA SER A 4115 -10.21 -47.06 13.76
C SER A 4115 -9.93 -48.18 12.76
N LEU A 4116 -9.34 -49.28 13.19
CA LEU A 4116 -8.89 -50.29 12.24
C LEU A 4116 -10.06 -51.15 11.76
N GLN A 4117 -9.78 -51.92 10.71
CA GLN A 4117 -10.70 -52.91 10.15
C GLN A 4117 -9.93 -54.23 10.05
N PRO A 4118 -9.61 -54.84 11.17
CA PRO A 4118 -8.65 -55.95 11.17
C PRO A 4118 -9.15 -57.20 10.45
N HIS A 4119 -8.20 -57.97 9.96
CA HIS A 4119 -8.49 -59.28 9.41
C HIS A 4119 -9.05 -60.19 10.48
N ALA A 4120 -9.76 -61.24 10.04
CA ALA A 4120 -10.44 -62.13 10.99
C ALA A 4120 -9.45 -62.84 11.90
N CYS A 4121 -8.33 -63.30 11.36
CA CYS A 4121 -7.34 -64.05 12.13
C CYS A 4121 -6.38 -63.17 12.90
N PHE A 4122 -6.47 -61.85 12.78
CA PHE A 4122 -5.59 -60.97 13.53
C PHE A 4122 -5.92 -61.02 15.02
N ARG A 4123 -4.86 -61.07 15.84
CA ARG A 4123 -5.00 -61.01 17.29
C ARG A 4123 -3.84 -60.20 17.85
N LEU A 4124 -4.15 -59.40 18.88
CA LEU A 4124 -3.17 -58.52 19.52
C LEU A 4124 -3.19 -58.79 21.02
N PHE A 4125 -2.13 -59.41 21.51
CA PHE A 4125 -1.95 -59.66 22.94
C PHE A 4125 -1.06 -58.57 23.52
N LEU A 4126 -1.46 -58.04 24.67
CA LEU A 4126 -0.69 -57.06 25.42
C LEU A 4126 -0.45 -57.62 26.81
N THR A 4127 0.79 -57.99 27.10
CA THR A 4127 1.14 -58.50 28.42
C THR A 4127 1.68 -57.35 29.26
N MET A 4128 1.13 -57.20 30.47
CA MET A 4128 1.52 -56.11 31.34
C MET A 4128 1.45 -56.58 32.79
N GLU A 4129 2.00 -55.75 33.67
CA GLU A 4129 1.89 -55.93 35.11
C GLU A 4129 0.79 -55.02 35.64
N ILE A 4130 0.13 -55.48 36.71
CA ILE A 4130 -1.02 -54.75 37.24
C ILE A 4130 -0.51 -53.47 37.89
N ASN A 4131 -0.72 -52.34 37.21
CA ASN A 4131 -0.39 -51.01 37.70
C ASN A 4131 -1.55 -50.08 37.42
N PRO A 4132 -1.72 -49.01 38.20
CA PRO A 4132 -2.84 -48.09 37.95
C PRO A 4132 -2.61 -47.14 36.78
N LYS A 4133 -1.38 -47.09 36.23
CA LYS A 4133 -1.08 -46.18 35.14
C LYS A 4133 -1.57 -46.68 33.79
N VAL A 4134 -2.07 -47.91 33.70
CA VAL A 4134 -2.66 -48.38 32.44
C VAL A 4134 -3.93 -47.57 32.18
N PRO A 4135 -4.22 -47.16 30.94
CA PRO A 4135 -5.41 -46.34 30.71
C PRO A 4135 -6.70 -47.07 31.06
N VAL A 4136 -7.66 -46.33 31.58
CA VAL A 4136 -8.96 -46.92 31.92
C VAL A 4136 -9.69 -47.32 30.65
N ASN A 4137 -9.59 -46.52 29.59
CA ASN A 4137 -10.30 -46.82 28.36
C ASN A 4137 -9.77 -48.09 27.71
N LEU A 4138 -8.45 -48.30 27.75
CA LEU A 4138 -7.89 -49.51 27.15
C LEU A 4138 -8.38 -50.76 27.89
N LEU A 4139 -8.42 -50.70 29.22
CA LEU A 4139 -8.97 -51.82 29.98
C LEU A 4139 -10.45 -52.01 29.66
N ARG A 4140 -11.19 -50.90 29.52
CA ARG A 4140 -12.60 -50.99 29.17
C ARG A 4140 -12.80 -51.58 27.80
N ALA A 4141 -11.91 -51.26 26.85
CA ALA A 4141 -12.02 -51.71 25.47
C ALA A 4141 -11.11 -52.91 25.18
N GLY A 4142 -10.96 -53.82 26.15
CA GLY A 4142 -10.13 -54.99 25.95
C GLY A 4142 -10.59 -56.14 26.83
N ARG A 4143 -10.11 -57.33 26.49
CA ARG A 4143 -10.40 -58.55 27.25
C ARG A 4143 -9.30 -58.71 28.30
N ILE A 4144 -9.68 -58.63 29.57
CA ILE A 4144 -8.72 -58.67 30.68
C ILE A 4144 -8.61 -60.10 31.19
N PHE A 4145 -7.37 -60.58 31.32
CA PHE A 4145 -7.08 -61.87 31.93
C PHE A 4145 -6.03 -61.65 33.00
N VAL A 4146 -6.38 -61.97 34.25
CA VAL A 4146 -5.52 -61.74 35.40
C VAL A 4146 -4.79 -63.03 35.71
N PHE A 4147 -3.46 -62.98 35.71
CA PHE A 4147 -2.61 -64.12 36.02
C PHE A 4147 -1.90 -63.88 37.34
N GLU A 4148 -1.95 -64.87 38.22
CA GLU A 4148 -1.28 -64.84 39.51
C GLU A 4148 -0.47 -66.12 39.65
N PRO A 4149 0.65 -66.09 40.40
CA PRO A 4149 1.39 -67.32 40.62
C PRO A 4149 0.60 -68.27 41.51
N PRO A 4150 0.76 -69.58 41.34
CA PRO A 4150 0.08 -70.51 42.25
C PRO A 4150 0.72 -70.46 43.62
N PRO A 4151 -0.04 -70.18 44.69
CA PRO A 4151 0.59 -70.07 46.01
C PRO A 4151 1.14 -71.40 46.49
N GLY A 4152 2.24 -71.33 47.20
CA GLY A 4152 2.89 -72.50 47.77
C GLY A 4152 4.40 -72.41 47.65
N VAL A 4153 5.10 -73.02 48.61
CA VAL A 4153 6.55 -73.09 48.54
C VAL A 4153 6.97 -73.98 47.38
N LYS A 4154 6.23 -75.06 47.14
CA LYS A 4154 6.60 -76.02 46.10
C LYS A 4154 6.66 -75.37 44.73
N ALA A 4155 5.61 -74.65 44.36
CA ALA A 4155 5.60 -73.98 43.06
C ALA A 4155 6.68 -72.90 42.99
N ASN A 4156 6.93 -72.22 44.11
CA ASN A 4156 7.96 -71.18 44.13
C ASN A 4156 9.33 -71.77 43.84
N MET A 4157 9.66 -72.88 44.51
CA MET A 4157 10.95 -73.53 44.26
C MET A 4157 11.03 -74.06 42.83
N LEU A 4158 9.92 -74.61 42.31
CA LEU A 4158 9.93 -75.09 40.93
C LEU A 4158 10.18 -73.96 39.96
N ARG A 4159 9.53 -72.81 40.17
CA ARG A 4159 9.75 -71.66 39.30
C ARG A 4159 11.19 -71.17 39.38
N THR A 4160 11.74 -71.13 40.59
CA THR A 4160 13.13 -70.70 40.76
C THR A 4160 14.09 -71.64 40.03
N PHE A 4161 13.88 -72.96 40.18
CA PHE A 4161 14.77 -73.92 39.52
C PHE A 4161 14.64 -73.86 38.01
N SER A 4162 13.41 -73.69 37.51
CA SER A 4162 13.23 -73.58 36.06
C SER A 4162 13.87 -72.31 35.51
N SER A 4163 13.75 -71.20 36.24
CA SER A 4163 14.31 -69.95 35.76
C SER A 4163 15.83 -70.01 35.67
N VAL A 4164 16.47 -70.64 36.64
CA VAL A 4164 17.95 -70.72 36.63
C VAL A 4164 18.39 -71.67 35.53
N PRO A 4165 19.37 -71.32 34.69
CA PRO A 4165 19.87 -72.30 33.72
C PRO A 4165 20.49 -73.51 34.39
N VAL A 4166 20.40 -74.66 33.72
CA VAL A 4166 20.94 -75.90 34.26
C VAL A 4166 22.46 -75.83 34.35
N SER A 4167 23.10 -75.19 33.36
CA SER A 4167 24.55 -75.12 33.35
C SER A 4167 25.08 -74.31 34.54
N ARG A 4168 24.35 -73.29 34.96
CA ARG A 4168 24.79 -72.47 36.08
C ARG A 4168 24.86 -73.30 37.37
N ILE A 4169 23.83 -74.09 37.63
CA ILE A 4169 23.83 -74.92 38.84
C ILE A 4169 24.81 -76.08 38.70
N CYS A 4170 24.96 -76.62 37.49
CA CYS A 4170 25.81 -77.80 37.30
C CYS A 4170 27.30 -77.48 37.35
N LYS A 4171 27.68 -76.20 37.40
CA LYS A 4171 29.09 -75.84 37.40
C LYS A 4171 29.77 -76.34 38.68
N SER A 4172 31.05 -76.68 38.54
CA SER A 4172 31.83 -77.15 39.68
C SER A 4172 32.06 -75.99 40.66
N PRO A 4173 32.28 -76.28 41.96
CA PRO A 4173 32.30 -77.58 42.64
C PRO A 4173 30.91 -78.17 42.84
N ASN A 4174 30.83 -79.45 43.20
CA ASN A 4174 29.55 -80.13 43.32
C ASN A 4174 28.67 -79.56 44.42
N GLU A 4175 29.25 -78.87 45.40
CA GLU A 4175 28.46 -78.34 46.51
C GLU A 4175 27.56 -77.20 46.07
N ARG A 4176 27.89 -76.52 44.96
CA ARG A 4176 27.17 -75.31 44.54
C ARG A 4176 25.67 -75.53 44.49
N ALA A 4177 25.25 -76.64 43.88
CA ALA A 4177 23.82 -76.91 43.70
C ALA A 4177 23.10 -76.92 45.04
N ARG A 4178 23.72 -77.53 46.06
CA ARG A 4178 23.07 -77.56 47.38
C ARG A 4178 22.83 -76.15 47.89
N LEU A 4179 23.84 -75.28 47.75
CA LEU A 4179 23.65 -73.89 48.16
C LEU A 4179 22.48 -73.27 47.41
N TYR A 4180 22.41 -73.51 46.10
CA TYR A 4180 21.30 -72.97 45.30
C TYR A 4180 19.98 -73.45 45.87
N PHE A 4181 19.89 -74.74 46.22
CA PHE A 4181 18.67 -75.26 46.81
C PHE A 4181 18.32 -74.47 48.07
N LEU A 4182 19.30 -74.29 48.96
CA LEU A 4182 19.07 -73.51 50.17
C LEU A 4182 18.61 -72.11 49.80
N LEU A 4183 19.30 -71.49 48.83
CA LEU A 4183 18.91 -70.16 48.40
C LEU A 4183 17.48 -70.17 47.89
N ALA A 4184 17.14 -71.17 47.06
CA ALA A 4184 15.79 -71.28 46.56
C ALA A 4184 14.81 -71.41 47.72
N TRP A 4185 15.13 -72.31 48.67
CA TRP A 4185 14.28 -72.48 49.83
C TRP A 4185 14.14 -71.16 50.58
N PHE A 4186 15.27 -70.45 50.75
CA PHE A 4186 15.21 -69.17 51.44
C PHE A 4186 14.30 -68.22 50.69
N HIS A 4187 14.45 -68.14 49.36
CA HIS A 4187 13.62 -67.21 48.60
C HIS A 4187 12.17 -67.62 48.65
N ALA A 4188 11.89 -68.92 48.84
CA ALA A 4188 10.50 -69.32 49.00
C ALA A 4188 9.98 -68.85 50.35
N ILE A 4189 10.77 -69.06 51.41
CA ILE A 4189 10.25 -68.86 52.76
C ILE A 4189 9.92 -67.40 53.01
N ILE A 4190 10.78 -66.50 52.54
CA ILE A 4190 10.47 -65.08 52.69
C ILE A 4190 9.27 -64.70 51.82
N GLN A 4191 9.13 -65.31 50.64
CA GLN A 4191 8.10 -64.85 49.72
C GLN A 4191 6.72 -65.29 50.16
N GLU A 4192 6.54 -66.58 50.44
CA GLU A 4192 5.24 -67.07 50.90
C GLU A 4192 4.81 -66.38 52.18
N ARG A 4193 5.79 -66.06 53.04
CA ARG A 4193 5.50 -65.36 54.28
C ARG A 4193 4.83 -64.01 54.03
N LEU A 4194 5.12 -63.37 52.89
CA LEU A 4194 4.49 -62.09 52.58
C LEU A 4194 2.98 -62.21 52.46
N ARG A 4195 2.45 -63.41 52.17
CA ARG A 4195 1.01 -63.59 52.17
C ARG A 4195 0.42 -63.32 53.55
N TYR A 4196 1.13 -63.68 54.61
CA TYR A 4196 0.60 -63.62 55.97
C TYR A 4196 0.94 -62.32 56.67
N ALA A 4197 1.26 -61.26 55.92
CA ALA A 4197 1.46 -59.97 56.54
C ALA A 4197 0.15 -59.48 57.16
N PRO A 4198 0.20 -58.71 58.24
CA PRO A 4198 1.36 -58.13 58.93
C PRO A 4198 2.07 -59.12 59.86
N LEU A 4199 1.56 -60.34 60.01
CA LEU A 4199 2.20 -61.30 60.90
C LEU A 4199 3.52 -61.80 60.33
N GLY A 4200 3.53 -62.18 59.05
CA GLY A 4200 4.74 -62.70 58.45
C GLY A 4200 5.84 -61.66 58.35
N TRP A 4201 5.49 -60.46 57.89
CA TRP A 4201 6.41 -59.33 57.84
C TRP A 4201 5.66 -58.09 58.31
N SER A 4202 6.42 -57.09 58.78
CA SER A 4202 5.79 -55.85 59.21
C SER A 4202 5.09 -55.16 58.05
N LYS A 4203 5.62 -55.29 56.84
CA LYS A 4203 5.00 -54.71 55.66
C LYS A 4203 5.40 -55.54 54.45
N LYS A 4204 4.65 -55.36 53.36
CA LYS A 4204 4.82 -56.17 52.17
C LYS A 4204 6.00 -55.64 51.36
N TYR A 4205 7.14 -56.31 51.47
CA TYR A 4205 8.33 -55.94 50.71
C TYR A 4205 8.29 -56.57 49.33
N GLU A 4206 9.09 -56.00 48.42
CA GLU A 4206 9.14 -56.47 47.04
C GLU A 4206 10.35 -57.38 46.84
N PHE A 4207 10.28 -58.55 47.48
CA PHE A 4207 11.29 -59.58 47.30
C PHE A 4207 11.03 -60.27 45.96
N GLY A 4208 11.59 -59.70 44.89
CA GLY A 4208 11.33 -60.18 43.55
C GLY A 4208 12.47 -61.02 42.98
N GLU A 4209 12.39 -61.33 41.69
CA GLU A 4209 13.41 -62.15 41.06
C GLU A 4209 14.75 -61.47 40.98
N SER A 4210 14.79 -60.13 40.97
CA SER A 4210 16.06 -59.41 40.90
C SER A 4210 16.94 -59.73 42.11
N ASP A 4211 16.33 -59.80 43.29
CA ASP A 4211 17.07 -60.23 44.48
C ASP A 4211 17.62 -61.63 44.31
N LEU A 4212 16.83 -62.53 43.70
CA LEU A 4212 17.28 -63.89 43.50
C LEU A 4212 18.49 -63.95 42.57
N ARG A 4213 18.43 -63.20 41.46
CA ARG A 4213 19.57 -63.16 40.55
C ARG A 4213 20.79 -62.57 41.21
N SER A 4214 20.61 -61.52 42.01
CA SER A 4214 21.74 -60.94 42.73
C SER A 4214 22.35 -61.95 43.71
N ALA A 4215 21.50 -62.69 44.41
CA ALA A 4215 22.00 -63.71 45.33
C ALA A 4215 22.76 -64.80 44.59
N CYS A 4216 22.24 -65.22 43.43
CA CYS A 4216 22.93 -66.24 42.65
C CYS A 4216 24.29 -65.73 42.16
N ASP A 4217 24.35 -64.47 41.73
CA ASP A 4217 25.63 -63.91 41.32
C ASP A 4217 26.61 -63.85 42.48
N THR A 4218 26.12 -63.48 43.66
CA THR A 4218 26.99 -63.45 44.85
C THR A 4218 27.52 -64.84 45.16
N VAL A 4219 26.64 -65.85 45.14
CA VAL A 4219 27.06 -67.21 45.43
C VAL A 4219 28.08 -67.68 44.40
N ASP A 4220 27.83 -67.40 43.12
CA ASP A 4220 28.76 -67.80 42.07
C ASP A 4220 30.13 -67.16 42.28
N THR A 4221 30.15 -65.85 42.55
CA THR A 4221 31.41 -65.15 42.72
C THR A 4221 32.19 -65.70 43.91
N TRP A 4222 31.51 -65.90 45.03
CA TRP A 4222 32.22 -66.33 46.23
C TRP A 4222 32.70 -67.77 46.11
N LEU A 4223 31.91 -68.66 45.50
CA LEU A 4223 32.37 -70.03 45.34
C LEU A 4223 33.48 -70.13 44.30
N ASP A 4224 33.43 -69.31 43.24
CA ASP A 4224 34.53 -69.30 42.29
C ASP A 4224 35.80 -68.79 42.95
N ASP A 4225 35.69 -67.80 43.83
CA ASP A 4225 36.87 -67.29 44.52
C ASP A 4225 37.43 -68.31 45.51
N THR A 4226 36.55 -68.98 46.26
CA THR A 4226 37.03 -69.90 47.29
C THR A 4226 37.54 -71.21 46.69
N ALA A 4227 36.82 -71.78 45.74
CA ALA A 4227 37.20 -73.09 45.21
C ALA A 4227 38.39 -73.01 44.28
N LYS A 4228 38.47 -71.96 43.46
CA LYS A 4228 39.53 -71.78 42.48
C LYS A 4228 39.59 -72.96 41.51
N GLY A 4229 38.42 -73.45 41.11
CA GLY A 4229 38.31 -74.51 40.14
C GLY A 4229 38.31 -75.93 40.69
N ARG A 4230 38.46 -76.10 42.00
CA ARG A 4230 38.44 -77.43 42.58
C ARG A 4230 37.09 -78.09 42.35
N GLN A 4231 37.12 -79.39 42.02
CA GLN A 4231 35.87 -80.11 41.79
C GLN A 4231 35.06 -80.23 43.08
N ASN A 4232 35.71 -80.18 44.24
CA ASN A 4232 35.02 -80.25 45.51
C ASN A 4232 35.70 -79.34 46.53
N ILE A 4233 34.90 -78.82 47.45
CA ILE A 4233 35.39 -78.08 48.60
C ILE A 4233 34.60 -78.54 49.82
N SER A 4234 35.28 -78.58 50.96
CA SER A 4234 34.64 -79.07 52.17
C SER A 4234 33.51 -78.12 52.57
N PRO A 4235 32.48 -78.60 53.28
CA PRO A 4235 31.42 -77.67 53.73
C PRO A 4235 31.93 -76.57 54.63
N ASP A 4236 32.98 -76.84 55.42
CA ASP A 4236 33.52 -75.79 56.28
C ASP A 4236 34.15 -74.66 55.48
N LYS A 4237 34.80 -74.98 54.37
CA LYS A 4237 35.48 -73.97 53.58
C LYS A 4237 34.52 -73.04 52.84
N ILE A 4238 33.23 -73.34 52.81
CA ILE A 4238 32.27 -72.44 52.15
C ILE A 4238 32.23 -71.12 52.90
N PRO A 4239 32.35 -69.95 52.23
CA PRO A 4239 32.32 -68.69 52.98
C PRO A 4239 30.93 -68.38 53.49
N TRP A 4240 30.55 -69.01 54.61
CA TRP A 4240 29.20 -68.83 55.15
C TRP A 4240 28.99 -67.40 55.63
N SER A 4241 30.02 -66.80 56.25
CA SER A 4241 29.88 -65.45 56.79
C SER A 4241 29.60 -64.45 55.68
N ALA A 4242 30.30 -64.58 54.55
CA ALA A 4242 30.10 -63.66 53.43
C ALA A 4242 28.67 -63.74 52.92
N LEU A 4243 28.15 -64.95 52.74
CA LEU A 4243 26.79 -65.10 52.23
C LEU A 4243 25.77 -64.57 53.23
N LYS A 4244 25.94 -64.89 54.51
CA LYS A 4244 25.00 -64.43 55.53
C LYS A 4244 24.96 -62.90 55.58
N THR A 4245 26.14 -62.27 55.63
CA THR A 4245 26.19 -60.82 55.68
C THR A 4245 25.59 -60.19 54.42
N LEU A 4246 25.94 -60.73 53.24
CA LEU A 4246 25.52 -60.06 52.01
C LEU A 4246 24.02 -60.19 51.78
N MET A 4247 23.47 -61.41 51.89
CA MET A 4247 22.01 -61.53 51.80
C MET A 4247 21.29 -61.00 53.03
N ALA A 4248 21.99 -60.63 54.11
CA ALA A 4248 21.35 -59.95 55.22
C ALA A 4248 21.36 -58.43 55.10
N GLN A 4249 22.25 -57.87 54.28
CA GLN A 4249 22.42 -56.42 54.21
C GLN A 4249 22.32 -55.88 52.78
N SER A 4250 22.80 -56.64 51.80
CA SER A 4250 22.90 -56.17 50.42
C SER A 4250 21.77 -56.65 49.53
N ILE A 4251 21.50 -57.96 49.51
CA ILE A 4251 20.58 -58.51 48.52
C ILE A 4251 19.13 -58.33 48.96
N TYR A 4252 18.77 -58.93 50.09
CA TYR A 4252 17.40 -58.87 50.60
C TYR A 4252 17.22 -57.84 51.71
N GLY A 4253 18.28 -57.56 52.48
CA GLY A 4253 18.16 -56.63 53.59
C GLY A 4253 18.10 -55.18 53.17
N GLY A 4254 18.51 -54.86 51.94
CA GLY A 4254 18.43 -53.48 51.49
C GLY A 4254 17.01 -52.95 51.47
N ARG A 4255 16.05 -53.79 51.07
CA ARG A 4255 14.65 -53.39 51.07
C ARG A 4255 14.06 -53.30 52.47
N VAL A 4256 14.64 -54.02 53.44
CA VAL A 4256 14.09 -54.06 54.78
C VAL A 4256 14.47 -52.79 55.52
N ASP A 4257 13.48 -52.06 56.01
CA ASP A 4257 13.67 -50.84 56.79
C ASP A 4257 13.37 -51.03 58.27
N ASN A 4258 12.36 -51.84 58.60
CA ASN A 4258 12.09 -52.16 59.99
C ASN A 4258 13.25 -52.96 60.57
N GLU A 4259 13.68 -52.60 61.78
CA GLU A 4259 14.75 -53.33 62.43
C GLU A 4259 14.33 -54.74 62.81
N PHE A 4260 13.04 -54.93 63.13
CA PHE A 4260 12.58 -56.24 63.56
C PHE A 4260 12.50 -57.20 62.38
N ASP A 4261 12.08 -56.71 61.21
CA ASP A 4261 12.15 -57.55 60.02
C ASP A 4261 13.58 -57.88 59.64
N GLN A 4262 14.51 -56.94 59.87
CA GLN A 4262 15.92 -57.23 59.66
C GLN A 4262 16.39 -58.34 60.60
N ARG A 4263 15.94 -58.29 61.86
CA ARG A 4263 16.26 -59.35 62.81
C ARG A 4263 15.70 -60.68 62.34
N LEU A 4264 14.47 -60.68 61.81
CA LEU A 4264 13.87 -61.91 61.31
C LEU A 4264 14.66 -62.48 60.14
N LEU A 4265 15.08 -61.60 59.22
CA LEU A 4265 15.90 -62.04 58.10
C LEU A 4265 17.23 -62.61 58.57
N ASN A 4266 17.83 -61.98 59.57
CA ASN A 4266 19.08 -62.50 60.14
C ASN A 4266 18.86 -63.87 60.73
N THR A 4267 17.74 -64.08 61.44
CA THR A 4267 17.46 -65.38 62.02
C THR A 4267 17.31 -66.44 60.93
N PHE A 4268 16.59 -66.11 59.86
CA PHE A 4268 16.42 -67.07 58.77
C PHE A 4268 17.76 -67.43 58.13
N LEU A 4269 18.57 -66.42 57.85
CA LEU A 4269 19.86 -66.67 57.19
C LEU A 4269 20.78 -67.48 58.09
N GLU A 4270 20.80 -67.17 59.39
CA GLU A 4270 21.65 -67.91 60.31
C GLU A 4270 21.17 -69.34 60.50
N ARG A 4271 19.84 -69.56 60.44
CA ARG A 4271 19.32 -70.92 60.57
C ARG A 4271 19.63 -71.75 59.33
N LEU A 4272 19.52 -71.15 58.15
CA LEU A 4272 19.72 -71.90 56.90
C LEU A 4272 21.18 -71.97 56.49
N PHE A 4273 21.80 -70.82 56.25
CA PHE A 4273 23.16 -70.78 55.70
C PHE A 4273 24.15 -71.10 56.83
N THR A 4274 24.53 -72.37 56.91
CA THR A 4274 25.52 -72.80 57.88
C THR A 4274 26.08 -74.14 57.43
N THR A 4275 27.20 -74.53 58.03
CA THR A 4275 27.83 -75.80 57.68
C THR A 4275 26.91 -76.98 57.96
N ARG A 4276 26.11 -76.89 59.03
CA ARG A 4276 25.19 -77.97 59.37
C ARG A 4276 24.12 -78.20 58.32
N SER A 4277 23.93 -77.27 57.38
CA SER A 4277 23.04 -77.53 56.25
C SER A 4277 23.52 -78.71 55.42
N PHE A 4278 24.83 -78.97 55.40
CA PHE A 4278 25.36 -80.08 54.63
C PHE A 4278 25.28 -81.42 55.36
N ASP A 4279 24.86 -81.43 56.63
CA ASP A 4279 24.61 -82.68 57.32
C ASP A 4279 23.31 -83.31 56.81
N SER A 4280 23.30 -84.64 56.76
CA SER A 4280 22.13 -85.36 56.27
C SER A 4280 20.93 -85.21 57.19
N GLU A 4281 21.14 -84.88 58.47
CA GLU A 4281 20.07 -84.77 59.45
C GLU A 4281 19.49 -83.37 59.55
N PHE A 4282 19.90 -82.43 58.70
CA PHE A 4282 19.46 -81.05 58.82
C PHE A 4282 17.96 -80.95 58.58
N LYS A 4283 17.30 -80.05 59.31
CA LYS A 4283 15.86 -79.84 59.25
C LYS A 4283 15.60 -78.44 58.69
N LEU A 4284 15.03 -78.38 57.49
CA LEU A 4284 14.72 -77.10 56.89
C LEU A 4284 13.66 -76.34 57.68
N ALA A 4285 12.66 -77.06 58.19
CA ALA A 4285 11.61 -76.47 59.01
C ALA A 4285 11.27 -77.45 60.12
N CYS A 4286 11.48 -77.02 61.37
CA CYS A 4286 11.27 -77.87 62.52
C CYS A 4286 9.81 -77.81 62.98
N LYS A 4287 9.37 -78.89 63.61
CA LYS A 4287 8.03 -79.03 64.20
C LYS A 4287 6.93 -78.59 63.23
N VAL A 4288 7.03 -79.07 61.99
CA VAL A 4288 5.98 -78.82 61.01
C VAL A 4288 4.69 -79.46 61.51
N ASP A 4289 3.64 -78.64 61.65
CA ASP A 4289 2.37 -79.05 62.26
C ASP A 4289 2.52 -79.45 63.71
N GLY A 4290 3.62 -79.05 64.36
CA GLY A 4290 3.85 -79.33 65.76
C GLY A 4290 4.37 -80.72 66.07
N HIS A 4291 4.40 -81.63 65.09
CA HIS A 4291 4.80 -83.01 65.32
C HIS A 4291 5.84 -83.49 64.31
N LYS A 4292 5.78 -82.99 63.08
CA LYS A 4292 6.58 -83.47 61.97
C LYS A 4292 7.63 -82.43 61.58
N ASP A 4293 8.61 -82.87 60.79
CA ASP A 4293 9.71 -82.04 60.36
C ASP A 4293 10.00 -82.32 58.89
N ILE A 4294 10.69 -81.37 58.24
CA ILE A 4294 11.11 -81.48 56.85
C ILE A 4294 12.62 -81.58 56.83
N GLN A 4295 13.14 -82.63 56.20
CA GLN A 4295 14.57 -82.92 56.18
C GLN A 4295 15.20 -82.43 54.87
N MET A 4296 16.48 -82.10 54.95
CA MET A 4296 17.21 -81.71 53.76
C MET A 4296 17.32 -82.91 52.81
N PRO A 4297 17.27 -82.71 51.49
CA PRO A 4297 17.59 -83.82 50.59
C PRO A 4297 19.03 -84.27 50.76
N ASP A 4298 19.24 -85.58 50.64
CA ASP A 4298 20.56 -86.16 50.79
C ASP A 4298 21.36 -86.21 49.50
N GLY A 4299 20.80 -85.75 48.38
CA GLY A 4299 21.49 -85.75 47.12
C GLY A 4299 22.45 -84.59 46.97
N ILE A 4300 23.18 -84.60 45.86
CA ILE A 4300 24.15 -83.56 45.54
C ILE A 4300 23.94 -82.93 44.17
N ARG A 4301 23.28 -83.60 43.24
CA ARG A 4301 23.06 -83.05 41.91
C ARG A 4301 21.79 -82.20 41.89
N ARG A 4302 21.63 -81.43 40.81
CA ARG A 4302 20.44 -80.63 40.64
C ARG A 4302 19.19 -81.49 40.54
N GLU A 4303 19.29 -82.62 39.83
CA GLU A 4303 18.12 -83.46 39.59
C GLU A 4303 17.56 -84.03 40.88
N GLU A 4304 18.44 -84.37 41.83
CA GLU A 4304 17.97 -84.89 43.11
C GLU A 4304 17.15 -83.84 43.86
N PHE A 4305 17.62 -82.60 43.89
CA PHE A 4305 16.88 -81.54 44.56
C PHE A 4305 15.56 -81.25 43.85
N VAL A 4306 15.57 -81.26 42.52
CA VAL A 4306 14.34 -81.00 41.76
C VAL A 4306 13.33 -82.11 42.02
N GLN A 4307 13.79 -83.36 42.06
CA GLN A 4307 12.89 -84.47 42.38
C GLN A 4307 12.35 -84.36 43.79
N TRP A 4308 13.20 -83.96 44.74
CA TRP A 4308 12.74 -83.79 46.12
C TRP A 4308 11.66 -82.71 46.19
N VAL A 4309 11.84 -81.62 45.45
CA VAL A 4309 10.82 -80.57 45.41
C VAL A 4309 9.54 -81.09 44.79
N GLU A 4310 9.65 -81.84 43.69
CA GLU A 4310 8.47 -82.37 43.02
C GLU A 4310 7.72 -83.36 43.91
N LEU A 4311 8.42 -84.04 44.80
CA LEU A 4311 7.84 -85.05 45.69
C LEU A 4311 7.35 -84.46 47.00
N LEU A 4312 7.37 -83.14 47.16
CA LEU A 4312 6.93 -82.54 48.41
C LEU A 4312 5.42 -82.73 48.57
N PRO A 4313 4.91 -82.76 49.81
CA PRO A 4313 3.45 -82.84 49.99
C PRO A 4313 2.75 -81.60 49.46
N ASP A 4314 1.53 -81.80 48.96
CA ASP A 4314 0.72 -80.69 48.47
C ASP A 4314 0.08 -79.89 49.61
N THR A 4315 -0.06 -80.47 50.80
CA THR A 4315 -0.73 -79.80 51.91
C THR A 4315 0.30 -78.99 52.69
N GLN A 4316 0.27 -77.68 52.49
CA GLN A 4316 1.22 -76.76 53.12
C GLN A 4316 0.49 -75.94 54.17
N THR A 4317 1.06 -75.86 55.35
CA THR A 4317 0.59 -75.05 56.46
C THR A 4317 1.56 -73.91 56.73
N PRO A 4318 1.18 -72.91 57.54
CA PRO A 4318 2.12 -71.84 57.87
C PRO A 4318 3.36 -72.33 58.63
N SER A 4319 3.29 -73.49 59.29
CA SER A 4319 4.44 -73.99 60.05
C SER A 4319 5.63 -74.30 59.14
N TRP A 4320 5.42 -74.45 57.84
CA TRP A 4320 6.55 -74.59 56.92
C TRP A 4320 7.43 -73.36 56.94
N LEU A 4321 6.82 -72.17 57.07
CA LEU A 4321 7.54 -70.90 57.07
C LEU A 4321 7.97 -70.45 58.46
N GLY A 4322 7.65 -71.20 59.51
CA GLY A 4322 7.92 -70.80 60.86
C GLY A 4322 6.77 -70.12 61.57
N LEU A 4323 5.76 -69.68 60.83
CA LEU A 4323 4.59 -69.08 61.44
C LEU A 4323 3.76 -70.15 62.15
N PRO A 4324 2.89 -69.76 63.08
CA PRO A 4324 1.98 -70.74 63.69
C PRO A 4324 0.82 -71.06 62.75
N ASN A 4325 0.22 -72.23 62.98
CA ASN A 4325 -0.85 -72.70 62.09
C ASN A 4325 -2.02 -71.74 62.08
N ASN A 4326 -2.38 -71.19 63.25
CA ASN A 4326 -3.51 -70.28 63.33
C ASN A 4326 -3.29 -68.98 62.56
N ALA A 4327 -2.06 -68.70 62.12
CA ALA A 4327 -1.84 -67.61 61.17
C ALA A 4327 -2.75 -67.76 59.96
N GLU A 4328 -2.89 -68.98 59.44
CA GLU A 4328 -3.85 -69.21 58.37
C GLU A 4328 -5.25 -68.81 58.81
N ARG A 4329 -5.65 -69.25 60.01
CA ARG A 4329 -6.95 -68.86 60.55
C ARG A 4329 -7.07 -67.36 60.67
N VAL A 4330 -5.97 -66.65 60.89
CA VAL A 4330 -6.03 -65.19 60.88
C VAL A 4330 -6.26 -64.69 59.46
N LEU A 4331 -5.46 -65.19 58.51
CA LEU A 4331 -5.47 -64.64 57.15
C LEU A 4331 -6.87 -64.73 56.55
N LEU A 4332 -7.48 -65.91 56.66
CA LEU A 4332 -8.82 -66.12 56.13
C LEU A 4332 -9.80 -65.10 56.69
N THR A 4333 -9.79 -64.91 58.02
CA THR A 4333 -10.79 -64.00 58.57
C THR A 4333 -10.55 -62.58 58.10
N THR A 4334 -9.27 -62.20 57.89
CA THR A 4334 -9.00 -60.90 57.28
C THR A 4334 -9.66 -60.84 55.91
N GLN A 4335 -9.40 -61.84 55.07
CA GLN A 4335 -10.06 -61.90 53.77
C GLN A 4335 -11.57 -61.95 53.94
N GLY A 4336 -12.04 -62.62 54.99
CA GLY A 4336 -13.46 -62.66 55.24
C GLY A 4336 -14.04 -61.27 55.42
N VAL A 4337 -13.39 -60.46 56.25
CA VAL A 4337 -13.82 -59.07 56.38
C VAL A 4337 -13.66 -58.36 55.05
N ASP A 4338 -12.55 -58.63 54.35
CA ASP A 4338 -12.32 -58.04 53.05
C ASP A 4338 -13.42 -58.39 52.07
N MET A 4339 -14.09 -59.53 52.27
CA MET A 4339 -15.26 -59.83 51.46
C MET A 4339 -16.40 -58.87 51.80
N ILE A 4340 -16.80 -58.83 53.08
CA ILE A 4340 -18.04 -58.14 53.45
C ILE A 4340 -17.93 -56.66 53.13
N SER A 4341 -16.81 -56.04 53.52
CA SER A 4341 -16.61 -54.63 53.22
C SER A 4341 -16.69 -54.37 51.72
N LYS A 4342 -16.09 -55.26 50.92
CA LYS A 4342 -16.18 -55.10 49.47
C LYS A 4342 -17.63 -55.16 49.02
N MET A 4343 -18.41 -56.09 49.57
CA MET A 4343 -19.82 -56.14 49.20
C MET A 4343 -20.55 -54.89 49.66
N LEU A 4344 -20.09 -54.26 50.74
CA LEU A 4344 -20.70 -53.01 51.17
C LEU A 4344 -20.45 -51.90 50.16
N LYS A 4345 -19.30 -51.95 49.48
CA LYS A 4345 -19.04 -51.01 48.40
C LYS A 4345 -19.86 -51.32 47.16
N MET A 4346 -20.53 -52.47 47.12
CA MET A 4346 -21.40 -52.86 46.01
C MET A 4346 -22.88 -52.77 46.36
N GLN A 4347 -23.22 -52.50 47.63
CA GLN A 4347 -24.59 -52.71 48.07
C GLN A 4347 -25.55 -51.71 47.44
N MET A 4348 -25.10 -50.46 47.21
CA MET A 4348 -26.02 -49.40 46.82
C MET A 4348 -25.55 -48.52 45.67
N LEU A 4349 -24.39 -48.77 45.07
CA LEU A 4349 -24.06 -48.09 43.81
C LEU A 4349 -24.76 -48.80 42.65
N GLU A 4350 -24.82 -50.13 42.71
CA GLU A 4350 -25.67 -50.87 41.78
C GLU A 4350 -27.15 -50.66 42.09
N ASP A 4351 -27.51 -50.76 43.36
CA ASP A 4351 -28.89 -50.69 43.80
C ASP A 4351 -29.25 -49.23 44.05
N GLU A 4352 -30.23 -48.72 43.29
CA GLU A 4352 -30.75 -47.37 43.48
C GLU A 4352 -32.27 -47.47 43.33
N ASP A 4353 -32.95 -47.70 44.46
CA ASP A 4353 -34.39 -47.93 44.47
C ASP A 4353 -35.15 -46.64 44.74
N ALA A 4375 -34.74 -45.55 49.64
CA ALA A 4375 -34.67 -46.39 50.83
C ALA A 4375 -33.26 -46.39 51.43
N TRP A 4376 -32.24 -46.10 50.62
CA TRP A 4376 -30.88 -46.04 51.14
C TRP A 4376 -30.74 -44.91 52.15
N MET A 4377 -31.39 -43.77 51.89
CA MET A 4377 -31.37 -42.67 52.85
C MET A 4377 -32.25 -42.95 54.05
N ARG A 4378 -33.28 -43.80 53.91
CA ARG A 4378 -34.11 -44.16 55.05
C ARG A 4378 -33.29 -44.92 56.10
N THR A 4379 -32.42 -45.82 55.67
CA THR A 4379 -31.55 -46.53 56.59
C THR A 4379 -30.35 -45.67 57.00
N LEU A 4380 -29.82 -44.86 56.08
CA LEU A 4380 -28.69 -44.01 56.42
C LEU A 4380 -29.07 -42.98 57.47
N HIS A 4381 -30.33 -42.53 57.47
CA HIS A 4381 -30.80 -41.63 58.51
C HIS A 4381 -30.68 -42.25 59.88
N THR A 4382 -31.15 -43.49 60.03
CA THR A 4382 -31.07 -44.19 61.31
C THR A 4382 -29.61 -44.45 61.69
N THR A 4383 -28.79 -44.83 60.71
CA THR A 4383 -27.38 -45.11 61.00
C THR A 4383 -26.67 -43.86 61.51
N ALA A 4384 -26.86 -42.73 60.82
CA ALA A 4384 -26.22 -41.50 61.23
C ALA A 4384 -26.78 -41.01 62.56
N SER A 4385 -28.07 -41.22 62.81
CA SER A 4385 -28.65 -40.86 64.10
C SER A 4385 -27.99 -41.65 65.22
N ASN A 4386 -27.81 -42.95 65.02
CA ASN A 4386 -27.15 -43.77 66.03
C ASN A 4386 -25.70 -43.33 66.23
N TRP A 4387 -25.01 -43.01 65.14
CA TRP A 4387 -23.62 -42.56 65.27
C TRP A 4387 -23.52 -41.24 66.02
N LEU A 4388 -24.45 -40.31 65.77
CA LEU A 4388 -24.47 -39.08 66.54
C LEU A 4388 -24.76 -39.36 68.01
N HIS A 4389 -25.68 -40.27 68.29
CA HIS A 4389 -26.02 -40.59 69.67
C HIS A 4389 -24.85 -41.23 70.40
N LEU A 4390 -24.04 -42.03 69.70
CA LEU A 4390 -22.91 -42.70 70.34
C LEU A 4390 -21.85 -41.69 70.77
N ILE A 4391 -21.45 -40.80 69.86
CA ILE A 4391 -20.34 -39.89 70.16
C ILE A 4391 -20.79 -38.89 71.23
N PRO A 4392 -19.97 -38.60 72.25
CA PRO A 4392 -20.37 -37.56 73.20
C PRO A 4392 -20.44 -36.19 72.53
N GLN A 4393 -21.32 -35.34 73.06
CA GLN A 4393 -21.60 -34.05 72.42
C GLN A 4393 -20.38 -33.13 72.44
N THR A 4394 -19.59 -33.16 73.50
CA THR A 4394 -18.44 -32.26 73.63
C THR A 4394 -17.32 -32.95 74.40
N LEU A 4395 -16.12 -32.39 74.26
CA LEU A 4395 -14.95 -32.79 75.03
C LEU A 4395 -14.42 -31.54 75.72
N SER A 4396 -14.57 -31.48 77.04
CA SER A 4396 -14.13 -30.32 77.80
C SER A 4396 -12.62 -30.15 77.69
N HIS A 4397 -12.19 -28.92 77.42
CA HIS A 4397 -10.77 -28.62 77.30
C HIS A 4397 -10.12 -28.48 78.66
N LEU A 4398 -8.86 -28.88 78.75
CA LEU A 4398 -8.13 -28.82 80.00
C LEU A 4398 -7.79 -27.37 80.36
N LYS A 4399 -7.77 -27.10 81.66
CA LYS A 4399 -7.51 -25.75 82.17
C LYS A 4399 -6.01 -25.61 82.43
N ARG A 4400 -5.31 -24.99 81.50
CA ARG A 4400 -3.88 -24.75 81.68
C ARG A 4400 -3.66 -23.74 82.80
N THR A 4401 -2.67 -24.03 83.65
CA THR A 4401 -2.27 -23.12 84.72
C THR A 4401 -0.74 -23.09 84.77
N VAL A 4402 -0.21 -22.24 85.65
CA VAL A 4402 1.24 -22.13 85.78
C VAL A 4402 1.82 -23.40 86.40
N ASP A 4403 1.10 -23.99 87.37
CA ASP A 4403 1.65 -25.13 88.09
C ASP A 4403 1.65 -26.39 87.22
N ASN A 4404 0.55 -26.65 86.52
CA ASN A 4404 0.40 -27.91 85.80
C ASN A 4404 1.15 -27.95 84.47
N ILE A 4405 1.52 -26.79 83.91
CA ILE A 4405 2.23 -26.80 82.64
C ILE A 4405 3.61 -27.43 82.80
N LYS A 4406 4.19 -27.34 83.99
CA LYS A 4406 5.47 -28.01 84.24
C LYS A 4406 5.36 -29.53 84.13
N ASP A 4407 4.17 -30.08 84.31
CA ASP A 4407 3.97 -31.52 84.18
C ASP A 4407 4.01 -31.91 82.70
N PRO A 4408 4.91 -32.81 82.27
CA PRO A 4408 4.82 -33.28 80.88
C PRO A 4408 3.51 -33.99 80.57
N LEU A 4409 2.94 -34.69 81.55
CA LEU A 4409 1.70 -35.42 81.33
C LEU A 4409 0.57 -34.46 80.97
N PHE A 4410 0.48 -33.33 81.67
CA PHE A 4410 -0.57 -32.37 81.35
C PHE A 4410 -0.38 -31.83 79.94
N ARG A 4411 0.86 -31.57 79.53
CA ARG A 4411 1.10 -31.07 78.18
C ARG A 4411 0.62 -32.08 77.14
N PHE A 4412 0.98 -33.36 77.34
CA PHE A 4412 0.56 -34.39 76.41
C PHE A 4412 -0.96 -34.51 76.35
N PHE A 4413 -1.61 -34.54 77.51
CA PHE A 4413 -3.07 -34.70 77.53
C PHE A 4413 -3.77 -33.47 77.00
N GLU A 4414 -3.19 -32.27 77.20
CA GLU A 4414 -3.77 -31.07 76.61
C GLU A 4414 -3.72 -31.12 75.10
N ARG A 4415 -2.58 -31.53 74.55
CA ARG A 4415 -2.48 -31.67 73.09
C ARG A 4415 -3.47 -32.71 72.57
N GLU A 4416 -3.57 -33.84 73.28
CA GLU A 4416 -4.52 -34.89 72.88
C GLU A 4416 -5.95 -34.38 72.92
N VAL A 4417 -6.32 -33.67 73.99
CA VAL A 4417 -7.68 -33.16 74.12
C VAL A 4417 -7.97 -32.14 73.04
N LYS A 4418 -7.00 -31.29 72.71
CA LYS A 4418 -7.20 -30.32 71.64
C LYS A 4418 -7.48 -31.01 70.32
N MET A 4419 -6.63 -31.97 69.94
CA MET A 4419 -6.83 -32.67 68.68
C MET A 4419 -8.17 -33.43 68.68
N GLY A 4420 -8.47 -34.11 69.78
CA GLY A 4420 -9.71 -34.87 69.85
C GLY A 4420 -10.94 -33.99 69.77
N ALA A 4421 -10.92 -32.84 70.46
CA ALA A 4421 -12.06 -31.93 70.41
C ALA A 4421 -12.26 -31.37 69.01
N ARG A 4422 -11.18 -30.97 68.34
CA ARG A 4422 -11.29 -30.45 66.99
C ARG A 4422 -11.90 -31.49 66.06
N LEU A 4423 -11.33 -32.70 66.06
CA LEU A 4423 -11.86 -33.77 65.20
C LEU A 4423 -13.29 -34.15 65.60
N LEU A 4424 -13.62 -34.04 66.89
CA LEU A 4424 -14.97 -34.32 67.36
C LEU A 4424 -15.97 -33.35 66.76
N GLN A 4425 -15.63 -32.05 66.80
CA GLN A 4425 -16.52 -31.06 66.20
C GLN A 4425 -16.67 -31.31 64.71
N ASP A 4426 -15.57 -31.67 64.04
CA ASP A 4426 -15.62 -31.96 62.61
C ASP A 4426 -16.62 -33.09 62.32
N VAL A 4427 -16.47 -34.22 63.02
CA VAL A 4427 -17.32 -35.37 62.74
C VAL A 4427 -18.76 -35.09 63.10
N ARG A 4428 -18.99 -34.39 64.22
CA ARG A 4428 -20.36 -34.11 64.64
C ARG A 4428 -21.06 -33.21 63.63
N GLN A 4429 -20.37 -32.19 63.13
CA GLN A 4429 -20.96 -31.34 62.12
C GLN A 4429 -21.26 -32.12 60.85
N ASP A 4430 -20.33 -33.00 60.43
CA ASP A 4430 -20.56 -33.78 59.21
C ASP A 4430 -21.77 -34.69 59.36
N LEU A 4431 -21.90 -35.38 60.51
CA LEU A 4431 -23.03 -36.27 60.71
C LEU A 4431 -24.34 -35.50 60.81
N ALA A 4432 -24.31 -34.32 61.45
CA ALA A 4432 -25.51 -33.50 61.51
C ALA A 4432 -25.95 -33.08 60.10
N ASP A 4433 -25.00 -32.70 59.26
CA ASP A 4433 -25.34 -32.34 57.88
C ASP A 4433 -25.90 -33.54 57.12
N VAL A 4434 -25.33 -34.73 57.35
CA VAL A 4434 -25.83 -35.93 56.68
C VAL A 4434 -27.27 -36.22 57.08
N VAL A 4435 -27.57 -36.13 58.38
CA VAL A 4435 -28.93 -36.38 58.84
C VAL A 4435 -29.87 -35.33 58.30
N GLN A 4436 -29.42 -34.07 58.21
CA GLN A 4436 -30.26 -33.03 57.63
C GLN A 4436 -30.55 -33.32 56.16
N VAL A 4437 -29.56 -33.80 55.42
CA VAL A 4437 -29.77 -34.15 54.02
C VAL A 4437 -30.77 -35.29 53.90
N CYS A 4438 -30.66 -36.30 54.76
CA CYS A 4438 -31.57 -37.44 54.71
C CYS A 4438 -33.01 -37.03 55.03
N GLU A 4439 -33.21 -35.96 55.79
CA GLU A 4439 -34.54 -35.45 56.08
C GLU A 4439 -35.07 -34.49 55.03
N GLY A 4440 -34.26 -34.09 54.05
CA GLY A 4440 -34.64 -33.12 53.06
C GLY A 4440 -34.39 -31.67 53.46
N LYS A 4441 -33.97 -31.42 54.70
CA LYS A 4441 -33.69 -30.05 55.13
C LYS A 4441 -32.58 -29.43 54.32
N LYS A 4442 -31.50 -30.18 54.07
CA LYS A 4442 -30.30 -29.68 53.43
C LYS A 4442 -30.12 -30.32 52.06
N LYS A 4443 -29.65 -29.52 51.10
CA LYS A 4443 -29.36 -30.03 49.77
C LYS A 4443 -28.01 -30.74 49.74
N GLN A 4444 -27.82 -31.55 48.71
CA GLN A 4444 -26.60 -32.35 48.55
C GLN A 4444 -25.56 -31.51 47.83
N THR A 4445 -24.60 -30.98 48.57
CA THR A 4445 -23.45 -30.33 47.95
C THR A 4445 -22.49 -31.38 47.42
N ASN A 4446 -21.46 -30.93 46.71
CA ASN A 4446 -20.48 -31.86 46.15
C ASN A 4446 -19.73 -32.60 47.24
N TYR A 4447 -19.20 -31.86 48.23
CA TYR A 4447 -18.54 -32.49 49.36
C TYR A 4447 -19.51 -33.36 50.13
N LEU A 4448 -20.72 -32.85 50.38
CA LEU A 4448 -21.72 -33.66 51.09
C LEU A 4448 -22.08 -34.90 50.30
N ARG A 4449 -22.27 -34.77 48.99
CA ARG A 4449 -22.63 -35.93 48.17
C ARG A 4449 -21.53 -36.98 48.20
N THR A 4450 -20.27 -36.56 48.12
CA THR A 4450 -19.17 -37.50 48.28
C THR A 4450 -19.21 -38.16 49.66
N LEU A 4451 -19.57 -37.39 50.69
CA LEU A 4451 -19.64 -37.96 52.03
C LEU A 4451 -20.73 -39.03 52.12
N ILE A 4452 -21.90 -38.78 51.53
CA ILE A 4452 -22.94 -39.81 51.53
C ILE A 4452 -22.49 -41.02 50.74
N ASN A 4453 -21.76 -40.80 49.64
CA ASN A 4453 -21.24 -41.92 48.86
C ASN A 4453 -20.32 -42.79 49.70
N GLU A 4454 -19.44 -42.17 50.49
CA GLU A 4454 -18.53 -42.95 51.34
C GLU A 4454 -19.28 -43.63 52.47
N LEU A 4455 -20.15 -42.89 53.18
CA LEU A 4455 -20.81 -43.44 54.35
C LEU A 4455 -21.76 -44.58 53.99
N VAL A 4456 -22.47 -44.46 52.86
CA VAL A 4456 -23.40 -45.51 52.46
C VAL A 4456 -22.64 -46.81 52.17
N LYS A 4457 -21.45 -46.69 51.59
CA LYS A 4457 -20.63 -47.84 51.23
C LYS A 4457 -19.76 -48.35 52.37
N GLY A 4458 -19.76 -47.68 53.53
CA GLY A 4458 -18.90 -48.09 54.62
C GLY A 4458 -17.46 -47.64 54.49
N ILE A 4459 -17.14 -46.82 53.51
CA ILE A 4459 -15.78 -46.32 53.35
C ILE A 4459 -15.54 -45.21 54.37
N LEU A 4460 -14.34 -45.20 54.95
CA LEU A 4460 -13.95 -44.11 55.84
C LEU A 4460 -13.59 -42.90 55.00
N PRO A 4461 -14.26 -41.76 55.15
CA PRO A 4461 -13.88 -40.58 54.35
C PRO A 4461 -12.49 -40.09 54.71
N ARG A 4462 -11.81 -39.51 53.70
CA ARG A 4462 -10.50 -38.90 53.95
C ARG A 4462 -10.61 -37.73 54.91
N SER A 4463 -11.75 -37.02 54.90
CA SER A 4463 -11.94 -35.88 55.79
C SER A 4463 -11.96 -36.25 57.27
N TRP A 4464 -12.11 -37.54 57.59
CA TRP A 4464 -12.19 -37.99 58.98
C TRP A 4464 -10.86 -38.52 59.51
N SER A 4465 -9.94 -38.93 58.64
CA SER A 4465 -8.67 -39.54 59.06
C SER A 4465 -7.64 -38.45 59.28
N HIS A 4466 -7.37 -38.14 60.55
CA HIS A 4466 -6.29 -37.24 60.94
C HIS A 4466 -5.37 -37.81 62.00
N TYR A 4467 -5.60 -39.04 62.45
CA TYR A 4467 -4.62 -39.78 63.25
C TYR A 4467 -4.44 -41.16 62.63
N THR A 4468 -3.30 -41.78 62.92
CA THR A 4468 -2.96 -43.04 62.29
C THR A 4468 -3.96 -44.12 62.67
N VAL A 4469 -4.46 -44.82 61.65
CA VAL A 4469 -5.42 -45.91 61.83
C VAL A 4469 -5.10 -47.02 60.84
N PRO A 4470 -5.64 -48.22 61.08
CA PRO A 4470 -5.51 -49.29 60.08
C PRO A 4470 -6.14 -48.88 58.75
N ALA A 4471 -5.47 -49.26 57.67
CA ALA A 4471 -5.99 -49.01 56.33
C ALA A 4471 -7.12 -49.99 56.02
N GLY A 4472 -8.13 -49.51 55.30
CA GLY A 4472 -9.25 -50.34 54.93
C GLY A 4472 -10.30 -50.54 56.00
N MET A 4473 -10.28 -49.73 57.05
CA MET A 4473 -11.26 -49.88 58.13
C MET A 4473 -12.61 -49.33 57.69
N THR A 4474 -13.68 -50.01 58.08
CA THR A 4474 -15.02 -49.47 57.87
C THR A 4474 -15.26 -48.31 58.85
N VAL A 4475 -16.47 -47.76 58.79
CA VAL A 4475 -16.76 -46.57 59.57
C VAL A 4475 -17.24 -46.91 60.99
N ILE A 4476 -17.90 -48.06 61.17
CA ILE A 4476 -18.39 -48.42 62.50
C ILE A 4476 -17.22 -48.61 63.46
N GLN A 4477 -16.18 -49.32 63.02
CA GLN A 4477 -15.02 -49.51 63.88
C GLN A 4477 -14.37 -48.17 64.21
N TRP A 4478 -14.33 -47.27 63.23
CA TRP A 4478 -13.72 -45.97 63.44
C TRP A 4478 -14.50 -45.16 64.48
N VAL A 4479 -15.83 -45.14 64.38
CA VAL A 4479 -16.60 -44.36 65.34
C VAL A 4479 -16.63 -45.02 66.71
N SER A 4480 -16.53 -46.35 66.78
CA SER A 4480 -16.44 -47.02 68.07
C SER A 4480 -15.13 -46.68 68.76
N ASP A 4481 -14.01 -46.74 68.02
CA ASP A 4481 -12.73 -46.30 68.56
C ASP A 4481 -12.79 -44.83 68.95
N PHE A 4482 -13.53 -44.03 68.18
CA PHE A 4482 -13.73 -42.63 68.51
C PHE A 4482 -14.41 -42.49 69.87
N SER A 4483 -15.49 -43.25 70.08
CA SER A 4483 -16.22 -43.16 71.35
C SER A 4483 -15.32 -43.55 72.51
N GLU A 4484 -14.55 -44.63 72.35
CA GLU A 4484 -13.64 -45.05 73.42
C GLU A 4484 -12.59 -43.99 73.70
N ARG A 4485 -11.99 -43.42 72.64
CA ARG A 4485 -10.96 -42.40 72.83
C ARG A 4485 -11.53 -41.17 73.53
N ILE A 4486 -12.71 -40.72 73.11
CA ILE A 4486 -13.28 -39.52 73.71
C ILE A 4486 -13.70 -39.78 75.15
N LYS A 4487 -14.18 -40.98 75.46
CA LYS A 4487 -14.49 -41.30 76.85
C LYS A 4487 -13.24 -41.28 77.70
N GLN A 4488 -12.14 -41.82 77.19
CA GLN A 4488 -10.87 -41.76 77.91
C GLN A 4488 -10.42 -40.31 78.12
N LEU A 4489 -10.55 -39.49 77.07
CA LEU A 4489 -10.15 -38.09 77.18
C LEU A 4489 -11.01 -37.35 78.20
N GLN A 4490 -12.32 -37.63 78.21
CA GLN A 4490 -13.20 -37.02 79.21
C GLN A 4490 -12.79 -37.44 80.62
N SER A 4491 -12.49 -38.73 80.81
CA SER A 4491 -12.12 -39.21 82.13
C SER A 4491 -10.84 -38.54 82.62
N VAL A 4492 -9.82 -38.47 81.76
CA VAL A 4492 -8.55 -37.88 82.20
C VAL A 4492 -8.71 -36.38 82.41
N SER A 4493 -9.53 -35.70 81.60
CA SER A 4493 -9.76 -34.28 81.81
C SER A 4493 -10.47 -34.04 83.14
N GLN A 4494 -11.47 -34.86 83.46
CA GLN A 4494 -12.14 -34.72 84.75
C GLN A 4494 -11.19 -34.97 85.91
N ALA A 4495 -10.32 -35.98 85.75
CA ALA A 4495 -9.33 -36.26 86.79
C ALA A 4495 -8.39 -35.07 86.98
N ALA A 4496 -7.94 -34.47 85.87
CA ALA A 4496 -7.07 -33.29 85.95
C ALA A 4496 -7.77 -32.13 86.64
N ALA A 4497 -9.03 -31.87 86.27
CA ALA A 4497 -9.76 -30.76 86.87
C ALA A 4497 -10.00 -30.99 88.35
N SER A 4498 -10.27 -32.23 88.75
CA SER A 4498 -10.56 -32.51 90.15
C SER A 4498 -9.30 -32.48 91.00
N GLY A 4499 -8.35 -33.38 90.71
CA GLY A 4499 -7.16 -33.56 91.50
C GLY A 4499 -5.90 -32.93 90.94
N GLY A 4500 -6.02 -32.08 89.92
CA GLY A 4500 -4.83 -31.48 89.35
C GLY A 4500 -4.04 -32.48 88.52
N ALA A 4501 -2.82 -32.06 88.17
CA ALA A 4501 -1.94 -32.90 87.37
C ALA A 4501 -1.39 -34.08 88.17
N LYS A 4502 -1.44 -34.04 89.50
CA LYS A 4502 -0.86 -35.12 90.28
C LYS A 4502 -1.59 -36.44 90.03
N GLU A 4503 -2.89 -36.39 89.73
CA GLU A 4503 -3.63 -37.60 89.43
C GLU A 4503 -3.32 -38.17 88.05
N LEU A 4504 -2.60 -37.43 87.19
CA LEU A 4504 -2.30 -37.95 85.86
C LEU A 4504 -1.32 -39.13 85.93
N LYS A 4505 -0.55 -39.23 87.02
CA LYS A 4505 0.38 -40.34 87.17
C LYS A 4505 -0.33 -41.63 87.57
N ASN A 4506 -1.33 -41.54 88.45
CA ASN A 4506 -1.99 -42.73 88.97
C ASN A 4506 -3.09 -43.27 88.07
N ILE A 4507 -3.48 -42.54 87.02
CA ILE A 4507 -4.53 -42.99 86.13
C ILE A 4507 -3.96 -44.03 85.17
N HIS A 4508 -4.75 -45.07 84.90
CA HIS A 4508 -4.35 -46.16 84.01
C HIS A 4508 -4.78 -45.80 82.59
N VAL A 4509 -3.81 -45.46 81.74
CA VAL A 4509 -4.06 -44.92 80.41
C VAL A 4509 -3.90 -46.03 79.39
N CYS A 4510 -4.93 -46.25 78.57
CA CYS A 4510 -4.85 -47.19 77.47
C CYS A 4510 -4.11 -46.53 76.32
N LEU A 4511 -2.94 -47.07 75.97
CA LEU A 4511 -2.16 -46.49 74.89
C LEU A 4511 -2.89 -46.57 73.55
N GLY A 4512 -3.80 -47.54 73.41
CA GLY A 4512 -4.61 -47.60 72.21
C GLY A 4512 -5.52 -46.39 72.05
N GLY A 4513 -6.00 -45.84 73.17
CA GLY A 4513 -6.89 -44.71 73.15
C GLY A 4513 -6.25 -43.36 72.98
N LEU A 4514 -4.92 -43.30 72.81
CA LEU A 4514 -4.21 -42.05 72.61
C LEU A 4514 -3.85 -41.89 71.14
N PHE A 4515 -3.90 -40.65 70.65
CA PHE A 4515 -3.56 -40.38 69.27
C PHE A 4515 -2.06 -40.47 69.01
N VAL A 4516 -1.23 -40.41 70.04
CA VAL A 4516 0.21 -40.55 69.90
C VAL A 4516 0.76 -41.09 71.22
N PRO A 4517 0.65 -42.40 71.47
CA PRO A 4517 1.14 -42.94 72.76
C PRO A 4517 2.65 -42.85 72.93
N GLU A 4518 3.41 -42.69 71.85
CA GLU A 4518 4.85 -42.47 71.99
C GLU A 4518 5.13 -41.23 72.81
N ALA A 4519 4.33 -40.19 72.61
CA ALA A 4519 4.45 -39.00 73.44
C ALA A 4519 4.14 -39.30 74.90
N TYR A 4520 3.20 -40.21 75.16
CA TYR A 4520 2.93 -40.60 76.54
C TYR A 4520 4.12 -41.31 77.16
N ILE A 4521 4.77 -42.20 76.40
CA ILE A 4521 5.94 -42.89 76.93
C ILE A 4521 7.04 -41.89 77.23
N THR A 4522 7.27 -40.94 76.32
CA THR A 4522 8.28 -39.91 76.55
C THR A 4522 7.92 -39.05 77.76
N ALA A 4523 6.63 -38.75 77.94
CA ALA A 4523 6.20 -37.95 79.06
C ALA A 4523 6.41 -38.68 80.38
N THR A 4524 6.14 -39.98 80.41
CA THR A 4524 6.40 -40.77 81.62
C THR A 4524 7.89 -40.78 81.94
N ARG A 4525 8.73 -40.93 80.91
CA ARG A 4525 10.17 -40.88 81.11
C ARG A 4525 10.58 -39.53 81.69
N GLN A 4526 10.04 -38.45 81.14
CA GLN A 4526 10.37 -37.11 81.62
C GLN A 4526 9.90 -36.90 83.05
N TYR A 4527 8.71 -37.41 83.38
CA TYR A 4527 8.19 -37.27 84.73
C TYR A 4527 9.07 -37.99 85.73
N VAL A 4528 9.52 -39.20 85.39
CA VAL A 4528 10.40 -39.94 86.29
C VAL A 4528 11.72 -39.20 86.44
N ALA A 4529 12.25 -38.66 85.33
CA ALA A 4529 13.51 -37.91 85.41
C ALA A 4529 13.37 -36.68 86.28
N GLN A 4530 12.26 -35.95 86.14
CA GLN A 4530 12.04 -34.76 86.96
C GLN A 4530 11.89 -35.12 88.43
N ALA A 4531 11.14 -36.18 88.73
CA ALA A 4531 10.90 -36.54 90.12
C ALA A 4531 12.19 -37.00 90.79
N ASN A 4532 12.92 -37.92 90.16
CA ASN A 4532 14.11 -38.51 90.76
C ASN A 4532 15.40 -37.81 90.37
N SER A 4533 15.33 -36.74 89.57
CA SER A 4533 16.50 -35.90 89.26
C SER A 4533 17.59 -36.69 88.53
N TRP A 4534 17.19 -37.65 87.71
CA TRP A 4534 18.12 -38.41 86.87
C TRP A 4534 18.06 -37.90 85.44
N SER A 4535 19.18 -38.07 84.73
CA SER A 4535 19.22 -37.73 83.32
C SER A 4535 18.30 -38.66 82.53
N LEU A 4536 17.80 -38.16 81.39
CA LEU A 4536 16.91 -38.98 80.57
C LEU A 4536 17.65 -40.13 79.92
N GLU A 4537 18.94 -39.95 79.59
CA GLU A 4537 19.69 -41.03 78.97
C GLU A 4537 19.85 -42.22 79.91
N GLU A 4538 19.93 -41.98 81.22
CA GLU A 4538 20.24 -43.03 82.18
C GLU A 4538 19.03 -43.84 82.60
N LEU A 4539 17.85 -43.54 82.06
CA LEU A 4539 16.63 -44.26 82.40
C LEU A 4539 16.33 -45.30 81.32
N CYS A 4540 15.95 -46.50 81.76
CA CYS A 4540 15.57 -47.59 80.88
C CYS A 4540 14.25 -48.17 81.35
N LEU A 4541 13.54 -48.78 80.41
CA LEU A 4541 12.17 -49.22 80.60
C LEU A 4541 12.13 -50.70 80.97
N GLU A 4542 11.20 -51.04 81.87
CA GLU A 4542 10.92 -52.41 82.23
C GLU A 4542 9.41 -52.55 82.35
N VAL A 4543 8.91 -53.77 82.16
CA VAL A 4543 7.48 -54.05 82.10
C VAL A 4543 7.15 -55.13 83.13
N ILE A 4544 6.09 -54.89 83.91
CA ILE A 4544 5.58 -55.86 84.87
C ILE A 4544 4.11 -56.08 84.58
N VAL A 4545 3.73 -57.33 84.34
CA VAL A 4545 2.35 -57.71 84.05
C VAL A 4545 1.75 -58.29 85.32
N THR A 4546 0.73 -57.62 85.85
CA THR A 4546 0.15 -57.96 87.15
C THR A 4546 -1.32 -58.33 86.98
N THR A 4547 -1.67 -59.55 87.34
CA THR A 4547 -3.06 -60.00 87.35
C THR A 4547 -3.78 -59.69 88.65
N SER A 4548 -3.05 -59.28 89.70
CA SER A 4548 -3.68 -59.02 90.99
C SER A 4548 -4.43 -57.69 90.94
N GLN A 4549 -5.66 -57.70 91.46
CA GLN A 4549 -6.44 -56.48 91.54
C GLN A 4549 -5.88 -55.56 92.62
N SER A 4550 -5.78 -54.27 92.30
CA SER A 4550 -5.27 -53.31 93.25
C SER A 4550 -3.77 -53.29 93.40
N ALA A 4551 -3.03 -53.72 92.37
CA ALA A 4551 -1.58 -53.67 92.42
C ALA A 4551 -1.09 -52.23 92.53
N THR A 4552 -0.51 -51.88 93.67
CA THR A 4552 -0.07 -50.50 93.89
C THR A 4552 1.08 -50.15 92.94
N LEU A 4553 1.01 -48.94 92.38
CA LEU A 4553 2.03 -48.44 91.47
C LEU A 4553 3.09 -47.68 92.25
N ASP A 4554 4.36 -48.03 92.02
CA ASP A 4554 5.46 -47.32 92.62
C ASP A 4554 5.55 -45.90 92.04
N ALA A 4555 6.40 -45.08 92.65
CA ALA A 4555 6.54 -43.69 92.22
C ALA A 4555 7.03 -43.58 90.79
N CYS A 4556 7.81 -44.57 90.33
CA CYS A 4556 8.33 -44.59 88.97
C CYS A 4556 7.56 -45.53 88.05
N SER A 4557 6.40 -46.02 88.48
CA SER A 4557 5.61 -46.99 87.73
C SER A 4557 4.30 -46.36 87.27
N PHE A 4558 3.93 -46.61 86.02
CA PHE A 4558 2.73 -46.07 85.40
C PHE A 4558 1.88 -47.21 84.86
N GLY A 4559 0.57 -47.14 85.11
CA GLY A 4559 -0.33 -48.17 84.65
C GLY A 4559 -0.74 -47.99 83.20
N VAL A 4560 -0.98 -49.11 82.53
CA VAL A 4560 -1.45 -49.14 81.15
C VAL A 4560 -2.46 -50.27 81.04
N THR A 4561 -3.41 -50.11 80.12
CA THR A 4561 -4.43 -51.12 79.86
C THR A 4561 -4.62 -51.24 78.35
N GLY A 4562 -5.37 -52.26 77.94
CA GLY A 4562 -5.69 -52.44 76.55
C GLY A 4562 -4.61 -53.06 75.70
N LEU A 4563 -3.46 -53.40 76.27
CA LEU A 4563 -2.42 -54.06 75.51
C LEU A 4563 -2.85 -55.47 75.14
N LYS A 4564 -2.46 -55.90 73.94
CA LYS A 4564 -2.72 -57.25 73.45
C LYS A 4564 -1.39 -57.88 73.04
N LEU A 4565 -1.22 -59.16 73.34
CA LEU A 4565 0.00 -59.89 73.09
C LEU A 4565 -0.24 -60.90 71.98
N GLN A 4566 0.32 -60.64 70.80
CA GLN A 4566 0.15 -61.53 69.65
C GLN A 4566 1.24 -62.58 69.67
N GLY A 4567 0.83 -63.84 69.78
CA GLY A 4567 1.73 -64.97 69.64
C GLY A 4567 2.35 -65.49 70.92
N ALA A 4568 1.88 -65.04 72.08
CA ALA A 4568 2.48 -65.50 73.33
C ALA A 4568 1.52 -65.25 74.47
N THR A 4569 1.76 -65.96 75.57
CA THR A 4569 1.03 -65.81 76.82
C THR A 4569 2.01 -65.44 77.92
N CYS A 4570 1.63 -64.46 78.75
CA CYS A 4570 2.48 -63.96 79.81
C CYS A 4570 1.97 -64.50 81.14
N SER A 4571 2.78 -65.32 81.80
CA SER A 4571 2.50 -65.83 83.13
C SER A 4571 3.69 -65.53 84.03
N ASN A 4572 3.43 -64.96 85.20
CA ASN A 4572 4.47 -64.61 86.16
C ASN A 4572 5.52 -63.69 85.52
N ASN A 4573 5.05 -62.78 84.66
CA ASN A 4573 5.94 -61.86 83.94
C ASN A 4573 6.96 -62.63 83.10
N LYS A 4574 6.51 -63.73 82.49
CA LYS A 4574 7.36 -64.55 81.65
C LYS A 4574 6.55 -65.04 80.45
N LEU A 4575 7.15 -64.96 79.27
CA LEU A 4575 6.46 -65.29 78.03
C LEU A 4575 6.56 -66.78 77.73
N SER A 4576 5.52 -67.30 77.07
CA SER A 4576 5.51 -68.66 76.56
C SER A 4576 4.77 -68.67 75.24
N LEU A 4577 5.32 -69.36 74.25
CA LEU A 4577 4.67 -69.45 72.95
C LEU A 4577 3.31 -70.12 73.07
N SER A 4578 2.30 -69.52 72.44
CA SER A 4578 0.93 -70.00 72.49
C SER A 4578 0.33 -69.97 71.10
N ASN A 4579 -0.66 -70.84 70.89
CA ASN A 4579 -1.36 -70.92 69.62
C ASN A 4579 -2.53 -69.95 69.53
N ALA A 4580 -2.85 -69.23 70.60
CA ALA A 4580 -3.92 -68.25 70.56
C ALA A 4580 -3.54 -67.09 69.66
N ILE A 4581 -4.52 -66.57 68.93
CA ILE A 4581 -4.27 -65.46 68.02
C ILE A 4581 -3.83 -64.23 68.80
N SER A 4582 -4.51 -63.93 69.90
CA SER A 4582 -4.20 -62.77 70.72
C SER A 4582 -4.68 -63.04 72.14
N THR A 4583 -3.96 -62.47 73.10
CA THR A 4583 -4.30 -62.59 74.51
C THR A 4583 -4.32 -61.20 75.12
N VAL A 4584 -5.39 -60.88 75.85
CA VAL A 4584 -5.53 -59.58 76.47
C VAL A 4584 -4.58 -59.46 77.65
N LEU A 4585 -3.67 -58.50 77.60
CA LEU A 4585 -2.77 -58.27 78.72
C LEU A 4585 -3.52 -57.53 79.83
N PRO A 4586 -3.38 -57.93 81.11
CA PRO A 4586 -4.01 -57.15 82.18
C PRO A 4586 -3.25 -55.86 82.44
N LEU A 4587 -3.57 -55.15 83.53
CA LEU A 4587 -2.89 -53.91 83.90
C LEU A 4587 -1.38 -54.06 83.85
N THR A 4588 -0.73 -53.31 82.96
CA THR A 4588 0.69 -53.42 82.69
C THR A 4588 1.40 -52.21 83.29
N GLN A 4589 2.37 -52.48 84.16
CA GLN A 4589 3.13 -51.43 84.84
C GLN A 4589 4.41 -51.18 84.06
N LEU A 4590 4.50 -49.98 83.47
CA LEU A 4590 5.73 -49.50 82.85
C LEU A 4590 6.56 -48.81 83.92
N ARG A 4591 7.75 -49.33 84.19
CA ARG A 4591 8.61 -48.87 85.26
C ARG A 4591 9.94 -48.39 84.67
N TRP A 4592 10.30 -47.16 84.98
CA TRP A 4592 11.56 -46.58 84.55
C TRP A 4592 12.57 -46.73 85.68
N VAL A 4593 13.73 -47.31 85.36
CA VAL A 4593 14.78 -47.56 86.34
C VAL A 4593 16.10 -47.05 85.79
N LYS A 4594 17.00 -46.68 86.70
CA LYS A 4594 18.33 -46.28 86.28
C LYS A 4594 19.01 -47.43 85.57
N GLN A 4595 19.61 -47.14 84.42
CA GLN A 4595 20.17 -48.19 83.56
C GLN A 4595 21.37 -48.79 84.26
N THR A 4596 21.16 -49.92 84.94
CA THR A 4596 22.26 -50.64 85.56
C THR A 4596 23.05 -51.39 84.50
N ASN A 4597 24.35 -51.54 84.74
CA ASN A 4597 25.21 -52.29 83.83
C ASN A 4597 24.94 -53.78 84.05
N ALA A 4598 23.81 -54.23 83.51
CA ALA A 4598 23.37 -55.61 83.60
C ALA A 4598 23.58 -56.29 82.26
N GLU A 4599 24.23 -57.45 82.28
CA GLU A 4599 24.45 -58.21 81.05
C GLU A 4599 23.12 -58.67 80.47
N LYS A 4600 23.00 -58.58 79.15
CA LYS A 4600 21.78 -59.02 78.48
C LYS A 4600 21.64 -60.52 78.64
N LYS A 4601 20.65 -60.94 79.43
CA LYS A 4601 20.45 -62.36 79.69
C LYS A 4601 20.06 -63.08 78.42
N ALA A 4602 20.51 -64.33 78.29
CA ALA A 4602 20.18 -65.13 77.11
C ALA A 4602 18.69 -65.44 77.02
N ASN A 4603 17.97 -65.40 78.15
CA ASN A 4603 16.55 -65.68 78.18
C ASN A 4603 15.70 -64.42 78.10
N VAL A 4604 16.20 -63.38 77.42
CA VAL A 4604 15.51 -62.10 77.27
C VAL A 4604 15.25 -61.87 75.79
N VAL A 4605 14.02 -61.52 75.46
CA VAL A 4605 13.58 -61.28 74.10
C VAL A 4605 13.04 -59.86 74.02
N THR A 4606 13.44 -59.14 72.97
CA THR A 4606 13.08 -57.73 72.78
C THR A 4606 11.93 -57.65 71.78
N LEU A 4607 10.71 -57.72 72.28
CA LEU A 4607 9.54 -57.63 71.42
C LEU A 4607 9.27 -56.17 71.05
N PRO A 4608 8.57 -55.92 69.95
CA PRO A 4608 8.09 -54.57 69.66
C PRO A 4608 6.76 -54.32 70.35
N VAL A 4609 6.33 -53.06 70.30
CA VAL A 4609 5.00 -52.66 70.73
C VAL A 4609 4.42 -51.81 69.59
N TYR A 4610 3.72 -52.46 68.67
CA TYR A 4610 3.16 -51.77 67.52
C TYR A 4610 1.88 -51.04 67.92
N LEU A 4611 1.54 -50.02 67.13
CA LEU A 4611 0.37 -49.20 67.45
C LEU A 4611 -0.92 -50.00 67.32
N ASN A 4612 -1.06 -50.73 66.22
CA ASN A 4612 -2.27 -51.52 65.97
C ASN A 4612 -1.88 -52.75 65.16
N PHE A 4613 -2.89 -53.54 64.80
CA PHE A 4613 -2.63 -54.84 64.18
C PHE A 4613 -1.92 -54.75 62.84
N THR A 4614 -2.00 -53.61 62.16
CA THR A 4614 -1.28 -53.47 60.89
C THR A 4614 0.23 -53.44 61.08
N ARG A 4615 0.71 -53.09 62.27
CA ARG A 4615 2.14 -53.06 62.57
C ARG A 4615 2.88 -52.07 61.68
N ALA A 4616 2.19 -51.01 61.24
CA ALA A 4616 2.85 -50.00 60.42
C ALA A 4616 3.72 -49.07 61.26
N ASP A 4617 3.28 -48.75 62.48
CA ASP A 4617 3.97 -47.83 63.36
C ASP A 4617 4.46 -48.56 64.61
N LEU A 4618 5.72 -48.34 64.97
CA LEU A 4618 6.33 -48.93 66.15
C LEU A 4618 6.45 -47.85 67.23
N ILE A 4619 5.87 -48.12 68.40
CA ILE A 4619 5.91 -47.15 69.48
C ILE A 4619 7.22 -47.27 70.26
N PHE A 4620 7.56 -48.47 70.67
CA PHE A 4620 8.77 -48.73 71.46
C PHE A 4620 8.98 -50.24 71.50
N THR A 4621 9.95 -50.67 72.31
CA THR A 4621 10.29 -52.08 72.46
C THR A 4621 10.31 -52.44 73.94
N VAL A 4622 10.01 -53.70 74.24
CA VAL A 4622 9.93 -54.21 75.60
C VAL A 4622 10.76 -55.49 75.70
N ASP A 4623 11.56 -55.58 76.76
CA ASP A 4623 12.34 -56.79 77.03
C ASP A 4623 11.54 -57.67 77.99
N PHE A 4624 11.33 -58.92 77.59
CA PHE A 4624 10.57 -59.89 78.37
C PHE A 4624 11.42 -61.14 78.59
N GLU A 4625 11.23 -61.77 79.74
CA GLU A 4625 11.92 -63.01 80.05
C GLU A 4625 11.13 -64.20 79.55
N ILE A 4626 11.85 -65.26 79.19
CA ILE A 4626 11.26 -66.46 78.59
C ILE A 4626 10.99 -67.46 79.69
N ALA A 4627 9.78 -68.01 79.72
CA ALA A 4627 9.40 -68.91 80.81
C ALA A 4627 10.18 -70.21 80.76
N THR A 4628 10.21 -70.85 79.59
CA THR A 4628 10.81 -72.16 79.41
C THR A 4628 12.19 -71.99 78.76
N LYS A 4629 12.79 -73.11 78.33
CA LYS A 4629 14.05 -73.10 77.61
C LYS A 4629 13.88 -72.88 76.10
N GLU A 4630 12.77 -72.25 75.68
CA GLU A 4630 12.53 -72.01 74.27
C GLU A 4630 13.58 -71.06 73.70
N ASP A 4631 13.95 -71.30 72.45
CA ASP A 4631 14.86 -70.42 71.76
C ASP A 4631 14.20 -69.06 71.58
N PRO A 4632 14.88 -67.94 71.88
CA PRO A 4632 14.30 -66.64 71.52
C PRO A 4632 14.05 -66.49 70.03
N ARG A 4633 14.83 -67.16 69.18
CA ARG A 4633 14.61 -67.07 67.74
C ARG A 4633 13.22 -67.53 67.34
N SER A 4634 12.66 -68.50 68.07
CA SER A 4634 11.30 -68.94 67.79
C SER A 4634 10.30 -67.81 67.94
N PHE A 4635 10.55 -66.89 68.87
CA PHE A 4635 9.66 -65.72 68.98
C PHE A 4635 9.80 -64.81 67.78
N TYR A 4636 10.99 -64.72 67.19
CA TYR A 4636 11.16 -63.88 66.02
C TYR A 4636 10.54 -64.52 64.79
N GLU A 4637 10.75 -65.84 64.62
CA GLU A 4637 10.11 -66.56 63.51
C GLU A 4637 8.60 -66.54 63.65
N ARG A 4638 8.09 -66.75 64.87
CA ARG A 4638 6.66 -66.71 65.10
C ARG A 4638 6.06 -65.33 64.92
N GLY A 4639 6.88 -64.28 64.86
CA GLY A 4639 6.36 -62.93 64.75
C GLY A 4639 5.60 -62.48 65.98
N VAL A 4640 6.09 -62.81 67.17
CA VAL A 4640 5.44 -62.39 68.40
C VAL A 4640 5.58 -60.89 68.55
N ALA A 4641 4.53 -60.22 69.02
CA ALA A 4641 4.55 -58.78 69.14
C ALA A 4641 3.51 -58.34 70.16
N VAL A 4642 3.45 -57.02 70.38
CA VAL A 4642 2.48 -56.41 71.28
C VAL A 4642 1.80 -55.27 70.54
N LEU A 4643 0.49 -55.14 70.75
CA LEU A 4643 -0.33 -54.13 70.10
C LEU A 4643 -1.01 -53.28 71.18
N CYS A 4644 -0.93 -51.96 71.02
CA CYS A 4644 -1.63 -51.07 71.94
C CYS A 4644 -3.14 -51.27 71.83
N THR A 4645 -3.63 -51.49 70.61
CA THR A 4645 -5.05 -51.73 70.36
C THR A 4645 -5.18 -52.89 69.37
N GLU A 4646 -6.30 -53.60 69.46
CA GLU A 4646 -6.57 -54.71 68.56
C GLU A 4646 -6.98 -54.20 67.18
N LYS B 692 -133.89 133.60 80.33
CA LYS B 692 -133.15 132.47 79.73
C LYS B 692 -132.22 132.94 78.62
N LEU B 693 -132.54 134.08 77.98
CA LEU B 693 -131.76 134.49 76.78
C LEU B 693 -130.45 135.20 77.13
N ASN B 694 -130.17 135.45 78.41
CA ASN B 694 -128.95 136.20 78.75
C ASN B 694 -127.70 135.42 78.32
N THR B 695 -126.76 136.09 77.65
CA THR B 695 -125.56 135.40 77.12
C THR B 695 -124.29 135.76 77.89
N GLN B 696 -124.42 136.33 79.09
CA GLN B 696 -123.23 136.68 79.88
C GLN B 696 -122.44 135.40 80.22
N GLU B 697 -123.16 134.32 80.50
CA GLU B 697 -122.48 133.05 80.87
C GLU B 697 -121.64 132.56 79.69
N ILE B 698 -122.14 132.72 78.46
CA ILE B 698 -121.37 132.23 77.29
C ILE B 698 -120.06 133.01 77.18
N PHE B 699 -120.12 134.32 77.33
CA PHE B 699 -118.89 135.13 77.22
C PHE B 699 -117.92 134.78 78.35
N ASP B 700 -118.45 134.62 79.57
CA ASP B 700 -117.57 134.28 80.70
C ASP B 700 -116.92 132.91 80.48
N ASP B 701 -117.70 131.95 80.01
CA ASP B 701 -117.15 130.60 79.79
C ASP B 701 -116.10 130.63 78.67
N TRP B 702 -116.36 131.35 77.59
CA TRP B 702 -115.39 131.41 76.49
C TRP B 702 -114.10 132.09 76.97
N ALA B 703 -114.23 133.19 77.70
CA ALA B 703 -113.01 133.89 78.19
C ALA B 703 -112.25 132.97 79.13
N ARG B 704 -112.95 132.27 80.01
CA ARG B 704 -112.27 131.34 80.94
C ARG B 704 -111.56 130.24 80.17
N LYS B 705 -112.22 129.68 79.16
CA LYS B 705 -111.59 128.58 78.39
C LYS B 705 -110.35 129.08 77.68
N VAL B 706 -110.43 130.25 77.04
CA VAL B 706 -109.25 130.75 76.28
C VAL B 706 -108.12 131.10 77.25
N GLN B 707 -108.46 131.70 78.38
CA GLN B 707 -107.42 132.01 79.39
C GLN B 707 -106.78 130.73 79.93
N GLN B 708 -107.60 129.71 80.17
CA GLN B 708 -107.05 128.42 80.67
C GLN B 708 -106.15 127.79 79.60
N ARG B 709 -106.52 127.90 78.33
CA ARG B 709 -105.65 127.36 77.26
C ARG B 709 -104.31 128.08 77.27
N ASN B 710 -104.32 129.40 77.50
CA ASN B 710 -103.06 130.17 77.57
C ASN B 710 -102.30 130.06 76.25
N LEU B 711 -103.02 130.27 75.15
CA LEU B 711 -102.39 130.16 73.82
C LEU B 711 -101.29 131.19 73.67
N GLY B 712 -100.17 130.74 73.08
CA GLY B 712 -99.03 131.64 72.82
C GLY B 712 -98.30 131.22 71.56
N VAL B 713 -98.02 132.20 70.70
CA VAL B 713 -97.37 131.86 69.40
C VAL B 713 -95.84 131.85 69.54
N SER B 714 -95.30 132.38 70.63
CA SER B 714 -93.82 132.48 70.76
C SER B 714 -93.16 131.10 70.71
N GLY B 715 -92.08 131.00 69.96
CA GLY B 715 -91.38 129.72 69.80
C GLY B 715 -90.77 129.63 68.43
N ARG B 716 -90.07 128.53 68.18
CA ARG B 716 -89.43 128.34 66.85
C ARG B 716 -90.53 128.23 65.79
N ILE B 717 -90.29 128.87 64.65
CA ILE B 717 -91.37 128.95 63.62
C ILE B 717 -91.70 127.57 63.06
N PHE B 718 -90.70 126.70 62.91
CA PHE B 718 -90.99 125.29 62.54
C PHE B 718 -90.65 124.37 63.71
N ALA B 719 -91.08 123.11 63.57
CA ALA B 719 -90.73 122.08 64.56
C ALA B 719 -90.68 120.75 63.82
N ILE B 720 -89.93 119.80 64.38
CA ILE B 720 -89.82 118.46 63.77
C ILE B 720 -89.77 117.42 64.91
N LYS B 734 -92.50 114.72 59.96
CA LYS B 734 -93.29 115.66 59.13
C LYS B 734 -93.03 117.10 59.56
N LEU B 735 -92.84 117.97 58.59
CA LEU B 735 -92.58 119.40 58.89
C LEU B 735 -93.89 120.08 59.24
N LYS B 736 -93.82 120.92 60.27
CA LYS B 736 -95.03 121.63 60.70
C LYS B 736 -94.66 123.08 61.01
N VAL B 737 -95.68 123.93 60.90
CA VAL B 737 -95.49 125.35 61.29
C VAL B 737 -96.23 125.50 62.61
N ASN B 738 -95.56 126.05 63.64
CA ASN B 738 -96.21 126.11 64.98
C ASN B 738 -97.21 127.27 64.98
N PHE B 739 -98.27 127.08 64.22
CA PHE B 739 -99.31 128.09 64.08
C PHE B 739 -100.54 127.30 63.65
N LEU B 740 -101.34 126.97 64.67
CA LEU B 740 -102.55 126.18 64.39
C LEU B 740 -103.61 127.10 63.80
N PRO B 741 -104.62 126.55 63.12
CA PRO B 741 -105.70 127.41 62.63
C PRO B 741 -106.45 128.11 63.77
N GLU B 742 -106.51 127.49 64.95
CA GLU B 742 -107.35 128.01 66.06
C GLU B 742 -106.93 129.41 66.46
N ILE B 743 -105.64 129.73 66.37
CA ILE B 743 -105.16 131.07 66.81
C ILE B 743 -105.81 132.15 65.94
N ILE B 744 -106.16 131.83 64.70
CA ILE B 744 -106.92 132.84 63.91
C ILE B 744 -108.29 133.09 64.52
N THR B 745 -109.00 132.01 64.86
CA THR B 745 -110.42 132.14 65.26
C THR B 745 -110.53 133.02 66.49
N LEU B 746 -109.60 132.89 67.43
CA LEU B 746 -109.70 133.71 68.67
C LEU B 746 -109.71 135.19 68.31
N SER B 747 -108.92 135.60 67.32
CA SER B 747 -108.91 137.02 66.91
C SER B 747 -110.33 137.42 66.45
N LYS B 748 -110.94 136.58 65.62
CA LYS B 748 -112.32 136.85 65.19
C LYS B 748 -113.27 136.78 66.39
N GLU B 749 -113.02 135.86 67.30
CA GLU B 749 -113.87 135.76 68.52
C GLU B 749 -113.77 137.03 69.34
N VAL B 750 -112.70 137.78 69.20
CA VAL B 750 -112.64 139.11 69.84
C VAL B 750 -113.33 140.15 68.94
N ARG B 751 -113.10 140.06 67.63
CA ARG B 751 -113.56 141.14 66.72
C ARG B 751 -115.07 141.31 66.77
N ASN B 752 -115.81 140.21 66.76
CA ASN B 752 -117.28 140.34 66.91
C ASN B 752 -117.65 140.73 68.34
N LEU B 753 -116.96 140.17 69.31
CA LEU B 753 -117.38 140.40 70.72
C LEU B 753 -117.26 141.88 71.08
N LYS B 754 -116.22 142.55 70.57
CA LYS B 754 -116.08 144.00 70.83
C LYS B 754 -117.30 144.73 70.28
N TRP B 755 -117.80 144.31 69.12
CA TRP B 755 -119.05 144.91 68.60
C TRP B 755 -120.21 144.61 69.54
N LEU B 756 -120.23 143.41 70.13
CA LEU B 756 -121.34 143.03 71.03
C LEU B 756 -121.24 143.73 72.39
N GLY B 757 -120.12 144.42 72.65
CA GLY B 757 -120.00 145.23 73.88
C GLY B 757 -119.40 144.49 75.06
N PHE B 758 -119.11 143.20 74.92
CA PHE B 758 -118.47 142.48 76.02
C PHE B 758 -117.03 142.98 76.21
N ARG B 759 -116.68 143.29 77.46
CA ARG B 759 -115.32 143.81 77.73
C ARG B 759 -114.34 142.63 77.72
N VAL B 760 -113.69 142.44 76.58
CA VAL B 760 -112.72 141.33 76.43
C VAL B 760 -111.48 141.65 77.29
N PRO B 761 -110.82 140.66 77.91
CA PRO B 761 -109.64 140.96 78.71
C PRO B 761 -108.46 141.51 77.90
N LEU B 762 -107.61 142.26 78.58
CA LEU B 762 -106.45 142.88 77.89
C LEU B 762 -105.49 141.82 77.35
N ALA B 763 -105.23 140.76 78.12
CA ALA B 763 -104.32 139.70 77.64
C ALA B 763 -104.89 139.04 76.39
N ILE B 764 -106.20 138.81 76.37
CA ILE B 764 -106.85 138.22 75.17
C ILE B 764 -106.68 139.18 73.99
N VAL B 765 -106.79 140.47 74.26
CA VAL B 765 -106.61 141.47 73.17
C VAL B 765 -105.17 141.41 72.62
N ASN B 766 -104.21 141.29 73.52
CA ASN B 766 -102.79 141.19 73.08
C ASN B 766 -102.55 139.91 72.27
N LYS B 767 -103.15 138.81 72.71
CA LYS B 767 -103.01 137.54 71.95
C LYS B 767 -103.64 137.68 70.57
N ALA B 768 -104.79 138.33 70.49
CA ALA B 768 -105.44 138.58 69.18
C ALA B 768 -104.53 139.45 68.32
N HIS B 769 -103.88 140.43 68.94
CA HIS B 769 -102.96 141.32 68.19
C HIS B 769 -101.82 140.49 67.56
N GLN B 770 -101.19 139.64 68.36
CA GLN B 770 -100.06 138.81 67.84
C GLN B 770 -100.55 137.86 66.74
N ALA B 771 -101.75 137.30 66.96
CA ALA B 771 -102.33 136.39 65.96
C ALA B 771 -102.55 137.15 64.65
N ASN B 772 -103.13 138.35 64.74
CA ASN B 772 -103.41 139.12 63.51
C ASN B 772 -102.10 139.47 62.78
N GLN B 773 -101.07 139.84 63.52
CA GLN B 773 -99.78 140.20 62.86
C GLN B 773 -99.11 138.98 62.20
N LEU B 774 -99.15 137.84 62.90
CA LEU B 774 -98.38 136.67 62.40
C LEU B 774 -99.20 135.77 61.47
N TYR B 775 -100.50 136.01 61.32
CA TYR B 775 -101.32 135.09 60.48
C TYR B 775 -100.91 135.10 59.01
N PRO B 776 -100.70 136.23 58.31
CA PRO B 776 -100.30 136.14 56.90
C PRO B 776 -98.92 135.47 56.73
N PHE B 777 -98.01 135.75 57.66
CA PHE B 777 -96.69 135.09 57.61
C PHE B 777 -96.86 133.58 57.81
N ALA B 778 -97.70 133.19 58.75
CA ALA B 778 -97.96 131.75 58.98
C ALA B 778 -98.63 131.12 57.76
N ILE B 779 -99.55 131.83 57.11
CA ILE B 779 -100.16 131.26 55.89
C ILE B 779 -99.10 131.08 54.82
N SER B 780 -98.22 132.06 54.63
CA SER B 780 -97.17 131.90 53.62
C SER B 780 -96.28 130.70 53.97
N LEU B 781 -95.92 130.59 55.23
CA LEU B 781 -95.02 129.48 55.64
C LEU B 781 -95.71 128.11 55.51
N ILE B 782 -96.95 128.01 55.95
CA ILE B 782 -97.66 126.71 55.87
C ILE B 782 -97.96 126.38 54.41
N GLU B 783 -98.28 127.38 53.59
CA GLU B 783 -98.47 127.11 52.14
C GLU B 783 -97.18 126.59 51.54
N SER B 784 -96.05 127.19 51.92
CA SER B 784 -94.75 126.74 51.37
C SER B 784 -94.48 125.30 51.82
N VAL B 785 -94.72 125.02 53.10
CA VAL B 785 -94.43 123.66 53.62
C VAL B 785 -95.37 122.65 52.96
N ARG B 786 -96.64 123.00 52.82
CA ARG B 786 -97.61 122.07 52.18
C ARG B 786 -97.22 121.84 50.72
N THR B 787 -96.85 122.90 50.01
CA THR B 787 -96.46 122.73 48.60
C THR B 787 -95.21 121.84 48.52
N TYR B 788 -94.26 122.07 49.41
CA TYR B 788 -93.03 121.26 49.40
C TYR B 788 -93.38 119.81 49.70
N GLU B 789 -94.28 119.56 50.67
CA GLU B 789 -94.62 118.18 51.05
C GLU B 789 -95.33 117.48 49.89
N ARG B 790 -96.31 118.13 49.27
CA ARG B 790 -97.07 117.45 48.19
C ARG B 790 -96.16 117.23 46.99
N THR B 791 -95.33 118.22 46.66
CA THR B 791 -94.41 118.06 45.50
C THR B 791 -93.39 116.97 45.82
N CYS B 792 -92.91 116.89 47.06
CA CYS B 792 -91.96 115.82 47.43
C CYS B 792 -92.65 114.45 47.30
N GLU B 793 -93.90 114.36 47.71
CA GLU B 793 -94.63 113.09 47.54
C GLU B 793 -94.76 112.74 46.06
N LYS B 794 -95.06 113.75 45.23
CA LYS B 794 -95.17 113.49 43.78
C LYS B 794 -93.83 113.01 43.22
N VAL B 795 -92.74 113.65 43.64
CA VAL B 795 -91.41 113.25 43.12
C VAL B 795 -91.05 111.84 43.60
N GLU B 796 -91.33 111.54 44.87
CA GLU B 796 -91.01 110.20 45.40
C GLU B 796 -91.83 109.13 44.68
N GLU B 797 -93.09 109.43 44.38
CA GLU B 797 -93.95 108.44 43.69
C GLU B 797 -93.45 108.17 42.27
N ARG B 798 -92.70 109.10 41.68
CA ARG B 798 -92.12 108.91 40.33
C ARG B 798 -90.61 109.04 40.46
N ASN B 799 -89.93 107.92 40.68
CA ASN B 799 -88.46 107.95 40.94
C ASN B 799 -87.66 108.35 39.71
N THR B 800 -88.25 108.31 38.52
CA THR B 800 -87.48 108.60 37.29
C THR B 800 -87.01 110.05 37.30
N ILE B 801 -87.84 110.97 37.78
CA ILE B 801 -87.52 112.42 37.65
C ILE B 801 -86.81 112.96 38.90
N SER B 802 -86.34 112.07 39.77
CA SER B 802 -85.67 112.53 41.00
C SER B 802 -84.37 113.28 40.68
N LEU B 803 -83.62 112.76 39.71
CA LEU B 803 -82.30 113.35 39.40
C LEU B 803 -82.43 114.78 38.88
N LEU B 804 -83.41 115.01 38.00
CA LEU B 804 -83.53 116.35 37.39
C LEU B 804 -83.92 117.39 38.44
N VAL B 805 -84.73 117.02 39.41
CA VAL B 805 -85.25 118.01 40.40
C VAL B 805 -84.38 118.04 41.65
N ALA B 806 -83.16 117.53 41.57
CA ALA B 806 -82.28 117.50 42.74
C ALA B 806 -81.91 118.93 43.20
N GLY B 807 -81.66 119.82 42.24
CA GLY B 807 -81.25 121.19 42.63
C GLY B 807 -82.32 121.95 43.44
N LEU B 808 -83.57 121.86 42.99
CA LEU B 808 -84.64 122.56 43.73
C LEU B 808 -84.82 121.94 45.12
N LYS B 809 -84.70 120.61 45.20
CA LYS B 809 -84.86 119.93 46.50
C LYS B 809 -83.79 120.40 47.48
N LYS B 810 -82.54 120.39 47.05
CA LYS B 810 -81.45 120.80 47.96
C LYS B 810 -81.58 122.28 48.31
N GLU B 811 -82.05 123.10 47.36
CA GLU B 811 -82.21 124.54 47.64
C GLU B 811 -83.26 124.77 48.73
N VAL B 812 -84.42 124.12 48.60
CA VAL B 812 -85.49 124.33 49.60
C VAL B 812 -85.07 123.75 50.95
N GLN B 813 -84.39 122.60 50.92
CA GLN B 813 -83.91 122.00 52.18
C GLN B 813 -82.90 122.94 52.86
N ALA B 814 -82.03 123.57 52.07
CA ALA B 814 -81.06 124.52 52.64
C ALA B 814 -81.77 125.73 53.26
N LEU B 815 -82.81 126.23 52.57
CA LEU B 815 -83.56 127.37 53.13
C LEU B 815 -84.25 126.98 54.44
N ILE B 816 -84.82 125.77 54.48
CA ILE B 816 -85.46 125.29 55.73
C ILE B 816 -84.40 125.18 56.84
N ALA B 817 -83.22 124.66 56.49
CA ALA B 817 -82.14 124.51 57.49
C ALA B 817 -81.74 125.89 58.02
N GLU B 818 -81.68 126.87 57.13
CA GLU B 818 -81.38 128.25 57.58
C GLU B 818 -82.48 128.73 58.53
N GLY B 819 -83.73 128.42 58.22
CA GLY B 819 -84.85 128.94 59.02
C GLY B 819 -85.10 128.24 60.34
N ILE B 820 -84.48 127.08 60.57
CA ILE B 820 -84.76 126.36 61.85
C ILE B 820 -84.36 127.26 63.03
N ALA B 821 -83.27 128.01 62.88
CA ALA B 821 -82.79 128.85 63.99
C ALA B 821 -83.70 130.06 64.25
N LEU B 822 -84.60 130.37 63.33
CA LEU B 822 -85.43 131.59 63.50
C LEU B 822 -86.52 131.44 64.55
N VAL B 823 -87.07 132.56 64.99
CA VAL B 823 -88.21 132.58 65.93
C VAL B 823 -89.27 133.53 65.36
N TRP B 824 -90.50 133.44 65.89
CA TRP B 824 -91.61 134.31 65.39
C TRP B 824 -91.27 135.76 65.73
N GLU B 825 -90.37 135.96 66.70
CA GLU B 825 -90.00 137.34 67.13
C GLU B 825 -88.88 137.88 66.24
N SER B 826 -88.26 137.01 65.43
CA SER B 826 -87.11 137.46 64.59
C SER B 826 -87.59 138.44 63.51
N TYR B 827 -86.85 139.54 63.32
CA TYR B 827 -87.17 140.49 62.23
C TYR B 827 -86.89 139.78 60.90
N LYS B 828 -85.89 138.90 60.87
CA LYS B 828 -85.48 138.19 59.63
C LYS B 828 -86.52 137.17 59.17
N LEU B 829 -87.52 136.87 60.00
CA LEU B 829 -88.58 135.89 59.63
C LEU B 829 -89.30 136.39 58.37
N ASP B 830 -89.66 137.67 58.31
CA ASP B 830 -90.39 138.21 57.13
C ASP B 830 -89.52 138.15 55.87
N PRO B 831 -88.22 138.53 55.85
CA PRO B 831 -87.37 138.33 54.68
C PRO B 831 -87.23 136.85 54.30
N TYR B 832 -87.15 135.95 55.28
CA TYR B 832 -87.10 134.51 54.95
C TYR B 832 -88.38 134.10 54.19
N VAL B 833 -89.54 134.61 54.61
CA VAL B 833 -90.81 134.32 53.88
C VAL B 833 -90.63 134.76 52.44
N GLN B 834 -89.99 135.90 52.23
CA GLN B 834 -89.72 136.37 50.84
C GLN B 834 -88.77 135.38 50.16
N ARG B 835 -87.76 134.93 50.89
CA ARG B 835 -86.76 134.04 50.26
C ARG B 835 -87.37 132.68 49.86
N LEU B 836 -88.12 132.10 50.79
CA LEU B 836 -88.65 130.73 50.54
C LEU B 836 -89.64 130.74 49.38
N ALA B 837 -90.45 131.79 49.27
CA ALA B 837 -91.48 131.82 48.22
C ALA B 837 -90.84 131.80 46.84
N GLU B 838 -89.76 132.55 46.66
CA GLU B 838 -89.14 132.60 45.31
C GLU B 838 -88.58 131.22 44.94
N THR B 839 -87.86 130.61 45.87
CA THR B 839 -87.21 129.32 45.57
C THR B 839 -88.28 128.24 45.33
N VAL B 840 -89.31 128.24 46.16
CA VAL B 840 -90.39 127.25 45.97
C VAL B 840 -91.11 127.55 44.67
N PHE B 841 -91.27 128.82 44.35
CA PHE B 841 -91.96 129.19 43.09
C PHE B 841 -91.18 128.65 41.89
N ASN B 842 -89.86 128.80 41.92
CA ASN B 842 -89.01 128.28 40.82
C ASN B 842 -89.12 126.75 40.77
N PHE B 843 -89.13 126.12 41.93
CA PHE B 843 -89.15 124.64 41.99
C PHE B 843 -90.45 124.12 41.36
N GLN B 844 -91.57 124.80 41.60
CA GLN B 844 -92.85 124.35 41.01
C GLN B 844 -92.81 124.49 39.49
N GLU B 845 -92.29 125.61 38.99
CA GLU B 845 -92.32 125.83 37.52
C GLU B 845 -91.47 124.78 36.80
N LYS B 846 -90.24 124.58 37.26
CA LYS B 846 -89.32 123.66 36.55
C LYS B 846 -89.87 122.24 36.61
N VAL B 847 -90.46 121.89 37.75
CA VAL B 847 -91.06 120.54 37.86
C VAL B 847 -92.20 120.40 36.83
N ASP B 848 -93.00 121.45 36.70
CA ASP B 848 -94.13 121.42 35.74
C ASP B 848 -93.58 121.23 34.32
N ASP B 849 -92.48 121.92 34.02
CA ASP B 849 -91.91 121.82 32.65
C ASP B 849 -91.46 120.38 32.38
N LEU B 850 -90.80 119.76 33.36
CA LEU B 850 -90.24 118.40 33.14
C LEU B 850 -91.38 117.40 32.93
N LEU B 851 -92.47 117.55 33.66
CA LEU B 851 -93.57 116.56 33.54
C LEU B 851 -94.11 116.60 32.11
N ILE B 852 -94.24 117.80 31.54
CA ILE B 852 -94.69 117.87 30.13
C ILE B 852 -93.65 117.22 29.22
N ILE B 853 -92.39 117.56 29.42
CA ILE B 853 -91.33 117.04 28.52
C ILE B 853 -91.14 115.54 28.73
N GLU B 854 -91.15 115.10 29.98
CA GLU B 854 -90.84 113.69 30.28
C GLU B 854 -91.92 112.76 29.73
N GLU B 855 -93.18 113.18 29.81
CA GLU B 855 -94.27 112.36 29.23
C GLU B 855 -94.08 112.24 27.72
N LYS B 856 -93.68 113.34 27.07
CA LYS B 856 -93.47 113.29 25.60
C LYS B 856 -92.36 112.29 25.30
N ILE B 857 -91.28 112.33 26.07
CA ILE B 857 -90.16 111.37 25.87
C ILE B 857 -90.65 109.95 26.17
N ASP B 858 -91.48 109.81 27.18
CA ASP B 858 -92.03 108.47 27.50
C ASP B 858 -92.91 107.96 26.35
N LEU B 859 -93.72 108.84 25.78
CA LEU B 859 -94.54 108.41 24.63
C LEU B 859 -93.64 108.08 23.44
N GLU B 860 -92.63 108.91 23.21
CA GLU B 860 -91.77 108.71 22.02
C GLU B 860 -90.99 107.40 22.13
N VAL B 861 -90.44 107.11 23.30
CA VAL B 861 -89.72 105.82 23.48
C VAL B 861 -90.73 104.67 23.38
N ARG B 862 -91.94 104.88 23.90
CA ARG B 862 -92.99 103.85 23.77
C ARG B 862 -93.31 103.64 22.28
N SER B 863 -93.19 104.68 21.49
CA SER B 863 -93.49 104.56 20.04
C SER B 863 -92.52 103.59 19.37
N LEU B 864 -91.29 103.50 19.87
CA LEU B 864 -90.26 102.70 19.16
C LEU B 864 -90.61 101.21 19.03
N GLU B 865 -91.19 100.63 20.07
CA GLU B 865 -91.47 99.17 20.01
C GLU B 865 -92.52 98.89 18.94
N THR B 866 -93.48 99.80 18.75
CA THR B 866 -94.62 99.53 17.85
C THR B 866 -94.46 100.22 16.49
N CYS B 867 -93.46 101.08 16.35
CA CYS B 867 -93.33 101.84 15.09
C CYS B 867 -92.88 100.92 13.95
N VAL B 868 -93.06 101.38 12.71
CA VAL B 868 -92.68 100.56 11.54
C VAL B 868 -91.17 100.32 11.52
N TYR B 869 -90.78 99.16 11.01
CA TYR B 869 -89.35 98.78 10.96
C TYR B 869 -88.69 99.37 9.72
N ASP B 870 -88.46 100.68 9.75
CA ASP B 870 -87.69 101.34 8.67
C ASP B 870 -86.81 102.41 9.32
N HIS B 871 -85.69 102.73 8.69
CA HIS B 871 -84.73 103.67 9.32
C HIS B 871 -85.37 105.05 9.48
N LYS B 872 -86.12 105.50 8.50
CA LYS B 872 -86.71 106.85 8.58
C LYS B 872 -87.70 106.92 9.76
N THR B 873 -88.54 105.89 9.89
CA THR B 873 -89.52 105.91 11.00
C THR B 873 -88.78 105.88 12.34
N PHE B 874 -87.77 105.03 12.45
CA PHE B 874 -86.97 105.06 13.70
C PHE B 874 -86.23 106.39 13.85
N SER B 875 -85.58 106.86 12.79
CA SER B 875 -84.75 108.08 12.87
C SER B 875 -85.62 109.29 13.21
N GLU B 876 -86.82 109.33 12.64
CA GLU B 876 -87.74 110.45 12.98
C GLU B 876 -88.05 110.40 14.47
N ILE B 877 -88.33 109.22 15.01
CA ILE B 877 -88.63 109.10 16.46
C ILE B 877 -87.40 109.53 17.27
N LEU B 878 -86.24 109.08 16.85
CA LEU B 878 -85.00 109.44 17.59
C LEU B 878 -84.71 110.93 17.42
N ASN B 879 -85.23 111.56 16.38
CA ASN B 879 -85.08 113.03 16.26
C ASN B 879 -85.92 113.75 17.32
N ARG B 880 -87.16 113.29 17.52
CA ARG B 880 -88.06 113.99 18.48
C ARG B 880 -87.47 113.89 19.89
N VAL B 881 -86.98 112.71 20.27
CA VAL B 881 -86.48 112.53 21.66
C VAL B 881 -85.24 113.42 21.86
N GLN B 882 -84.41 113.53 20.82
CA GLN B 882 -83.18 114.34 20.96
C GLN B 882 -83.54 115.80 21.23
N LYS B 883 -84.54 116.32 20.52
CA LYS B 883 -84.94 117.73 20.72
C LYS B 883 -85.43 117.94 22.15
N ALA B 884 -86.22 117.00 22.68
CA ALA B 884 -86.69 117.14 24.06
C ALA B 884 -85.51 117.13 25.04
N VAL B 885 -84.56 116.22 24.81
CA VAL B 885 -83.35 116.17 25.68
C VAL B 885 -82.57 117.47 25.53
N ASP B 886 -82.51 118.01 24.32
CA ASP B 886 -81.82 119.31 24.11
C ASP B 886 -82.52 120.39 24.93
N ASP B 887 -83.85 120.33 25.00
CA ASP B 887 -84.57 121.31 25.86
C ASP B 887 -84.18 121.08 27.32
N LEU B 888 -84.04 119.82 27.74
CA LEU B 888 -83.59 119.56 29.12
C LEU B 888 -82.18 120.13 29.32
N ASN B 889 -81.31 119.94 28.34
CA ASN B 889 -79.97 120.57 28.40
C ASN B 889 -80.11 122.09 28.34
N LEU B 890 -81.11 122.57 27.60
CA LEU B 890 -81.28 124.04 27.43
C LEU B 890 -81.61 124.72 28.76
N HIS B 891 -82.40 124.06 29.61
CA HIS B 891 -82.85 124.68 30.88
C HIS B 891 -81.90 124.34 32.04
N SER B 892 -80.81 123.63 31.77
CA SER B 892 -79.80 123.36 32.83
C SER B 892 -80.36 122.54 34.00
N TYR B 893 -80.98 121.41 33.69
CA TYR B 893 -81.47 120.51 34.77
C TYR B 893 -80.31 119.67 35.34
N SER B 894 -80.45 119.26 36.59
CA SER B 894 -79.39 118.46 37.24
C SER B 894 -79.33 117.04 36.69
N ASN B 895 -78.18 116.40 36.82
CA ASN B 895 -78.08 114.94 36.57
C ASN B 895 -78.54 114.53 35.16
N LEU B 896 -78.45 115.43 34.20
CA LEU B 896 -78.99 115.11 32.86
C LEU B 896 -78.24 113.93 32.21
N PRO B 897 -76.90 113.81 32.29
CA PRO B 897 -76.24 112.65 31.71
C PRO B 897 -76.74 111.33 32.30
N ILE B 898 -77.00 111.29 33.61
CA ILE B 898 -77.52 110.02 34.21
C ILE B 898 -78.89 109.69 33.61
N TRP B 899 -79.79 110.67 33.60
CA TRP B 899 -81.15 110.39 33.08
C TRP B 899 -81.05 110.07 31.59
N VAL B 900 -80.24 110.82 30.86
CA VAL B 900 -80.06 110.54 29.42
C VAL B 900 -79.43 109.16 29.25
N ASN B 901 -78.45 108.81 30.09
CA ASN B 901 -77.80 107.49 29.98
C ASN B 901 -78.84 106.39 30.25
N LYS B 902 -79.70 106.59 31.24
CA LYS B 902 -80.76 105.59 31.47
C LYS B 902 -81.69 105.51 30.26
N LEU B 903 -82.10 106.66 29.73
CA LEU B 903 -82.98 106.67 28.54
C LEU B 903 -82.24 106.04 27.35
N ASP B 904 -80.95 106.35 27.21
CA ASP B 904 -80.16 105.81 26.08
C ASP B 904 -80.12 104.28 26.19
N MET B 905 -79.93 103.76 27.40
CA MET B 905 -79.94 102.29 27.59
C MET B 905 -81.33 101.75 27.23
N GLU B 906 -82.38 102.44 27.65
CA GLU B 906 -83.75 101.96 27.37
C GLU B 906 -84.00 101.96 25.86
N ILE B 907 -83.55 103.00 25.17
CA ILE B 907 -83.72 103.06 23.70
C ILE B 907 -82.95 101.91 23.05
N GLU B 908 -81.73 101.66 23.51
CA GLU B 908 -80.93 100.58 22.93
C GLU B 908 -81.62 99.23 23.17
N ARG B 909 -82.25 99.07 24.33
CA ARG B 909 -82.97 97.82 24.61
C ARG B 909 -84.10 97.64 23.59
N ILE B 910 -84.87 98.69 23.34
CA ILE B 910 -85.99 98.59 22.36
C ILE B 910 -85.40 98.35 20.98
N LEU B 911 -84.31 99.03 20.64
CA LEU B 911 -83.65 98.77 19.35
C LEU B 911 -83.09 97.34 19.34
N GLY B 912 -82.79 96.78 20.51
CA GLY B 912 -82.36 95.37 20.55
C GLY B 912 -83.47 94.42 20.14
N VAL B 913 -84.66 94.58 20.69
CA VAL B 913 -85.76 93.62 20.39
C VAL B 913 -86.22 93.81 18.94
N ARG B 914 -86.31 95.05 18.49
CA ARG B 914 -86.71 95.28 17.08
C ARG B 914 -85.65 94.69 16.14
N LEU B 915 -84.37 94.87 16.47
CA LEU B 915 -83.30 94.29 15.63
C LEU B 915 -83.37 92.76 15.67
N GLN B 916 -83.68 92.20 16.84
CA GLN B 916 -83.83 90.72 16.92
C GLN B 916 -85.02 90.29 16.06
N ALA B 917 -86.12 91.04 16.12
CA ALA B 917 -87.29 90.71 15.27
C ALA B 917 -86.92 90.87 13.80
N GLY B 918 -86.17 91.92 13.48
CA GLY B 918 -85.82 92.17 12.06
C GLY B 918 -85.00 91.05 11.49
N LEU B 919 -84.03 90.54 12.26
CA LEU B 919 -83.22 89.40 11.77
C LEU B 919 -84.09 88.18 11.56
N ARG B 920 -84.96 87.87 12.52
CA ARG B 920 -85.80 86.65 12.41
C ARG B 920 -86.78 86.79 11.24
N ALA B 921 -87.35 87.98 11.06
CA ALA B 921 -88.22 88.20 9.88
C ALA B 921 -87.38 88.04 8.61
N TRP B 922 -86.16 88.58 8.62
CA TRP B 922 -85.26 88.43 7.45
C TRP B 922 -84.89 86.96 7.24
N THR B 923 -84.62 86.26 8.33
CA THR B 923 -84.26 84.83 8.23
C THR B 923 -85.42 84.04 7.63
N GLN B 924 -86.65 84.36 8.07
CA GLN B 924 -87.83 83.66 7.52
C GLN B 924 -87.96 83.95 6.03
N VAL B 925 -87.73 85.20 5.63
CA VAL B 925 -87.80 85.55 4.19
C VAL B 925 -86.71 84.79 3.42
N LEU B 926 -85.51 84.70 3.99
CA LEU B 926 -84.40 83.99 3.29
C LEU B 926 -84.74 82.53 3.11
N LEU B 927 -85.29 81.89 4.14
CA LEU B 927 -85.54 80.42 4.07
C LEU B 927 -86.86 80.11 3.37
N GLY B 928 -87.63 81.12 2.97
CA GLY B 928 -88.96 80.84 2.39
C GLY B 928 -90.01 80.58 3.45
N GLN B 929 -89.66 80.77 4.72
CA GLN B 929 -90.62 80.53 5.84
C GLN B 929 -91.36 81.82 6.21
N ALA B 930 -91.12 82.92 5.49
CA ALA B 930 -91.85 84.18 5.77
C ALA B 930 -93.30 83.99 5.37
N GLU B 931 -94.20 84.32 6.29
CA GLU B 931 -95.65 84.08 6.03
C GLU B 931 -96.19 85.28 5.25
N ASP B 932 -96.72 85.00 4.06
CA ASP B 932 -97.32 86.09 3.27
C ASP B 932 -98.57 86.59 4.00
N LYS B 933 -98.97 87.82 3.70
CA LYS B 933 -100.17 88.40 4.37
C LYS B 933 -101.45 87.68 3.94
N ALA B 934 -101.41 86.86 2.90
CA ALA B 934 -102.59 86.06 2.53
C ALA B 934 -102.96 85.11 3.68
N GLU B 935 -101.96 84.60 4.40
CA GLU B 935 -102.22 83.65 5.50
C GLU B 935 -102.59 84.35 6.80
N VAL B 936 -102.51 85.68 6.84
CA VAL B 936 -102.97 86.41 8.05
C VAL B 936 -104.47 86.17 8.17
N ASP B 937 -104.92 85.68 9.31
CA ASP B 937 -106.35 85.27 9.41
C ASP B 937 -107.28 86.47 9.24
N MET B 938 -108.26 86.33 8.36
CA MET B 938 -109.22 87.43 8.11
C MET B 938 -110.36 87.41 9.14
N ASP B 939 -110.51 86.33 9.88
CA ASP B 939 -111.54 86.28 10.96
C ASP B 939 -111.22 87.26 12.07
N THR B 940 -109.94 87.63 12.22
CA THR B 940 -109.54 88.58 13.29
C THR B 940 -109.96 89.97 12.81
N ASP B 941 -111.11 90.43 13.29
CA ASP B 941 -111.66 91.72 12.81
C ASP B 941 -110.82 92.89 13.33
N ALA B 942 -109.88 92.62 14.25
CA ALA B 942 -108.98 93.70 14.73
C ALA B 942 -107.96 94.07 13.65
N PRO B 943 -107.78 95.37 13.27
CA PRO B 943 -106.75 95.73 12.28
C PRO B 943 -105.29 95.58 12.77
N GLN B 944 -104.49 94.85 12.01
CA GLN B 944 -103.06 94.63 12.37
C GLN B 944 -102.23 95.75 11.72
N VAL B 945 -102.53 96.98 12.09
CA VAL B 945 -101.79 98.15 11.51
C VAL B 945 -100.33 98.08 11.97
N SER B 946 -100.09 97.52 13.15
CA SER B 946 -98.69 97.39 13.61
C SER B 946 -97.96 96.48 12.63
N HIS B 947 -96.96 97.04 11.95
CA HIS B 947 -96.24 96.22 10.95
C HIS B 947 -95.34 95.23 11.68
N LYS B 948 -94.87 94.21 10.98
CA LYS B 948 -94.06 93.17 11.66
C LYS B 948 -92.80 93.83 12.25
N PRO B 949 -92.37 93.49 13.49
CA PRO B 949 -91.19 94.12 14.07
C PRO B 949 -89.95 93.85 13.21
N GLY B 950 -89.87 92.67 12.60
CA GLY B 950 -88.75 92.35 11.70
C GLY B 950 -88.96 92.84 10.28
N GLY B 951 -90.09 93.49 10.03
CA GLY B 951 -90.39 94.00 8.69
C GLY B 951 -90.79 92.89 7.73
N GLU B 952 -90.71 93.18 6.44
CA GLU B 952 -91.05 92.16 5.41
C GLU B 952 -89.86 92.08 4.46
N PRO B 953 -88.76 91.42 4.85
CA PRO B 953 -87.58 91.36 3.99
C PRO B 953 -87.91 90.68 2.65
N LYS B 954 -87.37 91.20 1.56
CA LYS B 954 -87.65 90.63 0.22
C LYS B 954 -86.33 90.28 -0.45
N ILE B 955 -85.91 89.00 -0.37
CA ILE B 955 -84.65 88.60 -1.08
C ILE B 955 -84.97 88.45 -2.58
N LYS B 956 -84.38 89.28 -3.42
CA LYS B 956 -84.66 89.24 -4.88
C LYS B 956 -84.00 88.01 -5.51
N ASN B 957 -84.50 87.56 -6.67
CA ASN B 957 -83.97 86.36 -7.35
C ASN B 957 -82.50 86.61 -7.76
N VAL B 958 -81.66 85.58 -7.62
CA VAL B 958 -80.21 85.72 -7.96
C VAL B 958 -79.80 84.57 -8.89
N VAL B 959 -80.21 84.63 -10.16
CA VAL B 959 -79.97 83.50 -11.11
C VAL B 959 -78.46 83.30 -11.36
N HIS B 960 -78.03 82.04 -11.50
CA HIS B 960 -76.61 81.75 -11.83
C HIS B 960 -76.53 81.04 -13.18
N GLU B 961 -75.93 81.68 -14.19
CA GLU B 961 -75.86 81.10 -15.56
C GLU B 961 -74.82 79.98 -15.61
N LEU B 962 -75.26 78.72 -15.49
CA LEU B 962 -74.31 77.58 -15.59
C LEU B 962 -73.83 77.50 -17.04
N ARG B 963 -72.56 77.17 -17.28
CA ARG B 963 -72.04 77.21 -18.69
C ARG B 963 -70.90 76.19 -18.90
N ILE B 964 -70.77 75.66 -20.13
CA ILE B 964 -69.62 74.76 -20.43
C ILE B 964 -68.92 75.25 -21.70
N THR B 965 -67.63 75.61 -21.62
CA THR B 965 -66.91 76.15 -22.80
C THR B 965 -65.77 75.20 -23.16
N ASN B 966 -65.71 74.76 -24.43
CA ASN B 966 -64.67 73.79 -24.87
C ASN B 966 -64.76 72.54 -23.99
N GLN B 967 -65.98 72.12 -23.63
CA GLN B 967 -66.22 70.88 -22.83
C GLN B 967 -65.85 71.10 -21.35
N VAL B 968 -65.53 72.34 -20.94
CA VAL B 968 -65.14 72.62 -19.53
C VAL B 968 -66.34 73.26 -18.81
N ILE B 969 -67.06 72.51 -17.99
CA ILE B 969 -68.15 73.13 -17.19
C ILE B 969 -67.57 74.08 -16.14
N TYR B 970 -67.94 75.36 -16.19
CA TYR B 970 -67.51 76.34 -15.15
C TYR B 970 -68.76 77.16 -14.82
N LEU B 971 -68.88 77.71 -13.61
CA LEU B 971 -70.13 78.48 -13.39
C LEU B 971 -69.81 79.97 -13.19
N ASN B 972 -70.40 80.83 -14.02
CA ASN B 972 -70.28 82.30 -13.80
C ASN B 972 -71.71 82.84 -13.89
N PRO B 973 -72.37 83.30 -12.81
CA PRO B 973 -71.80 83.42 -11.44
C PRO B 973 -71.52 82.15 -10.59
N PRO B 974 -70.32 81.86 -9.98
CA PRO B 974 -70.13 80.70 -9.13
C PRO B 974 -71.01 80.65 -7.89
N ILE B 975 -71.02 79.50 -7.22
CA ILE B 975 -71.76 79.37 -5.93
C ILE B 975 -71.11 80.35 -4.95
N GLU B 976 -69.81 80.59 -5.10
CA GLU B 976 -69.14 81.58 -4.23
C GLU B 976 -69.79 82.95 -4.44
N GLU B 977 -70.19 83.25 -5.67
CA GLU B 977 -70.87 84.54 -5.94
C GLU B 977 -72.27 84.45 -5.36
N CYS B 978 -72.82 83.23 -5.25
CA CYS B 978 -74.12 83.09 -4.54
C CYS B 978 -73.85 83.42 -3.08
N ARG B 979 -72.71 82.98 -2.56
CA ARG B 979 -72.35 83.32 -1.15
C ARG B 979 -72.25 84.84 -1.06
N TYR B 980 -71.54 85.46 -2.00
CA TYR B 980 -71.45 86.95 -2.02
C TYR B 980 -72.86 87.54 -2.11
N LYS B 981 -73.63 87.20 -3.14
CA LYS B 981 -74.97 87.82 -3.38
C LYS B 981 -75.90 87.60 -2.17
N LEU B 982 -75.82 86.42 -1.53
CA LEU B 982 -76.75 86.10 -0.42
C LEU B 982 -76.31 86.89 0.81
N TYR B 983 -75.00 86.87 1.11
CA TYR B 983 -74.53 87.54 2.33
C TYR B 983 -74.72 89.03 2.09
N GLN B 984 -74.68 89.47 0.83
CA GLN B 984 -74.79 90.92 0.52
C GLN B 984 -76.21 91.43 0.77
N GLU B 985 -77.22 90.64 0.35
CA GLU B 985 -78.63 91.03 0.62
C GLU B 985 -78.79 91.10 2.15
N MET B 986 -78.18 90.14 2.86
CA MET B 986 -78.27 90.11 4.34
C MET B 986 -77.58 91.35 4.93
N PHE B 987 -76.43 91.73 4.40
CA PHE B 987 -75.68 92.86 4.99
C PHE B 987 -76.49 94.15 4.87
N ALA B 988 -77.31 94.23 3.83
CA ALA B 988 -78.23 95.39 3.73
C ALA B 988 -79.22 95.36 4.91
N TRP B 989 -79.76 94.17 5.20
CA TRP B 989 -80.82 94.08 6.24
C TRP B 989 -80.31 94.48 7.61
N LYS B 990 -79.12 94.03 7.97
CA LYS B 990 -78.57 94.35 9.33
C LYS B 990 -78.36 95.86 9.42
N MET B 991 -78.03 96.49 8.28
CA MET B 991 -77.74 97.95 8.28
C MET B 991 -79.02 98.76 8.46
N VAL B 992 -80.18 98.12 8.40
CA VAL B 992 -81.43 98.87 8.72
C VAL B 992 -81.31 99.35 10.17
N VAL B 993 -80.76 98.49 11.04
CA VAL B 993 -80.64 98.85 12.48
C VAL B 993 -79.23 99.34 12.81
N LEU B 994 -78.20 98.64 12.34
CA LEU B 994 -76.82 98.95 12.78
C LEU B 994 -76.36 100.34 12.34
N SER B 995 -76.99 100.92 11.32
CA SER B 995 -76.56 102.24 10.80
C SER B 995 -77.41 103.38 11.40
N LEU B 996 -78.28 103.08 12.36
CA LEU B 996 -79.15 104.15 12.91
C LEU B 996 -78.33 105.12 13.76
N PRO B 997 -78.71 106.40 13.88
CA PRO B 997 -77.95 107.34 14.70
C PRO B 997 -78.08 107.04 16.19
N ARG B 998 -76.97 107.14 16.91
CA ARG B 998 -76.98 106.89 18.37
C ARG B 998 -77.33 108.18 19.12
N ILE B 999 -78.25 108.06 20.07
CA ILE B 999 -78.65 109.26 20.84
C ILE B 999 -77.47 109.68 21.71
N GLN B 1000 -77.19 110.99 21.76
CA GLN B 1000 -76.08 111.51 22.59
C GLN B 1000 -76.65 112.47 23.62
N SER B 1001 -76.29 112.29 24.89
CA SER B 1001 -76.74 113.22 25.94
C SER B 1001 -76.23 114.63 25.67
N GLN B 1002 -74.97 114.73 25.22
CA GLN B 1002 -74.34 116.06 25.01
C GLN B 1002 -74.31 116.41 23.52
N ARG B 1003 -75.28 115.94 22.74
CA ARG B 1003 -75.35 116.36 21.32
C ARG B 1003 -75.57 117.88 21.27
N TYR B 1004 -76.36 118.39 22.20
CA TYR B 1004 -76.68 119.84 22.19
C TYR B 1004 -75.40 120.66 22.35
N GLN B 1005 -74.42 120.11 23.07
CA GLN B 1005 -73.11 120.81 23.16
C GLN B 1005 -72.38 120.62 21.83
N VAL B 1006 -72.09 121.73 21.16
CA VAL B 1006 -71.44 121.65 19.82
C VAL B 1006 -69.95 121.91 19.99
N GLY B 1007 -69.12 121.10 19.35
CA GLY B 1007 -67.66 121.27 19.50
C GLY B 1007 -67.16 120.75 20.84
N VAL B 1008 -67.98 119.94 21.53
CA VAL B 1008 -67.54 119.37 22.83
C VAL B 1008 -66.33 118.46 22.58
N HIS B 1009 -65.34 118.56 23.45
CA HIS B 1009 -64.07 117.80 23.22
C HIS B 1009 -64.24 116.38 23.75
N TYR B 1010 -65.08 115.60 23.07
CA TYR B 1010 -65.30 114.19 23.46
C TYR B 1010 -65.05 113.31 22.25
N GLU B 1011 -64.25 112.26 22.44
CA GLU B 1011 -63.97 111.33 21.32
C GLU B 1011 -65.27 110.63 20.90
N LEU B 1012 -65.48 110.52 19.59
CA LEU B 1012 -66.68 109.84 19.06
C LEU B 1012 -66.28 108.86 17.97
N THR B 1013 -66.50 107.57 18.21
CA THR B 1013 -66.20 106.52 17.22
C THR B 1013 -67.51 106.10 16.54
N GLU B 1014 -67.42 105.19 15.60
CA GLU B 1014 -68.64 104.71 14.89
C GLU B 1014 -69.60 104.04 15.87
N GLU B 1015 -69.09 103.23 16.80
CA GLU B 1015 -69.96 102.59 17.81
C GLU B 1015 -70.60 103.68 18.68
N GLU B 1016 -69.88 104.74 18.98
CA GLU B 1016 -70.50 105.87 19.70
C GLU B 1016 -71.51 106.58 18.78
N LYS B 1017 -71.17 106.77 17.51
CA LYS B 1017 -72.06 107.53 16.60
C LYS B 1017 -73.34 106.76 16.26
N PHE B 1018 -73.21 105.46 15.99
CA PHE B 1018 -74.38 104.65 15.57
C PHE B 1018 -74.55 103.50 16.55
N TYR B 1019 -75.75 102.89 16.49
CA TYR B 1019 -76.02 101.68 17.32
C TYR B 1019 -75.40 100.50 16.58
N ARG B 1020 -74.08 100.56 16.36
CA ARG B 1020 -73.36 99.47 15.65
C ARG B 1020 -73.19 98.32 16.64
N ASN B 1021 -73.61 98.47 17.88
CA ASN B 1021 -73.48 97.47 18.94
C ASN B 1021 -74.77 96.75 19.25
N ALA B 1022 -75.87 97.10 18.58
CA ALA B 1022 -77.22 96.58 18.95
C ALA B 1022 -77.26 95.08 18.68
N LEU B 1023 -76.36 94.60 17.84
CA LEU B 1023 -76.31 93.18 17.44
C LEU B 1023 -75.85 92.34 18.63
N THR B 1024 -75.27 92.96 19.66
CA THR B 1024 -74.98 92.17 20.89
C THR B 1024 -76.09 92.38 21.93
N ARG B 1025 -77.00 93.29 21.61
CA ARG B 1025 -78.07 93.58 22.59
C ARG B 1025 -79.33 92.74 22.30
N MET B 1026 -79.20 91.70 21.50
CA MET B 1026 -80.42 90.92 21.12
C MET B 1026 -80.94 90.18 22.35
N PRO B 1027 -82.26 90.15 22.60
CA PRO B 1027 -82.76 89.38 23.74
C PRO B 1027 -82.48 87.89 23.86
N ASP B 1028 -82.45 87.17 22.80
CA ASP B 1028 -82.21 85.77 23.16
C ASP B 1028 -80.71 85.55 23.11
N GLY B 1029 -79.94 86.59 23.43
CA GLY B 1029 -78.49 86.46 23.26
C GLY B 1029 -78.15 86.52 21.79
N PRO B 1030 -77.08 85.84 21.36
CA PRO B 1030 -76.68 85.93 19.96
C PRO B 1030 -77.40 84.92 19.06
N VAL B 1031 -78.41 84.19 19.56
CA VAL B 1031 -79.07 83.10 18.78
C VAL B 1031 -79.72 83.63 17.49
N ALA B 1032 -80.50 84.72 17.58
CA ALA B 1032 -81.20 85.26 16.39
C ALA B 1032 -80.16 85.57 15.31
N LEU B 1033 -79.08 86.23 15.73
CA LEU B 1033 -78.01 86.58 14.76
C LEU B 1033 -77.35 85.31 14.21
N GLU B 1034 -77.13 84.28 15.05
CA GLU B 1034 -76.36 83.11 14.56
C GLU B 1034 -77.28 82.32 13.64
N GLU B 1035 -78.59 82.37 13.87
CA GLU B 1035 -79.55 81.69 12.98
C GLU B 1035 -79.52 82.33 11.60
N SER B 1036 -79.42 83.66 11.55
CA SER B 1036 -79.36 84.33 10.24
C SER B 1036 -78.10 83.88 9.48
N TYR B 1037 -76.96 83.82 10.17
CA TYR B 1037 -75.69 83.41 9.52
C TYR B 1037 -75.78 81.95 9.08
N SER B 1038 -76.35 81.11 9.94
CA SER B 1038 -76.50 79.67 9.60
C SER B 1038 -77.41 79.53 8.40
N ALA B 1039 -78.48 80.34 8.35
CA ALA B 1039 -79.44 80.24 7.22
C ALA B 1039 -78.72 80.59 5.93
N VAL B 1040 -77.92 81.67 5.96
CA VAL B 1040 -77.24 82.09 4.71
C VAL B 1040 -76.25 81.00 4.30
N MET B 1041 -75.48 80.50 5.28
CA MET B 1041 -74.47 79.46 4.98
C MET B 1041 -75.17 78.21 4.45
N GLY B 1042 -76.33 77.89 5.03
CA GLY B 1042 -77.04 76.68 4.60
C GLY B 1042 -77.49 76.81 3.16
N ILE B 1043 -78.04 77.96 2.79
CA ILE B 1043 -78.58 78.14 1.41
C ILE B 1043 -77.44 78.17 0.40
N VAL B 1044 -76.38 78.88 0.75
CA VAL B 1044 -75.20 78.95 -0.15
C VAL B 1044 -74.61 77.56 -0.30
N THR B 1045 -74.55 76.80 0.79
CA THR B 1045 -73.96 75.45 0.73
C THR B 1045 -74.82 74.56 -0.18
N GLU B 1046 -76.14 74.69 -0.07
CA GLU B 1046 -77.02 73.87 -0.93
C GLU B 1046 -76.77 74.23 -2.39
N VAL B 1047 -76.64 75.52 -2.65
CA VAL B 1047 -76.46 75.97 -4.06
C VAL B 1047 -75.12 75.42 -4.52
N GLU B 1048 -74.13 75.45 -3.65
CA GLU B 1048 -72.76 75.04 -4.05
C GLU B 1048 -72.79 73.57 -4.39
N GLN B 1049 -73.48 72.77 -3.58
CA GLN B 1049 -73.54 71.32 -3.84
C GLN B 1049 -74.27 71.06 -5.17
N TYR B 1050 -75.35 71.81 -5.42
CA TYR B 1050 -76.12 71.63 -6.67
C TYR B 1050 -75.26 72.00 -7.88
N VAL B 1051 -74.58 73.14 -7.79
CA VAL B 1051 -73.74 73.61 -8.92
C VAL B 1051 -72.58 72.64 -9.10
N LYS B 1052 -72.08 72.05 -8.01
CA LYS B 1052 -70.90 71.15 -8.09
C LYS B 1052 -71.25 69.96 -8.97
N VAL B 1053 -72.51 69.52 -8.94
CA VAL B 1053 -72.95 68.37 -9.79
C VAL B 1053 -72.78 68.73 -11.27
N TRP B 1054 -73.28 69.90 -11.69
CA TRP B 1054 -73.06 70.32 -13.10
C TRP B 1054 -71.56 70.52 -13.36
N LEU B 1055 -70.87 71.23 -12.47
CA LEU B 1055 -69.42 71.53 -12.69
C LEU B 1055 -68.65 70.22 -12.86
N GLN B 1056 -69.33 69.09 -12.66
CA GLN B 1056 -68.66 67.76 -12.74
C GLN B 1056 -68.91 67.12 -14.10
N TYR B 1057 -69.74 67.75 -14.94
CA TYR B 1057 -70.05 67.22 -16.30
C TYR B 1057 -68.94 67.65 -17.25
N GLN B 1058 -67.87 68.21 -16.67
CA GLN B 1058 -66.67 68.61 -17.47
C GLN B 1058 -65.99 67.29 -17.85
N CYS B 1059 -66.58 66.16 -17.44
CA CYS B 1059 -66.04 64.81 -17.75
C CYS B 1059 -65.95 64.64 -19.27
N LEU B 1060 -66.68 65.37 -20.08
CA LEU B 1060 -66.44 65.25 -21.57
C LEU B 1060 -65.00 65.72 -21.87
N TRP B 1061 -64.61 66.85 -21.29
CA TRP B 1061 -63.28 67.45 -21.60
C TRP B 1061 -62.14 66.73 -20.89
N ASP B 1062 -62.29 66.35 -19.65
CA ASP B 1062 -61.15 65.96 -18.77
C ASP B 1062 -60.26 64.83 -19.36
N MET B 1063 -60.77 63.86 -20.05
CA MET B 1063 -60.25 62.74 -20.81
C MET B 1063 -61.11 62.89 -22.11
N GLN B 1064 -60.39 62.82 -23.25
CA GLN B 1064 -61.06 63.16 -24.54
C GLN B 1064 -61.90 62.02 -25.10
N ALA B 1065 -62.67 62.28 -26.16
CA ALA B 1065 -63.48 61.33 -26.95
C ALA B 1065 -62.55 60.22 -27.42
N GLU B 1066 -61.31 60.57 -27.79
CA GLU B 1066 -60.30 59.57 -28.27
C GLU B 1066 -60.04 58.54 -27.17
N ASN B 1067 -59.98 58.97 -25.90
CA ASN B 1067 -59.75 58.05 -24.77
C ASN B 1067 -60.91 57.04 -24.69
N ILE B 1068 -62.15 57.49 -24.87
CA ILE B 1068 -63.31 56.56 -24.89
C ILE B 1068 -63.17 55.61 -26.09
N TYR B 1069 -62.72 56.13 -27.23
CA TYR B 1069 -62.55 55.28 -28.45
C TYR B 1069 -61.45 54.25 -28.22
N ASN B 1070 -60.37 54.60 -27.51
CA ASN B 1070 -59.37 53.60 -27.04
C ASN B 1070 -60.06 52.54 -26.15
N ARG B 1071 -61.01 52.97 -25.32
CA ARG B 1071 -61.76 52.02 -24.43
C ARG B 1071 -62.67 51.09 -25.23
N LEU B 1072 -63.36 51.60 -26.26
CA LEU B 1072 -64.23 50.77 -27.13
C LEU B 1072 -63.40 49.87 -28.05
N GLY B 1073 -62.25 50.36 -28.54
CA GLY B 1073 -61.41 49.58 -29.48
C GLY B 1073 -62.14 49.32 -30.79
N GLU B 1074 -61.95 48.14 -31.38
CA GLU B 1074 -62.58 47.80 -32.68
C GLU B 1074 -63.88 47.02 -32.46
N ASP B 1075 -64.33 46.86 -31.21
CA ASP B 1075 -65.50 45.98 -30.92
C ASP B 1075 -66.81 46.71 -31.25
N LEU B 1076 -67.41 46.40 -32.41
CA LEU B 1076 -68.66 47.07 -32.87
C LEU B 1076 -69.81 46.83 -31.86
N ASN B 1077 -69.80 45.72 -31.13
CA ASN B 1077 -70.85 45.48 -30.09
C ASN B 1077 -70.81 46.55 -28.97
N LYS B 1078 -69.62 46.91 -28.51
CA LYS B 1078 -69.45 47.96 -27.48
C LYS B 1078 -69.89 49.32 -28.02
N TRP B 1079 -69.59 49.59 -29.29
CA TRP B 1079 -70.04 50.86 -29.94
C TRP B 1079 -71.58 50.91 -30.00
N GLN B 1080 -72.22 49.80 -30.37
CA GLN B 1080 -73.72 49.74 -30.41
C GLN B 1080 -74.27 50.04 -28.99
N ALA B 1081 -73.66 49.44 -27.96
CA ALA B 1081 -74.11 49.64 -26.56
C ALA B 1081 -73.93 51.11 -26.11
N LEU B 1082 -72.79 51.71 -26.47
CA LEU B 1082 -72.51 53.11 -26.09
C LEU B 1082 -73.52 54.08 -26.74
N LEU B 1083 -73.85 53.84 -28.01
CA LEU B 1083 -74.80 54.74 -28.72
C LEU B 1083 -76.16 54.71 -28.00
N VAL B 1084 -76.56 53.53 -27.52
CA VAL B 1084 -77.84 53.42 -26.76
C VAL B 1084 -77.73 54.20 -25.43
N GLN B 1085 -76.59 54.11 -24.75
CA GLN B 1085 -76.35 54.80 -23.45
C GLN B 1085 -76.34 56.33 -23.60
N ILE B 1086 -75.67 56.84 -24.63
CA ILE B 1086 -75.58 58.32 -24.86
C ILE B 1086 -77.00 58.87 -25.10
N ARG B 1087 -77.81 58.14 -25.87
CA ARG B 1087 -79.20 58.57 -26.15
C ARG B 1087 -80.01 58.62 -24.85
N LYS B 1088 -79.82 57.64 -23.97
CA LYS B 1088 -80.53 57.60 -22.66
C LYS B 1088 -80.11 58.82 -21.80
N ALA B 1089 -78.81 59.14 -21.79
CA ALA B 1089 -78.26 60.28 -21.01
C ALA B 1089 -78.74 61.64 -21.57
N ARG B 1090 -78.95 61.72 -22.89
CA ARG B 1090 -79.50 62.97 -23.48
C ARG B 1090 -80.92 63.23 -22.96
N GLY B 1091 -81.71 62.15 -22.79
CA GLY B 1091 -83.13 62.29 -22.38
C GLY B 1091 -83.28 62.98 -21.03
N THR B 1092 -82.27 62.92 -20.16
CA THR B 1092 -82.31 63.58 -18.82
C THR B 1092 -82.30 65.12 -18.91
N PHE B 1093 -81.85 65.71 -20.03
CA PHE B 1093 -81.73 67.19 -20.14
C PHE B 1093 -82.80 67.80 -21.05
N ASP B 1094 -83.72 66.95 -21.51
CA ASP B 1094 -84.82 67.41 -22.40
C ASP B 1094 -85.96 67.90 -21.50
N ASN B 1095 -85.65 68.77 -20.53
CA ASN B 1095 -86.66 69.34 -19.60
C ASN B 1095 -86.79 70.85 -19.88
N ALA B 1096 -87.98 71.41 -19.83
CA ALA B 1096 -88.18 72.85 -20.19
C ALA B 1096 -87.69 73.79 -19.08
N GLU B 1097 -87.41 73.21 -17.89
CA GLU B 1097 -87.03 74.03 -16.72
C GLU B 1097 -85.66 74.66 -16.98
N THR B 1098 -85.52 75.96 -16.72
CA THR B 1098 -84.19 76.60 -16.85
C THR B 1098 -83.74 77.06 -15.46
N LYS B 1099 -84.69 77.23 -14.52
CA LYS B 1099 -84.34 77.80 -13.20
C LYS B 1099 -84.83 76.93 -12.05
N LYS B 1100 -83.96 76.64 -11.06
CA LYS B 1100 -84.39 75.86 -9.87
C LYS B 1100 -84.19 76.72 -8.61
N GLU B 1101 -85.25 76.88 -7.80
CA GLU B 1101 -85.18 77.78 -6.62
C GLU B 1101 -84.99 76.95 -5.37
N PHE B 1102 -84.02 77.35 -4.54
CA PHE B 1102 -83.82 76.70 -3.24
C PHE B 1102 -83.99 77.83 -2.22
N GLY B 1103 -85.24 78.14 -1.88
CA GLY B 1103 -85.48 79.34 -1.05
C GLY B 1103 -85.47 80.52 -2.00
N PRO B 1104 -84.63 81.56 -1.80
CA PRO B 1104 -84.65 82.75 -2.67
C PRO B 1104 -83.54 82.72 -3.73
N VAL B 1105 -82.79 81.61 -3.80
CA VAL B 1105 -81.63 81.55 -4.74
C VAL B 1105 -82.02 80.72 -5.95
N VAL B 1106 -81.84 81.29 -7.14
CA VAL B 1106 -82.24 80.58 -8.39
C VAL B 1106 -80.96 80.22 -9.14
N ILE B 1107 -80.89 79.01 -9.71
CA ILE B 1107 -79.72 78.67 -10.55
C ILE B 1107 -80.22 78.66 -12.00
N ASP B 1108 -79.74 79.59 -12.83
CA ASP B 1108 -80.14 79.57 -14.26
C ASP B 1108 -79.32 78.48 -14.94
N TYR B 1109 -79.65 77.22 -14.69
CA TYR B 1109 -78.90 76.09 -15.30
C TYR B 1109 -79.40 75.89 -16.73
N GLY B 1110 -80.38 76.67 -17.15
CA GLY B 1110 -80.89 76.60 -18.54
C GLY B 1110 -79.80 76.93 -19.53
N LYS B 1111 -78.91 77.87 -19.19
CA LYS B 1111 -77.78 78.18 -20.09
C LYS B 1111 -76.90 76.93 -20.24
N VAL B 1112 -76.62 76.22 -19.15
CA VAL B 1112 -75.88 74.91 -19.30
C VAL B 1112 -76.80 73.92 -20.01
N GLN B 1113 -78.10 73.93 -19.68
CA GLN B 1113 -79.04 72.96 -20.29
C GLN B 1113 -79.03 73.23 -21.80
N SER B 1114 -78.47 74.36 -22.23
CA SER B 1114 -78.36 74.57 -23.70
C SER B 1114 -76.94 74.19 -24.17
N LYS B 1115 -75.89 74.57 -23.44
CA LYS B 1115 -74.48 74.19 -23.78
C LYS B 1115 -74.29 72.67 -23.68
N VAL B 1116 -74.81 72.04 -22.61
CA VAL B 1116 -74.66 70.58 -22.36
C VAL B 1116 -75.39 69.82 -23.46
N ASN B 1117 -76.59 70.27 -23.80
CA ASN B 1117 -77.39 69.62 -24.88
C ASN B 1117 -76.66 69.73 -26.22
N LEU B 1118 -76.16 70.92 -26.56
CA LEU B 1118 -75.35 71.09 -27.81
C LEU B 1118 -74.16 70.12 -27.74
N LYS B 1119 -73.43 70.11 -26.63
CA LYS B 1119 -72.23 69.24 -26.50
C LYS B 1119 -72.63 67.77 -26.60
N TYR B 1120 -73.75 67.37 -25.98
CA TYR B 1120 -74.23 65.96 -26.06
C TYR B 1120 -74.56 65.63 -27.51
N ASP B 1121 -75.26 66.53 -28.21
CA ASP B 1121 -75.63 66.35 -29.64
C ASP B 1121 -74.36 66.24 -30.47
N SER B 1122 -73.36 67.10 -30.21
CA SER B 1122 -72.06 67.04 -30.93
C SER B 1122 -71.33 65.75 -30.59
N TRP B 1123 -71.22 65.39 -29.32
CA TRP B 1123 -70.56 64.13 -28.91
C TRP B 1123 -71.30 62.92 -29.51
N HIS B 1124 -72.64 62.92 -29.48
CA HIS B 1124 -73.43 61.81 -30.06
C HIS B 1124 -73.18 61.74 -31.57
N LYS B 1125 -73.49 62.82 -32.29
CA LYS B 1125 -73.23 62.89 -33.74
C LYS B 1125 -71.81 62.40 -34.06
N GLU B 1126 -70.80 62.76 -33.27
CA GLU B 1126 -69.39 62.29 -33.49
C GLU B 1126 -69.26 60.78 -33.27
N VAL B 1127 -69.80 60.24 -32.17
CA VAL B 1127 -69.75 58.76 -31.90
C VAL B 1127 -70.57 58.02 -32.95
N LEU B 1128 -71.75 58.55 -33.33
CA LEU B 1128 -72.60 57.92 -34.37
C LEU B 1128 -71.87 57.97 -35.72
N SER B 1129 -71.21 59.09 -36.05
CA SER B 1129 -70.43 59.19 -37.32
C SER B 1129 -69.26 58.21 -37.31
N LYS B 1130 -68.52 58.11 -36.20
CA LYS B 1130 -67.38 57.17 -36.11
C LYS B 1130 -67.85 55.72 -36.15
N PHE B 1131 -68.93 55.37 -35.43
CA PHE B 1131 -69.49 54.00 -35.51
C PHE B 1131 -69.98 53.74 -36.94
N GLY B 1132 -70.63 54.73 -37.58
CA GLY B 1132 -71.06 54.57 -38.97
C GLY B 1132 -69.88 54.36 -39.91
N GLN B 1133 -68.80 55.14 -39.78
CA GLN B 1133 -67.59 54.92 -40.62
C GLN B 1133 -66.95 53.56 -40.33
N MET B 1134 -66.81 53.15 -39.07
CA MET B 1134 -66.23 51.82 -38.74
C MET B 1134 -67.11 50.69 -39.28
N LEU B 1135 -68.43 50.81 -39.07
CA LEU B 1135 -69.36 49.76 -39.57
C LEU B 1135 -69.31 49.69 -41.09
N GLY B 1136 -69.34 50.85 -41.78
CA GLY B 1136 -69.26 50.89 -43.26
C GLY B 1136 -67.94 50.36 -43.78
N SER B 1137 -66.81 50.69 -43.12
CA SER B 1137 -65.49 50.13 -43.53
C SER B 1137 -65.47 48.62 -43.36
N ASN B 1138 -65.91 48.11 -42.20
CA ASN B 1138 -65.92 46.65 -41.92
C ASN B 1138 -66.87 45.95 -42.90
N MET B 1139 -68.02 46.57 -43.18
CA MET B 1139 -69.00 46.02 -44.16
C MET B 1139 -68.40 45.96 -45.57
N THR B 1140 -67.70 47.03 -46.00
CA THR B 1140 -67.06 47.06 -47.35
C THR B 1140 -65.93 46.02 -47.44
N GLU B 1141 -65.09 45.91 -46.42
CA GLU B 1141 -63.99 44.92 -46.41
C GLU B 1141 -64.56 43.51 -46.42
N PHE B 1142 -65.58 43.26 -45.60
CA PHE B 1142 -66.22 41.92 -45.51
C PHE B 1142 -66.89 41.56 -46.84
N HIS B 1143 -67.56 42.52 -47.48
CA HIS B 1143 -68.17 42.26 -48.81
C HIS B 1143 -67.09 41.93 -49.84
N SER B 1144 -65.96 42.66 -49.82
CA SER B 1144 -64.83 42.36 -50.74
C SER B 1144 -64.30 40.95 -50.46
N GLN B 1145 -64.18 40.58 -49.18
CA GLN B 1145 -63.68 39.23 -48.79
C GLN B 1145 -64.64 38.12 -49.27
N ILE B 1146 -65.95 38.29 -49.07
CA ILE B 1146 -66.95 37.29 -49.57
C ILE B 1146 -66.94 37.26 -51.10
N SER B 1147 -66.92 38.42 -51.74
CA SER B 1147 -66.98 38.49 -53.23
C SER B 1147 -65.74 37.81 -53.82
N LYS B 1148 -64.57 38.05 -53.24
CA LYS B 1148 -63.32 37.38 -53.72
C LYS B 1148 -63.41 35.86 -53.49
N SER B 1149 -63.88 35.44 -52.31
CA SER B 1149 -64.01 34.00 -51.98
C SER B 1149 -65.01 33.35 -52.94
N ARG B 1150 -66.09 34.07 -53.28
CA ARG B 1150 -67.10 33.57 -54.25
C ARG B 1150 -66.50 33.45 -55.66
N GLN B 1151 -65.75 34.44 -56.12
CA GLN B 1151 -65.12 34.40 -57.47
C GLN B 1151 -64.12 33.26 -57.56
N GLU B 1152 -63.33 33.04 -56.50
CA GLU B 1152 -62.36 31.92 -56.46
C GLU B 1152 -63.13 30.59 -56.50
N LEU B 1153 -64.24 30.46 -55.75
CA LEU B 1153 -65.09 29.24 -55.79
C LEU B 1153 -65.71 29.05 -57.19
N GLU B 1154 -66.11 30.12 -57.87
CA GLU B 1154 -66.68 30.02 -59.24
C GLU B 1154 -65.64 29.53 -60.25
N GLN B 1155 -64.40 30.04 -60.19
CA GLN B 1155 -63.32 29.70 -61.17
C GLN B 1155 -62.94 28.21 -61.13
N HIS B 1156 -62.95 27.60 -59.95
CA HIS B 1156 -62.49 26.20 -59.84
C HIS B 1156 -63.63 25.21 -60.12
N SER B 1157 -63.43 24.28 -61.07
CA SER B 1157 -64.45 23.23 -61.35
C SER B 1157 -64.04 21.92 -60.67
N VAL B 1158 -65.02 21.14 -60.20
CA VAL B 1158 -64.73 19.79 -59.61
C VAL B 1158 -64.15 18.87 -60.69
N ASP B 1159 -64.53 19.08 -61.96
CA ASP B 1159 -64.04 18.20 -63.07
C ASP B 1159 -62.66 18.67 -63.55
N THR B 1160 -61.79 19.05 -62.61
CA THR B 1160 -60.42 19.52 -62.99
C THR B 1160 -59.63 18.36 -63.58
N ALA B 1161 -58.92 18.60 -64.68
CA ALA B 1161 -58.17 17.54 -65.38
C ALA B 1161 -57.05 16.94 -64.52
N SER B 1162 -56.42 17.76 -63.65
CA SER B 1162 -55.26 17.28 -62.86
C SER B 1162 -55.64 16.98 -61.40
N THR B 1163 -55.05 15.91 -60.84
CA THR B 1163 -55.28 15.56 -59.41
C THR B 1163 -54.78 16.72 -58.53
N SER B 1164 -53.71 17.42 -58.94
CA SER B 1164 -53.16 18.58 -58.18
C SER B 1164 -54.16 19.73 -58.06
N ASP B 1165 -54.87 20.07 -59.15
CA ASP B 1165 -55.90 21.14 -59.11
C ASP B 1165 -57.05 20.72 -58.20
N ALA B 1166 -57.45 19.44 -58.30
CA ALA B 1166 -58.55 18.90 -57.44
C ALA B 1166 -58.14 19.00 -55.96
N VAL B 1167 -56.90 18.64 -55.63
CA VAL B 1167 -56.39 18.71 -54.22
C VAL B 1167 -56.40 20.17 -53.73
N THR B 1168 -55.92 21.09 -54.56
CA THR B 1168 -55.85 22.52 -54.17
C THR B 1168 -57.26 23.07 -53.94
N PHE B 1169 -58.17 22.71 -54.84
CA PHE B 1169 -59.57 23.17 -54.75
C PHE B 1169 -60.26 22.62 -53.49
N ILE B 1170 -60.07 21.33 -53.21
CA ILE B 1170 -60.70 20.68 -52.02
C ILE B 1170 -60.16 21.35 -50.73
N THR B 1171 -58.85 21.59 -50.67
CA THR B 1171 -58.21 22.22 -49.48
C THR B 1171 -58.80 23.64 -49.30
N TYR B 1172 -58.97 24.35 -50.41
CA TYR B 1172 -59.56 25.72 -50.36
C TYR B 1172 -61.02 25.70 -49.87
N VAL B 1173 -61.83 24.77 -50.41
CA VAL B 1173 -63.27 24.68 -50.02
C VAL B 1173 -63.37 24.36 -48.52
N GLN B 1174 -62.54 23.44 -48.02
CA GLN B 1174 -62.55 23.08 -46.57
C GLN B 1174 -62.17 24.31 -45.73
N SER B 1175 -61.19 25.08 -46.18
CA SER B 1175 -60.77 26.30 -45.44
C SER B 1175 -61.93 27.31 -45.36
N LEU B 1176 -62.68 27.47 -46.46
CA LEU B 1176 -63.87 28.36 -46.46
C LEU B 1176 -64.98 27.79 -45.56
N LYS B 1177 -65.16 26.48 -45.56
CA LYS B 1177 -66.23 25.82 -44.74
C LYS B 1177 -66.00 26.14 -43.26
N ARG B 1178 -64.73 26.17 -42.82
CA ARG B 1178 -64.39 26.53 -41.42
C ARG B 1178 -64.78 28.00 -41.15
N LYS B 1179 -64.62 28.90 -42.14
CA LYS B 1179 -64.93 30.36 -41.99
C LYS B 1179 -66.44 30.70 -42.04
N ILE B 1180 -67.28 29.83 -42.59
CA ILE B 1180 -68.73 30.15 -42.81
C ILE B 1180 -69.39 30.56 -41.47
N LYS B 1181 -69.10 29.86 -40.39
CA LYS B 1181 -69.70 30.16 -39.05
C LYS B 1181 -69.28 31.55 -38.55
N GLN B 1182 -68.05 31.96 -38.83
CA GLN B 1182 -67.57 33.34 -38.46
C GLN B 1182 -68.27 34.40 -39.32
N PHE B 1183 -68.39 34.14 -40.62
CA PHE B 1183 -69.02 35.09 -41.57
C PHE B 1183 -70.50 35.29 -41.20
N GLU B 1184 -71.19 34.21 -40.80
CA GLU B 1184 -72.62 34.31 -40.40
C GLU B 1184 -72.78 35.25 -39.19
N LYS B 1185 -71.90 35.15 -38.20
CA LYS B 1185 -71.94 36.04 -37.01
C LYS B 1185 -71.66 37.49 -37.40
N GLN B 1186 -70.73 37.70 -38.33
CA GLN B 1186 -70.39 39.06 -38.81
C GLN B 1186 -71.59 39.68 -39.56
N VAL B 1187 -72.27 38.90 -40.41
CA VAL B 1187 -73.45 39.40 -41.17
C VAL B 1187 -74.52 39.86 -40.16
N GLU B 1188 -74.76 39.08 -39.11
CA GLU B 1188 -75.76 39.45 -38.06
C GLU B 1188 -75.33 40.74 -37.33
N LEU B 1189 -74.04 40.88 -37.03
CA LEU B 1189 -73.54 42.08 -36.32
C LEU B 1189 -73.74 43.33 -37.21
N TYR B 1190 -73.44 43.20 -38.50
CA TYR B 1190 -73.61 44.32 -39.47
C TYR B 1190 -75.10 44.66 -39.64
N ARG B 1191 -75.96 43.65 -39.69
CA ARG B 1191 -77.42 43.85 -39.83
C ARG B 1191 -77.94 44.65 -38.62
N ASN B 1192 -77.52 44.28 -37.41
CA ASN B 1192 -77.95 44.99 -36.18
C ASN B 1192 -77.36 46.42 -36.16
N GLY B 1193 -76.10 46.56 -36.61
CA GLY B 1193 -75.45 47.88 -36.66
C GLY B 1193 -76.14 48.85 -37.60
N GLN B 1194 -76.48 48.41 -38.81
CA GLN B 1194 -77.14 49.31 -39.80
C GLN B 1194 -78.55 49.69 -39.28
N ARG B 1195 -79.27 48.73 -38.71
CA ARG B 1195 -80.62 49.01 -38.12
C ARG B 1195 -80.49 50.05 -37.00
N LEU B 1196 -79.40 50.00 -36.21
CA LEU B 1196 -79.17 51.04 -35.17
C LEU B 1196 -78.91 52.43 -35.80
N LEU B 1197 -78.10 52.48 -36.88
CA LEU B 1197 -77.82 53.76 -37.57
C LEU B 1197 -79.12 54.33 -38.17
N GLU B 1198 -79.96 53.48 -38.76
CA GLU B 1198 -81.27 53.91 -39.32
C GLU B 1198 -82.18 54.44 -38.20
N LYS B 1199 -82.26 53.75 -37.06
CA LYS B 1199 -83.12 54.17 -35.92
C LYS B 1199 -82.63 55.49 -35.33
N GLN B 1200 -81.35 55.82 -35.49
CA GLN B 1200 -80.77 57.08 -34.96
C GLN B 1200 -80.68 58.16 -36.04
N ARG B 1201 -81.28 57.92 -37.23
CA ARG B 1201 -81.31 58.94 -38.33
C ARG B 1201 -79.90 59.32 -38.79
N PHE B 1202 -78.99 58.34 -38.86
CA PHE B 1202 -77.63 58.60 -39.36
C PHE B 1202 -77.72 58.96 -40.84
N GLN B 1203 -76.80 59.77 -41.35
CA GLN B 1203 -76.84 60.05 -42.81
C GLN B 1203 -75.96 59.03 -43.53
N PHE B 1204 -76.56 58.09 -44.25
CA PHE B 1204 -75.77 57.10 -45.03
C PHE B 1204 -75.13 57.80 -46.23
N PRO B 1205 -73.80 57.63 -46.47
CA PRO B 1205 -73.18 58.17 -47.68
C PRO B 1205 -73.75 57.48 -48.94
N PRO B 1206 -73.71 58.12 -50.13
CA PRO B 1206 -74.20 57.49 -51.37
C PRO B 1206 -73.43 56.21 -51.71
N SER B 1207 -72.20 56.07 -51.21
CA SER B 1207 -71.34 54.88 -51.49
C SER B 1207 -71.52 53.82 -50.40
N TRP B 1208 -72.55 53.94 -49.55
CA TRP B 1208 -72.76 52.98 -48.43
C TRP B 1208 -73.14 51.61 -48.98
N LEU B 1209 -72.42 50.59 -48.54
CA LEU B 1209 -72.79 49.22 -48.95
C LEU B 1209 -73.89 48.72 -48.02
N TYR B 1210 -75.09 48.52 -48.57
CA TYR B 1210 -76.23 48.03 -47.75
C TYR B 1210 -76.05 46.55 -47.41
N ILE B 1211 -76.58 46.14 -46.27
CA ILE B 1211 -76.44 44.72 -45.79
C ILE B 1211 -77.06 43.77 -46.83
N ASP B 1212 -78.07 44.22 -47.57
CA ASP B 1212 -78.73 43.38 -48.62
C ASP B 1212 -77.69 42.94 -49.67
N ASN B 1213 -76.76 43.81 -50.05
CA ASN B 1213 -75.68 43.41 -51.00
C ASN B 1213 -74.76 42.35 -50.37
N ILE B 1214 -74.39 42.51 -49.09
CA ILE B 1214 -73.55 41.51 -48.38
C ILE B 1214 -74.33 40.19 -48.25
N GLU B 1215 -75.62 40.27 -47.90
CA GLU B 1215 -76.47 39.05 -47.78
C GLU B 1215 -76.59 38.38 -49.15
N GLY B 1216 -76.73 39.16 -50.22
CA GLY B 1216 -76.78 38.58 -51.58
C GLY B 1216 -75.48 37.88 -51.96
N GLU B 1217 -74.32 38.53 -51.76
CA GLU B 1217 -73.00 37.89 -52.05
C GLU B 1217 -72.78 36.70 -51.11
N TRP B 1218 -73.16 36.84 -49.84
CA TRP B 1218 -73.03 35.74 -48.85
C TRP B 1218 -73.91 34.56 -49.26
N GLY B 1219 -75.13 34.85 -49.73
CA GLY B 1219 -76.01 33.78 -50.25
C GLY B 1219 -75.41 33.12 -51.48
N ALA B 1220 -74.90 33.90 -52.43
CA ALA B 1220 -74.29 33.36 -53.67
C ALA B 1220 -73.05 32.53 -53.31
N PHE B 1221 -72.24 33.04 -52.38
CA PHE B 1221 -71.02 32.30 -51.91
C PHE B 1221 -71.43 30.97 -51.27
N ASN B 1222 -72.45 30.99 -50.40
CA ASN B 1222 -72.93 29.76 -49.73
C ASN B 1222 -73.49 28.76 -50.74
N ASP B 1223 -74.22 29.23 -51.77
CA ASP B 1223 -74.76 28.33 -52.82
C ASP B 1223 -73.63 27.68 -53.64
N ILE B 1224 -72.62 28.46 -54.01
CA ILE B 1224 -71.45 27.90 -54.75
C ILE B 1224 -70.68 26.96 -53.81
N MET B 1225 -70.48 27.39 -52.57
CA MET B 1225 -69.73 26.58 -51.58
C MET B 1225 -70.49 25.27 -51.34
N ARG B 1226 -71.82 25.31 -51.20
CA ARG B 1226 -72.60 24.06 -51.01
C ARG B 1226 -72.47 23.15 -52.24
N ARG B 1227 -72.55 23.71 -53.46
CA ARG B 1227 -72.42 22.88 -54.69
C ARG B 1227 -71.03 22.24 -54.76
N LYS B 1228 -69.97 23.03 -54.51
CA LYS B 1228 -68.57 22.54 -54.59
C LYS B 1228 -68.28 21.56 -53.43
N ASP B 1229 -68.74 21.87 -52.21
CA ASP B 1229 -68.54 21.00 -51.03
C ASP B 1229 -69.28 19.68 -51.26
N SER B 1230 -70.49 19.71 -51.83
CA SER B 1230 -71.24 18.47 -52.15
C SER B 1230 -70.49 17.65 -53.20
N ALA B 1231 -69.96 18.30 -54.23
CA ALA B 1231 -69.19 17.60 -55.29
C ALA B 1231 -67.91 16.99 -54.69
N ILE B 1232 -67.23 17.71 -53.79
CA ILE B 1232 -66.03 17.15 -53.09
C ILE B 1232 -66.48 15.96 -52.21
N GLN B 1233 -67.59 16.09 -51.49
CA GLN B 1233 -68.10 15.00 -50.60
C GLN B 1233 -68.46 13.76 -51.42
N GLN B 1234 -69.05 13.93 -52.61
CA GLN B 1234 -69.39 12.79 -53.51
C GLN B 1234 -68.10 12.07 -53.95
N GLN B 1235 -67.02 12.83 -54.18
CA GLN B 1235 -65.74 12.21 -54.66
C GLN B 1235 -64.77 12.00 -53.49
N VAL B 1236 -65.16 12.16 -52.22
CA VAL B 1236 -64.18 12.10 -51.09
C VAL B 1236 -63.45 10.75 -51.11
N ALA B 1237 -64.16 9.65 -51.29
CA ALA B 1237 -63.54 8.31 -51.29
C ALA B 1237 -62.57 8.17 -52.46
N ASN B 1238 -62.94 8.65 -53.67
CA ASN B 1238 -62.02 8.60 -54.84
C ASN B 1238 -60.80 9.51 -54.63
N LEU B 1239 -61.00 10.71 -54.10
CA LEU B 1239 -59.88 11.65 -53.81
C LEU B 1239 -58.97 11.06 -52.73
N GLN B 1240 -59.55 10.46 -51.70
CA GLN B 1240 -58.76 9.81 -50.63
C GLN B 1240 -57.94 8.65 -51.23
N MET B 1241 -58.55 7.83 -52.10
CA MET B 1241 -57.79 6.75 -52.76
C MET B 1241 -56.70 7.33 -53.68
N LYS B 1242 -56.97 8.40 -54.45
CA LYS B 1242 -55.93 9.01 -55.31
C LYS B 1242 -54.78 9.54 -54.47
N ILE B 1243 -55.06 10.21 -53.35
CA ILE B 1243 -54.00 10.75 -52.45
C ILE B 1243 -53.21 9.60 -51.80
N VAL B 1244 -53.89 8.53 -51.36
CA VAL B 1244 -53.18 7.34 -50.81
C VAL B 1244 -52.33 6.67 -51.90
N GLN B 1245 -52.83 6.59 -53.14
CA GLN B 1245 -52.02 6.04 -54.25
C GLN B 1245 -50.82 6.93 -54.57
N GLU B 1246 -51.00 8.26 -54.60
CA GLU B 1246 -49.88 9.20 -54.85
C GLU B 1246 -48.87 9.09 -53.70
N ASP B 1247 -49.36 8.98 -52.46
CA ASP B 1247 -48.47 8.84 -51.28
C ASP B 1247 -47.69 7.53 -51.39
N ARG B 1248 -48.34 6.43 -51.78
CA ARG B 1248 -47.61 5.15 -51.99
C ARG B 1248 -46.61 5.30 -53.13
N ALA B 1249 -46.95 6.03 -54.21
CA ALA B 1249 -46.00 6.29 -55.31
C ALA B 1249 -44.82 7.14 -54.82
N VAL B 1250 -45.07 8.16 -53.98
CA VAL B 1250 -43.99 8.98 -53.37
C VAL B 1250 -43.12 8.08 -52.47
N GLU B 1251 -43.76 7.20 -51.69
CA GLU B 1251 -43.02 6.26 -50.79
C GLU B 1251 -42.20 5.25 -51.60
N SER B 1252 -42.75 4.74 -52.72
CA SER B 1252 -41.99 3.83 -53.61
C SER B 1252 -40.80 4.60 -54.20
N ARG B 1253 -41.03 5.82 -54.68
CA ARG B 1253 -39.95 6.67 -55.25
C ARG B 1253 -38.92 6.97 -54.15
N THR B 1254 -39.37 7.17 -52.90
CA THR B 1254 -38.44 7.40 -51.75
C THR B 1254 -37.55 6.17 -51.54
N THR B 1255 -38.13 4.97 -51.54
CA THR B 1255 -37.36 3.72 -51.32
C THR B 1255 -36.40 3.49 -52.50
N ASP B 1256 -36.86 3.73 -53.73
CA ASP B 1256 -35.99 3.55 -54.94
C ASP B 1256 -34.83 4.56 -54.89
N LEU B 1257 -35.10 5.82 -54.56
CA LEU B 1257 -34.04 6.87 -54.52
C LEU B 1257 -33.02 6.53 -53.42
N LEU B 1258 -33.48 6.06 -52.26
CA LEU B 1258 -32.55 5.67 -51.16
C LEU B 1258 -31.73 4.43 -51.56
N ALA B 1259 -32.34 3.47 -52.26
CA ALA B 1259 -31.60 2.27 -52.78
C ALA B 1259 -30.57 2.70 -53.83
N ASP B 1260 -30.93 3.66 -54.68
CA ASP B 1260 -29.98 4.17 -55.71
C ASP B 1260 -28.92 4.99 -54.98
N TRP B 1261 -29.34 5.72 -53.94
CA TRP B 1261 -28.39 6.58 -53.17
C TRP B 1261 -27.09 5.81 -52.93
N GLU B 1262 -27.19 4.58 -52.43
CA GLU B 1262 -25.97 3.80 -52.08
C GLU B 1262 -25.12 3.55 -53.33
N LYS B 1263 -25.75 3.21 -54.46
CA LYS B 1263 -24.99 2.85 -55.69
C LYS B 1263 -24.19 4.05 -56.23
N THR B 1264 -24.78 5.25 -56.26
CA THR B 1264 -24.08 6.40 -56.91
C THR B 1264 -23.50 7.39 -55.90
N LYS B 1265 -23.48 7.04 -54.60
CA LYS B 1265 -22.83 7.93 -53.60
C LYS B 1265 -21.30 7.74 -53.65
N PRO B 1266 -20.47 8.59 -53.01
CA PRO B 1266 -19.00 8.50 -53.10
C PRO B 1266 -18.32 7.25 -52.51
N VAL B 1267 -19.09 6.28 -52.01
CA VAL B 1267 -18.46 5.00 -51.55
C VAL B 1267 -17.74 4.38 -52.76
N THR B 1268 -18.21 4.63 -53.99
CA THR B 1268 -17.49 4.16 -55.19
C THR B 1268 -16.10 4.80 -55.22
N GLY B 1269 -15.06 4.02 -55.53
CA GLY B 1269 -13.67 4.52 -55.47
C GLY B 1269 -13.24 5.35 -56.67
N ASN B 1270 -12.06 5.98 -56.58
CA ASN B 1270 -11.47 6.78 -57.71
C ASN B 1270 -12.39 7.89 -58.20
N LEU B 1271 -12.99 8.66 -57.29
CA LEU B 1271 -13.80 9.84 -57.71
C LEU B 1271 -12.96 11.11 -57.64
N ARG B 1272 -13.32 12.13 -58.41
CA ARG B 1272 -12.48 13.36 -58.55
C ARG B 1272 -13.19 14.53 -57.82
N PRO B 1273 -12.56 15.58 -57.17
CA PRO B 1273 -13.46 16.48 -56.47
C PRO B 1273 -14.71 16.99 -57.17
N GLU B 1274 -14.44 17.35 -58.39
CA GLU B 1274 -15.56 17.86 -59.19
C GLU B 1274 -16.60 16.78 -59.45
N GLU B 1275 -16.15 15.61 -59.95
CA GLU B 1275 -17.07 14.52 -60.40
C GLU B 1275 -18.23 14.25 -59.44
N ALA B 1276 -17.93 13.74 -58.25
CA ALA B 1276 -19.02 13.35 -57.34
C ALA B 1276 -19.86 14.59 -56.96
N LEU B 1277 -19.22 15.77 -56.88
CA LEU B 1277 -19.98 16.99 -56.47
C LEU B 1277 -21.14 17.20 -57.45
N GLN B 1278 -20.89 17.03 -58.74
CA GLN B 1278 -21.96 17.20 -59.76
C GLN B 1278 -23.05 16.16 -59.53
N ALA B 1279 -22.68 14.90 -59.25
CA ALA B 1279 -23.67 13.84 -58.99
C ALA B 1279 -24.40 14.09 -57.66
N LEU B 1280 -23.73 14.72 -56.69
CA LEU B 1280 -24.34 14.99 -55.36
C LEU B 1280 -25.14 16.30 -55.43
N THR B 1281 -25.08 16.98 -56.58
CA THR B 1281 -25.90 18.21 -56.76
C THR B 1281 -27.22 17.68 -57.33
N ILE B 1282 -27.13 16.65 -58.18
CA ILE B 1282 -28.37 16.00 -58.69
C ILE B 1282 -29.09 15.33 -57.52
N TYR B 1283 -28.36 14.55 -56.73
CA TYR B 1283 -28.94 13.87 -55.53
C TYR B 1283 -29.64 14.92 -54.66
N GLU B 1284 -29.02 16.09 -54.51
CA GLU B 1284 -29.62 17.14 -53.66
C GLU B 1284 -30.97 17.56 -54.25
N GLY B 1285 -31.03 17.74 -55.57
CA GLY B 1285 -32.29 18.10 -56.23
C GLY B 1285 -33.33 17.01 -56.08
N LYS B 1286 -32.94 15.75 -56.27
CA LYS B 1286 -33.90 14.62 -56.20
C LYS B 1286 -34.50 14.54 -54.79
N PHE B 1287 -33.65 14.66 -53.77
CA PHE B 1287 -34.12 14.57 -52.35
C PHE B 1287 -35.03 15.76 -51.99
N GLY B 1288 -34.75 16.94 -52.55
CA GLY B 1288 -35.56 18.13 -52.18
C GLY B 1288 -36.87 18.08 -52.93
N ARG B 1289 -36.86 17.60 -54.17
CA ARG B 1289 -38.13 17.38 -54.92
C ARG B 1289 -38.98 16.34 -54.20
N LEU B 1290 -38.36 15.30 -53.65
CA LEU B 1290 -39.10 14.25 -52.91
C LEU B 1290 -39.75 14.85 -51.65
N LYS B 1291 -39.04 15.75 -50.97
CA LYS B 1291 -39.60 16.41 -49.76
C LYS B 1291 -40.81 17.29 -50.15
N ASP B 1292 -40.70 18.02 -51.26
CA ASP B 1292 -41.81 18.92 -51.73
C ASP B 1292 -43.05 18.08 -52.08
N ASP B 1293 -42.85 16.94 -52.73
CA ASP B 1293 -43.97 16.02 -53.11
C ASP B 1293 -44.63 15.47 -51.83
N ARG B 1294 -43.82 15.12 -50.82
CA ARG B 1294 -44.34 14.57 -49.53
C ARG B 1294 -45.16 15.65 -48.78
N GLU B 1295 -44.66 16.89 -48.76
CA GLU B 1295 -45.38 18.02 -48.09
C GLU B 1295 -46.72 18.29 -48.80
N LYS B 1296 -46.74 18.19 -50.13
CA LYS B 1296 -48.02 18.36 -50.88
C LYS B 1296 -49.01 17.27 -50.51
N CYS B 1297 -48.55 16.01 -50.42
CA CYS B 1297 -49.43 14.89 -50.04
C CYS B 1297 -49.93 15.08 -48.60
N ALA B 1298 -49.08 15.58 -47.70
CA ALA B 1298 -49.48 15.81 -46.28
C ALA B 1298 -50.57 16.89 -46.18
N LYS B 1299 -50.44 18.00 -46.93
CA LYS B 1299 -51.46 19.08 -46.93
C LYS B 1299 -52.79 18.55 -47.49
N ALA B 1300 -52.71 17.72 -48.52
CA ALA B 1300 -53.91 17.09 -49.12
C ALA B 1300 -54.59 16.13 -48.14
N LYS B 1301 -53.79 15.33 -47.42
CA LYS B 1301 -54.32 14.37 -46.43
C LYS B 1301 -55.02 15.14 -45.30
N GLU B 1302 -54.41 16.23 -44.83
CA GLU B 1302 -55.04 17.07 -43.77
C GLU B 1302 -56.36 17.63 -44.31
N ALA B 1303 -56.36 18.10 -45.57
CA ALA B 1303 -57.54 18.73 -46.19
C ALA B 1303 -58.70 17.74 -46.39
N LEU B 1304 -58.40 16.44 -46.56
CA LEU B 1304 -59.44 15.39 -46.76
C LEU B 1304 -59.69 14.59 -45.48
N GLU B 1305 -59.18 15.06 -44.34
CA GLU B 1305 -59.41 14.37 -43.02
C GLU B 1305 -58.79 12.98 -43.06
N LEU B 1306 -57.81 12.75 -43.92
CA LEU B 1306 -57.07 11.46 -43.91
C LEU B 1306 -55.97 11.63 -42.85
N THR B 1307 -56.39 11.72 -41.59
CA THR B 1307 -55.41 11.93 -40.50
C THR B 1307 -54.85 10.56 -40.16
N GLU B 1308 -53.67 10.26 -40.68
CA GLU B 1308 -53.00 9.00 -40.29
C GLU B 1308 -51.88 9.40 -39.35
N THR B 1309 -51.65 8.65 -38.27
CA THR B 1309 -50.62 8.90 -37.20
C THR B 1309 -49.44 9.84 -37.53
N GLY B 1310 -49.19 10.82 -36.65
CA GLY B 1310 -48.13 11.82 -36.87
C GLY B 1310 -46.76 11.26 -36.56
N LEU B 1311 -46.59 9.95 -36.77
CA LEU B 1311 -45.25 9.34 -36.64
C LEU B 1311 -44.55 9.54 -37.97
N LEU B 1312 -43.32 10.07 -37.92
CA LEU B 1312 -42.53 10.21 -39.16
C LEU B 1312 -42.48 8.78 -39.70
N SER B 1313 -42.88 8.52 -40.95
CA SER B 1313 -42.74 7.14 -41.50
C SER B 1313 -41.23 6.84 -41.52
N GLY B 1314 -40.72 5.58 -41.40
CA GLY B 1314 -39.26 5.23 -41.35
C GLY B 1314 -38.58 5.88 -42.56
N SER B 1315 -39.36 6.32 -43.55
CA SER B 1315 -38.86 7.15 -44.68
C SER B 1315 -38.32 8.50 -44.20
N GLU B 1316 -38.94 9.15 -43.22
CA GLU B 1316 -38.49 10.46 -42.64
C GLU B 1316 -37.10 10.32 -42.02
N GLU B 1317 -36.88 9.24 -41.27
CA GLU B 1317 -35.56 8.99 -40.64
C GLU B 1317 -34.52 8.82 -41.77
N ARG B 1318 -34.88 8.10 -42.84
CA ARG B 1318 -33.96 7.94 -44.00
C ARG B 1318 -33.70 9.29 -44.68
N VAL B 1319 -34.72 10.15 -44.81
CA VAL B 1319 -34.53 11.50 -45.42
C VAL B 1319 -33.59 12.33 -44.54
N GLN B 1320 -33.76 12.25 -43.22
CA GLN B 1320 -32.90 13.00 -42.28
C GLN B 1320 -31.45 12.49 -42.39
N VAL B 1321 -31.23 11.18 -42.47
CA VAL B 1321 -29.82 10.71 -42.68
C VAL B 1321 -29.32 11.22 -44.03
N ALA B 1322 -30.13 11.08 -45.10
CA ALA B 1322 -29.72 11.52 -46.45
C ALA B 1322 -29.43 13.03 -46.45
N LEU B 1323 -30.22 13.83 -45.72
CA LEU B 1323 -30.03 15.31 -45.67
C LEU B 1323 -28.66 15.65 -45.09
N GLU B 1324 -28.21 14.90 -44.08
CA GLU B 1324 -26.89 15.13 -43.47
C GLU B 1324 -25.80 14.91 -44.53
N GLU B 1325 -26.00 13.95 -45.43
CA GLU B 1325 -24.98 13.64 -46.46
C GLU B 1325 -25.46 14.09 -47.85
N LEU B 1326 -26.25 15.17 -47.93
CA LEU B 1326 -26.83 15.58 -49.24
C LEU B 1326 -25.93 16.63 -49.89
N GLN B 1327 -26.36 17.89 -49.88
CA GLN B 1327 -25.53 19.00 -50.41
C GLN B 1327 -24.26 19.07 -49.54
N ASP B 1328 -24.37 18.60 -48.30
CA ASP B 1328 -23.20 18.56 -47.39
C ASP B 1328 -22.11 17.64 -47.96
N LEU B 1329 -22.48 16.52 -48.61
CA LEU B 1329 -21.48 15.58 -49.21
C LEU B 1329 -20.69 16.29 -50.30
N LYS B 1330 -21.27 17.32 -50.95
CA LYS B 1330 -20.49 18.12 -51.93
C LYS B 1330 -19.34 18.80 -51.18
N GLY B 1331 -19.46 18.97 -49.86
CA GLY B 1331 -18.38 19.55 -49.03
C GLY B 1331 -17.14 18.68 -48.94
N VAL B 1332 -17.23 17.37 -49.23
CA VAL B 1332 -15.97 16.56 -49.27
C VAL B 1332 -15.21 17.02 -50.50
N TRP B 1333 -15.93 17.71 -51.38
CA TRP B 1333 -15.28 18.31 -52.56
C TRP B 1333 -15.08 19.80 -52.25
N SER B 1334 -15.05 20.14 -50.96
CA SER B 1334 -14.72 21.52 -50.55
C SER B 1334 -13.31 21.55 -49.95
N GLU B 1335 -13.00 20.69 -48.95
CA GLU B 1335 -11.58 20.73 -48.52
C GLU B 1335 -10.67 20.12 -49.61
N LEU B 1336 -11.12 19.04 -50.25
CA LEU B 1336 -10.33 18.41 -51.35
C LEU B 1336 -10.25 19.37 -52.56
N SER B 1337 -11.27 20.20 -52.78
CA SER B 1337 -11.27 21.18 -53.91
C SER B 1337 -10.08 22.13 -53.76
N LYS B 1338 -9.80 22.62 -52.56
CA LYS B 1338 -8.62 23.52 -52.32
C LYS B 1338 -7.30 22.80 -52.63
N ILE B 1339 -7.21 21.50 -52.30
CA ILE B 1339 -6.01 20.70 -52.66
C ILE B 1339 -5.93 20.50 -54.19
N TRP B 1340 -7.05 20.22 -54.83
CA TRP B 1340 -7.10 20.00 -56.30
C TRP B 1340 -6.75 21.28 -57.06
N GLU B 1341 -7.20 22.44 -56.58
CA GLU B 1341 -6.90 23.74 -57.25
C GLU B 1341 -5.38 23.89 -57.27
N GLN B 1342 -4.70 23.54 -56.17
CA GLN B 1342 -3.21 23.58 -56.13
C GLN B 1342 -2.60 22.51 -57.06
N ILE B 1343 -3.18 21.32 -57.13
CA ILE B 1343 -2.68 20.25 -58.05
C ILE B 1343 -2.85 20.73 -59.49
N ASP B 1344 -3.98 21.35 -59.82
CA ASP B 1344 -4.26 21.85 -61.20
C ASP B 1344 -3.29 22.99 -61.55
N GLN B 1345 -3.03 23.89 -60.61
CA GLN B 1345 -2.06 25.01 -60.84
C GLN B 1345 -0.68 24.39 -61.13
N MET B 1346 -0.32 23.34 -60.39
CA MET B 1346 0.96 22.64 -60.63
C MET B 1346 0.95 21.94 -61.99
N LYS B 1347 -0.21 21.47 -62.43
CA LYS B 1347 -0.32 20.88 -63.81
C LYS B 1347 -0.17 22.02 -64.83
N GLU B 1348 -0.10 23.27 -64.37
CA GLU B 1348 0.13 24.43 -65.29
C GLU B 1348 1.45 25.14 -64.98
N GLN B 1349 1.98 24.97 -63.76
CA GLN B 1349 3.21 25.70 -63.33
C GLN B 1349 4.43 25.17 -64.08
N PRO B 1350 5.38 26.03 -64.53
CA PRO B 1350 6.63 25.56 -65.12
C PRO B 1350 7.42 24.72 -64.11
N TRP B 1351 8.06 23.65 -64.58
CA TRP B 1351 8.82 22.74 -63.66
C TRP B 1351 9.97 23.52 -63.01
N VAL B 1352 10.63 24.38 -63.77
CA VAL B 1352 11.77 25.19 -63.22
C VAL B 1352 11.26 26.09 -62.10
N SER B 1353 10.09 26.72 -62.29
CA SER B 1353 9.52 27.64 -61.28
C SER B 1353 9.19 26.88 -59.99
N VAL B 1354 8.70 25.65 -60.10
CA VAL B 1354 8.26 24.89 -58.89
C VAL B 1354 9.44 24.68 -57.93
N GLN B 1355 9.20 24.89 -56.63
CA GLN B 1355 10.27 24.64 -55.60
C GLN B 1355 9.80 23.48 -54.73
N PRO B 1356 10.60 22.40 -54.55
CA PRO B 1356 10.17 21.22 -53.79
C PRO B 1356 9.85 21.48 -52.31
N ARG B 1357 10.65 22.31 -51.63
CA ARG B 1357 10.37 22.66 -50.20
C ARG B 1357 9.01 23.36 -50.12
N LYS B 1358 8.80 24.40 -50.94
CA LYS B 1358 7.50 25.08 -50.98
C LYS B 1358 6.39 24.11 -51.36
N LEU B 1359 6.70 23.15 -52.24
CA LEU B 1359 5.73 22.14 -52.60
C LEU B 1359 5.34 21.29 -51.41
N ARG B 1360 6.32 20.91 -50.58
CA ARG B 1360 6.02 20.16 -49.37
C ARG B 1360 5.18 20.98 -48.41
N GLN B 1361 5.48 22.27 -48.29
CA GLN B 1361 4.68 23.13 -47.42
C GLN B 1361 3.22 23.18 -47.89
N ASN B 1362 3.02 23.38 -49.20
CA ASN B 1362 1.66 23.45 -49.73
C ASN B 1362 0.94 22.11 -49.57
N LEU B 1363 1.64 21.01 -49.81
CA LEU B 1363 1.02 19.69 -49.66
C LEU B 1363 0.64 19.42 -48.22
N ASP B 1364 1.48 19.84 -47.27
CA ASP B 1364 1.17 19.66 -45.86
C ASP B 1364 -0.04 20.48 -45.47
N GLY B 1365 -0.13 21.72 -45.98
CA GLY B 1365 -1.32 22.54 -45.74
C GLY B 1365 -2.57 21.85 -46.29
N LEU B 1366 -2.46 21.28 -47.49
CA LEU B 1366 -3.61 20.60 -48.10
C LEU B 1366 -4.03 19.39 -47.26
N LEU B 1367 -3.06 18.59 -46.80
CA LEU B 1367 -3.39 17.41 -46.02
C LEU B 1367 -4.04 17.79 -44.69
N ASN B 1368 -3.50 18.82 -44.02
CA ASN B 1368 -4.11 19.25 -42.77
C ASN B 1368 -5.50 19.85 -42.99
N GLN B 1369 -5.71 20.51 -44.13
CA GLN B 1369 -7.05 20.98 -44.48
C GLN B 1369 -8.00 19.80 -44.67
N LEU B 1370 -7.54 18.76 -45.36
CA LEU B 1370 -8.39 17.58 -45.58
C LEU B 1370 -8.73 16.89 -44.28
N LYS B 1371 -7.79 16.87 -43.33
CA LYS B 1371 -8.04 16.18 -42.06
C LYS B 1371 -9.16 16.81 -41.23
N ASN B 1372 -9.57 18.03 -41.55
CA ASN B 1372 -10.58 18.75 -40.77
C ASN B 1372 -12.00 18.59 -41.30
N PHE B 1373 -12.22 17.73 -42.29
CA PHE B 1373 -13.55 17.58 -42.86
C PHE B 1373 -14.47 16.88 -41.84
N PRO B 1374 -15.79 17.07 -41.96
CA PRO B 1374 -16.71 16.32 -41.09
C PRO B 1374 -16.59 14.81 -41.30
N ALA B 1375 -16.87 14.06 -40.23
CA ALA B 1375 -16.73 12.61 -40.27
C ALA B 1375 -17.68 11.97 -41.28
N ARG B 1376 -18.83 12.61 -41.54
CA ARG B 1376 -19.77 12.06 -42.51
C ARG B 1376 -19.16 12.05 -43.91
N LEU B 1377 -18.40 13.09 -44.26
CA LEU B 1377 -17.77 13.14 -45.58
C LEU B 1377 -16.64 12.12 -45.70
N ARG B 1378 -15.96 11.85 -44.58
CA ARG B 1378 -14.71 11.03 -44.61
C ARG B 1378 -14.94 9.54 -44.85
N GLN B 1379 -16.06 8.98 -44.35
CA GLN B 1379 -16.29 7.51 -44.48
C GLN B 1379 -16.32 7.14 -45.96
N TYR B 1380 -16.54 8.13 -46.83
CA TYR B 1380 -16.65 7.85 -48.29
C TYR B 1380 -15.29 7.49 -48.89
N ALA B 1381 -15.27 6.52 -49.81
CA ALA B 1381 -13.99 6.04 -50.39
C ALA B 1381 -13.41 7.05 -51.41
N SER B 1382 -14.19 8.07 -51.76
CA SER B 1382 -13.73 9.07 -52.75
C SER B 1382 -12.85 10.12 -52.07
N TYR B 1383 -13.21 10.58 -50.85
CA TYR B 1383 -12.28 11.46 -50.09
C TYR B 1383 -10.97 10.71 -50.03
N GLU B 1384 -11.11 9.46 -49.64
CA GLU B 1384 -9.99 8.54 -49.46
C GLU B 1384 -9.06 8.58 -50.66
N PHE B 1385 -9.63 8.66 -51.87
CA PHE B 1385 -8.81 8.73 -53.08
C PHE B 1385 -7.95 9.99 -53.08
N VAL B 1386 -8.54 11.13 -52.73
CA VAL B 1386 -7.78 12.38 -52.77
C VAL B 1386 -6.72 12.40 -51.67
N GLN B 1387 -7.06 11.89 -50.48
CA GLN B 1387 -6.07 11.81 -49.40
C GLN B 1387 -4.92 10.89 -49.79
N ARG B 1388 -5.22 9.75 -50.41
CA ARG B 1388 -4.18 8.86 -50.88
C ARG B 1388 -3.34 9.52 -51.97
N LEU B 1389 -3.98 10.32 -52.83
CA LEU B 1389 -3.25 11.02 -53.87
C LEU B 1389 -2.24 12.01 -53.28
N LEU B 1390 -2.67 12.79 -52.30
CA LEU B 1390 -1.74 13.72 -51.66
C LEU B 1390 -0.66 12.98 -50.88
N LYS B 1391 -1.01 11.86 -50.26
CA LYS B 1391 -0.01 11.04 -49.58
C LYS B 1391 1.03 10.53 -50.57
N GLY B 1392 0.60 10.11 -51.75
CA GLY B 1392 1.56 9.67 -52.76
C GLY B 1392 2.45 10.79 -53.25
N TYR B 1393 1.87 11.99 -53.42
CA TYR B 1393 2.69 13.14 -53.81
C TYR B 1393 3.73 13.45 -52.74
N LEU B 1394 3.34 13.38 -51.46
CA LEU B 1394 4.31 13.55 -50.38
C LEU B 1394 5.39 12.47 -50.45
N LYS B 1395 5.01 11.24 -50.73
CA LYS B 1395 5.99 10.15 -50.76
C LYS B 1395 7.00 10.35 -51.89
N ILE B 1396 6.54 10.76 -53.08
CA ILE B 1396 7.44 11.00 -54.20
C ILE B 1396 8.06 12.39 -54.17
N ASN B 1397 7.79 13.20 -53.14
CA ASN B 1397 8.48 14.48 -53.01
C ASN B 1397 10.00 14.32 -52.94
N MET B 1398 10.48 13.18 -52.41
CA MET B 1398 11.92 12.93 -52.39
C MET B 1398 12.47 12.84 -53.81
N LEU B 1399 11.82 12.05 -54.66
CA LEU B 1399 12.27 11.95 -56.05
C LEU B 1399 12.07 13.26 -56.79
N VAL B 1400 11.06 14.05 -56.39
CA VAL B 1400 10.88 15.37 -57.00
C VAL B 1400 12.06 16.27 -56.65
N ILE B 1401 12.51 16.23 -55.39
CA ILE B 1401 13.70 16.97 -55.00
C ILE B 1401 14.90 16.51 -55.82
N GLU B 1402 15.06 15.20 -55.96
CA GLU B 1402 16.19 14.67 -56.72
C GLU B 1402 16.10 15.03 -58.20
N LEU B 1403 14.89 15.27 -58.71
CA LEU B 1403 14.74 15.65 -60.11
C LEU B 1403 15.06 17.12 -60.36
N LYS B 1404 15.04 17.95 -59.33
CA LYS B 1404 15.54 19.32 -59.40
C LYS B 1404 17.05 19.41 -59.22
N SER B 1405 17.74 18.27 -59.13
CA SER B 1405 19.19 18.28 -59.03
C SER B 1405 19.81 18.95 -60.26
N GLU B 1406 20.85 19.74 -60.02
CA GLU B 1406 21.60 20.37 -61.08
C GLU B 1406 22.44 19.37 -61.87
N ALA B 1407 22.60 18.14 -61.38
CA ALA B 1407 23.31 17.11 -62.13
C ALA B 1407 22.60 16.79 -63.44
N LEU B 1408 21.28 16.72 -63.41
CA LEU B 1408 20.52 16.39 -64.61
C LEU B 1408 20.72 17.45 -65.69
N LYS B 1409 20.92 17.02 -66.92
CA LYS B 1409 21.15 17.86 -68.07
C LYS B 1409 20.15 17.47 -69.17
N ASP B 1410 20.34 18.05 -70.36
CA ASP B 1410 19.47 17.71 -71.49
C ASP B 1410 19.59 16.22 -71.84
N ARG B 1411 20.79 15.67 -71.78
CA ARG B 1411 20.97 14.25 -72.09
C ARG B 1411 20.24 13.37 -71.09
N HIS B 1412 20.27 13.71 -69.81
CA HIS B 1412 19.60 12.90 -68.81
C HIS B 1412 18.09 13.05 -68.89
N TRP B 1413 17.59 14.24 -69.23
CA TRP B 1413 16.16 14.39 -69.48
C TRP B 1413 15.74 13.56 -70.67
N LYS B 1414 16.57 13.53 -71.72
CA LYS B 1414 16.29 12.67 -72.87
C LYS B 1414 16.25 11.20 -72.45
N GLN B 1415 17.18 10.79 -71.59
CA GLN B 1415 17.20 9.41 -71.12
C GLN B 1415 15.93 9.08 -70.33
N LEU B 1416 15.49 9.99 -69.46
CA LEU B 1416 14.24 9.79 -68.72
C LEU B 1416 13.07 9.68 -69.68
N MET B 1417 13.01 10.56 -70.68
CA MET B 1417 11.92 10.54 -71.64
C MET B 1417 11.89 9.23 -72.40
N LYS B 1418 13.05 8.75 -72.85
CA LYS B 1418 13.09 7.52 -73.62
C LYS B 1418 12.70 6.32 -72.76
N ARG B 1419 13.25 6.23 -71.55
CA ARG B 1419 12.99 5.04 -70.75
C ARG B 1419 11.56 5.00 -70.21
N LEU B 1420 11.00 6.16 -69.86
CA LEU B 1420 9.63 6.22 -69.36
C LEU B 1420 8.61 6.36 -70.48
N HIS B 1421 9.04 6.45 -71.74
CA HIS B 1421 8.14 6.51 -72.89
C HIS B 1421 7.21 7.72 -72.80
N VAL B 1422 7.81 8.90 -72.59
CA VAL B 1422 7.07 10.15 -72.50
C VAL B 1422 7.81 11.20 -73.32
N ASN B 1423 7.05 11.96 -74.11
CA ASN B 1423 7.59 13.03 -74.95
C ASN B 1423 7.37 14.35 -74.23
N TRP B 1424 8.25 14.66 -73.29
CA TRP B 1424 8.22 15.94 -72.58
C TRP B 1424 8.93 17.02 -73.41
N VAL B 1425 8.67 18.27 -73.04
CA VAL B 1425 9.41 19.42 -73.53
C VAL B 1425 9.90 20.17 -72.30
N VAL B 1426 11.23 20.32 -72.20
CA VAL B 1426 11.85 20.75 -70.95
C VAL B 1426 11.40 22.16 -70.57
N SER B 1427 11.35 23.07 -71.55
CA SER B 1427 10.89 24.42 -71.26
C SER B 1427 9.41 24.44 -70.87
N GLU B 1428 8.60 23.60 -71.51
CA GLU B 1428 7.16 23.58 -71.31
C GLU B 1428 6.70 22.55 -70.29
N LEU B 1429 7.62 21.83 -69.64
CA LEU B 1429 7.23 20.81 -68.68
C LEU B 1429 6.61 21.45 -67.45
N THR B 1430 5.58 20.79 -66.92
CA THR B 1430 4.86 21.22 -65.74
C THR B 1430 4.97 20.16 -64.64
N LEU B 1431 4.74 20.60 -63.40
CA LEU B 1431 4.82 19.70 -62.26
C LEU B 1431 3.81 18.57 -62.38
N GLY B 1432 2.63 18.86 -62.93
CA GLY B 1432 1.58 17.86 -63.01
C GLY B 1432 1.95 16.69 -63.90
N GLN B 1433 2.65 16.96 -65.00
CA GLN B 1433 3.02 15.89 -65.91
C GLN B 1433 3.98 14.91 -65.24
N ILE B 1434 4.94 15.40 -64.47
CA ILE B 1434 5.82 14.52 -63.72
C ILE B 1434 5.04 13.82 -62.62
N TRP B 1435 4.10 14.52 -61.99
CA TRP B 1435 3.33 13.95 -60.89
C TRP B 1435 2.50 12.77 -61.35
N ASP B 1436 1.74 12.94 -62.43
CA ASP B 1436 0.84 11.90 -62.92
C ASP B 1436 1.57 10.76 -63.59
N VAL B 1437 2.82 10.96 -64.02
CA VAL B 1437 3.67 9.85 -64.44
C VAL B 1437 4.08 9.07 -63.20
N ASP B 1438 3.98 7.75 -63.26
CA ASP B 1438 4.10 6.90 -62.08
C ASP B 1438 5.57 6.87 -61.64
N LEU B 1439 5.96 7.93 -60.91
CA LEU B 1439 7.29 7.96 -60.34
C LEU B 1439 7.44 6.94 -59.22
N GLN B 1440 6.36 6.70 -58.47
CA GLN B 1440 6.41 5.72 -57.39
C GLN B 1440 6.71 4.32 -57.93
N LYS B 1441 5.98 3.91 -58.98
CA LYS B 1441 6.22 2.60 -59.57
C LYS B 1441 7.59 2.54 -60.24
N ASN B 1442 7.98 3.62 -60.92
CA ASN B 1442 9.19 3.66 -61.74
C ASN B 1442 10.38 4.24 -60.98
N GLU B 1443 10.45 4.04 -59.66
CA GLU B 1443 11.52 4.66 -58.88
C GLU B 1443 12.90 4.11 -59.26
N ALA B 1444 12.96 2.86 -59.72
CA ALA B 1444 14.25 2.27 -60.07
C ALA B 1444 14.87 2.99 -61.26
N VAL B 1445 14.07 3.30 -62.28
CA VAL B 1445 14.58 4.01 -63.45
C VAL B 1445 15.07 5.39 -63.07
N VAL B 1446 14.30 6.09 -62.24
CA VAL B 1446 14.68 7.44 -61.81
C VAL B 1446 15.99 7.39 -61.03
N LYS B 1447 16.11 6.40 -60.13
CA LYS B 1447 17.33 6.25 -59.35
C LYS B 1447 18.53 5.97 -60.25
N ASP B 1448 18.35 5.11 -61.26
CA ASP B 1448 19.44 4.82 -62.18
C ASP B 1448 19.87 6.06 -62.95
N VAL B 1449 18.90 6.83 -63.46
CA VAL B 1449 19.24 8.01 -64.25
C VAL B 1449 19.94 9.05 -63.40
N LEU B 1450 19.45 9.28 -62.17
CA LEU B 1450 20.12 10.27 -61.34
C LEU B 1450 21.48 9.78 -60.86
N LEU B 1451 21.68 8.47 -60.74
CA LEU B 1451 23.01 7.95 -60.44
C LEU B 1451 23.98 8.26 -61.59
N VAL B 1452 23.54 8.00 -62.82
CA VAL B 1452 24.37 8.32 -63.99
C VAL B 1452 24.65 9.82 -64.02
N ALA B 1453 23.64 10.63 -63.69
CA ALA B 1453 23.83 12.08 -63.66
C ALA B 1453 24.85 12.48 -62.62
N GLN B 1454 24.82 11.86 -61.44
CA GLN B 1454 25.80 12.18 -60.40
C GLN B 1454 27.21 11.84 -60.87
N GLY B 1455 27.38 10.67 -61.48
CA GLY B 1455 28.71 10.31 -61.97
C GLY B 1455 29.22 11.27 -63.02
N GLU B 1456 28.37 11.59 -64.00
CA GLU B 1456 28.79 12.50 -65.06
C GLU B 1456 29.06 13.91 -64.52
N MET B 1457 28.28 14.34 -63.52
CA MET B 1457 28.55 15.63 -62.88
C MET B 1457 29.90 15.63 -62.19
N ALA B 1458 30.25 14.52 -61.54
CA ALA B 1458 31.56 14.42 -60.90
C ALA B 1458 32.67 14.58 -61.92
N LEU B 1459 32.58 13.84 -63.04
CA LEU B 1459 33.61 13.96 -64.07
C LEU B 1459 33.65 15.37 -64.65
N GLU B 1460 32.49 15.97 -64.88
CA GLU B 1460 32.42 17.30 -65.47
C GLU B 1460 33.09 18.33 -64.58
N GLU B 1461 32.81 18.28 -63.28
CA GLU B 1461 33.40 19.26 -62.37
C GLU B 1461 34.88 19.00 -62.18
N PHE B 1462 35.33 17.75 -62.31
CA PHE B 1462 36.76 17.49 -62.32
C PHE B 1462 37.44 18.16 -63.51
N LEU B 1463 36.85 18.02 -64.70
CA LEU B 1463 37.42 18.70 -65.86
C LEU B 1463 37.36 20.20 -65.71
N LYS B 1464 36.31 20.72 -65.08
CA LYS B 1464 36.22 22.14 -64.79
C LYS B 1464 37.37 22.57 -63.88
N GLN B 1465 37.69 21.76 -62.86
CA GLN B 1465 38.81 22.07 -61.98
C GLN B 1465 40.12 22.12 -62.75
N ILE B 1466 40.34 21.15 -63.65
CA ILE B 1466 41.55 21.17 -64.48
C ILE B 1466 41.62 22.47 -65.28
N ARG B 1467 40.51 22.82 -65.93
CA ARG B 1467 40.52 23.99 -66.81
C ARG B 1467 40.80 25.26 -66.02
N GLU B 1468 40.13 25.44 -64.89
CA GLU B 1468 40.34 26.63 -64.08
C GLU B 1468 41.78 26.70 -63.58
N VAL B 1469 42.29 25.58 -63.05
CA VAL B 1469 43.62 25.58 -62.45
C VAL B 1469 44.67 25.94 -63.49
N TRP B 1470 44.63 25.26 -64.65
CA TRP B 1470 45.68 25.50 -65.63
C TRP B 1470 45.48 26.77 -66.44
N ASN B 1471 44.27 27.34 -66.46
CA ASN B 1471 44.10 28.67 -67.04
C ASN B 1471 44.53 29.77 -66.08
N THR B 1472 44.59 29.49 -64.77
CA THR B 1472 44.98 30.49 -63.77
C THR B 1472 46.37 30.24 -63.17
N TYR B 1473 47.11 29.25 -63.65
CA TYR B 1473 48.41 28.93 -63.08
C TYR B 1473 49.48 29.84 -63.69
N GLU B 1474 50.23 30.52 -62.82
CA GLU B 1474 51.32 31.41 -63.23
C GLU B 1474 52.64 30.84 -62.75
N LEU B 1475 53.64 30.85 -63.63
CA LEU B 1475 54.97 30.41 -63.27
C LEU B 1475 55.66 31.48 -62.43
N ASP B 1476 55.94 31.16 -61.18
CA ASP B 1476 56.63 32.09 -60.30
C ASP B 1476 58.05 32.31 -60.81
N LEU B 1477 58.57 33.52 -60.60
CA LEU B 1477 59.91 33.88 -61.04
C LEU B 1477 60.60 34.66 -59.93
N VAL B 1478 61.87 34.34 -59.68
CA VAL B 1478 62.68 34.98 -58.66
C VAL B 1478 63.97 35.47 -59.32
N ASN B 1479 64.33 36.72 -59.03
CA ASN B 1479 65.53 37.31 -59.62
C ASN B 1479 66.76 36.52 -59.16
N TYR B 1480 67.76 36.45 -60.05
CA TYR B 1480 69.00 35.72 -59.81
C TYR B 1480 70.17 36.61 -60.18
N GLN B 1481 70.78 37.24 -59.17
CA GLN B 1481 71.98 38.06 -59.33
C GLN B 1481 71.77 39.20 -60.31
N ASN B 1482 70.53 39.70 -60.43
CA ASN B 1482 70.20 40.83 -61.28
C ASN B 1482 70.57 40.59 -62.74
N LYS B 1483 70.56 39.32 -63.16
CA LYS B 1483 70.81 38.94 -64.55
C LYS B 1483 69.55 38.48 -65.27
N CYS B 1484 68.64 37.82 -64.56
CA CYS B 1484 67.34 37.41 -65.09
C CYS B 1484 66.51 36.93 -63.90
N ARG B 1485 65.36 36.34 -64.18
CA ARG B 1485 64.50 35.73 -63.18
C ARG B 1485 64.32 34.26 -63.52
N LEU B 1486 64.78 33.38 -62.63
CA LEU B 1486 64.65 31.95 -62.80
C LEU B 1486 63.36 31.47 -62.15
N ILE B 1487 62.84 30.35 -62.66
CA ILE B 1487 61.57 29.82 -62.18
C ILE B 1487 61.78 29.16 -60.83
N ARG B 1488 60.87 29.45 -59.88
CA ARG B 1488 60.84 28.82 -58.57
C ARG B 1488 59.54 28.03 -58.46
N GLY B 1489 59.56 26.99 -57.64
CA GLY B 1489 58.39 26.16 -57.42
C GLY B 1489 58.30 24.95 -58.30
N TRP B 1490 59.42 24.34 -58.68
CA TRP B 1490 59.37 23.16 -59.53
C TRP B 1490 58.64 22.01 -58.86
N ASP B 1491 58.84 21.85 -57.54
CA ASP B 1491 58.19 20.75 -56.83
C ASP B 1491 56.68 20.86 -56.91
N ASP B 1492 56.14 22.07 -56.68
CA ASP B 1492 54.70 22.27 -56.74
C ASP B 1492 54.17 22.04 -58.15
N LEU B 1493 54.87 22.58 -59.16
CA LEU B 1493 54.42 22.44 -60.53
C LEU B 1493 54.39 20.98 -60.95
N PHE B 1494 55.47 20.25 -60.68
CA PHE B 1494 55.51 18.84 -61.07
C PHE B 1494 54.53 18.00 -60.26
N ASN B 1495 54.32 18.33 -58.98
CA ASN B 1495 53.33 17.60 -58.20
C ASN B 1495 51.94 17.80 -58.75
N LYS B 1496 51.59 19.04 -59.12
CA LYS B 1496 50.27 19.30 -59.69
C LYS B 1496 50.11 18.61 -61.04
N VAL B 1497 51.14 18.64 -61.88
CA VAL B 1497 51.07 17.99 -63.18
C VAL B 1497 50.90 16.49 -63.01
N LYS B 1498 51.67 15.89 -62.08
CA LYS B 1498 51.55 14.46 -61.84
C LYS B 1498 50.17 14.10 -61.33
N GLU B 1499 49.63 14.90 -60.40
CA GLU B 1499 48.30 14.65 -59.87
C GLU B 1499 47.27 14.69 -60.99
N HIS B 1500 47.35 15.71 -61.84
CA HIS B 1500 46.33 15.85 -62.88
C HIS B 1500 46.46 14.76 -63.95
N ILE B 1501 47.68 14.39 -64.32
CA ILE B 1501 47.85 13.34 -65.32
C ILE B 1501 47.35 12.01 -64.77
N ASN B 1502 47.71 11.69 -63.52
CA ASN B 1502 47.22 10.46 -62.91
C ASN B 1502 45.70 10.46 -62.79
N SER B 1503 45.12 11.60 -62.44
CA SER B 1503 43.68 11.67 -62.28
C SER B 1503 42.97 11.53 -63.62
N VAL B 1504 43.53 12.09 -64.69
CA VAL B 1504 42.92 11.89 -66.00
C VAL B 1504 43.04 10.43 -66.44
N SER B 1505 44.19 9.81 -66.16
CA SER B 1505 44.35 8.40 -66.51
C SER B 1505 43.37 7.53 -65.75
N ALA B 1506 43.10 7.87 -64.48
CA ALA B 1506 42.09 7.15 -63.71
C ALA B 1506 40.68 7.45 -64.21
N MET B 1507 40.44 8.68 -64.68
CA MET B 1507 39.14 9.04 -65.25
C MET B 1507 38.86 8.24 -66.52
N LYS B 1508 39.92 7.88 -67.25
CA LYS B 1508 39.73 7.08 -68.45
C LYS B 1508 39.10 5.72 -68.14
N LEU B 1509 39.24 5.24 -66.90
CA LEU B 1509 38.66 3.96 -66.49
C LEU B 1509 37.23 4.10 -66.00
N SER B 1510 36.71 5.32 -65.83
CA SER B 1510 35.40 5.49 -65.21
C SER B 1510 34.30 4.97 -66.14
N PRO B 1511 33.22 4.39 -65.59
CA PRO B 1511 32.13 3.93 -66.46
C PRO B 1511 31.39 5.05 -67.16
N TYR B 1512 31.43 6.27 -66.63
CA TYR B 1512 30.74 7.42 -67.21
C TYR B 1512 31.66 8.26 -68.09
N TYR B 1513 32.75 7.67 -68.58
CA TYR B 1513 33.81 8.45 -69.21
C TYR B 1513 33.51 8.76 -70.67
N LYS B 1514 32.64 7.99 -71.33
CA LYS B 1514 32.45 8.12 -72.78
C LYS B 1514 31.92 9.49 -73.16
N VAL B 1515 31.15 10.13 -72.28
CA VAL B 1515 30.55 11.42 -72.62
C VAL B 1515 31.62 12.49 -72.77
N PHE B 1516 32.58 12.53 -71.86
CA PHE B 1516 33.60 13.57 -71.81
C PHE B 1516 34.88 13.21 -72.56
N GLU B 1517 34.89 12.04 -73.23
CA GLU B 1517 36.11 11.41 -73.72
C GLU B 1517 36.98 12.39 -74.51
N GLU B 1518 36.43 12.95 -75.58
CA GLU B 1518 37.20 13.84 -76.45
C GLU B 1518 37.84 14.96 -75.64
N ASP B 1519 37.06 15.60 -74.76
CA ASP B 1519 37.59 16.71 -73.97
C ASP B 1519 38.75 16.24 -73.11
N ALA B 1520 38.56 15.09 -72.45
CA ALA B 1520 39.61 14.53 -71.62
C ALA B 1520 40.88 14.34 -72.43
N LEU B 1521 40.74 13.78 -73.63
CA LEU B 1521 41.93 13.51 -74.46
C LEU B 1521 42.67 14.79 -74.74
N SER B 1522 41.94 15.87 -75.06
CA SER B 1522 42.57 17.15 -75.32
C SER B 1522 43.43 17.56 -74.13
N TRP B 1523 42.84 17.53 -72.93
CA TRP B 1523 43.59 17.96 -71.76
C TRP B 1523 44.78 17.05 -71.53
N GLU B 1524 44.61 15.75 -71.78
CA GLU B 1524 45.71 14.81 -71.62
C GLU B 1524 46.90 15.26 -72.45
N ASP B 1525 46.64 15.58 -73.72
CA ASP B 1525 47.71 16.06 -74.59
C ASP B 1525 48.40 17.26 -73.97
N LYS B 1526 47.60 18.28 -73.61
CA LYS B 1526 48.17 19.49 -73.05
C LYS B 1526 48.96 19.16 -71.79
N LEU B 1527 48.39 18.33 -70.92
CA LEU B 1527 49.07 17.99 -69.68
C LEU B 1527 50.41 17.34 -69.97
N ASN B 1528 50.41 16.39 -70.91
CA ASN B 1528 51.67 15.72 -71.24
C ASN B 1528 52.66 16.73 -71.80
N ARG B 1529 52.19 17.63 -72.68
CA ARG B 1529 53.07 18.62 -73.24
C ARG B 1529 53.68 19.48 -72.13
N ILE B 1530 52.85 19.85 -71.15
CA ILE B 1530 53.35 20.66 -70.04
C ILE B 1530 54.48 19.93 -69.35
N MET B 1531 54.27 18.66 -69.02
CA MET B 1531 55.34 17.88 -68.41
C MET B 1531 56.51 17.79 -69.36
N ALA B 1532 56.23 17.50 -70.63
CA ALA B 1532 57.28 17.34 -71.62
C ALA B 1532 58.08 18.62 -71.81
N LEU B 1533 57.51 19.77 -71.40
CA LEU B 1533 58.29 21.00 -71.39
C LEU B 1533 59.14 21.09 -70.13
N PHE B 1534 58.49 21.03 -68.97
CA PHE B 1534 59.17 21.47 -67.76
C PHE B 1534 60.18 20.45 -67.27
N ASP B 1535 59.95 19.16 -67.55
CA ASP B 1535 60.98 18.16 -67.30
C ASP B 1535 62.28 18.54 -67.99
N VAL B 1536 62.19 19.08 -69.21
CA VAL B 1536 63.38 19.61 -69.86
C VAL B 1536 63.82 20.90 -69.18
N TRP B 1537 62.87 21.79 -68.88
CA TRP B 1537 63.22 23.18 -68.53
C TRP B 1537 64.10 23.23 -67.29
N ILE B 1538 63.71 22.51 -66.24
CA ILE B 1538 64.49 22.50 -65.01
C ILE B 1538 65.93 22.08 -65.30
N ASP B 1539 66.10 21.06 -66.14
CA ASP B 1539 67.44 20.64 -66.53
C ASP B 1539 68.19 21.79 -67.18
N VAL B 1540 67.57 22.43 -68.18
CA VAL B 1540 68.21 23.54 -68.88
C VAL B 1540 68.48 24.68 -67.91
N GLN B 1541 67.68 24.78 -66.85
CA GLN B 1541 68.01 25.75 -65.81
C GLN B 1541 69.24 25.32 -65.04
N ARG B 1542 69.19 24.11 -64.46
CA ARG B 1542 70.16 23.70 -63.45
C ARG B 1542 71.57 23.76 -63.99
N ARG B 1543 71.80 23.08 -65.13
CA ARG B 1543 73.12 23.07 -65.76
C ARG B 1543 73.60 24.49 -66.02
N TRP B 1544 72.73 25.33 -66.59
CA TRP B 1544 73.11 26.71 -66.86
C TRP B 1544 73.56 27.40 -65.59
N VAL B 1545 72.76 27.28 -64.53
CA VAL B 1545 73.12 27.87 -63.24
C VAL B 1545 74.48 27.37 -62.82
N TYR B 1546 74.66 26.04 -62.87
CA TYR B 1546 75.94 25.44 -62.52
C TYR B 1546 77.04 26.03 -63.38
N LEU B 1547 76.83 26.03 -64.71
CA LEU B 1547 77.87 26.53 -65.60
C LEU B 1547 78.11 28.00 -65.35
N GLU B 1548 77.04 28.75 -65.05
CA GLU B 1548 77.22 30.16 -64.75
C GLU B 1548 78.13 30.34 -63.55
N GLY B 1549 77.88 29.55 -62.50
CA GLY B 1549 78.69 29.63 -61.29
C GLY B 1549 80.15 29.31 -61.52
N ILE B 1550 80.46 28.63 -62.63
CA ILE B 1550 81.85 28.32 -62.95
C ILE B 1550 82.43 29.33 -63.92
N PHE B 1551 81.63 29.90 -64.81
CA PHE B 1551 82.17 30.66 -65.94
C PHE B 1551 82.26 32.16 -65.69
N THR B 1552 81.73 32.65 -64.56
CA THR B 1552 81.89 34.05 -64.17
C THR B 1552 82.55 34.22 -62.80
N GLY B 1553 82.54 33.18 -61.95
CA GLY B 1553 83.26 33.28 -60.69
C GLY B 1553 84.76 33.41 -60.88
N SER B 1554 85.31 32.68 -61.85
CA SER B 1554 86.74 32.71 -62.16
C SER B 1554 86.94 33.36 -63.53
N ALA B 1555 87.79 34.38 -63.58
CA ALA B 1555 88.08 35.08 -64.82
C ALA B 1555 89.14 34.37 -65.67
N ASP B 1556 89.86 33.40 -65.11
CA ASP B 1556 90.88 32.67 -65.86
C ASP B 1556 90.32 31.45 -66.60
N ILE B 1557 89.07 31.07 -66.33
CA ILE B 1557 88.46 29.95 -67.05
C ILE B 1557 88.34 30.26 -68.53
N LYS B 1558 88.28 31.54 -68.90
CA LYS B 1558 88.19 31.90 -70.31
C LYS B 1558 89.42 31.43 -71.07
N HIS B 1559 90.60 31.57 -70.47
CA HIS B 1559 91.84 31.21 -71.14
C HIS B 1559 92.05 29.70 -71.18
N LEU B 1560 91.56 28.98 -70.17
CA LEU B 1560 91.73 27.53 -70.15
C LEU B 1560 90.83 26.85 -71.17
N LEU B 1561 89.58 27.32 -71.28
CA LEU B 1561 88.54 26.68 -72.09
C LEU B 1561 87.89 27.73 -72.98
N PRO B 1562 88.59 28.17 -74.04
CA PRO B 1562 88.02 29.24 -74.87
C PRO B 1562 86.80 28.80 -75.67
N VAL B 1563 86.85 27.62 -76.29
CA VAL B 1563 85.73 27.20 -77.14
C VAL B 1563 84.48 26.96 -76.30
N GLU B 1564 84.62 26.29 -75.16
CA GLU B 1564 83.48 26.09 -74.28
C GLU B 1564 82.96 27.43 -73.75
N THR B 1565 83.87 28.38 -73.50
CA THR B 1565 83.45 29.71 -73.09
C THR B 1565 82.59 30.38 -74.16
N GLN B 1566 83.02 30.29 -75.41
CA GLN B 1566 82.25 30.91 -76.49
C GLN B 1566 80.89 30.24 -76.65
N ARG B 1567 80.86 28.90 -76.56
CA ARG B 1567 79.60 28.19 -76.67
C ARG B 1567 78.67 28.55 -75.52
N PHE B 1568 79.21 28.69 -74.31
CA PHE B 1568 78.37 29.07 -73.18
C PHE B 1568 77.90 30.51 -73.30
N GLN B 1569 78.69 31.39 -73.91
CA GLN B 1569 78.22 32.74 -74.18
C GLN B 1569 77.01 32.70 -75.12
N SER B 1570 77.15 32.00 -76.24
CA SER B 1570 76.06 31.90 -77.20
C SER B 1570 74.84 31.17 -76.63
N ILE B 1571 75.04 30.30 -75.64
CA ILE B 1571 73.91 29.62 -75.00
C ILE B 1571 73.25 30.53 -73.97
N SER B 1572 74.05 31.28 -73.22
CA SER B 1572 73.49 32.16 -72.20
C SER B 1572 72.67 33.27 -72.83
N THR B 1573 73.12 33.79 -73.98
CA THR B 1573 72.33 34.81 -74.67
C THR B 1573 70.94 34.29 -75.02
N GLU B 1574 70.89 33.10 -75.62
CA GLU B 1574 69.61 32.52 -76.02
C GLU B 1574 68.74 32.21 -74.81
N PHE B 1575 69.33 31.64 -73.76
CA PHE B 1575 68.54 31.31 -72.57
C PHE B 1575 68.01 32.56 -71.89
N LEU B 1576 68.82 33.63 -71.87
CA LEU B 1576 68.36 34.88 -71.29
C LEU B 1576 67.21 35.46 -72.09
N ALA B 1577 67.29 35.38 -73.42
CA ALA B 1577 66.18 35.85 -74.25
C ALA B 1577 64.91 35.05 -73.97
N LEU B 1578 65.03 33.73 -73.88
CA LEU B 1578 63.87 32.90 -73.59
C LEU B 1578 63.28 33.23 -72.23
N MET B 1579 64.13 33.45 -71.23
CA MET B 1579 63.64 33.77 -69.90
C MET B 1579 63.00 35.16 -69.86
N LYS B 1580 63.50 36.10 -70.65
CA LYS B 1580 62.84 37.39 -70.77
C LYS B 1580 61.44 37.24 -71.36
N LYS B 1581 61.33 36.42 -72.42
CA LYS B 1581 60.02 36.17 -73.03
C LYS B 1581 59.07 35.54 -72.02
N VAL B 1582 59.57 34.61 -71.21
CA VAL B 1582 58.74 33.99 -70.18
C VAL B 1582 58.32 35.03 -69.15
N SER B 1583 59.25 35.91 -68.76
CA SER B 1583 58.94 36.91 -67.75
C SER B 1583 57.88 37.89 -68.24
N LYS B 1584 57.83 38.15 -69.55
CA LYS B 1584 56.78 39.00 -70.09
C LYS B 1584 55.43 38.32 -70.16
N SER B 1585 55.34 37.01 -69.88
CA SER B 1585 54.07 36.28 -69.90
C SER B 1585 54.22 35.03 -69.06
N PRO B 1586 54.17 35.14 -67.73
CA PRO B 1586 54.50 34.00 -66.87
C PRO B 1586 53.42 32.95 -66.75
N LEU B 1587 52.32 33.04 -67.49
CA LEU B 1587 51.30 32.00 -67.43
C LEU B 1587 51.82 30.71 -68.05
N VAL B 1588 51.40 29.58 -67.48
CA VAL B 1588 51.86 28.28 -67.97
C VAL B 1588 51.40 28.07 -69.41
N MET B 1589 50.13 28.36 -69.68
CA MET B 1589 49.60 28.13 -71.02
C MET B 1589 50.20 29.10 -72.03
N ASP B 1590 50.48 30.33 -71.61
CA ASP B 1590 51.15 31.27 -72.50
C ASP B 1590 52.56 30.82 -72.80
N VAL B 1591 53.26 30.28 -71.81
CA VAL B 1591 54.62 29.79 -72.03
C VAL B 1591 54.61 28.59 -72.96
N LEU B 1592 53.66 27.67 -72.77
CA LEU B 1592 53.61 26.46 -73.58
C LEU B 1592 53.42 26.77 -75.05
N ASN B 1593 52.68 27.83 -75.37
CA ASN B 1593 52.37 28.18 -76.75
C ASN B 1593 53.46 29.01 -77.43
N ILE B 1594 54.61 29.22 -76.76
CA ILE B 1594 55.72 29.92 -77.40
C ILE B 1594 56.18 29.09 -78.59
N GLN B 1595 56.49 29.76 -79.69
CA GLN B 1595 56.81 29.08 -80.93
C GLN B 1595 58.15 28.36 -80.82
N GLY B 1596 58.11 27.03 -80.94
CA GLY B 1596 59.34 26.25 -80.90
C GLY B 1596 60.07 26.29 -79.59
N VAL B 1597 59.34 26.38 -78.46
CA VAL B 1597 60.00 26.38 -77.17
C VAL B 1597 60.57 25.00 -76.86
N GLN B 1598 59.87 23.94 -77.24
CA GLN B 1598 60.30 22.58 -76.91
C GLN B 1598 61.62 22.25 -77.61
N ARG B 1599 61.69 22.51 -78.91
CA ARG B 1599 62.92 22.21 -79.66
C ARG B 1599 64.06 23.09 -79.20
N SER B 1600 63.79 24.36 -78.91
CA SER B 1600 64.84 25.26 -78.43
C SER B 1600 65.38 24.79 -77.09
N LEU B 1601 64.50 24.38 -76.18
CA LEU B 1601 64.97 23.90 -74.88
C LEU B 1601 65.70 22.56 -75.00
N GLU B 1602 65.28 21.71 -75.92
CA GLU B 1602 66.02 20.47 -76.15
C GLU B 1602 67.42 20.77 -76.68
N ARG B 1603 67.54 21.72 -77.60
CA ARG B 1603 68.85 22.12 -78.09
C ARG B 1603 69.71 22.68 -76.96
N LEU B 1604 69.11 23.50 -76.11
CA LEU B 1604 69.86 24.08 -74.99
C LEU B 1604 70.30 22.99 -74.01
N ALA B 1605 69.43 22.02 -73.73
CA ALA B 1605 69.81 20.91 -72.87
C ALA B 1605 70.98 20.14 -73.46
N ASP B 1606 70.92 19.85 -74.76
CA ASP B 1606 71.99 19.11 -75.40
C ASP B 1606 73.31 19.87 -75.33
N LEU B 1607 73.30 21.15 -75.67
CA LEU B 1607 74.55 21.91 -75.69
C LEU B 1607 75.10 22.13 -74.28
N LEU B 1608 74.23 22.40 -73.30
CA LEU B 1608 74.71 22.55 -71.94
C LEU B 1608 75.28 21.24 -71.41
N GLY B 1609 74.65 20.11 -71.75
CA GLY B 1609 75.21 18.83 -71.39
C GLY B 1609 76.58 18.60 -72.01
N LYS B 1610 76.73 19.00 -73.28
CA LYS B 1610 78.03 18.87 -73.93
C LYS B 1610 79.10 19.71 -73.25
N ILE B 1611 78.77 20.96 -72.91
CA ILE B 1611 79.76 21.81 -72.27
C ILE B 1611 80.09 21.30 -70.86
N GLN B 1612 79.09 20.81 -70.13
CA GLN B 1612 79.36 20.23 -68.82
C GLN B 1612 80.23 18.99 -68.94
N LYS B 1613 79.99 18.17 -69.96
CA LYS B 1613 80.84 17.00 -70.20
C LYS B 1613 82.27 17.43 -70.50
N ALA B 1614 82.44 18.46 -71.33
CA ALA B 1614 83.78 18.94 -71.65
C ALA B 1614 84.48 19.47 -70.41
N LEU B 1615 83.77 20.21 -69.57
CA LEU B 1615 84.36 20.72 -68.33
C LEU B 1615 84.75 19.58 -67.41
N GLY B 1616 83.88 18.58 -67.27
CA GLY B 1616 84.22 17.44 -66.43
C GLY B 1616 85.42 16.68 -66.94
N GLU B 1617 85.51 16.50 -68.26
CA GLU B 1617 86.66 15.82 -68.83
C GLU B 1617 87.94 16.62 -68.61
N TYR B 1618 87.86 17.95 -68.76
CA TYR B 1618 89.04 18.77 -68.53
C TYR B 1618 89.49 18.70 -67.07
N LEU B 1619 88.55 18.78 -66.13
CA LEU B 1619 88.93 18.69 -64.73
C LEU B 1619 89.46 17.32 -64.38
N GLU B 1620 88.91 16.26 -64.98
CA GLU B 1620 89.44 14.93 -64.73
C GLU B 1620 90.84 14.78 -65.31
N ARG B 1621 91.10 15.39 -66.47
CA ARG B 1621 92.45 15.37 -67.03
C ARG B 1621 93.42 16.09 -66.11
N GLU B 1622 93.03 17.25 -65.57
CA GLU B 1622 93.88 17.96 -64.63
C GLU B 1622 94.11 17.14 -63.37
N ARG B 1623 93.09 16.45 -62.88
CA ARG B 1623 93.26 15.59 -61.71
C ARG B 1623 94.24 14.47 -61.99
N SER B 1624 94.10 13.81 -63.14
CA SER B 1624 94.98 12.69 -63.45
C SER B 1624 96.41 13.14 -63.71
N SER B 1625 96.59 14.38 -64.20
CA SER B 1625 97.95 14.88 -64.41
C SER B 1625 98.70 15.01 -63.09
N PHE B 1626 98.02 15.48 -62.04
CA PHE B 1626 98.57 15.61 -60.69
C PHE B 1626 97.62 14.88 -59.75
N PRO B 1627 97.87 13.59 -59.44
CA PRO B 1627 96.81 12.77 -58.81
C PRO B 1627 96.33 13.26 -57.45
N ARG B 1628 97.12 14.04 -56.70
CA ARG B 1628 96.68 14.49 -55.39
C ARG B 1628 95.43 15.36 -55.45
N PHE B 1629 95.14 15.97 -56.61
CA PHE B 1629 93.90 16.72 -56.75
C PHE B 1629 92.67 15.86 -56.56
N TYR B 1630 92.79 14.54 -56.67
CA TYR B 1630 91.66 13.67 -56.39
C TYR B 1630 91.18 13.78 -54.95
N PHE B 1631 92.02 14.29 -54.04
CA PHE B 1631 91.59 14.61 -52.68
C PHE B 1631 90.89 15.97 -52.58
N VAL B 1632 90.79 16.70 -53.69
CA VAL B 1632 90.26 18.06 -53.71
C VAL B 1632 88.92 18.07 -54.43
N GLY B 1633 87.97 18.85 -53.91
CA GLY B 1633 86.65 18.91 -54.50
C GLY B 1633 86.65 19.64 -55.83
N ASP B 1634 85.48 19.64 -56.48
CA ASP B 1634 85.36 20.25 -57.79
C ASP B 1634 85.55 21.75 -57.73
N GLU B 1635 84.82 22.42 -56.82
CA GLU B 1635 84.96 23.87 -56.70
C GLU B 1635 86.37 24.25 -56.26
N ASP B 1636 86.97 23.47 -55.36
CA ASP B 1636 88.32 23.78 -54.90
C ASP B 1636 89.33 23.61 -56.02
N LEU B 1637 89.19 22.57 -56.84
CA LEU B 1637 90.09 22.39 -57.97
C LEU B 1637 89.92 23.51 -58.98
N LEU B 1638 88.68 23.93 -59.22
CA LEU B 1638 88.44 25.05 -60.13
C LEU B 1638 89.07 26.32 -59.58
N GLU B 1639 88.98 26.54 -58.27
CA GLU B 1639 89.66 27.67 -57.65
C GLU B 1639 91.17 27.58 -57.84
N ILE B 1640 91.73 26.38 -57.68
CA ILE B 1640 93.17 26.20 -57.78
C ILE B 1640 93.64 26.53 -59.19
N ILE B 1641 92.99 25.95 -60.20
CA ILE B 1641 93.46 26.15 -61.57
C ILE B 1641 93.18 27.58 -62.02
N GLY B 1642 92.01 28.12 -61.65
CA GLY B 1642 91.67 29.47 -62.09
C GLY B 1642 92.58 30.52 -61.52
N ASN B 1643 93.05 30.32 -60.28
CA ASN B 1643 93.96 31.25 -59.61
C ASN B 1643 95.41 30.82 -59.77
N SER B 1644 95.75 30.28 -60.95
CA SER B 1644 97.10 29.79 -61.18
C SER B 1644 98.13 30.90 -61.05
N LYS B 1645 97.76 32.13 -61.40
CA LYS B 1645 98.67 33.26 -61.30
C LYS B 1645 98.59 33.98 -59.95
N ASN B 1646 97.51 33.79 -59.20
CA ASN B 1646 97.39 34.31 -57.84
C ASN B 1646 97.69 33.16 -56.87
N VAL B 1647 98.99 32.93 -56.66
CA VAL B 1647 99.42 31.75 -55.93
C VAL B 1647 99.00 31.78 -54.47
N ALA B 1648 98.81 32.96 -53.89
CA ALA B 1648 98.46 33.05 -52.47
C ALA B 1648 97.15 32.34 -52.17
N LYS B 1649 96.17 32.46 -53.08
CA LYS B 1649 94.89 31.78 -52.87
C LYS B 1649 95.04 30.27 -52.84
N LEU B 1650 96.11 29.74 -53.44
CA LEU B 1650 96.33 28.29 -53.41
C LEU B 1650 96.84 27.81 -52.05
N GLN B 1651 97.29 28.72 -51.19
CA GLN B 1651 98.02 28.31 -50.00
C GLN B 1651 97.14 27.52 -49.02
N LYS B 1652 95.82 27.72 -49.06
CA LYS B 1652 94.94 27.06 -48.11
C LYS B 1652 94.60 25.63 -48.51
N HIS B 1653 94.83 25.24 -49.77
CA HIS B 1653 94.42 23.93 -50.26
C HIS B 1653 95.50 22.87 -50.16
N PHE B 1654 96.71 23.23 -49.70
CA PHE B 1654 97.78 22.23 -49.63
C PHE B 1654 97.58 21.25 -48.49
N LYS B 1655 96.87 21.66 -47.42
CA LYS B 1655 96.62 20.75 -46.31
C LYS B 1655 95.74 19.58 -46.71
N LYS B 1656 94.96 19.70 -47.80
CA LYS B 1656 94.14 18.61 -48.29
C LYS B 1656 94.92 17.68 -49.21
N MET B 1657 95.87 18.20 -49.97
CA MET B 1657 96.60 17.41 -50.96
C MET B 1657 97.84 16.73 -50.38
N PHE B 1658 98.60 17.44 -49.56
CA PHE B 1658 99.85 16.95 -49.01
C PHE B 1658 99.68 16.56 -47.55
N ALA B 1659 100.63 15.74 -47.06
CA ALA B 1659 100.52 15.21 -45.70
C ALA B 1659 100.85 16.28 -44.66
N GLY B 1660 101.89 17.07 -44.89
CA GLY B 1660 102.35 18.06 -43.94
C GLY B 1660 102.51 19.45 -44.52
N VAL B 1661 102.57 19.56 -45.84
CA VAL B 1661 102.83 20.85 -46.48
C VAL B 1661 101.61 21.75 -46.26
N SER B 1662 101.76 22.75 -45.40
CA SER B 1662 100.71 23.73 -45.18
C SER B 1662 100.80 24.91 -46.13
N SER B 1663 101.97 25.17 -46.71
CA SER B 1663 102.14 26.26 -47.66
C SER B 1663 103.44 26.02 -48.43
N ILE B 1664 103.69 26.88 -49.41
CA ILE B 1664 104.91 26.86 -50.20
C ILE B 1664 105.58 28.22 -50.06
N ILE B 1665 106.87 28.20 -49.72
CA ILE B 1665 107.66 29.42 -49.68
C ILE B 1665 107.98 29.82 -51.11
N LEU B 1666 107.80 31.10 -51.43
CA LEU B 1666 107.90 31.61 -52.78
C LEU B 1666 108.86 32.79 -52.83
N SER B 1667 109.43 33.00 -54.01
CA SER B 1667 110.21 34.21 -54.26
C SER B 1667 109.32 35.43 -54.09
N GLU B 1668 109.94 36.60 -53.93
CA GLU B 1668 109.18 37.82 -53.68
C GLU B 1668 108.21 38.13 -54.82
N ASP B 1669 108.57 37.77 -56.06
CA ASP B 1669 107.69 37.93 -57.21
C ASP B 1669 106.82 36.69 -57.48
N ASN B 1670 106.89 35.67 -56.62
CA ASN B 1670 106.04 34.49 -56.72
C ASN B 1670 106.24 33.75 -58.04
N SER B 1671 107.47 33.76 -58.57
CA SER B 1671 107.80 33.07 -59.81
C SER B 1671 108.59 31.78 -59.61
N VAL B 1672 109.16 31.57 -58.42
CA VAL B 1672 109.95 30.37 -58.12
C VAL B 1672 109.55 29.87 -56.74
N VAL B 1673 109.32 28.56 -56.63
CA VAL B 1673 109.02 27.93 -55.35
C VAL B 1673 110.33 27.50 -54.72
N LEU B 1674 110.60 27.97 -53.51
CA LEU B 1674 111.86 27.70 -52.84
C LEU B 1674 111.77 26.55 -51.83
N GLY B 1675 110.58 26.21 -51.36
CA GLY B 1675 110.48 25.13 -50.41
C GLY B 1675 109.05 24.93 -49.95
N ILE B 1676 108.91 24.21 -48.84
CA ILE B 1676 107.62 23.93 -48.23
C ILE B 1676 107.71 24.24 -46.75
N SER B 1677 106.54 24.41 -46.13
CA SER B 1677 106.44 24.71 -44.71
C SER B 1677 105.30 23.91 -44.10
N SER B 1678 105.43 23.61 -42.81
CA SER B 1678 104.42 22.84 -42.09
C SER B 1678 103.51 23.78 -41.31
N ARG B 1679 102.55 23.17 -40.58
CA ARG B 1679 101.70 23.95 -39.70
C ARG B 1679 102.51 24.56 -38.56
N GLU B 1680 103.48 23.82 -38.03
CA GLU B 1680 104.32 24.29 -36.93
C GLU B 1680 105.37 25.30 -37.36
N GLY B 1681 105.48 25.61 -38.64
CA GLY B 1681 106.49 26.51 -39.14
C GLY B 1681 107.78 25.87 -39.56
N GLU B 1682 107.94 24.55 -39.37
CA GLU B 1682 109.12 23.86 -39.84
C GLU B 1682 109.16 23.92 -41.37
N GLU B 1683 110.33 24.26 -41.92
CA GLU B 1683 110.49 24.49 -43.34
C GLU B 1683 111.50 23.51 -43.93
N VAL B 1684 111.22 23.05 -45.14
CA VAL B 1684 112.17 22.29 -45.95
C VAL B 1684 112.48 23.12 -47.18
N THR B 1685 113.74 23.54 -47.32
CA THR B 1685 114.18 24.34 -48.44
C THR B 1685 114.69 23.41 -49.53
N PHE B 1686 114.11 23.53 -50.73
CA PHE B 1686 114.49 22.65 -51.83
C PHE B 1686 115.94 22.88 -52.22
N LYS B 1687 116.65 21.78 -52.50
CA LYS B 1687 117.99 21.89 -53.03
C LYS B 1687 117.97 22.53 -54.42
N THR B 1688 116.98 22.18 -55.22
CA THR B 1688 116.77 22.75 -56.55
C THR B 1688 115.39 23.41 -56.60
N PRO B 1689 115.28 24.74 -56.64
CA PRO B 1689 113.93 25.35 -56.63
C PRO B 1689 113.16 25.01 -57.89
N VAL B 1690 111.83 24.97 -57.74
CA VAL B 1690 110.92 24.73 -58.85
C VAL B 1690 110.55 26.08 -59.46
N SER B 1691 110.87 26.26 -60.74
CA SER B 1691 110.64 27.52 -61.42
C SER B 1691 109.25 27.49 -62.06
N ILE B 1692 108.34 28.31 -61.53
CA ILE B 1692 106.98 28.36 -62.07
C ILE B 1692 107.00 28.95 -63.48
N THR B 1693 107.90 29.91 -63.72
CA THR B 1693 107.94 30.56 -65.03
C THR B 1693 108.28 29.56 -66.14
N GLU B 1694 109.19 28.64 -65.87
CA GLU B 1694 109.54 27.62 -66.86
C GLU B 1694 108.48 26.54 -66.98
N HIS B 1695 107.64 26.35 -65.96
CA HIS B 1695 106.60 25.32 -65.93
C HIS B 1695 105.29 25.97 -65.51
N PRO B 1696 104.72 26.82 -66.37
CA PRO B 1696 103.59 27.67 -65.94
C PRO B 1696 102.36 26.90 -65.49
N LYS B 1697 102.08 25.73 -66.07
CA LYS B 1697 100.87 24.99 -65.72
C LYS B 1697 100.92 24.57 -64.25
N ILE B 1698 99.76 24.63 -63.60
CA ILE B 1698 99.68 24.33 -62.17
C ILE B 1698 100.08 22.88 -61.91
N ASN B 1699 99.55 21.96 -62.70
CA ASN B 1699 99.84 20.55 -62.47
C ASN B 1699 101.32 20.26 -62.66
N GLU B 1700 101.96 20.89 -63.65
CA GLU B 1700 103.36 20.61 -63.92
C GLU B 1700 104.25 21.03 -62.75
N TRP B 1701 104.12 22.28 -62.29
CA TRP B 1701 105.00 22.72 -61.21
C TRP B 1701 104.58 22.15 -59.87
N LEU B 1702 103.31 21.74 -59.69
CA LEU B 1702 102.97 21.01 -58.47
C LEU B 1702 103.60 19.62 -58.46
N THR B 1703 103.61 18.94 -59.60
CA THR B 1703 104.30 17.65 -59.69
C THR B 1703 105.79 17.83 -59.43
N LEU B 1704 106.38 18.89 -59.99
CA LEU B 1704 107.79 19.17 -59.72
C LEU B 1704 108.02 19.49 -58.25
N VAL B 1705 107.08 20.16 -57.60
CA VAL B 1705 107.21 20.44 -56.17
C VAL B 1705 107.20 19.13 -55.37
N GLU B 1706 106.30 18.21 -55.73
CA GLU B 1706 106.29 16.92 -55.04
C GLU B 1706 107.60 16.17 -55.26
N LYS B 1707 108.08 16.15 -56.50
CA LYS B 1707 109.33 15.47 -56.82
C LYS B 1707 110.49 16.07 -56.05
N GLU B 1708 110.56 17.41 -55.99
CA GLU B 1708 111.67 18.05 -55.29
C GLU B 1708 111.54 17.91 -53.78
N MET B 1709 110.32 17.84 -53.26
CA MET B 1709 110.14 17.51 -51.85
C MET B 1709 110.76 16.16 -51.54
N ARG B 1710 110.43 15.14 -52.33
CA ARG B 1710 110.99 13.82 -52.08
C ARG B 1710 112.51 13.81 -52.25
N VAL B 1711 113.01 14.45 -53.31
CA VAL B 1711 114.44 14.44 -53.57
C VAL B 1711 115.21 15.14 -52.46
N THR B 1712 114.73 16.30 -52.02
CA THR B 1712 115.42 17.05 -50.98
C THR B 1712 115.31 16.37 -49.64
N LEU B 1713 114.17 15.74 -49.32
CA LEU B 1713 114.09 14.98 -48.08
C LEU B 1713 115.07 13.82 -48.08
N ALA B 1714 115.20 13.09 -49.18
CA ALA B 1714 116.20 12.03 -49.26
C ALA B 1714 117.63 12.57 -49.15
N LYS B 1715 117.94 13.65 -49.84
CA LYS B 1715 119.29 14.21 -49.81
C LYS B 1715 119.66 14.76 -48.44
N LEU B 1716 118.69 15.31 -47.71
CA LEU B 1716 118.94 15.75 -46.34
C LEU B 1716 119.01 14.59 -45.35
N LEU B 1717 118.22 13.53 -45.55
CA LEU B 1717 118.38 12.33 -44.74
C LEU B 1717 119.76 11.71 -44.92
N ALA B 1718 120.32 11.76 -46.13
CA ALA B 1718 121.68 11.26 -46.34
C ALA B 1718 122.68 12.00 -45.47
N GLU B 1719 122.65 13.33 -45.50
CA GLU B 1719 123.57 14.11 -44.69
C GLU B 1719 123.33 13.90 -43.20
N SER B 1720 122.06 13.80 -42.80
CA SER B 1720 121.75 13.58 -41.39
C SER B 1720 122.30 12.24 -40.90
N VAL B 1721 122.16 11.19 -41.70
CA VAL B 1721 122.71 9.89 -41.32
C VAL B 1721 124.23 9.96 -41.28
N THR B 1722 124.84 10.64 -42.26
CA THR B 1722 126.30 10.76 -42.28
C THR B 1722 126.80 11.49 -41.04
N GLU B 1723 126.06 12.49 -40.56
CA GLU B 1723 126.49 13.21 -39.37
C GLU B 1723 126.22 12.41 -38.10
N VAL B 1724 125.10 11.70 -38.03
CA VAL B 1724 124.77 10.98 -36.80
C VAL B 1724 125.58 9.68 -36.66
N GLU B 1725 126.17 9.18 -37.75
CA GLU B 1725 127.07 8.04 -37.63
C GLU B 1725 128.22 8.33 -36.68
N ILE B 1726 128.68 9.60 -36.62
CA ILE B 1726 129.75 9.96 -35.70
C ILE B 1726 129.28 9.78 -34.26
N PHE B 1727 128.07 10.22 -33.94
CA PHE B 1727 127.56 10.04 -32.59
C PHE B 1727 127.30 8.56 -32.30
N GLY B 1728 126.98 7.78 -33.32
CA GLY B 1728 126.74 6.35 -33.10
C GLY B 1728 127.98 5.62 -32.64
N LYS B 1729 129.15 6.02 -33.15
CA LYS B 1729 130.41 5.35 -32.87
C LYS B 1729 131.24 6.03 -31.78
N ALA B 1730 130.69 7.04 -31.10
CA ALA B 1730 131.42 7.83 -30.13
C ALA B 1730 131.08 7.39 -28.72
N THR B 1731 132.10 7.37 -27.85
CA THR B 1731 131.88 7.00 -26.46
C THR B 1731 131.17 8.11 -25.69
N SER B 1732 131.41 9.37 -26.05
CA SER B 1732 130.78 10.52 -25.42
C SER B 1732 130.27 11.44 -26.52
N ILE B 1733 129.13 12.08 -26.25
CA ILE B 1733 128.47 12.99 -27.19
C ILE B 1733 128.53 14.38 -26.62
N ASP B 1734 129.08 15.32 -27.37
CA ASP B 1734 129.10 16.71 -26.95
C ASP B 1734 127.68 17.27 -27.05
N PRO B 1735 127.07 17.78 -25.98
CA PRO B 1735 125.68 18.25 -26.11
C PRO B 1735 125.48 19.36 -27.13
N ASN B 1736 126.47 20.26 -27.26
CA ASN B 1736 126.32 21.37 -28.20
C ASN B 1736 126.22 20.87 -29.63
N THR B 1737 127.10 19.92 -30.01
CA THR B 1737 127.05 19.39 -31.38
C THR B 1737 125.76 18.64 -31.63
N TYR B 1738 125.28 17.88 -30.65
CA TYR B 1738 124.04 17.14 -30.82
C TYR B 1738 122.86 18.09 -30.99
N ILE B 1739 122.81 19.16 -30.21
CA ILE B 1739 121.72 20.12 -30.34
C ILE B 1739 121.82 20.85 -31.68
N THR B 1740 123.03 21.14 -32.13
CA THR B 1740 123.20 21.76 -33.44
C THR B 1740 122.70 20.84 -34.55
N TRP B 1741 123.00 19.55 -34.45
CA TRP B 1741 122.51 18.59 -35.42
C TRP B 1741 120.98 18.50 -35.38
N ILE B 1742 120.39 18.53 -34.19
CA ILE B 1742 118.93 18.49 -34.08
C ILE B 1742 118.32 19.72 -34.74
N ASP B 1743 118.92 20.89 -34.50
CA ASP B 1743 118.38 22.12 -35.09
C ASP B 1743 118.52 22.11 -36.60
N LYS B 1744 119.63 21.56 -37.12
CA LYS B 1744 119.93 21.68 -38.54
C LYS B 1744 118.94 20.91 -39.40
N TYR B 1745 118.28 19.88 -38.85
CA TYR B 1745 117.48 18.95 -39.64
C TYR B 1745 116.08 18.80 -39.03
N GLN B 1746 115.16 18.37 -39.88
CA GLN B 1746 113.75 18.28 -39.52
C GLN B 1746 113.52 17.15 -38.53
N ALA B 1747 112.36 17.19 -37.87
CA ALA B 1747 112.04 16.16 -36.87
C ALA B 1747 111.94 14.79 -37.51
N GLN B 1748 111.30 14.71 -38.66
CA GLN B 1748 111.15 13.43 -39.36
C GLN B 1748 112.51 12.85 -39.71
N LEU B 1749 113.37 13.65 -40.35
CA LEU B 1749 114.70 13.18 -40.70
C LEU B 1749 115.55 12.91 -39.46
N VAL B 1750 115.34 13.65 -38.38
CA VAL B 1750 116.10 13.40 -37.16
C VAL B 1750 115.78 12.01 -36.61
N VAL B 1751 114.48 11.70 -36.50
CA VAL B 1751 114.10 10.39 -35.95
C VAL B 1751 114.52 9.28 -36.91
N LEU B 1752 114.39 9.52 -38.22
CA LEU B 1752 114.82 8.50 -39.18
C LEU B 1752 116.32 8.27 -39.11
N SER B 1753 117.09 9.33 -38.93
CA SER B 1753 118.54 9.17 -38.83
C SER B 1753 118.92 8.40 -37.57
N ALA B 1754 118.25 8.70 -36.45
CA ALA B 1754 118.51 7.94 -35.23
C ALA B 1754 118.18 6.46 -35.42
N GLN B 1755 117.03 6.17 -36.03
CA GLN B 1755 116.63 4.79 -36.25
C GLN B 1755 117.57 4.07 -37.19
N ILE B 1756 117.98 4.75 -38.27
CA ILE B 1756 118.90 4.13 -39.23
C ILE B 1756 120.24 3.83 -38.57
N ALA B 1757 120.75 4.78 -37.78
CA ALA B 1757 122.03 4.56 -37.11
C ALA B 1757 121.95 3.39 -36.14
N TRP B 1758 120.87 3.34 -35.34
CA TRP B 1758 120.75 2.24 -34.39
C TRP B 1758 120.63 0.90 -35.10
N SER B 1759 119.83 0.85 -36.17
CA SER B 1759 119.67 -0.41 -36.89
C SER B 1759 120.97 -0.87 -37.53
N GLU B 1760 121.70 0.06 -38.16
CA GLU B 1760 122.96 -0.33 -38.79
C GLU B 1760 124.00 -0.74 -37.75
N ASN B 1761 124.04 -0.03 -36.61
CA ASN B 1761 124.98 -0.41 -35.57
C ASN B 1761 124.68 -1.79 -35.01
N VAL B 1762 123.39 -2.08 -34.77
CA VAL B 1762 123.03 -3.39 -34.25
C VAL B 1762 123.31 -4.47 -35.28
N GLU B 1763 123.07 -4.17 -36.56
CA GLU B 1763 123.36 -5.15 -37.61
C GLU B 1763 124.85 -5.46 -37.67
N ALA B 1764 125.69 -4.42 -37.62
CA ALA B 1764 127.14 -4.63 -37.63
C ALA B 1764 127.59 -5.39 -36.39
N ALA B 1765 127.00 -5.07 -35.23
CA ALA B 1765 127.32 -5.79 -34.01
C ALA B 1765 127.01 -7.28 -34.15
N LEU B 1766 125.78 -7.61 -34.57
CA LEU B 1766 125.37 -9.00 -34.67
C LEU B 1766 126.18 -9.73 -35.73
N SER B 1767 126.58 -9.05 -36.80
CA SER B 1767 127.49 -9.67 -37.76
C SER B 1767 128.85 -9.94 -37.12
N SER B 1768 129.34 -9.01 -36.28
CA SER B 1768 130.67 -9.17 -35.71
C SER B 1768 130.72 -10.28 -34.67
N ILE B 1769 129.66 -10.46 -33.88
CA ILE B 1769 129.68 -11.52 -32.88
C ILE B 1769 129.75 -12.89 -33.54
N GLY B 1770 128.84 -13.17 -34.47
CA GLY B 1770 129.01 -14.25 -35.43
C GLY B 1770 129.25 -15.63 -34.86
N GLY B 1771 128.45 -16.03 -33.88
CA GLY B 1771 128.54 -17.38 -33.35
C GLY B 1771 129.57 -17.58 -32.27
N SER B 1772 130.39 -16.57 -31.96
CA SER B 1772 131.37 -16.69 -30.90
C SER B 1772 130.84 -16.46 -29.50
N GLY B 1773 129.63 -15.91 -29.37
CA GLY B 1773 129.05 -15.66 -28.07
C GLY B 1773 129.58 -14.43 -27.36
N ASP B 1774 130.37 -13.60 -28.03
CA ASP B 1774 130.93 -12.40 -27.40
C ASP B 1774 129.91 -11.28 -27.52
N SER B 1775 129.41 -10.81 -26.38
CA SER B 1775 128.34 -9.84 -26.32
C SER B 1775 128.84 -8.40 -26.20
N ALA B 1776 130.15 -8.17 -26.33
CA ALA B 1776 130.68 -6.82 -26.18
C ALA B 1776 130.11 -5.81 -27.18
N PRO B 1777 129.95 -6.10 -28.48
CA PRO B 1777 129.41 -5.07 -29.39
C PRO B 1777 128.01 -4.61 -29.02
N LEU B 1778 127.11 -5.51 -28.63
CA LEU B 1778 125.78 -5.08 -28.22
C LEU B 1778 125.84 -4.27 -26.93
N GLN B 1779 126.75 -4.61 -26.02
CA GLN B 1779 126.93 -3.79 -24.84
C GLN B 1779 127.42 -2.39 -25.22
N SER B 1780 128.29 -2.29 -26.21
CA SER B 1780 128.72 -0.98 -26.69
C SER B 1780 127.55 -0.19 -27.28
N VAL B 1781 126.70 -0.87 -28.04
CA VAL B 1781 125.53 -0.20 -28.62
C VAL B 1781 124.62 0.33 -27.51
N LEU B 1782 124.37 -0.50 -26.49
CA LEU B 1782 123.53 -0.08 -25.38
C LEU B 1782 124.16 1.08 -24.62
N SER B 1783 125.50 1.05 -24.46
CA SER B 1783 126.18 2.15 -23.80
C SER B 1783 126.02 3.45 -24.56
N ASN B 1784 126.16 3.40 -25.90
CA ASN B 1784 125.99 4.60 -26.70
C ASN B 1784 124.55 5.12 -26.62
N VAL B 1785 123.58 4.21 -26.66
CA VAL B 1785 122.18 4.62 -26.57
C VAL B 1785 121.92 5.28 -25.21
N GLU B 1786 122.46 4.71 -24.14
CA GLU B 1786 122.25 5.29 -22.81
C GLU B 1786 122.94 6.63 -22.68
N VAL B 1787 124.11 6.79 -23.28
CA VAL B 1787 124.79 8.10 -23.26
C VAL B 1787 123.94 9.14 -23.98
N THR B 1788 123.40 8.78 -25.14
CA THR B 1788 122.54 9.70 -25.86
C THR B 1788 121.29 10.03 -25.06
N LEU B 1789 120.73 9.03 -24.37
CA LEU B 1789 119.55 9.27 -23.54
C LEU B 1789 119.88 10.24 -22.39
N ASN B 1790 121.04 10.07 -21.77
CA ASN B 1790 121.43 10.99 -20.70
C ASN B 1790 121.60 12.41 -21.24
N VAL B 1791 122.23 12.55 -22.41
CA VAL B 1791 122.40 13.88 -23.00
C VAL B 1791 121.03 14.51 -23.29
N LEU B 1792 120.11 13.73 -23.86
CA LEU B 1792 118.79 14.28 -24.18
C LEU B 1792 118.02 14.62 -22.91
N ALA B 1793 118.13 13.80 -21.87
CA ALA B 1793 117.44 14.08 -20.61
C ALA B 1793 117.98 15.35 -19.97
N ASP B 1794 119.29 15.57 -20.05
CA ASP B 1794 119.84 16.83 -19.56
C ASP B 1794 119.38 18.01 -20.40
N SER B 1795 119.30 17.83 -21.73
CA SER B 1795 118.95 18.95 -22.60
C SER B 1795 117.48 19.33 -22.51
N VAL B 1796 116.61 18.36 -22.23
CA VAL B 1796 115.18 18.65 -22.23
C VAL B 1796 114.74 19.38 -20.96
N LEU B 1797 115.47 19.23 -19.86
CA LEU B 1797 115.17 20.01 -18.66
C LEU B 1797 115.45 21.49 -18.86
N MET B 1798 116.40 21.83 -19.73
CA MET B 1798 116.67 23.22 -20.04
C MET B 1798 115.48 23.84 -20.77
N GLU B 1799 115.50 25.16 -20.88
CA GLU B 1799 114.51 25.87 -21.68
C GLU B 1799 114.92 25.85 -23.14
N GLN B 1800 114.03 25.36 -23.99
CA GLN B 1800 114.28 25.13 -25.40
C GLN B 1800 113.20 25.82 -26.23
N PRO B 1801 113.46 26.11 -27.50
CA PRO B 1801 112.38 26.54 -28.38
C PRO B 1801 111.37 25.42 -28.56
N PRO B 1802 110.13 25.74 -28.94
CA PRO B 1802 109.11 24.68 -29.03
C PRO B 1802 109.43 23.60 -30.04
N LEU B 1803 109.92 23.98 -31.22
CA LEU B 1803 110.24 22.99 -32.26
C LEU B 1803 111.37 22.08 -31.81
N ARG B 1804 112.44 22.66 -31.24
CA ARG B 1804 113.53 21.83 -30.74
C ARG B 1804 113.07 20.96 -29.58
N ARG B 1805 112.14 21.47 -28.76
CA ARG B 1805 111.61 20.63 -27.68
C ARG B 1805 110.85 19.44 -28.23
N ARG B 1806 110.07 19.64 -29.30
CA ARG B 1806 109.38 18.52 -29.92
C ARG B 1806 110.37 17.52 -30.51
N LYS B 1807 111.43 18.02 -31.15
CA LYS B 1807 112.45 17.13 -31.69
C LYS B 1807 113.11 16.31 -30.58
N LEU B 1808 113.45 16.96 -29.46
CA LEU B 1808 114.06 16.25 -28.35
C LEU B 1808 113.11 15.21 -27.78
N GLU B 1809 111.82 15.55 -27.66
CA GLU B 1809 110.85 14.60 -27.15
C GLU B 1809 110.73 13.38 -28.06
N HIS B 1810 110.69 13.62 -29.37
CA HIS B 1810 110.64 12.51 -30.32
C HIS B 1810 111.88 11.63 -30.22
N LEU B 1811 113.06 12.26 -30.12
CA LEU B 1811 114.30 11.49 -30.01
C LEU B 1811 114.32 10.66 -28.74
N ILE B 1812 113.85 11.22 -27.62
CA ILE B 1812 113.81 10.46 -26.38
C ILE B 1812 112.84 9.29 -26.49
N THR B 1813 111.67 9.53 -27.09
CA THR B 1813 110.68 8.46 -27.23
C THR B 1813 111.22 7.33 -28.11
N GLU B 1814 112.00 7.68 -29.12
CA GLU B 1814 112.59 6.63 -29.97
C GLU B 1814 113.73 5.92 -29.27
N LEU B 1815 114.57 6.65 -28.55
CA LEU B 1815 115.76 6.04 -27.95
C LEU B 1815 115.41 5.19 -26.74
N VAL B 1816 114.29 5.49 -26.06
CA VAL B 1816 113.86 4.59 -24.99
C VAL B 1816 113.49 3.23 -25.57
N HIS B 1817 112.76 3.23 -26.69
CA HIS B 1817 112.41 1.98 -27.34
C HIS B 1817 113.66 1.26 -27.85
N GLN B 1818 114.62 2.01 -28.40
CA GLN B 1818 115.86 1.40 -28.86
C GLN B 1818 116.62 0.76 -27.71
N ARG B 1819 116.68 1.45 -26.57
CA ARG B 1819 117.33 0.89 -25.38
C ARG B 1819 116.64 -0.39 -24.94
N ASP B 1820 115.31 -0.38 -24.93
CA ASP B 1820 114.57 -1.58 -24.52
C ASP B 1820 114.84 -2.74 -25.47
N VAL B 1821 114.86 -2.48 -26.78
CA VAL B 1821 115.09 -3.54 -27.75
C VAL B 1821 116.52 -4.09 -27.61
N THR B 1822 117.50 -3.22 -27.43
CA THR B 1822 118.87 -3.69 -27.28
C THR B 1822 119.03 -4.49 -25.98
N ARG B 1823 118.38 -4.06 -24.90
CA ARG B 1823 118.42 -4.82 -23.67
C ARG B 1823 117.77 -6.19 -23.85
N SER B 1824 116.66 -6.25 -24.58
CA SER B 1824 116.02 -7.54 -24.86
C SER B 1824 116.95 -8.44 -25.66
N LEU B 1825 117.62 -7.89 -26.67
CA LEU B 1825 118.54 -8.68 -27.47
C LEU B 1825 119.69 -9.22 -26.62
N ILE B 1826 120.24 -8.38 -25.73
CA ILE B 1826 121.33 -8.83 -24.88
C ILE B 1826 120.84 -9.92 -23.93
N LYS B 1827 119.65 -9.75 -23.36
CA LYS B 1827 119.11 -10.74 -22.43
C LYS B 1827 118.86 -12.07 -23.13
N SER B 1828 118.33 -12.03 -24.35
CA SER B 1828 118.05 -13.25 -25.10
C SER B 1828 119.30 -13.89 -25.70
N LYS B 1829 120.45 -13.23 -25.62
CA LYS B 1829 121.71 -13.75 -26.17
C LYS B 1829 121.58 -14.04 -27.66
N ILE B 1830 120.99 -13.10 -28.39
CA ILE B 1830 120.90 -13.21 -29.84
C ILE B 1830 122.29 -13.06 -30.42
N ASP B 1831 122.66 -13.97 -31.32
CA ASP B 1831 124.02 -14.08 -31.83
C ASP B 1831 124.08 -14.23 -33.34
N ASN B 1832 123.00 -13.93 -34.06
CA ASN B 1832 123.01 -13.99 -35.51
C ASN B 1832 121.99 -12.98 -36.03
N ALA B 1833 122.39 -12.25 -37.09
CA ALA B 1833 121.53 -11.22 -37.63
C ALA B 1833 120.24 -11.76 -38.22
N LYS B 1834 120.21 -13.04 -38.58
CA LYS B 1834 119.04 -13.66 -39.18
C LYS B 1834 118.16 -14.38 -38.16
N SER B 1835 118.46 -14.25 -36.87
CA SER B 1835 117.56 -14.76 -35.85
C SER B 1835 116.26 -13.95 -35.85
N PHE B 1836 115.17 -14.62 -35.51
CA PHE B 1836 113.86 -13.95 -35.60
C PHE B 1836 113.71 -12.84 -34.57
N GLU B 1837 114.38 -12.96 -33.43
CA GLU B 1837 114.26 -11.92 -32.40
C GLU B 1837 114.76 -10.57 -32.90
N TRP B 1838 115.69 -10.57 -33.85
CA TRP B 1838 116.14 -9.35 -34.49
C TRP B 1838 115.33 -9.02 -35.73
N LEU B 1839 114.89 -10.04 -36.48
CA LEU B 1839 114.09 -9.77 -37.68
C LEU B 1839 112.70 -9.27 -37.33
N SER B 1840 112.13 -9.72 -36.21
CA SER B 1840 110.81 -9.28 -35.81
C SER B 1840 110.79 -7.83 -35.36
N GLN B 1841 111.94 -7.23 -35.07
CA GLN B 1841 112.04 -5.81 -34.77
C GLN B 1841 112.22 -5.04 -36.07
N MET B 1842 111.52 -3.92 -36.18
CA MET B 1842 111.61 -3.11 -37.40
C MET B 1842 113.02 -2.61 -37.59
N ARG B 1843 113.50 -2.68 -38.83
CA ARG B 1843 114.88 -2.38 -39.18
C ARG B 1843 114.93 -1.44 -40.37
N PHE B 1844 115.97 -0.61 -40.41
CA PHE B 1844 116.12 0.43 -41.41
C PHE B 1844 117.45 0.20 -42.13
N TYR B 1845 117.41 0.16 -43.46
CA TYR B 1845 118.59 -0.06 -44.28
C TYR B 1845 118.68 1.07 -45.29
N PHE B 1846 119.64 1.98 -45.07
CA PHE B 1846 119.84 3.13 -45.94
C PHE B 1846 120.98 2.83 -46.90
N ASP B 1847 120.71 2.97 -48.19
CA ASP B 1847 121.70 2.75 -49.26
C ASP B 1847 121.85 4.05 -50.02
N PRO B 1848 122.78 4.93 -49.63
CA PRO B 1848 122.93 6.21 -50.34
C PRO B 1848 123.30 6.04 -51.81
N LYS B 1849 123.91 4.92 -52.18
CA LYS B 1849 124.41 4.74 -53.54
C LYS B 1849 123.30 4.56 -54.56
N GLN B 1850 122.08 4.22 -54.12
CA GLN B 1850 120.97 4.06 -55.06
C GLN B 1850 120.68 5.38 -55.75
N THR B 1851 120.57 5.33 -57.08
CA THR B 1851 120.32 6.56 -57.85
C THR B 1851 118.89 7.06 -57.65
N ASP B 1852 117.92 6.16 -57.72
CA ASP B 1852 116.54 6.53 -57.45
C ASP B 1852 116.39 6.90 -55.98
N VAL B 1853 115.51 7.88 -55.72
CA VAL B 1853 115.37 8.48 -54.39
C VAL B 1853 114.15 7.95 -53.65
N LEU B 1854 113.45 6.96 -54.21
CA LEU B 1854 112.33 6.30 -53.54
C LEU B 1854 112.63 4.85 -53.18
N GLN B 1855 113.86 4.39 -53.39
CA GLN B 1855 114.28 3.05 -52.99
C GLN B 1855 115.64 3.10 -52.30
N GLN B 1856 115.88 4.17 -51.55
CA GLN B 1856 117.13 4.33 -50.79
C GLN B 1856 117.00 3.78 -49.38
N LEU B 1857 116.04 4.27 -48.62
CA LEU B 1857 115.73 3.72 -47.31
C LEU B 1857 114.74 2.58 -47.47
N SER B 1858 115.10 1.41 -46.94
CA SER B 1858 114.24 0.23 -46.95
C SER B 1858 113.91 -0.12 -45.51
N ILE B 1859 112.62 -0.22 -45.20
CA ILE B 1859 112.14 -0.53 -43.87
C ILE B 1859 111.62 -1.96 -43.88
N GLN B 1860 112.19 -2.80 -43.04
CA GLN B 1860 111.92 -4.23 -43.06
C GLN B 1860 111.40 -4.68 -41.70
N MET B 1861 110.44 -5.59 -41.72
CA MET B 1861 109.90 -6.18 -40.50
C MET B 1861 109.44 -7.59 -40.84
N ALA B 1862 110.19 -8.59 -40.36
CA ALA B 1862 109.92 -10.01 -40.62
C ALA B 1862 109.92 -10.22 -42.12
N ASN B 1863 108.82 -10.65 -42.74
CA ASN B 1863 108.81 -10.79 -44.20
C ASN B 1863 108.81 -9.44 -44.88
N ALA B 1864 108.04 -8.49 -44.35
CA ALA B 1864 107.69 -7.30 -45.11
C ALA B 1864 108.92 -6.43 -45.37
N LYS B 1865 109.04 -5.94 -46.60
CA LYS B 1865 110.18 -5.14 -47.07
C LYS B 1865 109.62 -3.92 -47.81
N PHE B 1866 109.29 -2.88 -47.06
CA PHE B 1866 108.75 -1.65 -47.63
C PHE B 1866 109.88 -0.70 -48.01
N ASN B 1867 109.55 0.29 -48.82
CA ASN B 1867 110.42 1.43 -49.12
C ASN B 1867 109.81 2.69 -48.53
N TYR B 1868 110.68 3.60 -48.10
CA TYR B 1868 110.23 4.84 -47.49
C TYR B 1868 109.82 5.82 -48.58
N GLY B 1869 108.52 6.11 -48.67
CA GLY B 1869 108.05 7.19 -49.52
C GLY B 1869 108.32 8.52 -48.86
N PHE B 1870 109.17 9.34 -49.47
CA PHE B 1870 109.68 10.54 -48.82
C PHE B 1870 108.65 11.67 -48.91
N GLU B 1871 107.52 11.45 -48.23
CA GLU B 1871 106.46 12.43 -48.12
C GLU B 1871 106.64 13.22 -46.85
N TYR B 1872 106.68 14.54 -46.95
CA TYR B 1872 106.91 15.39 -45.80
C TYR B 1872 105.71 15.33 -44.86
N LEU B 1873 105.95 14.99 -43.60
CA LEU B 1873 104.92 14.81 -42.60
C LEU B 1873 104.92 15.89 -41.51
N GLY B 1874 105.86 16.83 -41.56
CA GLY B 1874 105.91 17.82 -40.52
C GLY B 1874 106.34 17.22 -39.19
N VAL B 1875 106.05 17.97 -38.12
CA VAL B 1875 106.38 17.53 -36.77
C VAL B 1875 105.15 16.80 -36.25
N GLN B 1876 105.07 15.50 -36.55
CA GLN B 1876 103.95 14.67 -36.13
C GLN B 1876 104.13 14.23 -34.68
N ASP B 1877 103.02 13.81 -34.08
CA ASP B 1877 103.04 13.30 -32.71
C ASP B 1877 103.48 11.84 -32.75
N LYS B 1878 104.64 11.55 -32.17
CA LYS B 1878 105.15 10.18 -32.14
C LYS B 1878 104.38 9.35 -31.11
N LEU B 1879 104.47 8.03 -31.27
CA LEU B 1879 103.76 7.07 -30.46
C LEU B 1879 104.76 6.29 -29.61
N VAL B 1880 104.45 6.12 -28.33
CA VAL B 1880 105.29 5.32 -27.45
C VAL B 1880 105.16 3.86 -27.89
N GLN B 1881 106.25 3.27 -28.38
CA GLN B 1881 106.19 1.93 -28.96
C GLN B 1881 106.03 0.91 -27.84
N THR B 1882 104.79 0.75 -27.41
CA THR B 1882 104.45 -0.28 -26.45
C THR B 1882 104.50 -1.66 -27.10
N PRO B 1883 104.54 -2.74 -26.32
CA PRO B 1883 104.43 -4.07 -26.93
C PRO B 1883 103.15 -4.27 -27.72
N LEU B 1884 102.05 -3.63 -27.30
CA LEU B 1884 100.82 -3.73 -28.08
C LEU B 1884 100.95 -3.03 -29.43
N THR B 1885 101.57 -1.85 -29.45
CA THR B 1885 101.81 -1.19 -30.73
C THR B 1885 102.84 -1.95 -31.56
N ASP B 1886 103.79 -2.61 -30.92
CA ASP B 1886 104.72 -3.45 -31.67
C ASP B 1886 103.99 -4.63 -32.31
N ARG B 1887 103.07 -5.25 -31.57
CA ARG B 1887 102.24 -6.30 -32.16
C ARG B 1887 101.42 -5.75 -33.31
N CYS B 1888 100.85 -4.56 -33.14
CA CYS B 1888 100.07 -3.95 -34.21
C CYS B 1888 100.91 -3.76 -35.45
N TYR B 1889 102.13 -3.22 -35.28
CA TYR B 1889 103.03 -3.01 -36.40
C TYR B 1889 103.36 -4.34 -37.08
N LEU B 1890 103.67 -5.36 -36.29
CA LEU B 1890 104.03 -6.66 -36.85
C LEU B 1890 102.90 -7.25 -37.67
N THR B 1891 101.70 -7.32 -37.08
CA THR B 1891 100.56 -7.90 -37.79
C THR B 1891 100.20 -7.08 -39.01
N MET B 1892 100.27 -5.75 -38.90
CA MET B 1892 99.79 -4.90 -39.98
C MET B 1892 100.76 -4.97 -41.16
N THR B 1893 102.06 -5.01 -40.87
CA THR B 1893 103.05 -5.20 -41.93
C THR B 1893 102.96 -6.59 -42.53
N GLN B 1894 102.62 -7.60 -41.73
CA GLN B 1894 102.39 -8.93 -42.29
C GLN B 1894 101.21 -8.92 -43.24
N ALA B 1895 100.12 -8.25 -42.85
CA ALA B 1895 98.96 -8.16 -43.73
C ALA B 1895 99.29 -7.40 -45.00
N LEU B 1896 100.06 -6.31 -44.89
CA LEU B 1896 100.45 -5.57 -46.09
C LEU B 1896 101.33 -6.40 -47.00
N GLU B 1897 102.24 -7.21 -46.42
CA GLU B 1897 103.08 -8.08 -47.23
C GLU B 1897 102.24 -9.13 -47.95
N ALA B 1898 101.19 -9.62 -47.30
CA ALA B 1898 100.25 -10.55 -47.90
C ALA B 1898 99.17 -9.85 -48.73
N ARG B 1899 99.23 -8.54 -48.88
CA ARG B 1899 98.28 -7.72 -49.63
C ARG B 1899 96.88 -7.72 -49.03
N LEU B 1900 96.73 -8.19 -47.79
CA LEU B 1900 95.44 -8.13 -47.12
C LEU B 1900 95.25 -6.74 -46.48
N GLY B 1901 94.00 -6.46 -46.09
CA GLY B 1901 93.71 -5.24 -45.37
C GLY B 1901 93.88 -5.42 -43.87
N GLY B 1902 93.87 -4.29 -43.17
CA GLY B 1902 94.08 -4.25 -41.73
C GLY B 1902 92.81 -3.87 -41.00
N SER B 1903 92.56 -4.53 -39.86
CA SER B 1903 91.39 -4.24 -39.03
C SER B 1903 91.76 -4.30 -37.55
N PRO B 1904 92.35 -3.24 -37.02
CA PRO B 1904 92.52 -3.16 -35.57
C PRO B 1904 91.21 -2.82 -34.87
N PHE B 1905 90.60 -3.80 -34.20
CA PHE B 1905 89.32 -3.64 -33.52
C PHE B 1905 89.52 -3.66 -32.01
N GLY B 1906 88.74 -2.84 -31.31
CA GLY B 1906 88.78 -2.78 -29.88
C GLY B 1906 87.89 -1.69 -29.33
N PRO B 1907 87.86 -1.52 -28.00
CA PRO B 1907 87.08 -0.43 -27.41
C PRO B 1907 87.61 0.93 -27.85
N ALA B 1908 86.83 1.96 -27.54
CA ALA B 1908 87.19 3.32 -27.94
C ALA B 1908 88.40 3.81 -27.15
N GLY B 1909 89.20 4.63 -27.81
CA GLY B 1909 90.35 5.25 -27.17
C GLY B 1909 91.44 4.29 -26.76
N THR B 1910 91.78 3.33 -27.63
CA THR B 1910 92.84 2.36 -27.38
C THR B 1910 93.99 2.50 -28.37
N GLY B 1911 94.09 3.63 -29.07
CA GLY B 1911 95.21 3.89 -29.96
C GLY B 1911 95.12 3.26 -31.32
N LYS B 1912 93.95 2.75 -31.72
CA LYS B 1912 93.85 2.00 -32.97
C LYS B 1912 94.18 2.88 -34.17
N THR B 1913 93.38 3.92 -34.41
CA THR B 1913 93.62 4.77 -35.56
C THR B 1913 94.95 5.51 -35.42
N GLU B 1914 95.30 5.91 -34.20
CA GLU B 1914 96.59 6.58 -34.01
C GLU B 1914 97.75 5.62 -34.26
N SER B 1915 97.61 4.35 -33.88
CA SER B 1915 98.66 3.38 -34.17
C SER B 1915 98.79 3.15 -35.68
N VAL B 1916 97.67 3.07 -36.39
CA VAL B 1916 97.73 2.92 -37.84
C VAL B 1916 98.38 4.14 -38.47
N LYS B 1917 98.04 5.34 -37.99
CA LYS B 1917 98.66 6.55 -38.48
C LYS B 1917 100.16 6.55 -38.23
N ALA B 1918 100.57 6.12 -37.03
CA ALA B 1918 101.98 6.07 -36.71
C ALA B 1918 102.73 5.08 -37.60
N LEU B 1919 102.11 3.92 -37.85
CA LEU B 1919 102.74 2.94 -38.74
C LEU B 1919 102.88 3.52 -40.15
N GLY B 1920 101.85 4.19 -40.64
CA GLY B 1920 101.94 4.78 -41.98
C GLY B 1920 102.98 5.88 -42.05
N HIS B 1921 103.10 6.67 -40.99
CA HIS B 1921 104.08 7.75 -40.98
C HIS B 1921 105.50 7.23 -40.80
N GLN B 1922 105.66 6.09 -40.12
CA GLN B 1922 106.98 5.48 -39.99
C GLN B 1922 107.54 5.09 -41.33
N LEU B 1923 106.69 4.59 -42.22
CA LEU B 1923 107.07 4.26 -43.59
C LEU B 1923 106.98 5.44 -44.53
N GLY B 1924 106.60 6.62 -44.05
CA GLY B 1924 106.58 7.81 -44.87
C GLY B 1924 105.39 7.93 -45.80
N ARG B 1925 104.40 7.05 -45.68
CA ARG B 1925 103.25 7.05 -46.58
C ARG B 1925 102.15 7.95 -46.04
N PHE B 1926 101.56 8.74 -46.95
CA PHE B 1926 100.49 9.66 -46.61
C PHE B 1926 99.30 8.87 -46.07
N VAL B 1927 98.96 9.12 -44.81
CA VAL B 1927 97.77 8.54 -44.18
C VAL B 1927 96.65 9.57 -44.25
N LEU B 1928 95.41 9.10 -44.40
CA LEU B 1928 94.23 9.95 -44.50
C LEU B 1928 93.12 9.31 -43.68
N VAL B 1929 92.98 9.76 -42.44
CA VAL B 1929 91.95 9.21 -41.56
C VAL B 1929 90.59 9.76 -41.96
N PHE B 1930 89.62 8.87 -42.13
CA PHE B 1930 88.24 9.22 -42.46
C PHE B 1930 87.38 8.97 -41.24
N ASN B 1931 86.88 10.04 -40.64
CA ASN B 1931 85.94 9.89 -39.54
C ASN B 1931 84.62 9.33 -40.03
N CYS B 1932 83.92 8.63 -39.15
CA CYS B 1932 82.67 7.93 -39.47
C CYS B 1932 81.60 8.25 -38.43
N ASP B 1933 81.47 9.54 -38.09
CA ASP B 1933 80.47 10.01 -37.13
C ASP B 1933 79.87 11.30 -37.67
N GLU B 1934 78.80 11.15 -38.46
CA GLU B 1934 77.98 12.25 -38.97
C GLU B 1934 78.80 13.35 -39.65
N THR B 1935 79.96 12.99 -40.20
CA THR B 1935 80.76 13.88 -41.02
C THR B 1935 81.36 13.12 -42.21
N PHE B 1936 80.69 12.04 -42.62
CA PHE B 1936 81.24 11.10 -43.58
C PHE B 1936 80.86 11.57 -44.99
N ASP B 1937 81.72 12.39 -45.59
CA ASP B 1937 81.44 12.97 -46.90
C ASP B 1937 81.50 11.86 -47.94
N PHE B 1938 80.34 11.30 -48.30
CA PHE B 1938 80.32 10.23 -49.28
C PHE B 1938 80.69 10.72 -50.67
N GLN B 1939 80.22 11.89 -51.07
CA GLN B 1939 80.32 12.28 -52.47
C GLN B 1939 81.77 12.47 -52.91
N ALA B 1940 82.69 12.64 -51.97
CA ALA B 1940 84.12 12.64 -52.24
C ALA B 1940 84.76 11.27 -52.04
N MET B 1941 84.02 10.29 -51.53
CA MET B 1941 84.67 9.06 -51.07
C MET B 1941 85.18 8.24 -52.24
N GLY B 1942 84.41 8.16 -53.32
CA GLY B 1942 84.94 7.55 -54.54
C GLY B 1942 86.12 8.30 -55.08
N ARG B 1943 86.04 9.64 -55.10
CA ARG B 1943 87.16 10.46 -55.54
C ARG B 1943 88.36 10.24 -54.64
N ILE B 1944 88.13 10.16 -53.33
CA ILE B 1944 89.25 9.95 -52.40
C ILE B 1944 89.87 8.58 -52.63
N PHE B 1945 89.05 7.56 -52.88
CA PHE B 1945 89.59 6.23 -53.14
C PHE B 1945 90.43 6.22 -54.41
N VAL B 1946 89.96 6.89 -55.46
CA VAL B 1946 90.75 6.97 -56.69
C VAL B 1946 92.07 7.70 -56.43
N GLY B 1947 92.01 8.76 -55.62
CA GLY B 1947 93.24 9.47 -55.29
C GLY B 1947 94.23 8.61 -54.52
N LEU B 1948 93.74 7.85 -53.54
CA LEU B 1948 94.60 6.94 -52.79
C LEU B 1948 95.21 5.90 -53.72
N CYS B 1949 94.41 5.35 -54.63
CA CYS B 1949 94.93 4.34 -55.53
C CYS B 1949 96.00 4.91 -56.47
N GLN B 1950 95.76 6.11 -56.99
CA GLN B 1950 96.66 6.64 -58.01
C GLN B 1950 97.95 7.21 -57.42
N VAL B 1951 97.87 7.96 -56.32
CA VAL B 1951 99.06 8.58 -55.77
C VAL B 1951 99.89 7.62 -54.92
N GLY B 1952 99.23 6.72 -54.21
CA GLY B 1952 99.90 5.87 -53.24
C GLY B 1952 99.79 6.52 -51.88
N ALA B 1953 98.88 6.04 -51.05
CA ALA B 1953 98.61 6.68 -49.77
C ALA B 1953 97.65 5.80 -48.99
N TRP B 1954 97.77 5.84 -47.67
CA TRP B 1954 96.97 4.99 -46.81
C TRP B 1954 95.65 5.66 -46.47
N GLY B 1955 94.69 4.85 -46.05
CA GLY B 1955 93.40 5.34 -45.62
C GLY B 1955 92.85 4.52 -44.47
N CYS B 1956 92.53 5.19 -43.38
CA CYS B 1956 92.09 4.54 -42.15
C CYS B 1956 90.68 5.02 -41.82
N PHE B 1957 89.75 4.09 -41.65
CA PHE B 1957 88.37 4.39 -41.30
C PHE B 1957 88.21 4.23 -39.79
N ASP B 1958 88.10 5.35 -39.09
CA ASP B 1958 87.96 5.34 -37.65
C ASP B 1958 86.52 4.99 -37.28
N GLU B 1959 86.34 3.89 -36.55
CA GLU B 1959 85.02 3.40 -36.15
C GLU B 1959 84.13 3.18 -37.38
N PHE B 1960 84.56 2.24 -38.22
CA PHE B 1960 83.79 1.88 -39.40
C PHE B 1960 82.43 1.28 -39.05
N ASN B 1961 82.25 0.80 -37.81
CA ASN B 1961 80.95 0.31 -37.39
C ASN B 1961 79.89 1.39 -37.41
N ARG B 1962 80.29 2.64 -37.16
CA ARG B 1962 79.31 3.72 -36.96
C ARG B 1962 78.64 4.16 -38.25
N LEU B 1963 79.15 3.75 -39.42
CA LEU B 1963 78.46 4.03 -40.66
C LEU B 1963 77.12 3.29 -40.69
N GLU B 1964 76.08 3.97 -41.17
CA GLU B 1964 74.77 3.36 -41.29
C GLU B 1964 74.81 2.27 -42.36
N GLU B 1965 73.73 1.47 -42.42
CA GLU B 1965 73.76 0.22 -43.17
C GLU B 1965 73.96 0.46 -44.67
N ARG B 1966 73.26 1.43 -45.26
CA ARG B 1966 73.48 1.76 -46.66
C ARG B 1966 74.92 2.24 -46.87
N MET B 1967 75.36 3.16 -46.02
CA MET B 1967 76.70 3.71 -46.12
C MET B 1967 77.73 2.60 -45.96
N LEU B 1968 77.51 1.73 -44.98
CA LEU B 1968 78.43 0.62 -44.72
C LEU B 1968 78.52 -0.30 -45.92
N SER B 1969 77.37 -0.67 -46.51
CA SER B 1969 77.38 -1.59 -47.63
C SER B 1969 78.07 -0.98 -48.86
N ALA B 1970 77.79 0.28 -49.18
CA ALA B 1970 78.42 0.87 -50.35
C ALA B 1970 79.93 1.00 -50.18
N VAL B 1971 80.37 1.51 -49.03
CA VAL B 1971 81.81 1.63 -48.80
C VAL B 1971 82.45 0.26 -48.75
N SER B 1972 81.75 -0.73 -48.21
CA SER B 1972 82.27 -2.08 -48.16
C SER B 1972 82.50 -2.64 -49.55
N GLN B 1973 81.55 -2.39 -50.47
CA GLN B 1973 81.74 -2.85 -51.84
C GLN B 1973 82.95 -2.17 -52.48
N GLN B 1974 83.10 -0.86 -52.27
CA GLN B 1974 84.23 -0.15 -52.87
C GLN B 1974 85.55 -0.69 -52.33
N VAL B 1975 85.65 -0.86 -51.02
CA VAL B 1975 86.89 -1.36 -50.43
C VAL B 1975 87.13 -2.80 -50.84
N GLN B 1976 86.07 -3.58 -51.04
CA GLN B 1976 86.23 -4.96 -51.51
C GLN B 1976 86.85 -4.98 -52.89
N CYS B 1977 86.37 -4.12 -53.79
CA CYS B 1977 86.96 -4.07 -55.13
C CYS B 1977 88.43 -3.65 -55.06
N ILE B 1978 88.74 -2.66 -54.23
CA ILE B 1978 90.12 -2.20 -54.11
C ILE B 1978 90.99 -3.33 -53.55
N GLN B 1979 90.49 -4.05 -52.55
CA GLN B 1979 91.29 -5.10 -51.93
C GLN B 1979 91.52 -6.26 -52.87
N GLU B 1980 90.52 -6.61 -53.70
CA GLU B 1980 90.73 -7.63 -54.70
C GLU B 1980 91.79 -7.19 -55.71
N ALA B 1981 91.74 -5.92 -56.13
CA ALA B 1981 92.76 -5.41 -57.03
C ALA B 1981 94.14 -5.48 -56.41
N LEU B 1982 94.24 -5.18 -55.12
CA LEU B 1982 95.53 -5.27 -54.43
C LEU B 1982 96.00 -6.72 -54.32
N ARG B 1983 95.10 -7.64 -53.97
CA ARG B 1983 95.46 -9.04 -53.84
C ARG B 1983 95.90 -9.63 -55.17
N GLU B 1984 95.44 -9.07 -56.28
CA GLU B 1984 95.92 -9.53 -57.59
C GLU B 1984 97.42 -9.34 -57.77
N HIS B 1985 98.04 -8.43 -56.99
CA HIS B 1985 99.49 -8.25 -57.08
C HIS B 1985 100.22 -9.52 -56.66
N SER B 1986 99.73 -10.19 -55.61
CA SER B 1986 100.53 -11.17 -54.89
C SER B 1986 100.85 -12.41 -55.71
N SER B 1987 100.10 -12.71 -56.76
CA SER B 1987 100.31 -13.96 -57.48
C SER B 1987 101.67 -13.94 -58.18
N PRO B 1988 102.39 -15.09 -58.24
CA PRO B 1988 103.75 -15.06 -58.79
C PRO B 1988 103.79 -15.12 -60.31
N ASN B 1989 102.78 -15.76 -60.91
CA ASN B 1989 102.77 -15.92 -62.36
C ASN B 1989 102.69 -14.58 -63.09
N HIS B 1990 102.00 -13.61 -62.51
CA HIS B 1990 101.86 -12.30 -63.13
C HIS B 1990 103.21 -11.58 -63.07
N ASP B 1991 103.86 -11.44 -64.23
CA ASP B 1991 105.12 -10.73 -64.32
C ASP B 1991 104.88 -9.23 -64.33
N LYS B 1992 105.60 -8.50 -63.51
CA LYS B 1992 105.37 -7.08 -63.29
C LYS B 1992 106.19 -6.18 -64.20
N ALA B 1993 106.85 -6.74 -65.21
CA ALA B 1993 107.43 -5.89 -66.26
C ALA B 1993 106.34 -5.15 -67.00
N SER B 1994 105.24 -5.84 -67.31
CA SER B 1994 104.05 -5.25 -67.94
C SER B 1994 102.84 -5.79 -67.18
N ALA B 1995 102.44 -5.08 -66.13
CA ALA B 1995 101.30 -5.48 -65.29
C ALA B 1995 100.55 -4.23 -64.86
N PRO B 1996 99.68 -3.69 -65.74
CA PRO B 1996 98.84 -2.56 -65.33
C PRO B 1996 97.62 -3.02 -64.54
N ILE B 1997 97.79 -3.17 -63.21
CA ILE B 1997 96.66 -3.54 -62.37
C ILE B 1997 95.61 -2.44 -62.45
N THR B 1998 94.35 -2.83 -62.33
CA THR B 1998 93.24 -1.88 -62.41
C THR B 1998 92.12 -2.33 -61.48
N CYS B 1999 91.32 -1.35 -61.07
CA CYS B 1999 90.12 -1.61 -60.28
C CYS B 1999 88.96 -0.81 -60.85
N GLU B 2000 87.75 -1.33 -60.63
CA GLU B 2000 86.52 -0.71 -61.12
C GLU B 2000 86.05 0.29 -60.06
N LEU B 2001 86.27 1.57 -60.31
CA LEU B 2001 85.88 2.64 -59.39
C LEU B 2001 85.21 3.74 -60.18
N LEU B 2002 84.01 4.14 -59.74
CA LEU B 2002 83.25 5.21 -60.40
C LEU B 2002 83.04 4.91 -61.87
N ASN B 2003 82.83 3.63 -62.19
CA ASN B 2003 82.66 3.16 -63.57
C ASN B 2003 83.85 3.56 -64.44
N LYS B 2004 85.06 3.41 -63.90
CA LYS B 2004 86.27 3.58 -64.69
C LYS B 2004 87.34 2.65 -64.14
N GLN B 2005 88.29 2.30 -65.01
CA GLN B 2005 89.40 1.42 -64.66
C GLN B 2005 90.52 2.28 -64.13
N VAL B 2006 90.66 2.33 -62.80
CA VAL B 2006 91.66 3.15 -62.13
C VAL B 2006 92.86 2.26 -61.81
N LYS B 2007 94.05 2.72 -62.22
CA LYS B 2007 95.28 2.01 -61.89
C LYS B 2007 95.56 2.11 -60.40
N VAL B 2008 95.99 0.98 -59.82
CA VAL B 2008 96.27 0.88 -58.39
C VAL B 2008 97.78 0.74 -58.22
N SER B 2009 98.37 1.63 -57.42
CA SER B 2009 99.77 1.51 -57.08
C SER B 2009 99.95 0.48 -55.95
N PRO B 2010 101.12 -0.17 -55.86
CA PRO B 2010 101.29 -1.22 -54.83
C PRO B 2010 101.48 -0.65 -53.44
N ASP B 2011 102.02 0.57 -53.35
CA ASP B 2011 102.29 1.16 -52.04
C ASP B 2011 101.01 1.48 -51.27
N MET B 2012 99.88 1.61 -51.95
CA MET B 2012 98.63 1.97 -51.31
C MET B 2012 98.14 0.85 -50.38
N ALA B 2013 97.36 1.24 -49.38
CA ALA B 2013 96.75 0.29 -48.46
C ALA B 2013 95.53 0.94 -47.83
N ILE B 2014 94.67 0.10 -47.24
CA ILE B 2014 93.44 0.54 -46.58
C ILE B 2014 93.32 -0.19 -45.24
N PHE B 2015 92.88 0.55 -44.23
CA PHE B 2015 92.72 0.03 -42.87
C PHE B 2015 91.33 0.38 -42.38
N ILE B 2016 90.76 -0.49 -41.56
CA ILE B 2016 89.39 -0.32 -41.07
C ILE B 2016 89.35 -0.56 -39.57
N THR B 2017 89.39 0.53 -38.80
CA THR B 2017 89.22 0.41 -37.36
C THR B 2017 87.77 0.08 -37.04
N MET B 2018 87.57 -0.77 -36.03
CA MET B 2018 86.25 -1.27 -35.66
C MET B 2018 86.07 -1.18 -34.16
N ASN B 2019 84.81 -1.08 -33.74
CA ASN B 2019 84.42 -1.08 -32.34
C ASN B 2019 83.56 -2.32 -32.07
N PRO B 2020 84.01 -3.32 -31.29
CA PRO B 2020 83.15 -4.49 -31.07
C PRO B 2020 81.99 -4.14 -30.16
N GLY B 2021 80.81 -4.63 -30.52
CA GLY B 2021 79.60 -4.38 -29.74
C GLY B 2021 79.23 -2.91 -29.73
N SER B 2026 79.36 -5.37 -34.88
CA SER B 2026 80.53 -5.85 -34.15
C SER B 2026 81.57 -6.41 -35.09
N ASN B 2027 81.15 -7.36 -35.92
CA ASN B 2027 82.05 -8.03 -36.86
C ASN B 2027 82.15 -7.23 -38.15
N LEU B 2028 83.19 -7.54 -38.92
CA LEU B 2028 83.40 -6.88 -40.20
C LEU B 2028 82.30 -7.30 -41.17
N PRO B 2029 81.98 -6.48 -42.18
CA PRO B 2029 80.99 -6.90 -43.18
C PRO B 2029 81.43 -8.16 -43.91
N ASP B 2030 80.45 -8.96 -44.31
CA ASP B 2030 80.72 -10.26 -44.92
C ASP B 2030 81.50 -10.14 -46.22
N ASN B 2031 81.46 -8.97 -46.88
CA ASN B 2031 82.25 -8.78 -48.09
C ASN B 2031 83.74 -8.88 -47.80
N LEU B 2032 84.18 -8.30 -46.68
CA LEU B 2032 85.60 -8.07 -46.40
C LEU B 2032 86.13 -8.96 -45.28
N LYS B 2033 85.34 -9.90 -44.78
CA LYS B 2033 85.83 -10.76 -43.71
C LYS B 2033 87.02 -11.60 -44.16
N LYS B 2034 86.98 -12.07 -45.41
CA LYS B 2034 88.08 -12.88 -45.95
C LYS B 2034 89.30 -12.04 -46.30
N LEU B 2035 89.09 -10.77 -46.67
CA LEU B 2035 90.17 -9.93 -47.20
C LEU B 2035 90.91 -9.13 -46.14
N PHE B 2036 90.46 -9.14 -44.89
CA PHE B 2036 91.00 -8.26 -43.85
C PHE B 2036 91.46 -9.10 -42.65
N ARG B 2037 92.66 -8.80 -42.17
CA ARG B 2037 93.20 -9.44 -40.97
C ARG B 2037 92.87 -8.57 -39.77
N SER B 2038 92.25 -9.19 -38.76
CA SER B 2038 91.74 -8.48 -37.60
C SER B 2038 92.68 -8.66 -36.40
N LEU B 2039 92.85 -7.59 -35.63
CA LEU B 2039 93.72 -7.59 -34.46
C LEU B 2039 93.00 -6.96 -33.28
N ALA B 2040 93.10 -7.59 -32.12
CA ALA B 2040 92.39 -7.15 -30.91
C ALA B 2040 93.28 -6.19 -30.14
N MET B 2041 93.01 -4.89 -30.27
CA MET B 2041 93.68 -3.85 -29.49
C MET B 2041 92.84 -3.48 -28.27
N THR B 2042 92.63 -4.47 -27.41
CA THR B 2042 91.63 -4.34 -26.36
C THR B 2042 92.11 -3.40 -25.24
N LYS B 2043 93.40 -3.41 -24.92
CA LYS B 2043 93.89 -2.78 -23.69
C LYS B 2043 95.29 -2.22 -23.93
N PRO B 2044 95.44 -0.90 -24.11
CA PRO B 2044 96.80 -0.36 -24.28
C PRO B 2044 97.57 -0.38 -22.97
N ASP B 2045 98.90 -0.28 -23.12
CA ASP B 2045 99.80 -0.27 -21.97
C ASP B 2045 99.89 1.14 -21.42
N ARG B 2046 99.06 1.43 -20.42
CA ARG B 2046 99.08 2.76 -19.81
C ARG B 2046 100.40 3.04 -19.12
N GLN B 2047 100.92 2.04 -18.37
CA GLN B 2047 102.09 2.26 -17.54
C GLN B 2047 103.30 2.67 -18.37
N LEU B 2048 103.57 1.95 -19.46
CA LEU B 2048 104.78 2.25 -20.22
C LEU B 2048 104.64 3.55 -21.00
N ILE B 2049 103.44 3.88 -21.47
CA ILE B 2049 103.24 5.16 -22.14
C ILE B 2049 103.51 6.30 -21.17
N ALA B 2050 102.97 6.20 -19.95
CA ALA B 2050 103.23 7.22 -18.94
C ALA B 2050 104.71 7.29 -18.60
N GLN B 2051 105.37 6.13 -18.49
CA GLN B 2051 106.80 6.11 -18.20
C GLN B 2051 107.60 6.84 -19.25
N VAL B 2052 107.36 6.52 -20.53
CA VAL B 2052 108.15 7.13 -21.60
C VAL B 2052 107.86 8.62 -21.69
N MET B 2053 106.59 9.02 -21.54
CA MET B 2053 106.29 10.44 -21.64
C MET B 2053 106.90 11.23 -20.48
N LEU B 2054 106.78 10.71 -19.25
CA LEU B 2054 107.37 11.41 -18.11
C LEU B 2054 108.89 11.48 -18.23
N TYR B 2055 109.52 10.41 -18.73
CA TYR B 2055 110.96 10.48 -18.99
C TYR B 2055 111.27 11.51 -20.06
N SER B 2056 110.37 11.69 -21.03
CA SER B 2056 110.61 12.65 -22.09
C SER B 2056 110.60 14.08 -21.57
N GLN B 2057 109.82 14.35 -20.52
CA GLN B 2057 109.75 15.69 -19.94
C GLN B 2057 110.86 15.98 -18.95
N GLY B 2058 111.76 15.03 -18.70
CA GLY B 2058 112.91 15.24 -17.85
C GLY B 2058 112.76 14.83 -16.42
N PHE B 2059 111.69 14.13 -16.06
CA PHE B 2059 111.51 13.69 -14.68
C PHE B 2059 112.57 12.66 -14.32
N ARG B 2060 113.22 12.87 -13.17
CA ARG B 2060 114.25 11.92 -12.74
C ARG B 2060 113.64 10.55 -12.47
N THR B 2061 112.53 10.52 -11.73
CA THR B 2061 111.78 9.30 -11.47
C THR B 2061 110.56 9.30 -12.37
N ALA B 2062 110.42 8.25 -13.18
CA ALA B 2062 109.29 8.11 -14.09
C ALA B 2062 108.56 6.79 -13.86
N GLU B 2063 109.31 5.76 -13.44
CA GLU B 2063 108.70 4.45 -13.22
C GLU B 2063 107.68 4.52 -12.09
N VAL B 2064 108.07 5.08 -10.95
CA VAL B 2064 107.17 5.16 -9.81
C VAL B 2064 106.02 6.10 -10.10
N LEU B 2065 106.32 7.24 -10.72
CA LEU B 2065 105.26 8.21 -11.05
C LEU B 2065 104.25 7.63 -12.02
N ALA B 2066 104.73 6.92 -13.05
CA ALA B 2066 103.81 6.29 -14.00
C ALA B 2066 102.98 5.22 -13.31
N ASN B 2067 103.63 4.35 -12.54
CA ASN B 2067 102.93 3.27 -11.86
C ASN B 2067 101.95 3.79 -10.82
N LYS B 2068 102.11 5.03 -10.36
CA LYS B 2068 101.14 5.64 -9.45
C LYS B 2068 99.99 6.30 -10.22
N ILE B 2069 100.34 7.13 -11.21
CA ILE B 2069 99.33 7.96 -11.87
C ILE B 2069 98.37 7.09 -12.69
N VAL B 2070 98.88 6.03 -13.31
CA VAL B 2070 98.02 5.20 -14.17
C VAL B 2070 96.90 4.54 -13.39
N PRO B 2071 97.14 3.82 -12.30
CA PRO B 2071 96.01 3.28 -11.53
C PRO B 2071 95.12 4.36 -10.94
N PHE B 2072 95.67 5.54 -10.67
CA PHE B 2072 94.86 6.61 -10.09
C PHE B 2072 93.76 7.07 -11.05
N PHE B 2073 94.09 7.17 -12.34
CA PHE B 2073 93.09 7.60 -13.30
C PHE B 2073 91.96 6.59 -13.43
N LYS B 2074 92.27 5.30 -13.44
CA LYS B 2074 91.21 4.29 -13.48
C LYS B 2074 90.42 4.29 -12.18
N LEU B 2075 91.08 4.56 -11.06
CA LEU B 2075 90.38 4.68 -9.78
C LEU B 2075 89.38 5.83 -9.83
N CYS B 2076 89.78 6.97 -10.39
CA CYS B 2076 88.87 8.10 -10.55
C CYS B 2076 87.73 7.75 -11.50
N ASP B 2077 88.03 7.02 -12.57
CA ASP B 2077 87.00 6.64 -13.52
C ASP B 2077 85.95 5.76 -12.87
N GLU B 2078 86.37 4.83 -12.03
CA GLU B 2078 85.41 3.94 -11.38
C GLU B 2078 84.67 4.63 -10.24
N GLN B 2079 85.41 5.21 -9.30
CA GLN B 2079 84.81 5.65 -8.04
C GLN B 2079 83.91 6.87 -8.24
N LEU B 2080 84.38 7.87 -8.97
CA LEU B 2080 83.64 9.12 -9.11
C LEU B 2080 82.33 8.89 -9.86
N SER B 2081 81.32 9.68 -9.51
CA SER B 2081 80.02 9.58 -10.15
C SER B 2081 80.14 9.86 -11.64
N SER B 2082 79.48 9.02 -12.44
CA SER B 2082 79.59 9.12 -13.89
C SER B 2082 78.97 10.42 -14.38
N GLN B 2083 79.77 11.22 -15.07
CA GLN B 2083 79.32 12.47 -15.68
C GLN B 2083 79.89 12.55 -17.09
N SER B 2084 79.17 13.25 -17.97
CA SER B 2084 79.57 13.33 -19.36
C SER B 2084 80.91 14.04 -19.51
N HIS B 2085 81.13 15.10 -18.74
CA HIS B 2085 82.32 15.93 -18.95
C HIS B 2085 83.60 15.30 -18.42
N TYR B 2086 83.52 14.31 -17.53
CA TYR B 2086 84.73 13.65 -17.08
C TYR B 2086 85.37 12.89 -18.24
N ASP B 2087 86.70 12.95 -18.31
CA ASP B 2087 87.45 12.30 -19.38
C ASP B 2087 88.77 11.83 -18.79
N PHE B 2088 88.82 10.56 -18.40
CA PHE B 2088 90.03 9.92 -17.87
C PHE B 2088 90.65 8.97 -18.89
N GLY B 2089 90.46 9.25 -20.18
CA GLY B 2089 91.10 8.49 -21.23
C GLY B 2089 92.57 8.83 -21.34
N LEU B 2090 93.23 8.20 -22.31
CA LEU B 2090 94.67 8.38 -22.43
C LEU B 2090 95.03 9.77 -22.92
N ARG B 2091 94.17 10.40 -23.73
CA ARG B 2091 94.47 11.76 -24.18
C ARG B 2091 94.55 12.71 -22.99
N ALA B 2092 93.62 12.57 -22.04
CA ALA B 2092 93.66 13.40 -20.84
C ALA B 2092 94.92 13.11 -20.03
N LEU B 2093 95.31 11.84 -19.92
CA LEU B 2093 96.50 11.50 -19.16
C LEU B 2093 97.75 12.11 -19.79
N LYS B 2094 97.87 12.02 -21.12
CA LYS B 2094 99.04 12.58 -21.78
C LYS B 2094 99.06 14.10 -21.65
N SER B 2095 97.90 14.75 -21.76
CA SER B 2095 97.86 16.19 -21.56
C SER B 2095 98.26 16.57 -20.15
N VAL B 2096 97.81 15.80 -19.16
CA VAL B 2096 98.17 16.06 -17.77
C VAL B 2096 99.68 15.93 -17.58
N LEU B 2097 100.27 14.91 -18.19
CA LEU B 2097 101.71 14.71 -18.03
C LEU B 2097 102.51 15.82 -18.72
N VAL B 2098 102.03 16.30 -19.88
CA VAL B 2098 102.69 17.43 -20.52
C VAL B 2098 102.58 18.67 -19.63
N SER B 2099 101.42 18.87 -19.01
CA SER B 2099 101.25 20.00 -18.09
C SER B 2099 102.19 19.86 -16.90
N ALA B 2100 102.37 18.64 -16.40
CA ALA B 2100 103.30 18.43 -15.29
C ALA B 2100 104.73 18.77 -15.70
N GLY B 2101 105.12 18.39 -16.92
CA GLY B 2101 106.44 18.79 -17.41
C GLY B 2101 106.58 20.29 -17.51
N ASN B 2102 105.54 20.98 -17.98
CA ASN B 2102 105.57 22.44 -18.04
C ASN B 2102 105.73 23.05 -16.66
N VAL B 2103 105.00 22.52 -15.67
CA VAL B 2103 105.09 23.02 -14.31
C VAL B 2103 106.49 22.78 -13.75
N LYS B 2104 107.07 21.61 -14.03
CA LYS B 2104 108.43 21.34 -13.58
C LYS B 2104 109.41 22.35 -14.15
N ARG B 2105 109.34 22.59 -15.46
CA ARG B 2105 110.25 23.55 -16.09
C ARG B 2105 110.03 24.96 -15.54
N GLU B 2106 108.78 25.32 -15.26
CA GLU B 2106 108.50 26.62 -14.65
C GLU B 2106 109.17 26.72 -13.27
N ARG B 2107 109.13 25.63 -12.50
CA ARG B 2107 109.79 25.65 -11.20
C ARG B 2107 111.30 25.75 -11.34
N ILE B 2108 111.89 25.08 -12.33
CA ILE B 2108 113.33 25.20 -12.56
C ILE B 2108 113.67 26.65 -12.85
N GLN B 2109 112.89 27.29 -13.73
CA GLN B 2109 113.16 28.68 -14.08
C GLN B 2109 112.95 29.60 -12.88
N LYS B 2110 111.95 29.31 -12.05
CA LYS B 2110 111.71 30.12 -10.86
C LYS B 2110 112.90 30.06 -9.92
N ILE B 2111 113.37 28.86 -9.61
CA ILE B 2111 114.51 28.71 -8.72
C ILE B 2111 115.76 29.34 -9.34
N LYS B 2112 115.94 29.17 -10.65
CA LYS B 2112 117.10 29.74 -11.32
C LYS B 2112 117.11 31.26 -11.22
N ARG B 2113 115.98 31.90 -11.53
CA ARG B 2113 115.95 33.36 -11.47
C ARG B 2113 116.05 33.86 -10.03
N GLU B 2114 115.44 33.14 -9.08
CA GLU B 2114 115.56 33.53 -7.69
C GLU B 2114 117.02 33.49 -7.22
N LYS B 2115 117.74 32.45 -7.60
CA LYS B 2115 119.16 32.38 -7.25
C LYS B 2115 119.98 33.43 -8.00
N GLU B 2116 119.61 33.72 -9.25
CA GLU B 2116 120.37 34.67 -10.05
C GLU B 2116 120.23 36.08 -9.51
N GLU B 2117 119.05 36.44 -9.00
CA GLU B 2117 118.90 37.73 -8.36
C GLU B 2117 119.78 37.84 -7.13
N ARG B 2118 120.05 36.72 -6.46
CA ARG B 2118 121.07 36.63 -5.44
C ARG B 2118 122.41 36.30 -6.08
N GLY B 2119 123.45 36.20 -5.25
CA GLY B 2119 124.76 35.79 -5.72
C GLY B 2119 124.92 34.28 -5.67
N GLU B 2120 124.99 33.63 -6.82
CA GLU B 2120 125.02 32.17 -6.85
C GLU B 2120 125.61 31.69 -8.17
N ALA B 2121 126.01 30.42 -8.17
CA ALA B 2121 126.42 29.70 -9.36
C ALA B 2121 125.30 28.75 -9.76
N VAL B 2122 124.95 28.76 -11.05
CA VAL B 2122 123.73 28.14 -11.54
C VAL B 2122 124.07 26.94 -12.41
N ASP B 2123 123.35 25.84 -12.17
CA ASP B 2123 123.36 24.68 -13.06
C ASP B 2123 121.95 24.10 -13.10
N GLU B 2124 121.42 23.90 -14.30
CA GLU B 2124 120.05 23.44 -14.44
C GLU B 2124 119.86 22.05 -13.84
N GLY B 2125 120.80 21.14 -14.10
CA GLY B 2125 120.67 19.79 -13.58
C GLY B 2125 120.72 19.74 -12.06
N GLU B 2126 121.59 20.54 -11.45
CA GLU B 2126 121.68 20.56 -10.00
C GLU B 2126 120.37 21.03 -9.38
N ILE B 2127 119.76 22.08 -9.95
CA ILE B 2127 118.48 22.56 -9.44
C ILE B 2127 117.40 21.49 -9.63
N ALA B 2128 117.38 20.86 -10.80
CA ALA B 2128 116.35 19.86 -11.08
C ALA B 2128 116.51 18.61 -10.23
N GLU B 2129 117.72 18.33 -9.72
CA GLU B 2129 117.93 17.12 -8.94
C GLU B 2129 117.12 17.15 -7.64
N ASN B 2130 117.17 18.27 -6.93
CA ASN B 2130 116.59 18.36 -5.58
C ASN B 2130 115.24 19.08 -5.65
N LEU B 2131 114.26 18.37 -6.22
CA LEU B 2131 112.89 18.82 -6.31
C LEU B 2131 111.96 17.63 -6.10
N PRO B 2132 110.72 17.85 -5.59
CA PRO B 2132 109.77 16.74 -5.56
C PRO B 2132 109.01 16.62 -6.87
N GLU B 2133 109.20 15.50 -7.57
CA GLU B 2133 108.44 15.27 -8.80
C GLU B 2133 106.98 14.97 -8.49
N GLN B 2134 106.71 14.31 -7.37
CA GLN B 2134 105.33 13.98 -7.02
C GLN B 2134 104.51 15.24 -6.75
N GLU B 2135 105.14 16.25 -6.14
CA GLU B 2135 104.43 17.52 -5.92
C GLU B 2135 104.06 18.18 -7.23
N ILE B 2136 104.98 18.16 -8.21
CA ILE B 2136 104.66 18.73 -9.51
C ILE B 2136 103.54 17.96 -10.18
N LEU B 2137 103.60 16.63 -10.13
CA LEU B 2137 102.60 15.82 -10.80
C LEU B 2137 101.22 15.98 -10.16
N ILE B 2138 101.15 15.95 -8.83
CA ILE B 2138 99.87 16.12 -8.15
C ILE B 2138 99.33 17.52 -8.36
N GLN B 2139 100.21 18.52 -8.42
CA GLN B 2139 99.77 19.88 -8.72
C GLN B 2139 99.15 19.96 -10.11
N SER B 2140 99.80 19.35 -11.10
CA SER B 2140 99.26 19.37 -12.46
C SER B 2140 97.92 18.64 -12.51
N VAL B 2141 97.83 17.48 -11.86
CA VAL B 2141 96.59 16.72 -11.85
C VAL B 2141 95.46 17.52 -11.25
N CYS B 2142 95.71 18.14 -10.09
CA CYS B 2142 94.69 18.94 -9.43
C CYS B 2142 94.29 20.15 -10.28
N GLU B 2143 95.28 20.85 -10.82
CA GLU B 2143 94.99 22.05 -11.61
C GLU B 2143 94.19 21.70 -12.86
N THR B 2144 94.39 20.51 -13.42
CA THR B 2144 93.66 20.13 -14.63
C THR B 2144 92.29 19.52 -14.35
N MET B 2145 92.12 18.87 -13.19
CA MET B 2145 90.89 18.12 -12.90
C MET B 2145 89.94 18.86 -11.97
N VAL B 2146 90.44 19.45 -10.90
CA VAL B 2146 89.56 20.00 -9.86
C VAL B 2146 88.58 21.03 -10.39
N PRO B 2147 88.95 21.94 -11.32
CA PRO B 2147 87.93 22.84 -11.88
C PRO B 2147 86.72 22.12 -12.47
N LYS B 2148 86.92 20.95 -13.08
CA LYS B 2148 85.82 20.18 -13.63
C LYS B 2148 85.06 19.39 -12.58
N LEU B 2149 85.58 19.29 -11.35
CA LEU B 2149 85.01 18.37 -10.37
C LEU B 2149 83.77 18.96 -9.72
N VAL B 2150 82.76 18.11 -9.54
CA VAL B 2150 81.56 18.51 -8.80
C VAL B 2150 81.88 18.51 -7.31
N ALA B 2151 81.13 19.32 -6.55
CA ALA B 2151 81.38 19.43 -5.12
C ALA B 2151 81.17 18.10 -4.40
N GLU B 2152 80.31 17.23 -4.92
CA GLU B 2152 80.15 15.91 -4.32
C GLU B 2152 81.38 15.04 -4.54
N ASP B 2153 82.09 15.24 -5.65
CA ASP B 2153 83.17 14.35 -6.04
C ASP B 2153 84.56 14.85 -5.63
N ILE B 2154 84.72 16.13 -5.29
CA ILE B 2154 86.03 16.64 -4.90
C ILE B 2154 86.61 15.95 -3.67
N PRO B 2155 85.85 15.68 -2.58
CA PRO B 2155 86.51 14.99 -1.47
C PRO B 2155 86.85 13.55 -1.78
N LEU B 2156 86.03 12.89 -2.61
CA LEU B 2156 86.38 11.54 -3.06
C LEU B 2156 87.66 11.57 -3.87
N LEU B 2157 87.80 12.55 -4.77
CA LEU B 2157 89.03 12.66 -5.56
C LEU B 2157 90.22 12.89 -4.66
N PHE B 2158 90.08 13.75 -3.65
CA PHE B 2158 91.23 13.99 -2.77
C PHE B 2158 91.56 12.77 -1.93
N SER B 2159 90.54 11.99 -1.53
CA SER B 2159 90.82 10.75 -0.83
C SER B 2159 91.57 9.75 -1.71
N LEU B 2160 91.15 9.62 -2.97
CA LEU B 2160 91.85 8.74 -3.90
C LEU B 2160 93.28 9.21 -4.12
N LEU B 2161 93.47 10.52 -4.26
CA LEU B 2161 94.80 11.07 -4.50
C LEU B 2161 95.69 10.85 -3.29
N SER B 2162 95.14 10.99 -2.08
CA SER B 2162 95.91 10.69 -0.88
C SER B 2162 96.28 9.21 -0.82
N ASP B 2163 95.35 8.33 -1.23
CA ASP B 2163 95.64 6.91 -1.22
C ASP B 2163 96.77 6.56 -2.18
N VAL B 2164 96.66 7.01 -3.43
CA VAL B 2164 97.68 6.67 -4.43
C VAL B 2164 98.98 7.42 -4.14
N PHE B 2165 98.89 8.70 -3.79
CA PHE B 2165 100.06 9.52 -3.47
C PHE B 2165 100.09 9.80 -1.98
N PRO B 2166 100.56 8.88 -1.15
CA PRO B 2166 100.52 9.11 0.30
C PRO B 2166 101.46 10.23 0.73
N GLY B 2167 101.04 10.95 1.76
CA GLY B 2167 101.90 11.98 2.36
C GLY B 2167 102.27 13.10 1.44
N VAL B 2168 101.48 13.35 0.39
CA VAL B 2168 101.74 14.41 -0.57
C VAL B 2168 100.45 15.20 -0.75
N GLN B 2169 100.52 16.52 -0.55
CA GLN B 2169 99.35 17.39 -0.58
C GLN B 2169 99.59 18.54 -1.54
N TYR B 2170 98.51 18.99 -2.18
CA TYR B 2170 98.54 20.06 -3.17
C TYR B 2170 98.14 21.36 -2.50
N HIS B 2171 99.11 22.24 -2.26
CA HIS B 2171 98.84 23.57 -1.75
C HIS B 2171 98.59 24.51 -2.92
N ARG B 2172 97.44 25.18 -2.90
CA ARG B 2172 97.07 26.04 -4.01
C ARG B 2172 98.03 27.23 -4.11
N GLY B 2173 98.45 27.53 -5.33
CA GLY B 2173 99.29 28.68 -5.58
C GLY B 2173 98.63 29.96 -5.14
N GLU B 2174 99.37 30.80 -4.42
CA GLU B 2174 98.81 32.01 -3.83
C GLU B 2174 98.87 33.15 -4.84
N MET B 2175 97.71 33.76 -5.09
CA MET B 2175 97.58 34.93 -5.97
C MET B 2175 97.15 36.10 -5.09
N THR B 2176 98.13 36.81 -4.53
CA THR B 2176 97.81 37.88 -3.58
C THR B 2176 97.16 39.07 -4.28
N ALA B 2177 97.75 39.51 -5.39
CA ALA B 2177 97.25 40.71 -6.06
C ALA B 2177 95.82 40.50 -6.58
N LEU B 2178 95.59 39.37 -7.24
CA LEU B 2178 94.26 39.09 -7.77
C LEU B 2178 93.25 38.95 -6.65
N ARG B 2179 93.65 38.34 -5.52
CA ARG B 2179 92.73 38.20 -4.39
C ARG B 2179 92.40 39.56 -3.79
N GLU B 2180 93.37 40.46 -3.71
CA GLU B 2180 93.08 41.79 -3.20
C GLU B 2180 92.13 42.54 -4.12
N GLU B 2181 92.35 42.43 -5.44
CA GLU B 2181 91.43 43.07 -6.38
C GLU B 2181 90.04 42.45 -6.30
N LEU B 2182 89.97 41.14 -6.09
CA LEU B 2182 88.68 40.49 -5.91
C LEU B 2182 87.99 41.01 -4.66
N LYS B 2183 88.73 41.21 -3.58
CA LYS B 2183 88.14 41.77 -2.36
C LYS B 2183 87.59 43.17 -2.63
N LYS B 2184 88.36 44.00 -3.34
CA LYS B 2184 87.92 45.36 -3.64
C LYS B 2184 86.65 45.36 -4.47
N VAL B 2185 86.62 44.56 -5.54
CA VAL B 2185 85.46 44.56 -6.42
C VAL B 2185 84.25 43.93 -5.71
N CYS B 2186 84.47 42.91 -4.89
CA CYS B 2186 83.38 42.29 -4.18
C CYS B 2186 82.74 43.25 -3.19
N GLN B 2187 83.56 44.01 -2.45
CA GLN B 2187 82.99 45.04 -1.60
C GLN B 2187 82.31 46.12 -2.42
N GLU B 2188 82.83 46.41 -3.62
CA GLU B 2188 82.21 47.41 -4.48
C GLU B 2188 80.86 46.94 -5.01
N MET B 2189 80.72 45.64 -5.29
CA MET B 2189 79.51 45.10 -5.90
C MET B 2189 78.59 44.40 -4.89
N TYR B 2190 78.83 44.57 -3.60
CA TYR B 2190 77.99 43.99 -2.54
C TYR B 2190 77.98 42.46 -2.62
N LEU B 2191 79.19 41.90 -2.55
CA LEU B 2191 79.39 40.46 -2.57
C LEU B 2191 80.36 40.05 -1.47
N THR B 2192 80.13 38.88 -0.91
CA THR B 2192 81.01 38.35 0.12
C THR B 2192 82.31 37.83 -0.48
N TYR B 2193 83.39 37.96 0.27
CA TYR B 2193 84.71 37.47 -0.11
C TYR B 2193 85.31 36.72 1.08
N GLY B 2194 85.98 35.62 0.78
CA GLY B 2194 86.64 34.84 1.81
C GLY B 2194 87.97 34.29 1.31
N ASP B 2195 88.85 34.02 2.27
CA ASP B 2195 90.21 33.55 1.97
C ASP B 2195 90.31 32.03 2.00
N GLY B 2196 89.24 31.33 1.67
CA GLY B 2196 89.24 29.88 1.64
C GLY B 2196 88.83 29.28 2.98
N GLU B 2197 87.95 28.29 2.94
CA GLU B 2197 87.40 27.66 4.14
C GLU B 2197 86.73 28.68 5.06
N GLU B 2198 86.09 29.68 4.45
CA GLU B 2198 85.30 30.69 5.17
C GLU B 2198 83.95 30.78 4.50
N VAL B 2199 83.15 31.77 4.87
CA VAL B 2199 81.91 32.04 4.15
C VAL B 2199 82.28 32.66 2.80
N GLY B 2200 82.17 31.87 1.74
CA GLY B 2200 82.49 32.31 0.40
C GLY B 2200 83.85 31.92 -0.13
N GLY B 2201 84.57 31.04 0.57
CA GLY B 2201 85.86 30.62 0.08
C GLY B 2201 85.77 29.84 -1.22
N MET B 2202 84.75 28.99 -1.35
CA MET B 2202 84.61 28.17 -2.56
C MET B 2202 84.39 29.05 -3.78
N TRP B 2203 83.59 30.11 -3.65
CA TRP B 2203 83.33 30.99 -4.77
C TRP B 2203 84.60 31.73 -5.20
N VAL B 2204 85.39 32.19 -4.24
CA VAL B 2204 86.65 32.84 -4.56
C VAL B 2204 87.57 31.85 -5.28
N GLU B 2205 87.63 30.62 -4.79
CA GLU B 2205 88.43 29.59 -5.45
C GLU B 2205 87.96 29.36 -6.87
N LYS B 2206 86.64 29.34 -7.08
CA LYS B 2206 86.11 29.06 -8.41
C LYS B 2206 86.42 30.20 -9.39
N VAL B 2207 86.33 31.45 -8.93
CA VAL B 2207 86.69 32.55 -9.83
C VAL B 2207 88.19 32.53 -10.13
N LEU B 2208 89.02 32.15 -9.15
CA LEU B 2208 90.44 32.01 -9.42
C LEU B 2208 90.70 30.91 -10.46
N GLN B 2209 89.98 29.79 -10.34
CA GLN B 2209 90.09 28.74 -11.34
C GLN B 2209 89.64 29.24 -12.71
N LEU B 2210 88.60 30.07 -12.73
CA LEU B 2210 88.15 30.66 -13.99
C LEU B 2210 89.24 31.51 -14.61
N TYR B 2211 89.96 32.29 -13.79
CA TYR B 2211 91.09 33.06 -14.29
C TYR B 2211 92.15 32.14 -14.87
N GLN B 2212 92.44 31.04 -14.18
CA GLN B 2212 93.45 30.10 -14.66
C GLN B 2212 93.05 29.52 -16.02
N ILE B 2213 91.80 29.10 -16.15
CA ILE B 2213 91.35 28.48 -17.41
C ILE B 2213 91.33 29.49 -18.53
N THR B 2214 90.94 30.74 -18.24
CA THR B 2214 90.99 31.78 -19.26
C THR B 2214 92.43 32.03 -19.70
N GLN B 2215 93.37 31.98 -18.76
CA GLN B 2215 94.77 32.14 -19.12
C GLN B 2215 95.25 30.99 -20.01
N ILE B 2216 94.84 29.77 -19.69
CA ILE B 2216 95.30 28.60 -20.44
C ILE B 2216 94.62 28.53 -21.80
N ASN B 2217 93.29 28.37 -21.79
CA ASN B 2217 92.52 28.14 -23.00
C ASN B 2217 91.97 29.43 -23.57
N HIS B 2218 91.61 29.39 -24.86
CA HIS B 2218 90.91 30.48 -25.53
C HIS B 2218 89.41 30.25 -25.60
N GLY B 2219 88.89 29.26 -24.91
CA GLY B 2219 87.46 29.01 -24.85
C GLY B 2219 87.11 28.18 -23.64
N LEU B 2220 86.07 28.55 -22.91
CA LEU B 2220 85.77 27.90 -21.63
C LEU B 2220 84.28 27.98 -21.35
N MET B 2221 83.85 27.15 -20.40
CA MET B 2221 82.44 27.06 -20.00
C MET B 2221 82.32 27.05 -18.49
N MET B 2222 81.18 27.56 -18.00
CA MET B 2222 80.74 27.40 -16.62
C MET B 2222 79.44 26.62 -16.65
N VAL B 2223 79.44 25.45 -16.01
CA VAL B 2223 78.41 24.43 -16.22
C VAL B 2223 77.74 24.07 -14.90
N GLY B 2224 77.61 25.04 -14.02
CA GLY B 2224 76.95 24.81 -12.75
C GLY B 2224 75.44 24.76 -12.90
N PRO B 2225 74.75 24.39 -11.81
CA PRO B 2225 73.29 24.57 -11.79
C PRO B 2225 72.93 26.04 -11.73
N SER B 2226 71.63 26.30 -11.90
CA SER B 2226 71.14 27.67 -11.85
C SER B 2226 71.26 28.21 -10.43
N GLY B 2227 71.80 29.41 -10.31
CA GLY B 2227 71.95 30.04 -9.01
C GLY B 2227 73.18 29.59 -8.26
N SER B 2228 74.33 29.61 -8.92
CA SER B 2228 75.61 29.25 -8.32
C SER B 2228 76.66 30.34 -8.47
N GLY B 2229 76.33 31.47 -9.09
CA GLY B 2229 77.24 32.59 -9.16
C GLY B 2229 78.25 32.55 -10.30
N LYS B 2230 77.98 31.81 -11.37
CA LYS B 2230 78.94 31.76 -12.46
C LYS B 2230 78.98 33.07 -13.23
N SER B 2231 77.82 33.63 -13.55
CA SER B 2231 77.78 34.92 -14.23
C SER B 2231 78.31 36.04 -13.32
N MET B 2232 77.96 36.02 -12.04
CA MET B 2232 78.51 37.00 -11.12
C MET B 2232 80.02 36.82 -10.96
N ALA B 2233 80.49 35.57 -10.90
CA ALA B 2233 81.92 35.33 -10.77
C ALA B 2233 82.67 35.86 -11.98
N TRP B 2234 82.14 35.62 -13.18
CA TRP B 2234 82.79 36.13 -14.39
C TRP B 2234 82.80 37.65 -14.41
N ARG B 2235 81.68 38.28 -14.03
CA ARG B 2235 81.65 39.74 -13.99
C ARG B 2235 82.67 40.30 -13.01
N VAL B 2236 82.76 39.69 -11.83
CA VAL B 2236 83.71 40.14 -10.83
C VAL B 2236 85.14 39.96 -11.34
N LEU B 2237 85.41 38.85 -12.02
CA LEU B 2237 86.74 38.60 -12.55
C LEU B 2237 87.12 39.65 -13.59
N LEU B 2238 86.19 39.98 -14.49
CA LEU B 2238 86.49 40.99 -15.50
C LEU B 2238 86.76 42.35 -14.85
N LYS B 2239 85.91 42.73 -13.89
CA LYS B 2239 86.09 44.03 -13.25
C LYS B 2239 87.30 44.06 -12.33
N ALA B 2240 87.81 42.90 -11.90
CA ALA B 2240 89.02 42.85 -11.10
C ALA B 2240 90.28 42.88 -11.95
N LEU B 2241 90.28 42.15 -13.07
CA LEU B 2241 91.39 42.25 -14.01
C LEU B 2241 91.47 43.65 -14.62
N GLU B 2242 90.34 44.34 -14.71
CA GLU B 2242 90.33 45.75 -15.13
C GLU B 2242 91.28 46.56 -14.26
N ARG B 2243 91.19 46.41 -12.95
CA ARG B 2243 92.08 47.14 -12.05
C ARG B 2243 93.49 46.56 -12.06
N LEU B 2244 93.59 45.22 -12.09
CA LEU B 2244 94.90 44.57 -11.93
C LEU B 2244 95.82 44.90 -13.10
N GLU B 2245 95.36 44.67 -14.33
CA GLU B 2245 96.22 44.76 -15.51
C GLU B 2245 96.06 46.06 -16.28
N GLY B 2246 95.21 46.97 -15.84
CA GLY B 2246 95.03 48.23 -16.54
C GLY B 2246 94.52 48.06 -17.96
N VAL B 2247 93.69 47.04 -18.19
CA VAL B 2247 93.13 46.73 -19.50
C VAL B 2247 91.61 46.74 -19.37
N GLU B 2248 90.94 47.43 -20.29
CA GLU B 2248 89.51 47.64 -20.18
C GLU B 2248 88.76 46.37 -20.56
N GLY B 2249 87.89 45.91 -19.66
CA GLY B 2249 87.11 44.71 -19.88
C GLY B 2249 85.76 44.98 -20.49
N VAL B 2250 85.48 44.37 -21.64
CA VAL B 2250 84.21 44.50 -22.34
C VAL B 2250 83.57 43.13 -22.42
N ALA B 2251 82.25 43.09 -22.23
CA ALA B 2251 81.47 41.86 -22.26
C ALA B 2251 80.44 41.95 -23.37
N HIS B 2252 80.33 40.88 -24.16
CA HIS B 2252 79.30 40.75 -25.19
C HIS B 2252 78.50 39.49 -24.85
N ILE B 2253 77.34 39.69 -24.24
CA ILE B 2253 76.52 38.58 -23.76
C ILE B 2253 75.47 38.29 -24.82
N ILE B 2254 75.42 37.05 -25.29
CA ILE B 2254 74.52 36.63 -26.35
C ILE B 2254 73.75 35.42 -25.86
N ASP B 2255 72.43 35.44 -26.05
CA ASP B 2255 71.61 34.25 -25.83
C ASP B 2255 71.49 33.54 -27.16
N PRO B 2256 72.13 32.37 -27.36
CA PRO B 2256 72.21 31.83 -28.72
C PRO B 2256 70.93 31.14 -29.16
N LYS B 2257 70.19 30.56 -28.22
CA LYS B 2257 68.97 29.84 -28.57
C LYS B 2257 67.79 30.79 -28.78
N ALA B 2258 67.81 31.96 -28.14
CA ALA B 2258 66.74 32.93 -28.38
C ALA B 2258 66.76 33.41 -29.83
N ILE B 2259 67.95 33.59 -30.39
CA ILE B 2259 68.13 34.05 -31.76
C ILE B 2259 68.30 32.83 -32.65
N SER B 2260 67.82 32.92 -33.88
CA SER B 2260 67.97 31.82 -34.83
C SER B 2260 69.43 31.72 -35.29
N LYS B 2261 69.81 30.53 -35.74
CA LYS B 2261 71.18 30.30 -36.19
C LYS B 2261 71.52 31.18 -37.38
N ASP B 2262 70.56 31.38 -38.29
CA ASP B 2262 70.81 32.21 -39.46
C ASP B 2262 71.14 33.64 -39.07
N HIS B 2263 70.39 34.21 -38.13
CA HIS B 2263 70.70 35.55 -37.64
C HIS B 2263 71.96 35.55 -36.79
N LEU B 2264 72.22 34.46 -36.06
CA LEU B 2264 73.40 34.41 -35.20
C LEU B 2264 74.69 34.47 -36.03
N TYR B 2265 74.81 33.60 -37.03
CA TYR B 2265 76.01 33.52 -37.85
C TYR B 2265 75.88 34.24 -39.17
N GLY B 2266 74.74 34.85 -39.47
CA GLY B 2266 74.56 35.53 -40.73
C GLY B 2266 74.27 34.54 -41.84
N THR B 2267 73.34 34.89 -42.73
CA THR B 2267 72.91 34.01 -43.80
C THR B 2267 73.23 34.62 -45.15
N LEU B 2268 73.65 33.77 -46.08
CA LEU B 2268 73.91 34.19 -47.45
C LEU B 2268 72.60 34.23 -48.23
N ASP B 2269 72.39 35.30 -48.99
CA ASP B 2269 71.17 35.40 -49.79
C ASP B 2269 71.23 34.38 -50.91
N PRO B 2270 70.23 33.50 -51.07
CA PRO B 2270 70.31 32.53 -52.18
C PRO B 2270 70.31 33.17 -53.55
N ASN B 2271 69.83 34.40 -53.68
CA ASN B 2271 69.86 35.14 -54.94
C ASN B 2271 70.21 36.59 -54.63
N THR B 2272 70.68 37.29 -55.66
CA THR B 2272 71.12 38.68 -55.53
C THR B 2272 72.20 38.80 -54.45
N ARG B 2273 73.31 38.12 -54.72
CA ARG B 2273 74.34 37.86 -53.70
C ARG B 2273 74.84 39.07 -52.94
N GLU B 2274 74.58 39.06 -51.64
CA GLU B 2274 75.00 40.06 -50.67
C GLU B 2274 75.08 39.38 -49.31
N TRP B 2275 76.08 39.73 -48.52
CA TRP B 2275 76.30 39.12 -47.21
C TRP B 2275 75.71 40.00 -46.12
N THR B 2276 74.95 39.39 -45.21
CA THR B 2276 74.39 40.04 -44.02
C THR B 2276 75.06 39.44 -42.80
N ASP B 2277 75.91 40.22 -42.14
CA ASP B 2277 76.62 39.74 -40.97
C ASP B 2277 75.64 39.39 -39.85
N GLY B 2278 75.81 38.20 -39.27
CA GLY B 2278 75.08 37.83 -38.09
C GLY B 2278 75.59 38.58 -36.87
N LEU B 2279 74.94 38.32 -35.75
CA LEU B 2279 75.30 39.01 -34.51
C LEU B 2279 76.71 38.64 -34.06
N PHE B 2280 76.99 37.34 -33.96
CA PHE B 2280 78.32 36.91 -33.54
C PHE B 2280 79.38 37.31 -34.56
N THR B 2281 79.08 37.14 -35.85
CA THR B 2281 80.02 37.57 -36.88
C THR B 2281 80.19 39.08 -36.85
N HIS B 2282 79.12 39.82 -36.55
CA HIS B 2282 79.24 41.26 -36.44
C HIS B 2282 80.18 41.66 -35.30
N VAL B 2283 80.04 40.99 -34.15
CA VAL B 2283 80.92 41.29 -33.02
C VAL B 2283 82.36 40.97 -33.37
N LEU B 2284 82.58 39.80 -33.99
CA LEU B 2284 83.94 39.41 -34.35
C LEU B 2284 84.55 40.39 -35.35
N ARG B 2285 83.78 40.80 -36.35
CA ARG B 2285 84.29 41.76 -37.33
C ARG B 2285 84.55 43.11 -36.70
N LYS B 2286 83.72 43.52 -35.74
CA LYS B 2286 83.92 44.79 -35.05
C LYS B 2286 85.23 44.78 -34.28
N ILE B 2287 85.50 43.70 -33.54
CA ILE B 2287 86.75 43.64 -32.78
C ILE B 2287 87.94 43.52 -33.72
N ILE B 2288 87.79 42.79 -34.83
CA ILE B 2288 88.91 42.61 -35.76
C ILE B 2288 89.27 43.93 -36.42
N ASP B 2289 88.26 44.70 -36.86
CA ASP B 2289 88.55 45.99 -37.49
C ASP B 2289 89.20 46.96 -36.52
N ASN B 2290 88.70 47.01 -35.28
CA ASN B 2290 89.27 47.86 -34.24
C ASN B 2290 89.17 49.34 -34.64
N VAL B 2291 87.96 49.76 -35.01
CA VAL B 2291 87.75 51.17 -35.36
C VAL B 2291 87.98 52.05 -34.14
N ARG B 2292 87.43 51.65 -32.99
CA ARG B 2292 87.60 52.36 -31.73
C ARG B 2292 88.73 51.78 -30.89
N GLY B 2293 89.75 51.21 -31.53
CA GLY B 2293 90.85 50.62 -30.81
C GLY B 2293 90.48 49.43 -29.96
N GLU B 2294 89.67 48.51 -30.50
CA GLU B 2294 89.23 47.35 -29.72
C GLU B 2294 90.36 46.36 -29.48
N LEU B 2295 91.40 46.36 -30.32
CA LEU B 2295 92.52 45.47 -30.09
C LEU B 2295 93.24 45.81 -28.79
N GLN B 2296 93.33 47.10 -28.47
CA GLN B 2296 93.92 47.50 -27.19
C GLN B 2296 93.09 46.95 -26.02
N LYS B 2297 91.77 47.03 -26.13
CA LYS B 2297 90.89 46.56 -25.07
C LYS B 2297 90.79 45.04 -25.11
N ARG B 2298 90.28 44.48 -24.01
CA ARG B 2298 90.05 43.05 -23.86
C ARG B 2298 88.55 42.80 -23.85
N GLN B 2299 88.09 41.87 -24.70
CA GLN B 2299 86.67 41.62 -24.92
C GLN B 2299 86.40 40.14 -24.75
N TRP B 2300 85.35 39.82 -23.99
CA TRP B 2300 84.91 38.45 -23.76
C TRP B 2300 83.49 38.29 -24.27
N ILE B 2301 83.28 37.26 -25.09
CA ILE B 2301 81.96 36.91 -25.62
C ILE B 2301 81.42 35.76 -24.79
N VAL B 2302 80.23 35.94 -24.23
CA VAL B 2302 79.64 34.99 -23.29
C VAL B 2302 78.32 34.52 -23.88
N PHE B 2303 78.24 33.24 -24.23
CA PHE B 2303 77.03 32.64 -24.77
C PHE B 2303 76.20 32.15 -23.59
N ASP B 2304 75.39 33.05 -23.04
CA ASP B 2304 74.60 32.77 -21.84
C ASP B 2304 73.31 32.08 -22.26
N GLY B 2305 73.40 30.77 -22.46
CA GLY B 2305 72.25 29.98 -22.83
C GLY B 2305 72.67 28.54 -23.01
N ASP B 2306 71.66 27.68 -23.16
CA ASP B 2306 71.91 26.25 -23.27
C ASP B 2306 72.70 25.94 -24.54
N VAL B 2307 73.67 25.02 -24.41
CA VAL B 2307 74.49 24.61 -25.53
C VAL B 2307 73.80 23.47 -26.26
N ASP B 2308 73.78 23.56 -27.58
CA ASP B 2308 73.15 22.60 -28.46
C ASP B 2308 74.11 22.31 -29.62
N PRO B 2309 73.97 21.15 -30.27
CA PRO B 2309 74.87 20.87 -31.41
C PRO B 2309 74.68 21.81 -32.58
N GLU B 2310 73.47 22.32 -32.79
CA GLU B 2310 73.16 22.99 -34.05
C GLU B 2310 73.89 24.33 -34.17
N TRP B 2311 73.85 25.16 -33.14
CA TRP B 2311 74.41 26.50 -33.21
C TRP B 2311 75.89 26.56 -32.88
N VAL B 2312 76.53 25.43 -32.55
CA VAL B 2312 77.95 25.39 -32.21
C VAL B 2312 78.79 24.73 -33.29
N GLU B 2313 78.20 24.34 -34.43
CA GLU B 2313 79.00 23.73 -35.48
C GLU B 2313 80.02 24.71 -36.05
N ASN B 2314 79.57 25.91 -36.38
CA ASN B 2314 80.51 26.93 -36.88
C ASN B 2314 81.51 27.32 -35.81
N LEU B 2315 81.10 27.31 -34.54
CA LEU B 2315 81.99 27.68 -33.45
C LEU B 2315 83.04 26.62 -33.14
N ASN B 2316 82.89 25.40 -33.68
CA ASN B 2316 83.89 24.37 -33.40
C ASN B 2316 85.24 24.75 -33.99
N SER B 2317 85.26 25.31 -35.21
CA SER B 2317 86.51 25.71 -35.81
C SER B 2317 87.19 26.82 -35.02
N VAL B 2318 86.40 27.73 -34.46
CA VAL B 2318 86.97 28.81 -33.65
C VAL B 2318 87.49 28.26 -32.34
N LEU B 2319 86.72 27.39 -31.68
CA LEU B 2319 87.13 26.84 -30.40
C LEU B 2319 88.30 25.87 -30.52
N ASP B 2320 88.51 25.28 -31.70
CA ASP B 2320 89.65 24.40 -31.91
C ASP B 2320 90.94 25.21 -31.98
N ASP B 2321 92.05 24.52 -32.15
CA ASP B 2321 93.35 25.19 -32.23
C ASP B 2321 93.48 26.05 -33.48
N ASN B 2322 92.63 25.86 -34.48
CA ASN B 2322 92.69 26.69 -35.67
C ASN B 2322 92.38 28.15 -35.35
N LYS B 2323 91.38 28.39 -34.50
CA LYS B 2323 90.93 29.73 -34.16
C LYS B 2323 90.56 30.50 -35.43
N LEU B 2324 89.58 29.97 -36.15
CA LEU B 2324 89.17 30.52 -37.44
C LEU B 2324 87.69 30.26 -37.64
N LEU B 2325 86.92 31.33 -37.82
CA LEU B 2325 85.50 31.21 -38.15
C LEU B 2325 85.36 31.21 -39.66
N THR B 2326 84.75 30.15 -40.19
CA THR B 2326 84.45 30.01 -41.61
C THR B 2326 82.94 30.14 -41.81
N LEU B 2327 82.56 30.92 -42.82
CA LEU B 2327 81.20 31.26 -43.12
C LEU B 2327 80.83 30.79 -44.52
N PRO B 2328 79.53 30.63 -44.83
CA PRO B 2328 79.16 30.29 -46.22
C PRO B 2328 79.54 31.36 -47.22
N ASN B 2329 79.75 32.60 -46.77
CA ASN B 2329 80.26 33.65 -47.66
C ASN B 2329 81.67 33.33 -48.18
N GLY B 2330 82.41 32.47 -47.50
CA GLY B 2330 83.78 32.17 -47.85
C GLY B 2330 84.82 33.01 -47.13
N GLU B 2331 84.41 33.91 -46.25
CA GLU B 2331 85.34 34.69 -45.45
C GLU B 2331 85.82 33.89 -44.26
N ARG B 2332 87.09 34.12 -43.89
CA ARG B 2332 87.76 33.37 -42.83
C ARG B 2332 88.24 34.39 -41.79
N LEU B 2333 87.48 34.51 -40.70
CA LEU B 2333 87.79 35.48 -39.65
C LEU B 2333 88.72 34.83 -38.64
N SER B 2334 89.89 35.45 -38.42
CA SER B 2334 90.87 34.94 -37.47
C SER B 2334 90.59 35.54 -36.10
N LEU B 2335 90.34 34.68 -35.12
CA LEU B 2335 90.08 35.14 -33.77
C LEU B 2335 91.35 35.79 -33.21
N PRO B 2336 91.34 37.04 -32.78
CA PRO B 2336 92.55 37.61 -32.19
C PRO B 2336 92.76 37.13 -30.76
N PRO B 2337 93.96 37.29 -30.20
CA PRO B 2337 94.21 36.77 -28.85
C PRO B 2337 93.38 37.44 -27.77
N ASN B 2338 92.88 38.66 -28.01
CA ASN B 2338 92.11 39.36 -26.98
C ASN B 2338 90.75 38.73 -26.73
N VAL B 2339 90.21 38.01 -27.71
CA VAL B 2339 88.87 37.45 -27.58
C VAL B 2339 88.93 36.18 -26.76
N ARG B 2340 87.88 35.94 -25.97
CA ARG B 2340 87.75 34.73 -25.15
C ARG B 2340 86.28 34.32 -25.18
N ILE B 2341 85.96 33.29 -25.94
CA ILE B 2341 84.59 32.85 -26.12
C ILE B 2341 84.20 32.01 -24.90
N MET B 2342 83.17 32.46 -24.19
CA MET B 2342 82.78 31.89 -22.91
C MET B 2342 81.37 31.33 -23.02
N PHE B 2343 81.03 30.42 -22.11
CA PHE B 2343 79.74 29.76 -22.10
C PHE B 2343 79.20 29.69 -20.68
N GLU B 2344 77.89 29.90 -20.55
CA GLU B 2344 77.15 29.59 -19.34
C GLU B 2344 76.03 28.62 -19.70
N VAL B 2345 75.96 27.52 -18.97
CA VAL B 2345 74.92 26.51 -19.16
C VAL B 2345 74.52 25.97 -17.80
N GLN B 2346 73.22 25.74 -17.63
CA GLN B 2346 72.77 25.01 -16.45
C GLN B 2346 73.32 23.59 -16.46
N ASP B 2347 73.32 22.95 -17.63
CA ASP B 2347 73.86 21.61 -17.80
C ASP B 2347 74.33 21.48 -19.24
N LEU B 2348 75.10 20.41 -19.50
CA LEU B 2348 75.58 20.08 -20.84
C LEU B 2348 74.98 18.76 -21.29
N LYS B 2349 73.68 18.58 -21.03
CA LYS B 2349 73.01 17.34 -21.37
C LYS B 2349 73.00 17.11 -22.89
N TYR B 2350 72.77 18.17 -23.65
CA TYR B 2350 72.69 18.11 -25.11
C TYR B 2350 73.94 18.65 -25.80
N ALA B 2351 75.02 18.87 -25.07
CA ALA B 2351 76.26 19.35 -25.67
C ALA B 2351 77.05 18.18 -26.23
N THR B 2352 77.53 18.33 -27.46
CA THR B 2352 78.35 17.30 -28.08
C THR B 2352 79.70 17.21 -27.37
N LEU B 2353 80.25 15.99 -27.34
CA LEU B 2353 81.57 15.80 -26.77
C LEU B 2353 82.64 16.58 -27.53
N ALA B 2354 82.41 16.81 -28.83
CA ALA B 2354 83.35 17.62 -29.61
C ALA B 2354 83.42 19.03 -29.08
N THR B 2355 82.28 19.59 -28.63
CA THR B 2355 82.28 20.94 -28.08
C THR B 2355 82.91 20.96 -26.69
N VAL B 2356 82.66 19.93 -25.88
CA VAL B 2356 83.20 19.92 -24.52
C VAL B 2356 84.72 19.75 -24.55
N SER B 2357 85.22 18.94 -25.48
CA SER B 2357 86.66 18.65 -25.50
C SER B 2357 87.47 19.91 -25.80
N ARG B 2358 87.00 20.73 -26.74
CA ARG B 2358 87.80 21.89 -27.16
C ARG B 2358 87.88 22.95 -26.07
N CYS B 2359 86.89 23.02 -25.19
CA CYS B 2359 86.78 24.10 -24.21
C CYS B 2359 87.22 23.65 -22.83
N GLY B 2360 87.80 24.57 -22.08
CA GLY B 2360 88.00 24.37 -20.66
C GLY B 2360 86.68 24.50 -19.93
N MET B 2361 86.71 24.19 -18.63
CA MET B 2361 85.45 24.12 -17.91
C MET B 2361 85.67 24.33 -16.43
N VAL B 2362 84.72 25.01 -15.79
CA VAL B 2362 84.70 25.22 -14.36
C VAL B 2362 83.27 24.92 -13.89
N TRP B 2363 83.09 23.79 -13.19
CA TRP B 2363 81.77 23.38 -12.73
C TRP B 2363 81.42 24.15 -11.46
N PHE B 2364 80.40 25.00 -11.54
CA PHE B 2364 79.98 25.83 -10.41
C PHE B 2364 78.87 25.12 -9.66
N SER B 2365 79.27 24.19 -8.79
CA SER B 2365 78.29 23.40 -8.03
C SER B 2365 77.42 24.31 -7.18
N GLU B 2366 76.19 23.84 -6.90
CA GLU B 2366 75.21 24.68 -6.23
C GLU B 2366 75.66 25.05 -4.82
N ASP B 2367 76.49 24.23 -4.18
CA ASP B 2367 77.06 24.55 -2.87
C ASP B 2367 78.39 25.29 -3.01
N VAL B 2368 78.38 26.29 -3.89
CA VAL B 2368 79.39 27.34 -3.89
C VAL B 2368 78.82 28.64 -3.35
N LEU B 2369 77.50 28.86 -3.49
CA LEU B 2369 76.81 30.04 -3.00
C LEU B 2369 75.92 29.61 -1.83
N SER B 2370 76.41 29.80 -0.61
CA SER B 2370 75.63 29.47 0.57
C SER B 2370 74.50 30.47 0.77
N THR B 2371 73.52 30.09 1.59
CA THR B 2371 72.44 31.01 1.92
C THR B 2371 72.95 32.25 2.62
N ASP B 2372 74.00 32.11 3.44
CA ASP B 2372 74.54 33.25 4.16
C ASP B 2372 75.10 34.30 3.20
N MET B 2373 75.73 33.85 2.10
CA MET B 2373 76.25 34.79 1.12
C MET B 2373 75.12 35.59 0.48
N ILE B 2374 74.01 34.94 0.14
CA ILE B 2374 72.92 35.65 -0.51
C ILE B 2374 72.25 36.61 0.47
N PHE B 2375 72.10 36.18 1.74
CA PHE B 2375 71.54 37.09 2.73
C PHE B 2375 72.44 38.30 2.95
N ASN B 2376 73.75 38.08 2.96
CA ASN B 2376 74.68 39.20 3.10
C ASN B 2376 74.58 40.13 1.89
N ASN B 2377 74.44 39.57 0.69
CA ASN B 2377 74.24 40.39 -0.49
C ASN B 2377 72.98 41.24 -0.38
N PHE B 2378 71.89 40.63 0.09
CA PHE B 2378 70.64 41.36 0.25
C PHE B 2378 70.79 42.50 1.26
N LEU B 2379 71.33 42.20 2.44
CA LEU B 2379 71.45 43.21 3.47
C LEU B 2379 72.46 44.30 3.08
N ALA B 2380 73.45 43.96 2.25
CA ALA B 2380 74.38 44.97 1.78
C ALA B 2380 73.75 45.85 0.70
N ARG B 2381 72.92 45.26 -0.16
CA ARG B 2381 72.21 46.05 -1.16
C ARG B 2381 71.23 47.00 -0.50
N LEU B 2382 70.57 46.57 0.57
CA LEU B 2382 69.62 47.44 1.25
C LEU B 2382 70.30 48.67 1.82
N ARG B 2383 71.47 48.50 2.43
CA ARG B 2383 72.09 49.58 3.19
C ARG B 2383 72.66 50.69 2.32
N SER B 2384 72.82 50.48 1.01
CA SER B 2384 73.53 51.43 0.16
C SER B 2384 72.83 51.76 -1.15
N ILE B 2385 71.83 50.99 -1.57
CA ILE B 2385 71.09 51.27 -2.80
C ILE B 2385 69.77 51.93 -2.38
N PRO B 2386 69.55 53.21 -2.69
CA PRO B 2386 68.22 53.79 -2.45
C PRO B 2386 67.18 53.07 -3.28
N LEU B 2387 66.06 52.74 -2.65
CA LEU B 2387 65.07 51.86 -3.26
C LEU B 2387 64.07 52.59 -4.14
N ASP B 2388 64.04 53.92 -4.11
CA ASP B 2388 63.12 54.71 -4.92
C ASP B 2388 63.79 55.51 -6.03
N GLU B 2389 65.10 55.76 -5.93
CA GLU B 2389 65.71 56.71 -6.86
C GLU B 2389 65.86 56.13 -8.26
N GLY B 2390 65.77 54.81 -8.41
CA GLY B 2390 65.69 54.20 -9.73
C GLY B 2390 67.02 54.04 -10.43
N GLU B 2391 67.13 54.58 -11.65
CA GLU B 2391 68.28 54.38 -12.52
C GLU B 2391 69.10 55.63 -12.79
N ASP B 2392 68.55 56.82 -12.56
CA ASP B 2392 69.32 58.04 -12.77
C ASP B 2392 70.51 58.10 -11.83
N GLU B 2393 70.32 57.66 -10.59
CA GLU B 2393 71.39 57.61 -9.60
C GLU B 2393 72.23 56.36 -9.68
N ALA B 2394 71.94 55.44 -10.61
CA ALA B 2394 72.75 54.26 -10.78
C ALA B 2394 74.17 54.63 -11.23
N GLN B 2395 74.28 55.63 -12.12
CA GLN B 2395 75.60 56.05 -12.57
C GLN B 2395 76.38 56.71 -11.45
N ARG B 2396 75.70 57.44 -10.56
CA ARG B 2396 76.38 58.10 -9.46
C ARG B 2396 76.95 57.11 -8.44
N ARG B 2397 76.52 55.84 -8.48
CA ARG B 2397 77.11 54.84 -7.62
C ARG B 2397 78.61 54.66 -7.91
N ARG B 2398 79.00 54.75 -9.17
CA ARG B 2398 80.40 54.65 -9.56
C ARG B 2398 81.16 55.96 -9.44
N LYS B 2399 80.47 57.10 -9.30
CA LYS B 2399 81.20 58.35 -9.14
C LYS B 2399 81.93 58.39 -7.79
N GLY B 2400 81.31 57.85 -6.74
CA GLY B 2400 81.90 57.79 -5.43
C GLY B 2400 82.44 56.41 -5.15
N LYS B 2401 83.72 56.34 -4.81
CA LYS B 2401 84.32 55.06 -4.43
C LYS B 2401 83.83 54.60 -3.07
N GLU B 2402 83.40 55.53 -2.21
CA GLU B 2402 82.78 55.21 -0.94
C GLU B 2402 81.52 56.02 -0.65
N ASP B 2403 81.23 57.07 -1.43
CA ASP B 2403 80.07 57.93 -1.24
C ASP B 2403 80.09 58.55 0.17
N GLU B 2404 81.17 59.28 0.44
CA GLU B 2404 81.30 59.98 1.72
C GLU B 2404 80.43 61.24 1.70
N GLY B 2405 79.82 61.52 2.84
CA GLY B 2405 78.87 62.62 2.94
C GLY B 2405 77.52 62.34 2.33
N GLU B 2406 77.26 61.11 1.87
CA GLU B 2406 76.01 60.72 1.25
C GLU B 2406 75.33 59.61 2.06
N GLU B 2407 75.61 59.53 3.36
CA GLU B 2407 74.94 58.55 4.20
C GLU B 2407 73.44 58.79 4.24
N ALA B 2408 73.05 60.05 4.37
CA ALA B 2408 71.65 60.46 4.28
C ALA B 2408 71.33 60.93 2.87
N ALA B 2409 71.46 60.00 1.92
CA ALA B 2409 71.11 60.31 0.53
C ALA B 2409 69.64 60.65 0.41
N SER B 2410 68.78 59.92 1.13
CA SER B 2410 67.36 60.20 1.17
C SER B 2410 66.80 59.60 2.45
N PRO B 2411 65.59 60.00 2.86
CA PRO B 2411 64.95 59.32 4.00
C PRO B 2411 64.71 57.84 3.73
N MET B 2412 64.55 57.46 2.45
CA MET B 2412 64.37 56.06 2.11
C MET B 2412 65.58 55.23 2.54
N LEU B 2413 66.78 55.77 2.33
CA LEU B 2413 67.98 55.05 2.74
C LEU B 2413 68.00 54.82 4.24
N GLN B 2414 67.63 55.84 5.03
CA GLN B 2414 67.60 55.68 6.47
C GLN B 2414 66.55 54.66 6.89
N ILE B 2415 65.37 54.71 6.28
CA ILE B 2415 64.31 53.79 6.65
C ILE B 2415 64.71 52.35 6.33
N GLN B 2416 65.26 52.12 5.15
CA GLN B 2416 65.63 50.76 4.79
C GLN B 2416 66.87 50.28 5.55
N ARG B 2417 67.75 51.20 5.96
CA ARG B 2417 68.86 50.81 6.83
C ARG B 2417 68.34 50.37 8.20
N ASP B 2418 67.40 51.12 8.76
CA ASP B 2418 66.80 50.71 10.02
C ASP B 2418 66.09 49.37 9.86
N ALA B 2419 65.41 49.17 8.72
CA ALA B 2419 64.73 47.90 8.47
C ALA B 2419 65.73 46.75 8.39
N ALA B 2420 66.87 46.97 7.74
CA ALA B 2420 67.91 45.95 7.72
C ALA B 2420 68.41 45.65 9.12
N THR B 2421 68.52 46.67 9.96
CA THR B 2421 68.92 46.45 11.34
C THR B 2421 67.91 45.58 12.09
N THR B 2422 66.61 45.83 11.86
CA THR B 2422 65.60 44.98 12.49
C THR B 2422 65.66 43.57 11.93
N LEU B 2423 65.98 43.42 10.65
CA LEU B 2423 65.88 42.12 9.97
C LEU B 2423 67.13 41.26 10.14
N GLN B 2424 68.26 41.84 10.56
CA GLN B 2424 69.49 41.07 10.65
C GLN B 2424 69.41 39.85 11.56
N PRO B 2425 68.81 39.91 12.76
CA PRO B 2425 68.81 38.71 13.62
C PRO B 2425 68.11 37.50 13.01
N TYR B 2426 67.16 37.73 12.10
CA TYR B 2426 66.40 36.63 11.49
C TYR B 2426 67.06 36.06 10.24
N PHE B 2427 68.08 36.72 9.70
CA PHE B 2427 68.77 36.27 8.50
C PHE B 2427 70.06 35.53 8.79
N THR B 2428 70.31 35.19 10.06
CA THR B 2428 71.57 34.55 10.44
C THR B 2428 71.67 33.16 9.81
N PRO B 2429 72.82 32.51 10.02
CA PRO B 2429 73.07 31.21 9.41
C PRO B 2429 72.18 30.12 9.98
N ASN B 2430 71.58 30.33 11.16
CA ASN B 2430 70.63 29.40 11.75
C ASN B 2430 69.38 30.15 12.23
N GLY B 2431 69.01 31.20 11.52
CA GLY B 2431 67.88 32.02 11.90
C GLY B 2431 66.56 31.47 11.40
N LEU B 2432 65.54 32.33 11.48
CA LEU B 2432 64.19 31.93 11.07
C LEU B 2432 64.14 31.61 9.58
N VAL B 2433 64.77 32.45 8.75
CA VAL B 2433 64.67 32.30 7.31
C VAL B 2433 65.31 31.00 6.86
N THR B 2434 66.48 30.67 7.43
CA THR B 2434 67.19 29.46 7.02
C THR B 2434 66.39 28.21 7.36
N LYS B 2435 65.89 28.12 8.60
CA LYS B 2435 65.10 26.96 8.98
C LYS B 2435 63.82 26.86 8.15
N ALA B 2436 63.19 28.02 7.90
CA ALA B 2436 61.98 28.03 7.08
C ALA B 2436 62.26 27.52 5.67
N LEU B 2437 63.37 27.96 5.08
CA LEU B 2437 63.71 27.52 3.74
C LEU B 2437 64.03 26.02 3.70
N GLU B 2438 64.77 25.53 4.68
CA GLU B 2438 65.08 24.11 4.72
C GLU B 2438 63.82 23.26 4.89
N HIS B 2439 62.88 23.73 5.72
CA HIS B 2439 61.62 23.00 5.85
C HIS B 2439 60.79 23.09 4.56
N ALA B 2440 60.79 24.25 3.92
CA ALA B 2440 60.01 24.42 2.69
C ALA B 2440 60.54 23.56 1.57
N PHE B 2441 61.85 23.32 1.52
CA PHE B 2441 62.41 22.44 0.50
C PHE B 2441 61.84 21.04 0.61
N LYS B 2442 61.45 20.61 1.82
CA LYS B 2442 60.82 19.31 1.98
C LYS B 2442 59.43 19.30 1.35
N LEU B 2443 58.70 20.41 1.42
CA LEU B 2443 57.36 20.47 0.89
C LEU B 2443 57.37 20.34 -0.63
N GLU B 2444 56.40 19.60 -1.17
CA GLU B 2444 56.24 19.51 -2.61
C GLU B 2444 55.55 20.76 -3.15
N HIS B 2445 56.05 21.26 -4.26
CA HIS B 2445 55.49 22.40 -4.96
C HIS B 2445 55.25 21.99 -6.41
N ILE B 2446 54.18 22.52 -7.00
CA ILE B 2446 53.85 22.19 -8.40
C ILE B 2446 55.02 22.54 -9.30
N MET B 2447 55.59 23.73 -9.14
CA MET B 2447 56.80 24.13 -9.84
C MET B 2447 58.01 23.75 -9.00
N ASP B 2448 59.13 23.50 -9.68
CA ASP B 2448 60.34 23.11 -8.99
C ASP B 2448 60.81 24.23 -8.06
N LEU B 2449 61.06 23.89 -6.81
CA LEU B 2449 61.40 24.86 -5.78
C LEU B 2449 62.91 25.09 -5.80
N THR B 2450 63.33 26.21 -6.35
CA THR B 2450 64.73 26.61 -6.35
C THR B 2450 64.99 27.61 -5.23
N ARG B 2451 66.23 27.60 -4.73
CA ARG B 2451 66.58 28.44 -3.60
C ARG B 2451 66.45 29.92 -3.95
N LEU B 2452 67.03 30.33 -5.07
CA LEU B 2452 67.10 31.75 -5.38
C LEU B 2452 65.73 32.32 -5.77
N ARG B 2453 64.83 31.49 -6.29
CA ARG B 2453 63.47 31.96 -6.54
C ARG B 2453 62.81 32.40 -5.25
N CYS B 2454 62.83 31.53 -4.24
CA CYS B 2454 62.24 31.85 -2.94
C CYS B 2454 62.94 33.05 -2.32
N LEU B 2455 64.27 33.09 -2.39
CA LEU B 2455 64.99 34.19 -1.76
C LEU B 2455 64.70 35.52 -2.45
N GLY B 2456 64.64 35.53 -3.78
CA GLY B 2456 64.31 36.76 -4.48
C GLY B 2456 62.89 37.23 -4.19
N SER B 2457 61.95 36.28 -4.11
CA SER B 2457 60.59 36.63 -3.72
C SER B 2457 60.58 37.28 -2.34
N LEU B 2458 61.27 36.67 -1.39
CA LEU B 2458 61.30 37.21 -0.02
C LEU B 2458 61.93 38.60 0.00
N PHE B 2459 63.02 38.80 -0.74
CA PHE B 2459 63.67 40.10 -0.76
C PHE B 2459 62.77 41.15 -1.37
N SER B 2460 62.04 40.81 -2.43
CA SER B 2460 61.11 41.78 -3.03
C SER B 2460 60.01 42.14 -2.05
N MET B 2461 59.49 41.16 -1.30
CA MET B 2461 58.45 41.47 -0.32
C MET B 2461 58.99 42.38 0.78
N LEU B 2462 60.22 42.16 1.24
CA LEU B 2462 60.77 43.04 2.27
C LEU B 2462 61.04 44.44 1.73
N HIS B 2463 61.48 44.53 0.47
CA HIS B 2463 61.58 45.82 -0.20
C HIS B 2463 60.25 46.55 -0.15
N GLN B 2464 59.16 45.85 -0.48
CA GLN B 2464 57.86 46.49 -0.43
C GLN B 2464 57.46 46.83 1.01
N ALA B 2465 57.94 46.07 1.99
CA ALA B 2465 57.65 46.41 3.39
C ALA B 2465 58.24 47.76 3.75
N CYS B 2466 59.51 47.97 3.41
CA CYS B 2466 60.10 49.27 3.73
C CYS B 2466 59.49 50.38 2.87
N ARG B 2467 59.07 50.06 1.66
CA ARG B 2467 58.33 51.05 0.85
C ARG B 2467 57.03 51.44 1.53
N ASN B 2468 56.32 50.48 2.12
CA ASN B 2468 55.09 50.79 2.85
C ASN B 2468 55.38 51.68 4.05
N VAL B 2469 56.48 51.42 4.75
CA VAL B 2469 56.87 52.29 5.87
C VAL B 2469 57.11 53.72 5.36
N ALA B 2470 57.80 53.84 4.22
CA ALA B 2470 58.05 55.16 3.67
C ALA B 2470 56.74 55.85 3.29
N GLN B 2471 55.78 55.09 2.76
CA GLN B 2471 54.48 55.65 2.45
C GLN B 2471 53.80 56.18 3.70
N TYR B 2472 53.85 55.41 4.79
CA TYR B 2472 53.24 55.88 6.04
C TYR B 2472 53.93 57.14 6.55
N ASN B 2473 55.25 57.20 6.45
CA ASN B 2473 55.96 58.40 6.86
C ASN B 2473 55.54 59.60 6.02
N ALA B 2474 55.38 59.40 4.71
CA ALA B 2474 54.94 60.50 3.85
C ALA B 2474 53.53 60.94 4.21
N ASN B 2475 52.65 60.01 4.55
CA ASN B 2475 51.28 60.34 4.92
C ASN B 2475 51.17 60.86 6.35
N HIS B 2476 52.22 60.78 7.15
CA HIS B 2476 52.24 61.31 8.51
C HIS B 2476 53.48 62.17 8.69
N PRO B 2477 53.55 63.31 7.99
CA PRO B 2477 54.74 64.17 8.10
C PRO B 2477 54.92 64.79 9.48
N ASP B 2478 53.86 64.88 10.29
CA ASP B 2478 53.97 65.54 11.58
C ASP B 2478 54.68 64.66 12.62
N PHE B 2479 54.60 63.34 12.48
CA PHE B 2479 55.30 62.42 13.37
C PHE B 2479 55.54 61.13 12.59
N PRO B 2480 56.79 60.89 12.12
CA PRO B 2480 57.02 59.69 11.29
C PRO B 2480 56.97 58.40 12.10
N MET B 2481 57.25 57.28 11.43
CA MET B 2481 57.19 55.98 12.07
C MET B 2481 58.19 55.91 13.22
N GLN B 2482 57.72 55.44 14.37
CA GLN B 2482 58.60 55.23 15.52
C GLN B 2482 59.29 53.87 15.39
N MET B 2483 60.42 53.75 16.11
CA MET B 2483 61.21 52.53 15.99
C MET B 2483 60.50 51.33 16.61
N GLU B 2484 59.63 51.57 17.60
CA GLU B 2484 58.88 50.45 18.17
C GLU B 2484 57.86 49.91 17.17
N GLN B 2485 57.09 50.82 16.55
CA GLN B 2485 56.15 50.39 15.53
C GLN B 2485 56.87 49.79 14.34
N LEU B 2486 58.02 50.37 13.98
CA LEU B 2486 58.83 49.81 12.89
C LEU B 2486 59.27 48.39 13.22
N GLU B 2487 59.72 48.17 14.45
CA GLU B 2487 60.14 46.83 14.88
C GLU B 2487 58.98 45.85 14.75
N ARG B 2488 57.83 46.19 15.31
CA ARG B 2488 56.68 45.28 15.26
C ARG B 2488 56.26 45.01 13.82
N TYR B 2489 56.20 46.07 13.00
CA TYR B 2489 55.73 45.93 11.62
C TYR B 2489 56.65 45.03 10.83
N ILE B 2490 57.97 45.27 10.89
CA ILE B 2490 58.87 44.47 10.07
C ILE B 2490 58.98 43.05 10.62
N GLN B 2491 58.89 42.88 11.95
CA GLN B 2491 58.93 41.52 12.49
C GLN B 2491 57.74 40.71 11.99
N ARG B 2492 56.55 41.30 11.97
CA ARG B 2492 55.39 40.58 11.45
C ARG B 2492 55.48 40.39 9.94
N TYR B 2493 55.95 41.42 9.23
CA TYR B 2493 56.05 41.34 7.78
C TYR B 2493 57.02 40.27 7.35
N LEU B 2494 58.09 40.05 8.13
CA LEU B 2494 59.05 39.02 7.75
C LEU B 2494 58.40 37.64 7.77
N VAL B 2495 57.59 37.35 8.79
CA VAL B 2495 56.89 36.08 8.84
C VAL B 2495 55.88 35.98 7.69
N TYR B 2496 55.14 37.07 7.45
CA TYR B 2496 54.13 37.07 6.38
C TYR B 2496 54.79 36.81 5.03
N ALA B 2497 55.90 37.49 4.76
CA ALA B 2497 56.62 37.30 3.51
C ALA B 2497 57.27 35.93 3.43
N ILE B 2498 57.71 35.39 4.57
CA ILE B 2498 58.26 34.03 4.58
C ILE B 2498 57.20 33.05 4.11
N LEU B 2499 56.01 33.14 4.68
CA LEU B 2499 54.92 32.27 4.26
C LEU B 2499 54.63 32.44 2.78
N TRP B 2500 54.44 33.68 2.34
CA TRP B 2500 53.99 33.89 0.96
C TRP B 2500 55.09 33.71 -0.07
N SER B 2501 56.35 33.61 0.34
CA SER B 2501 57.44 33.30 -0.58
C SER B 2501 57.72 31.81 -0.64
N LEU B 2502 57.67 31.13 0.50
CA LEU B 2502 58.00 29.70 0.52
C LEU B 2502 56.77 28.86 0.16
N SER B 2503 55.70 28.97 0.93
CA SER B 2503 54.49 28.18 0.67
C SER B 2503 53.53 28.88 -0.28
N GLY B 2504 53.96 29.94 -0.96
CA GLY B 2504 53.12 30.56 -1.96
C GLY B 2504 52.88 29.73 -3.20
N ASP B 2505 53.65 28.65 -3.39
CA ASP B 2505 53.50 27.74 -4.51
C ASP B 2505 52.75 26.46 -4.15
N SER B 2506 52.32 26.31 -2.90
CA SER B 2506 51.77 25.06 -2.39
C SER B 2506 50.29 25.21 -2.11
N ARG B 2507 49.66 24.10 -1.72
CA ARG B 2507 48.25 24.09 -1.44
C ARG B 2507 47.98 24.81 -0.11
N LEU B 2508 46.70 24.89 0.27
CA LEU B 2508 46.35 25.58 1.51
C LEU B 2508 46.76 24.76 2.72
N LYS B 2509 46.63 23.43 2.64
CA LYS B 2509 47.02 22.58 3.77
C LYS B 2509 48.51 22.70 4.06
N MET B 2510 49.34 22.76 3.02
CA MET B 2510 50.77 22.84 3.23
C MET B 2510 51.20 24.25 3.63
N ARG B 2511 50.47 25.27 3.19
CA ARG B 2511 50.66 26.61 3.74
C ARG B 2511 50.39 26.61 5.24
N ALA B 2512 49.32 25.91 5.66
CA ALA B 2512 49.05 25.79 7.09
C ALA B 2512 50.16 25.02 7.80
N GLU B 2513 50.71 24.00 7.16
CA GLU B 2513 51.81 23.24 7.75
C GLU B 2513 53.02 24.14 7.98
N LEU B 2514 53.40 24.92 6.98
CA LEU B 2514 54.54 25.82 7.14
C LEU B 2514 54.23 26.88 8.20
N GLY B 2515 52.99 27.36 8.24
CA GLY B 2515 52.62 28.29 9.29
C GLY B 2515 52.77 27.70 10.66
N GLU B 2516 52.39 26.42 10.82
CA GLU B 2516 52.57 25.75 12.10
C GLU B 2516 54.04 25.63 12.47
N TYR B 2517 54.89 25.28 11.49
CA TYR B 2517 56.31 25.17 11.78
C TYR B 2517 56.91 26.52 12.19
N ILE B 2518 56.54 27.58 11.47
CA ILE B 2518 57.01 28.92 11.83
C ILE B 2518 56.53 29.29 13.22
N ARG B 2519 55.26 29.00 13.51
CA ARG B 2519 54.73 29.24 14.85
C ARG B 2519 55.52 28.47 15.91
N ARG B 2520 56.03 27.29 15.56
CA ARG B 2520 56.84 26.54 16.50
C ARG B 2520 58.18 27.22 16.75
N ILE B 2521 58.87 27.64 15.68
CA ILE B 2521 60.25 28.09 15.81
C ILE B 2521 60.40 29.60 15.97
N THR B 2522 59.33 30.37 15.76
CA THR B 2522 59.45 31.82 15.74
C THR B 2522 59.33 32.41 17.14
N THR B 2523 59.96 33.58 17.32
CA THR B 2523 59.77 34.41 18.50
C THR B 2523 58.77 35.54 18.26
N VAL B 2524 58.47 35.86 17.01
CA VAL B 2524 57.52 36.95 16.72
C VAL B 2524 56.11 36.49 17.06
N PRO B 2525 55.28 37.30 17.72
CA PRO B 2525 53.89 36.87 17.95
C PRO B 2525 53.14 36.72 16.64
N LEU B 2526 52.18 35.80 16.64
CA LEU B 2526 51.37 35.47 15.49
C LEU B 2526 49.90 35.68 15.85
N PRO B 2527 48.96 35.58 14.91
CA PRO B 2527 47.55 35.75 15.26
C PRO B 2527 47.10 34.73 16.29
N ALA B 2528 46.23 35.17 17.20
CA ALA B 2528 45.76 34.37 18.33
C ALA B 2528 44.32 33.94 18.13
N ALA B 2529 43.94 33.64 16.88
CA ALA B 2529 42.65 33.07 16.52
C ALA B 2529 42.86 31.61 16.12
N PRO B 2530 42.19 30.63 16.77
CA PRO B 2530 42.61 29.23 16.58
C PRO B 2530 42.44 28.69 15.17
N ASN B 2531 41.23 28.72 14.65
CA ASN B 2531 40.91 28.08 13.37
C ASN B 2531 40.92 29.09 12.23
N ILE B 2532 42.06 29.76 12.07
CA ILE B 2532 42.33 30.61 10.91
C ILE B 2532 43.80 30.38 10.53
N PRO B 2533 44.12 30.09 9.27
CA PRO B 2533 45.55 30.01 8.90
C PRO B 2533 46.22 31.37 9.00
N ILE B 2534 47.54 31.33 9.19
CA ILE B 2534 48.30 32.57 9.32
C ILE B 2534 48.30 33.33 8.00
N ILE B 2535 48.23 32.61 6.87
CA ILE B 2535 48.24 33.28 5.57
C ILE B 2535 47.01 34.14 5.35
N ASP B 2536 45.90 33.84 6.05
CA ASP B 2536 44.69 34.64 5.92
C ASP B 2536 44.81 36.03 6.54
N TYR B 2537 45.88 36.31 7.29
CA TYR B 2537 46.07 37.58 7.97
C TYR B 2537 47.05 38.45 7.20
N GLU B 2538 46.76 39.75 7.14
CA GLU B 2538 47.67 40.77 6.64
C GLU B 2538 48.33 41.46 7.83
N VAL B 2539 49.47 42.09 7.56
CA VAL B 2539 50.13 42.94 8.51
C VAL B 2539 49.77 44.38 8.17
N SER B 2540 49.11 45.06 9.10
CA SER B 2540 48.72 46.44 8.89
C SER B 2540 49.97 47.34 8.92
N ILE B 2541 49.77 48.61 8.59
CA ILE B 2541 50.88 49.55 8.68
C ILE B 2541 51.34 49.66 10.13
N SER B 2542 50.40 49.71 11.06
CA SER B 2542 50.72 49.46 12.46
C SER B 2542 51.10 47.98 12.62
N GLY B 2543 51.88 47.71 13.67
CA GLY B 2543 52.49 46.40 13.79
C GLY B 2543 51.52 45.24 13.89
N GLU B 2544 50.35 45.48 14.46
CA GLU B 2544 49.42 44.39 14.76
C GLU B 2544 48.88 43.75 13.48
N TRP B 2545 48.54 42.47 13.58
CA TRP B 2545 47.92 41.76 12.48
C TRP B 2545 46.50 42.27 12.25
N SER B 2546 45.92 41.89 11.10
CA SER B 2546 44.53 42.19 10.82
C SER B 2546 44.04 41.19 9.78
N PRO B 2547 42.83 40.63 9.92
CA PRO B 2547 42.38 39.64 8.94
C PRO B 2547 42.14 40.27 7.57
N TRP B 2548 42.38 39.48 6.53
CA TRP B 2548 42.12 39.95 5.17
C TRP B 2548 40.63 40.21 4.94
N GLN B 2549 39.77 39.52 5.67
CA GLN B 2549 38.32 39.61 5.43
C GLN B 2549 37.78 41.02 5.64
N ALA B 2550 38.47 41.87 6.41
CA ALA B 2550 38.02 43.24 6.58
C ALA B 2550 38.21 44.06 5.31
N LYS B 2551 39.18 43.71 4.47
CA LYS B 2551 39.54 44.52 3.31
C LYS B 2551 38.84 44.09 2.02
N VAL B 2552 37.91 43.13 2.07
CA VAL B 2552 37.19 42.64 0.91
C VAL B 2552 35.76 43.18 0.99
N PRO B 2553 35.35 44.13 0.13
CA PRO B 2553 33.98 44.63 0.25
C PRO B 2553 32.94 43.64 -0.24
N GLN B 2554 31.72 43.83 0.24
CA GLN B 2554 30.54 43.14 -0.29
C GLN B 2554 29.83 44.10 -1.24
N ILE B 2555 29.83 43.75 -2.53
CA ILE B 2555 29.34 44.64 -3.58
C ILE B 2555 28.01 44.10 -4.10
N GLU B 2556 27.38 44.91 -4.96
CA GLU B 2556 26.17 44.52 -5.67
C GLU B 2556 26.42 44.70 -7.16
N VAL B 2557 26.09 43.66 -7.93
CA VAL B 2557 26.38 43.62 -9.36
C VAL B 2557 25.10 43.95 -10.13
N GLU B 2558 25.26 44.63 -11.26
CA GLU B 2558 24.12 44.94 -12.11
C GLU B 2558 23.56 43.67 -12.74
N THR B 2559 22.27 43.71 -13.05
CA THR B 2559 21.65 42.60 -13.76
C THR B 2559 22.14 42.50 -15.20
N HIS B 2560 22.68 43.60 -15.74
CA HIS B 2560 23.20 43.58 -17.11
C HIS B 2560 24.35 42.59 -17.24
N LYS B 2561 25.27 42.59 -16.28
CA LYS B 2561 26.48 41.76 -16.31
C LYS B 2561 26.48 40.91 -15.04
N VAL B 2562 25.80 39.78 -15.08
CA VAL B 2562 25.69 38.90 -13.93
C VAL B 2562 26.68 37.75 -14.04
N ALA B 2563 27.00 37.35 -15.28
CA ALA B 2563 27.91 36.25 -15.55
C ALA B 2563 29.20 36.69 -16.24
N ALA B 2564 29.24 37.89 -16.81
CA ALA B 2564 30.48 38.44 -17.36
C ALA B 2564 30.87 39.77 -16.71
N PRO B 2565 30.95 39.86 -15.35
CA PRO B 2565 31.67 41.00 -14.77
C PRO B 2565 33.15 40.72 -14.73
N ASP B 2566 33.85 41.03 -15.82
CA ASP B 2566 35.29 40.77 -15.88
C ASP B 2566 36.04 41.46 -14.75
N VAL B 2567 35.52 42.58 -14.23
CA VAL B 2567 35.96 43.05 -12.92
C VAL B 2567 35.58 42.00 -11.90
N VAL B 2568 36.59 41.43 -11.22
CA VAL B 2568 36.36 40.29 -10.36
C VAL B 2568 35.56 40.71 -9.14
N VAL B 2569 34.61 39.87 -8.74
CA VAL B 2569 33.89 40.09 -7.49
C VAL B 2569 34.93 40.01 -6.38
N PRO B 2570 35.08 41.02 -5.51
CA PRO B 2570 36.12 40.94 -4.48
C PRO B 2570 35.88 39.78 -3.53
N THR B 2571 36.83 38.85 -3.52
CA THR B 2571 36.86 37.73 -2.59
C THR B 2571 38.22 37.70 -1.91
N LEU B 2572 38.34 36.83 -0.91
CA LEU B 2572 39.54 36.82 -0.07
C LEU B 2572 40.79 36.49 -0.90
N ASP B 2573 40.70 35.47 -1.75
CA ASP B 2573 41.83 35.11 -2.59
C ASP B 2573 42.17 36.24 -3.56
N THR B 2574 41.17 36.90 -4.12
CA THR B 2574 41.43 37.98 -5.07
C THR B 2574 42.18 39.13 -4.41
N VAL B 2575 41.75 39.53 -3.20
CA VAL B 2575 42.41 40.65 -2.55
C VAL B 2575 43.83 40.29 -2.16
N ARG B 2576 44.04 39.06 -1.66
CA ARG B 2576 45.40 38.59 -1.38
C ARG B 2576 46.27 38.67 -2.61
N HIS B 2577 45.77 38.12 -3.73
CA HIS B 2577 46.61 37.99 -4.91
C HIS B 2577 46.87 39.34 -5.58
N GLU B 2578 45.93 40.29 -5.52
CA GLU B 2578 46.26 41.61 -6.07
C GLU B 2578 47.22 42.37 -5.16
N ALA B 2579 47.14 42.16 -3.84
CA ALA B 2579 48.16 42.74 -2.97
C ALA B 2579 49.54 42.24 -3.34
N LEU B 2580 49.68 40.92 -3.50
CA LEU B 2580 50.97 40.36 -3.91
C LEU B 2580 51.36 40.84 -5.31
N LEU B 2581 50.38 40.99 -6.19
CA LEU B 2581 50.65 41.47 -7.55
C LEU B 2581 51.27 42.86 -7.51
N TYR B 2582 50.69 43.75 -6.72
CA TYR B 2582 51.27 45.09 -6.61
C TYR B 2582 52.65 45.04 -5.96
N THR B 2583 52.84 44.19 -4.94
CA THR B 2583 54.14 44.13 -4.27
C THR B 2583 55.22 43.68 -5.24
N TRP B 2584 54.94 42.67 -6.07
CA TRP B 2584 55.94 42.15 -6.99
C TRP B 2584 56.00 42.90 -8.33
N LEU B 2585 55.03 43.74 -8.62
CA LEU B 2585 55.14 44.63 -9.78
C LEU B 2585 55.87 45.92 -9.44
N ALA B 2586 55.88 46.32 -8.17
CA ALA B 2586 56.66 47.49 -7.78
C ALA B 2586 58.14 47.29 -8.08
N GLU B 2587 58.63 46.05 -7.98
CA GLU B 2587 60.01 45.72 -8.30
C GLU B 2587 60.23 45.32 -9.76
N HIS B 2588 59.16 45.31 -10.57
CA HIS B 2588 59.23 44.92 -11.97
C HIS B 2588 59.63 43.47 -12.18
N LYS B 2589 59.51 42.64 -11.14
CA LYS B 2589 59.79 41.22 -11.30
C LYS B 2589 58.70 40.57 -12.14
N PRO B 2590 59.03 39.54 -12.95
CA PRO B 2590 57.97 38.91 -13.76
C PRO B 2590 57.14 37.96 -12.93
N LEU B 2591 55.94 38.39 -12.58
CA LEU B 2591 55.04 37.52 -11.83
C LEU B 2591 54.55 36.38 -12.72
N VAL B 2592 54.29 35.23 -12.09
CA VAL B 2592 53.65 34.11 -12.75
C VAL B 2592 52.64 33.52 -11.77
N LEU B 2593 51.49 33.10 -12.28
CA LEU B 2593 50.48 32.43 -11.46
C LEU B 2593 50.11 31.09 -12.08
N CYS B 2594 50.11 30.05 -11.25
CA CYS B 2594 49.72 28.71 -11.63
C CYS B 2594 48.47 28.31 -10.86
N GLY B 2595 47.85 27.23 -11.31
CA GLY B 2595 46.67 26.69 -10.67
C GLY B 2595 45.85 25.86 -11.62
N PRO B 2596 44.87 25.13 -11.09
CA PRO B 2596 44.04 24.30 -11.96
C PRO B 2596 43.18 25.15 -12.86
N PRO B 2597 42.67 24.59 -13.96
CA PRO B 2597 41.89 25.41 -14.90
C PRO B 2597 40.64 25.97 -14.27
N GLY B 2598 40.30 27.19 -14.65
CA GLY B 2598 39.13 27.85 -14.12
C GLY B 2598 39.24 28.36 -12.71
N SER B 2599 40.45 28.34 -12.12
CA SER B 2599 40.60 28.83 -10.76
C SER B 2599 40.35 30.32 -10.65
N GLY B 2600 40.58 31.06 -11.74
CA GLY B 2600 40.37 32.49 -11.78
C GLY B 2600 41.63 33.34 -11.89
N LYS B 2601 42.73 32.78 -12.41
CA LYS B 2601 43.98 33.53 -12.44
C LYS B 2601 43.95 34.61 -13.51
N THR B 2602 43.40 34.32 -14.69
CA THR B 2602 43.40 35.31 -15.76
C THR B 2602 42.57 36.54 -15.39
N MET B 2603 41.39 36.32 -14.82
CA MET B 2603 40.54 37.46 -14.46
C MET B 2603 41.19 38.31 -13.38
N THR B 2604 41.73 37.67 -12.35
CA THR B 2604 42.36 38.42 -11.26
C THR B 2604 43.56 39.20 -11.79
N LEU B 2605 44.36 38.59 -12.65
CA LEU B 2605 45.50 39.28 -13.23
C LEU B 2605 45.04 40.49 -14.03
N PHE B 2606 44.03 40.32 -14.89
CA PHE B 2606 43.58 41.43 -15.72
C PHE B 2606 42.99 42.55 -14.87
N SER B 2607 42.17 42.20 -13.88
CA SER B 2607 41.53 43.21 -13.05
C SER B 2607 42.58 43.97 -12.23
N ALA B 2608 43.52 43.26 -11.62
CA ALA B 2608 44.55 43.91 -10.83
C ALA B 2608 45.43 44.80 -11.70
N LEU B 2609 45.78 44.33 -12.90
CA LEU B 2609 46.63 45.13 -13.78
C LEU B 2609 45.89 46.38 -14.27
N ARG B 2610 44.61 46.24 -14.60
CA ARG B 2610 43.84 47.37 -15.10
C ARG B 2610 43.44 48.34 -13.99
N ALA B 2611 43.45 47.89 -12.73
CA ALA B 2611 43.19 48.81 -11.63
C ALA B 2611 44.29 49.86 -11.51
N LEU B 2612 45.52 49.47 -11.80
CA LEU B 2612 46.62 50.43 -11.76
C LEU B 2612 46.43 51.48 -12.86
N PRO B 2613 46.79 52.75 -12.60
CA PRO B 2613 46.55 53.78 -13.63
C PRO B 2613 47.59 53.78 -14.74
N ASP B 2614 48.84 53.50 -14.38
CA ASP B 2614 49.93 53.57 -15.35
C ASP B 2614 49.97 52.36 -16.27
N MET B 2615 49.58 51.19 -15.77
CA MET B 2615 49.81 49.94 -16.50
C MET B 2615 48.97 49.88 -17.77
N GLU B 2616 49.61 49.56 -18.88
CA GLU B 2616 48.95 49.33 -20.16
C GLU B 2616 49.08 47.85 -20.49
N VAL B 2617 47.96 47.12 -20.39
CA VAL B 2617 47.97 45.68 -20.54
C VAL B 2617 47.93 45.32 -22.01
N VAL B 2618 48.76 44.37 -22.42
CA VAL B 2618 48.72 43.78 -23.75
C VAL B 2618 48.50 42.29 -23.57
N GLY B 2619 47.36 41.80 -24.05
CA GLY B 2619 46.99 40.41 -23.86
C GLY B 2619 47.49 39.50 -24.95
N LEU B 2620 48.61 38.82 -24.71
CA LEU B 2620 49.14 37.82 -25.61
C LEU B 2620 48.86 36.43 -25.05
N ASN B 2621 48.41 35.54 -25.92
CA ASN B 2621 48.17 34.14 -25.57
C ASN B 2621 49.19 33.28 -26.30
N PHE B 2622 49.95 32.50 -25.54
CA PHE B 2622 51.00 31.66 -26.09
C PHE B 2622 50.42 30.31 -26.53
N SER B 2623 51.11 29.68 -27.48
CA SER B 2623 50.72 28.39 -28.00
C SER B 2623 51.97 27.59 -28.28
N SER B 2624 51.78 26.37 -28.80
CA SER B 2624 52.92 25.50 -29.07
C SER B 2624 53.83 26.05 -30.16
N ALA B 2625 53.32 26.90 -31.04
CA ALA B 2625 54.08 27.45 -32.16
C ALA B 2625 54.56 28.88 -31.91
N THR B 2626 54.40 29.39 -30.70
CA THR B 2626 54.81 30.75 -30.40
C THR B 2626 56.34 30.82 -30.27
N THR B 2627 56.89 31.97 -30.68
CA THR B 2627 58.33 32.16 -30.77
C THR B 2627 58.70 33.56 -30.29
N PRO B 2628 59.99 33.91 -30.26
CA PRO B 2628 60.37 35.32 -30.07
C PRO B 2628 59.69 36.29 -31.03
N GLU B 2629 59.29 35.82 -32.21
CA GLU B 2629 58.67 36.70 -33.20
C GLU B 2629 57.39 37.34 -32.66
N LEU B 2630 56.64 36.61 -31.83
CA LEU B 2630 55.42 37.19 -31.26
C LEU B 2630 55.74 38.39 -30.37
N LEU B 2631 56.73 38.24 -29.50
CA LEU B 2631 57.11 39.35 -28.61
C LEU B 2631 57.69 40.52 -29.41
N LEU B 2632 58.50 40.22 -30.43
CA LEU B 2632 59.06 41.29 -31.24
C LEU B 2632 57.95 42.03 -31.99
N LYS B 2633 56.97 41.30 -32.50
CA LYS B 2633 55.83 41.93 -33.17
C LYS B 2633 55.04 42.79 -32.20
N THR B 2634 54.84 42.31 -30.97
CA THR B 2634 54.12 43.11 -29.97
C THR B 2634 54.87 44.39 -29.65
N PHE B 2635 56.20 44.30 -29.53
CA PHE B 2635 57.00 45.51 -29.30
C PHE B 2635 56.89 46.47 -30.47
N ASP B 2636 56.92 45.96 -31.69
CA ASP B 2636 56.75 46.82 -32.86
C ASP B 2636 55.38 47.47 -32.85
N HIS B 2637 54.37 46.76 -32.38
CA HIS B 2637 53.02 47.30 -32.32
C HIS B 2637 52.95 48.44 -31.30
N TYR B 2638 53.19 48.12 -30.02
CA TYR B 2638 52.93 49.07 -28.95
C TYR B 2638 54.14 49.94 -28.61
N CYS B 2639 55.35 49.45 -28.83
CA CYS B 2639 56.58 50.12 -28.44
C CYS B 2639 57.33 50.61 -29.66
N GLU B 2640 58.44 51.29 -29.41
CA GLU B 2640 59.26 51.87 -30.48
C GLU B 2640 60.69 52.01 -30.01
N TYR B 2641 61.61 51.96 -30.96
CA TYR B 2641 63.03 52.11 -30.71
C TYR B 2641 63.42 53.57 -30.92
N ARG B 2642 64.14 54.14 -29.94
CA ARG B 2642 64.64 55.50 -30.02
C ARG B 2642 66.11 55.50 -29.66
N ARG B 2643 66.90 56.26 -30.43
CA ARG B 2643 68.34 56.34 -30.21
C ARG B 2643 68.64 57.39 -29.13
N THR B 2644 69.54 57.04 -28.23
CA THR B 2644 69.96 57.90 -27.14
C THR B 2644 71.48 57.80 -27.01
N PRO B 2645 72.13 58.78 -26.37
CA PRO B 2645 73.58 58.67 -26.17
C PRO B 2645 74.00 57.44 -25.40
N ASN B 2646 73.18 56.97 -24.45
CA ASN B 2646 73.49 55.72 -23.76
C ASN B 2646 73.40 54.54 -24.72
N GLY B 2647 72.42 54.56 -25.61
CA GLY B 2647 72.25 53.48 -26.57
C GLY B 2647 70.82 53.44 -27.08
N VAL B 2648 70.58 52.47 -27.95
CA VAL B 2648 69.24 52.25 -28.48
C VAL B 2648 68.33 51.77 -27.36
N VAL B 2649 67.17 52.40 -27.22
CA VAL B 2649 66.24 52.11 -26.13
C VAL B 2649 64.88 51.82 -26.73
N LEU B 2650 64.28 50.69 -26.33
CA LEU B 2650 62.90 50.38 -26.65
C LEU B 2650 62.01 50.92 -25.53
N ALA B 2651 60.97 51.64 -25.91
CA ALA B 2651 60.06 52.24 -24.94
C ALA B 2651 58.63 52.23 -25.47
N PRO B 2652 57.62 52.21 -24.60
CA PRO B 2652 56.25 52.36 -25.09
C PRO B 2652 56.02 53.73 -25.70
N VAL B 2653 55.13 53.78 -26.70
CA VAL B 2653 54.83 55.04 -27.37
C VAL B 2653 54.20 56.03 -26.40
N GLN B 2654 53.34 55.54 -25.50
CA GLN B 2654 52.68 56.40 -24.54
C GLN B 2654 53.65 56.77 -23.42
N LEU B 2655 53.89 58.05 -23.24
CA LEU B 2655 54.83 58.50 -22.23
C LEU B 2655 54.25 58.31 -20.84
N GLY B 2656 55.11 57.93 -19.90
CA GLY B 2656 54.69 57.77 -18.52
C GLY B 2656 53.67 56.67 -18.30
N LYS B 2657 53.80 55.55 -19.02
CA LYS B 2657 52.94 54.40 -18.85
C LYS B 2657 53.78 53.14 -18.95
N TRP B 2658 53.58 52.22 -18.00
CA TRP B 2658 54.36 50.99 -17.93
C TRP B 2658 53.65 49.90 -18.72
N LEU B 2659 54.24 49.51 -19.84
CA LEU B 2659 53.67 48.47 -20.68
C LEU B 2659 53.95 47.11 -20.05
N VAL B 2660 52.90 46.34 -19.79
CA VAL B 2660 52.98 45.03 -19.16
C VAL B 2660 52.40 44.01 -20.12
N LEU B 2661 53.17 42.97 -20.43
CA LEU B 2661 52.73 41.93 -21.35
C LEU B 2661 52.13 40.77 -20.57
N PHE B 2662 50.89 40.43 -20.89
CA PHE B 2662 50.23 39.26 -20.32
C PHE B 2662 50.54 38.07 -21.22
N CYS B 2663 51.20 37.07 -20.66
CA CYS B 2663 51.46 35.79 -21.33
C CYS B 2663 50.59 34.74 -20.65
N ASP B 2664 49.41 34.49 -21.22
CA ASP B 2664 48.38 33.75 -20.49
C ASP B 2664 48.77 32.30 -20.25
N GLU B 2665 49.57 31.69 -21.14
CA GLU B 2665 50.02 30.30 -20.97
C GLU B 2665 51.52 30.23 -21.22
N ILE B 2666 52.30 30.53 -20.18
CA ILE B 2666 53.76 30.53 -20.34
C ILE B 2666 54.28 29.11 -20.56
N ASN B 2667 53.63 28.10 -19.96
CA ASN B 2667 54.13 26.74 -20.06
C ASN B 2667 53.98 26.19 -21.47
N LEU B 2668 52.89 26.53 -22.15
CA LEU B 2668 52.46 25.78 -23.33
C LEU B 2668 53.43 25.76 -24.53
N PRO B 2669 54.33 26.73 -24.75
CA PRO B 2669 55.24 26.60 -25.90
C PRO B 2669 56.05 25.32 -25.88
N ASP B 2670 56.14 24.68 -27.05
CA ASP B 2670 56.82 23.40 -27.17
C ASP B 2670 58.31 23.56 -26.96
N MET B 2671 58.92 22.60 -26.29
CA MET B 2671 60.36 22.54 -26.20
C MET B 2671 60.95 22.10 -27.54
N ASP B 2672 62.20 22.48 -27.77
CA ASP B 2672 62.93 22.04 -28.95
C ASP B 2672 63.30 20.56 -28.77
N LYS B 2673 64.07 20.04 -29.71
CA LYS B 2673 64.60 18.68 -29.56
C LYS B 2673 65.56 18.58 -28.37
N TYR B 2674 66.10 19.70 -27.90
CA TYR B 2674 67.08 19.74 -26.82
C TYR B 2674 66.51 20.36 -25.55
N GLY B 2675 65.19 20.27 -25.36
CA GLY B 2675 64.55 20.62 -24.12
C GLY B 2675 64.71 22.07 -23.68
N THR B 2676 64.51 23.01 -24.60
CA THR B 2676 64.52 24.43 -24.25
C THR B 2676 63.43 25.13 -25.04
N GLN B 2677 62.65 25.97 -24.36
CA GLN B 2677 61.66 26.81 -25.02
C GLN B 2677 62.32 28.11 -25.45
N ARG B 2678 62.19 28.44 -26.74
CA ARG B 2678 62.88 29.61 -27.28
C ARG B 2678 62.33 30.89 -26.66
N VAL B 2679 61.01 31.03 -26.61
CA VAL B 2679 60.40 32.26 -26.10
C VAL B 2679 60.71 32.43 -24.62
N ILE B 2680 60.76 31.34 -23.87
CA ILE B 2680 61.07 31.45 -22.45
C ILE B 2680 62.49 31.95 -22.25
N SER B 2681 63.44 31.46 -23.05
CA SER B 2681 64.80 31.97 -22.98
C SER B 2681 64.87 33.43 -23.39
N PHE B 2682 64.09 33.81 -24.40
CA PHE B 2682 64.05 35.21 -24.83
C PHE B 2682 63.56 36.12 -23.70
N ILE B 2683 62.47 35.73 -23.06
CA ILE B 2683 61.93 36.50 -21.93
C ILE B 2683 62.94 36.51 -20.79
N ARG B 2684 63.64 35.39 -20.59
CA ARG B 2684 64.64 35.32 -19.53
C ARG B 2684 65.75 36.33 -19.76
N GLN B 2685 66.26 36.40 -20.99
CA GLN B 2685 67.34 37.34 -21.25
C GLN B 2685 66.83 38.77 -21.14
N MET B 2686 65.57 39.02 -21.51
CA MET B 2686 65.04 40.37 -21.36
C MET B 2686 64.95 40.75 -19.88
N VAL B 2687 64.37 39.89 -19.06
CA VAL B 2687 64.14 40.26 -17.66
C VAL B 2687 65.44 40.31 -16.89
N GLU B 2688 66.43 39.48 -17.26
CA GLU B 2688 67.67 39.41 -16.49
C GLU B 2688 68.72 40.42 -16.97
N HIS B 2689 68.94 40.53 -18.28
CA HIS B 2689 69.87 41.51 -18.82
C HIS B 2689 69.20 42.86 -19.11
N GLY B 2690 67.88 42.96 -18.99
CA GLY B 2690 67.22 44.21 -19.29
C GLY B 2690 67.32 44.64 -20.73
N GLY B 2691 67.26 43.71 -21.66
CA GLY B 2691 67.33 44.07 -23.07
C GLY B 2691 67.48 42.85 -23.94
N PHE B 2692 67.73 43.10 -25.23
CA PHE B 2692 67.91 42.04 -26.21
C PHE B 2692 68.61 42.63 -27.43
N TYR B 2693 68.97 41.75 -28.36
CA TYR B 2693 69.72 42.13 -29.55
C TYR B 2693 68.81 42.23 -30.75
N ARG B 2694 68.65 43.44 -31.29
CA ARG B 2694 68.04 43.60 -32.60
C ARG B 2694 68.87 42.84 -33.63
N THR B 2695 68.25 41.80 -34.22
CA THR B 2695 68.96 40.93 -35.15
C THR B 2695 69.16 41.61 -36.50
N SER B 2696 68.18 42.37 -36.95
CA SER B 2696 68.29 43.05 -38.24
C SER B 2696 69.46 44.03 -38.23
N ASP B 2697 69.58 44.81 -37.16
CA ASP B 2697 70.71 45.72 -36.98
C ASP B 2697 71.87 45.09 -36.22
N GLN B 2698 71.66 43.93 -35.59
CA GLN B 2698 72.70 43.24 -34.82
C GLN B 2698 73.27 44.15 -33.72
N THR B 2699 72.37 44.81 -32.99
CA THR B 2699 72.79 45.77 -31.98
C THR B 2699 71.95 45.63 -30.71
N TRP B 2700 72.56 45.96 -29.58
CA TRP B 2700 71.91 45.83 -28.30
C TRP B 2700 70.89 46.94 -28.10
N VAL B 2701 69.71 46.57 -27.56
CA VAL B 2701 68.68 47.51 -27.17
C VAL B 2701 68.22 47.14 -25.77
N LYS B 2702 67.72 48.15 -25.05
CA LYS B 2702 67.35 48.01 -23.64
C LYS B 2702 65.87 48.33 -23.48
N LEU B 2703 65.17 47.47 -22.76
CA LEU B 2703 63.80 47.79 -22.36
C LEU B 2703 63.82 48.90 -21.31
N GLU B 2704 62.82 49.78 -21.37
CA GLU B 2704 62.71 50.92 -20.46
C GLU B 2704 61.49 50.84 -19.56
N ARG B 2705 60.32 50.53 -20.11
CA ARG B 2705 59.10 50.43 -19.33
C ARG B 2705 58.29 49.22 -19.77
N ILE B 2706 58.98 48.09 -19.98
CA ILE B 2706 58.38 46.84 -20.41
C ILE B 2706 58.43 45.86 -19.24
N GLN B 2707 57.32 45.13 -19.06
CA GLN B 2707 57.22 44.12 -18.01
C GLN B 2707 56.56 42.87 -18.59
N PHE B 2708 56.58 41.80 -17.81
CA PHE B 2708 55.92 40.55 -18.17
C PHE B 2708 55.21 40.01 -16.95
N VAL B 2709 54.02 39.44 -17.15
CA VAL B 2709 53.23 38.85 -16.08
C VAL B 2709 52.45 37.70 -16.70
N GLY B 2710 52.70 36.48 -16.22
CA GLY B 2710 52.18 35.28 -16.85
C GLY B 2710 51.19 34.50 -16.00
N ALA B 2711 50.44 33.65 -16.69
CA ALA B 2711 49.54 32.70 -16.06
C ALA B 2711 49.84 31.31 -16.61
N CYS B 2712 49.49 30.29 -15.84
CA CYS B 2712 49.83 28.92 -16.20
C CYS B 2712 48.82 27.96 -15.59
N ASN B 2713 48.82 26.76 -16.12
CA ASN B 2713 48.34 25.57 -15.45
C ASN B 2713 49.53 24.79 -14.91
N PRO B 2714 49.34 23.90 -13.94
CA PRO B 2714 50.48 23.18 -13.39
C PRO B 2714 51.13 22.31 -14.45
N PRO B 2715 52.44 22.07 -14.35
CA PRO B 2715 53.11 21.31 -15.43
C PRO B 2715 52.71 19.86 -15.50
N THR B 2716 52.00 19.32 -14.50
CA THR B 2716 51.55 17.94 -14.56
C THR B 2716 50.52 17.73 -15.67
N ASP B 2717 49.79 18.78 -16.05
CA ASP B 2717 48.79 18.66 -17.10
C ASP B 2717 49.47 18.32 -18.43
N PRO B 2718 48.75 17.66 -19.35
CA PRO B 2718 49.43 17.03 -20.50
C PRO B 2718 50.07 18.00 -21.47
N GLY B 2719 49.34 19.06 -21.84
CA GLY B 2719 49.85 19.97 -22.85
C GLY B 2719 50.95 20.89 -22.37
N ARG B 2720 51.26 20.91 -21.07
CA ARG B 2720 52.19 21.85 -20.49
C ARG B 2720 53.59 21.24 -20.43
N LYS B 2721 54.57 22.10 -20.13
CA LYS B 2721 55.95 21.70 -19.95
C LYS B 2721 56.54 22.48 -18.78
N PRO B 2722 57.56 21.93 -18.10
CA PRO B 2722 58.22 22.72 -17.06
C PRO B 2722 59.09 23.81 -17.66
N LEU B 2723 59.31 24.86 -16.88
CA LEU B 2723 60.08 26.01 -17.33
C LEU B 2723 61.55 25.87 -16.93
N SER B 2724 62.40 26.60 -17.67
CA SER B 2724 63.84 26.55 -17.41
C SER B 2724 64.14 27.09 -16.01
N HIS B 2725 65.11 26.47 -15.35
CA HIS B 2725 65.44 26.88 -13.99
C HIS B 2725 66.14 28.24 -13.96
N ARG B 2726 66.88 28.60 -15.01
CA ARG B 2726 67.40 29.97 -15.07
C ARG B 2726 66.28 30.98 -15.23
N PHE B 2727 65.10 30.56 -15.72
CA PHE B 2727 63.95 31.44 -15.84
C PHE B 2727 63.10 31.46 -14.58
N LEU B 2728 62.85 30.29 -13.98
CA LEU B 2728 62.03 30.25 -12.78
C LEU B 2728 62.68 30.96 -11.59
N ARG B 2729 64.00 31.18 -11.65
CA ARG B 2729 64.66 31.91 -10.57
C ARG B 2729 64.12 33.33 -10.46
N HIS B 2730 63.92 34.00 -11.60
CA HIS B 2730 63.49 35.40 -11.57
C HIS B 2730 62.02 35.54 -11.21
N VAL B 2731 61.17 34.64 -11.70
CA VAL B 2731 59.72 34.80 -11.53
C VAL B 2731 59.30 34.29 -10.15
N PRO B 2732 58.51 35.05 -9.36
CA PRO B 2732 57.84 34.43 -8.21
C PRO B 2732 56.52 33.82 -8.61
N VAL B 2733 56.28 32.55 -8.26
CA VAL B 2733 55.11 31.81 -8.71
C VAL B 2733 54.12 31.70 -7.56
N VAL B 2734 52.87 32.05 -7.83
CA VAL B 2734 51.76 31.91 -6.89
C VAL B 2734 50.85 30.81 -7.38
N TYR B 2735 50.21 30.12 -6.45
CA TYR B 2735 49.29 29.02 -6.74
C TYR B 2735 47.87 29.45 -6.40
N VAL B 2736 47.07 29.70 -7.44
CA VAL B 2736 45.67 30.12 -7.25
C VAL B 2736 44.85 28.83 -7.24
N ASP B 2737 44.60 28.31 -6.05
CA ASP B 2737 43.73 27.15 -5.90
C ASP B 2737 42.28 27.58 -6.08
N TYR B 2738 41.37 26.63 -5.95
CA TYR B 2738 39.96 26.95 -6.13
C TYR B 2738 39.47 27.79 -4.95
N PRO B 2739 38.43 28.63 -5.15
CA PRO B 2739 38.04 29.57 -4.09
C PRO B 2739 37.62 28.90 -2.78
N GLY B 2740 36.97 27.74 -2.84
CA GLY B 2740 36.47 27.08 -1.65
C GLY B 2740 35.07 27.54 -1.31
N PRO B 2741 34.49 27.01 -0.22
CA PRO B 2741 33.08 27.26 0.07
C PRO B 2741 32.75 28.71 0.41
N ALA B 2742 33.57 29.35 1.27
CA ALA B 2742 33.26 30.71 1.68
C ALA B 2742 33.34 31.68 0.51
N SER B 2743 34.42 31.60 -0.26
CA SER B 2743 34.59 32.50 -1.40
C SER B 2743 33.52 32.26 -2.46
N LEU B 2744 33.20 31.00 -2.72
CA LEU B 2744 32.14 30.70 -3.69
C LEU B 2744 30.80 31.24 -3.22
N THR B 2745 30.50 31.07 -1.93
CA THR B 2745 29.25 31.59 -1.40
C THR B 2745 29.18 33.10 -1.55
N GLN B 2746 30.27 33.80 -1.26
CA GLN B 2746 30.27 35.26 -1.42
C GLN B 2746 30.09 35.67 -2.87
N ILE B 2747 30.88 35.07 -3.77
CA ILE B 2747 30.86 35.45 -5.19
C ILE B 2747 29.47 35.22 -5.78
N TYR B 2748 28.93 34.02 -5.58
CA TYR B 2748 27.66 33.70 -6.19
C TYR B 2748 26.48 34.21 -5.38
N GLY B 2749 26.70 34.65 -4.14
CA GLY B 2749 25.71 35.49 -3.50
C GLY B 2749 25.56 36.81 -4.23
N THR B 2750 26.68 37.44 -4.58
CA THR B 2750 26.60 38.66 -5.37
C THR B 2750 25.92 38.40 -6.71
N PHE B 2751 26.33 37.34 -7.40
CA PHE B 2751 25.74 37.05 -8.72
C PHE B 2751 24.25 36.76 -8.63
N ASN B 2752 23.82 35.97 -7.64
CA ASN B 2752 22.41 35.61 -7.56
C ASN B 2752 21.57 36.76 -7.04
N ARG B 2753 22.12 37.62 -6.18
CA ARG B 2753 21.40 38.83 -5.82
C ARG B 2753 21.21 39.73 -7.02
N ALA B 2754 22.20 39.78 -7.92
CA ALA B 2754 22.01 40.50 -9.17
C ALA B 2754 20.97 39.82 -10.05
N MET B 2755 20.98 38.49 -10.09
CA MET B 2755 20.12 37.76 -11.02
C MET B 2755 18.65 37.83 -10.60
N LEU B 2756 18.38 37.77 -9.30
CA LEU B 2756 17.01 37.78 -8.81
C LEU B 2756 16.38 39.17 -8.84
N ARG B 2757 17.13 40.22 -9.18
CA ARG B 2757 16.54 41.54 -9.29
C ARG B 2757 15.47 41.61 -10.37
N LEU B 2758 15.51 40.71 -11.34
CA LEU B 2758 14.49 40.70 -12.39
C LEU B 2758 13.11 40.46 -11.82
N VAL B 2759 12.97 39.47 -10.94
CA VAL B 2759 11.71 39.07 -10.34
C VAL B 2759 11.75 39.52 -8.87
N PRO B 2760 10.90 40.46 -8.43
CA PRO B 2760 11.10 41.04 -7.09
C PRO B 2760 10.52 40.23 -5.94
N SER B 2761 9.77 39.15 -6.22
CA SER B 2761 9.17 38.35 -5.16
C SER B 2761 10.09 37.25 -4.65
N LEU B 2762 11.23 37.02 -5.29
CA LEU B 2762 12.14 35.93 -4.94
C LEU B 2762 13.48 36.42 -4.40
N ARG B 2763 13.59 37.71 -4.06
CA ARG B 2763 14.85 38.22 -3.50
C ARG B 2763 15.21 37.51 -2.20
N THR B 2764 14.21 37.25 -1.36
CA THR B 2764 14.43 36.59 -0.09
C THR B 2764 15.03 35.19 -0.25
N TYR B 2765 14.80 34.55 -1.41
CA TYR B 2765 15.36 33.23 -1.69
C TYR B 2765 16.71 33.30 -2.37
N ALA B 2766 17.36 34.46 -2.38
CA ALA B 2766 18.69 34.55 -2.97
C ALA B 2766 19.72 33.79 -2.17
N GLU B 2767 19.87 34.13 -0.88
CA GLU B 2767 20.89 33.50 -0.07
C GLU B 2767 20.67 32.00 0.13
N PRO B 2768 19.45 31.51 0.42
CA PRO B 2768 19.29 30.04 0.51
C PRO B 2768 19.66 29.31 -0.78
N LEU B 2769 19.36 29.90 -1.94
CA LEU B 2769 19.75 29.28 -3.20
C LEU B 2769 21.27 29.21 -3.32
N THR B 2770 21.96 30.30 -2.96
CA THR B 2770 23.39 30.41 -3.24
C THR B 2770 24.17 29.34 -2.49
N ALA B 2771 23.77 29.05 -1.24
CA ALA B 2771 24.41 27.96 -0.52
C ALA B 2771 24.21 26.64 -1.26
N ALA B 2772 22.99 26.39 -1.74
CA ALA B 2772 22.71 25.13 -2.43
C ALA B 2772 23.60 24.96 -3.65
N MET B 2773 23.65 25.99 -4.50
CA MET B 2773 24.52 25.95 -5.68
C MET B 2773 25.96 25.66 -5.28
N VAL B 2774 26.38 26.17 -4.13
CA VAL B 2774 27.71 25.85 -3.64
C VAL B 2774 27.75 24.44 -3.10
N GLU B 2775 26.81 24.09 -2.21
CA GLU B 2775 26.93 22.87 -1.42
C GLU B 2775 26.98 21.65 -2.32
N PHE B 2776 25.96 21.50 -3.17
CA PHE B 2776 25.93 20.40 -4.12
C PHE B 2776 27.19 20.38 -4.97
N TYR B 2777 27.62 21.55 -5.44
CA TYR B 2777 28.83 21.61 -6.26
C TYR B 2777 30.01 21.04 -5.50
N THR B 2778 30.19 21.48 -4.25
CA THR B 2778 31.30 20.96 -3.45
C THR B 2778 31.13 19.45 -3.26
N MET B 2779 29.89 19.01 -3.02
CA MET B 2779 29.66 17.57 -2.86
C MET B 2779 30.09 16.82 -4.11
N SER B 2780 29.74 17.35 -5.29
CA SER B 2780 30.19 16.71 -6.52
C SER B 2780 31.71 16.70 -6.59
N GLN B 2781 32.33 17.81 -6.22
CA GLN B 2781 33.79 17.89 -6.25
C GLN B 2781 34.42 16.88 -5.32
N GLU B 2782 33.70 16.46 -4.27
CA GLU B 2782 34.21 15.46 -3.36
C GLU B 2782 33.90 14.04 -3.81
N ARG B 2783 32.84 13.85 -4.61
CA ARG B 2783 32.41 12.50 -4.96
C ARG B 2783 33.03 12.02 -6.26
N PHE B 2784 33.18 12.90 -7.24
CA PHE B 2784 33.72 12.57 -8.55
C PHE B 2784 35.05 13.28 -8.74
N THR B 2785 36.08 12.51 -9.08
CA THR B 2785 37.44 13.01 -9.23
C THR B 2785 37.98 12.59 -10.59
N GLN B 2786 39.11 13.18 -10.97
CA GLN B 2786 39.73 12.85 -12.25
C GLN B 2786 40.20 11.41 -12.32
N ASP B 2787 40.41 10.76 -11.17
CA ASP B 2787 40.88 9.38 -11.17
C ASP B 2787 39.84 8.45 -11.79
N THR B 2788 38.56 8.61 -11.41
CA THR B 2788 37.53 7.70 -11.91
C THR B 2788 37.35 7.85 -13.42
N GLN B 2789 37.29 9.07 -13.91
CA GLN B 2789 37.26 9.37 -15.33
C GLN B 2789 38.06 10.64 -15.57
N PRO B 2790 38.71 10.78 -16.74
CA PRO B 2790 39.57 11.94 -16.93
C PRO B 2790 38.81 13.25 -17.04
N HIS B 2791 37.52 13.21 -17.36
CA HIS B 2791 36.73 14.41 -17.61
C HIS B 2791 35.83 14.81 -16.45
N TYR B 2792 35.95 14.14 -15.29
CA TYR B 2792 35.20 14.53 -14.10
C TYR B 2792 35.95 15.65 -13.38
N ILE B 2793 35.93 16.82 -14.02
CA ILE B 2793 36.64 18.01 -13.53
C ILE B 2793 35.61 19.09 -13.22
N TYR B 2794 35.74 19.69 -12.05
CA TYR B 2794 34.85 20.74 -11.58
C TYR B 2794 35.65 21.98 -11.22
N SER B 2795 35.03 23.14 -11.39
CA SER B 2795 35.66 24.41 -11.11
C SER B 2795 34.55 25.46 -10.98
N PRO B 2796 34.89 26.69 -10.57
CA PRO B 2796 33.86 27.74 -10.57
C PRO B 2796 33.30 28.08 -11.95
N ARG B 2797 33.94 27.63 -13.04
CA ARG B 2797 33.33 27.82 -14.35
C ARG B 2797 31.99 27.11 -14.43
N GLU B 2798 31.87 25.95 -13.78
CA GLU B 2798 30.58 25.27 -13.72
C GLU B 2798 29.56 26.10 -12.95
N MET B 2799 30.00 26.76 -11.87
CA MET B 2799 29.10 27.62 -11.12
C MET B 2799 28.63 28.82 -11.95
N THR B 2800 29.54 29.43 -12.71
CA THR B 2800 29.13 30.53 -13.57
C THR B 2800 28.21 30.05 -14.67
N ARG B 2801 28.44 28.85 -15.20
CA ARG B 2801 27.52 28.28 -16.18
C ARG B 2801 26.14 28.06 -15.56
N TRP B 2802 26.11 27.62 -14.29
CA TRP B 2802 24.85 27.48 -13.57
C TRP B 2802 24.12 28.81 -13.47
N VAL B 2803 24.85 29.86 -13.07
CA VAL B 2803 24.26 31.18 -12.94
C VAL B 2803 23.74 31.66 -14.29
N ARG B 2804 24.52 31.43 -15.35
CA ARG B 2804 24.11 31.85 -16.69
C ARG B 2804 22.87 31.09 -17.13
N GLY B 2805 22.80 29.79 -16.84
CA GLY B 2805 21.63 29.03 -17.22
C GLY B 2805 20.37 29.51 -16.54
N ILE B 2806 20.45 29.75 -15.23
CA ILE B 2806 19.28 30.26 -14.52
C ILE B 2806 18.94 31.66 -15.02
N PHE B 2807 19.95 32.46 -15.35
CA PHE B 2807 19.70 33.81 -15.84
C PHE B 2807 18.98 33.80 -17.18
N GLU B 2808 19.42 32.95 -18.11
CA GLU B 2808 18.74 32.86 -19.40
C GLU B 2808 17.35 32.26 -19.26
N ALA B 2809 17.16 31.34 -18.31
CA ALA B 2809 15.81 30.84 -18.07
C ALA B 2809 14.90 31.96 -17.55
N LEU B 2810 15.42 32.79 -16.64
CA LEU B 2810 14.58 33.79 -15.98
C LEU B 2810 14.42 35.08 -16.78
N ARG B 2811 15.29 35.33 -17.76
CA ARG B 2811 15.26 36.64 -18.44
C ARG B 2811 13.96 36.90 -19.19
N PRO B 2812 13.45 36.00 -20.04
CA PRO B 2812 12.15 36.29 -20.68
C PRO B 2812 10.97 36.14 -19.75
N LEU B 2813 11.13 35.47 -18.61
CA LEU B 2813 10.00 35.24 -17.71
C LEU B 2813 9.69 36.52 -16.93
N GLU B 2814 8.40 36.88 -16.90
CA GLU B 2814 7.98 38.07 -16.16
C GLU B 2814 7.92 37.82 -14.66
N THR B 2815 7.60 36.60 -14.23
CA THR B 2815 7.52 36.28 -12.81
C THR B 2815 7.63 34.77 -12.65
N LEU B 2816 7.92 34.36 -11.42
CA LEU B 2816 8.07 32.96 -11.07
C LEU B 2816 7.55 32.74 -9.66
N PRO B 2817 7.16 31.52 -9.31
CA PRO B 2817 7.10 31.12 -7.90
C PRO B 2817 8.42 30.51 -7.47
N VAL B 2818 8.56 30.36 -6.15
CA VAL B 2818 9.79 29.79 -5.60
C VAL B 2818 10.02 28.37 -6.13
N GLU B 2819 8.94 27.62 -6.30
CA GLU B 2819 9.06 26.23 -6.75
C GLU B 2819 9.57 26.16 -8.19
N GLY B 2820 9.16 27.10 -9.03
CA GLY B 2820 9.70 27.14 -10.38
C GLY B 2820 11.19 27.47 -10.39
N LEU B 2821 11.62 28.36 -9.48
CA LEU B 2821 13.04 28.64 -9.35
C LEU B 2821 13.80 27.39 -8.93
N ILE B 2822 13.26 26.65 -7.97
CA ILE B 2822 13.91 25.40 -7.53
C ILE B 2822 13.96 24.42 -8.70
N ARG B 2823 12.90 24.36 -9.50
CA ARG B 2823 12.89 23.44 -10.63
C ARG B 2823 13.94 23.81 -11.67
N ILE B 2824 14.09 25.10 -11.97
CA ILE B 2824 15.12 25.52 -12.92
C ILE B 2824 16.50 25.24 -12.36
N TRP B 2825 16.68 25.45 -11.06
CA TRP B 2825 17.95 25.15 -10.41
C TRP B 2825 18.29 23.67 -10.54
N ALA B 2826 17.31 22.80 -10.29
CA ALA B 2826 17.55 21.36 -10.39
C ALA B 2826 17.83 20.96 -11.83
N HIS B 2827 17.10 21.57 -12.79
CA HIS B 2827 17.34 21.25 -14.19
C HIS B 2827 18.76 21.62 -14.61
N GLU B 2828 19.22 22.80 -14.20
CA GLU B 2828 20.59 23.19 -14.54
C GLU B 2828 21.61 22.32 -13.85
N ALA B 2829 21.32 21.90 -12.61
CA ALA B 2829 22.19 20.95 -11.92
C ALA B 2829 22.34 19.67 -12.73
N LEU B 2830 21.21 19.11 -13.19
CA LEU B 2830 21.25 17.89 -13.97
C LEU B 2830 21.98 18.11 -15.29
N ARG B 2831 21.72 19.24 -15.95
CA ARG B 2831 22.31 19.46 -17.27
C ARG B 2831 23.78 19.81 -17.22
N LEU B 2832 24.31 20.24 -16.07
CA LEU B 2832 25.73 20.54 -15.93
C LEU B 2832 26.53 19.41 -15.30
N PHE B 2833 25.93 18.62 -14.41
CA PHE B 2833 26.64 17.58 -13.68
C PHE B 2833 26.22 16.17 -14.05
N GLN B 2834 24.92 15.90 -14.19
CA GLN B 2834 24.47 14.54 -14.48
C GLN B 2834 24.83 14.09 -15.89
N ASP B 2835 25.08 15.03 -16.82
CA ASP B 2835 25.38 14.63 -18.18
C ASP B 2835 26.79 14.08 -18.30
N ARG B 2836 27.77 14.70 -17.62
CA ARG B 2836 29.15 14.26 -17.74
C ARG B 2836 29.38 12.86 -17.19
N LEU B 2837 28.52 12.41 -16.28
CA LEU B 2837 28.76 11.13 -15.61
C LEU B 2837 28.66 9.97 -16.59
N VAL B 2838 29.41 8.92 -16.30
CA VAL B 2838 29.50 7.74 -17.15
C VAL B 2838 28.63 6.61 -16.63
N GLU B 2839 28.68 6.34 -15.33
CA GLU B 2839 28.00 5.19 -14.74
C GLU B 2839 26.58 5.56 -14.35
N ASP B 2840 25.67 4.60 -14.50
CA ASP B 2840 24.26 4.85 -14.19
C ASP B 2840 24.04 5.12 -12.71
N GLU B 2841 24.76 4.40 -11.83
CA GLU B 2841 24.54 4.58 -10.40
C GLU B 2841 25.02 5.94 -9.93
N GLU B 2842 26.06 6.49 -10.57
CA GLU B 2842 26.47 7.87 -10.27
C GLU B 2842 25.37 8.84 -10.62
N ARG B 2843 24.70 8.61 -11.76
CA ARG B 2843 23.55 9.45 -12.13
C ARG B 2843 22.44 9.32 -11.10
N ARG B 2844 22.21 8.11 -10.58
CA ARG B 2844 21.19 7.96 -9.54
C ARG B 2844 21.58 8.74 -8.28
N TRP B 2845 22.87 8.71 -7.94
CA TRP B 2845 23.34 9.45 -6.77
C TRP B 2845 23.13 10.94 -6.95
N THR B 2846 23.44 11.47 -8.14
CA THR B 2846 23.18 12.88 -8.42
C THR B 2846 21.69 13.18 -8.33
N ASP B 2847 20.86 12.27 -8.84
CA ASP B 2847 19.42 12.45 -8.80
C ASP B 2847 18.93 12.57 -7.36
N GLU B 2848 19.43 11.71 -6.47
CA GLU B 2848 19.00 11.78 -5.08
C GLU B 2848 19.58 13.03 -4.38
N ASN B 2849 20.82 13.38 -4.71
CA ASN B 2849 21.48 14.46 -3.98
C ASN B 2849 20.93 15.83 -4.36
N ILE B 2850 20.47 16.00 -5.61
CA ILE B 2850 19.81 17.25 -5.98
C ILE B 2850 18.57 17.46 -5.11
N ASP B 2851 17.76 16.41 -4.98
CA ASP B 2851 16.57 16.48 -4.14
C ASP B 2851 16.94 16.75 -2.69
N LEU B 2852 17.99 16.08 -2.19
CA LEU B 2852 18.38 16.25 -0.80
C LEU B 2852 18.80 17.70 -0.52
N VAL B 2853 19.67 18.25 -1.39
CA VAL B 2853 20.15 19.61 -1.20
C VAL B 2853 18.99 20.59 -1.29
N ALA B 2854 18.11 20.41 -2.28
CA ALA B 2854 16.99 21.31 -2.45
C ALA B 2854 16.08 21.32 -1.23
N LEU B 2855 15.70 20.13 -0.75
CA LEU B 2855 14.81 20.06 0.40
C LEU B 2855 15.52 20.49 1.69
N LYS B 2856 16.85 20.43 1.74
CA LYS B 2856 17.55 20.93 2.91
C LYS B 2856 17.55 22.46 2.94
N HIS B 2857 17.82 23.10 1.80
CA HIS B 2857 17.93 24.55 1.75
C HIS B 2857 16.62 25.25 1.38
N PHE B 2858 15.58 24.52 1.00
CA PHE B 2858 14.27 25.09 0.70
C PHE B 2858 13.20 24.28 1.43
N PRO B 2859 13.16 24.37 2.76
CA PRO B 2859 12.15 23.61 3.50
C PRO B 2859 10.75 24.16 3.29
N ASN B 2860 9.78 23.31 3.60
CA ASN B 2860 8.34 23.60 3.48
C ASN B 2860 7.91 23.85 2.04
N ILE B 2861 8.73 23.48 1.05
CA ILE B 2861 8.37 23.54 -0.36
C ILE B 2861 8.14 22.11 -0.82
N ASP B 2862 6.91 21.81 -1.24
CA ASP B 2862 6.53 20.43 -1.56
C ASP B 2862 7.29 19.94 -2.78
N LYS B 2863 7.87 18.74 -2.67
CA LYS B 2863 8.77 18.24 -3.69
C LYS B 2863 8.04 17.86 -4.97
N GLU B 2864 6.81 17.34 -4.84
CA GLU B 2864 6.11 16.83 -6.02
C GLU B 2864 5.86 17.92 -7.05
N LYS B 2865 5.40 19.09 -6.60
CA LYS B 2865 5.20 20.21 -7.52
C LYS B 2865 6.52 20.84 -7.92
N ALA B 2866 7.45 20.99 -6.98
CA ALA B 2866 8.67 21.73 -7.24
C ALA B 2866 9.60 20.98 -8.18
N MET B 2867 9.72 19.66 -8.01
CA MET B 2867 10.66 18.87 -8.79
C MET B 2867 10.07 17.49 -9.02
N SER B 2868 9.49 17.28 -10.20
CA SER B 2868 9.13 15.95 -10.67
C SER B 2868 10.31 15.37 -11.45
N ARG B 2869 10.46 14.05 -11.37
CA ARG B 2869 11.62 13.40 -11.98
C ARG B 2869 11.74 13.63 -13.48
N PRO B 2870 10.69 13.45 -14.29
CA PRO B 2870 10.85 13.75 -15.72
C PRO B 2870 10.85 15.25 -15.96
N ILE B 2871 11.97 15.89 -15.62
CA ILE B 2871 12.10 17.34 -15.75
C ILE B 2871 12.63 17.66 -17.15
N LEU B 2872 11.89 18.47 -17.89
CA LEU B 2872 12.28 18.89 -19.23
C LEU B 2872 11.90 20.34 -19.43
N TYR B 2873 12.83 21.11 -20.00
CA TYR B 2873 12.61 22.50 -20.36
C TYR B 2873 12.95 22.66 -21.84
N SER B 2874 12.04 23.29 -22.59
CA SER B 2874 12.25 23.46 -24.02
C SER B 2874 11.56 24.74 -24.47
N ASN B 2875 12.04 25.25 -25.61
CA ASN B 2875 11.58 26.51 -26.18
C ASN B 2875 10.84 26.32 -27.50
N TRP B 2876 10.77 25.11 -28.03
CA TRP B 2876 10.12 24.90 -29.32
C TRP B 2876 8.60 24.95 -29.20
N LEU B 2877 8.05 24.36 -28.14
CA LEU B 2877 6.60 24.29 -28.01
C LEU B 2877 5.98 25.68 -27.83
N SER B 2878 6.63 26.53 -27.04
CA SER B 2878 6.12 27.86 -26.73
C SER B 2878 7.25 28.87 -26.81
N LYS B 2879 6.88 30.12 -27.04
CA LYS B 2879 7.88 31.18 -27.21
C LYS B 2879 8.74 31.35 -25.96
N ASP B 2880 8.24 30.99 -24.79
CA ASP B 2880 8.97 31.14 -23.54
C ASP B 2880 9.67 29.84 -23.17
N TYR B 2881 10.77 29.97 -22.43
CA TYR B 2881 11.54 28.83 -21.95
C TYR B 2881 10.88 28.32 -20.67
N ILE B 2882 9.90 27.43 -20.83
CA ILE B 2882 9.08 26.95 -19.72
C ILE B 2882 9.03 25.42 -19.79
N PRO B 2883 8.70 24.76 -18.67
CA PRO B 2883 8.64 23.29 -18.70
C PRO B 2883 7.55 22.78 -19.64
N VAL B 2884 7.82 21.62 -20.24
CA VAL B 2884 6.91 21.00 -21.18
C VAL B 2884 6.85 19.50 -20.88
N ASP B 2885 5.79 18.86 -21.38
CA ASP B 2885 5.59 17.45 -21.15
C ASP B 2885 6.43 16.62 -22.12
N GLN B 2886 6.68 15.37 -21.73
CA GLN B 2886 7.50 14.49 -22.56
C GLN B 2886 6.82 14.18 -23.89
N GLU B 2887 5.51 13.93 -23.88
CA GLU B 2887 4.84 13.46 -25.09
C GLU B 2887 4.78 14.54 -26.16
N GLU B 2888 4.50 15.78 -25.77
CA GLU B 2888 4.44 16.86 -26.75
C GLU B 2888 5.79 17.07 -27.41
N LEU B 2889 6.87 17.06 -26.61
CA LEU B 2889 8.21 17.21 -27.16
C LEU B 2889 8.56 16.02 -28.04
N ARG B 2890 8.15 14.81 -27.64
CA ARG B 2890 8.38 13.63 -28.47
C ARG B 2890 7.73 13.80 -29.83
N ASP B 2891 6.47 14.24 -29.85
CA ASP B 2891 5.75 14.39 -31.10
C ASP B 2891 6.40 15.47 -31.98
N TYR B 2892 6.77 16.61 -31.37
CA TYR B 2892 7.38 17.67 -32.16
C TYR B 2892 8.71 17.23 -32.75
N VAL B 2893 9.55 16.57 -31.95
CA VAL B 2893 10.85 16.15 -32.44
C VAL B 2893 10.70 15.07 -33.49
N LYS B 2894 9.72 14.18 -33.33
CA LYS B 2894 9.47 13.15 -34.33
C LYS B 2894 9.05 13.77 -35.66
N ALA B 2895 8.16 14.76 -35.62
CA ALA B 2895 7.73 15.43 -36.84
C ALA B 2895 8.90 16.15 -37.50
N ARG B 2896 9.69 16.87 -36.71
CA ARG B 2896 10.83 17.58 -37.29
C ARG B 2896 11.88 16.62 -37.82
N LEU B 2897 12.03 15.45 -37.20
CA LEU B 2897 13.00 14.49 -37.68
C LEU B 2897 12.53 13.84 -38.98
N LYS B 2898 11.24 13.54 -39.08
CA LYS B 2898 10.70 13.04 -40.34
C LYS B 2898 10.85 14.09 -41.44
N VAL B 2899 10.72 15.37 -41.10
CA VAL B 2899 11.04 16.43 -42.06
C VAL B 2899 12.51 16.36 -42.44
N PHE B 2900 13.38 16.20 -41.44
CA PHE B 2900 14.83 16.21 -41.67
C PHE B 2900 15.26 15.05 -42.58
N TYR B 2901 14.50 13.96 -42.59
CA TYR B 2901 14.82 12.83 -43.47
C TYR B 2901 14.94 13.28 -44.92
N GLU B 2902 13.90 13.97 -45.42
CA GLU B 2902 13.80 14.32 -46.83
C GLU B 2902 14.25 15.75 -47.13
N GLU B 2903 15.05 16.34 -46.24
CA GLU B 2903 15.52 17.72 -46.39
C GLU B 2903 17.02 17.80 -46.63
N GLU B 2904 17.82 17.21 -45.75
CA GLU B 2904 19.28 17.30 -45.80
C GLU B 2904 19.97 15.95 -45.96
N LEU B 2905 19.53 14.92 -45.24
CA LEU B 2905 20.15 13.61 -45.30
C LEU B 2905 19.07 12.55 -45.21
N ASP B 2906 19.04 11.65 -46.20
CA ASP B 2906 18.01 10.63 -46.30
C ASP B 2906 18.51 9.32 -45.68
N VAL B 2907 18.51 9.31 -44.35
CA VAL B 2907 18.80 8.10 -43.56
C VAL B 2907 17.83 8.10 -42.38
N PRO B 2908 17.11 7.00 -42.11
CA PRO B 2908 16.20 7.02 -40.95
C PRO B 2908 16.95 7.20 -39.65
N LEU B 2909 16.29 7.89 -38.71
CA LEU B 2909 16.86 8.21 -37.41
C LEU B 2909 15.76 7.98 -36.37
N VAL B 2910 15.88 6.91 -35.61
CA VAL B 2910 14.87 6.55 -34.61
C VAL B 2910 15.03 7.41 -33.37
N LEU B 2911 13.90 7.87 -32.83
CA LEU B 2911 13.86 8.60 -31.57
C LEU B 2911 13.54 7.60 -30.47
N PHE B 2912 14.52 7.36 -29.60
CA PHE B 2912 14.33 6.56 -28.39
C PHE B 2912 14.61 7.44 -27.18
N ASN B 2913 14.34 6.89 -25.99
CA ASN B 2913 14.32 7.69 -24.77
C ASN B 2913 15.65 8.35 -24.48
N GLU B 2914 16.75 7.75 -24.94
CA GLU B 2914 18.09 8.22 -24.64
C GLU B 2914 18.70 9.07 -25.76
N VAL B 2915 17.92 9.41 -26.79
CA VAL B 2915 18.37 10.33 -27.83
C VAL B 2915 17.57 11.63 -27.85
N LEU B 2916 16.30 11.60 -27.43
CA LEU B 2916 15.57 12.84 -27.24
C LEU B 2916 16.23 13.70 -26.18
N ASP B 2917 16.72 13.06 -25.11
CA ASP B 2917 17.41 13.81 -24.06
C ASP B 2917 18.65 14.49 -24.60
N HIS B 2918 19.40 13.81 -25.46
CA HIS B 2918 20.59 14.43 -26.04
C HIS B 2918 20.22 15.55 -27.00
N VAL B 2919 19.10 15.40 -27.72
CA VAL B 2919 18.61 16.51 -28.55
C VAL B 2919 18.32 17.73 -27.69
N LEU B 2920 17.63 17.52 -26.57
CA LEU B 2920 17.31 18.64 -25.68
C LEU B 2920 18.57 19.25 -25.08
N ARG B 2921 19.53 18.42 -24.68
CA ARG B 2921 20.77 18.95 -24.12
C ARG B 2921 21.52 19.79 -25.14
N ILE B 2922 21.63 19.29 -26.38
CA ILE B 2922 22.34 20.02 -27.42
C ILE B 2922 21.64 21.34 -27.70
N ASP B 2923 20.30 21.32 -27.76
CA ASP B 2923 19.56 22.56 -27.96
C ASP B 2923 19.81 23.54 -26.82
N ARG B 2924 19.79 23.03 -25.58
CA ARG B 2924 20.01 23.89 -24.42
C ARG B 2924 21.36 24.58 -24.50
N ILE B 2925 22.42 23.82 -24.79
CA ILE B 2925 23.74 24.44 -24.90
C ILE B 2925 23.79 25.38 -26.09
N PHE B 2926 22.97 25.14 -27.12
CA PHE B 2926 22.93 26.10 -28.22
C PHE B 2926 22.27 27.41 -27.81
N ARG B 2927 21.31 27.37 -26.88
CA ARG B 2927 20.63 28.60 -26.48
C ARG B 2927 21.45 29.45 -25.50
N GLN B 2928 22.39 28.86 -24.77
CA GLN B 2928 23.16 29.62 -23.79
C GLN B 2928 24.19 30.50 -24.50
N PRO B 2929 24.69 31.55 -23.83
CA PRO B 2929 25.77 32.35 -24.41
C PRO B 2929 27.13 31.74 -24.08
N GLN B 2930 28.03 31.79 -25.06
CA GLN B 2930 29.31 31.08 -24.97
C GLN B 2930 29.09 29.59 -24.73
N GLY B 2931 28.03 29.06 -25.34
CA GLY B 2931 27.67 27.67 -25.12
C GLY B 2931 28.41 26.74 -26.04
N HIS B 2932 29.42 26.05 -25.51
CA HIS B 2932 30.21 25.07 -26.25
C HIS B 2932 29.99 23.70 -25.62
N LEU B 2933 29.72 22.71 -26.47
CA LEU B 2933 29.41 21.37 -26.05
C LEU B 2933 30.56 20.42 -26.41
N LEU B 2934 30.77 19.43 -25.55
CA LEU B 2934 31.77 18.39 -25.74
C LEU B 2934 31.05 17.06 -25.60
N LEU B 2935 30.69 16.45 -26.73
CA LEU B 2935 30.00 15.17 -26.75
C LEU B 2935 31.05 14.06 -26.75
N ILE B 2936 31.10 13.29 -25.67
CA ILE B 2936 32.04 12.19 -25.52
C ILE B 2936 31.24 10.91 -25.32
N GLY B 2937 31.59 9.88 -26.07
CA GLY B 2937 30.84 8.63 -25.99
C GLY B 2937 31.38 7.62 -26.98
N VAL B 2938 30.73 6.47 -27.00
CA VAL B 2938 31.19 5.37 -27.85
C VAL B 2938 31.09 5.79 -29.32
N SER B 2939 31.88 5.13 -30.16
CA SER B 2939 31.84 5.42 -31.59
C SER B 2939 30.45 5.09 -32.14
N GLY B 2940 29.94 5.98 -32.98
CA GLY B 2940 28.55 5.94 -33.37
C GLY B 2940 27.69 6.60 -32.32
N ALA B 2941 26.51 6.05 -32.08
CA ALA B 2941 25.60 6.42 -30.98
C ALA B 2941 24.89 7.74 -31.20
N GLY B 2942 25.18 8.50 -32.26
CA GLY B 2942 24.45 9.70 -32.61
C GLY B 2942 25.28 10.96 -32.71
N LYS B 2943 26.40 11.05 -32.00
CA LYS B 2943 27.23 12.24 -32.09
C LYS B 2943 27.79 12.39 -33.50
N THR B 2944 27.81 13.63 -33.99
CA THR B 2944 28.05 14.05 -35.36
C THR B 2944 26.82 13.85 -36.24
N THR B 2945 25.76 13.21 -35.74
CA THR B 2945 24.48 13.11 -36.41
C THR B 2945 23.38 13.84 -35.64
N LEU B 2946 23.44 13.81 -34.31
CA LEU B 2946 22.53 14.62 -33.50
C LEU B 2946 22.95 16.08 -33.50
N SER B 2947 24.25 16.35 -33.46
CA SER B 2947 24.73 17.73 -33.51
C SER B 2947 24.30 18.40 -34.80
N ARG B 2948 24.47 17.72 -35.93
CA ARG B 2948 24.03 18.26 -37.22
C ARG B 2948 22.52 18.43 -37.24
N PHE B 2949 21.79 17.49 -36.65
CA PHE B 2949 20.33 17.54 -36.65
C PHE B 2949 19.83 18.75 -35.86
N VAL B 2950 20.35 18.95 -34.65
CA VAL B 2950 19.90 20.07 -33.84
C VAL B 2950 20.37 21.39 -34.43
N ALA B 2951 21.56 21.40 -35.04
CA ALA B 2951 22.02 22.61 -35.72
C ALA B 2951 21.09 22.97 -36.87
N TRP B 2952 20.65 21.97 -37.64
CA TRP B 2952 19.68 22.23 -38.69
C TRP B 2952 18.37 22.74 -38.12
N MET B 2953 17.91 22.13 -37.01
CA MET B 2953 16.64 22.54 -36.42
C MET B 2953 16.68 23.99 -35.96
N ASN B 2954 17.77 24.38 -35.30
CA ASN B 2954 17.89 25.72 -34.76
C ASN B 2954 18.46 26.73 -35.75
N GLY B 2955 18.68 26.33 -37.01
CA GLY B 2955 19.08 27.26 -38.04
C GLY B 2955 20.54 27.65 -38.03
N LEU B 2956 21.39 26.91 -37.30
CA LEU B 2956 22.81 27.25 -37.21
C LEU B 2956 23.55 26.66 -38.40
N SER B 2957 24.14 27.52 -39.22
CA SER B 2957 24.94 27.05 -40.34
C SER B 2957 26.17 26.32 -39.82
N VAL B 2958 26.35 25.08 -40.24
CA VAL B 2958 27.38 24.21 -39.68
C VAL B 2958 28.69 24.45 -40.41
N TYR B 2959 29.75 24.71 -39.65
CA TYR B 2959 31.10 24.87 -40.16
C TYR B 2959 31.97 23.77 -39.59
N GLN B 2960 32.70 23.08 -40.46
CA GLN B 2960 33.61 22.00 -40.07
C GLN B 2960 34.96 22.26 -40.71
N ILE B 2961 36.02 22.16 -39.89
CA ILE B 2961 37.37 22.42 -40.37
C ILE B 2961 37.84 21.25 -41.20
N LYS B 2962 38.59 21.55 -42.26
CA LYS B 2962 39.09 20.57 -43.22
C LYS B 2962 40.61 20.63 -43.19
N VAL B 2963 41.22 19.84 -42.31
CA VAL B 2963 42.67 19.85 -42.15
C VAL B 2963 43.30 19.06 -43.30
N HIS B 2964 44.28 19.67 -43.95
CA HIS B 2964 45.06 19.06 -45.01
C HIS B 2964 46.42 18.68 -44.43
N ARG B 2965 47.25 18.01 -45.22
CA ARG B 2965 48.67 17.92 -44.91
C ARG B 2965 49.34 19.24 -45.25
N LYS B 2966 50.38 19.58 -44.47
CA LYS B 2966 50.97 20.92 -44.49
C LYS B 2966 49.91 21.98 -44.21
N TYR B 2967 49.01 21.66 -43.28
CA TYR B 2967 47.97 22.60 -42.83
C TYR B 2967 48.51 23.35 -41.63
N THR B 2968 49.31 24.38 -41.92
CA THR B 2968 49.98 25.14 -40.88
C THR B 2968 48.96 25.87 -40.01
N GLY B 2969 49.45 26.40 -38.88
CA GLY B 2969 48.60 27.15 -37.98
C GLY B 2969 48.01 28.40 -38.59
N GLU B 2970 48.66 28.94 -39.63
CA GLU B 2970 48.10 30.11 -40.31
C GLU B 2970 46.79 29.76 -41.03
N ASP B 2971 46.69 28.56 -41.58
CA ASP B 2971 45.43 28.16 -42.23
C ASP B 2971 44.30 28.05 -41.21
N PHE B 2972 44.58 27.46 -40.04
CA PHE B 2972 43.59 27.42 -38.98
C PHE B 2972 43.25 28.82 -38.52
N ASP B 2973 44.24 29.70 -38.47
CA ASP B 2973 44.01 31.10 -38.12
C ASP B 2973 43.06 31.75 -39.11
N GLU B 2974 43.26 31.51 -40.41
CA GLU B 2974 42.39 32.09 -41.42
C GLU B 2974 40.98 31.54 -41.33
N ASP B 2975 40.85 30.23 -41.11
CA ASP B 2975 39.52 29.65 -40.93
C ASP B 2975 38.81 30.26 -39.74
N LEU B 2976 39.53 30.43 -38.63
CA LEU B 2976 38.94 31.05 -37.46
C LEU B 2976 38.55 32.49 -37.75
N ARG B 2977 39.36 33.19 -38.53
CA ARG B 2977 39.03 34.56 -38.92
C ARG B 2977 37.73 34.60 -39.71
N THR B 2978 37.57 33.68 -40.67
CA THR B 2978 36.37 33.69 -41.50
C THR B 2978 35.12 33.38 -40.67
N VAL B 2979 35.19 32.34 -39.83
CA VAL B 2979 34.00 31.99 -39.05
C VAL B 2979 33.69 33.08 -38.03
N LEU B 2980 34.71 33.71 -37.45
CA LEU B 2980 34.48 34.79 -36.51
C LEU B 2980 33.85 35.99 -37.19
N ARG B 2981 34.32 36.33 -38.40
CA ARG B 2981 33.71 37.42 -39.14
C ARG B 2981 32.25 37.12 -39.45
N ARG B 2982 31.95 35.88 -39.85
CA ARG B 2982 30.57 35.52 -40.14
C ARG B 2982 29.70 35.58 -38.89
N SER B 2983 30.22 35.11 -37.75
CA SER B 2983 29.40 35.03 -36.54
C SER B 2983 29.19 36.40 -35.91
N GLY B 2984 30.22 37.25 -35.89
CA GLY B 2984 30.13 38.53 -35.21
C GLY B 2984 29.64 39.66 -36.08
N CYS B 2985 30.30 39.86 -37.23
CA CYS B 2985 29.93 40.99 -38.10
C CYS B 2985 28.57 40.77 -38.73
N LYS B 2986 28.34 39.59 -39.31
CA LYS B 2986 27.10 39.30 -40.02
C LYS B 2986 25.99 38.77 -39.12
N ASN B 2987 26.28 38.47 -37.86
CA ASN B 2987 25.27 38.00 -36.91
C ASN B 2987 24.62 36.71 -37.38
N GLU B 2988 25.44 35.80 -37.91
CA GLU B 2988 24.98 34.50 -38.41
C GLU B 2988 25.41 33.42 -37.43
N LYS B 2989 24.43 32.82 -36.76
CA LYS B 2989 24.74 31.78 -35.79
C LYS B 2989 25.41 30.59 -36.47
N ILE B 2990 26.48 30.09 -35.85
CA ILE B 2990 27.28 29.00 -36.40
C ILE B 2990 27.48 27.95 -35.30
N ALA B 2991 27.33 26.68 -35.67
CA ALA B 2991 27.72 25.55 -34.83
C ALA B 2991 29.04 25.03 -35.38
N PHE B 2992 30.14 25.34 -34.67
CA PHE B 2992 31.49 25.03 -35.14
C PHE B 2992 31.81 23.61 -34.69
N ILE B 2993 31.53 22.64 -35.56
CA ILE B 2993 31.69 21.23 -35.24
C ILE B 2993 33.13 20.83 -35.46
N MET B 2994 33.71 20.14 -34.47
CA MET B 2994 35.07 19.62 -34.54
C MET B 2994 35.07 18.16 -34.12
N ASP B 2995 35.83 17.34 -34.84
CA ASP B 2995 35.89 15.90 -34.62
C ASP B 2995 37.33 15.48 -34.33
N GLU B 2996 37.47 14.36 -33.62
CA GLU B 2996 38.80 13.89 -33.25
C GLU B 2996 39.65 13.54 -34.46
N SER B 2997 39.03 13.23 -35.60
CA SER B 2997 39.78 12.89 -36.80
C SER B 2997 40.62 14.08 -37.28
N ASN B 2998 40.00 15.25 -37.37
CA ASN B 2998 40.69 16.46 -37.79
C ASN B 2998 41.28 17.25 -36.62
N VAL B 2999 41.22 16.71 -35.41
CA VAL B 2999 41.81 17.32 -34.21
C VAL B 2999 42.97 16.41 -33.80
N LEU B 3000 43.63 15.80 -34.79
CA LEU B 3000 44.76 14.94 -34.49
C LEU B 3000 45.91 15.73 -33.87
N ASP B 3001 46.16 16.95 -34.36
CA ASP B 3001 47.20 17.82 -33.81
C ASP B 3001 46.62 18.65 -32.67
N SER B 3002 47.31 18.62 -31.53
CA SER B 3002 46.93 19.43 -30.38
C SER B 3002 47.51 20.84 -30.41
N GLY B 3003 48.39 21.14 -31.37
CA GLY B 3003 49.00 22.46 -31.41
C GLY B 3003 47.99 23.56 -31.70
N PHE B 3004 46.99 23.26 -32.53
CA PHE B 3004 45.98 24.25 -32.90
C PHE B 3004 44.80 24.28 -31.94
N LEU B 3005 44.70 23.34 -31.01
CA LEU B 3005 43.58 23.27 -30.08
C LEU B 3005 43.77 24.13 -28.84
N GLU B 3006 44.89 24.85 -28.73
CA GLU B 3006 45.10 25.83 -27.68
C GLU B 3006 44.86 27.25 -28.17
N ARG B 3007 44.80 27.46 -29.49
CA ARG B 3007 44.22 28.70 -30.01
C ARG B 3007 42.72 28.74 -29.76
N MET B 3008 42.07 27.56 -29.74
CA MET B 3008 40.62 27.53 -29.56
C MET B 3008 40.23 27.79 -28.10
N ASN B 3009 41.13 27.52 -27.15
CA ASN B 3009 40.79 27.70 -25.74
C ASN B 3009 40.51 29.16 -25.43
N THR B 3010 41.26 30.08 -26.03
CA THR B 3010 40.98 31.49 -25.85
C THR B 3010 39.58 31.84 -26.34
N LEU B 3011 39.18 31.29 -27.49
CA LEU B 3011 37.84 31.51 -28.00
C LEU B 3011 36.79 30.97 -27.05
N LEU B 3012 37.01 29.76 -26.54
CA LEU B 3012 36.02 29.14 -25.65
C LEU B 3012 35.88 29.91 -24.34
N ALA B 3013 36.98 30.45 -23.82
CA ALA B 3013 36.93 31.13 -22.53
C ALA B 3013 36.50 32.59 -22.63
N ASN B 3014 36.83 33.27 -23.72
CA ASN B 3014 36.61 34.71 -23.85
C ASN B 3014 35.83 35.11 -25.08
N GLY B 3015 35.73 34.27 -26.10
CA GLY B 3015 35.03 34.61 -27.32
C GLY B 3015 35.82 35.45 -28.30
N GLU B 3016 36.99 35.95 -27.90
CA GLU B 3016 37.87 36.69 -28.79
C GLU B 3016 39.28 36.15 -28.63
N VAL B 3017 39.97 36.00 -29.75
CA VAL B 3017 41.34 35.50 -29.79
C VAL B 3017 42.22 36.64 -30.28
N PRO B 3018 42.91 37.37 -29.38
CA PRO B 3018 43.71 38.50 -29.83
C PRO B 3018 44.87 38.06 -30.72
N GLY B 3019 45.23 38.92 -31.66
CA GLY B 3019 46.26 38.63 -32.63
C GLY B 3019 45.79 38.03 -33.93
N LEU B 3020 44.51 37.64 -34.03
CA LEU B 3020 44.00 37.09 -35.28
C LEU B 3020 43.95 38.15 -36.36
N PHE B 3021 43.35 39.30 -36.05
CA PHE B 3021 43.02 40.31 -37.05
C PHE B 3021 44.07 41.43 -37.12
N GLU B 3022 45.26 41.20 -36.58
CA GLU B 3022 46.30 42.23 -36.58
C GLU B 3022 46.67 42.64 -37.99
N GLY B 3023 46.82 43.95 -38.20
CA GLY B 3023 47.16 44.51 -39.49
C GLY B 3023 45.97 45.14 -40.18
N ASP B 3024 45.98 45.15 -41.53
CA ASP B 3024 44.86 45.71 -42.28
C ASP B 3024 43.58 44.92 -42.03
N GLU B 3025 43.70 43.64 -41.66
CA GLU B 3025 42.53 42.86 -41.29
C GLU B 3025 41.77 43.52 -40.14
N TYR B 3026 42.48 44.17 -39.21
CA TYR B 3026 41.81 44.91 -38.14
C TYR B 3026 40.97 46.03 -38.72
N ALA B 3027 41.48 46.76 -39.71
CA ALA B 3027 40.72 47.85 -40.30
C ALA B 3027 39.49 47.33 -41.03
N THR B 3028 39.65 46.26 -41.82
CA THR B 3028 38.49 45.71 -42.54
C THR B 3028 37.45 45.18 -41.57
N LEU B 3029 37.89 44.49 -40.51
CA LEU B 3029 36.94 43.97 -39.52
C LEU B 3029 36.26 45.11 -38.78
N MET B 3030 36.98 46.20 -38.51
CA MET B 3030 36.34 47.36 -37.87
C MET B 3030 35.28 47.97 -38.77
N THR B 3031 35.57 48.06 -40.07
CA THR B 3031 34.59 48.59 -41.01
C THR B 3031 33.33 47.72 -41.04
N GLN B 3032 33.52 46.40 -41.21
CA GLN B 3032 32.38 45.50 -41.24
C GLN B 3032 31.64 45.47 -39.91
N CYS B 3033 32.38 45.60 -38.80
CA CYS B 3033 31.76 45.60 -37.48
C CYS B 3033 30.89 46.82 -37.27
N LYS B 3034 31.36 47.99 -37.69
CA LYS B 3034 30.53 49.19 -37.57
C LYS B 3034 29.33 49.12 -38.51
N GLU B 3035 29.50 48.52 -39.69
CA GLU B 3035 28.35 48.31 -40.57
C GLU B 3035 27.30 47.42 -39.90
N GLY B 3036 27.76 46.33 -39.26
CA GLY B 3036 26.83 45.46 -38.55
C GLY B 3036 26.16 46.15 -37.38
N ALA B 3037 26.92 46.97 -36.64
CA ALA B 3037 26.35 47.71 -35.53
C ALA B 3037 25.28 48.69 -36.01
N GLN B 3038 25.56 49.37 -37.13
CA GLN B 3038 24.55 50.25 -37.72
C GLN B 3038 23.31 49.46 -38.14
N LYS B 3039 23.52 48.25 -38.68
CA LYS B 3039 22.38 47.40 -39.00
C LYS B 3039 21.57 47.08 -37.76
N GLU B 3040 22.24 46.76 -36.65
CA GLU B 3040 21.54 46.46 -35.40
C GLU B 3040 20.95 47.69 -34.73
N GLY B 3041 21.33 48.90 -35.16
CA GLY B 3041 20.77 50.13 -34.63
C GLY B 3041 21.60 50.82 -33.58
N LEU B 3042 22.84 50.38 -33.34
CA LEU B 3042 23.74 50.99 -32.37
C LEU B 3042 24.83 51.77 -33.11
N MET B 3043 25.03 53.03 -32.74
CA MET B 3043 26.04 53.89 -33.34
C MET B 3043 27.26 53.89 -32.45
N LEU B 3044 28.36 53.30 -32.94
CA LEU B 3044 29.61 53.18 -32.21
C LEU B 3044 30.73 53.79 -33.02
N ASP B 3045 31.65 54.48 -32.35
CA ASP B 3045 32.77 55.16 -32.98
C ASP B 3045 34.12 54.57 -32.59
N SER B 3046 34.40 54.44 -31.29
CA SER B 3046 35.70 54.00 -30.84
C SER B 3046 35.96 52.55 -31.26
N HIS B 3047 37.21 52.27 -31.65
CA HIS B 3047 37.56 50.92 -32.07
C HIS B 3047 37.47 49.94 -30.91
N GLU B 3048 37.80 50.38 -29.69
CA GLU B 3048 37.73 49.47 -28.54
C GLU B 3048 36.31 49.04 -28.27
N GLU B 3049 35.35 49.99 -28.31
CA GLU B 3049 33.95 49.64 -28.07
C GLU B 3049 33.42 48.76 -29.19
N LEU B 3050 33.81 49.03 -30.44
CA LEU B 3050 33.40 48.18 -31.55
C LEU B 3050 33.94 46.77 -31.39
N TYR B 3051 35.19 46.63 -30.96
CA TYR B 3051 35.75 45.31 -30.74
C TYR B 3051 35.04 44.59 -29.60
N LYS B 3052 34.67 45.33 -28.55
CA LYS B 3052 33.93 44.72 -27.45
C LYS B 3052 32.56 44.23 -27.92
N TRP B 3053 31.87 45.02 -28.74
CA TRP B 3053 30.59 44.60 -29.28
C TRP B 3053 30.74 43.39 -30.19
N PHE B 3054 31.81 43.37 -31.00
CA PHE B 3054 32.11 42.20 -31.83
C PHE B 3054 32.33 40.96 -30.97
N THR B 3055 33.07 41.12 -29.88
CA THR B 3055 33.29 40.00 -28.97
C THR B 3055 31.98 39.52 -28.36
N SER B 3056 31.11 40.44 -27.98
CA SER B 3056 29.81 40.04 -27.43
C SER B 3056 28.98 39.30 -28.46
N GLN B 3057 29.01 39.75 -29.71
CA GLN B 3057 28.29 39.05 -30.77
C GLN B 3057 28.86 37.65 -30.98
N VAL B 3058 30.19 37.51 -30.90
CA VAL B 3058 30.78 36.19 -31.05
C VAL B 3058 30.39 35.28 -29.89
N ILE B 3059 30.31 35.85 -28.68
CA ILE B 3059 29.80 35.09 -27.54
C ILE B 3059 28.39 34.60 -27.80
N ARG B 3060 27.53 35.49 -28.31
CA ARG B 3060 26.14 35.11 -28.52
C ARG B 3060 26.00 34.06 -29.62
N ASN B 3061 26.70 34.23 -30.73
CA ASN B 3061 26.40 33.50 -31.96
C ASN B 3061 27.21 32.23 -32.12
N LEU B 3062 28.54 32.36 -32.17
CA LEU B 3062 29.38 31.22 -32.50
C LEU B 3062 29.36 30.19 -31.37
N HIS B 3063 29.07 28.95 -31.71
CA HIS B 3063 29.12 27.83 -30.79
C HIS B 3063 30.11 26.81 -31.32
N VAL B 3064 30.68 26.01 -30.40
CA VAL B 3064 31.65 24.98 -30.73
C VAL B 3064 31.11 23.65 -30.21
N VAL B 3065 31.10 22.64 -31.08
CA VAL B 3065 30.63 21.30 -30.75
C VAL B 3065 31.80 20.35 -31.00
N PHE B 3066 32.49 19.98 -29.94
CA PHE B 3066 33.53 18.96 -30.02
C PHE B 3066 32.90 17.59 -29.91
N THR B 3067 33.41 16.64 -30.68
CA THR B 3067 32.97 15.25 -30.63
C THR B 3067 34.20 14.38 -30.42
N MET B 3068 34.19 13.57 -29.37
CA MET B 3068 35.32 12.73 -29.01
C MET B 3068 34.84 11.34 -28.63
N ASN B 3069 35.75 10.39 -28.69
CA ASN B 3069 35.58 9.07 -28.13
C ASN B 3069 36.15 9.03 -26.71
N PRO B 3070 35.80 8.01 -25.91
CA PRO B 3070 36.39 7.92 -24.57
C PRO B 3070 37.90 7.79 -24.62
N SER B 3071 38.50 7.81 -23.43
CA SER B 3071 39.97 7.90 -23.30
C SER B 3071 40.61 6.57 -23.67
N SER B 3072 40.55 6.27 -24.97
CA SER B 3072 41.33 5.20 -25.58
C SER B 3072 42.35 5.74 -26.57
N GLU B 3073 42.45 7.06 -26.74
CA GLU B 3073 43.37 7.69 -27.68
C GLU B 3073 44.71 8.00 -27.03
N GLY B 3074 45.30 6.99 -26.38
CA GLY B 3074 46.61 7.18 -25.77
C GLY B 3074 47.70 7.42 -26.79
N LEU B 3075 47.61 6.77 -27.95
CA LEU B 3075 48.63 6.94 -28.98
C LEU B 3075 48.63 8.35 -29.55
N LYS B 3076 47.49 9.03 -29.54
CA LYS B 3076 47.41 10.39 -30.05
C LYS B 3076 48.19 11.34 -29.14
N ASP B 3077 48.60 12.47 -29.72
CA ASP B 3077 49.29 13.49 -28.94
C ASP B 3077 48.40 14.06 -27.84
N ARG B 3078 47.08 14.03 -28.04
CA ARG B 3078 46.16 14.48 -27.01
C ARG B 3078 46.27 13.63 -25.76
N ALA B 3079 46.38 12.31 -25.93
CA ALA B 3079 46.20 11.34 -24.84
C ALA B 3079 44.81 11.64 -24.27
N ALA B 3080 44.67 11.88 -22.98
CA ALA B 3080 43.51 12.59 -22.47
C ALA B 3080 43.72 14.08 -22.73
N THR B 3081 42.80 14.71 -23.46
CA THR B 3081 42.97 16.10 -23.80
C THR B 3081 43.01 16.96 -22.54
N SER B 3082 43.43 18.22 -22.71
CA SER B 3082 43.77 19.05 -21.57
C SER B 3082 42.55 19.27 -20.68
N PRO B 3083 42.71 19.30 -19.36
CA PRO B 3083 41.55 19.58 -18.50
C PRO B 3083 40.96 20.96 -18.72
N ALA B 3084 41.72 21.89 -19.28
CA ALA B 3084 41.17 23.19 -19.65
C ALA B 3084 40.06 23.03 -20.68
N LEU B 3085 40.27 22.14 -21.66
CA LEU B 3085 39.23 21.91 -22.67
C LEU B 3085 37.97 21.32 -22.05
N PHE B 3086 38.13 20.38 -21.10
CA PHE B 3086 36.98 19.85 -20.39
C PHE B 3086 36.26 20.95 -19.62
N ASN B 3087 37.02 21.82 -18.97
CA ASN B 3087 36.40 22.87 -18.17
C ASN B 3087 35.64 23.87 -19.04
N ARG B 3088 36.21 24.23 -20.18
CA ARG B 3088 35.61 25.30 -20.98
C ARG B 3088 34.27 24.90 -21.59
N CYS B 3089 34.14 23.66 -22.03
CA CYS B 3089 32.91 23.17 -22.66
C CYS B 3089 31.98 22.56 -21.62
N VAL B 3090 30.74 22.34 -22.03
CA VAL B 3090 29.78 21.55 -21.27
C VAL B 3090 29.84 20.11 -21.78
N LEU B 3091 30.17 19.18 -20.90
CA LEU B 3091 30.45 17.81 -21.30
C LEU B 3091 29.18 16.97 -21.24
N ASN B 3092 29.01 16.11 -22.24
CA ASN B 3092 27.84 15.25 -22.37
C ASN B 3092 28.30 13.83 -22.67
N TRP B 3093 28.03 12.90 -21.76
CA TRP B 3093 28.39 11.51 -21.94
C TRP B 3093 27.30 10.82 -22.76
N PHE B 3094 27.64 10.44 -24.00
CA PHE B 3094 26.66 9.78 -24.85
C PHE B 3094 26.41 8.34 -24.43
N GLY B 3095 27.46 7.61 -24.09
CA GLY B 3095 27.30 6.23 -23.68
C GLY B 3095 26.94 5.33 -24.84
N ASP B 3096 26.50 4.12 -24.48
CA ASP B 3096 26.11 3.09 -25.43
C ASP B 3096 24.63 2.77 -25.25
N TRP B 3097 24.01 2.35 -26.35
CA TRP B 3097 22.57 2.12 -26.35
C TRP B 3097 22.21 0.99 -25.40
N SER B 3098 21.20 1.21 -24.57
CA SER B 3098 20.76 0.22 -23.60
C SER B 3098 19.88 -0.82 -24.29
N THR B 3099 19.28 -1.71 -23.51
CA THR B 3099 18.38 -2.71 -24.09
C THR B 3099 17.16 -2.04 -24.72
N GLU B 3100 16.61 -1.04 -24.05
CA GLU B 3100 15.43 -0.36 -24.57
C GLU B 3100 15.74 0.38 -25.88
N ALA B 3101 16.91 1.01 -25.95
CA ALA B 3101 17.28 1.71 -27.18
C ALA B 3101 17.43 0.75 -28.34
N LEU B 3102 18.08 -0.40 -28.10
CA LEU B 3102 18.21 -1.40 -29.15
C LEU B 3102 16.83 -1.94 -29.57
N TYR B 3103 15.96 -2.18 -28.59
CA TYR B 3103 14.62 -2.68 -28.90
C TYR B 3103 13.85 -1.69 -29.76
N GLN B 3104 13.90 -0.40 -29.40
CA GLN B 3104 13.12 0.59 -30.12
C GLN B 3104 13.69 0.87 -31.49
N VAL B 3105 15.02 0.95 -31.62
CA VAL B 3105 15.62 1.15 -32.93
C VAL B 3105 15.51 -0.09 -33.80
N GLY B 3106 15.25 -1.25 -33.21
CA GLY B 3106 14.97 -2.43 -33.99
C GLY B 3106 13.53 -2.47 -34.47
N LYS B 3107 12.59 -2.09 -33.60
CA LYS B 3107 11.18 -2.17 -33.97
C LYS B 3107 10.83 -1.23 -35.11
N GLU B 3108 11.37 0.00 -35.08
CA GLU B 3108 11.03 0.99 -36.10
C GLU B 3108 11.83 0.83 -37.39
N PHE B 3109 12.80 -0.08 -37.43
CA PHE B 3109 13.49 -0.44 -38.66
C PHE B 3109 12.95 -1.71 -39.30
N THR B 3110 12.38 -2.62 -38.50
CA THR B 3110 11.78 -3.85 -38.99
C THR B 3110 10.26 -3.83 -38.90
N SER B 3111 9.67 -2.63 -38.93
CA SER B 3111 8.22 -2.50 -38.92
C SER B 3111 7.61 -2.65 -40.31
N LYS B 3112 8.36 -2.29 -41.35
CA LYS B 3112 7.88 -2.49 -42.72
C LYS B 3112 7.87 -3.96 -43.12
N MET B 3113 8.57 -4.82 -42.38
CA MET B 3113 8.61 -6.23 -42.69
C MET B 3113 7.36 -6.92 -42.19
N ASP B 3114 6.97 -7.99 -42.88
CA ASP B 3114 5.79 -8.77 -42.52
C ASP B 3114 6.21 -9.93 -41.61
N LEU B 3115 6.55 -9.57 -40.37
CA LEU B 3115 6.95 -10.53 -39.35
C LEU B 3115 5.78 -11.00 -38.50
N GLU B 3116 4.56 -10.97 -39.04
CA GLU B 3116 3.36 -11.29 -38.29
C GLU B 3116 2.98 -12.74 -38.53
N LYS B 3117 2.70 -13.46 -37.45
CA LYS B 3117 2.26 -14.85 -37.50
C LYS B 3117 1.05 -15.00 -36.57
N PRO B 3118 -0.16 -15.20 -37.09
CA PRO B 3118 -1.32 -15.30 -36.19
C PRO B 3118 -1.29 -16.51 -35.27
N ASN B 3119 -0.52 -17.54 -35.59
CA ASN B 3119 -0.49 -18.78 -34.83
C ASN B 3119 0.75 -18.92 -33.97
N TYR B 3120 1.42 -17.81 -33.65
CA TYR B 3120 2.62 -17.86 -32.83
C TYR B 3120 2.26 -18.30 -31.43
N VAL B 3121 2.62 -19.54 -31.08
CA VAL B 3121 2.39 -20.07 -29.74
C VAL B 3121 3.48 -19.52 -28.83
N VAL B 3122 3.10 -18.65 -27.90
CA VAL B 3122 4.10 -18.06 -27.00
C VAL B 3122 4.70 -19.17 -26.14
N PRO B 3123 6.01 -19.20 -25.90
CA PRO B 3123 6.56 -20.26 -25.04
C PRO B 3123 6.12 -20.09 -23.60
N ASP B 3124 6.12 -21.21 -22.87
CA ASP B 3124 5.71 -21.17 -21.47
C ASP B 3124 6.64 -20.28 -20.65
N TYR B 3125 7.95 -20.39 -20.89
CA TYR B 3125 8.95 -19.56 -20.23
C TYR B 3125 9.91 -19.05 -21.30
N MET B 3126 9.88 -17.71 -21.54
CA MET B 3126 10.70 -17.08 -22.57
C MET B 3126 11.91 -16.41 -21.93
N PRO B 3127 13.08 -16.38 -22.60
CA PRO B 3127 14.18 -15.53 -22.10
C PRO B 3127 14.06 -14.13 -22.68
N VAL B 3128 14.25 -13.11 -21.84
CA VAL B 3128 13.99 -11.72 -22.21
C VAL B 3128 15.21 -10.88 -21.92
N VAL B 3129 15.60 -10.05 -22.89
CA VAL B 3129 16.57 -8.98 -22.64
C VAL B 3129 15.86 -7.68 -22.27
N TYR B 3130 14.67 -7.43 -22.84
CA TYR B 3130 13.89 -6.22 -22.60
C TYR B 3130 12.83 -6.57 -21.57
N ASP B 3131 13.06 -6.15 -20.32
CA ASP B 3131 12.14 -6.47 -19.23
C ASP B 3131 10.73 -5.91 -19.47
N LYS B 3132 10.61 -4.84 -20.26
CA LYS B 3132 9.33 -4.22 -20.54
C LYS B 3132 8.76 -4.65 -21.89
N LEU B 3133 8.99 -5.90 -22.28
CA LEU B 3133 8.40 -6.39 -23.52
C LEU B 3133 6.88 -6.42 -23.37
N PRO B 3134 6.12 -6.17 -24.44
CA PRO B 3134 4.67 -6.43 -24.37
C PRO B 3134 4.42 -7.91 -24.07
N GLN B 3135 3.43 -8.15 -23.21
CA GLN B 3135 3.13 -9.49 -22.71
C GLN B 3135 1.64 -9.77 -22.89
N PRO B 3136 1.26 -10.94 -23.47
CA PRO B 3136 2.07 -12.01 -24.08
C PRO B 3136 2.73 -11.52 -25.38
N PRO B 3137 4.03 -11.69 -25.61
CA PRO B 3137 4.63 -11.12 -26.82
C PRO B 3137 4.08 -11.75 -28.09
N SER B 3138 3.97 -10.92 -29.13
CA SER B 3138 3.59 -11.38 -30.45
C SER B 3138 4.83 -11.79 -31.23
N HIS B 3139 4.64 -12.17 -32.49
CA HIS B 3139 5.77 -12.64 -33.29
C HIS B 3139 6.76 -11.51 -33.57
N ARG B 3140 6.26 -10.31 -33.91
CA ARG B 3140 7.17 -9.19 -34.15
C ARG B 3140 7.95 -8.83 -32.89
N GLU B 3141 7.27 -8.81 -31.74
CA GLU B 3141 7.94 -8.50 -30.48
C GLU B 3141 9.02 -9.53 -30.18
N ALA B 3142 8.70 -10.81 -30.35
CA ALA B 3142 9.69 -11.86 -30.10
C ALA B 3142 10.86 -11.77 -31.05
N ILE B 3143 10.60 -11.45 -32.32
CA ILE B 3143 11.68 -11.37 -33.30
C ILE B 3143 12.61 -10.20 -32.97
N VAL B 3144 12.05 -9.06 -32.58
CA VAL B 3144 12.90 -7.93 -32.24
C VAL B 3144 13.67 -8.21 -30.95
N ASN B 3145 13.03 -8.88 -29.99
CA ASN B 3145 13.75 -9.25 -28.78
C ASN B 3145 14.91 -10.19 -29.08
N SER B 3146 14.71 -11.13 -30.01
CA SER B 3146 15.82 -11.98 -30.45
C SER B 3146 16.89 -11.17 -31.17
N CYS B 3147 16.49 -10.18 -31.96
CA CYS B 3147 17.47 -9.31 -32.62
C CYS B 3147 18.32 -8.57 -31.61
N VAL B 3148 17.74 -8.22 -30.46
CA VAL B 3148 18.54 -7.60 -29.39
C VAL B 3148 19.38 -8.65 -28.66
N PHE B 3149 18.87 -9.88 -28.55
CA PHE B 3149 19.66 -10.97 -27.99
C PHE B 3149 20.95 -11.16 -28.77
N VAL B 3150 20.89 -10.97 -30.09
CA VAL B 3150 22.11 -11.10 -30.91
C VAL B 3150 23.17 -10.13 -30.42
N HIS B 3151 22.80 -8.85 -30.26
CA HIS B 3151 23.76 -7.84 -29.81
C HIS B 3151 24.27 -8.15 -28.41
N GLN B 3152 23.36 -8.54 -27.51
CA GLN B 3152 23.77 -8.79 -26.13
C GLN B 3152 24.72 -9.98 -26.05
N THR B 3153 24.41 -11.07 -26.75
CA THR B 3153 25.29 -12.23 -26.74
C THR B 3153 26.63 -11.91 -27.39
N LEU B 3154 26.64 -11.07 -28.43
CA LEU B 3154 27.92 -10.71 -29.04
C LEU B 3154 28.77 -9.88 -28.08
N HIS B 3155 28.14 -8.96 -27.34
CA HIS B 3155 28.89 -8.21 -26.34
C HIS B 3155 29.44 -9.15 -25.26
N GLN B 3156 28.63 -10.10 -24.82
CA GLN B 3156 29.11 -11.07 -23.82
C GLN B 3156 30.27 -11.89 -24.37
N ALA B 3157 30.18 -12.31 -25.63
CA ALA B 3157 31.24 -13.09 -26.23
C ALA B 3157 32.53 -12.29 -26.34
N ASN B 3158 32.44 -11.02 -26.72
CA ASN B 3158 33.64 -10.21 -26.79
C ASN B 3158 34.24 -9.99 -25.41
N ALA B 3159 33.39 -9.79 -24.39
CA ALA B 3159 33.91 -9.67 -23.04
C ALA B 3159 34.60 -10.95 -22.59
N ARG B 3160 34.03 -12.10 -22.92
CA ARG B 3160 34.67 -13.37 -22.58
C ARG B 3160 36.00 -13.52 -23.28
N LEU B 3161 36.07 -13.14 -24.56
CA LEU B 3161 37.33 -13.21 -25.29
C LEU B 3161 38.38 -12.30 -24.67
N ALA B 3162 37.95 -11.12 -24.18
CA ALA B 3162 38.87 -10.28 -23.43
C ALA B 3162 39.32 -10.96 -22.15
N LYS B 3163 38.42 -11.73 -21.51
CA LYS B 3163 38.78 -12.40 -20.26
C LYS B 3163 39.89 -13.41 -20.47
N ARG B 3164 39.86 -14.16 -21.57
CA ARG B 3164 40.86 -15.18 -21.85
C ARG B 3164 42.06 -14.64 -22.61
N GLY B 3165 42.24 -13.31 -22.67
CA GLY B 3165 43.41 -12.71 -23.26
C GLY B 3165 43.40 -12.57 -24.76
N GLY B 3166 42.33 -13.00 -25.43
CA GLY B 3166 42.28 -12.88 -26.87
C GLY B 3166 42.10 -11.44 -27.32
N ARG B 3167 42.38 -11.22 -28.61
CA ARG B 3167 42.26 -9.89 -29.20
C ARG B 3167 40.79 -9.59 -29.44
N THR B 3168 40.26 -8.59 -28.75
CA THR B 3168 38.87 -8.18 -28.89
C THR B 3168 38.75 -7.07 -29.91
N MET B 3169 37.51 -6.85 -30.36
CA MET B 3169 37.18 -5.80 -31.31
C MET B 3169 35.97 -5.04 -30.80
N ALA B 3170 35.99 -3.72 -31.00
CA ALA B 3170 34.94 -2.87 -30.45
C ALA B 3170 33.59 -3.19 -31.10
N ILE B 3171 32.55 -3.28 -30.26
CA ILE B 3171 31.18 -3.49 -30.71
C ILE B 3171 30.42 -2.21 -30.42
N THR B 3172 29.79 -1.66 -31.45
CA THR B 3172 29.18 -0.34 -31.42
C THR B 3172 27.76 -0.42 -31.94
N PRO B 3173 26.96 0.65 -31.75
CA PRO B 3173 25.59 0.64 -32.29
C PRO B 3173 25.52 0.46 -33.80
N ARG B 3174 26.54 0.91 -34.54
CA ARG B 3174 26.50 0.77 -35.99
C ARG B 3174 26.50 -0.70 -36.39
N HIS B 3175 27.08 -1.57 -35.56
CA HIS B 3175 26.94 -3.01 -35.81
C HIS B 3175 25.48 -3.42 -35.78
N TYR B 3176 24.72 -2.91 -34.80
CA TYR B 3176 23.30 -3.25 -34.71
C TYR B 3176 22.53 -2.69 -35.89
N LEU B 3177 22.83 -1.46 -36.30
CA LEU B 3177 22.14 -0.90 -37.46
C LEU B 3177 22.44 -1.69 -38.72
N ASP B 3178 23.70 -2.09 -38.91
CA ASP B 3178 24.05 -2.90 -40.07
C ASP B 3178 23.37 -4.26 -40.01
N PHE B 3179 23.29 -4.86 -38.81
CA PHE B 3179 22.59 -6.12 -38.66
C PHE B 3179 21.13 -6.00 -39.05
N ILE B 3180 20.47 -4.94 -38.59
CA ILE B 3180 19.05 -4.78 -38.90
C ILE B 3180 18.85 -4.52 -40.39
N ASN B 3181 19.73 -3.73 -41.00
CA ASN B 3181 19.64 -3.48 -42.43
C ASN B 3181 19.82 -4.77 -43.22
N HIS B 3182 20.80 -5.60 -42.83
CA HIS B 3182 21.00 -6.87 -43.51
C HIS B 3182 19.82 -7.79 -43.31
N TYR B 3183 19.24 -7.81 -42.12
CA TYR B 3183 18.06 -8.62 -41.87
C TYR B 3183 16.91 -8.20 -42.77
N ALA B 3184 16.69 -6.89 -42.92
CA ALA B 3184 15.60 -6.42 -43.76
C ALA B 3184 15.84 -6.76 -45.22
N ASN B 3185 17.04 -6.49 -45.72
CA ASN B 3185 17.34 -6.78 -47.12
C ASN B 3185 17.22 -8.28 -47.41
N LEU B 3186 17.75 -9.10 -46.51
CA LEU B 3186 17.71 -10.54 -46.70
C LEU B 3186 16.27 -11.08 -46.63
N PHE B 3187 15.47 -10.57 -45.68
CA PHE B 3187 14.09 -10.98 -45.59
C PHE B 3187 13.34 -10.65 -46.88
N HIS B 3188 13.52 -9.42 -47.38
CA HIS B 3188 12.86 -9.04 -48.62
C HIS B 3188 13.31 -9.91 -49.77
N GLU B 3189 14.62 -10.17 -49.88
CA GLU B 3189 15.14 -10.96 -50.99
C GLU B 3189 14.59 -12.38 -50.97
N LYS B 3190 14.64 -13.03 -49.81
CA LYS B 3190 14.21 -14.42 -49.74
C LYS B 3190 12.70 -14.54 -49.94
N ARG B 3191 11.92 -13.60 -49.38
CA ARG B 3191 10.48 -13.66 -49.59
C ARG B 3191 10.13 -13.41 -51.06
N SER B 3192 10.84 -12.49 -51.71
CA SER B 3192 10.61 -12.25 -53.13
C SER B 3192 10.93 -13.50 -53.95
N GLU B 3193 12.05 -14.16 -53.64
CA GLU B 3193 12.42 -15.38 -54.36
C GLU B 3193 11.35 -16.44 -54.19
N LEU B 3194 10.88 -16.65 -52.97
CA LEU B 3194 9.92 -17.72 -52.74
C LEU B 3194 8.60 -17.40 -53.43
N GLU B 3195 8.17 -16.14 -53.39
CA GLU B 3195 6.94 -15.74 -54.07
C GLU B 3195 7.06 -15.95 -55.57
N GLU B 3196 8.23 -15.62 -56.14
CA GLU B 3196 8.43 -15.84 -57.57
C GLU B 3196 8.32 -17.32 -57.91
N GLN B 3197 8.95 -18.17 -57.10
CA GLN B 3197 8.88 -19.61 -57.37
C GLN B 3197 7.47 -20.14 -57.23
N GLN B 3198 6.73 -19.69 -56.21
CA GLN B 3198 5.36 -20.18 -56.02
C GLN B 3198 4.45 -19.72 -57.16
N MET B 3199 4.61 -18.47 -57.61
CA MET B 3199 3.83 -17.99 -58.74
C MET B 3199 4.15 -18.79 -60.01
N HIS B 3200 5.43 -19.07 -60.24
CA HIS B 3200 5.80 -19.86 -61.40
C HIS B 3200 5.22 -21.27 -61.34
N LEU B 3201 5.43 -21.85 -60.17
CA LEU B 3201 4.86 -23.19 -60.04
C LEU B 3201 3.36 -23.06 -60.26
N ASN B 3202 2.69 -22.07 -59.68
CA ASN B 3202 1.22 -22.01 -59.87
C ASN B 3202 0.90 -21.76 -61.34
N VAL B 3203 1.65 -20.86 -61.96
CA VAL B 3203 1.42 -20.59 -63.42
C VAL B 3203 1.71 -21.87 -64.20
N GLY B 3204 2.75 -22.59 -63.81
CA GLY B 3204 3.08 -23.86 -64.47
C GLY B 3204 1.98 -24.88 -64.32
N LEU B 3205 1.38 -24.99 -63.13
CA LEU B 3205 0.25 -25.91 -62.94
C LEU B 3205 -0.91 -25.49 -63.82
N ARG B 3206 -1.16 -24.19 -63.93
CA ARG B 3206 -2.26 -23.74 -64.84
C ARG B 3206 -1.98 -24.19 -66.26
N LYS B 3207 -0.74 -24.02 -66.72
CA LYS B 3207 -0.41 -24.39 -68.11
C LYS B 3207 -0.48 -25.91 -68.27
N ILE B 3208 -0.08 -26.64 -67.23
CA ILE B 3208 -0.17 -28.12 -67.31
C ILE B 3208 -1.60 -28.56 -67.38
N LYS B 3209 -2.49 -27.92 -66.62
CA LYS B 3209 -3.91 -28.28 -66.74
C LYS B 3209 -4.42 -27.93 -68.14
N GLU B 3210 -3.96 -26.82 -68.70
CA GLU B 3210 -4.35 -26.46 -70.08
C GLU B 3210 -3.90 -27.53 -71.08
N THR B 3211 -2.66 -27.99 -70.93
CA THR B 3211 -2.15 -29.04 -71.82
C THR B 3211 -2.89 -30.35 -71.59
N VAL B 3212 -3.26 -30.64 -70.35
CA VAL B 3212 -4.08 -31.85 -70.09
C VAL B 3212 -5.40 -31.70 -70.83
N ASP B 3213 -6.01 -30.53 -70.81
CA ASP B 3213 -7.26 -30.34 -71.58
C ASP B 3213 -7.00 -30.54 -73.07
N GLN B 3214 -5.89 -30.03 -73.58
CA GLN B 3214 -5.62 -30.23 -75.02
C GLN B 3214 -5.44 -31.71 -75.37
N VAL B 3215 -4.67 -32.42 -74.56
CA VAL B 3215 -4.40 -33.83 -74.92
C VAL B 3215 -5.67 -34.65 -74.69
N GLU B 3216 -6.41 -34.38 -73.61
CA GLU B 3216 -7.60 -35.22 -73.39
C GLU B 3216 -8.56 -35.02 -74.56
N GLU B 3217 -8.67 -33.77 -75.03
CA GLU B 3217 -9.55 -33.58 -76.22
C GLU B 3217 -9.00 -34.37 -77.40
N LEU B 3218 -7.70 -34.37 -77.60
CA LEU B 3218 -7.13 -35.17 -78.73
C LEU B 3218 -7.32 -36.65 -78.47
N ARG B 3219 -7.11 -37.11 -77.23
CA ARG B 3219 -7.16 -38.56 -76.90
C ARG B 3219 -8.57 -39.03 -77.04
N ARG B 3220 -9.50 -38.26 -76.47
CA ARG B 3220 -10.88 -38.78 -76.49
C ARG B 3220 -11.30 -38.92 -77.95
N ASP B 3221 -10.93 -37.94 -78.79
CA ASP B 3221 -11.32 -37.97 -80.23
C ASP B 3221 -10.51 -39.05 -80.92
N LEU B 3222 -9.23 -39.21 -80.53
CA LEU B 3222 -8.36 -40.30 -81.07
C LEU B 3222 -8.92 -41.67 -80.70
N ARG B 3223 -9.39 -41.85 -79.45
CA ARG B 3223 -9.99 -43.14 -78.98
C ARG B 3223 -11.31 -43.41 -79.70
N ILE B 3224 -12.16 -42.39 -79.87
CA ILE B 3224 -13.50 -42.52 -80.56
C ILE B 3224 -13.24 -42.92 -82.02
N LYS B 3225 -12.26 -42.26 -82.68
CA LYS B 3225 -11.93 -42.56 -84.12
C LYS B 3225 -11.41 -43.98 -84.18
N SER B 3226 -10.53 -44.39 -83.25
CA SER B 3226 -9.93 -45.77 -83.22
C SER B 3226 -11.05 -46.80 -83.03
N GLN B 3227 -12.03 -46.54 -82.16
CA GLN B 3227 -13.18 -47.47 -81.91
C GLN B 3227 -14.08 -47.58 -83.11
N GLU B 3228 -14.41 -46.44 -83.72
CA GLU B 3228 -15.22 -46.39 -84.98
C GLU B 3228 -14.50 -47.14 -86.11
N LEU B 3229 -13.19 -47.00 -86.25
CA LEU B 3229 -12.37 -47.63 -87.33
C LEU B 3229 -12.31 -49.14 -87.05
N GLU B 3230 -12.17 -49.56 -85.79
CA GLU B 3230 -12.18 -50.99 -85.42
C GLU B 3230 -13.53 -51.61 -85.75
N VAL B 3231 -14.67 -50.97 -85.38
CA VAL B 3231 -16.04 -51.52 -85.68
C VAL B 3231 -16.20 -51.61 -87.20
N LYS B 3232 -15.72 -50.58 -87.93
CA LYS B 3232 -15.85 -50.57 -89.41
C LYS B 3232 -14.96 -51.65 -90.00
N ASN B 3233 -13.77 -51.82 -89.40
CA ASN B 3233 -12.84 -52.91 -89.84
C ASN B 3233 -13.49 -54.26 -89.56
N ALA B 3234 -14.07 -54.46 -88.37
CA ALA B 3234 -14.71 -55.74 -87.94
C ALA B 3234 -15.89 -56.03 -88.88
N ALA B 3235 -16.65 -55.02 -89.27
CA ALA B 3235 -17.80 -55.16 -90.23
C ALA B 3235 -17.29 -55.59 -91.59
N ALA B 3236 -16.25 -54.91 -92.14
CA ALA B 3236 -15.66 -55.22 -93.48
C ALA B 3236 -15.05 -56.63 -93.45
N ASN B 3237 -14.51 -57.07 -92.28
CA ASN B 3237 -13.97 -58.44 -92.14
C ASN B 3237 -15.11 -59.44 -92.25
N ASP B 3238 -16.24 -59.24 -91.54
CA ASP B 3238 -17.40 -60.18 -91.55
C ASP B 3238 -17.98 -60.24 -92.95
N LYS B 3239 -18.12 -59.07 -93.64
CA LYS B 3239 -18.69 -59.02 -95.01
C LYS B 3239 -17.74 -59.74 -95.97
N LEU B 3240 -16.43 -59.52 -95.79
CA LEU B 3240 -15.37 -60.15 -96.64
C LEU B 3240 -15.37 -61.65 -96.42
N LYS B 3241 -15.56 -62.13 -95.17
CA LYS B 3241 -15.64 -63.58 -94.84
C LYS B 3241 -16.90 -64.19 -95.47
N LYS B 3242 -18.02 -63.46 -95.42
CA LYS B 3242 -19.29 -63.94 -96.03
C LYS B 3242 -19.10 -64.06 -97.54
N MET B 3243 -18.44 -63.07 -98.17
CA MET B 3243 -18.18 -63.06 -99.65
C MET B 3243 -17.19 -64.18 -99.93
N VAL B 3244 -16.22 -64.39 -99.04
CA VAL B 3244 -15.19 -65.48 -99.17
C VAL B 3244 -15.84 -66.86 -99.08
N LYS B 3245 -16.81 -67.02 -98.17
CA LYS B 3245 -17.56 -68.33 -98.15
C LYS B 3245 -18.41 -68.51 -99.40
N ASP B 3246 -19.10 -67.44 -99.85
CA ASP B 3246 -19.95 -67.50 -101.09
C ASP B 3246 -19.03 -67.84 -102.27
N GLN B 3247 -17.82 -67.28 -102.30
CA GLN B 3247 -16.86 -67.49 -103.42
C GLN B 3247 -16.32 -68.91 -103.38
N GLN B 3248 -16.11 -69.45 -102.15
CA GLN B 3248 -15.65 -70.87 -102.01
C GLN B 3248 -16.74 -71.81 -102.49
N GLU B 3249 -18.02 -71.53 -102.16
CA GLU B 3249 -19.18 -72.35 -102.62
C GLU B 3249 -19.28 -72.27 -104.14
N ALA B 3250 -19.12 -71.06 -104.71
CA ALA B 3250 -19.19 -70.86 -106.19
C ALA B 3250 -18.01 -71.59 -106.84
N GLU B 3251 -16.85 -71.62 -106.19
CA GLU B 3251 -15.60 -72.26 -106.71
C GLU B 3251 -15.82 -73.78 -106.69
N LYS B 3252 -16.43 -74.34 -105.63
CA LYS B 3252 -16.81 -75.78 -105.56
C LYS B 3252 -17.84 -76.11 -106.65
N LYS B 3253 -18.88 -75.28 -106.85
CA LYS B 3253 -19.88 -75.49 -107.93
C LYS B 3253 -19.21 -75.43 -109.29
N LYS B 3254 -18.21 -74.53 -109.46
CA LYS B 3254 -17.47 -74.38 -110.77
C LYS B 3254 -16.62 -75.61 -111.04
N VAL B 3255 -15.96 -76.18 -110.01
CA VAL B 3255 -15.08 -77.39 -110.14
C VAL B 3255 -15.96 -78.60 -110.46
N MET B 3256 -17.16 -78.68 -109.85
CA MET B 3256 -18.06 -79.81 -110.17
C MET B 3256 -18.54 -79.68 -111.60
N SER B 3257 -18.97 -78.47 -111.99
CA SER B 3257 -19.50 -78.22 -113.38
C SER B 3257 -18.34 -78.46 -114.37
N GLN B 3258 -17.07 -78.18 -113.98
CA GLN B 3258 -15.87 -78.39 -114.86
C GLN B 3258 -15.71 -79.90 -115.07
N GLU B 3259 -15.83 -80.70 -113.99
CA GLU B 3259 -15.71 -82.17 -114.07
C GLU B 3259 -16.89 -82.71 -114.88
N ILE B 3260 -18.09 -82.13 -114.71
CA ILE B 3260 -19.29 -82.58 -115.47
C ILE B 3260 -19.06 -82.27 -116.95
N GLN B 3261 -18.47 -81.09 -117.25
CA GLN B 3261 -18.22 -80.65 -118.65
C GLN B 3261 -17.18 -81.54 -119.33
N GLU B 3262 -16.20 -82.00 -118.55
CA GLU B 3262 -15.15 -82.96 -119.06
C GLU B 3262 -15.79 -84.32 -119.36
N GLN B 3263 -16.68 -84.81 -118.47
CA GLN B 3263 -17.37 -86.13 -118.63
C GLN B 3263 -18.28 -86.04 -119.83
N LEU B 3264 -18.96 -84.91 -120.05
CA LEU B 3264 -19.89 -84.75 -121.20
C LEU B 3264 -19.09 -84.65 -122.48
N HIS B 3265 -17.89 -84.05 -122.45
CA HIS B 3265 -16.98 -84.00 -123.60
C HIS B 3265 -16.43 -85.40 -123.98
N LYS B 3266 -16.14 -86.23 -122.97
CA LYS B 3266 -15.68 -87.63 -123.24
C LYS B 3266 -16.87 -88.44 -123.77
N GLN B 3267 -18.08 -88.23 -123.21
CA GLN B 3267 -19.31 -88.96 -123.63
C GLN B 3267 -19.63 -88.56 -125.08
N GLN B 3268 -19.40 -87.30 -125.45
CA GLN B 3268 -19.67 -86.78 -126.79
C GLN B 3268 -18.68 -87.43 -127.76
N GLU B 3269 -17.40 -87.53 -127.37
CA GLU B 3269 -16.35 -88.19 -128.22
C GLU B 3269 -16.69 -89.66 -128.43
N VAL B 3270 -17.17 -90.36 -127.40
CA VAL B 3270 -17.57 -91.80 -127.54
C VAL B 3270 -18.77 -91.88 -128.49
N ILE B 3271 -19.73 -90.96 -128.35
CA ILE B 3271 -20.95 -90.92 -129.20
C ILE B 3271 -20.53 -90.63 -130.63
N ALA B 3272 -19.56 -89.73 -130.83
CA ALA B 3272 -19.03 -89.39 -132.19
C ALA B 3272 -18.34 -90.60 -132.81
N ASP B 3273 -17.60 -91.41 -132.03
CA ASP B 3273 -16.99 -92.69 -132.52
C ASP B 3273 -18.07 -93.69 -132.90
N LYS B 3274 -19.13 -93.81 -132.07
CA LYS B 3274 -20.27 -94.74 -132.35
C LYS B 3274 -20.95 -94.24 -133.62
N GLN B 3275 -21.08 -92.91 -133.81
CA GLN B 3275 -21.76 -92.31 -134.99
C GLN B 3275 -20.95 -92.61 -136.25
N MET B 3276 -19.61 -92.54 -136.16
CA MET B 3276 -18.74 -92.83 -137.33
C MET B 3276 -18.83 -94.30 -137.71
N SER B 3277 -18.90 -95.22 -136.70
CA SER B 3277 -19.03 -96.68 -136.96
C SER B 3277 -20.39 -96.98 -137.63
N VAL B 3278 -21.47 -96.30 -137.22
CA VAL B 3278 -22.77 -96.63 -137.89
C VAL B 3278 -22.80 -95.90 -139.24
N LYS B 3279 -22.01 -94.84 -139.40
CA LYS B 3279 -21.96 -94.17 -140.73
C LYS B 3279 -21.36 -95.13 -141.75
N GLU B 3280 -20.39 -95.97 -141.35
CA GLU B 3280 -19.76 -96.93 -142.28
C GLU B 3280 -20.83 -97.94 -142.68
N ASP B 3281 -21.62 -98.40 -141.72
CA ASP B 3281 -22.74 -99.33 -142.01
C ASP B 3281 -23.70 -98.66 -143.00
N LEU B 3282 -23.99 -97.38 -142.82
CA LEU B 3282 -24.96 -96.63 -143.68
C LEU B 3282 -24.37 -96.58 -145.09
N ASP B 3283 -23.06 -96.34 -145.22
CA ASP B 3283 -22.38 -96.35 -146.54
C ASP B 3283 -22.50 -97.73 -147.15
N LYS B 3284 -22.30 -98.80 -146.37
CA LYS B 3284 -22.46 -100.12 -147.02
C LYS B 3284 -23.90 -100.23 -147.54
N VAL B 3285 -24.88 -99.84 -146.71
CA VAL B 3285 -26.29 -100.05 -147.15
C VAL B 3285 -26.54 -99.22 -148.43
N GLU B 3286 -26.03 -97.99 -148.49
CA GLU B 3286 -26.22 -97.14 -149.70
C GLU B 3286 -25.58 -97.81 -150.91
N PRO B 3287 -24.31 -98.25 -150.98
CA PRO B 3287 -23.82 -99.09 -152.08
C PRO B 3287 -24.63 -100.35 -152.37
N ALA B 3288 -25.15 -101.08 -151.38
CA ALA B 3288 -25.98 -102.27 -151.68
C ALA B 3288 -27.26 -101.81 -152.40
N VAL B 3289 -27.86 -100.69 -151.97
CA VAL B 3289 -29.07 -100.13 -152.64
C VAL B 3289 -28.69 -99.71 -154.06
N ILE B 3290 -27.53 -99.13 -154.22
CA ILE B 3290 -27.05 -98.70 -155.57
C ILE B 3290 -26.89 -99.95 -156.45
N GLU B 3291 -26.34 -101.04 -155.90
CA GLU B 3291 -26.22 -102.30 -156.69
C GLU B 3291 -27.60 -102.80 -157.07
N ALA B 3292 -28.58 -102.70 -156.17
CA ALA B 3292 -29.95 -103.16 -156.47
C ALA B 3292 -30.51 -102.30 -157.61
N GLN B 3293 -30.24 -101.00 -157.60
CA GLN B 3293 -30.72 -100.10 -158.67
C GLN B 3293 -30.04 -100.46 -159.98
N ASN B 3294 -28.76 -100.83 -159.94
CA ASN B 3294 -28.02 -101.28 -161.15
C ASN B 3294 -28.64 -102.57 -161.67
N ALA B 3295 -29.04 -103.48 -160.78
CA ALA B 3295 -29.74 -104.71 -161.21
C ALA B 3295 -31.07 -104.32 -161.87
N VAL B 3296 -31.78 -103.34 -161.30
CA VAL B 3296 -33.06 -102.86 -161.94
C VAL B 3296 -32.79 -102.32 -163.34
N LYS B 3297 -31.69 -101.55 -163.50
CA LYS B 3297 -31.35 -100.93 -164.80
C LYS B 3297 -31.00 -102.05 -165.79
N SER B 3298 -30.49 -103.17 -165.28
CA SER B 3298 -30.04 -104.29 -166.16
C SER B 3298 -31.29 -105.05 -166.59
N ILE B 3299 -32.17 -104.32 -167.29
CA ILE B 3299 -33.42 -104.92 -167.83
C ILE B 3299 -33.46 -104.62 -169.34
N LYS B 3300 -33.76 -105.65 -170.15
CA LYS B 3300 -33.94 -105.51 -171.60
C LYS B 3300 -35.43 -105.48 -171.91
N LYS B 3301 -35.82 -104.60 -172.81
CA LYS B 3301 -37.23 -104.47 -173.23
C LYS B 3301 -37.66 -105.75 -173.93
N GLN B 3302 -36.73 -106.41 -174.62
CA GLN B 3302 -37.04 -107.61 -175.42
C GLN B 3302 -37.28 -108.80 -174.50
N HIS B 3303 -36.56 -108.82 -173.39
CA HIS B 3303 -36.64 -109.99 -172.48
C HIS B 3303 -38.00 -110.01 -171.78
N LEU B 3304 -38.63 -108.86 -171.59
CA LEU B 3304 -39.90 -108.75 -170.85
C LEU B 3304 -40.97 -109.30 -171.76
N VAL B 3305 -40.89 -108.97 -173.05
CA VAL B 3305 -41.97 -109.35 -173.99
C VAL B 3305 -41.83 -110.82 -174.43
N GLU B 3306 -40.67 -111.42 -174.18
CA GLU B 3306 -40.48 -112.88 -174.44
C GLU B 3306 -41.41 -113.60 -173.49
N VAL B 3307 -41.56 -113.04 -172.29
CA VAL B 3307 -42.51 -113.56 -171.30
C VAL B 3307 -43.94 -113.25 -171.77
N ARG B 3308 -44.11 -112.13 -172.47
CA ARG B 3308 -45.47 -111.73 -172.97
C ARG B 3308 -45.89 -112.55 -174.18
N SER B 3309 -44.90 -113.14 -174.86
CA SER B 3309 -45.13 -113.94 -176.11
C SER B 3309 -45.06 -115.44 -175.80
N MET B 3310 -44.88 -115.77 -174.52
CA MET B 3310 -44.71 -117.18 -174.06
C MET B 3310 -46.04 -117.66 -173.53
N ALA B 3311 -46.48 -118.79 -174.08
CA ALA B 3311 -47.84 -119.27 -173.79
C ALA B 3311 -47.83 -120.53 -172.92
N ASN B 3312 -46.82 -121.38 -173.07
CA ASN B 3312 -46.70 -122.64 -172.28
C ASN B 3312 -45.27 -122.71 -171.75
N PRO B 3313 -44.90 -121.88 -170.76
CA PRO B 3313 -43.52 -121.78 -170.30
C PRO B 3313 -42.95 -122.91 -169.46
N PRO B 3314 -41.61 -122.96 -169.26
CA PRO B 3314 -41.01 -123.88 -168.31
C PRO B 3314 -41.58 -123.54 -166.92
N ALA B 3315 -41.71 -124.56 -166.07
CA ALA B 3315 -42.27 -124.39 -164.72
C ALA B 3315 -41.34 -123.54 -163.85
N ALA B 3316 -40.05 -123.49 -164.21
CA ALA B 3316 -39.03 -122.70 -163.48
C ALA B 3316 -39.26 -121.21 -163.71
N VAL B 3317 -39.51 -120.84 -164.96
CA VAL B 3317 -39.76 -119.40 -165.28
C VAL B 3317 -41.17 -119.01 -164.83
N LYS B 3318 -42.09 -119.98 -164.76
CA LYS B 3318 -43.48 -119.70 -164.31
C LYS B 3318 -43.46 -119.31 -162.83
N LEU B 3319 -42.61 -120.00 -162.07
CA LEU B 3319 -42.48 -119.71 -160.61
C LEU B 3319 -41.70 -118.42 -160.44
N ALA B 3320 -40.77 -118.15 -161.36
CA ALA B 3320 -39.94 -116.93 -161.32
C ALA B 3320 -40.81 -115.70 -161.48
N LEU B 3321 -41.92 -115.79 -162.23
CA LEU B 3321 -42.89 -114.66 -162.36
C LEU B 3321 -43.91 -114.64 -161.23
N GLU B 3322 -44.14 -115.80 -160.62
CA GLU B 3322 -44.98 -115.89 -159.39
C GLU B 3322 -44.22 -115.18 -158.27
N SER B 3323 -42.88 -115.16 -158.38
CA SER B 3323 -42.06 -114.41 -157.41
C SER B 3323 -42.38 -112.92 -157.44
N ILE B 3324 -42.56 -112.39 -158.64
CA ILE B 3324 -42.80 -110.93 -158.82
C ILE B 3324 -44.31 -110.68 -158.94
N CYS B 3325 -45.11 -111.74 -159.07
CA CYS B 3325 -46.57 -111.56 -159.13
C CYS B 3325 -47.08 -111.04 -157.81
N LEU B 3326 -46.72 -111.70 -156.71
CA LEU B 3326 -47.27 -111.31 -155.40
C LEU B 3326 -46.45 -110.18 -154.77
N LEU B 3327 -45.28 -109.88 -155.38
CA LEU B 3327 -44.51 -108.70 -154.95
C LEU B 3327 -45.35 -107.45 -155.20
N LEU B 3328 -46.06 -107.43 -156.33
CA LEU B 3328 -47.01 -106.32 -156.65
C LEU B 3328 -48.36 -106.61 -155.98
N GLY B 3329 -48.67 -107.91 -155.78
CA GLY B 3329 -49.87 -108.20 -154.94
C GLY B 3329 -50.92 -109.01 -155.67
N GLU B 3330 -50.50 -109.87 -156.61
CA GLU B 3330 -51.44 -110.73 -157.36
C GLU B 3330 -51.33 -112.17 -156.90
N SER B 3331 -52.44 -112.64 -156.32
CA SER B 3331 -52.46 -113.98 -155.67
C SER B 3331 -52.75 -115.08 -156.67
N THR B 3332 -53.17 -114.70 -157.88
CA THR B 3332 -53.50 -115.68 -158.94
C THR B 3332 -52.22 -116.38 -159.41
N THR B 3333 -52.33 -117.68 -159.69
CA THR B 3333 -51.13 -118.49 -160.01
C THR B 3333 -51.24 -119.20 -161.36
N ASP B 3334 -52.44 -119.20 -161.95
CA ASP B 3334 -52.62 -119.81 -163.27
C ASP B 3334 -51.73 -119.03 -164.24
N TRP B 3335 -51.13 -119.72 -165.22
CA TRP B 3335 -50.32 -119.05 -166.24
C TRP B 3335 -51.18 -118.27 -167.23
N LYS B 3336 -52.35 -118.78 -167.55
CA LYS B 3336 -53.29 -118.10 -168.47
C LYS B 3336 -53.74 -116.79 -167.85
N GLN B 3337 -53.84 -116.76 -166.51
CA GLN B 3337 -54.40 -115.60 -165.80
C GLN B 3337 -53.28 -114.68 -165.33
N ILE B 3338 -52.08 -115.23 -165.15
CA ILE B 3338 -50.99 -114.39 -164.62
C ILE B 3338 -50.32 -113.67 -165.77
N ARG B 3339 -50.46 -114.16 -166.99
CA ARG B 3339 -49.82 -113.52 -168.15
C ARG B 3339 -50.51 -112.18 -168.44
N SER B 3340 -51.71 -111.97 -167.91
CA SER B 3340 -52.45 -110.70 -168.08
C SER B 3340 -51.67 -109.54 -167.40
N ILE B 3341 -51.18 -109.73 -166.17
CA ILE B 3341 -50.35 -108.67 -165.50
C ILE B 3341 -49.06 -108.45 -166.30
N ILE B 3342 -48.49 -109.55 -166.78
CA ILE B 3342 -47.25 -109.46 -167.62
C ILE B 3342 -47.58 -108.75 -168.92
N MET B 3343 -48.77 -109.07 -169.50
CA MET B 3343 -49.23 -108.51 -170.79
C MET B 3343 -49.46 -107.01 -170.71
N ARG B 3344 -49.98 -106.56 -169.57
CA ARG B 3344 -50.31 -105.11 -169.41
C ARG B 3344 -49.06 -104.25 -169.44
N GLU B 3345 -49.23 -102.98 -169.78
CA GLU B 3345 -48.10 -102.07 -170.02
C GLU B 3345 -47.73 -101.35 -168.72
N ASN B 3346 -48.51 -101.61 -167.67
CA ASN B 3346 -48.33 -100.98 -166.34
C ASN B 3346 -47.16 -101.71 -165.73
N PHE B 3347 -46.84 -102.85 -166.28
CA PHE B 3347 -45.84 -103.77 -165.75
C PHE B 3347 -44.41 -103.23 -165.80
N ILE B 3348 -44.10 -102.47 -166.85
CA ILE B 3348 -42.70 -102.00 -167.04
C ILE B 3348 -42.34 -100.85 -166.12
N PRO B 3349 -43.14 -99.76 -165.98
CA PRO B 3349 -42.72 -98.61 -165.15
C PRO B 3349 -42.76 -98.92 -163.65
N THR B 3350 -43.61 -99.89 -163.25
CA THR B 3350 -43.73 -100.30 -161.84
C THR B 3350 -42.42 -100.98 -161.39
N ILE B 3351 -41.72 -101.65 -162.32
CA ILE B 3351 -40.45 -102.31 -161.96
C ILE B 3351 -39.34 -101.28 -161.85
N VAL B 3352 -39.59 -100.11 -162.48
CA VAL B 3352 -38.51 -99.09 -162.50
C VAL B 3352 -38.37 -98.40 -161.13
N ASN B 3353 -39.52 -98.00 -160.56
CA ASN B 3353 -39.49 -97.13 -159.37
C ASN B 3353 -39.65 -97.94 -158.10
N PHE B 3354 -39.60 -99.28 -158.21
CA PHE B 3354 -40.02 -100.12 -157.08
C PHE B 3354 -39.12 -100.07 -155.87
N SER B 3355 -39.72 -100.02 -154.70
CA SER B 3355 -38.99 -100.07 -153.41
C SER B 3355 -39.70 -101.03 -152.45
N ALA B 3356 -38.91 -101.85 -151.76
CA ALA B 3356 -39.45 -102.81 -150.76
C ALA B 3356 -39.51 -102.16 -149.40
N GLU B 3357 -38.99 -100.93 -149.29
CA GLU B 3357 -39.08 -100.16 -148.03
C GLU B 3357 -40.56 -99.90 -147.78
N GLU B 3358 -41.32 -99.61 -148.83
CA GLU B 3358 -42.78 -99.38 -148.73
C GLU B 3358 -43.58 -100.68 -148.79
N ILE B 3359 -42.96 -101.73 -149.30
CA ILE B 3359 -43.62 -103.06 -149.37
C ILE B 3359 -43.88 -103.63 -147.97
N SER B 3360 -45.12 -104.10 -147.75
CA SER B 3360 -45.50 -104.60 -146.42
C SER B 3360 -44.65 -105.79 -146.00
N ASP B 3361 -44.43 -105.91 -144.70
CA ASP B 3361 -43.62 -106.97 -144.08
C ASP B 3361 -44.40 -108.29 -144.25
N ALA B 3362 -45.73 -108.28 -144.08
CA ALA B 3362 -46.56 -109.49 -144.13
C ALA B 3362 -46.46 -110.14 -145.51
N ILE B 3363 -46.66 -109.35 -146.57
CA ILE B 3363 -46.55 -109.90 -147.95
C ILE B 3363 -45.10 -110.35 -148.22
N ARG B 3364 -44.12 -109.57 -147.75
CA ARG B 3364 -42.69 -109.93 -147.89
C ARG B 3364 -42.44 -111.26 -147.18
N GLU B 3365 -43.09 -111.47 -146.02
CA GLU B 3365 -42.94 -112.73 -145.24
C GLU B 3365 -43.41 -113.87 -146.12
N LYS B 3366 -44.54 -113.66 -146.82
CA LYS B 3366 -45.03 -114.64 -147.83
C LYS B 3366 -44.02 -114.78 -148.96
N MET B 3367 -43.37 -113.68 -149.34
CA MET B 3367 -42.32 -113.74 -150.38
C MET B 3367 -41.09 -114.45 -149.87
N LYS B 3368 -40.83 -114.37 -148.57
CA LYS B 3368 -39.65 -115.06 -147.98
C LYS B 3368 -39.91 -116.55 -147.80
N LYS B 3369 -41.07 -116.91 -147.24
CA LYS B 3369 -41.41 -118.31 -146.94
C LYS B 3369 -41.47 -119.14 -148.23
N ASN B 3370 -42.14 -118.60 -149.27
CA ASN B 3370 -42.35 -119.38 -150.51
C ASN B 3370 -41.07 -119.49 -151.31
N TYR B 3371 -40.29 -118.39 -151.34
CA TYR B 3371 -39.14 -118.28 -152.26
C TYR B 3371 -37.83 -118.67 -151.60
N MET B 3372 -37.88 -118.98 -150.30
CA MET B 3372 -36.68 -119.57 -149.65
C MET B 3372 -36.64 -121.09 -149.83
N SER B 3373 -37.66 -121.63 -150.49
CA SER B 3373 -37.77 -123.09 -150.75
C SER B 3373 -37.59 -123.32 -152.26
N ASN B 3374 -37.51 -122.25 -153.04
CA ASN B 3374 -37.50 -122.36 -154.51
C ASN B 3374 -36.22 -122.96 -155.06
N PRO B 3375 -36.33 -123.95 -155.98
CA PRO B 3375 -35.18 -124.29 -156.83
C PRO B 3375 -34.91 -123.12 -157.81
N SER B 3376 -35.95 -122.35 -158.19
CA SER B 3376 -35.88 -121.22 -159.14
C SER B 3376 -35.10 -120.07 -158.51
N TYR B 3377 -35.11 -119.97 -157.18
CA TYR B 3377 -34.37 -118.91 -156.48
C TYR B 3377 -32.88 -119.12 -156.69
N ASN B 3378 -32.48 -120.40 -156.84
CA ASN B 3378 -31.06 -120.75 -157.12
C ASN B 3378 -30.74 -120.18 -158.49
N TYR B 3379 -29.69 -119.37 -158.55
CA TYR B 3379 -29.48 -118.56 -159.78
C TYR B 3379 -29.07 -119.45 -160.93
N GLU B 3380 -28.99 -120.75 -160.67
CA GLU B 3380 -28.51 -121.76 -161.64
C GLU B 3380 -29.64 -122.39 -162.42
N ILE B 3381 -30.80 -122.51 -161.80
CA ILE B 3381 -31.96 -123.16 -162.41
C ILE B 3381 -32.55 -122.18 -163.40
N VAL B 3382 -32.73 -120.93 -162.98
CA VAL B 3382 -33.33 -119.90 -163.86
C VAL B 3382 -32.41 -119.71 -165.07
N ASN B 3383 -31.09 -119.60 -164.86
CA ASN B 3383 -30.15 -119.32 -165.97
C ASN B 3383 -30.20 -120.46 -166.96
N ARG B 3384 -30.28 -121.69 -166.46
CA ARG B 3384 -30.37 -122.90 -167.32
C ARG B 3384 -31.68 -122.82 -168.10
N ALA B 3385 -32.79 -122.52 -167.41
CA ALA B 3385 -34.12 -122.55 -168.03
C ALA B 3385 -34.20 -121.55 -169.17
N SER B 3386 -33.78 -120.31 -168.89
CA SER B 3386 -33.77 -119.26 -169.93
C SER B 3386 -32.94 -118.05 -169.48
N LEU B 3387 -32.44 -117.26 -170.44
CA LEU B 3387 -31.78 -115.94 -170.08
C LEU B 3387 -32.82 -114.84 -170.21
N ALA B 3388 -34.04 -115.24 -170.60
CA ALA B 3388 -35.21 -114.38 -170.59
C ALA B 3388 -35.62 -114.14 -169.14
N CYS B 3389 -35.46 -115.14 -168.28
CA CYS B 3389 -35.79 -114.97 -166.85
C CYS B 3389 -34.56 -114.75 -165.98
N GLY B 3390 -33.40 -114.82 -166.61
CA GLY B 3390 -32.16 -114.62 -165.87
C GLY B 3390 -32.14 -113.26 -165.24
N PRO B 3391 -32.20 -112.13 -165.96
CA PRO B 3391 -32.01 -110.83 -165.35
C PRO B 3391 -33.12 -110.42 -164.40
N MET B 3392 -34.39 -110.64 -164.78
CA MET B 3392 -35.54 -110.32 -163.91
C MET B 3392 -35.48 -111.17 -162.63
N VAL B 3393 -35.15 -112.47 -162.72
CA VAL B 3393 -35.02 -113.30 -161.48
C VAL B 3393 -33.83 -112.81 -160.67
N LYS B 3394 -32.78 -112.37 -161.35
CA LYS B 3394 -31.58 -111.87 -160.64
C LYS B 3394 -32.06 -110.64 -159.86
N TRP B 3395 -32.93 -109.80 -160.46
CA TRP B 3395 -33.50 -108.62 -159.75
C TRP B 3395 -34.35 -109.05 -158.56
N ALA B 3396 -35.19 -110.10 -158.69
CA ALA B 3396 -35.95 -110.61 -157.55
C ALA B 3396 -35.03 -111.11 -156.43
N ILE B 3397 -33.98 -111.83 -156.80
CA ILE B 3397 -33.03 -112.38 -155.78
C ILE B 3397 -32.42 -111.19 -155.06
N ALA B 3398 -32.07 -110.18 -155.85
CA ALA B 3398 -31.38 -109.00 -155.28
C ALA B 3398 -32.33 -108.40 -154.28
N GLN B 3399 -33.61 -108.30 -154.63
CA GLN B 3399 -34.62 -107.65 -153.77
C GLN B 3399 -34.86 -108.44 -152.50
N LEU B 3400 -34.93 -109.78 -152.53
CA LEU B 3400 -35.12 -110.50 -151.23
C LEU B 3400 -33.85 -110.39 -150.36
N ASN B 3401 -32.68 -110.43 -150.98
CA ASN B 3401 -31.45 -110.27 -150.18
C ASN B 3401 -31.52 -108.87 -149.60
N TYR B 3402 -32.04 -107.90 -150.40
CA TYR B 3402 -32.13 -106.48 -150.01
C TYR B 3402 -33.07 -106.39 -148.81
N ALA B 3403 -34.17 -107.13 -148.76
CA ALA B 3403 -35.13 -107.14 -147.63
C ALA B 3403 -34.46 -107.71 -146.38
N ASP B 3404 -33.68 -108.79 -146.46
CA ASP B 3404 -32.95 -109.21 -145.23
C ASP B 3404 -31.95 -108.12 -144.82
N MET B 3405 -31.27 -107.60 -145.83
CA MET B 3405 -30.26 -106.58 -145.52
C MET B 3405 -31.00 -105.44 -144.85
N LEU B 3406 -32.25 -105.16 -145.26
CA LEU B 3406 -33.16 -104.09 -144.76
C LEU B 3406 -33.68 -104.32 -143.33
N LYS B 3407 -33.94 -105.55 -142.96
CA LYS B 3407 -34.34 -105.66 -141.53
C LYS B 3407 -33.07 -105.12 -140.86
N ARG B 3408 -31.94 -105.64 -141.36
CA ARG B 3408 -30.72 -105.18 -140.66
C ARG B 3408 -30.63 -103.65 -140.78
N VAL B 3409 -30.92 -103.09 -141.98
CA VAL B 3409 -30.71 -101.64 -142.24
C VAL B 3409 -31.64 -100.77 -141.41
N GLU B 3410 -32.91 -101.15 -141.27
CA GLU B 3410 -33.76 -100.29 -140.42
C GLU B 3410 -33.13 -100.29 -139.02
N PRO B 3411 -32.85 -101.39 -138.34
CA PRO B 3411 -32.13 -101.28 -137.08
C PRO B 3411 -30.87 -100.40 -137.15
N LEU B 3412 -29.99 -100.61 -138.13
CA LEU B 3412 -28.69 -99.86 -138.13
C LEU B 3412 -28.91 -98.37 -138.30
N ARG B 3413 -29.80 -97.96 -139.22
CA ARG B 3413 -30.05 -96.54 -139.54
C ARG B 3413 -30.76 -95.87 -138.37
N ASN B 3414 -31.64 -96.60 -137.71
CA ASN B 3414 -32.30 -96.04 -136.51
C ASN B 3414 -31.18 -95.75 -135.51
N GLU B 3415 -30.24 -96.67 -135.37
CA GLU B 3415 -29.12 -96.49 -134.42
C GLU B 3415 -28.35 -95.24 -134.85
N LEU B 3416 -28.07 -95.10 -136.14
CA LEU B 3416 -27.23 -93.99 -136.62
C LEU B 3416 -27.91 -92.65 -136.35
N GLN B 3417 -29.23 -92.54 -136.65
CA GLN B 3417 -29.95 -91.27 -136.43
C GLN B 3417 -29.86 -90.93 -134.96
N LYS B 3418 -30.01 -91.93 -134.08
CA LYS B 3418 -29.90 -91.70 -132.64
C LYS B 3418 -28.45 -91.34 -132.36
N LEU B 3419 -27.50 -92.10 -132.93
CA LEU B 3419 -26.09 -91.86 -132.53
C LEU B 3419 -25.58 -90.49 -133.02
N GLU B 3420 -25.91 -90.11 -134.27
CA GLU B 3420 -25.49 -88.80 -134.82
C GLU B 3420 -26.16 -87.69 -134.05
N ASP B 3421 -27.48 -87.82 -133.77
CA ASP B 3421 -28.27 -86.76 -133.08
C ASP B 3421 -27.73 -86.59 -131.68
N ASP B 3422 -27.37 -87.71 -131.00
CA ASP B 3422 -26.91 -87.71 -129.58
C ASP B 3422 -25.55 -87.07 -129.58
N ALA B 3423 -24.69 -87.39 -130.58
CA ALA B 3423 -23.32 -86.84 -130.71
C ALA B 3423 -23.36 -85.34 -130.90
N LYS B 3424 -24.28 -84.84 -131.76
CA LYS B 3424 -24.39 -83.38 -132.02
C LYS B 3424 -24.94 -82.69 -130.78
N ASP B 3425 -25.98 -83.24 -130.14
CA ASP B 3425 -26.59 -82.67 -128.91
C ASP B 3425 -25.55 -82.66 -127.80
N ASN B 3426 -24.73 -83.73 -127.70
CA ASN B 3426 -23.68 -83.88 -126.64
C ASN B 3426 -22.58 -82.85 -126.89
N GLN B 3427 -22.24 -82.60 -128.17
CA GLN B 3427 -21.21 -81.59 -128.54
C GLN B 3427 -21.68 -80.16 -128.25
N GLN B 3428 -22.96 -79.88 -128.58
CA GLN B 3428 -23.55 -78.55 -128.26
C GLN B 3428 -23.61 -78.35 -126.76
N LYS B 3429 -24.00 -79.40 -126.03
CA LYS B 3429 -24.11 -79.34 -124.54
C LYS B 3429 -22.69 -79.15 -123.99
N ALA B 3430 -21.69 -79.86 -124.55
CA ALA B 3430 -20.28 -79.78 -124.10
C ALA B 3430 -19.79 -78.35 -124.32
N ASN B 3431 -20.11 -77.71 -125.47
CA ASN B 3431 -19.74 -76.30 -125.75
C ASN B 3431 -20.42 -75.38 -124.75
N GLU B 3432 -21.73 -75.58 -124.46
CA GLU B 3432 -22.53 -74.69 -123.56
C GLU B 3432 -21.98 -74.77 -122.14
N VAL B 3433 -21.66 -76.00 -121.67
CA VAL B 3433 -21.17 -76.23 -120.27
C VAL B 3433 -19.76 -75.70 -120.16
N GLU B 3434 -18.95 -75.81 -121.22
CA GLU B 3434 -17.55 -75.26 -121.25
C GLU B 3434 -17.63 -73.73 -121.14
N GLN B 3435 -18.62 -73.12 -121.85
CA GLN B 3435 -18.87 -71.65 -121.76
C GLN B 3435 -19.33 -71.27 -120.35
N MET B 3436 -20.16 -72.10 -119.72
CA MET B 3436 -20.70 -71.84 -118.36
C MET B 3436 -19.54 -71.97 -117.36
N ILE B 3437 -18.61 -72.91 -117.59
CA ILE B 3437 -17.44 -73.18 -116.70
C ILE B 3437 -16.51 -71.97 -116.82
N ARG B 3438 -16.27 -71.44 -118.04
CA ARG B 3438 -15.40 -70.26 -118.27
C ARG B 3438 -16.02 -69.03 -117.59
N ASP B 3439 -17.36 -68.87 -117.67
CA ASP B 3439 -18.10 -67.76 -116.99
C ASP B 3439 -17.95 -67.90 -115.46
N LEU B 3440 -18.10 -69.13 -114.92
CA LEU B 3440 -17.96 -69.41 -113.46
C LEU B 3440 -16.52 -69.14 -113.02
N GLU B 3441 -15.54 -69.54 -113.82
CA GLU B 3441 -14.10 -69.33 -113.53
C GLU B 3441 -13.82 -67.83 -113.50
N ALA B 3442 -14.41 -67.05 -114.44
CA ALA B 3442 -14.27 -65.57 -114.47
C ALA B 3442 -14.95 -64.94 -113.24
N SER B 3443 -16.12 -65.44 -112.83
CA SER B 3443 -16.84 -64.95 -111.61
C SER B 3443 -15.99 -65.27 -110.39
N ILE B 3444 -15.37 -66.47 -110.33
CA ILE B 3444 -14.52 -66.88 -109.17
C ILE B 3444 -13.31 -65.95 -109.13
N ALA B 3445 -12.70 -65.65 -110.30
CA ALA B 3445 -11.49 -64.79 -110.35
C ALA B 3445 -11.85 -63.37 -109.91
N ARG B 3446 -13.03 -62.86 -110.35
CA ARG B 3446 -13.50 -61.50 -110.01
C ARG B 3446 -13.79 -61.42 -108.51
N TYR B 3447 -14.41 -62.47 -107.94
CA TYR B 3447 -14.71 -62.52 -106.49
C TYR B 3447 -13.42 -62.59 -105.70
N LYS B 3448 -12.44 -63.38 -106.16
CA LYS B 3448 -11.11 -63.52 -105.51
C LYS B 3448 -10.39 -62.17 -105.53
N GLU B 3449 -10.49 -61.42 -106.65
CA GLU B 3449 -9.89 -60.06 -106.76
C GLU B 3449 -10.57 -59.11 -105.78
N GLU B 3450 -11.92 -59.17 -105.68
CA GLU B 3450 -12.72 -58.31 -104.74
C GLU B 3450 -12.29 -58.61 -103.32
N TYR B 3451 -12.08 -59.91 -102.99
CA TYR B 3451 -11.68 -60.33 -101.63
C TYR B 3451 -10.26 -59.83 -101.32
N ALA B 3452 -9.31 -59.94 -102.26
CA ALA B 3452 -7.90 -59.46 -102.11
C ALA B 3452 -7.96 -57.94 -101.92
N VAL B 3453 -8.86 -57.25 -102.64
CA VAL B 3453 -9.07 -55.78 -102.47
C VAL B 3453 -9.64 -55.51 -101.08
N LEU B 3454 -10.65 -56.27 -100.62
CA LEU B 3454 -11.31 -56.13 -99.31
C LEU B 3454 -10.33 -56.46 -98.20
N ILE B 3455 -9.38 -57.36 -98.45
CA ILE B 3455 -8.34 -57.73 -97.46
C ILE B 3455 -7.27 -56.64 -97.38
N SER B 3456 -6.87 -56.09 -98.54
CA SER B 3456 -5.88 -54.98 -98.59
C SER B 3456 -6.47 -53.75 -97.89
N GLU B 3457 -7.76 -53.44 -98.15
CA GLU B 3457 -8.43 -52.28 -97.52
C GLU B 3457 -8.51 -52.50 -96.02
N ALA B 3458 -8.82 -53.74 -95.61
CA ALA B 3458 -8.89 -54.10 -94.16
C ALA B 3458 -7.51 -53.88 -93.53
N GLN B 3459 -6.42 -54.31 -94.18
CA GLN B 3459 -5.05 -54.19 -93.61
C GLN B 3459 -4.69 -52.71 -93.44
N ALA B 3460 -5.13 -51.83 -94.37
CA ALA B 3460 -4.91 -50.36 -94.26
C ALA B 3460 -5.73 -49.83 -93.08
N ILE B 3461 -6.99 -50.27 -92.95
CA ILE B 3461 -7.87 -49.89 -91.82
C ILE B 3461 -7.31 -50.41 -90.52
N LYS B 3462 -6.70 -51.62 -90.53
CA LYS B 3462 -6.13 -52.25 -89.29
C LYS B 3462 -4.89 -51.48 -88.87
N ALA B 3463 -4.02 -51.11 -89.83
CA ALA B 3463 -2.75 -50.41 -89.50
C ALA B 3463 -3.10 -49.00 -89.03
N ASP B 3464 -4.15 -48.40 -89.61
CA ASP B 3464 -4.64 -47.04 -89.25
C ASP B 3464 -5.19 -47.13 -87.82
N LEU B 3465 -5.93 -48.25 -87.54
CA LEU B 3465 -6.52 -48.51 -86.21
C LEU B 3465 -5.41 -48.75 -85.20
N ALA B 3466 -4.35 -49.50 -85.53
CA ALA B 3466 -3.22 -49.84 -84.61
C ALA B 3466 -2.47 -48.56 -84.28
N ALA B 3467 -2.33 -47.66 -85.29
CA ALA B 3467 -1.70 -46.33 -85.02
C ALA B 3467 -2.62 -45.49 -84.13
N VAL B 3468 -3.93 -45.52 -84.36
CA VAL B 3468 -4.94 -44.69 -83.63
C VAL B 3468 -5.05 -45.22 -82.20
N GLU B 3469 -4.85 -46.53 -82.01
CA GLU B 3469 -4.86 -47.15 -80.65
C GLU B 3469 -3.54 -46.88 -79.92
N ALA B 3470 -2.45 -47.13 -80.66
CA ALA B 3470 -1.13 -46.89 -80.04
C ALA B 3470 -1.34 -45.50 -79.52
N LYS B 3471 -1.90 -44.61 -80.35
CA LYS B 3471 -2.20 -43.26 -79.85
C LYS B 3471 -3.15 -43.37 -78.70
N VAL B 3472 -4.24 -44.14 -78.77
CA VAL B 3472 -5.16 -44.10 -77.61
C VAL B 3472 -4.48 -44.57 -76.35
N ASN B 3473 -3.80 -45.69 -76.41
CA ASN B 3473 -3.26 -46.23 -75.14
C ASN B 3473 -2.20 -45.31 -74.60
N ARG B 3474 -1.31 -44.86 -75.49
CA ARG B 3474 -0.22 -44.03 -75.01
C ARG B 3474 -0.78 -42.71 -74.50
N SER B 3475 -1.82 -42.15 -75.14
CA SER B 3475 -2.47 -40.89 -74.69
C SER B 3475 -3.16 -41.04 -73.34
N THR B 3476 -3.75 -42.21 -73.06
CA THR B 3476 -4.30 -42.43 -71.69
C THR B 3476 -3.12 -42.49 -70.71
N ALA B 3477 -2.14 -43.34 -70.99
CA ALA B 3477 -0.96 -43.49 -70.12
C ALA B 3477 -0.21 -42.13 -70.01
N LEU B 3478 -0.09 -41.34 -71.08
CA LEU B 3478 0.54 -39.97 -71.04
C LEU B 3478 -0.22 -39.13 -70.01
N LEU B 3479 -1.53 -39.21 -70.09
CA LEU B 3479 -2.33 -38.47 -69.12
C LEU B 3479 -2.11 -38.99 -67.72
N LYS B 3480 -2.04 -40.32 -67.60
CA LYS B 3480 -1.64 -40.79 -66.23
C LYS B 3480 -0.33 -40.12 -65.74
N SER B 3481 0.65 -40.04 -66.64
CA SER B 3481 1.88 -39.27 -66.30
C SER B 3481 1.63 -37.79 -66.02
N LEU B 3482 0.87 -37.11 -66.85
CA LEU B 3482 0.65 -35.66 -66.64
C LEU B 3482 0.04 -35.52 -65.25
N SER B 3483 -0.96 -36.34 -64.88
CA SER B 3483 -1.63 -36.13 -63.58
C SER B 3483 -0.62 -36.37 -62.47
N ALA B 3484 0.23 -37.39 -62.59
CA ALA B 3484 1.25 -37.65 -61.55
C ALA B 3484 2.13 -36.41 -61.41
N GLU B 3485 2.57 -35.84 -62.53
CA GLU B 3485 3.37 -34.61 -62.45
C GLU B 3485 2.60 -33.48 -61.79
N ARG B 3486 1.33 -33.34 -62.15
CA ARG B 3486 0.48 -32.31 -61.51
C ARG B 3486 0.49 -32.57 -60.01
N GLU B 3487 0.22 -33.81 -59.59
CA GLU B 3487 0.12 -34.02 -58.12
C GLU B 3487 1.49 -33.69 -57.54
N ARG B 3488 2.60 -34.03 -58.21
CA ARG B 3488 3.93 -33.80 -57.62
C ARG B 3488 4.08 -32.30 -57.43
N TRP B 3489 3.71 -31.53 -58.44
CA TRP B 3489 3.89 -30.07 -58.34
C TRP B 3489 3.01 -29.53 -57.23
N GLU B 3490 1.82 -30.09 -57.09
CA GLU B 3490 0.95 -29.65 -55.98
C GLU B 3490 1.63 -29.87 -54.63
N LYS B 3491 2.23 -31.04 -54.38
CA LYS B 3491 2.93 -31.19 -53.07
C LYS B 3491 4.08 -30.17 -53.03
N THR B 3492 4.74 -29.95 -54.14
CA THR B 3492 5.86 -28.97 -54.16
C THR B 3492 5.35 -27.60 -53.67
N SER B 3493 4.15 -27.16 -54.06
CA SER B 3493 3.54 -25.92 -53.60
C SER B 3493 3.31 -25.95 -52.11
N GLU B 3494 2.85 -27.09 -51.58
CA GLU B 3494 2.63 -27.19 -50.15
C GLU B 3494 3.92 -26.95 -49.39
N THR B 3495 5.03 -27.52 -49.87
CA THR B 3495 6.30 -27.33 -49.20
C THR B 3495 6.67 -25.85 -49.13
N PHE B 3496 6.35 -25.08 -50.18
CA PHE B 3496 6.69 -23.67 -50.18
C PHE B 3496 6.03 -22.95 -49.02
N LYS B 3497 4.79 -23.34 -48.67
CA LYS B 3497 4.14 -22.73 -47.52
C LYS B 3497 4.97 -22.93 -46.26
N ASN B 3498 5.44 -24.16 -46.04
CA ASN B 3498 6.29 -24.42 -44.88
C ASN B 3498 7.54 -23.56 -44.94
N GLN B 3499 8.09 -23.37 -46.15
CA GLN B 3499 9.28 -22.55 -46.28
C GLN B 3499 9.00 -21.11 -45.84
N MET B 3500 7.80 -20.59 -46.16
CA MET B 3500 7.39 -19.29 -45.60
C MET B 3500 7.52 -19.28 -44.09
N SER B 3501 6.97 -20.30 -43.44
CA SER B 3501 6.94 -20.32 -41.98
C SER B 3501 8.34 -20.37 -41.39
N THR B 3502 9.35 -20.72 -42.19
CA THR B 3502 10.71 -20.89 -41.71
C THR B 3502 11.61 -19.72 -42.12
N ILE B 3503 11.13 -18.79 -42.96
CA ILE B 3503 12.03 -17.81 -43.56
C ILE B 3503 12.58 -16.85 -42.51
N ALA B 3504 11.71 -16.31 -41.65
CA ALA B 3504 12.06 -15.16 -40.83
C ALA B 3504 13.26 -15.44 -39.94
N GLY B 3505 13.13 -16.41 -39.03
CA GLY B 3505 14.22 -16.77 -38.16
C GLY B 3505 15.49 -17.12 -38.94
N ASP B 3506 15.33 -17.81 -40.07
CA ASP B 3506 16.50 -18.20 -40.85
C ASP B 3506 17.27 -16.96 -41.27
N CYS B 3507 16.56 -15.97 -41.81
CA CYS B 3507 17.22 -14.74 -42.23
C CYS B 3507 17.92 -14.08 -41.06
N LEU B 3508 17.27 -14.10 -39.89
CA LEU B 3508 17.90 -13.57 -38.69
C LEU B 3508 19.23 -14.25 -38.44
N LEU B 3509 19.23 -15.59 -38.42
CA LEU B 3509 20.46 -16.31 -38.11
C LEU B 3509 21.51 -16.10 -39.18
N SER B 3510 21.11 -15.71 -40.39
CA SER B 3510 22.09 -15.36 -41.41
C SER B 3510 22.48 -13.90 -41.31
N ALA B 3511 21.52 -13.02 -41.03
CA ALA B 3511 21.78 -11.59 -41.03
C ALA B 3511 22.82 -11.23 -39.98
N ALA B 3512 22.62 -11.71 -38.75
CA ALA B 3512 23.62 -11.55 -37.70
C ALA B 3512 24.97 -12.05 -38.16
N PHE B 3513 25.01 -13.22 -38.81
CA PHE B 3513 26.28 -13.78 -39.24
C PHE B 3513 26.96 -12.86 -40.24
N ILE B 3514 26.19 -12.18 -41.09
CA ILE B 3514 26.82 -11.29 -42.05
C ILE B 3514 27.33 -10.03 -41.36
N ALA B 3515 26.70 -9.64 -40.25
CA ALA B 3515 27.00 -8.35 -39.63
C ALA B 3515 28.01 -8.47 -38.51
N TYR B 3516 27.83 -9.44 -37.61
CA TYR B 3516 28.58 -9.49 -36.36
C TYR B 3516 29.83 -10.37 -36.46
N ALA B 3517 29.64 -11.66 -36.73
CA ALA B 3517 30.70 -12.65 -36.54
C ALA B 3517 31.59 -12.74 -37.78
N GLY B 3518 32.20 -11.61 -38.12
CA GLY B 3518 33.09 -11.53 -39.26
C GLY B 3518 34.56 -11.55 -38.86
N TYR B 3519 34.86 -11.01 -37.67
CA TYR B 3519 36.22 -11.02 -37.16
C TYR B 3519 36.58 -12.31 -36.46
N PHE B 3520 35.61 -13.00 -35.88
CA PHE B 3520 35.89 -14.15 -35.04
C PHE B 3520 36.41 -15.33 -35.85
N ASP B 3521 37.03 -16.26 -35.15
CA ASP B 3521 37.50 -17.49 -35.77
C ASP B 3521 36.33 -18.42 -36.05
N GLN B 3522 36.62 -19.52 -36.75
CA GLN B 3522 35.56 -20.45 -37.15
C GLN B 3522 34.89 -21.07 -35.93
N GLN B 3523 35.66 -21.43 -34.91
CA GLN B 3523 35.09 -22.09 -33.74
C GLN B 3523 34.13 -21.16 -33.00
N MET B 3524 34.53 -19.91 -32.79
CA MET B 3524 33.65 -18.98 -32.10
C MET B 3524 32.50 -18.55 -32.98
N ARG B 3525 32.70 -18.51 -34.30
CA ARG B 3525 31.58 -18.30 -35.22
C ARG B 3525 30.52 -19.37 -35.02
N GLN B 3526 30.94 -20.63 -35.00
CA GLN B 3526 29.97 -21.72 -34.81
C GLN B 3526 29.35 -21.68 -33.42
N ASN B 3527 30.14 -21.31 -32.40
CA ASN B 3527 29.60 -21.20 -31.04
C ASN B 3527 28.52 -20.13 -30.97
N LEU B 3528 28.79 -18.96 -31.56
CA LEU B 3528 27.80 -17.89 -31.58
C LEU B 3528 26.55 -18.31 -32.34
N PHE B 3529 26.74 -18.99 -33.48
CA PHE B 3529 25.59 -19.43 -34.26
C PHE B 3529 24.75 -20.42 -33.47
N THR B 3530 25.39 -21.35 -32.76
CA THR B 3530 24.64 -22.30 -31.94
C THR B 3530 23.90 -21.59 -30.82
N THR B 3531 24.53 -20.59 -30.20
CA THR B 3531 23.85 -19.83 -29.15
C THR B 3531 22.63 -19.11 -29.69
N TRP B 3532 22.77 -18.45 -30.84
CA TRP B 3532 21.64 -17.76 -31.46
C TRP B 3532 20.54 -18.74 -31.83
N SER B 3533 20.90 -19.89 -32.40
CA SER B 3533 19.89 -20.87 -32.78
C SER B 3533 19.17 -21.41 -31.56
N HIS B 3534 19.89 -21.65 -30.47
CA HIS B 3534 19.25 -22.14 -29.25
C HIS B 3534 18.30 -21.08 -28.68
N HIS B 3535 18.71 -19.81 -28.72
CA HIS B 3535 17.82 -18.77 -28.21
C HIS B 3535 16.58 -18.62 -29.09
N LEU B 3536 16.75 -18.75 -30.41
CA LEU B 3536 15.59 -18.73 -31.29
C LEU B 3536 14.66 -19.90 -31.02
N GLN B 3537 15.23 -21.09 -30.80
CA GLN B 3537 14.42 -22.25 -30.44
C GLN B 3537 13.68 -22.02 -29.14
N GLN B 3538 14.32 -21.35 -28.18
CA GLN B 3538 13.67 -21.09 -26.90
C GLN B 3538 12.46 -20.20 -27.04
N ALA B 3539 12.47 -19.30 -28.02
CA ALA B 3539 11.40 -18.34 -28.23
C ALA B 3539 10.31 -18.85 -29.18
N ASN B 3540 10.36 -20.12 -29.57
CA ASN B 3540 9.40 -20.72 -30.50
C ASN B 3540 9.38 -20.05 -31.86
N ILE B 3541 10.45 -19.35 -32.22
CA ILE B 3541 10.60 -18.83 -33.58
C ILE B 3541 11.01 -19.99 -34.48
N GLN B 3542 10.29 -20.19 -35.58
CA GLN B 3542 10.52 -21.31 -36.46
C GLN B 3542 11.70 -21.01 -37.38
N PHE B 3543 12.68 -21.89 -37.38
CA PHE B 3543 13.88 -21.76 -38.22
C PHE B 3543 14.34 -23.14 -38.65
N ARG B 3544 15.07 -23.20 -39.77
CA ARG B 3544 15.55 -24.48 -40.26
C ARG B 3544 16.49 -25.10 -39.23
N THR B 3545 16.39 -26.41 -39.06
CA THR B 3545 17.21 -27.08 -38.06
C THR B 3545 18.67 -27.12 -38.51
N ASP B 3546 18.93 -27.69 -39.69
CA ASP B 3546 20.29 -27.85 -40.21
C ASP B 3546 20.55 -26.77 -41.27
N ILE B 3547 20.81 -25.56 -40.78
CA ILE B 3547 21.11 -24.44 -41.67
C ILE B 3547 22.57 -24.49 -42.08
N ALA B 3548 22.83 -24.24 -43.35
CA ALA B 3548 24.17 -24.02 -43.87
C ALA B 3548 24.26 -22.55 -44.28
N ARG B 3549 25.06 -21.77 -43.55
CA ARG B 3549 25.15 -20.35 -43.83
C ARG B 3549 25.70 -20.10 -45.23
N THR B 3550 26.80 -20.76 -45.56
CA THR B 3550 27.44 -20.54 -46.86
C THR B 3550 26.54 -20.95 -48.02
N GLU B 3551 25.60 -21.87 -47.79
CA GLU B 3551 24.70 -22.33 -48.83
C GLU B 3551 23.42 -21.52 -48.88
N TYR B 3552 22.94 -21.03 -47.73
CA TYR B 3552 21.72 -20.25 -47.69
C TYR B 3552 21.89 -18.85 -48.28
N LEU B 3553 23.13 -18.36 -48.37
CA LEU B 3553 23.40 -16.98 -48.77
C LEU B 3553 24.09 -16.85 -50.12
N SER B 3554 24.27 -17.95 -50.86
CA SER B 3554 24.96 -17.88 -52.14
C SER B 3554 24.54 -19.05 -53.00
N ASN B 3555 24.36 -18.78 -54.30
CA ASN B 3555 24.04 -19.80 -55.27
C ASN B 3555 25.32 -20.45 -55.78
N ALA B 3556 25.19 -21.68 -56.27
CA ALA B 3556 26.38 -22.47 -56.64
C ALA B 3556 27.15 -21.83 -57.79
N ASP B 3557 26.48 -21.06 -58.64
CA ASP B 3557 27.19 -20.35 -59.70
C ASP B 3557 28.17 -19.35 -59.11
N GLU B 3558 27.76 -18.63 -58.06
CA GLU B 3558 28.65 -17.67 -57.44
C GLU B 3558 29.83 -18.35 -56.76
N ARG B 3559 29.59 -19.48 -56.10
CA ARG B 3559 30.68 -20.22 -55.48
C ARG B 3559 31.65 -20.74 -56.52
N LEU B 3560 31.13 -21.24 -57.65
CA LEU B 3560 31.99 -21.68 -58.73
C LEU B 3560 32.81 -20.51 -59.28
N ARG B 3561 32.19 -19.33 -59.40
CA ARG B 3561 32.93 -18.17 -59.87
C ARG B 3561 34.03 -17.77 -58.89
N TRP B 3562 33.74 -17.82 -57.59
CA TRP B 3562 34.77 -17.50 -56.60
C TRP B 3562 35.93 -18.49 -56.66
N GLN B 3563 35.62 -19.79 -56.75
CA GLN B 3563 36.66 -20.79 -56.85
C GLN B 3563 37.44 -20.66 -58.14
N ALA B 3564 36.79 -20.18 -59.22
CA ALA B 3564 37.54 -19.85 -60.43
C ALA B 3564 38.53 -18.74 -60.16
N SER B 3565 38.14 -17.75 -59.36
CA SER B 3565 39.08 -16.79 -58.81
C SER B 3565 39.92 -17.46 -57.74
N SER B 3566 40.86 -16.71 -57.17
CA SER B 3566 41.82 -17.28 -56.22
C SER B 3566 41.22 -17.37 -54.81
N LEU B 3567 40.16 -18.18 -54.70
CA LEU B 3567 39.53 -18.44 -53.42
C LEU B 3567 39.98 -19.81 -52.91
N PRO B 3568 40.71 -19.91 -51.81
CA PRO B 3568 40.89 -21.23 -51.19
C PRO B 3568 39.55 -21.78 -50.72
N ALA B 3569 39.17 -22.94 -51.25
CA ALA B 3569 37.86 -23.51 -50.98
C ALA B 3569 37.77 -24.13 -49.60
N ASP B 3570 37.38 -23.33 -48.61
CA ASP B 3570 37.12 -23.81 -47.26
C ASP B 3570 35.80 -23.20 -46.78
N ASP B 3571 35.28 -23.76 -45.69
CA ASP B 3571 34.03 -23.22 -45.11
C ASP B 3571 34.24 -21.80 -44.63
N LEU B 3572 35.33 -21.56 -43.89
CA LEU B 3572 35.63 -20.22 -43.42
C LEU B 3572 35.86 -19.27 -44.59
N CYS B 3573 36.60 -19.72 -45.61
CA CYS B 3573 36.89 -18.85 -46.73
C CYS B 3573 35.64 -18.57 -47.57
N THR B 3574 34.75 -19.55 -47.71
CA THR B 3574 33.50 -19.30 -48.40
C THR B 3574 32.63 -18.32 -47.64
N GLU B 3575 32.55 -18.47 -46.32
CA GLU B 3575 31.78 -17.51 -45.52
C GLU B 3575 32.37 -16.11 -45.65
N ASN B 3576 33.69 -16.00 -45.62
CA ASN B 3576 34.34 -14.71 -45.80
C ASN B 3576 34.04 -14.12 -47.17
N ALA B 3577 34.07 -14.96 -48.21
CA ALA B 3577 33.76 -14.48 -49.55
C ALA B 3577 32.33 -13.98 -49.64
N ILE B 3578 31.41 -14.64 -48.93
CA ILE B 3578 30.04 -14.14 -48.87
C ILE B 3578 30.01 -12.79 -48.17
N MET B 3579 30.79 -12.64 -47.09
CA MET B 3579 30.84 -11.36 -46.40
C MET B 3579 31.36 -10.24 -47.28
N LEU B 3580 32.17 -10.56 -48.29
CA LEU B 3580 32.64 -9.58 -49.25
C LEU B 3580 31.63 -9.30 -50.36
N LYS B 3581 30.47 -9.96 -50.34
CA LYS B 3581 29.39 -9.75 -51.30
C LYS B 3581 28.21 -9.01 -50.70
N ARG B 3582 27.81 -9.38 -49.48
CA ARG B 3582 26.62 -8.86 -48.83
C ARG B 3582 26.96 -7.82 -47.77
N PHE B 3583 27.99 -7.01 -48.01
CA PHE B 3583 28.42 -6.00 -47.05
C PHE B 3583 27.71 -4.68 -47.32
N ASN B 3584 27.18 -4.07 -46.25
CA ASN B 3584 26.72 -2.70 -46.35
C ASN B 3584 27.87 -1.72 -46.13
N ARG B 3585 28.62 -1.91 -45.05
CA ARG B 3585 29.82 -1.14 -44.79
C ARG B 3585 31.01 -1.79 -45.48
N TYR B 3586 31.99 -0.96 -45.83
CA TYR B 3586 33.14 -1.45 -46.56
C TYR B 3586 33.92 -2.45 -45.69
N PRO B 3587 34.57 -3.45 -46.29
CA PRO B 3587 35.17 -4.51 -45.49
C PRO B 3587 36.66 -4.31 -45.19
N LEU B 3588 37.07 -4.93 -44.09
CA LEU B 3588 38.46 -4.98 -43.63
C LEU B 3588 38.90 -6.44 -43.71
N ILE B 3589 39.79 -6.75 -44.64
CA ILE B 3589 40.21 -8.11 -44.94
C ILE B 3589 41.53 -8.37 -44.22
N ILE B 3590 41.49 -9.19 -43.18
CA ILE B 3590 42.67 -9.57 -42.43
C ILE B 3590 43.16 -10.89 -43.02
N ASP B 3591 44.19 -10.82 -43.87
CA ASP B 3591 44.66 -11.96 -44.66
C ASP B 3591 46.18 -12.06 -44.58
N PRO B 3592 46.73 -12.75 -43.57
CA PRO B 3592 48.19 -12.93 -43.55
C PRO B 3592 48.71 -13.72 -44.74
N SER B 3593 47.91 -14.66 -45.28
CA SER B 3593 48.34 -15.42 -46.44
C SER B 3593 48.45 -14.54 -47.67
N GLY B 3594 47.54 -13.59 -47.84
CA GLY B 3594 47.49 -12.75 -49.02
C GLY B 3594 46.62 -13.28 -50.14
N GLN B 3595 45.91 -14.39 -49.93
CA GLN B 3595 45.04 -14.93 -50.97
C GLN B 3595 43.85 -14.00 -51.24
N ALA B 3596 43.31 -13.39 -50.19
CA ALA B 3596 42.07 -12.63 -50.33
C ALA B 3596 42.27 -11.38 -51.16
N THR B 3597 43.44 -10.74 -51.10
CA THR B 3597 43.70 -9.60 -51.95
C THR B 3597 43.67 -9.99 -53.43
N GLU B 3598 44.29 -11.12 -53.77
CA GLU B 3598 44.23 -11.61 -55.14
C GLU B 3598 42.81 -11.98 -55.53
N PHE B 3599 42.04 -12.54 -54.59
CA PHE B 3599 40.65 -12.87 -54.87
C PHE B 3599 39.85 -11.62 -55.21
N ILE B 3600 39.99 -10.57 -54.39
CA ILE B 3600 39.29 -9.33 -54.66
C ILE B 3600 39.73 -8.74 -55.99
N MET B 3601 41.03 -8.86 -56.30
CA MET B 3601 41.52 -8.28 -57.54
C MET B 3601 40.97 -9.01 -58.75
N ASN B 3602 40.91 -10.35 -58.69
CA ASN B 3602 40.40 -11.12 -59.82
C ASN B 3602 38.89 -10.94 -59.97
N GLU B 3603 38.17 -10.81 -58.85
CA GLU B 3603 36.72 -10.63 -58.92
C GLU B 3603 36.36 -9.31 -59.58
N TYR B 3604 37.07 -8.23 -59.23
CA TYR B 3604 36.74 -6.89 -59.68
C TYR B 3604 37.60 -6.43 -60.84
N LYS B 3605 38.25 -7.35 -61.55
CA LYS B 3605 39.10 -6.96 -62.68
C LYS B 3605 38.28 -6.31 -63.78
N ASP B 3606 37.03 -6.76 -63.97
CA ASP B 3606 36.16 -6.16 -64.97
C ASP B 3606 35.88 -4.70 -64.65
N ARG B 3607 35.85 -4.33 -63.38
CA ARG B 3607 35.62 -2.97 -62.94
C ARG B 3607 36.91 -2.16 -62.84
N LYS B 3608 38.05 -2.72 -63.23
CA LYS B 3608 39.32 -2.00 -63.29
C LYS B 3608 39.74 -1.53 -61.90
N ILE B 3609 39.68 -2.44 -60.93
CA ILE B 3609 40.18 -2.15 -59.59
C ILE B 3609 41.68 -1.89 -59.65
N THR B 3610 42.17 -1.01 -58.79
CA THR B 3610 43.57 -0.62 -58.73
C THR B 3610 44.09 -0.80 -57.32
N ARG B 3611 45.36 -1.20 -57.20
CA ARG B 3611 45.98 -1.47 -55.90
C ARG B 3611 46.61 -0.20 -55.34
N THR B 3612 46.49 -0.04 -54.02
CA THR B 3612 47.10 1.09 -53.33
C THR B 3612 47.39 0.64 -51.90
N SER B 3613 48.23 1.41 -51.22
CA SER B 3613 48.53 1.20 -49.81
C SER B 3613 48.60 2.54 -49.11
N PHE B 3614 48.31 2.53 -47.80
CA PHE B 3614 48.44 3.74 -47.01
C PHE B 3614 49.87 4.26 -47.01
N LEU B 3615 50.83 3.34 -46.93
CA LEU B 3615 52.24 3.73 -46.86
C LEU B 3615 52.73 4.38 -48.15
N ASP B 3616 52.05 4.16 -49.27
CA ASP B 3616 52.48 4.74 -50.53
C ASP B 3616 52.33 6.26 -50.48
N ASP B 3617 53.32 6.95 -51.05
CA ASP B 3617 53.28 8.42 -51.07
C ASP B 3617 52.08 8.91 -51.89
N ALA B 3618 51.83 8.30 -53.04
CA ALA B 3618 50.73 8.68 -53.91
C ALA B 3618 49.46 7.91 -53.56
N PHE B 3619 49.09 7.93 -52.28
CA PHE B 3619 47.89 7.26 -51.80
C PHE B 3619 46.68 8.18 -51.80
N ARG B 3620 46.85 9.39 -51.26
CA ARG B 3620 45.71 10.29 -51.15
C ARG B 3620 45.15 10.67 -52.51
N LYS B 3621 46.04 10.91 -53.49
CA LYS B 3621 45.56 11.29 -54.81
C LYS B 3621 44.89 10.13 -55.52
N ASN B 3622 45.41 8.91 -55.35
CA ASN B 3622 44.74 7.75 -55.91
C ASN B 3622 43.38 7.53 -55.27
N LEU B 3623 43.29 7.73 -53.95
CA LEU B 3623 42.00 7.65 -53.27
C LEU B 3623 41.04 8.71 -53.78
N GLU B 3624 41.55 9.93 -54.01
CA GLU B 3624 40.73 11.00 -54.55
C GLU B 3624 40.18 10.61 -55.91
N SER B 3625 41.04 10.06 -56.78
CA SER B 3625 40.58 9.65 -58.10
C SER B 3625 39.54 8.55 -58.02
N ALA B 3626 39.77 7.55 -57.15
CA ALA B 3626 38.81 6.46 -57.02
C ALA B 3626 37.47 6.95 -56.51
N LEU B 3627 37.48 7.85 -55.52
CA LEU B 3627 36.23 8.40 -55.00
C LEU B 3627 35.55 9.29 -56.02
N ARG B 3628 36.34 9.99 -56.84
CA ARG B 3628 35.79 10.96 -57.79
C ARG B 3628 35.16 10.27 -59.00
N PHE B 3629 35.76 9.18 -59.48
CA PHE B 3629 35.35 8.53 -60.70
C PHE B 3629 34.56 7.25 -60.49
N GLY B 3630 34.69 6.60 -59.33
CA GLY B 3630 33.86 5.47 -58.98
C GLY B 3630 34.49 4.11 -59.21
N ASN B 3631 35.74 4.04 -59.65
CA ASN B 3631 36.38 2.73 -59.80
C ASN B 3631 36.58 2.11 -58.42
N PRO B 3632 36.42 0.80 -58.26
CA PRO B 3632 36.69 0.18 -56.96
C PRO B 3632 38.18 0.23 -56.63
N LEU B 3633 38.47 0.17 -55.33
CA LEU B 3633 39.82 0.33 -54.83
C LEU B 3633 40.10 -0.70 -53.75
N LEU B 3634 41.35 -1.16 -53.71
CA LEU B 3634 41.87 -1.99 -52.62
C LEU B 3634 43.04 -1.25 -52.00
N VAL B 3635 42.95 -1.01 -50.70
CA VAL B 3635 43.98 -0.30 -49.95
C VAL B 3635 44.61 -1.28 -48.98
N GLN B 3636 45.93 -1.43 -49.06
CA GLN B 3636 46.69 -2.38 -48.26
C GLN B 3636 47.42 -1.68 -47.12
N ASP B 3637 47.83 -2.47 -46.12
CA ASP B 3637 48.54 -1.98 -44.96
C ASP B 3637 47.72 -0.92 -44.22
N VAL B 3638 46.53 -1.34 -43.78
CA VAL B 3638 45.67 -0.50 -42.95
C VAL B 3638 46.07 -0.50 -41.49
N GLU B 3639 47.16 -1.19 -41.12
CA GLU B 3639 47.67 -1.06 -39.76
C GLU B 3639 48.06 0.38 -39.46
N SER B 3640 48.62 1.08 -40.45
CA SER B 3640 48.88 2.52 -40.36
C SER B 3640 47.71 3.29 -40.98
N TYR B 3641 46.53 3.12 -40.37
CA TYR B 3641 45.30 3.68 -40.91
C TYR B 3641 45.34 5.20 -40.83
N ASP B 3642 45.23 5.85 -41.99
CA ASP B 3642 45.09 7.30 -42.04
C ASP B 3642 43.69 7.70 -41.58
N PRO B 3643 43.55 8.81 -40.84
CA PRO B 3643 42.20 9.19 -40.38
C PRO B 3643 41.38 9.93 -41.43
N VAL B 3644 41.99 10.36 -42.54
CA VAL B 3644 41.27 11.07 -43.58
C VAL B 3644 40.17 10.22 -44.19
N LEU B 3645 40.29 8.91 -44.11
CA LEU B 3645 39.28 7.98 -44.62
C LEU B 3645 38.10 7.82 -43.67
N ASN B 3646 38.06 8.55 -42.55
CA ASN B 3646 36.98 8.37 -41.59
C ASN B 3646 35.60 8.69 -42.16
N PRO B 3647 35.35 9.84 -42.80
CA PRO B 3647 34.01 10.06 -43.37
C PRO B 3647 33.70 9.14 -44.53
N VAL B 3648 34.70 8.78 -45.34
CA VAL B 3648 34.46 7.95 -46.52
C VAL B 3648 33.89 6.60 -46.10
N LEU B 3649 34.47 5.98 -45.08
CA LEU B 3649 33.92 4.74 -44.56
C LEU B 3649 32.57 4.97 -43.91
N ASN B 3650 32.35 6.15 -43.33
CA ASN B 3650 31.08 6.47 -42.69
C ASN B 3650 30.03 6.98 -43.66
N ARG B 3651 30.40 7.27 -44.91
CA ARG B 3651 29.45 7.71 -45.93
C ARG B 3651 28.78 9.02 -45.52
N GLU B 3652 29.59 10.01 -45.15
CA GLU B 3652 29.11 11.31 -44.69
C GLU B 3652 28.92 12.26 -45.87
N VAL B 3653 28.03 11.86 -46.78
CA VAL B 3653 27.76 12.67 -47.96
C VAL B 3653 27.08 13.97 -47.54
N ARG B 3654 27.54 15.08 -48.11
CA ARG B 3654 26.91 16.39 -47.97
C ARG B 3654 26.32 16.76 -49.33
N ARG B 3655 25.01 16.95 -49.38
CA ARG B 3655 24.30 17.16 -50.63
C ARG B 3655 24.09 18.65 -50.84
N THR B 3656 24.53 19.17 -51.99
CA THR B 3656 24.30 20.55 -52.38
C THR B 3656 23.90 20.54 -53.86
N GLY B 3657 22.60 20.73 -54.11
CA GLY B 3657 22.10 20.59 -55.46
C GLY B 3657 22.38 19.19 -55.98
N GLY B 3658 22.91 19.12 -57.20
CA GLY B 3658 23.36 17.86 -57.75
C GLY B 3658 24.75 17.44 -57.35
N ARG B 3659 25.49 18.29 -56.64
CA ARG B 3659 26.87 18.01 -56.25
C ARG B 3659 26.84 17.37 -54.86
N VAL B 3660 27.26 16.11 -54.81
CA VAL B 3660 27.33 15.36 -53.56
C VAL B 3660 28.78 15.33 -53.10
N LEU B 3661 29.13 16.23 -52.18
CA LEU B 3661 30.50 16.40 -51.72
C LEU B 3661 30.79 15.47 -50.55
N ILE B 3662 32.07 15.12 -50.43
CA ILE B 3662 32.61 14.49 -49.23
C ILE B 3662 33.98 15.10 -48.98
N THR B 3663 34.26 15.42 -47.72
CA THR B 3663 35.51 16.08 -47.38
C THR B 3663 36.66 15.09 -47.37
N LEU B 3664 37.76 15.45 -48.03
CA LEU B 3664 38.99 14.67 -47.98
C LEU B 3664 40.14 15.66 -48.00
N GLY B 3665 40.85 15.77 -46.88
CA GLY B 3665 41.91 16.76 -46.77
C GLY B 3665 41.36 18.15 -47.01
N ASP B 3666 42.04 18.90 -47.89
CA ASP B 3666 41.55 20.22 -48.26
C ASP B 3666 40.32 20.12 -49.15
N GLN B 3667 40.25 19.09 -49.99
CA GLN B 3667 39.28 19.08 -51.07
C GLN B 3667 37.92 18.57 -50.59
N ASP B 3668 36.90 18.89 -51.38
CA ASP B 3668 35.55 18.37 -51.22
C ASP B 3668 35.20 17.72 -52.57
N ILE B 3669 35.25 16.39 -52.59
CA ILE B 3669 35.25 15.63 -53.84
C ILE B 3669 33.90 14.95 -54.01
N ASP B 3670 33.56 14.69 -55.27
CA ASP B 3670 32.22 14.23 -55.64
C ASP B 3670 32.19 12.71 -55.59
N LEU B 3671 31.39 12.16 -54.68
CA LEU B 3671 31.25 10.72 -54.54
C LEU B 3671 30.55 10.16 -55.76
N SER B 3672 31.27 9.37 -56.56
CA SER B 3672 30.65 8.68 -57.67
C SER B 3672 29.88 7.46 -57.14
N PRO B 3673 28.79 7.06 -57.81
CA PRO B 3673 28.02 5.91 -57.29
C PRO B 3673 28.80 4.62 -57.23
N SER B 3674 29.69 4.37 -58.19
CA SER B 3674 30.33 3.07 -58.34
C SER B 3674 31.43 2.81 -57.31
N PHE B 3675 31.79 3.80 -56.50
CA PHE B 3675 32.96 3.67 -55.63
C PHE B 3675 32.74 2.59 -54.58
N VAL B 3676 33.72 1.70 -54.45
CA VAL B 3676 33.79 0.73 -53.36
C VAL B 3676 35.26 0.61 -52.96
N ILE B 3677 35.51 0.49 -51.66
CA ILE B 3677 36.87 0.37 -51.12
C ILE B 3677 36.94 -0.89 -50.26
N PHE B 3678 38.07 -1.59 -50.35
CA PHE B 3678 38.36 -2.76 -49.53
C PHE B 3678 39.67 -2.49 -48.79
N LEU B 3679 39.61 -2.43 -47.46
CA LEU B 3679 40.80 -2.28 -46.66
C LEU B 3679 41.40 -3.65 -46.41
N SER B 3680 42.73 -3.72 -46.33
CA SER B 3680 43.45 -4.97 -46.23
C SER B 3680 44.51 -4.89 -45.15
N THR B 3681 44.84 -6.04 -44.57
CA THR B 3681 45.87 -6.14 -43.53
C THR B 3681 46.60 -7.46 -43.71
N ARG B 3682 47.89 -7.39 -44.02
CA ARG B 3682 48.74 -8.58 -43.95
C ARG B 3682 49.09 -8.94 -42.52
N ASP B 3683 49.07 -7.99 -41.60
CA ASP B 3683 49.33 -8.28 -40.20
C ASP B 3683 48.08 -8.84 -39.55
N PRO B 3684 48.09 -10.06 -39.00
CA PRO B 3684 46.93 -10.54 -38.23
C PRO B 3684 46.94 -10.15 -36.77
N THR B 3685 48.01 -9.49 -36.29
CA THR B 3685 48.14 -9.05 -34.90
C THR B 3685 48.05 -7.53 -34.91
N VAL B 3686 46.82 -7.02 -34.84
CA VAL B 3686 46.55 -5.59 -34.91
C VAL B 3686 45.40 -5.27 -33.96
N GLU B 3687 45.49 -4.11 -33.32
CA GLU B 3687 44.44 -3.60 -32.42
C GLU B 3687 43.93 -2.30 -33.04
N PHE B 3688 42.83 -2.40 -33.78
CA PHE B 3688 42.30 -1.22 -34.44
C PHE B 3688 41.57 -0.33 -33.44
N PRO B 3689 41.48 0.99 -33.69
CA PRO B 3689 40.74 1.84 -32.76
C PRO B 3689 39.26 1.53 -32.81
N PRO B 3690 38.51 1.79 -31.72
CA PRO B 3690 37.05 1.65 -31.81
C PRO B 3690 36.42 2.58 -32.82
N ASP B 3691 37.08 3.68 -33.19
CA ASP B 3691 36.55 4.56 -34.22
C ASP B 3691 36.42 3.82 -35.55
N LEU B 3692 37.44 3.06 -35.92
CA LEU B 3692 37.43 2.36 -37.20
C LEU B 3692 36.54 1.12 -37.19
N CYS B 3693 36.35 0.50 -36.01
CA CYS B 3693 35.57 -0.73 -35.96
C CYS B 3693 34.12 -0.49 -36.33
N SER B 3694 33.54 0.60 -35.82
CA SER B 3694 32.16 0.94 -36.18
C SER B 3694 32.02 1.33 -37.65
N ARG B 3695 33.11 1.76 -38.29
CA ARG B 3695 33.08 2.22 -39.67
C ARG B 3695 33.38 1.13 -40.69
N VAL B 3696 33.58 -0.12 -40.27
CA VAL B 3696 34.06 -1.16 -41.16
C VAL B 3696 33.60 -2.51 -40.63
N THR B 3697 33.36 -3.45 -41.54
CA THR B 3697 33.00 -4.82 -41.18
C THR B 3697 34.20 -5.73 -41.41
N PHE B 3698 34.50 -6.58 -40.44
CA PHE B 3698 35.73 -7.36 -40.46
C PHE B 3698 35.53 -8.70 -41.15
N VAL B 3699 36.57 -9.15 -41.83
CA VAL B 3699 36.57 -10.40 -42.60
C VAL B 3699 37.94 -11.02 -42.39
N ASN B 3700 37.99 -12.08 -41.57
CA ASN B 3700 39.26 -12.63 -41.06
C ASN B 3700 39.63 -13.87 -41.88
N PHE B 3701 40.63 -13.71 -42.76
CA PHE B 3701 41.21 -14.82 -43.51
C PHE B 3701 42.43 -15.39 -42.79
N THR B 3702 42.28 -15.71 -41.51
CA THR B 3702 43.38 -16.16 -40.66
C THR B 3702 43.24 -17.64 -40.35
N VAL B 3703 44.30 -18.39 -40.58
CA VAL B 3703 44.33 -19.80 -40.20
C VAL B 3703 44.42 -19.91 -38.68
N THR B 3704 43.64 -20.81 -38.10
CA THR B 3704 43.62 -21.05 -36.68
C THR B 3704 43.57 -22.56 -36.46
N ARG B 3705 43.41 -22.98 -35.20
CA ARG B 3705 43.38 -24.40 -34.89
C ARG B 3705 42.18 -25.07 -35.56
N SER B 3706 40.98 -24.52 -35.35
CA SER B 3706 39.78 -25.15 -35.86
C SER B 3706 39.68 -25.07 -37.38
N SER B 3707 40.13 -23.96 -37.97
CA SER B 3707 40.09 -23.84 -39.43
C SER B 3707 40.95 -24.90 -40.09
N LEU B 3708 42.20 -25.04 -39.64
CA LEU B 3708 43.08 -26.06 -40.21
C LEU B 3708 42.58 -27.45 -39.88
N GLN B 3709 41.99 -27.65 -38.70
CA GLN B 3709 41.42 -28.95 -38.36
C GLN B 3709 40.32 -29.32 -39.35
N SER B 3710 39.42 -28.38 -39.64
CA SER B 3710 38.35 -28.65 -40.59
C SER B 3710 38.90 -28.89 -41.99
N GLN B 3711 39.88 -28.10 -42.41
CA GLN B 3711 40.47 -28.30 -43.74
C GLN B 3711 41.09 -29.69 -43.86
N CYS B 3712 41.87 -30.09 -42.85
CA CYS B 3712 42.51 -31.40 -42.89
C CYS B 3712 41.48 -32.52 -42.85
N LEU B 3713 40.43 -32.38 -42.02
CA LEU B 3713 39.41 -33.41 -41.96
C LEU B 3713 38.69 -33.56 -43.29
N ASN B 3714 38.36 -32.44 -43.94
CA ASN B 3714 37.73 -32.49 -45.25
C ASN B 3714 38.67 -33.15 -46.26
N GLU B 3715 39.96 -32.83 -46.20
CA GLU B 3715 40.91 -33.43 -47.12
C GLU B 3715 40.98 -34.94 -46.93
N VAL B 3716 40.98 -35.41 -45.68
CA VAL B 3716 41.06 -36.84 -45.44
C VAL B 3716 39.79 -37.52 -45.92
N LEU B 3717 38.62 -36.91 -45.64
CA LEU B 3717 37.37 -37.51 -46.08
C LEU B 3717 37.30 -37.56 -47.61
N LYS B 3718 37.88 -36.57 -48.29
CA LYS B 3718 37.89 -36.59 -49.74
C LYS B 3718 38.87 -37.63 -50.28
N ALA B 3719 40.00 -37.84 -49.60
CA ALA B 3719 41.06 -38.70 -50.13
C ALA B 3719 40.84 -40.18 -49.82
N GLU B 3720 40.37 -40.51 -48.61
CA GLU B 3720 40.32 -41.88 -48.14
C GLU B 3720 38.92 -42.48 -48.07
N ARG B 3721 37.90 -41.66 -47.90
CA ARG B 3721 36.50 -42.12 -47.90
C ARG B 3721 35.70 -41.21 -48.82
N PRO B 3722 35.94 -41.29 -50.13
CA PRO B 3722 35.22 -40.40 -51.05
C PRO B 3722 33.72 -40.61 -51.07
N ASP B 3723 33.22 -41.80 -50.69
CA ASP B 3723 31.78 -42.00 -50.63
C ASP B 3723 31.15 -41.09 -49.58
N VAL B 3724 31.79 -40.96 -48.42
CA VAL B 3724 31.29 -40.05 -47.40
C VAL B 3724 31.42 -38.61 -47.85
N ASP B 3725 32.45 -38.29 -48.64
CA ASP B 3725 32.54 -36.95 -49.20
C ASP B 3725 31.37 -36.67 -50.13
N GLU B 3726 30.98 -37.65 -50.94
CA GLU B 3726 29.81 -37.48 -51.79
C GLU B 3726 28.54 -37.32 -50.96
N LYS B 3727 28.38 -38.13 -49.93
CA LYS B 3727 27.20 -38.05 -49.08
C LYS B 3727 27.19 -36.80 -48.21
N ARG B 3728 28.32 -36.13 -48.04
CA ARG B 3728 28.39 -34.84 -47.35
C ARG B 3728 28.08 -33.68 -48.28
N SER B 3729 28.70 -33.66 -49.47
CA SER B 3729 28.36 -32.66 -50.47
C SER B 3729 26.91 -32.79 -50.93
N ASP B 3730 26.36 -34.00 -50.91
CA ASP B 3730 24.95 -34.19 -51.23
C ASP B 3730 24.02 -33.76 -50.11
N LEU B 3731 24.52 -33.64 -48.87
CA LEU B 3731 23.72 -33.14 -47.77
C LEU B 3731 23.63 -31.62 -47.75
N LEU B 3732 24.63 -30.93 -48.31
CA LEU B 3732 24.57 -29.49 -48.51
C LEU B 3732 24.06 -29.12 -49.90
N LYS B 3733 23.65 -30.12 -50.70
CA LYS B 3733 22.99 -29.88 -51.97
C LYS B 3733 21.49 -30.17 -51.91
N LEU B 3734 20.99 -30.70 -50.79
CA LEU B 3734 19.56 -30.75 -50.54
C LEU B 3734 18.98 -29.41 -50.14
N GLN B 3735 19.84 -28.41 -49.97
CA GLN B 3735 19.46 -27.02 -50.00
C GLN B 3735 19.36 -26.62 -51.47
N GLY B 3736 19.35 -25.32 -51.74
CA GLY B 3736 18.92 -24.76 -53.02
C GLY B 3736 19.33 -25.45 -54.31
N GLU B 3737 20.48 -26.14 -54.33
CA GLU B 3737 21.02 -26.67 -55.58
C GLU B 3737 20.07 -27.65 -56.25
N PHE B 3738 19.77 -28.78 -55.58
CA PHE B 3738 19.04 -29.84 -56.25
C PHE B 3738 17.60 -29.45 -56.54
N GLN B 3739 16.93 -28.74 -55.62
CA GLN B 3739 15.56 -28.32 -55.91
C GLN B 3739 15.54 -27.26 -57.01
N LEU B 3740 16.55 -26.38 -57.04
CA LEU B 3740 16.65 -25.41 -58.12
C LEU B 3740 16.78 -26.12 -59.46
N ARG B 3741 17.62 -27.16 -59.53
CA ARG B 3741 17.72 -27.91 -60.78
C ARG B 3741 16.41 -28.64 -61.10
N LEU B 3742 15.75 -29.17 -60.06
CA LEU B 3742 14.52 -29.92 -60.27
C LEU B 3742 13.44 -29.06 -60.89
N ARG B 3743 13.32 -27.80 -60.47
CA ARG B 3743 12.36 -26.89 -61.07
C ARG B 3743 12.89 -26.17 -62.31
N GLN B 3744 14.21 -26.06 -62.48
CA GLN B 3744 14.74 -25.61 -63.75
C GLN B 3744 14.46 -26.60 -64.86
N LEU B 3745 14.34 -27.90 -64.52
CA LEU B 3745 13.85 -28.86 -65.49
C LEU B 3745 12.37 -28.66 -65.78
N GLU B 3746 11.58 -28.26 -64.77
CA GLU B 3746 10.19 -27.92 -65.02
C GLU B 3746 10.07 -26.72 -65.95
N LYS B 3747 11.04 -25.80 -65.88
CA LYS B 3747 11.07 -24.68 -66.82
C LYS B 3747 11.11 -25.17 -68.26
N SER B 3748 12.06 -26.07 -68.56
CA SER B 3748 12.15 -26.60 -69.91
C SER B 3748 10.96 -27.48 -70.26
N LEU B 3749 10.38 -28.15 -69.26
CA LEU B 3749 9.15 -28.90 -69.49
C LEU B 3749 8.04 -27.98 -69.97
N LEU B 3750 7.78 -26.90 -69.23
CA LEU B 3750 6.73 -25.96 -69.61
C LEU B 3750 7.05 -25.26 -70.92
N GLN B 3751 8.34 -25.11 -71.23
CA GLN B 3751 8.71 -24.57 -72.54
C GLN B 3751 8.25 -25.52 -73.64
N ALA B 3752 8.39 -26.82 -73.43
CA ALA B 3752 8.05 -27.85 -74.41
C ALA B 3752 6.81 -28.63 -74.01
N LEU B 3753 5.84 -27.94 -73.40
CA LEU B 3753 4.53 -28.51 -73.05
C LEU B 3753 3.38 -27.85 -73.78
N ASN B 3754 3.40 -26.52 -73.91
CA ASN B 3754 2.38 -25.79 -74.64
C ASN B 3754 2.73 -25.57 -76.10
N GLU B 3755 3.90 -26.03 -76.57
CA GLU B 3755 4.25 -25.97 -77.98
C GLU B 3755 3.48 -27.08 -78.71
N VAL B 3756 2.17 -26.85 -78.86
CA VAL B 3756 1.23 -27.87 -79.29
C VAL B 3756 0.24 -27.26 -80.26
N LYS B 3757 -0.05 -28.00 -81.34
CA LYS B 3757 -1.19 -27.75 -82.21
C LYS B 3757 -1.82 -29.10 -82.57
N GLY B 3758 -1.99 -29.96 -81.58
CA GLY B 3758 -2.35 -31.34 -81.82
C GLY B 3758 -1.19 -32.25 -82.13
N ARG B 3759 0.05 -31.76 -82.06
CA ARG B 3759 1.24 -32.55 -82.31
C ARG B 3759 1.92 -33.00 -81.03
N ILE B 3760 1.19 -33.02 -79.91
CA ILE B 3760 1.77 -33.57 -78.68
C ILE B 3760 2.01 -35.07 -78.84
N LEU B 3761 1.13 -35.76 -79.56
CA LEU B 3761 1.25 -37.19 -79.81
C LEU B 3761 1.93 -37.45 -81.15
N ASP B 3762 3.14 -36.92 -81.31
CA ASP B 3762 3.93 -37.24 -82.49
C ASP B 3762 4.26 -38.73 -82.52
N ASP B 3763 4.60 -39.30 -81.37
CA ASP B 3763 4.70 -40.73 -81.18
C ASP B 3763 4.09 -41.18 -79.86
N ASP B 3764 3.47 -40.29 -79.10
CA ASP B 3764 3.05 -40.58 -77.73
C ASP B 3764 4.23 -40.99 -76.87
N THR B 3765 5.39 -40.36 -77.13
CA THR B 3765 6.62 -40.60 -76.39
C THR B 3765 7.18 -39.30 -75.78
N ILE B 3766 6.32 -38.32 -75.55
CA ILE B 3766 6.72 -37.14 -74.79
C ILE B 3766 7.02 -37.49 -73.34
N ILE B 3767 6.53 -38.64 -72.86
CA ILE B 3767 6.71 -39.05 -71.47
C ILE B 3767 8.19 -39.13 -71.10
N THR B 3768 9.07 -39.35 -72.08
CA THR B 3768 10.51 -39.32 -71.82
C THR B 3768 10.92 -38.01 -71.16
N THR B 3769 10.50 -36.88 -71.76
CA THR B 3769 10.75 -35.59 -71.13
C THR B 3769 10.07 -35.50 -69.78
N LEU B 3770 8.91 -36.14 -69.62
CA LEU B 3770 8.23 -36.22 -68.34
C LEU B 3770 8.81 -37.31 -67.45
N GLU B 3771 9.55 -38.27 -68.01
CA GLU B 3771 10.20 -39.29 -67.19
C GLU B 3771 11.54 -38.83 -66.66
N ASN B 3772 12.23 -37.95 -67.39
CA ASN B 3772 13.48 -37.39 -66.90
C ASN B 3772 13.26 -36.62 -65.61
N LEU B 3773 12.08 -36.02 -65.44
CA LEU B 3773 11.70 -35.39 -64.19
C LEU B 3773 11.08 -36.37 -63.21
N LYS B 3774 10.62 -37.53 -63.67
CA LYS B 3774 10.08 -38.52 -62.74
C LYS B 3774 11.18 -39.14 -61.89
N ARG B 3775 12.34 -39.40 -62.51
CA ARG B 3775 13.47 -39.99 -61.80
C ARG B 3775 13.95 -39.06 -60.69
N GLU B 3776 14.46 -37.89 -61.10
CA GLU B 3776 15.22 -37.03 -60.19
C GLU B 3776 14.40 -36.64 -58.97
N ALA B 3777 13.12 -36.31 -59.18
CA ALA B 3777 12.21 -36.02 -58.07
C ALA B 3777 12.28 -37.09 -57.01
N ALA B 3778 12.00 -38.34 -57.39
CA ALA B 3778 12.07 -39.45 -56.44
C ALA B 3778 13.45 -39.55 -55.82
N GLU B 3779 14.49 -39.35 -56.64
CA GLU B 3779 15.85 -39.36 -56.11
C GLU B 3779 16.02 -38.27 -55.06
N VAL B 3780 15.62 -37.03 -55.38
CA VAL B 3780 15.73 -35.95 -54.40
C VAL B 3780 14.60 -36.00 -53.39
N THR B 3781 13.69 -36.98 -53.50
CA THR B 3781 12.80 -37.31 -52.40
C THR B 3781 13.37 -38.42 -51.54
N ARG B 3782 14.22 -39.29 -52.10
CA ARG B 3782 14.90 -40.29 -51.31
C ARG B 3782 15.90 -39.64 -50.36
N LYS B 3783 16.76 -38.78 -50.91
CA LYS B 3783 17.82 -38.15 -50.11
C LYS B 3783 17.23 -37.28 -49.02
N VAL B 3784 16.12 -36.60 -49.29
CA VAL B 3784 15.45 -35.81 -48.26
C VAL B 3784 14.94 -36.73 -47.16
N GLU B 3785 14.46 -37.91 -47.52
CA GLU B 3785 14.08 -38.89 -46.50
C GLU B 3785 15.31 -39.45 -45.81
N GLU B 3786 16.37 -39.72 -46.57
CA GLU B 3786 17.63 -40.23 -46.02
C GLU B 3786 18.60 -39.07 -45.75
N THR B 3787 18.12 -38.13 -44.92
CA THR B 3787 18.92 -36.99 -44.49
C THR B 3787 19.27 -37.03 -43.01
N ASP B 3788 18.66 -37.93 -42.25
CA ASP B 3788 19.08 -38.21 -40.87
C ASP B 3788 20.04 -39.38 -40.78
N ILE B 3789 19.82 -40.43 -41.58
CA ILE B 3789 20.77 -41.53 -41.62
C ILE B 3789 22.11 -41.05 -42.16
N VAL B 3790 22.09 -40.24 -43.21
CA VAL B 3790 23.34 -39.76 -43.80
C VAL B 3790 24.06 -38.82 -42.84
N MET B 3791 23.32 -37.96 -42.14
CA MET B 3791 23.95 -37.03 -41.20
C MET B 3791 24.63 -37.79 -40.06
N GLN B 3792 23.94 -38.76 -39.48
CA GLN B 3792 24.53 -39.57 -38.43
C GLN B 3792 25.72 -40.36 -38.96
N GLU B 3793 25.62 -40.87 -40.19
CA GLU B 3793 26.71 -41.65 -40.76
C GLU B 3793 27.96 -40.79 -40.96
N VAL B 3794 27.80 -39.59 -41.51
CA VAL B 3794 28.97 -38.74 -41.71
C VAL B 3794 29.53 -38.30 -40.37
N GLU B 3795 28.67 -38.06 -39.38
CA GLU B 3795 29.19 -37.72 -38.05
C GLU B 3795 30.04 -38.85 -37.49
N THR B 3796 29.53 -40.08 -37.54
CA THR B 3796 30.26 -41.22 -36.98
C THR B 3796 31.55 -41.48 -37.74
N VAL B 3797 31.54 -41.30 -39.06
CA VAL B 3797 32.74 -41.57 -39.85
C VAL B 3797 33.74 -40.43 -39.74
N SER B 3798 33.28 -39.20 -39.50
CA SER B 3798 34.19 -38.07 -39.36
C SER B 3798 34.83 -38.01 -37.99
N GLN B 3799 34.14 -38.46 -36.94
CA GLN B 3799 34.78 -38.50 -35.63
C GLN B 3799 35.92 -39.50 -35.60
N GLN B 3800 35.85 -40.54 -36.44
CA GLN B 3800 36.93 -41.51 -36.51
C GLN B 3800 38.22 -40.85 -36.99
N TYR B 3801 38.12 -40.01 -38.01
CA TYR B 3801 39.28 -39.38 -38.63
C TYR B 3801 39.64 -38.04 -37.97
N LEU B 3802 39.09 -37.74 -36.81
CA LEU B 3802 39.28 -36.47 -36.12
C LEU B 3802 40.63 -36.37 -35.38
N PRO B 3803 41.09 -37.43 -34.69
CA PRO B 3803 42.43 -37.33 -34.09
C PRO B 3803 43.53 -37.03 -35.09
N LEU B 3804 43.42 -37.54 -36.32
CA LEU B 3804 44.38 -37.16 -37.35
C LEU B 3804 44.34 -35.66 -37.62
N SER B 3805 43.14 -35.09 -37.68
CA SER B 3805 43.01 -33.66 -37.94
C SER B 3805 43.60 -32.84 -36.79
N THR B 3806 43.36 -33.24 -35.54
CA THR B 3806 43.94 -32.53 -34.41
C THR B 3806 45.47 -32.62 -34.44
N ALA B 3807 46.00 -33.80 -34.77
CA ALA B 3807 47.44 -33.95 -34.90
C ALA B 3807 47.99 -33.05 -36.00
N CYS B 3808 47.27 -32.93 -37.11
CA CYS B 3808 47.69 -32.05 -38.19
C CYS B 3808 47.76 -30.60 -37.74
N SER B 3809 46.71 -30.13 -37.06
CA SER B 3809 46.70 -28.76 -36.59
C SER B 3809 47.84 -28.51 -35.62
N SER B 3810 48.04 -29.44 -34.67
CA SER B 3810 49.11 -29.28 -33.69
C SER B 3810 50.48 -29.25 -34.38
N ILE B 3811 50.69 -30.14 -35.35
CA ILE B 3811 51.97 -30.19 -36.04
C ILE B 3811 52.23 -28.89 -36.78
N TYR B 3812 51.24 -28.40 -37.52
CA TYR B 3812 51.45 -27.17 -38.28
C TYR B 3812 51.72 -25.99 -37.35
N PHE B 3813 50.99 -25.90 -36.24
CA PHE B 3813 51.21 -24.77 -35.35
C PHE B 3813 52.54 -24.89 -34.61
N THR B 3814 53.04 -26.11 -34.40
CA THR B 3814 54.41 -26.26 -33.91
C THR B 3814 55.41 -25.76 -34.94
N MET B 3815 55.21 -26.10 -36.22
CA MET B 3815 56.10 -25.59 -37.26
C MET B 3815 56.06 -24.07 -37.33
N GLU B 3816 54.90 -23.48 -37.10
CA GLU B 3816 54.82 -22.03 -37.03
C GLU B 3816 55.55 -21.51 -35.79
N SER B 3817 55.46 -22.24 -34.68
CA SER B 3817 56.15 -21.86 -33.46
C SER B 3817 57.67 -21.94 -33.59
N LEU B 3818 58.17 -22.70 -34.56
CA LEU B 3818 59.61 -22.90 -34.70
C LEU B 3818 60.39 -21.62 -34.97
N LYS B 3819 59.72 -20.51 -35.30
CA LYS B 3819 60.42 -19.27 -35.61
C LYS B 3819 61.28 -18.79 -34.44
N GLN B 3820 60.73 -18.82 -33.22
CA GLN B 3820 61.41 -18.24 -32.07
C GLN B 3820 62.46 -19.16 -31.45
N ILE B 3821 62.77 -20.28 -32.10
CA ILE B 3821 63.90 -21.11 -31.72
C ILE B 3821 65.15 -20.75 -32.53
N HIS B 3822 64.96 -20.50 -33.83
CA HIS B 3822 66.03 -20.02 -34.69
C HIS B 3822 65.38 -19.24 -35.82
N PHE B 3823 66.05 -18.18 -36.27
CA PHE B 3823 65.46 -17.33 -37.30
C PHE B 3823 65.27 -18.05 -38.62
N LEU B 3824 66.08 -19.07 -38.92
CA LEU B 3824 65.92 -19.82 -40.16
C LEU B 3824 64.72 -20.74 -40.15
N TYR B 3825 64.19 -21.10 -38.98
CA TYR B 3825 63.16 -22.12 -38.88
C TYR B 3825 61.80 -21.48 -39.18
N GLN B 3826 61.62 -21.11 -40.46
CA GLN B 3826 60.40 -20.50 -40.97
C GLN B 3826 59.82 -21.41 -42.03
N TYR B 3827 58.56 -21.81 -41.84
CA TYR B 3827 57.88 -22.74 -42.74
C TYR B 3827 56.47 -22.23 -43.01
N SER B 3828 56.12 -22.13 -44.29
CA SER B 3828 54.80 -21.67 -44.68
C SER B 3828 53.75 -22.76 -44.43
N LEU B 3829 52.49 -22.36 -44.55
CA LEU B 3829 51.42 -23.36 -44.51
C LEU B 3829 51.42 -24.22 -45.76
N GLN B 3830 51.94 -23.69 -46.88
CA GLN B 3830 52.14 -24.50 -48.06
C GLN B 3830 53.07 -25.66 -47.77
N PHE B 3831 54.06 -25.47 -46.88
CA PHE B 3831 54.95 -26.56 -46.50
C PHE B 3831 54.16 -27.71 -45.86
N PHE B 3832 53.33 -27.40 -44.86
CA PHE B 3832 52.57 -28.44 -44.19
C PHE B 3832 51.57 -29.09 -45.14
N LEU B 3833 50.92 -28.29 -45.99
CA LEU B 3833 49.95 -28.85 -46.92
C LEU B 3833 50.62 -29.73 -47.97
N ASP B 3834 51.83 -29.38 -48.39
CA ASP B 3834 52.58 -30.25 -49.31
C ASP B 3834 53.00 -31.54 -48.61
N ILE B 3835 53.40 -31.44 -47.34
CA ILE B 3835 53.68 -32.64 -46.55
C ILE B 3835 52.45 -33.53 -46.52
N TYR B 3836 51.28 -32.93 -46.35
CA TYR B 3836 50.06 -33.73 -46.23
C TYR B 3836 49.64 -34.31 -47.57
N HIS B 3837 49.86 -33.59 -48.66
CA HIS B 3837 49.61 -34.15 -49.98
C HIS B 3837 50.52 -35.34 -50.24
N ASN B 3838 51.79 -35.24 -49.81
CA ASN B 3838 52.69 -36.38 -49.93
C ASN B 3838 52.22 -37.55 -49.07
N VAL B 3839 51.73 -37.26 -47.87
CA VAL B 3839 51.39 -38.32 -46.94
C VAL B 3839 50.08 -39.01 -47.34
N LEU B 3840 49.18 -38.31 -48.03
CA LEU B 3840 47.88 -38.86 -48.38
C LEU B 3840 47.86 -39.51 -49.76
N TYR B 3841 48.42 -38.84 -50.77
CA TYR B 3841 48.31 -39.26 -52.15
C TYR B 3841 49.56 -39.95 -52.68
N GLU B 3842 50.74 -39.46 -52.33
CA GLU B 3842 52.01 -39.99 -52.82
C GLU B 3842 52.70 -40.86 -51.78
N ASN B 3843 51.93 -41.63 -51.01
CA ASN B 3843 52.47 -42.45 -49.93
C ASN B 3843 52.65 -43.87 -50.42
N PRO B 3844 53.88 -44.37 -50.65
CA PRO B 3844 54.03 -45.75 -51.12
C PRO B 3844 53.64 -46.81 -50.09
N ASN B 3845 53.57 -46.44 -48.80
CA ASN B 3845 53.20 -47.43 -47.79
C ASN B 3845 51.72 -47.80 -47.82
N LEU B 3846 50.88 -46.96 -48.44
CA LEU B 3846 49.45 -47.25 -48.53
C LEU B 3846 49.09 -48.20 -49.66
N LYS B 3847 50.01 -48.47 -50.58
CA LYS B 3847 49.69 -49.31 -51.73
C LYS B 3847 49.39 -50.74 -51.27
N GLY B 3848 48.31 -51.31 -51.80
CA GLY B 3848 47.90 -52.65 -51.45
C GLY B 3848 47.09 -52.75 -50.18
N VAL B 3849 46.85 -51.66 -49.46
CA VAL B 3849 46.08 -51.65 -48.23
C VAL B 3849 44.70 -51.11 -48.55
N THR B 3850 43.66 -51.89 -48.23
CA THR B 3850 42.28 -51.52 -48.48
C THR B 3850 41.47 -51.26 -47.23
N ASP B 3851 41.78 -51.93 -46.12
CA ASP B 3851 41.09 -51.66 -44.87
C ASP B 3851 41.36 -50.23 -44.42
N HIS B 3852 40.31 -49.53 -44.01
CA HIS B 3852 40.43 -48.10 -43.73
C HIS B 3852 41.16 -47.83 -42.42
N THR B 3853 41.02 -48.71 -41.43
CA THR B 3853 41.73 -48.49 -40.16
C THR B 3853 43.24 -48.58 -40.36
N GLN B 3854 43.70 -49.57 -41.11
CA GLN B 3854 45.13 -49.68 -41.41
C GLN B 3854 45.61 -48.47 -42.19
N ARG B 3855 44.80 -48.00 -43.15
CA ARG B 3855 45.18 -46.83 -43.91
C ARG B 3855 45.28 -45.59 -43.00
N LEU B 3856 44.36 -45.45 -42.05
CA LEU B 3856 44.41 -44.32 -41.14
C LEU B 3856 45.66 -44.38 -40.27
N CYS B 3857 45.96 -45.56 -39.72
CA CYS B 3857 47.15 -45.70 -38.87
C CYS B 3857 48.42 -45.41 -39.67
N ILE B 3858 48.51 -45.94 -40.89
CA ILE B 3858 49.68 -45.70 -41.72
C ILE B 3858 49.79 -44.23 -42.07
N ILE B 3859 48.66 -43.57 -42.32
CA ILE B 3859 48.68 -42.15 -42.63
C ILE B 3859 49.18 -41.34 -41.45
N THR B 3860 48.73 -41.68 -40.24
CA THR B 3860 49.19 -40.95 -39.06
C THR B 3860 50.69 -41.12 -38.85
N LYS B 3861 51.17 -42.36 -38.93
CA LYS B 3861 52.60 -42.61 -38.72
C LYS B 3861 53.43 -41.93 -39.80
N ASP B 3862 53.00 -42.00 -41.05
CA ASP B 3862 53.72 -41.35 -42.13
C ASP B 3862 53.65 -39.83 -42.01
N LEU B 3863 52.55 -39.29 -41.49
CA LEU B 3863 52.48 -37.86 -41.26
C LEU B 3863 53.56 -37.42 -40.29
N PHE B 3864 53.65 -38.09 -39.15
CA PHE B 3864 54.68 -37.73 -38.17
C PHE B 3864 56.08 -37.89 -38.76
N GLN B 3865 56.31 -39.01 -39.45
CA GLN B 3865 57.64 -39.30 -39.98
C GLN B 3865 58.04 -38.27 -41.03
N VAL B 3866 57.17 -38.01 -41.99
CA VAL B 3866 57.51 -37.11 -43.09
C VAL B 3866 57.64 -35.68 -42.58
N ALA B 3867 56.78 -35.30 -41.63
CA ALA B 3867 56.91 -33.96 -41.05
C ALA B 3867 58.26 -33.79 -40.39
N PHE B 3868 58.67 -34.78 -39.59
CA PHE B 3868 59.97 -34.68 -38.93
C PHE B 3868 61.11 -34.65 -39.94
N ASN B 3869 61.05 -35.51 -40.96
CA ASN B 3869 62.13 -35.54 -41.95
C ASN B 3869 62.24 -34.22 -42.69
N ARG B 3870 61.11 -33.71 -43.19
CA ARG B 3870 61.11 -32.49 -43.98
C ARG B 3870 61.57 -31.29 -43.15
N VAL B 3871 61.11 -31.20 -41.90
CA VAL B 3871 61.52 -30.08 -41.06
C VAL B 3871 62.98 -30.20 -40.66
N ALA B 3872 63.38 -31.37 -40.15
CA ALA B 3872 64.71 -31.54 -39.59
C ALA B 3872 65.80 -31.54 -40.64
N ARG B 3873 65.46 -31.75 -41.93
CA ARG B 3873 66.47 -31.57 -42.95
C ARG B 3873 66.93 -30.12 -43.08
N GLY B 3874 66.14 -29.17 -42.57
CA GLY B 3874 66.51 -27.76 -42.55
C GLY B 3874 66.64 -27.22 -41.14
N MET B 3875 67.22 -28.00 -40.24
CA MET B 3875 67.46 -27.60 -38.86
C MET B 3875 68.87 -27.98 -38.44
N LEU B 3876 69.40 -27.22 -37.49
CA LEU B 3876 70.68 -27.57 -36.90
C LEU B 3876 70.51 -28.82 -36.03
N HIS B 3877 71.61 -29.58 -35.89
CA HIS B 3877 71.53 -30.87 -35.23
C HIS B 3877 71.12 -30.77 -33.76
N GLN B 3878 71.34 -29.61 -33.13
CA GLN B 3878 70.93 -29.45 -31.74
C GLN B 3878 69.42 -29.53 -31.59
N ASP B 3879 68.68 -28.95 -32.54
CA ASP B 3879 67.24 -28.78 -32.40
C ASP B 3879 66.42 -29.95 -32.94
N HIS B 3880 67.07 -30.98 -33.50
CA HIS B 3880 66.31 -32.13 -33.97
C HIS B 3880 65.59 -32.82 -32.83
N ILE B 3881 66.30 -33.02 -31.71
CA ILE B 3881 65.69 -33.68 -30.56
C ILE B 3881 64.54 -32.86 -30.01
N THR B 3882 64.67 -31.53 -30.05
CA THR B 3882 63.60 -30.67 -29.54
C THR B 3882 62.32 -30.86 -30.34
N PHE B 3883 62.42 -30.81 -31.67
CA PHE B 3883 61.23 -30.96 -32.50
C PHE B 3883 60.68 -32.38 -32.41
N ALA B 3884 61.56 -33.37 -32.28
CA ALA B 3884 61.09 -34.74 -32.09
C ALA B 3884 60.33 -34.87 -30.77
N MET B 3885 60.81 -34.20 -29.73
CA MET B 3885 60.09 -34.20 -28.45
C MET B 3885 58.73 -33.54 -28.60
N LEU B 3886 58.67 -32.44 -29.34
CA LEU B 3886 57.39 -31.77 -29.57
C LEU B 3886 56.41 -32.69 -30.30
N LEU B 3887 56.88 -33.37 -31.35
CA LEU B 3887 56.01 -34.30 -32.08
C LEU B 3887 55.59 -35.47 -31.21
N ALA B 3888 56.50 -35.96 -30.36
CA ALA B 3888 56.14 -37.04 -29.44
C ALA B 3888 55.07 -36.59 -28.47
N ARG B 3889 55.18 -35.36 -27.96
CA ARG B 3889 54.14 -34.84 -27.08
C ARG B 3889 52.82 -34.67 -27.82
N ILE B 3890 52.87 -34.24 -29.08
CA ILE B 3890 51.65 -34.10 -29.87
C ILE B 3890 50.97 -35.45 -30.03
N LYS B 3891 51.75 -36.49 -30.35
CA LYS B 3891 51.17 -37.82 -30.49
C LYS B 3891 50.62 -38.32 -29.16
N LEU B 3892 51.33 -38.03 -28.06
CA LEU B 3892 50.84 -38.43 -26.74
C LEU B 3892 49.52 -37.76 -26.42
N LYS B 3893 49.35 -36.51 -26.84
CA LYS B 3893 48.05 -35.87 -26.76
C LYS B 3893 47.03 -36.60 -27.62
N GLY B 3894 47.43 -36.99 -28.83
CA GLY B 3894 46.55 -37.64 -29.78
C GLY B 3894 46.42 -39.14 -29.67
N THR B 3895 47.31 -39.81 -28.92
CA THR B 3895 47.24 -41.25 -28.80
C THR B 3895 46.08 -41.64 -27.88
N VAL B 3896 45.60 -42.87 -28.08
CA VAL B 3896 44.41 -43.37 -27.39
C VAL B 3896 44.84 -44.30 -26.27
N GLY B 3897 44.25 -44.11 -25.09
CA GLY B 3897 44.48 -44.96 -23.95
C GLY B 3897 45.52 -44.47 -22.96
N GLU B 3898 46.32 -43.47 -23.33
CA GLU B 3898 47.36 -42.93 -22.47
C GLU B 3898 46.89 -41.64 -21.81
N PRO B 3899 47.13 -41.40 -20.51
CA PRO B 3899 46.81 -40.08 -19.96
C PRO B 3899 47.74 -39.01 -20.50
N THR B 3900 47.30 -37.75 -20.35
CA THR B 3900 48.05 -36.64 -20.91
C THR B 3900 49.42 -36.48 -20.25
N TYR B 3901 49.56 -36.92 -19.00
CA TYR B 3901 50.78 -36.69 -18.21
C TYR B 3901 51.13 -35.20 -18.17
N GLU B 3902 50.11 -34.37 -17.96
CA GLU B 3902 50.32 -32.93 -17.93
C GLU B 3902 51.16 -32.52 -16.72
N ALA B 3903 50.94 -33.15 -15.57
CA ALA B 3903 51.67 -32.76 -14.36
C ALA B 3903 53.14 -33.16 -14.46
N GLU B 3904 53.41 -34.37 -14.95
CA GLU B 3904 54.80 -34.81 -15.05
C GLU B 3904 55.58 -33.96 -16.05
N PHE B 3905 54.98 -33.65 -17.20
CA PHE B 3905 55.65 -32.77 -18.16
C PHE B 3905 55.77 -31.35 -17.61
N GLN B 3906 54.80 -30.91 -16.82
CA GLN B 3906 54.90 -29.59 -16.19
C GLN B 3906 56.10 -29.55 -15.25
N HIS B 3907 56.32 -30.61 -14.48
CA HIS B 3907 57.52 -30.66 -13.64
C HIS B 3907 58.78 -30.80 -14.47
N PHE B 3908 58.71 -31.52 -15.59
CA PHE B 3908 59.88 -31.67 -16.45
C PHE B 3908 60.33 -30.32 -16.99
N LEU B 3909 59.38 -29.48 -17.40
CA LEU B 3909 59.71 -28.19 -18.00
C LEU B 3909 59.89 -27.07 -16.98
N ARG B 3910 59.25 -27.18 -15.81
CA ARG B 3910 59.25 -26.13 -14.81
C ARG B 3910 59.46 -26.71 -13.41
N GLY B 3911 60.20 -27.81 -13.30
CA GLY B 3911 60.52 -28.34 -11.98
C GLY B 3911 61.38 -27.37 -11.18
N LYS B 3912 62.34 -26.74 -11.84
CA LYS B 3912 63.16 -25.73 -11.18
C LYS B 3912 62.33 -24.57 -10.66
N GLU B 3913 61.21 -24.27 -11.31
CA GLU B 3913 60.32 -23.20 -10.83
C GLU B 3913 59.76 -23.49 -9.44
N ILE B 3914 59.70 -24.76 -9.04
CA ILE B 3914 59.33 -25.08 -7.68
C ILE B 3914 60.37 -24.48 -6.73
N VAL B 3915 59.92 -24.07 -5.55
CA VAL B 3915 60.74 -23.32 -4.61
C VAL B 3915 61.22 -24.25 -3.51
N LEU B 3916 62.51 -24.16 -3.19
CA LEU B 3916 63.10 -24.83 -2.03
C LEU B 3916 63.49 -23.77 -1.02
N SER B 3917 62.91 -23.85 0.18
CA SER B 3917 63.24 -22.88 1.21
C SER B 3917 64.69 -23.06 1.67
N ALA B 3918 65.29 -21.97 2.11
CA ALA B 3918 66.68 -22.00 2.55
C ALA B 3918 66.83 -22.93 3.75
N GLY B 3919 67.73 -23.90 3.63
CA GLY B 3919 67.92 -24.91 4.65
C GLY B 3919 66.98 -26.09 4.58
N SER B 3920 65.99 -26.07 3.69
CA SER B 3920 65.08 -27.20 3.56
C SER B 3920 65.69 -28.38 2.82
N THR B 3921 66.80 -28.18 2.12
CA THR B 3921 67.44 -29.27 1.40
C THR B 3921 68.25 -30.11 2.38
N PRO B 3922 67.93 -31.40 2.57
CA PRO B 3922 68.76 -32.23 3.45
C PRO B 3922 69.99 -32.73 2.73
N LYS B 3923 70.84 -33.43 3.49
CA LYS B 3923 72.02 -34.11 2.96
C LYS B 3923 71.66 -35.58 2.75
N ILE B 3924 71.97 -36.11 1.57
CA ILE B 3924 71.69 -37.49 1.21
C ILE B 3924 73.00 -38.16 0.85
N PRO B 3925 73.19 -39.38 1.36
CA PRO B 3925 74.42 -40.13 1.13
C PRO B 3925 74.61 -40.41 -0.35
N GLY B 3926 75.73 -39.96 -0.90
CA GLY B 3926 76.08 -40.22 -2.27
C GLY B 3926 75.68 -39.14 -3.25
N LEU B 3927 74.74 -38.26 -2.90
CA LEU B 3927 74.26 -37.21 -3.77
C LEU B 3927 74.96 -35.90 -3.44
N THR B 3928 75.33 -35.15 -4.47
CA THR B 3928 75.88 -33.82 -4.29
C THR B 3928 74.76 -32.86 -3.85
N VAL B 3929 75.12 -31.59 -3.68
CA VAL B 3929 74.11 -30.60 -3.31
C VAL B 3929 73.09 -30.44 -4.42
N GLU B 3930 73.55 -30.34 -5.67
CA GLU B 3930 72.64 -30.10 -6.79
C GLU B 3930 71.68 -31.27 -6.98
N GLN B 3931 72.18 -32.49 -6.89
CA GLN B 3931 71.31 -33.66 -6.97
C GLN B 3931 70.33 -33.67 -5.81
N ALA B 3932 70.74 -33.18 -4.64
CA ALA B 3932 69.81 -33.11 -3.51
C ALA B 3932 68.69 -32.12 -3.80
N GLU B 3933 69.01 -30.96 -4.36
CA GLU B 3933 67.93 -30.03 -4.71
C GLU B 3933 67.02 -30.63 -5.77
N ALA B 3934 67.60 -31.32 -6.74
CA ALA B 3934 66.78 -31.93 -7.79
C ALA B 3934 65.84 -32.97 -7.22
N VAL B 3935 66.33 -33.81 -6.30
CA VAL B 3935 65.49 -34.84 -5.71
C VAL B 3935 64.41 -34.20 -4.83
N VAL B 3936 64.75 -33.14 -4.10
CA VAL B 3936 63.75 -32.47 -3.28
C VAL B 3936 62.66 -31.88 -4.15
N ARG B 3937 63.04 -31.26 -5.28
CA ARG B 3937 62.03 -30.74 -6.21
C ARG B 3937 61.18 -31.86 -6.79
N LEU B 3938 61.80 -32.98 -7.14
CA LEU B 3938 61.06 -34.09 -7.74
C LEU B 3938 60.13 -34.75 -6.73
N SER B 3939 60.44 -34.66 -5.44
CA SER B 3939 59.58 -35.25 -4.42
C SER B 3939 58.24 -34.56 -4.29
N CYS B 3940 58.06 -33.38 -4.88
CA CYS B 3940 56.76 -32.70 -4.82
C CYS B 3940 55.68 -33.49 -5.53
N LEU B 3941 56.03 -34.16 -6.63
CA LEU B 3941 55.05 -34.95 -7.35
C LEU B 3941 54.63 -36.15 -6.49
N PRO B 3942 53.40 -36.65 -6.65
CA PRO B 3942 52.93 -37.70 -5.75
C PRO B 3942 53.57 -39.05 -6.03
N ALA B 3943 53.99 -39.31 -7.27
CA ALA B 3943 54.59 -40.61 -7.58
C ALA B 3943 55.97 -40.74 -6.95
N PHE B 3944 56.73 -39.64 -6.89
CA PHE B 3944 58.08 -39.63 -6.35
C PHE B 3944 58.11 -39.19 -4.89
N LYS B 3945 57.02 -39.40 -4.15
CA LYS B 3945 56.97 -38.94 -2.76
C LYS B 3945 57.98 -39.69 -1.90
N ASP B 3946 58.14 -40.99 -2.12
CA ASP B 3946 59.08 -41.82 -1.37
C ASP B 3946 60.45 -41.88 -2.03
N LEU B 3947 60.78 -40.89 -2.88
CA LEU B 3947 62.01 -40.98 -3.67
C LEU B 3947 63.25 -40.94 -2.80
N ILE B 3948 63.25 -40.07 -1.78
CA ILE B 3948 64.47 -39.88 -0.98
C ILE B 3948 64.80 -41.14 -0.20
N ALA B 3949 63.80 -41.73 0.47
CA ALA B 3949 64.04 -42.93 1.25
C ALA B 3949 64.48 -44.09 0.36
N LYS B 3950 63.85 -44.22 -0.81
CA LYS B 3950 64.23 -45.29 -1.73
C LYS B 3950 65.66 -45.10 -2.23
N VAL B 3951 66.05 -43.85 -2.52
CA VAL B 3951 67.41 -43.57 -2.96
C VAL B 3951 68.40 -43.93 -1.86
N GLN B 3952 68.07 -43.57 -0.61
CA GLN B 3952 68.95 -43.89 0.51
C GLN B 3952 69.08 -45.41 0.68
N ALA B 3953 67.98 -46.14 0.57
CA ALA B 3953 68.00 -47.57 0.81
C ALA B 3953 68.65 -48.36 -0.32
N ASP B 3954 68.80 -47.77 -1.50
CA ASP B 3954 69.31 -48.50 -2.66
C ASP B 3954 70.82 -48.66 -2.55
N GLU B 3955 71.27 -49.92 -2.44
CA GLU B 3955 72.70 -50.18 -2.35
C GLU B 3955 73.38 -50.00 -3.71
N GLN B 3956 72.71 -50.40 -4.79
CA GLN B 3956 73.26 -50.34 -6.13
C GLN B 3956 72.99 -48.99 -6.80
N PHE B 3957 72.74 -47.93 -6.03
CA PHE B 3957 72.48 -46.64 -6.65
C PHE B 3957 73.76 -46.02 -7.22
N SER B 3958 74.85 -46.09 -6.46
CA SER B 3958 76.07 -45.41 -6.88
C SER B 3958 76.60 -45.92 -8.19
N ILE B 3959 76.60 -47.24 -8.39
CA ILE B 3959 77.05 -47.81 -9.66
C ILE B 3959 76.17 -47.30 -10.79
N TRP B 3960 74.87 -47.09 -10.54
CA TRP B 3960 74.04 -46.48 -11.56
C TRP B 3960 74.42 -45.02 -11.77
N LEU B 3961 74.71 -44.30 -10.68
CA LEU B 3961 74.93 -42.86 -10.80
C LEU B 3961 76.25 -42.56 -11.51
N ASP B 3962 77.26 -43.41 -11.33
CA ASP B 3962 78.55 -43.26 -12.00
C ASP B 3962 78.61 -44.02 -13.33
N SER B 3963 77.52 -44.67 -13.74
CA SER B 3963 77.54 -45.43 -14.98
C SER B 3963 77.68 -44.51 -16.19
N SER B 3964 78.24 -45.05 -17.26
CA SER B 3964 78.40 -44.28 -18.49
C SER B 3964 77.10 -44.14 -19.26
N SER B 3965 76.19 -45.12 -19.15
CA SER B 3965 74.90 -45.10 -19.85
C SER B 3965 73.81 -45.43 -18.84
N PRO B 3966 73.57 -44.53 -17.88
CA PRO B 3966 72.50 -44.79 -16.90
C PRO B 3966 71.12 -44.86 -17.49
N GLU B 3967 70.86 -44.11 -18.57
CA GLU B 3967 69.51 -44.00 -19.10
C GLU B 3967 68.95 -45.34 -19.54
N GLN B 3968 69.81 -46.28 -19.93
CA GLN B 3968 69.34 -47.58 -20.37
C GLN B 3968 68.88 -48.46 -19.21
N THR B 3969 69.30 -48.16 -17.98
CA THR B 3969 69.02 -49.01 -16.82
C THR B 3969 68.61 -48.17 -15.61
N VAL B 3970 67.68 -47.25 -15.83
CA VAL B 3970 67.22 -46.39 -14.73
C VAL B 3970 66.50 -47.26 -13.69
N PRO B 3971 66.78 -47.13 -12.39
CA PRO B 3971 66.09 -47.98 -11.41
C PRO B 3971 64.64 -47.59 -11.25
N HIS B 3972 63.87 -48.52 -10.69
CA HIS B 3972 62.45 -48.29 -10.42
C HIS B 3972 62.33 -47.69 -9.03
N LEU B 3973 61.94 -46.42 -8.97
CA LEU B 3973 61.81 -45.67 -7.72
C LEU B 3973 60.45 -45.04 -7.53
N TRP B 3974 59.78 -44.62 -8.60
CA TRP B 3974 58.47 -44.01 -8.49
C TRP B 3974 57.44 -45.02 -7.98
N SER B 3975 56.54 -44.53 -7.13
CA SER B 3975 55.46 -45.34 -6.61
C SER B 3975 54.24 -45.24 -7.51
N GLU B 3976 53.66 -46.38 -7.85
CA GLU B 3976 52.51 -46.47 -8.75
C GLU B 3976 51.39 -47.24 -8.06
N GLU B 3977 50.18 -46.68 -8.11
CA GLU B 3977 49.01 -47.40 -7.62
C GLU B 3977 48.59 -48.51 -8.59
N ASN B 3978 48.84 -48.33 -9.87
CA ASN B 3978 48.58 -49.30 -10.92
C ASN B 3978 49.82 -49.43 -11.81
N PRO B 3979 50.04 -50.57 -12.45
CA PRO B 3979 51.17 -50.66 -13.39
C PRO B 3979 51.05 -49.65 -14.51
N ALA B 3980 52.17 -49.07 -14.89
CA ALA B 3980 52.22 -47.97 -15.84
C ALA B 3980 52.42 -48.49 -17.27
N THR B 3981 51.98 -47.67 -18.22
CA THR B 3981 52.21 -47.99 -19.62
C THR B 3981 53.69 -47.78 -19.96
N PRO B 3982 54.14 -48.29 -21.10
CA PRO B 3982 55.56 -48.06 -21.48
C PRO B 3982 55.92 -46.59 -21.59
N ILE B 3983 55.00 -45.75 -22.08
CA ILE B 3983 55.30 -44.32 -22.16
C ILE B 3983 55.31 -43.70 -20.77
N GLY B 3984 54.49 -44.21 -19.85
CA GLY B 3984 54.57 -43.75 -18.47
C GLY B 3984 55.90 -44.06 -17.84
N GLN B 3985 56.42 -45.28 -18.07
CA GLN B 3985 57.75 -45.61 -17.59
C GLN B 3985 58.79 -44.72 -18.25
N ALA B 3986 58.62 -44.42 -19.54
CA ALA B 3986 59.58 -43.58 -20.25
C ALA B 3986 59.63 -42.18 -19.66
N ILE B 3987 58.47 -41.58 -19.39
CA ILE B 3987 58.47 -40.21 -18.85
C ILE B 3987 58.98 -40.21 -17.41
N HIS B 3988 58.66 -41.24 -16.62
CA HIS B 3988 59.21 -41.29 -15.27
C HIS B 3988 60.73 -41.43 -15.29
N ARG B 3989 61.25 -42.27 -16.20
CA ARG B 3989 62.70 -42.37 -16.35
C ARG B 3989 63.28 -41.05 -16.81
N LEU B 3990 62.56 -40.32 -17.66
CA LEU B 3990 63.02 -39.01 -18.09
C LEU B 3990 63.15 -38.06 -16.91
N LEU B 3991 62.15 -38.05 -16.03
CA LEU B 3991 62.21 -37.20 -14.84
C LEU B 3991 63.38 -37.60 -13.94
N LEU B 3992 63.57 -38.92 -13.74
CA LEU B 3992 64.67 -39.36 -12.88
C LEU B 3992 66.02 -38.98 -13.46
N ILE B 3993 66.19 -39.14 -14.77
CA ILE B 3993 67.46 -38.79 -15.40
C ILE B 3993 67.68 -37.29 -15.34
N GLN B 3994 66.63 -36.49 -15.51
CA GLN B 3994 66.76 -35.06 -15.35
C GLN B 3994 67.20 -34.71 -13.93
N ALA B 3995 66.67 -35.44 -12.94
CA ALA B 3995 67.02 -35.14 -11.56
C ALA B 3995 68.47 -35.50 -11.25
N PHE B 3996 68.91 -36.69 -11.66
CA PHE B 3996 70.18 -37.24 -11.23
C PHE B 3996 71.32 -37.01 -12.22
N ARG B 3997 71.11 -37.30 -13.51
CA ARG B 3997 72.15 -37.23 -14.52
C ARG B 3997 71.66 -36.40 -15.70
N PRO B 3998 71.59 -35.07 -15.55
CA PRO B 3998 71.15 -34.23 -16.67
C PRO B 3998 72.04 -34.32 -17.89
N ASP B 3999 73.33 -34.68 -17.72
CA ASP B 3999 74.23 -34.79 -18.87
C ASP B 3999 73.75 -35.84 -19.86
N ARG B 4000 73.02 -36.86 -19.39
CA ARG B 4000 72.48 -37.90 -20.25
C ARG B 4000 71.06 -37.60 -20.70
N LEU B 4001 70.51 -36.44 -20.35
CA LEU B 4001 69.09 -36.16 -20.58
C LEU B 4001 68.72 -36.31 -22.04
N LEU B 4002 69.54 -35.72 -22.93
CA LEU B 4002 69.29 -35.82 -24.37
C LEU B 4002 69.18 -37.28 -24.79
N ALA B 4003 70.14 -38.11 -24.35
CA ALA B 4003 70.08 -39.52 -24.67
C ALA B 4003 68.78 -40.14 -24.15
N MET B 4004 68.43 -39.82 -22.91
CA MET B 4004 67.16 -40.29 -22.37
C MET B 4004 66.00 -39.77 -23.21
N ALA B 4005 66.08 -38.51 -23.62
CA ALA B 4005 65.02 -37.95 -24.46
C ALA B 4005 64.89 -38.74 -25.75
N HIS B 4006 66.02 -39.15 -26.34
CA HIS B 4006 65.95 -39.96 -27.56
C HIS B 4006 65.16 -41.23 -27.30
N VAL B 4007 65.41 -41.89 -26.17
CA VAL B 4007 64.68 -43.10 -25.85
C VAL B 4007 63.20 -42.82 -25.75
N PHE B 4008 62.83 -41.68 -25.16
CA PHE B 4008 61.42 -41.33 -25.08
C PHE B 4008 60.82 -41.22 -26.48
N VAL B 4009 61.54 -40.57 -27.39
CA VAL B 4009 61.08 -40.51 -28.78
C VAL B 4009 60.97 -41.93 -29.35
N SER B 4010 61.99 -42.75 -29.09
CA SER B 4010 61.94 -44.13 -29.57
C SER B 4010 60.81 -44.90 -28.91
N THR B 4011 60.40 -44.50 -27.71
CA THR B 4011 59.29 -45.17 -27.05
C THR B 4011 57.94 -44.75 -27.63
N ASN B 4012 57.89 -43.65 -28.38
CA ASN B 4012 56.63 -43.05 -28.79
C ASN B 4012 56.44 -42.99 -30.30
N LEU B 4013 57.51 -42.72 -31.06
CA LEU B 4013 57.43 -42.47 -32.50
C LEU B 4013 58.20 -43.47 -33.34
N GLY B 4014 58.78 -44.50 -32.72
CA GLY B 4014 59.45 -45.56 -33.44
C GLY B 4014 60.97 -45.47 -33.31
N GLU B 4015 61.63 -46.62 -33.44
CA GLU B 4015 63.08 -46.68 -33.27
C GLU B 4015 63.80 -46.01 -34.43
N SER B 4016 63.33 -46.24 -35.65
CA SER B 4016 63.95 -45.67 -36.84
C SER B 4016 63.48 -44.24 -37.13
N PHE B 4017 62.73 -43.64 -36.22
CA PHE B 4017 62.18 -42.31 -36.45
C PHE B 4017 63.28 -41.27 -36.65
N MET B 4018 64.22 -41.22 -35.71
CA MET B 4018 65.33 -40.26 -35.78
C MET B 4018 66.44 -40.73 -36.71
N SER B 4019 66.44 -42.01 -37.11
CA SER B 4019 67.59 -42.59 -37.79
C SER B 4019 67.81 -41.99 -39.18
N ILE B 4020 66.73 -41.62 -39.87
CA ILE B 4020 66.86 -41.19 -41.26
C ILE B 4020 67.66 -39.89 -41.35
N MET B 4021 67.63 -39.07 -40.30
CA MET B 4021 68.45 -37.86 -40.28
C MET B 4021 69.92 -38.19 -40.04
N GLU B 4022 70.20 -39.25 -39.28
CA GLU B 4022 71.57 -39.72 -39.06
C GLU B 4022 72.00 -40.54 -40.27
N GLN B 4023 72.21 -39.83 -41.37
CA GLN B 4023 72.47 -40.44 -42.67
C GLN B 4023 72.97 -39.36 -43.60
N PRO B 4024 73.49 -39.72 -44.77
CA PRO B 4024 73.88 -38.70 -45.75
C PRO B 4024 72.66 -38.14 -46.46
N LEU B 4025 72.74 -36.86 -46.79
CA LEU B 4025 71.59 -36.17 -47.38
C LEU B 4025 71.36 -36.68 -48.80
N ASP B 4026 70.15 -37.19 -49.05
CA ASP B 4026 69.77 -37.73 -50.36
C ASP B 4026 69.01 -36.65 -51.12
N LEU B 4027 69.77 -35.70 -51.69
CA LEU B 4027 69.17 -34.59 -52.40
C LEU B 4027 68.51 -35.00 -53.70
N THR B 4028 68.86 -36.17 -54.25
CA THR B 4028 68.34 -36.59 -55.55
C THR B 4028 66.83 -36.73 -55.52
N HIS B 4029 66.33 -37.64 -54.69
CA HIS B 4029 64.89 -37.89 -54.64
C HIS B 4029 64.13 -36.66 -54.18
N ILE B 4030 64.69 -35.93 -53.21
CA ILE B 4030 64.00 -34.76 -52.66
C ILE B 4030 63.83 -33.69 -53.72
N VAL B 4031 64.91 -33.37 -54.44
CA VAL B 4031 64.81 -32.33 -55.46
C VAL B 4031 63.98 -32.81 -56.65
N ASP B 4032 64.04 -34.10 -56.98
CA ASP B 4032 63.25 -34.60 -58.09
C ASP B 4032 61.76 -34.58 -57.83
N THR B 4033 61.35 -35.01 -56.64
CA THR B 4033 59.94 -35.24 -56.32
C THR B 4033 59.34 -34.18 -55.43
N GLU B 4034 59.98 -33.87 -54.30
CA GLU B 4034 59.37 -33.07 -53.25
C GLU B 4034 59.58 -31.57 -53.40
N VAL B 4035 60.22 -31.13 -54.48
CA VAL B 4035 60.51 -29.72 -54.71
C VAL B 4035 59.88 -29.31 -56.03
N LYS B 4036 59.07 -28.25 -56.00
CA LYS B 4036 58.50 -27.70 -57.21
C LYS B 4036 59.51 -26.79 -57.91
N PRO B 4037 59.36 -26.56 -59.22
CA PRO B 4037 60.36 -25.74 -59.93
C PRO B 4037 60.43 -24.31 -59.43
N ASN B 4038 59.31 -23.73 -58.99
CA ASN B 4038 59.30 -22.34 -58.53
C ASN B 4038 59.75 -22.19 -57.08
N THR B 4039 59.94 -23.29 -56.35
CA THR B 4039 60.41 -23.22 -54.97
C THR B 4039 61.94 -23.32 -54.98
N PRO B 4040 62.68 -22.27 -54.61
CA PRO B 4040 64.15 -22.38 -54.65
C PRO B 4040 64.67 -23.22 -53.49
N VAL B 4041 65.72 -23.99 -53.76
CA VAL B 4041 66.35 -24.84 -52.77
C VAL B 4041 67.40 -23.98 -52.07
N LEU B 4042 67.10 -23.57 -50.84
CA LEU B 4042 68.01 -22.76 -50.04
C LEU B 4042 68.90 -23.70 -49.23
N MET B 4043 70.18 -23.76 -49.59
CA MET B 4043 71.17 -24.55 -48.86
C MET B 4043 71.94 -23.60 -47.96
N CYS B 4044 71.58 -23.58 -46.68
CA CYS B 4044 72.23 -22.75 -45.69
C CYS B 4044 73.30 -23.56 -44.96
N SER B 4045 74.46 -22.95 -44.76
CA SER B 4045 75.58 -23.59 -44.08
C SER B 4045 76.03 -22.71 -42.93
N VAL B 4046 76.64 -23.33 -41.92
CA VAL B 4046 77.24 -22.57 -40.83
C VAL B 4046 78.42 -21.81 -41.45
N PRO B 4047 78.86 -20.69 -40.88
CA PRO B 4047 79.92 -19.91 -41.53
C PRO B 4047 81.21 -20.71 -41.67
N GLY B 4048 81.89 -20.51 -42.79
CA GLY B 4048 83.13 -21.21 -43.09
C GLY B 4048 82.96 -22.54 -43.80
N TYR B 4049 81.73 -23.00 -44.02
CA TYR B 4049 81.45 -24.27 -44.68
C TYR B 4049 80.68 -23.99 -45.97
N ASP B 4050 81.12 -24.59 -47.07
CA ASP B 4050 80.50 -24.43 -48.38
C ASP B 4050 79.85 -25.74 -48.79
N ALA B 4051 78.63 -25.65 -49.32
CA ALA B 4051 77.83 -26.81 -49.68
C ALA B 4051 77.57 -26.93 -51.17
N SER B 4052 78.19 -26.08 -52.00
CA SER B 4052 77.98 -26.16 -53.44
C SER B 4052 78.48 -27.47 -54.03
N GLY B 4053 79.41 -28.15 -53.35
CA GLY B 4053 79.87 -29.44 -53.83
C GLY B 4053 78.75 -30.46 -53.89
N HIS B 4054 77.81 -30.39 -52.95
CA HIS B 4054 76.68 -31.31 -52.97
C HIS B 4054 75.83 -31.10 -54.21
N VAL B 4055 75.55 -29.84 -54.56
CA VAL B 4055 74.74 -29.58 -55.75
C VAL B 4055 75.48 -29.96 -57.01
N GLU B 4056 76.79 -29.72 -57.06
CA GLU B 4056 77.56 -30.14 -58.23
C GLU B 4056 77.57 -31.65 -58.38
N ASP B 4057 77.70 -32.37 -57.27
CA ASP B 4057 77.65 -33.82 -57.30
C ASP B 4057 76.29 -34.31 -57.77
N LEU B 4058 75.22 -33.68 -57.29
CA LEU B 4058 73.89 -34.08 -57.72
C LEU B 4058 73.68 -33.81 -59.21
N ALA B 4059 74.15 -32.66 -59.70
CA ALA B 4059 74.02 -32.36 -61.11
C ALA B 4059 74.80 -33.35 -61.96
N ALA B 4060 75.99 -33.75 -61.50
CA ALA B 4060 76.74 -34.78 -62.20
C ALA B 4060 75.99 -36.11 -62.20
N GLU B 4061 75.40 -36.47 -61.06
CA GLU B 4061 74.71 -37.75 -60.96
C GLU B 4061 73.49 -37.81 -61.87
N GLN B 4062 72.70 -36.75 -61.88
CA GLN B 4062 71.46 -36.73 -62.66
C GLN B 4062 71.69 -36.48 -64.14
N ASN B 4063 72.89 -36.05 -64.55
CA ASN B 4063 73.20 -35.68 -65.93
C ASN B 4063 72.23 -34.56 -66.34
N THR B 4064 72.45 -33.41 -65.70
CA THR B 4064 71.69 -32.20 -65.96
C THR B 4064 72.65 -31.02 -66.00
N GLN B 4065 72.57 -30.24 -67.07
CA GLN B 4065 73.43 -29.06 -67.19
C GLN B 4065 73.09 -28.06 -66.10
N ILE B 4066 74.12 -27.53 -65.46
CA ILE B 4066 73.97 -26.60 -64.34
C ILE B 4066 74.86 -25.40 -64.59
N THR B 4067 74.32 -24.21 -64.38
CA THR B 4067 75.05 -22.95 -64.50
C THR B 4067 75.21 -22.35 -63.11
N SER B 4068 76.45 -22.13 -62.69
CA SER B 4068 76.77 -21.64 -61.36
C SER B 4068 77.35 -20.25 -61.45
N ILE B 4069 76.79 -19.33 -60.67
CA ILE B 4069 77.22 -17.93 -60.65
C ILE B 4069 77.48 -17.52 -59.22
N ALA B 4070 78.57 -16.79 -58.99
CA ALA B 4070 78.92 -16.27 -57.68
C ALA B 4070 78.44 -14.82 -57.58
N ILE B 4071 77.59 -14.56 -56.60
CA ILE B 4071 77.07 -13.21 -56.36
C ILE B 4071 78.05 -12.53 -55.40
N GLY B 4072 78.88 -11.65 -55.94
CA GLY B 4072 79.79 -10.84 -55.14
C GLY B 4072 80.00 -9.44 -55.68
N SER B 4073 79.21 -9.05 -56.67
CA SER B 4073 79.36 -7.74 -57.29
C SER B 4073 78.09 -7.42 -58.07
N ALA B 4074 77.98 -6.17 -58.50
CA ALA B 4074 76.82 -5.74 -59.28
C ALA B 4074 76.71 -6.48 -60.60
N GLU B 4075 77.85 -6.90 -61.17
CA GLU B 4075 77.81 -7.66 -62.42
C GLU B 4075 77.14 -9.00 -62.21
N GLY B 4076 77.40 -9.65 -61.07
CA GLY B 4076 76.83 -10.95 -60.81
C GLY B 4076 75.33 -10.96 -60.81
N PHE B 4077 74.71 -9.84 -60.41
CA PHE B 4077 73.25 -9.75 -60.47
C PHE B 4077 72.76 -9.84 -61.90
N ASN B 4078 73.43 -9.13 -62.82
CA ASN B 4078 73.04 -9.19 -64.22
C ASN B 4078 73.26 -10.58 -64.79
N GLN B 4079 74.39 -11.21 -64.45
CA GLN B 4079 74.65 -12.57 -64.92
C GLN B 4079 73.58 -13.54 -64.39
N ALA B 4080 73.22 -13.40 -63.11
CA ALA B 4080 72.22 -14.27 -62.53
C ALA B 4080 70.86 -14.07 -63.18
N ASP B 4081 70.50 -12.80 -63.44
CA ASP B 4081 69.23 -12.53 -64.10
C ASP B 4081 69.19 -13.14 -65.49
N LYS B 4082 70.28 -12.98 -66.26
CA LYS B 4082 70.33 -13.57 -67.60
C LYS B 4082 70.23 -15.09 -67.53
N ALA B 4083 70.99 -15.70 -66.62
CA ALA B 4083 70.99 -17.15 -66.51
C ALA B 4083 69.63 -17.69 -66.09
N ILE B 4084 68.96 -16.99 -65.16
CA ILE B 4084 67.66 -17.44 -64.70
C ILE B 4084 66.62 -17.26 -65.80
N ASN B 4085 66.69 -16.15 -66.54
CA ASN B 4085 65.76 -15.96 -67.65
C ASN B 4085 65.96 -17.00 -68.73
N THR B 4086 67.19 -17.47 -68.93
CA THR B 4086 67.43 -18.53 -69.90
C THR B 4086 66.93 -19.87 -69.37
N ALA B 4087 67.23 -20.18 -68.11
CA ALA B 4087 66.93 -21.51 -67.59
C ALA B 4087 65.44 -21.70 -67.30
N VAL B 4088 64.75 -20.64 -66.91
CA VAL B 4088 63.31 -20.74 -66.63
C VAL B 4088 62.55 -21.13 -67.88
N LYS B 4089 63.02 -20.67 -69.04
CA LYS B 4089 62.40 -21.07 -70.31
C LYS B 4089 62.92 -22.43 -70.77
N SER B 4090 64.24 -22.64 -70.70
CA SER B 4090 64.85 -23.88 -71.17
C SER B 4090 64.88 -24.97 -70.12
N GLY B 4091 64.45 -24.70 -68.89
CA GLY B 4091 64.40 -25.74 -67.87
C GLY B 4091 65.74 -26.18 -67.34
N ARG B 4092 66.75 -25.33 -67.41
CA ARG B 4092 68.08 -25.69 -66.92
C ARG B 4092 68.15 -25.50 -65.41
N TRP B 4093 69.28 -25.90 -64.84
CA TRP B 4093 69.57 -25.76 -63.41
C TRP B 4093 70.48 -24.56 -63.18
N VAL B 4094 70.14 -23.76 -62.18
CA VAL B 4094 70.90 -22.57 -61.82
C VAL B 4094 71.31 -22.68 -60.37
N MET B 4095 72.55 -22.28 -60.08
CA MET B 4095 73.08 -22.21 -58.72
C MET B 4095 73.64 -20.82 -58.50
N LEU B 4096 73.29 -20.22 -57.36
CA LEU B 4096 73.81 -18.92 -56.95
C LEU B 4096 74.58 -19.10 -55.65
N LYS B 4097 75.87 -18.76 -55.68
CA LYS B 4097 76.79 -19.00 -54.58
C LYS B 4097 76.92 -17.76 -53.71
N ASN B 4098 76.81 -17.94 -52.40
CA ASN B 4098 77.04 -16.88 -51.42
C ASN B 4098 76.08 -15.71 -51.65
N VAL B 4099 74.78 -16.03 -51.63
CA VAL B 4099 73.75 -15.00 -51.85
C VAL B 4099 73.43 -14.20 -50.60
N HIS B 4100 73.94 -14.61 -49.43
CA HIS B 4100 73.72 -13.82 -48.22
C HIS B 4100 74.34 -12.43 -48.31
N LEU B 4101 75.30 -12.22 -49.20
CA LEU B 4101 75.93 -10.92 -49.37
C LEU B 4101 75.00 -9.88 -49.98
N ALA B 4102 73.84 -10.28 -50.49
CA ALA B 4102 72.91 -9.39 -51.20
C ALA B 4102 71.49 -9.59 -50.68
N PRO B 4103 71.15 -9.00 -49.51
CA PRO B 4103 69.79 -9.16 -48.98
C PRO B 4103 68.71 -8.54 -49.86
N GLY B 4104 68.91 -7.29 -50.26
CA GLY B 4104 67.90 -6.62 -51.08
C GLY B 4104 67.70 -7.29 -52.42
N TRP B 4105 68.78 -7.73 -53.05
CA TRP B 4105 68.64 -8.46 -54.30
C TRP B 4105 67.94 -9.80 -54.07
N LEU B 4106 68.10 -10.41 -52.89
CA LEU B 4106 67.35 -11.63 -52.60
C LEU B 4106 65.87 -11.34 -52.46
N MET B 4107 65.51 -10.21 -51.85
CA MET B 4107 64.11 -9.82 -51.80
C MET B 4107 63.56 -9.61 -53.21
N GLN B 4108 64.34 -8.96 -54.07
CA GLN B 4108 63.94 -8.77 -55.46
C GLN B 4108 63.78 -10.11 -56.16
N LEU B 4109 64.68 -11.06 -55.90
CA LEU B 4109 64.59 -12.37 -56.52
C LEU B 4109 63.36 -13.13 -56.05
N GLU B 4110 63.00 -12.99 -54.77
CA GLU B 4110 61.78 -13.61 -54.27
C GLU B 4110 60.56 -13.03 -54.97
N LYS B 4111 60.52 -11.71 -55.10
CA LYS B 4111 59.41 -11.07 -55.82
C LYS B 4111 59.34 -11.55 -57.26
N LYS B 4112 60.50 -11.69 -57.91
CA LYS B 4112 60.54 -12.22 -59.27
C LYS B 4112 60.03 -13.65 -59.32
N LEU B 4113 60.49 -14.49 -58.39
CA LEU B 4113 60.11 -15.90 -58.38
C LEU B 4113 58.62 -16.08 -58.18
N HIS B 4114 57.99 -15.17 -57.43
CA HIS B 4114 56.55 -15.28 -57.22
C HIS B 4114 55.75 -15.15 -58.51
N SER B 4115 56.32 -14.56 -59.56
CA SER B 4115 55.59 -14.26 -60.79
C SER B 4115 55.88 -15.23 -61.94
N LEU B 4116 56.90 -16.07 -61.82
CA LEU B 4116 57.32 -16.87 -62.97
C LEU B 4116 56.38 -18.05 -63.19
N GLN B 4117 56.55 -18.68 -64.36
CA GLN B 4117 55.86 -19.91 -64.73
C GLN B 4117 56.92 -20.91 -65.20
N PRO B 4118 57.74 -21.40 -64.28
CA PRO B 4118 58.95 -22.13 -64.68
C PRO B 4118 58.66 -23.45 -65.36
N HIS B 4119 59.61 -23.88 -66.19
CA HIS B 4119 59.59 -25.20 -66.79
C HIS B 4119 59.68 -26.26 -65.69
N ALA B 4120 59.24 -27.47 -66.02
CA ALA B 4120 59.19 -28.55 -65.03
C ALA B 4120 60.58 -28.91 -64.52
N CYS B 4121 61.57 -28.96 -65.41
CA CYS B 4121 62.92 -29.36 -65.04
C CYS B 4121 63.76 -28.22 -64.48
N PHE B 4122 63.23 -27.01 -64.42
CA PHE B 4122 63.98 -25.89 -63.87
C PHE B 4122 64.16 -26.06 -62.36
N ARG B 4123 65.37 -25.77 -61.88
CA ARG B 4123 65.67 -25.78 -60.46
C ARG B 4123 66.64 -24.65 -60.16
N LEU B 4124 66.44 -24.00 -59.01
CA LEU B 4124 67.23 -22.86 -58.59
C LEU B 4124 67.76 -23.14 -57.19
N PHE B 4125 69.06 -23.38 -57.08
CA PHE B 4125 69.73 -23.57 -55.81
C PHE B 4125 70.38 -22.26 -55.37
N LEU B 4126 70.21 -21.91 -54.11
CA LEU B 4126 70.82 -20.73 -53.52
C LEU B 4126 71.63 -21.19 -52.32
N THR B 4127 72.96 -21.14 -52.44
CA THR B 4127 73.83 -21.52 -51.34
C THR B 4127 74.22 -20.27 -50.56
N MET B 4128 74.04 -20.32 -49.24
CA MET B 4128 74.34 -19.18 -48.40
C MET B 4128 74.85 -19.66 -47.06
N GLU B 4129 75.38 -18.70 -46.29
CA GLU B 4129 75.77 -18.94 -44.90
C GLU B 4129 74.66 -18.45 -43.98
N ILE B 4130 74.53 -19.10 -42.83
CA ILE B 4130 73.44 -18.79 -41.91
C ILE B 4130 73.69 -17.42 -41.30
N ASN B 4131 72.95 -16.42 -41.76
CA ASN B 4131 72.98 -15.06 -41.23
C ASN B 4131 71.56 -14.56 -41.07
N PRO B 4132 71.32 -13.61 -40.15
CA PRO B 4132 69.96 -13.11 -39.98
C PRO B 4132 69.51 -12.13 -41.05
N LYS B 4133 70.42 -11.67 -41.91
CA LYS B 4133 70.08 -10.70 -42.93
C LYS B 4133 69.39 -11.31 -44.13
N VAL B 4134 69.29 -12.64 -44.21
CA VAL B 4134 68.51 -13.25 -45.29
C VAL B 4134 67.05 -12.91 -45.11
N PRO B 4135 66.28 -12.61 -46.16
CA PRO B 4135 64.87 -12.21 -45.94
C PRO B 4135 64.06 -13.34 -45.33
N VAL B 4136 63.12 -12.96 -44.46
CA VAL B 4136 62.23 -13.93 -43.84
C VAL B 4136 61.31 -14.55 -44.88
N ASN B 4137 60.84 -13.73 -45.83
CA ASN B 4137 59.90 -14.24 -46.84
C ASN B 4137 60.58 -15.26 -47.75
N LEU B 4138 61.84 -15.03 -48.11
CA LEU B 4138 62.54 -15.99 -48.97
C LEU B 4138 62.72 -17.33 -48.27
N LEU B 4139 63.07 -17.31 -46.98
CA LEU B 4139 63.14 -18.55 -46.22
C LEU B 4139 61.77 -19.21 -46.13
N ARG B 4140 60.72 -18.41 -45.92
CA ARG B 4140 59.37 -18.94 -45.86
C ARG B 4140 58.95 -19.55 -47.19
N ALA B 4141 59.36 -18.96 -48.31
CA ALA B 4141 58.99 -19.39 -49.64
C ALA B 4141 60.08 -20.23 -50.30
N GLY B 4142 60.80 -21.05 -49.52
CA GLY B 4142 61.85 -21.88 -50.07
C GLY B 4142 62.05 -23.13 -49.23
N ARG B 4143 62.75 -24.09 -49.83
CA ARG B 4143 63.10 -25.33 -49.17
C ARG B 4143 64.46 -25.15 -48.50
N ILE B 4144 64.48 -25.22 -47.17
CA ILE B 4144 65.69 -24.95 -46.40
C ILE B 4144 66.39 -26.27 -46.09
N PHE B 4145 67.69 -26.31 -46.37
CA PHE B 4145 68.54 -27.45 -46.02
C PHE B 4145 69.75 -26.91 -45.27
N VAL B 4146 69.91 -27.34 -44.03
CA VAL B 4146 70.97 -26.85 -43.16
C VAL B 4146 72.13 -27.84 -43.20
N PHE B 4147 73.30 -27.36 -43.59
CA PHE B 4147 74.51 -28.16 -43.66
C PHE B 4147 75.48 -27.70 -42.58
N GLU B 4148 76.01 -28.67 -41.83
CA GLU B 4148 77.01 -28.44 -40.80
C GLU B 4148 78.18 -29.38 -41.02
N PRO B 4149 79.39 -29.00 -40.63
CA PRO B 4149 80.51 -29.92 -40.77
C PRO B 4149 80.36 -31.09 -39.82
N PRO B 4150 80.87 -32.27 -40.16
CA PRO B 4150 80.82 -33.38 -39.21
C PRO B 4150 81.80 -33.14 -38.07
N PRO B 4151 81.35 -33.14 -36.82
CA PRO B 4151 82.29 -32.85 -35.72
C PRO B 4151 83.34 -33.93 -35.58
N GLY B 4152 84.53 -33.51 -35.20
CA GLY B 4152 85.66 -34.40 -34.97
C GLY B 4152 86.95 -33.83 -35.50
N VAL B 4153 88.06 -34.19 -34.85
CA VAL B 4153 89.37 -33.78 -35.34
C VAL B 4153 89.67 -34.46 -36.67
N LYS B 4154 89.26 -35.72 -36.81
CA LYS B 4154 89.58 -36.49 -38.01
C LYS B 4154 89.02 -35.84 -39.26
N ALA B 4155 87.72 -35.49 -39.24
CA ALA B 4155 87.11 -34.85 -40.40
C ALA B 4155 87.72 -33.48 -40.65
N ASN B 4156 88.08 -32.77 -39.57
CA ASN B 4156 88.69 -31.45 -39.74
C ASN B 4156 90.03 -31.56 -40.46
N MET B 4157 90.87 -32.51 -40.06
CA MET B 4157 92.15 -32.70 -40.73
C MET B 4157 91.95 -33.16 -42.17
N LEU B 4158 90.96 -34.03 -42.41
CA LEU B 4158 90.70 -34.46 -43.77
C LEU B 4158 90.27 -33.30 -44.66
N ARG B 4159 89.41 -32.43 -44.14
CA ARG B 4159 88.99 -31.27 -44.91
C ARG B 4159 90.15 -30.33 -45.18
N THR B 4160 91.01 -30.14 -44.18
CA THR B 4160 92.17 -29.27 -44.37
C THR B 4160 93.11 -29.84 -45.44
N PHE B 4161 93.36 -31.15 -45.39
CA PHE B 4161 94.26 -31.75 -46.36
C PHE B 4161 93.66 -31.73 -47.77
N SER B 4162 92.35 -31.96 -47.88
CA SER B 4162 91.71 -31.90 -49.19
C SER B 4162 91.73 -30.49 -49.75
N SER B 4163 91.50 -29.49 -48.91
CA SER B 4163 91.48 -28.11 -49.39
C SER B 4163 92.83 -27.67 -49.91
N VAL B 4164 93.90 -28.07 -49.24
CA VAL B 4164 95.25 -27.66 -49.67
C VAL B 4164 95.60 -28.40 -50.95
N PRO B 4165 96.13 -27.74 -51.99
CA PRO B 4165 96.58 -28.49 -53.17
C PRO B 4165 97.72 -29.43 -52.85
N VAL B 4166 97.78 -30.54 -53.59
CA VAL B 4166 98.82 -31.53 -53.35
C VAL B 4166 100.20 -30.97 -53.70
N SER B 4167 100.28 -30.15 -54.75
CA SER B 4167 101.56 -29.61 -55.17
C SER B 4167 102.15 -28.69 -54.10
N ARG B 4168 101.30 -27.97 -53.38
CA ARG B 4168 101.79 -27.06 -52.34
C ARG B 4168 102.50 -27.84 -51.24
N ILE B 4169 101.90 -28.93 -50.77
CA ILE B 4169 102.53 -29.72 -49.72
C ILE B 4169 103.72 -30.50 -50.26
N CYS B 4170 103.66 -30.95 -51.51
CA CYS B 4170 104.72 -31.77 -52.07
C CYS B 4170 105.98 -30.98 -52.42
N LYS B 4171 105.95 -29.66 -52.33
CA LYS B 4171 107.11 -28.85 -52.69
C LYS B 4171 108.27 -29.12 -51.73
N SER B 4172 109.49 -29.01 -52.26
CA SER B 4172 110.67 -29.22 -51.45
C SER B 4172 110.83 -28.05 -50.46
N PRO B 4173 111.50 -28.27 -49.31
CA PRO B 4173 112.14 -29.51 -48.81
C PRO B 4173 111.13 -30.52 -48.29
N ASN B 4174 111.56 -31.76 -48.07
CA ASN B 4174 110.65 -32.83 -47.67
C ASN B 4174 110.02 -32.57 -46.30
N GLU B 4175 110.64 -31.76 -45.46
CA GLU B 4175 110.10 -31.52 -44.13
C GLU B 4175 108.80 -30.73 -44.14
N ARG B 4176 108.55 -29.98 -45.22
CA ARG B 4176 107.40 -29.06 -45.29
C ARG B 4176 106.10 -29.76 -44.93
N ALA B 4177 105.87 -30.94 -45.53
CA ALA B 4177 104.62 -31.65 -45.31
C ALA B 4177 104.38 -31.92 -43.83
N ARG B 4178 105.44 -32.31 -43.09
CA ARG B 4178 105.27 -32.57 -41.67
C ARG B 4178 104.78 -31.32 -40.96
N LEU B 4179 105.36 -30.16 -41.28
CA LEU B 4179 104.89 -28.92 -40.69
C LEU B 4179 103.43 -28.70 -40.99
N TYR B 4180 103.03 -28.94 -42.26
CA TYR B 4180 101.63 -28.79 -42.62
C TYR B 4180 100.75 -29.68 -41.77
N PHE B 4181 101.18 -30.93 -41.55
CA PHE B 4181 100.42 -31.83 -40.69
C PHE B 4181 100.25 -31.22 -39.31
N LEU B 4182 101.35 -30.73 -38.72
CA LEU B 4182 101.27 -30.09 -37.42
C LEU B 4182 100.31 -28.92 -37.49
N LEU B 4183 100.44 -28.09 -38.53
CA LEU B 4183 99.55 -26.95 -38.68
C LEU B 4183 98.11 -27.42 -38.77
N ALA B 4184 97.87 -28.46 -39.57
CA ALA B 4184 96.52 -29.01 -39.66
C ALA B 4184 96.04 -29.47 -38.31
N TRP B 4185 96.89 -30.21 -37.59
CA TRP B 4185 96.53 -30.67 -36.25
C TRP B 4185 96.23 -29.48 -35.37
N PHE B 4186 97.08 -28.45 -35.44
CA PHE B 4186 96.85 -27.26 -34.63
C PHE B 4186 95.50 -26.65 -34.98
N HIS B 4187 95.21 -26.51 -36.27
CA HIS B 4187 93.94 -25.90 -36.66
C HIS B 4187 92.77 -26.77 -36.23
N ALA B 4188 92.97 -28.08 -36.13
CA ALA B 4188 91.90 -28.92 -35.62
C ALA B 4188 91.70 -28.66 -34.13
N ILE B 4189 92.79 -28.61 -33.37
CA ILE B 4189 92.68 -28.62 -31.91
C ILE B 4189 92.01 -27.35 -31.43
N ILE B 4190 92.37 -26.20 -32.01
CA ILE B 4190 91.70 -24.98 -31.63
C ILE B 4190 90.24 -24.99 -32.06
N GLN B 4191 89.93 -25.60 -33.22
CA GLN B 4191 88.58 -25.49 -33.76
C GLN B 4191 87.60 -26.37 -32.99
N GLU B 4192 87.93 -27.65 -32.81
CA GLU B 4192 87.05 -28.55 -32.07
C GLU B 4192 86.84 -28.05 -30.65
N ARG B 4193 87.88 -27.43 -30.07
CA ARG B 4193 87.78 -26.88 -28.73
C ARG B 4193 86.70 -25.82 -28.63
N LEU B 4194 86.41 -25.11 -29.73
CA LEU B 4194 85.36 -24.11 -29.70
C LEU B 4194 84.00 -24.72 -29.39
N ARG B 4195 83.81 -26.02 -29.64
CA ARG B 4195 82.56 -26.66 -29.25
C ARG B 4195 82.35 -26.61 -27.74
N TYR B 4196 83.43 -26.74 -26.98
CA TYR B 4196 83.36 -26.87 -25.53
C TYR B 4196 83.48 -25.53 -24.81
N ALA B 4197 83.20 -24.42 -25.50
CA ALA B 4197 83.18 -23.14 -24.82
C ALA B 4197 82.03 -23.12 -23.81
N PRO B 4198 82.17 -22.39 -22.69
CA PRO B 4198 83.25 -21.47 -22.32
C PRO B 4198 84.48 -22.18 -21.74
N LEU B 4199 84.45 -23.50 -21.59
CA LEU B 4199 85.60 -24.20 -21.03
C LEU B 4199 86.76 -24.24 -22.01
N GLY B 4200 86.49 -24.58 -23.27
CA GLY B 4200 87.56 -24.67 -24.25
C GLY B 4200 88.20 -23.33 -24.55
N TRP B 4201 87.37 -22.31 -24.74
CA TRP B 4201 87.83 -20.94 -24.93
C TRP B 4201 86.93 -20.01 -24.12
N SER B 4202 87.44 -18.84 -23.79
CA SER B 4202 86.63 -17.86 -23.06
C SER B 4202 85.42 -17.42 -23.89
N LYS B 4203 85.57 -17.36 -25.21
CA LYS B 4203 84.48 -16.99 -26.09
C LYS B 4203 84.72 -17.63 -27.45
N LYS B 4204 83.66 -17.71 -28.24
CA LYS B 4204 83.70 -18.41 -29.53
C LYS B 4204 84.35 -17.50 -30.57
N TYR B 4205 85.62 -17.76 -30.86
CA TYR B 4205 86.33 -17.01 -31.89
C TYR B 4205 86.07 -17.61 -33.26
N GLU B 4206 86.34 -16.80 -34.28
CA GLU B 4206 86.11 -17.20 -35.67
C GLU B 4206 87.41 -17.67 -36.31
N PHE B 4207 87.91 -18.80 -35.81
CA PHE B 4207 89.09 -19.44 -36.39
C PHE B 4207 88.66 -20.16 -37.65
N GLY B 4208 88.64 -19.43 -38.77
CA GLY B 4208 88.16 -19.95 -40.04
C GLY B 4208 89.26 -20.36 -40.99
N GLU B 4209 88.90 -20.67 -42.23
CA GLU B 4209 89.88 -21.11 -43.22
C GLU B 4209 90.86 -20.00 -43.60
N SER B 4210 90.46 -18.74 -43.47
CA SER B 4210 91.37 -17.64 -43.82
C SER B 4210 92.62 -17.67 -42.96
N ASP B 4211 92.46 -17.95 -41.66
CA ASP B 4211 93.63 -18.12 -40.79
C ASP B 4211 94.50 -19.28 -41.27
N LEU B 4212 93.87 -20.37 -41.72
CA LEU B 4212 94.65 -21.51 -42.19
C LEU B 4212 95.47 -21.15 -43.42
N ARG B 4213 94.85 -20.45 -44.37
CA ARG B 4213 95.58 -20.03 -45.58
C ARG B 4213 96.70 -19.07 -45.23
N SER B 4214 96.46 -18.15 -44.30
CA SER B 4214 97.52 -17.25 -43.87
C SER B 4214 98.67 -18.01 -43.22
N ALA B 4215 98.36 -19.00 -42.39
CA ALA B 4215 99.41 -19.80 -41.77
C ALA B 4215 100.19 -20.58 -42.82
N CYS B 4216 99.50 -21.14 -43.82
CA CYS B 4216 100.20 -21.86 -44.88
C CYS B 4216 101.11 -20.94 -45.66
N ASP B 4217 100.65 -19.72 -45.95
CA ASP B 4217 101.50 -18.77 -46.65
C ASP B 4217 102.72 -18.40 -45.82
N THR B 4218 102.54 -18.22 -44.51
CA THR B 4218 103.66 -17.92 -43.63
C THR B 4218 104.68 -19.06 -43.64
N VAL B 4219 104.18 -20.31 -43.52
CA VAL B 4219 105.07 -21.46 -43.52
C VAL B 4219 105.82 -21.56 -44.83
N ASP B 4220 105.12 -21.35 -45.95
CA ASP B 4220 105.76 -21.42 -47.26
C ASP B 4220 106.85 -20.37 -47.38
N THR B 4221 106.55 -19.13 -46.98
CA THR B 4221 107.53 -18.06 -47.11
C THR B 4221 108.76 -18.33 -46.26
N TRP B 4222 108.55 -18.76 -45.02
CA TRP B 4222 109.69 -18.95 -44.13
C TRP B 4222 110.54 -20.14 -44.54
N LEU B 4223 109.90 -21.24 -44.98
CA LEU B 4223 110.70 -22.38 -45.42
C LEU B 4223 111.40 -22.10 -46.74
N ASP B 4224 110.78 -21.33 -47.64
CA ASP B 4224 111.48 -20.94 -48.86
C ASP B 4224 112.67 -20.05 -48.55
N ASP B 4225 112.53 -19.16 -47.56
CA ASP B 4225 113.65 -18.30 -47.18
C ASP B 4225 114.77 -19.10 -46.52
N THR B 4226 114.42 -20.02 -45.63
CA THR B 4226 115.45 -20.76 -44.88
C THR B 4226 116.14 -21.81 -45.74
N ALA B 4227 115.37 -22.59 -46.51
CA ALA B 4227 115.95 -23.69 -47.27
C ALA B 4227 116.72 -23.20 -48.49
N LYS B 4228 116.21 -22.18 -49.17
CA LYS B 4228 116.81 -21.65 -50.39
C LYS B 4228 116.93 -22.75 -51.46
N GLY B 4229 115.90 -23.59 -51.55
CA GLY B 4229 115.84 -24.61 -52.58
C GLY B 4229 116.45 -25.94 -52.21
N ARG B 4230 117.03 -26.07 -51.02
CA ARG B 4230 117.61 -27.34 -50.61
C ARG B 4230 116.51 -28.42 -50.52
N GLN B 4231 116.84 -29.61 -50.99
CA GLN B 4231 115.88 -30.71 -50.91
C GLN B 4231 115.57 -31.11 -49.48
N ASN B 4232 116.50 -30.86 -48.55
CA ASN B 4232 116.30 -31.17 -47.15
C ASN B 4232 116.93 -30.10 -46.29
N ILE B 4233 116.33 -29.88 -45.11
CA ILE B 4233 116.89 -29.03 -44.07
C ILE B 4233 116.70 -29.74 -42.74
N SER B 4234 117.67 -29.58 -41.85
CA SER B 4234 117.62 -30.25 -40.58
C SER B 4234 116.42 -29.73 -39.77
N PRO B 4235 115.87 -30.54 -38.85
CA PRO B 4235 114.77 -30.02 -38.02
C PRO B 4235 115.17 -28.80 -37.18
N ASP B 4236 116.43 -28.72 -36.77
CA ASP B 4236 116.87 -27.57 -35.98
C ASP B 4236 116.83 -26.29 -36.80
N LYS B 4237 117.18 -26.37 -38.08
CA LYS B 4237 117.23 -25.18 -38.92
C LYS B 4237 115.85 -24.60 -39.22
N ILE B 4238 114.77 -25.31 -38.92
CA ILE B 4238 113.44 -24.78 -39.18
C ILE B 4238 113.22 -23.54 -38.31
N PRO B 4239 112.76 -22.39 -38.85
CA PRO B 4239 112.58 -21.23 -37.98
C PRO B 4239 111.38 -21.39 -37.06
N TRP B 4240 111.57 -22.13 -35.97
CA TRP B 4240 110.47 -22.40 -35.05
C TRP B 4240 109.99 -21.12 -34.37
N SER B 4241 110.92 -20.23 -34.01
CA SER B 4241 110.55 -19.01 -33.31
C SER B 4241 109.65 -18.13 -34.17
N ALA B 4242 109.96 -18.02 -35.47
CA ALA B 4242 109.16 -17.20 -36.36
C ALA B 4242 107.74 -17.73 -36.46
N LEU B 4243 107.59 -19.05 -36.61
CA LEU B 4243 106.26 -19.64 -36.72
C LEU B 4243 105.48 -19.48 -35.42
N LYS B 4244 106.13 -19.74 -34.29
CA LYS B 4244 105.44 -19.62 -33.00
C LYS B 4244 104.96 -18.21 -32.77
N THR B 4245 105.83 -17.21 -33.00
CA THR B 4245 105.44 -15.82 -32.80
C THR B 4245 104.33 -15.42 -33.76
N LEU B 4246 104.44 -15.78 -35.03
CA LEU B 4246 103.49 -15.29 -36.02
C LEU B 4246 102.11 -15.90 -35.82
N MET B 4247 102.02 -17.23 -35.69
CA MET B 4247 100.72 -17.82 -35.38
C MET B 4247 100.28 -17.57 -33.94
N ALA B 4248 101.13 -17.00 -33.07
CA ALA B 4248 100.69 -16.59 -31.75
C ALA B 4248 100.19 -15.15 -31.70
N GLN B 4249 100.56 -14.31 -32.68
CA GLN B 4249 100.24 -12.89 -32.63
C GLN B 4249 99.55 -12.39 -33.90
N SER B 4250 99.92 -12.94 -35.07
CA SER B 4250 99.44 -12.45 -36.34
C SER B 4250 98.30 -13.27 -36.93
N ILE B 4251 98.45 -14.59 -37.02
CA ILE B 4251 97.49 -15.40 -37.75
C ILE B 4251 96.28 -15.71 -36.90
N TYR B 4252 96.47 -16.41 -35.79
CA TYR B 4252 95.38 -16.81 -34.90
C TYR B 4252 95.24 -15.90 -33.69
N GLY B 4253 96.34 -15.31 -33.21
CA GLY B 4253 96.28 -14.47 -32.03
C GLY B 4253 95.66 -13.11 -32.25
N GLY B 4254 95.54 -12.67 -33.50
CA GLY B 4254 94.91 -11.40 -33.76
C GLY B 4254 93.47 -11.36 -33.30
N ARG B 4255 92.74 -12.46 -33.51
CA ARG B 4255 91.35 -12.53 -33.06
C ARG B 4255 91.23 -12.66 -31.55
N VAL B 4256 92.27 -13.16 -30.88
CA VAL B 4256 92.19 -13.40 -29.44
C VAL B 4256 92.37 -12.08 -28.71
N ASP B 4257 91.40 -11.73 -27.88
CA ASP B 4257 91.43 -10.52 -27.06
C ASP B 4257 91.68 -10.82 -25.59
N ASN B 4258 91.11 -11.92 -25.07
CA ASN B 4258 91.40 -12.33 -23.70
C ASN B 4258 92.87 -12.69 -23.57
N GLU B 4259 93.51 -12.23 -22.51
CA GLU B 4259 94.92 -12.58 -22.28
C GLU B 4259 95.07 -14.05 -21.95
N PHE B 4260 94.07 -14.66 -21.30
CA PHE B 4260 94.19 -16.05 -20.90
C PHE B 4260 94.05 -16.98 -22.11
N ASP B 4261 93.17 -16.64 -23.06
CA ASP B 4261 93.13 -17.40 -24.29
C ASP B 4261 94.41 -17.22 -25.10
N GLN B 4262 95.02 -16.04 -25.05
CA GLN B 4262 96.32 -15.86 -25.67
C GLN B 4262 97.36 -16.75 -25.03
N ARG B 4263 97.32 -16.87 -23.71
CA ARG B 4263 98.24 -17.78 -23.01
C ARG B 4263 98.00 -19.22 -23.45
N LEU B 4264 96.73 -19.61 -23.59
CA LEU B 4264 96.42 -20.97 -24.03
C LEU B 4264 96.94 -21.22 -25.44
N LEU B 4265 96.77 -20.26 -26.33
CA LEU B 4265 97.29 -20.39 -27.69
C LEU B 4265 98.81 -20.50 -27.68
N ASN B 4266 99.47 -19.70 -26.83
CA ASN B 4266 100.92 -19.79 -26.70
C ASN B 4266 101.34 -21.17 -26.23
N THR B 4267 100.62 -21.74 -25.26
CA THR B 4267 100.93 -23.08 -24.77
C THR B 4267 100.80 -24.11 -25.89
N PHE B 4268 99.71 -24.02 -26.66
CA PHE B 4268 99.52 -24.98 -27.76
C PHE B 4268 100.64 -24.86 -28.79
N LEU B 4269 100.98 -23.64 -29.19
CA LEU B 4269 102.02 -23.46 -30.20
C LEU B 4269 103.38 -23.91 -29.69
N GLU B 4270 103.70 -23.64 -28.43
CA GLU B 4270 104.98 -24.07 -27.88
C GLU B 4270 105.03 -25.58 -27.72
N ARG B 4271 103.89 -26.22 -27.43
CA ARG B 4271 103.88 -27.67 -27.30
C ARG B 4271 104.04 -28.35 -28.66
N LEU B 4272 103.40 -27.80 -29.69
CA LEU B 4272 103.41 -28.43 -31.01
C LEU B 4272 104.64 -28.02 -31.83
N PHE B 4273 104.77 -26.72 -32.11
CA PHE B 4273 105.81 -26.23 -33.02
C PHE B 4273 107.13 -26.23 -32.26
N THR B 4274 107.90 -27.30 -32.43
CA THR B 4274 109.22 -27.39 -31.84
C THR B 4274 110.00 -28.47 -32.58
N THR B 4275 111.32 -28.47 -32.37
CA THR B 4275 112.16 -29.46 -33.03
C THR B 4275 111.78 -30.89 -32.63
N ARG B 4276 111.36 -31.07 -31.37
CA ARG B 4276 110.98 -32.40 -30.90
C ARG B 4276 109.75 -32.96 -31.62
N SER B 4277 109.01 -32.12 -32.36
CA SER B 4277 107.95 -32.64 -33.21
C SER B 4277 108.49 -33.60 -34.26
N PHE B 4278 109.74 -33.41 -34.70
CA PHE B 4278 110.33 -34.28 -35.70
C PHE B 4278 110.90 -35.58 -35.13
N ASP B 4279 110.90 -35.74 -33.81
CA ASP B 4279 111.27 -37.01 -33.21
C ASP B 4279 110.14 -38.03 -33.40
N SER B 4280 110.53 -39.29 -33.59
CA SER B 4280 109.54 -40.34 -33.80
C SER B 4280 108.71 -40.61 -32.56
N GLU B 4281 109.19 -40.24 -31.38
CA GLU B 4281 108.48 -40.50 -30.13
C GLU B 4281 107.56 -39.37 -29.70
N PHE B 4282 107.39 -38.34 -30.52
CA PHE B 4282 106.59 -37.18 -30.12
C PHE B 4282 105.14 -37.58 -29.92
N LYS B 4283 104.51 -36.94 -28.94
CA LYS B 4283 103.11 -37.22 -28.56
C LYS B 4283 102.28 -35.99 -28.87
N LEU B 4284 101.38 -36.11 -29.83
CA LEU B 4284 100.51 -34.98 -30.18
C LEU B 4284 99.58 -34.62 -29.03
N ALA B 4285 99.05 -35.64 -28.35
CA ALA B 4285 98.17 -35.43 -27.20
C ALA B 4285 98.51 -36.47 -26.15
N CYS B 4286 98.95 -36.02 -24.98
CA CYS B 4286 99.37 -36.91 -23.92
C CYS B 4286 98.17 -37.33 -23.06
N LYS B 4287 98.31 -38.51 -22.45
CA LYS B 4287 97.33 -39.09 -21.52
C LYS B 4287 95.90 -39.02 -22.08
N VAL B 4288 95.76 -39.43 -23.34
CA VAL B 4288 94.44 -39.52 -23.94
C VAL B 4288 93.62 -40.55 -23.18
N ASP B 4289 92.48 -40.12 -22.66
CA ASP B 4289 91.64 -40.93 -21.77
C ASP B 4289 92.35 -41.28 -20.46
N GLY B 4290 93.41 -40.55 -20.11
CA GLY B 4290 94.13 -40.76 -18.88
C GLY B 4290 95.12 -41.90 -18.88
N HIS B 4291 95.13 -42.74 -19.92
CA HIS B 4291 95.99 -43.92 -19.97
C HIS B 4291 96.76 -44.03 -21.29
N LYS B 4292 96.17 -43.55 -22.38
CA LYS B 4292 96.71 -43.73 -23.73
C LYS B 4292 97.21 -42.40 -24.28
N ASP B 4293 97.99 -42.49 -25.36
CA ASP B 4293 98.59 -41.34 -26.00
C ASP B 4293 98.50 -41.49 -27.51
N ILE B 4294 98.62 -40.36 -28.20
CA ILE B 4294 98.61 -40.31 -29.67
C ILE B 4294 100.00 -39.90 -30.12
N GLN B 4295 100.60 -40.72 -31.00
CA GLN B 4295 101.96 -40.52 -31.47
C GLN B 4295 101.98 -39.84 -32.83
N MET B 4296 103.05 -39.10 -33.08
CA MET B 4296 103.23 -38.48 -34.38
C MET B 4296 103.41 -39.56 -35.45
N PRO B 4297 102.90 -39.37 -36.67
CA PRO B 4297 103.25 -40.31 -37.74
C PRO B 4297 104.73 -40.26 -38.03
N ASP B 4298 105.29 -41.43 -38.36
CA ASP B 4298 106.72 -41.56 -38.66
C ASP B 4298 107.05 -41.32 -40.13
N GLY B 4299 106.05 -41.06 -40.97
CA GLY B 4299 106.30 -40.82 -42.37
C GLY B 4299 106.76 -39.41 -42.66
N ILE B 4300 107.08 -39.16 -43.93
CA ILE B 4300 107.54 -37.86 -44.38
C ILE B 4300 106.74 -37.32 -45.56
N ARG B 4301 106.06 -38.15 -46.35
CA ARG B 4301 105.28 -37.70 -47.48
C ARG B 4301 103.88 -37.31 -47.04
N ARG B 4302 103.16 -36.62 -47.94
CA ARG B 4302 101.78 -36.25 -47.66
C ARG B 4302 100.89 -37.48 -47.50
N GLU B 4303 101.12 -38.50 -48.34
CA GLU B 4303 100.25 -39.67 -48.32
C GLU B 4303 100.32 -40.41 -46.99
N GLU B 4304 101.51 -40.45 -46.38
CA GLU B 4304 101.63 -41.11 -45.08
C GLU B 4304 100.80 -40.40 -44.02
N PHE B 4305 100.86 -39.07 -43.99
CA PHE B 4305 100.05 -38.32 -43.02
C PHE B 4305 98.57 -38.48 -43.29
N VAL B 4306 98.17 -38.46 -44.57
CA VAL B 4306 96.76 -38.62 -44.90
C VAL B 4306 96.27 -40.00 -44.49
N GLN B 4307 97.07 -41.03 -44.72
CA GLN B 4307 96.71 -42.38 -44.29
C GLN B 4307 96.62 -42.47 -42.77
N TRP B 4308 97.55 -41.82 -42.07
CA TRP B 4308 97.50 -41.82 -40.61
C TRP B 4308 96.22 -41.15 -40.11
N VAL B 4309 95.82 -40.05 -40.75
CA VAL B 4309 94.56 -39.40 -40.39
C VAL B 4309 93.38 -40.32 -40.66
N GLU B 4310 93.38 -40.96 -41.83
CA GLU B 4310 92.27 -41.85 -42.17
C GLU B 4310 92.17 -43.03 -41.23
N LEU B 4311 93.30 -43.46 -40.66
CA LEU B 4311 93.34 -44.61 -39.77
C LEU B 4311 93.13 -44.23 -38.30
N LEU B 4312 92.78 -42.98 -38.02
CA LEU B 4312 92.58 -42.57 -36.63
C LEU B 4312 91.34 -43.25 -36.07
N PRO B 4313 91.26 -43.46 -34.75
CA PRO B 4313 90.03 -44.02 -34.16
C PRO B 4313 88.85 -43.07 -34.33
N ASP B 4314 87.67 -43.65 -34.47
CA ASP B 4314 86.45 -42.87 -34.59
C ASP B 4314 85.96 -42.33 -33.25
N THR B 4315 86.38 -42.94 -32.13
CA THR B 4315 85.91 -42.55 -30.81
C THR B 4315 86.83 -41.45 -30.27
N GLN B 4316 86.34 -40.21 -30.31
CA GLN B 4316 87.09 -39.04 -29.88
C GLN B 4316 86.50 -38.52 -28.58
N THR B 4317 87.37 -38.27 -27.60
CA THR B 4317 87.02 -37.67 -26.32
C THR B 4317 87.64 -36.27 -26.22
N PRO B 4318 87.22 -35.47 -25.23
CA PRO B 4318 87.85 -34.16 -25.06
C PRO B 4318 89.34 -34.22 -24.76
N SER B 4319 89.84 -35.34 -24.23
CA SER B 4319 91.26 -35.45 -23.90
C SER B 4319 92.16 -35.34 -25.12
N TRP B 4320 91.61 -35.54 -26.32
CA TRP B 4320 92.39 -35.30 -27.53
C TRP B 4320 92.81 -33.84 -27.63
N LEU B 4321 91.94 -32.92 -27.21
CA LEU B 4321 92.19 -31.49 -27.27
C LEU B 4321 92.85 -30.93 -26.02
N GLY B 4322 93.13 -31.77 -25.02
CA GLY B 4322 93.67 -31.31 -23.75
C GLY B 4322 92.64 -31.05 -22.68
N LEU B 4323 91.36 -30.96 -23.04
CA LEU B 4323 90.31 -30.78 -22.06
C LEU B 4323 90.12 -32.07 -21.27
N PRO B 4324 89.49 -32.00 -20.09
CA PRO B 4324 89.16 -33.24 -19.37
C PRO B 4324 87.93 -33.90 -19.96
N ASN B 4325 87.82 -35.21 -19.70
CA ASN B 4325 86.74 -35.99 -20.29
C ASN B 4325 85.37 -35.47 -19.86
N ASN B 4326 85.24 -35.07 -18.59
CA ASN B 4326 83.96 -34.59 -18.08
C ASN B 4326 83.53 -33.29 -18.75
N ALA B 4327 84.41 -32.62 -19.49
CA ALA B 4327 83.99 -31.50 -20.32
C ALA B 4327 82.83 -31.92 -21.23
N GLU B 4328 82.93 -33.11 -21.82
CA GLU B 4328 81.81 -33.64 -22.60
C GLU B 4328 80.56 -33.72 -21.73
N ARG B 4329 80.71 -34.28 -20.52
CA ARG B 4329 79.59 -34.35 -19.59
C ARG B 4329 79.03 -32.96 -19.28
N VAL B 4330 79.88 -31.93 -19.30
CA VAL B 4330 79.38 -30.58 -19.14
C VAL B 4330 78.58 -30.17 -20.36
N LEU B 4331 79.16 -30.37 -21.56
CA LEU B 4331 78.56 -29.83 -22.78
C LEU B 4331 77.15 -30.37 -22.97
N LEU B 4332 77.01 -31.69 -22.82
CA LEU B 4332 75.70 -32.32 -22.97
C LEU B 4332 74.67 -31.69 -22.03
N THR B 4333 75.03 -31.51 -20.75
CA THR B 4333 74.01 -30.99 -19.84
C THR B 4333 73.65 -29.56 -20.20
N THR B 4334 74.61 -28.79 -20.72
CA THR B 4334 74.28 -27.46 -21.24
C THR B 4334 73.25 -27.60 -22.34
N GLN B 4335 73.52 -28.45 -23.33
CA GLN B 4335 72.56 -28.70 -24.38
C GLN B 4335 71.26 -29.26 -23.80
N GLY B 4336 71.37 -30.06 -22.73
CA GLY B 4336 70.17 -30.56 -22.10
C GLY B 4336 69.28 -29.44 -21.61
N VAL B 4337 69.86 -28.47 -20.92
CA VAL B 4337 69.09 -27.31 -20.52
C VAL B 4337 68.61 -26.56 -21.75
N ASP B 4338 69.48 -26.45 -22.75
CA ASP B 4338 69.11 -25.80 -24.00
C ASP B 4338 67.92 -26.47 -24.66
N MET B 4339 67.74 -27.78 -24.40
CA MET B 4339 66.52 -28.44 -24.87
C MET B 4339 65.31 -27.91 -24.12
N ILE B 4340 65.33 -28.01 -22.78
CA ILE B 4340 64.11 -27.78 -21.99
C ILE B 4340 63.65 -26.33 -22.17
N SER B 4341 64.58 -25.39 -22.04
CA SER B 4341 64.25 -23.98 -22.24
C SER B 4341 63.64 -23.75 -23.61
N LYS B 4342 64.20 -24.39 -24.65
CA LYS B 4342 63.63 -24.25 -25.98
C LYS B 4342 62.19 -24.76 -26.00
N MET B 4343 61.95 -25.91 -25.36
CA MET B 4343 60.59 -26.42 -25.30
C MET B 4343 59.68 -25.47 -24.53
N LEU B 4344 60.23 -24.74 -23.55
CA LEU B 4344 59.42 -23.77 -22.84
C LEU B 4344 59.01 -22.63 -23.75
N LYS B 4345 59.85 -22.29 -24.73
CA LYS B 4345 59.46 -21.31 -25.72
C LYS B 4345 58.43 -21.85 -26.71
N MET B 4346 58.17 -23.16 -26.68
CA MET B 4346 57.17 -23.80 -27.53
C MET B 4346 55.92 -24.20 -26.76
N GLN B 4347 55.92 -24.08 -25.43
CA GLN B 4347 54.88 -24.73 -24.65
C GLN B 4347 53.52 -24.09 -24.86
N MET B 4348 53.46 -22.76 -25.06
CA MET B 4348 52.19 -22.05 -25.06
C MET B 4348 51.99 -21.05 -26.20
N LEU B 4349 52.94 -20.91 -27.13
CA LEU B 4349 52.63 -20.14 -28.33
C LEU B 4349 51.87 -21.03 -29.32
N GLU B 4350 52.23 -22.31 -29.39
CA GLU B 4350 51.42 -23.27 -30.13
C GLU B 4350 50.13 -23.56 -29.38
N ASP B 4351 50.22 -23.79 -28.07
CA ASP B 4351 49.08 -24.18 -27.25
C ASP B 4351 48.38 -22.92 -26.76
N GLU B 4352 47.11 -22.75 -27.14
CA GLU B 4352 46.28 -21.65 -26.66
C GLU B 4352 44.90 -22.24 -26.38
N ASP B 4353 44.71 -22.69 -25.14
CA ASP B 4353 43.48 -23.38 -24.75
C ASP B 4353 42.48 -22.42 -24.14
N ALA B 4375 44.02 -21.31 -19.46
CA ALA B 4375 44.71 -22.09 -18.44
C ALA B 4375 46.16 -21.64 -18.27
N TRP B 4376 46.73 -21.02 -19.29
CA TRP B 4376 48.10 -20.53 -19.18
C TRP B 4376 48.19 -19.41 -18.15
N MET B 4377 47.18 -18.56 -18.08
CA MET B 4377 47.15 -17.53 -17.05
C MET B 4377 46.80 -18.09 -15.68
N ARG B 4378 46.10 -19.23 -15.62
CA ARG B 4378 45.81 -19.86 -14.34
C ARG B 4378 47.10 -20.32 -13.65
N THR B 4379 48.04 -20.88 -14.41
CA THR B 4379 49.32 -21.27 -13.86
C THR B 4379 50.27 -20.07 -13.72
N LEU B 4380 50.21 -19.13 -14.65
CA LEU B 4380 51.07 -17.95 -14.55
C LEU B 4380 50.73 -17.12 -13.33
N HIS B 4381 49.46 -17.10 -12.93
CA HIS B 4381 49.06 -16.41 -11.71
C HIS B 4381 49.80 -16.99 -10.50
N THR B 4382 49.79 -18.31 -10.36
CA THR B 4382 50.47 -18.95 -9.25
C THR B 4382 51.98 -18.73 -9.33
N THR B 4383 52.55 -18.81 -10.53
CA THR B 4383 53.99 -18.62 -10.69
C THR B 4383 54.40 -17.21 -10.28
N ALA B 4384 53.66 -16.20 -10.76
CA ALA B 4384 53.99 -14.82 -10.40
C ALA B 4384 53.74 -14.56 -8.93
N SER B 4385 52.72 -15.19 -8.34
CA SER B 4385 52.48 -15.05 -6.92
C SER B 4385 53.66 -15.59 -6.11
N ASN B 4386 54.17 -16.77 -6.50
CA ASN B 4386 55.33 -17.34 -5.82
C ASN B 4386 56.55 -16.44 -6.00
N TRP B 4387 56.74 -15.90 -7.20
CA TRP B 4387 57.90 -15.03 -7.42
C TRP B 4387 57.80 -13.75 -6.59
N LEU B 4388 56.60 -13.18 -6.46
CA LEU B 4388 56.43 -12.03 -5.58
C LEU B 4388 56.72 -12.40 -4.14
N HIS B 4389 56.25 -13.58 -3.71
CA HIS B 4389 56.47 -14.00 -2.33
C HIS B 4389 57.95 -14.22 -2.04
N LEU B 4390 58.70 -14.72 -3.02
CA LEU B 4390 60.12 -14.98 -2.82
C LEU B 4390 60.89 -13.69 -2.59
N ILE B 4391 60.70 -12.71 -3.47
CA ILE B 4391 61.51 -11.48 -3.41
C ILE B 4391 61.13 -10.70 -2.14
N PRO B 4392 62.09 -10.17 -1.37
CA PRO B 4392 61.71 -9.32 -0.25
C PRO B 4392 61.00 -8.06 -0.71
N GLN B 4393 60.13 -7.54 0.14
CA GLN B 4393 59.28 -6.41 -0.24
C GLN B 4393 60.09 -5.14 -0.47
N THR B 4394 61.15 -4.92 0.30
CA THR B 4394 61.94 -3.70 0.21
C THR B 4394 63.39 -3.99 0.53
N LEU B 4395 64.26 -3.06 0.12
CA LEU B 4395 65.67 -3.06 0.48
C LEU B 4395 65.98 -1.72 1.13
N SER B 4396 66.22 -1.73 2.43
CA SER B 4396 66.49 -0.50 3.16
C SER B 4396 67.77 0.16 2.65
N HIS B 4397 67.70 1.46 2.40
CA HIS B 4397 68.84 2.20 1.90
C HIS B 4397 69.80 2.54 3.04
N LEU B 4398 71.08 2.58 2.71
CA LEU B 4398 72.11 2.86 3.72
C LEU B 4398 72.08 4.33 4.11
N LYS B 4399 72.41 4.59 5.38
CA LYS B 4399 72.38 5.95 5.93
C LYS B 4399 73.77 6.56 5.78
N ARG B 4400 73.93 7.39 4.75
CA ARG B 4400 75.19 8.08 4.54
C ARG B 4400 75.42 9.09 5.66
N THR B 4401 76.66 9.14 6.16
CA THR B 4401 77.07 10.11 7.16
C THR B 4401 78.45 10.64 6.77
N VAL B 4402 78.94 11.61 7.55
CA VAL B 4402 80.24 12.18 7.28
C VAL B 4402 81.35 11.16 7.57
N ASP B 4403 81.19 10.36 8.63
CA ASP B 4403 82.25 9.45 9.02
C ASP B 4403 82.37 8.28 8.06
N ASN B 4404 81.25 7.68 7.67
CA ASN B 4404 81.29 6.45 6.89
C ASN B 4404 81.56 6.67 5.41
N ILE B 4405 81.37 7.90 4.90
CA ILE B 4405 81.62 8.14 3.48
C ILE B 4405 83.10 7.99 3.17
N LYS B 4406 83.97 8.25 4.15
CA LYS B 4406 85.40 8.04 3.94
C LYS B 4406 85.73 6.57 3.70
N ASP B 4407 84.89 5.65 4.16
CA ASP B 4407 85.12 4.24 3.93
C ASP B 4407 84.82 3.90 2.47
N PRO B 4408 85.77 3.33 1.70
CA PRO B 4408 85.41 2.88 0.35
C PRO B 4408 84.36 1.79 0.35
N LEU B 4409 84.36 0.93 1.37
CA LEU B 4409 83.41 -0.16 1.43
C LEU B 4409 81.98 0.37 1.53
N PHE B 4410 81.76 1.41 2.33
CA PHE B 4410 80.43 1.98 2.44
C PHE B 4410 80.00 2.56 1.10
N ARG B 4411 80.91 3.22 0.38
CA ARG B 4411 80.55 3.78 -0.92
C ARG B 4411 80.13 2.69 -1.88
N PHE B 4412 80.90 1.59 -1.92
CA PHE B 4412 80.56 0.49 -2.81
C PHE B 4412 79.20 -0.12 -2.45
N PHE B 4413 78.98 -0.39 -1.16
CA PHE B 4413 77.73 -1.01 -0.75
C PHE B 4413 76.54 -0.06 -0.91
N GLU B 4414 76.76 1.25 -0.76
CA GLU B 4414 75.69 2.21 -1.01
C GLU B 4414 75.30 2.19 -2.48
N ARG B 4415 76.28 2.18 -3.38
CA ARG B 4415 75.96 2.11 -4.80
C ARG B 4415 75.23 0.80 -5.12
N GLU B 4416 75.70 -0.31 -4.55
CA GLU B 4416 75.05 -1.60 -4.78
C GLU B 4416 73.62 -1.60 -4.27
N VAL B 4417 73.39 -1.05 -3.08
CA VAL B 4417 72.06 -1.02 -2.50
C VAL B 4417 71.14 -0.14 -3.34
N LYS B 4418 71.66 0.98 -3.84
CA LYS B 4418 70.85 1.85 -4.69
C LYS B 4418 70.40 1.13 -5.94
N MET B 4419 71.35 0.50 -6.65
CA MET B 4419 71.00 -0.22 -7.87
C MET B 4419 70.04 -1.37 -7.58
N GLY B 4420 70.30 -2.12 -6.52
CA GLY B 4420 69.45 -3.25 -6.18
C GLY B 4420 68.04 -2.83 -5.80
N ALA B 4421 67.92 -1.74 -5.03
CA ALA B 4421 66.60 -1.26 -4.65
C ALA B 4421 65.82 -0.77 -5.86
N ARG B 4422 66.47 -0.04 -6.76
CA ARG B 4422 65.78 0.43 -7.96
C ARG B 4422 65.27 -0.73 -8.79
N LEU B 4423 66.15 -1.69 -9.08
CA LEU B 4423 65.75 -2.86 -9.87
C LEU B 4423 64.70 -3.70 -9.12
N LEU B 4424 64.76 -3.72 -7.79
CA LEU B 4424 63.78 -4.44 -6.99
C LEU B 4424 62.40 -3.82 -7.16
N GLN B 4425 62.30 -2.50 -7.08
CA GLN B 4425 61.01 -1.84 -7.29
C GLN B 4425 60.50 -2.12 -8.69
N ASP B 4426 61.40 -2.10 -9.69
CA ASP B 4426 61.00 -2.37 -11.06
C ASP B 4426 60.37 -3.75 -11.17
N VAL B 4427 61.07 -4.78 -10.68
CA VAL B 4427 60.58 -6.14 -10.83
C VAL B 4427 59.29 -6.35 -10.04
N ARG B 4428 59.21 -5.78 -8.83
CA ARG B 4428 58.02 -5.97 -8.01
C ARG B 4428 56.81 -5.33 -8.67
N GLN B 4429 56.97 -4.13 -9.24
CA GLN B 4429 55.86 -3.51 -9.94
C GLN B 4429 55.44 -4.34 -11.15
N ASP B 4430 56.42 -4.86 -11.91
CA ASP B 4430 56.08 -5.65 -13.08
C ASP B 4430 55.31 -6.92 -12.69
N LEU B 4431 55.76 -7.62 -11.66
CA LEU B 4431 55.08 -8.83 -11.24
C LEU B 4431 53.70 -8.54 -10.68
N ALA B 4432 53.56 -7.43 -9.95
CA ALA B 4432 52.23 -7.04 -9.46
C ALA B 4432 51.28 -6.77 -10.62
N ASP B 4433 51.76 -6.09 -11.66
CA ASP B 4433 50.92 -5.86 -12.83
C ASP B 4433 50.57 -7.16 -13.53
N VAL B 4434 51.51 -8.10 -13.60
CA VAL B 4434 51.23 -9.38 -14.24
C VAL B 4434 50.14 -10.13 -13.47
N VAL B 4435 50.25 -10.16 -12.15
CA VAL B 4435 49.23 -10.85 -11.34
C VAL B 4435 47.89 -10.16 -11.47
N GLN B 4436 47.88 -8.83 -11.54
CA GLN B 4436 46.63 -8.12 -11.74
C GLN B 4436 46.00 -8.46 -13.08
N VAL B 4437 46.83 -8.58 -14.13
CA VAL B 4437 46.31 -8.97 -15.44
C VAL B 4437 45.72 -10.37 -15.38
N CYS B 4438 46.42 -11.30 -14.72
CA CYS B 4438 45.92 -12.67 -14.64
C CYS B 4438 44.59 -12.77 -13.88
N GLU B 4439 44.32 -11.82 -12.98
CA GLU B 4439 43.05 -11.78 -12.26
C GLU B 4439 41.95 -11.04 -13.01
N GLY B 4440 42.26 -10.38 -14.12
CA GLY B 4440 41.31 -9.57 -14.85
C GLY B 4440 41.21 -8.13 -14.39
N LYS B 4441 41.90 -7.77 -13.29
CA LYS B 4441 41.85 -6.40 -12.81
C LYS B 4441 42.42 -5.42 -13.83
N LYS B 4442 43.55 -5.79 -14.46
CA LYS B 4442 44.28 -4.90 -15.35
C LYS B 4442 44.21 -5.44 -16.79
N LYS B 4443 44.10 -4.52 -17.74
CA LYS B 4443 44.10 -4.88 -19.14
C LYS B 4443 45.53 -5.11 -19.64
N GLN B 4444 45.64 -5.81 -20.77
CA GLN B 4444 46.94 -6.16 -21.35
C GLN B 4444 47.40 -5.01 -22.24
N THR B 4445 48.33 -4.20 -21.75
CA THR B 4445 48.97 -3.21 -22.59
C THR B 4445 50.00 -3.89 -23.49
N ASN B 4446 50.57 -3.11 -24.41
CA ASN B 4446 51.56 -3.66 -25.33
C ASN B 4446 52.80 -4.12 -24.58
N TYR B 4447 53.35 -3.26 -23.71
CA TYR B 4447 54.49 -3.66 -22.90
C TYR B 4447 54.12 -4.81 -21.98
N LEU B 4448 52.94 -4.73 -21.35
CA LEU B 4448 52.52 -5.82 -20.48
C LEU B 4448 52.34 -7.11 -21.26
N ARG B 4449 51.72 -7.03 -22.45
CA ARG B 4449 51.50 -8.23 -23.24
C ARG B 4449 52.83 -8.88 -23.65
N THR B 4450 53.81 -8.05 -24.04
CA THR B 4450 55.14 -8.59 -24.30
C THR B 4450 55.73 -9.23 -23.05
N LEU B 4451 55.48 -8.65 -21.88
CA LEU B 4451 56.00 -9.22 -20.65
C LEU B 4451 55.38 -10.59 -20.37
N ILE B 4452 54.06 -10.73 -20.57
CA ILE B 4452 53.44 -12.04 -20.39
C ILE B 4452 54.00 -13.03 -21.41
N ASN B 4453 54.24 -12.57 -22.64
CA ASN B 4453 54.81 -13.45 -23.65
C ASN B 4453 56.18 -13.98 -23.21
N GLU B 4454 57.01 -13.11 -22.64
CA GLU B 4454 58.32 -13.56 -22.18
C GLU B 4454 58.22 -14.45 -20.95
N LEU B 4455 57.41 -14.06 -19.96
CA LEU B 4455 57.35 -14.81 -18.71
C LEU B 4455 56.74 -16.19 -18.92
N VAL B 4456 55.71 -16.30 -19.77
CA VAL B 4456 55.08 -17.60 -20.01
C VAL B 4456 56.08 -18.56 -20.64
N LYS B 4457 56.94 -18.05 -21.52
CA LYS B 4457 57.91 -18.87 -22.23
C LYS B 4457 59.21 -19.07 -21.44
N GLY B 4458 59.35 -18.46 -20.27
CA GLY B 4458 60.58 -18.57 -19.52
C GLY B 4458 61.70 -17.68 -20.00
N ILE B 4459 61.44 -16.79 -20.94
CA ILE B 4459 62.47 -15.87 -21.42
C ILE B 4459 62.66 -14.76 -20.40
N LEU B 4460 63.90 -14.35 -20.19
CA LEU B 4460 64.19 -13.21 -19.33
C LEU B 4460 63.88 -11.93 -20.10
N PRO B 4461 62.96 -11.08 -19.64
CA PRO B 4461 62.71 -9.83 -20.38
C PRO B 4461 63.93 -8.91 -20.38
N ARG B 4462 64.05 -8.13 -21.46
CA ARG B 4462 65.11 -7.13 -21.54
C ARG B 4462 64.95 -6.07 -20.46
N SER B 4463 63.70 -5.77 -20.06
CA SER B 4463 63.45 -4.77 -19.04
C SER B 4463 64.00 -5.15 -17.67
N TRP B 4464 64.35 -6.42 -17.46
CA TRP B 4464 64.86 -6.89 -16.17
C TRP B 4464 66.37 -6.96 -16.10
N SER B 4465 67.06 -7.03 -17.24
CA SER B 4465 68.52 -7.20 -17.26
C SER B 4465 69.18 -5.82 -17.23
N HIS B 4466 69.72 -5.46 -16.06
CA HIS B 4466 70.53 -4.26 -15.90
C HIS B 4466 71.86 -4.51 -15.22
N TYR B 4467 72.17 -5.76 -14.87
CA TYR B 4467 73.52 -6.15 -14.46
C TYR B 4467 73.92 -7.38 -15.26
N THR B 4468 75.22 -7.59 -15.37
CA THR B 4468 75.74 -8.67 -16.21
C THR B 4468 75.28 -10.02 -15.68
N VAL B 4469 74.74 -10.84 -16.59
CA VAL B 4469 74.26 -12.18 -16.26
C VAL B 4469 74.59 -13.12 -17.41
N PRO B 4470 74.55 -14.43 -17.17
CA PRO B 4470 74.68 -15.38 -18.28
C PRO B 4470 73.59 -15.18 -19.32
N ALA B 4471 73.98 -15.31 -20.59
CA ALA B 4471 73.02 -15.24 -21.68
C ALA B 4471 72.22 -16.53 -21.76
N GLY B 4472 70.94 -16.39 -22.10
CA GLY B 4472 70.07 -17.54 -22.24
C GLY B 4472 69.52 -18.08 -20.93
N MET B 4473 69.60 -17.33 -19.84
CA MET B 4473 69.10 -17.81 -18.55
C MET B 4473 67.57 -17.72 -18.53
N THR B 4474 66.94 -18.72 -17.93
CA THR B 4474 65.51 -18.65 -17.69
C THR B 4474 65.23 -17.64 -16.57
N VAL B 4475 63.95 -17.52 -16.20
CA VAL B 4475 63.55 -16.49 -15.25
C VAL B 4475 63.68 -16.99 -13.81
N ILE B 4476 63.48 -18.29 -13.57
CA ILE B 4476 63.57 -18.80 -12.20
C ILE B 4476 64.98 -18.63 -11.65
N GLN B 4477 65.99 -18.94 -12.44
CA GLN B 4477 67.36 -18.76 -11.97
C GLN B 4477 67.63 -17.29 -11.69
N TRP B 4478 67.09 -16.41 -12.54
CA TRP B 4478 67.30 -14.98 -12.36
C TRP B 4478 66.66 -14.48 -11.08
N VAL B 4479 65.43 -14.89 -10.78
CA VAL B 4479 64.78 -14.42 -9.56
C VAL B 4479 65.39 -15.07 -8.32
N SER B 4480 65.91 -16.30 -8.44
CA SER B 4480 66.60 -16.91 -7.30
C SER B 4480 67.89 -16.17 -6.98
N ASP B 4481 68.68 -15.86 -8.02
CA ASP B 4481 69.86 -15.03 -7.81
C ASP B 4481 69.47 -13.66 -7.26
N PHE B 4482 68.32 -13.13 -7.70
CA PHE B 4482 67.81 -11.88 -7.16
C PHE B 4482 67.57 -11.99 -5.66
N SER B 4483 66.90 -13.06 -5.24
CA SER B 4483 66.61 -13.24 -3.82
C SER B 4483 67.89 -13.33 -3.01
N GLU B 4484 68.87 -14.09 -3.51
CA GLU B 4484 70.14 -14.20 -2.79
C GLU B 4484 70.85 -12.86 -2.70
N ARG B 4485 70.90 -12.11 -3.81
CA ARG B 4485 71.55 -10.81 -3.82
C ARG B 4485 70.89 -9.85 -2.86
N ILE B 4486 69.54 -9.80 -2.87
CA ILE B 4486 68.85 -8.86 -2.00
C ILE B 4486 69.00 -9.26 -0.55
N LYS B 4487 69.03 -10.56 -0.24
CA LYS B 4487 69.26 -10.98 1.14
C LYS B 4487 70.65 -10.55 1.59
N GLN B 4488 71.65 -10.71 0.73
CA GLN B 4488 73.00 -10.23 1.07
C GLN B 4488 73.02 -8.73 1.29
N LEU B 4489 72.33 -7.98 0.43
CA LEU B 4489 72.29 -6.52 0.57
C LEU B 4489 71.59 -6.12 1.87
N GLN B 4490 70.51 -6.81 2.22
CA GLN B 4490 69.83 -6.55 3.49
C GLN B 4490 70.76 -6.82 4.67
N SER B 4491 71.48 -7.94 4.62
CA SER B 4491 72.38 -8.29 5.72
C SER B 4491 73.47 -7.25 5.89
N VAL B 4492 74.10 -6.83 4.80
CA VAL B 4492 75.19 -5.86 4.90
C VAL B 4492 74.66 -4.50 5.33
N SER B 4493 73.46 -4.12 4.85
CA SER B 4493 72.88 -2.86 5.29
C SER B 4493 72.57 -2.88 6.78
N GLN B 4494 72.02 -3.98 7.28
CA GLN B 4494 71.76 -4.08 8.71
C GLN B 4494 73.06 -4.03 9.50
N ALA B 4495 74.11 -4.68 9.01
CA ALA B 4495 75.40 -4.63 9.68
C ALA B 4495 75.94 -3.21 9.73
N ALA B 4496 75.81 -2.48 8.62
CA ALA B 4496 76.27 -1.09 8.58
C ALA B 4496 75.48 -0.22 9.55
N ALA B 4497 74.16 -0.39 9.59
CA ALA B 4497 73.34 0.41 10.48
C ALA B 4497 73.65 0.10 11.94
N SER B 4498 73.91 -1.16 12.27
CA SER B 4498 74.16 -1.54 13.65
C SER B 4498 75.56 -1.12 14.10
N GLY B 4499 76.59 -1.66 13.45
CA GLY B 4499 77.97 -1.44 13.84
C GLY B 4499 78.73 -0.42 13.02
N GLY B 4500 78.06 0.36 12.19
CA GLY B 4500 78.75 1.32 11.37
C GLY B 4500 79.53 0.65 10.24
N ALA B 4501 80.39 1.45 9.61
CA ALA B 4501 81.20 0.95 8.51
C ALA B 4501 82.30 0.01 8.96
N LYS B 4502 82.66 0.02 10.25
CA LYS B 4502 83.75 -0.83 10.71
C LYS B 4502 83.43 -2.32 10.53
N GLU B 4503 82.15 -2.69 10.63
CA GLU B 4503 81.75 -4.07 10.42
C GLU B 4503 81.79 -4.48 8.95
N LEU B 4504 81.94 -3.54 8.01
CA LEU B 4504 81.98 -3.93 6.61
C LEU B 4504 83.23 -4.71 6.27
N LYS B 4505 84.29 -4.58 7.06
CA LYS B 4505 85.52 -5.32 6.82
C LYS B 4505 85.41 -6.77 7.26
N ASN B 4506 84.74 -7.03 8.39
CA ASN B 4506 84.68 -8.37 8.95
C ASN B 4506 83.57 -9.23 8.35
N ILE B 4507 82.68 -8.65 7.54
CA ILE B 4507 81.60 -9.42 6.93
C ILE B 4507 82.14 -10.20 5.74
N HIS B 4508 81.66 -11.43 5.60
CA HIS B 4508 82.09 -12.31 4.51
C HIS B 4508 81.16 -12.11 3.32
N VAL B 4509 81.67 -11.47 2.28
CA VAL B 4509 80.86 -11.02 1.15
C VAL B 4509 81.04 -12.01 0.00
N CYS B 4510 79.92 -12.54 -0.50
CA CYS B 4510 79.95 -13.39 -1.67
C CYS B 4510 80.07 -12.51 -2.91
N LEU B 4511 81.19 -12.64 -3.64
CA LEU B 4511 81.38 -11.81 -4.83
C LEU B 4511 80.33 -12.12 -5.90
N GLY B 4512 79.77 -13.32 -5.88
CA GLY B 4512 78.69 -13.63 -6.80
C GLY B 4512 77.45 -12.79 -6.55
N GLY B 4513 77.19 -12.44 -5.30
CA GLY B 4513 76.02 -11.66 -4.93
C GLY B 4513 76.14 -10.17 -5.12
N LEU B 4514 77.26 -9.69 -5.66
CA LEU B 4514 77.47 -8.27 -5.92
C LEU B 4514 77.28 -7.99 -7.41
N PHE B 4515 76.71 -6.81 -7.72
CA PHE B 4515 76.50 -6.43 -9.10
C PHE B 4515 77.80 -6.02 -9.79
N VAL B 4516 78.85 -5.71 -9.04
CA VAL B 4516 80.15 -5.36 -9.60
C VAL B 4516 81.22 -5.72 -8.56
N PRO B 4517 81.60 -6.99 -8.43
CA PRO B 4517 82.60 -7.35 -7.40
C PRO B 4517 83.98 -6.77 -7.65
N GLU B 4518 84.29 -6.36 -8.88
CA GLU B 4518 85.56 -5.69 -9.14
C GLU B 4518 85.68 -4.43 -8.30
N ALA B 4519 84.57 -3.70 -8.15
CA ALA B 4519 84.57 -2.55 -7.26
C ALA B 4519 84.84 -2.96 -5.82
N TYR B 4520 84.35 -4.13 -5.40
CA TYR B 4520 84.64 -4.59 -4.05
C TYR B 4520 86.13 -4.89 -3.88
N ILE B 4521 86.75 -5.51 -4.88
CA ILE B 4521 88.19 -5.78 -4.80
C ILE B 4521 88.96 -4.47 -4.71
N THR B 4522 88.59 -3.50 -5.54
CA THR B 4522 89.25 -2.20 -5.49
C THR B 4522 89.03 -1.52 -4.15
N ALA B 4523 87.83 -1.66 -3.58
CA ALA B 4523 87.54 -1.06 -2.29
C ALA B 4523 88.35 -1.69 -1.17
N THR B 4524 88.53 -3.02 -1.22
CA THR B 4524 89.38 -3.68 -0.23
C THR B 4524 90.82 -3.20 -0.35
N ARG B 4525 91.31 -3.07 -1.59
CA ARG B 4525 92.65 -2.55 -1.79
C ARG B 4525 92.78 -1.14 -1.22
N GLN B 4526 91.79 -0.29 -1.47
CA GLN B 4526 91.83 1.08 -0.95
C GLN B 4526 91.77 1.10 0.57
N TYR B 4527 90.96 0.22 1.16
CA TYR B 4527 90.86 0.17 2.62
C TYR B 4527 92.19 -0.23 3.23
N VAL B 4528 92.86 -1.22 2.64
CA VAL B 4528 94.16 -1.64 3.17
C VAL B 4528 95.16 -0.51 3.02
N ALA B 4529 95.14 0.18 1.87
CA ALA B 4529 96.05 1.30 1.67
C ALA B 4529 95.82 2.41 2.68
N GLN B 4530 94.54 2.73 2.94
CA GLN B 4530 94.23 3.78 3.91
C GLN B 4530 94.66 3.38 5.31
N ALA B 4531 94.40 2.12 5.69
CA ALA B 4531 94.73 1.68 7.05
C ALA B 4531 96.23 1.67 7.27
N ASN B 4532 96.98 1.05 6.35
CA ASN B 4532 98.42 0.87 6.53
C ASN B 4532 99.25 1.96 5.85
N SER B 4533 98.61 2.96 5.24
CA SER B 4533 99.31 4.13 4.70
C SER B 4533 100.30 3.76 3.61
N TRP B 4534 99.99 2.72 2.83
CA TRP B 4534 100.80 2.32 1.69
C TRP B 4534 100.17 2.80 0.40
N SER B 4535 101.00 3.01 -0.62
CA SER B 4535 100.50 3.37 -1.93
C SER B 4535 99.72 2.20 -2.53
N LEU B 4536 98.77 2.52 -3.41
CA LEU B 4536 97.97 1.47 -4.03
C LEU B 4536 98.80 0.63 -4.99
N GLU B 4537 99.79 1.23 -5.65
CA GLU B 4537 100.61 0.46 -6.57
C GLU B 4537 101.41 -0.63 -5.85
N GLU B 4538 101.81 -0.38 -4.61
CA GLU B 4538 102.71 -1.28 -3.90
C GLU B 4538 101.99 -2.46 -3.24
N LEU B 4539 100.67 -2.55 -3.38
CA LEU B 4539 99.90 -3.63 -2.79
C LEU B 4539 99.63 -4.70 -3.85
N CYS B 4540 99.79 -5.97 -3.46
CA CYS B 4540 99.53 -7.11 -4.31
C CYS B 4540 98.65 -8.10 -3.55
N LEU B 4541 97.91 -8.90 -4.32
CA LEU B 4541 96.87 -9.77 -3.78
C LEU B 4541 97.41 -11.17 -3.57
N GLU B 4542 96.95 -11.81 -2.50
CA GLU B 4542 97.22 -13.21 -2.23
C GLU B 4542 95.94 -13.84 -1.70
N VAL B 4543 95.82 -15.15 -1.88
CA VAL B 4543 94.60 -15.88 -1.56
C VAL B 4543 94.94 -17.02 -0.61
N ILE B 4544 94.16 -17.14 0.47
CA ILE B 4544 94.30 -18.24 1.42
C ILE B 4544 92.95 -18.94 1.55
N VAL B 4545 92.92 -20.24 1.28
CA VAL B 4545 91.70 -21.03 1.36
C VAL B 4545 91.73 -21.80 2.68
N THR B 4546 90.77 -21.52 3.55
CA THR B 4546 90.75 -22.03 4.91
C THR B 4546 89.49 -22.85 5.12
N THR B 4547 89.66 -24.14 5.44
CA THR B 4547 88.55 -25.01 5.78
C THR B 4547 88.21 -24.97 7.27
N SER B 4548 89.05 -24.37 8.10
CA SER B 4548 88.79 -24.34 9.53
C SER B 4548 87.70 -23.34 9.86
N GLN B 4549 86.76 -23.75 10.71
CA GLN B 4549 85.69 -22.85 11.13
C GLN B 4549 86.25 -21.82 12.10
N SER B 4550 85.85 -20.56 11.91
CA SER B 4550 86.29 -19.49 12.78
C SER B 4550 87.69 -18.99 12.49
N ALA B 4551 88.17 -19.13 11.26
CA ALA B 4551 89.48 -18.62 10.90
C ALA B 4551 89.50 -17.10 11.02
N THR B 4552 90.28 -16.58 11.98
CA THR B 4552 90.31 -15.14 12.21
C THR B 4552 90.95 -14.42 11.03
N LEU B 4553 90.35 -13.30 10.65
CA LEU B 4553 90.83 -12.49 9.54
C LEU B 4553 91.78 -11.43 10.06
N ASP B 4554 92.96 -11.34 9.44
CA ASP B 4554 93.92 -10.30 9.79
C ASP B 4554 93.39 -8.94 9.36
N ALA B 4555 94.08 -7.88 9.80
CA ALA B 4555 93.64 -6.52 9.50
C ALA B 4555 93.62 -6.24 8.00
N CYS B 4556 94.48 -6.91 7.24
CA CYS B 4556 94.56 -6.75 5.79
C CYS B 4556 93.86 -7.88 5.03
N SER B 4557 93.10 -8.73 5.72
CA SER B 4557 92.46 -9.90 5.13
C SER B 4557 90.94 -9.72 5.13
N PHE B 4558 90.31 -10.06 4.01
CA PHE B 4558 88.87 -9.94 3.83
C PHE B 4558 88.29 -11.29 3.44
N GLY B 4559 87.16 -11.65 4.05
CA GLY B 4559 86.53 -12.92 3.75
C GLY B 4559 85.66 -12.86 2.51
N VAL B 4560 85.59 -14.00 1.82
CA VAL B 4560 84.75 -14.16 0.64
C VAL B 4560 84.15 -15.56 0.69
N THR B 4561 82.96 -15.71 0.11
CA THR B 4561 82.28 -16.99 0.03
C THR B 4561 81.69 -17.14 -1.36
N GLY B 4562 81.20 -18.35 -1.65
CA GLY B 4562 80.53 -18.62 -2.90
C GLY B 4562 81.44 -18.83 -4.09
N LEU B 4563 82.76 -18.78 -3.91
CA LEU B 4563 83.67 -19.05 -5.00
C LEU B 4563 83.60 -20.53 -5.39
N LYS B 4564 83.72 -20.79 -6.69
CA LYS B 4564 83.76 -22.14 -7.23
C LYS B 4564 85.02 -22.30 -8.07
N LEU B 4565 85.65 -23.46 -7.97
CA LEU B 4565 86.91 -23.74 -8.64
C LEU B 4565 86.66 -24.76 -9.74
N GLN B 4566 86.73 -24.32 -11.00
CA GLN B 4566 86.50 -25.19 -12.14
C GLN B 4566 87.80 -25.84 -12.55
N GLY B 4567 87.86 -27.17 -12.47
CA GLY B 4567 88.97 -27.94 -12.99
C GLY B 4567 90.08 -28.23 -12.01
N ALA B 4568 89.89 -27.98 -10.72
CA ALA B 4568 90.94 -28.22 -9.75
C ALA B 4568 90.35 -28.33 -8.36
N THR B 4569 91.12 -28.94 -7.45
CA THR B 4569 90.80 -29.05 -6.04
C THR B 4569 91.90 -28.38 -5.23
N CYS B 4570 91.51 -27.59 -4.24
CA CYS B 4570 92.45 -26.85 -3.41
C CYS B 4570 92.57 -27.54 -2.05
N SER B 4571 93.75 -28.06 -1.74
CA SER B 4571 94.06 -28.66 -0.46
C SER B 4571 95.32 -27.99 0.09
N ASN B 4572 95.26 -27.55 1.35
CA ASN B 4572 96.39 -26.88 2.00
C ASN B 4572 96.85 -25.67 1.19
N ASN B 4573 95.89 -24.95 0.60
CA ASN B 4573 96.18 -23.79 -0.23
C ASN B 4573 97.08 -24.17 -1.41
N LYS B 4574 96.84 -25.35 -1.97
CA LYS B 4574 97.60 -25.84 -3.12
C LYS B 4574 96.65 -26.55 -4.07
N LEU B 4575 96.81 -26.27 -5.37
CA LEU B 4575 95.91 -26.78 -6.38
C LEU B 4575 96.36 -28.16 -6.87
N SER B 4576 95.39 -28.98 -7.26
CA SER B 4576 95.64 -30.26 -7.89
C SER B 4576 94.56 -30.50 -8.93
N LEU B 4577 94.98 -30.96 -10.11
CA LEU B 4577 94.02 -31.24 -11.18
C LEU B 4577 93.04 -32.32 -10.74
N SER B 4578 91.75 -32.07 -10.99
CA SER B 4578 90.69 -32.98 -10.60
C SER B 4578 89.70 -33.13 -11.75
N ASN B 4579 89.03 -34.27 -11.78
CA ASN B 4579 88.02 -34.57 -12.78
C ASN B 4579 86.64 -34.03 -12.43
N ALA B 4580 86.47 -33.47 -11.23
CA ALA B 4580 85.18 -32.90 -10.86
C ALA B 4580 84.89 -31.66 -11.70
N ILE B 4581 83.62 -31.48 -12.05
CA ILE B 4581 83.22 -30.34 -12.87
C ILE B 4581 83.48 -29.04 -12.11
N SER B 4582 83.11 -29.01 -10.84
CA SER B 4582 83.29 -27.81 -10.02
C SER B 4582 83.37 -28.24 -8.57
N THR B 4583 84.14 -27.48 -7.79
CA THR B 4583 84.30 -27.72 -6.36
C THR B 4583 84.05 -26.42 -5.62
N VAL B 4584 83.21 -26.49 -4.59
CA VAL B 4584 82.87 -25.30 -3.82
C VAL B 4584 84.05 -24.90 -2.94
N LEU B 4585 84.55 -23.69 -3.15
CA LEU B 4585 85.64 -23.19 -2.31
C LEU B 4585 85.07 -22.74 -0.96
N PRO B 4586 85.71 -23.10 0.17
CA PRO B 4586 85.24 -22.58 1.46
C PRO B 4586 85.60 -21.10 1.63
N LEU B 4587 85.42 -20.56 2.83
CA LEU B 4587 85.76 -19.17 3.13
C LEU B 4587 87.16 -18.81 2.64
N THR B 4588 87.23 -17.89 1.69
CA THR B 4588 88.47 -17.52 1.02
C THR B 4588 88.92 -16.16 1.52
N GLN B 4589 90.15 -16.09 2.04
CA GLN B 4589 90.70 -14.86 2.59
C GLN B 4589 91.54 -14.19 1.50
N LEU B 4590 91.08 -13.03 1.04
CA LEU B 4590 91.84 -12.16 0.17
C LEU B 4590 92.71 -11.26 1.03
N ARG B 4591 94.03 -11.36 0.87
CA ARG B 4591 94.99 -10.65 1.70
C ARG B 4591 95.84 -9.76 0.82
N TRP B 4592 95.88 -8.47 1.15
CA TRP B 4592 96.72 -7.52 0.44
C TRP B 4592 98.02 -7.33 1.21
N VAL B 4593 99.14 -7.50 0.52
CA VAL B 4593 100.46 -7.40 1.12
C VAL B 4593 101.32 -6.48 0.28
N LYS B 4594 102.31 -5.86 0.92
CA LYS B 4594 103.25 -5.03 0.18
C LYS B 4594 104.00 -5.89 -0.81
N GLN B 4595 104.10 -5.41 -2.04
CA GLN B 4595 104.67 -6.20 -3.13
C GLN B 4595 106.15 -6.39 -2.88
N THR B 4596 106.50 -7.53 -2.30
CA THR B 4596 107.91 -7.86 -2.11
C THR B 4596 108.53 -8.29 -3.42
N ASN B 4597 109.82 -8.01 -3.58
CA ASN B 4597 110.56 -8.43 -4.77
C ASN B 4597 110.84 -9.92 -4.65
N ALA B 4598 109.79 -10.71 -4.90
CA ALA B 4598 109.85 -12.16 -4.83
C ALA B 4598 109.83 -12.72 -6.26
N GLU B 4599 110.79 -13.60 -6.54
CA GLU B 4599 110.84 -14.22 -7.87
C GLU B 4599 109.61 -15.09 -8.08
N LYS B 4600 109.07 -15.04 -9.29
CA LYS B 4600 107.90 -15.84 -9.63
C LYS B 4600 108.28 -17.31 -9.62
N LYS B 4601 107.77 -18.04 -8.62
CA LYS B 4601 108.11 -19.45 -8.47
C LYS B 4601 107.58 -20.25 -9.65
N ALA B 4602 108.34 -21.27 -10.04
CA ALA B 4602 107.93 -22.12 -11.16
C ALA B 4602 106.65 -22.90 -10.85
N ASN B 4603 106.33 -23.11 -9.57
CA ASN B 4603 105.15 -23.85 -9.16
C ASN B 4603 103.97 -22.93 -8.86
N VAL B 4604 103.90 -21.78 -9.53
CA VAL B 4604 102.84 -20.80 -9.33
C VAL B 4604 102.08 -20.64 -10.64
N VAL B 4605 100.75 -20.72 -10.57
CA VAL B 4605 99.87 -20.61 -11.72
C VAL B 4605 98.92 -19.44 -11.49
N THR B 4606 98.73 -18.63 -12.51
CA THR B 4606 97.93 -17.41 -12.43
C THR B 4606 96.56 -17.70 -13.05
N LEU B 4607 95.63 -18.17 -12.23
CA LEU B 4607 94.29 -18.46 -12.71
C LEU B 4607 93.48 -17.17 -12.81
N PRO B 4608 92.44 -17.15 -13.65
CA PRO B 4608 91.50 -16.03 -13.62
C PRO B 4608 90.42 -16.23 -12.56
N VAL B 4609 89.64 -15.18 -12.34
CA VAL B 4609 88.44 -15.24 -11.51
C VAL B 4609 87.33 -14.63 -12.35
N TYR B 4610 86.61 -15.46 -13.09
CA TYR B 4610 85.54 -14.97 -13.95
C TYR B 4610 84.28 -14.70 -13.12
N LEU B 4611 83.43 -13.85 -13.67
CA LEU B 4611 82.22 -13.45 -12.93
C LEU B 4611 81.26 -14.63 -12.78
N ASN B 4612 81.02 -15.36 -13.87
CA ASN B 4612 80.10 -16.49 -13.84
C ASN B 4612 80.58 -17.52 -14.86
N PHE B 4613 79.81 -18.60 -15.01
CA PHE B 4613 80.25 -19.73 -15.81
C PHE B 4613 80.46 -19.40 -17.28
N THR B 4614 79.82 -18.33 -17.78
CA THR B 4614 80.04 -17.95 -19.18
C THR B 4614 81.45 -17.44 -19.43
N ARG B 4615 82.14 -16.96 -18.40
CA ARG B 4615 83.51 -16.46 -18.51
C ARG B 4615 83.60 -15.27 -19.46
N ALA B 4616 82.51 -14.49 -19.56
CA ALA B 4616 82.53 -13.31 -20.41
C ALA B 4616 83.29 -12.17 -19.77
N ASP B 4617 83.17 -12.02 -18.44
CA ASP B 4617 83.78 -10.93 -17.69
C ASP B 4617 84.82 -11.48 -16.74
N LEU B 4618 86.01 -10.86 -16.72
CA LEU B 4618 87.10 -11.23 -15.84
C LEU B 4618 87.20 -10.20 -14.73
N ILE B 4619 87.12 -10.64 -13.48
CA ILE B 4619 87.19 -9.72 -12.35
C ILE B 4619 88.64 -9.42 -11.99
N PHE B 4620 89.45 -10.46 -11.83
CA PHE B 4620 90.86 -10.30 -11.46
C PHE B 4620 91.54 -11.66 -11.65
N THR B 4621 92.78 -11.76 -11.21
CA THR B 4621 93.58 -12.99 -11.31
C THR B 4621 94.15 -13.33 -9.95
N VAL B 4622 94.36 -14.63 -9.72
CA VAL B 4622 94.86 -15.14 -8.45
C VAL B 4622 96.03 -16.08 -8.74
N ASP B 4623 97.11 -15.93 -7.98
CA ASP B 4623 98.27 -16.81 -8.06
C ASP B 4623 98.11 -17.92 -7.03
N PHE B 4624 98.19 -19.17 -7.49
CA PHE B 4624 98.04 -20.34 -6.64
C PHE B 4624 99.26 -21.24 -6.81
N GLU B 4625 99.64 -21.91 -5.73
CA GLU B 4625 100.73 -22.86 -5.76
C GLU B 4625 100.23 -24.24 -6.14
N ILE B 4626 101.10 -25.01 -6.82
CA ILE B 4626 100.76 -26.32 -7.36
C ILE B 4626 101.17 -27.37 -6.34
N ALA B 4627 100.25 -28.29 -6.02
CA ALA B 4627 100.52 -29.26 -4.97
C ALA B 4627 101.60 -30.25 -5.39
N THR B 4628 101.48 -30.82 -6.58
CA THR B 4628 102.36 -31.85 -7.08
C THR B 4628 103.36 -31.25 -8.07
N LYS B 4629 104.10 -32.10 -8.78
CA LYS B 4629 105.02 -31.67 -9.82
C LYS B 4629 104.33 -31.50 -11.18
N GLU B 4630 103.02 -31.27 -11.19
CA GLU B 4630 102.29 -31.09 -12.44
C GLU B 4630 102.78 -29.86 -13.18
N ASP B 4631 102.79 -29.95 -14.50
CA ASP B 4631 103.14 -28.81 -15.33
C ASP B 4631 102.06 -27.73 -15.16
N PRO B 4632 102.43 -26.45 -14.94
CA PRO B 4632 101.39 -25.40 -14.98
C PRO B 4632 100.66 -25.33 -16.30
N ARG B 4633 101.31 -25.70 -17.41
CA ARG B 4633 100.65 -25.67 -18.71
C ARG B 4633 99.42 -26.56 -18.73
N SER B 4634 99.44 -27.67 -17.99
CA SER B 4634 98.26 -28.53 -17.92
C SER B 4634 97.05 -27.79 -17.36
N PHE B 4635 97.27 -26.84 -16.44
CA PHE B 4635 96.15 -26.04 -15.96
C PHE B 4635 95.63 -25.12 -17.04
N TYR B 4636 96.50 -24.63 -17.93
CA TYR B 4636 96.03 -23.77 -19.00
C TYR B 4636 95.30 -24.57 -20.06
N GLU B 4637 95.83 -25.74 -20.44
CA GLU B 4637 95.14 -26.61 -21.39
C GLU B 4637 93.82 -27.09 -20.82
N ARG B 4638 93.79 -27.47 -19.54
CA ARG B 4638 92.56 -27.91 -18.90
C ARG B 4638 91.54 -26.79 -18.75
N GLY B 4639 91.93 -25.53 -18.92
CA GLY B 4639 91.01 -24.43 -18.73
C GLY B 4639 90.56 -24.27 -17.30
N VAL B 4640 91.49 -24.44 -16.34
CA VAL B 4640 91.14 -24.26 -14.94
C VAL B 4640 90.86 -22.80 -14.67
N ALA B 4641 89.84 -22.53 -13.84
CA ALA B 4641 89.45 -21.16 -13.57
C ALA B 4641 88.70 -21.09 -12.26
N VAL B 4642 88.29 -19.88 -11.89
CA VAL B 4642 87.51 -19.62 -10.69
C VAL B 4642 86.32 -18.76 -11.07
N LEU B 4643 85.16 -19.07 -10.49
CA LEU B 4643 83.91 -18.37 -10.75
C LEU B 4643 83.37 -17.82 -9.45
N CYS B 4644 82.99 -16.54 -9.46
CA CYS B 4644 82.36 -15.95 -8.29
C CYS B 4644 81.02 -16.61 -7.99
N THR B 4645 80.27 -16.97 -9.03
CA THR B 4645 79.01 -17.66 -8.90
C THR B 4645 78.95 -18.78 -9.93
N GLU B 4646 78.17 -19.82 -9.61
CA GLU B 4646 78.01 -20.95 -10.51
C GLU B 4646 77.06 -20.58 -11.65
N SER C 37 -120.10 62.84 8.74
CA SER C 37 -120.49 63.20 10.13
C SER C 37 -119.58 62.50 11.13
N SER C 38 -119.26 61.27 10.80
CA SER C 38 -118.40 60.50 11.71
C SER C 38 -117.00 61.12 11.78
N ILE C 39 -116.52 61.54 10.64
CA ILE C 39 -115.20 62.16 10.61
C ILE C 39 -115.22 63.46 11.39
N LEU C 40 -116.25 64.20 11.18
CA LEU C 40 -116.34 65.50 11.86
C LEU C 40 -116.47 65.31 13.36
N SER C 41 -117.22 64.33 13.73
CA SER C 41 -117.41 64.07 15.15
C SER C 41 -116.09 63.67 15.81
N GLU C 42 -115.30 62.90 15.09
CA GLU C 42 -114.02 62.45 15.66
C GLU C 42 -113.07 63.62 15.85
N VAL C 43 -113.09 64.48 14.86
CA VAL C 43 -112.23 65.69 14.94
C VAL C 43 -112.67 66.58 16.09
N SER C 44 -113.93 66.68 16.31
CA SER C 44 -114.44 67.55 17.36
C SER C 44 -113.98 67.05 18.74
N THR C 45 -113.43 65.88 18.81
CA THR C 45 -112.83 65.51 20.14
C THR C 45 -111.47 66.19 20.28
N ARG C 46 -110.84 66.48 19.14
CA ARG C 46 -109.43 66.99 19.18
C ARG C 46 -109.38 68.48 19.45
N ALA C 47 -110.53 69.08 19.66
CA ALA C 47 -110.50 70.55 19.84
C ALA C 47 -109.44 70.97 20.88
N ARG C 48 -108.64 72.04 20.69
CA ARG C 48 -107.52 72.57 21.52
C ARG C 48 -107.97 72.70 22.97
N SER C 49 -107.01 72.50 23.85
CA SER C 49 -107.30 72.64 25.30
C SER C 49 -107.47 74.13 25.53
N LYS C 50 -108.72 74.61 25.51
CA LYS C 50 -109.01 76.05 25.75
C LYS C 50 -109.17 76.25 27.26
N LEU C 51 -108.98 77.49 27.79
CA LEU C 51 -109.18 77.87 29.25
C LEU C 51 -110.66 77.78 29.58
N PRO C 52 -111.06 77.24 30.77
CA PRO C 52 -112.48 77.00 31.05
C PRO C 52 -113.34 78.28 31.14
N SER C 53 -114.54 78.25 30.55
CA SER C 53 -115.51 79.39 30.64
C SER C 53 -116.59 78.97 31.62
N GLY C 54 -117.43 79.90 32.08
CA GLY C 54 -118.58 79.53 32.94
C GLY C 54 -118.19 79.22 34.37
N LYS C 55 -116.97 79.57 34.79
CA LYS C 55 -116.54 79.40 36.21
C LYS C 55 -117.42 80.35 37.04
N ASN C 56 -118.03 79.89 38.11
CA ASN C 56 -118.96 80.78 38.84
C ASN C 56 -118.32 81.37 40.09
N ILE C 57 -118.86 82.53 40.52
CA ILE C 57 -118.47 83.16 41.82
C ILE C 57 -119.79 83.43 42.57
N LEU C 58 -120.03 82.76 43.71
CA LEU C 58 -121.27 83.05 44.50
C LEU C 58 -120.89 84.16 45.48
N VAL C 59 -121.63 85.26 45.49
CA VAL C 59 -121.33 86.42 46.38
C VAL C 59 -122.47 86.59 47.39
N PHE C 60 -122.15 86.54 48.67
CA PHE C 60 -123.15 86.61 49.77
C PHE C 60 -122.80 87.77 50.71
N GLY C 61 -123.73 88.17 51.58
CA GLY C 61 -123.50 89.25 52.56
C GLY C 61 -124.75 90.11 52.76
N GLU C 62 -124.78 90.92 53.82
CA GLU C 62 -125.92 91.82 54.11
C GLU C 62 -126.07 92.90 53.03
N ASP C 63 -127.25 93.49 52.90
CA ASP C 63 -127.42 94.61 51.93
C ASP C 63 -126.70 95.86 52.42
N GLY C 64 -126.16 96.63 51.49
CA GLY C 64 -125.37 97.83 51.84
C GLY C 64 -123.95 97.46 52.18
N SER C 65 -123.61 96.16 52.22
CA SER C 65 -122.22 95.68 52.53
C SER C 65 -121.25 96.13 51.44
N GLY C 66 -121.65 96.05 50.16
CA GLY C 66 -120.76 96.41 49.04
C GLY C 66 -120.80 95.40 47.91
N LYS C 67 -121.45 94.24 48.09
CA LYS C 67 -121.47 93.12 47.11
C LYS C 67 -121.45 93.61 45.65
N THR C 68 -122.49 94.31 45.19
CA THR C 68 -122.60 94.74 43.77
C THR C 68 -121.49 95.72 43.40
N THR C 69 -121.19 96.68 44.26
CA THR C 69 -120.18 97.73 44.00
C THR C 69 -118.80 97.11 43.84
N LEU C 70 -118.46 96.14 44.68
CA LEU C 70 -117.14 95.46 44.62
C LEU C 70 -117.02 94.68 43.31
N MET C 71 -118.02 93.89 42.97
CA MET C 71 -118.00 93.02 41.76
C MET C 71 -118.07 93.88 40.49
N THR C 72 -118.82 94.98 40.49
CA THR C 72 -118.89 95.91 39.33
C THR C 72 -117.50 96.53 39.09
N LYS C 73 -116.81 96.95 40.15
CA LYS C 73 -115.47 97.57 40.05
C LYS C 73 -114.49 96.53 39.51
N LEU C 74 -114.57 95.27 39.95
CA LEU C 74 -113.71 94.15 39.47
C LEU C 74 -114.03 93.87 38.00
N GLN C 75 -115.26 94.15 37.53
CA GLN C 75 -115.66 93.98 36.12
C GLN C 75 -115.10 95.12 35.26
N GLY C 76 -114.55 96.17 35.86
CA GLY C 76 -114.05 97.35 35.13
C GLY C 76 -115.17 98.30 34.76
N ALA C 77 -116.33 98.16 35.40
CA ALA C 77 -117.53 98.98 35.09
C ALA C 77 -117.72 100.04 36.17
N GLU C 78 -118.20 101.23 35.77
CA GLU C 78 -118.50 102.33 36.74
C GLU C 78 -119.91 102.19 37.31
N HIS C 79 -120.90 101.73 36.53
CA HIS C 79 -122.33 101.73 36.95
C HIS C 79 -123.05 100.39 36.76
N GLY C 80 -122.99 99.47 37.73
CA GLY C 80 -123.73 98.20 37.68
C GLY C 80 -125.14 98.41 38.19
N LYS C 81 -126.15 97.86 37.52
CA LYS C 81 -127.57 98.13 37.89
C LYS C 81 -127.92 97.25 39.08
N LYS C 82 -128.26 97.84 40.23
CA LYS C 82 -128.67 97.06 41.44
C LYS C 82 -130.09 96.51 41.28
N GLY C 83 -130.34 95.25 41.68
CA GLY C 83 -131.66 94.60 41.56
C GLY C 83 -131.96 93.67 42.72
N ARG C 84 -133.14 93.75 43.32
CA ARG C 84 -133.54 92.89 44.47
C ARG C 84 -133.63 91.41 44.03
N GLY C 85 -133.17 90.46 44.86
CA GLY C 85 -133.22 88.99 44.59
C GLY C 85 -131.88 88.31 44.33
N LEU C 86 -131.49 88.18 43.06
CA LEU C 86 -130.19 87.57 42.67
C LEU C 86 -129.62 88.36 41.48
N GLU C 87 -128.56 89.13 41.69
CA GLU C 87 -127.91 89.89 40.59
C GLU C 87 -126.94 88.97 39.85
N TYR C 88 -126.64 89.26 38.59
CA TYR C 88 -125.65 88.48 37.80
C TYR C 88 -124.76 89.40 37.00
N LEU C 89 -123.48 89.07 36.87
CA LEU C 89 -122.53 89.78 35.98
C LEU C 89 -121.44 88.75 35.64
N TYR C 90 -120.47 89.09 34.81
CA TYR C 90 -119.35 88.17 34.49
C TYR C 90 -118.02 88.93 34.46
N LEU C 91 -116.94 88.30 34.92
CA LEU C 91 -115.59 88.89 34.83
C LEU C 91 -114.92 88.31 33.58
N SER C 92 -114.23 89.12 32.79
CA SER C 92 -113.46 88.63 31.63
C SER C 92 -112.07 88.28 32.14
N ILE C 93 -111.60 87.07 31.84
CA ILE C 93 -110.28 86.60 32.36
C ILE C 93 -109.38 86.31 31.18
N HIS C 94 -108.16 86.85 31.17
CA HIS C 94 -107.20 86.70 30.06
C HIS C 94 -105.89 86.17 30.61
N ASP C 95 -105.26 85.23 29.91
CA ASP C 95 -103.93 84.67 30.29
C ASP C 95 -102.95 85.27 29.29
N GLU C 96 -102.17 86.29 29.68
CA GLU C 96 -101.23 87.00 28.76
C GLU C 96 -100.12 86.06 28.29
N ASP C 97 -99.71 85.10 29.12
CA ASP C 97 -98.64 84.12 28.80
C ASP C 97 -99.11 83.15 27.71
N ARG C 98 -100.42 83.02 27.47
CA ARG C 98 -100.98 82.03 26.50
C ARG C 98 -101.81 82.66 25.39
N ASP C 99 -102.06 83.98 25.40
CA ASP C 99 -102.96 84.68 24.43
C ASP C 99 -104.33 83.99 24.37
N ASP C 100 -104.93 83.67 25.52
CA ASP C 100 -106.28 83.04 25.57
C ASP C 100 -107.16 83.78 26.58
N HIS C 101 -108.49 83.72 26.43
CA HIS C 101 -109.41 84.46 27.32
C HIS C 101 -110.74 83.73 27.55
N THR C 102 -111.26 83.78 28.78
CA THR C 102 -112.49 83.06 29.20
C THR C 102 -113.36 84.03 30.00
N ARG C 103 -114.46 83.56 30.55
CA ARG C 103 -115.32 84.39 31.42
C ARG C 103 -115.60 83.64 32.72
N CYS C 104 -115.80 84.36 33.81
CA CYS C 104 -116.20 83.79 35.11
C CYS C 104 -117.59 84.34 35.45
N ASN C 105 -118.58 83.48 35.67
CA ASN C 105 -119.95 83.91 36.08
C ASN C 105 -119.89 84.48 37.50
N VAL C 106 -120.55 85.61 37.77
CA VAL C 106 -120.65 86.15 39.16
C VAL C 106 -122.13 86.28 39.52
N TRP C 107 -122.56 85.57 40.56
CA TRP C 107 -123.95 85.61 41.03
C TRP C 107 -123.96 86.27 42.40
N ILE C 108 -124.79 87.28 42.61
CA ILE C 108 -124.80 88.06 43.89
C ILE C 108 -126.18 87.92 44.55
N LEU C 109 -126.22 87.38 45.75
CA LEU C 109 -127.51 87.15 46.43
C LEU C 109 -127.93 88.41 47.19
N ASP C 110 -129.23 88.64 47.30
CA ASP C 110 -129.80 89.77 48.05
C ASP C 110 -129.58 89.53 49.55
N GLY C 111 -129.68 90.55 50.36
CA GLY C 111 -129.51 90.45 51.82
C GLY C 111 -130.65 89.71 52.50
N ASP C 112 -131.82 89.64 51.88
CA ASP C 112 -133.01 89.01 52.53
C ASP C 112 -132.95 87.48 52.39
N LEU C 113 -133.16 86.76 53.49
CA LEU C 113 -133.19 85.26 53.48
C LEU C 113 -134.34 84.75 52.62
N TYR C 114 -135.38 85.57 52.38
CA TYR C 114 -136.52 85.21 51.51
C TYR C 114 -135.99 84.83 50.12
N HIS C 115 -134.90 85.44 49.67
CA HIS C 115 -134.36 85.23 48.30
C HIS C 115 -133.41 84.03 48.20
N LYS C 116 -133.12 83.31 49.29
CA LYS C 116 -132.11 82.21 49.27
C LYS C 116 -132.54 81.09 48.32
N GLY C 117 -133.82 80.97 47.99
CA GLY C 117 -134.34 79.96 47.03
C GLY C 117 -133.74 80.15 45.64
N LEU C 118 -133.33 81.37 45.29
CA LEU C 118 -132.86 81.70 43.91
C LEU C 118 -131.48 81.07 43.63
N LEU C 119 -130.75 80.57 44.63
CA LEU C 119 -129.39 79.99 44.43
C LEU C 119 -129.44 78.82 43.46
N LYS C 120 -130.59 78.17 43.30
CA LYS C 120 -130.78 77.04 42.35
C LYS C 120 -130.58 77.49 40.90
N PHE C 121 -130.69 78.79 40.59
CA PHE C 121 -130.43 79.35 39.24
C PHE C 121 -128.96 79.74 39.07
N ALA C 122 -128.15 79.70 40.13
CA ALA C 122 -126.71 80.07 40.11
C ALA C 122 -125.78 78.83 40.13
N VAL C 123 -126.03 77.83 40.99
CA VAL C 123 -125.14 76.64 41.12
C VAL C 123 -125.94 75.34 41.24
N SER C 124 -125.35 74.22 40.83
CA SER C 124 -125.98 72.88 40.83
C SER C 124 -125.01 71.83 41.36
N ALA C 125 -125.46 70.59 41.55
CA ALA C 125 -124.62 69.47 42.01
C ALA C 125 -123.48 69.21 41.00
N GLU C 126 -123.64 69.66 39.75
CA GLU C 126 -122.61 69.51 38.70
C GLU C 126 -121.63 70.68 38.71
N SER C 127 -122.08 71.93 38.90
CA SER C 127 -121.21 73.13 38.78
C SER C 127 -120.56 73.53 40.11
N LEU C 128 -120.91 72.88 41.22
CA LEU C 128 -120.35 73.23 42.56
C LEU C 128 -118.82 73.03 42.56
N PRO C 129 -118.20 72.00 41.94
CA PRO C 129 -116.73 71.86 41.90
C PRO C 129 -116.03 73.02 41.17
N GLU C 130 -116.76 73.74 40.33
CA GLU C 130 -116.21 74.87 39.54
C GLU C 130 -116.65 76.18 40.17
N THR C 131 -116.97 76.19 41.46
CA THR C 131 -117.50 77.41 42.13
C THR C 131 -116.58 77.95 43.23
N LEU C 132 -116.36 79.27 43.24
CA LEU C 132 -115.63 79.96 44.33
C LEU C 132 -116.72 80.69 45.13
N VAL C 133 -116.61 80.72 46.45
CA VAL C 133 -117.60 81.41 47.32
C VAL C 133 -116.99 82.66 47.94
N ILE C 134 -117.70 83.77 47.89
CA ILE C 134 -117.24 85.06 48.48
C ILE C 134 -118.27 85.49 49.52
N PHE C 135 -117.84 85.64 50.77
CA PHE C 135 -118.72 86.16 51.84
C PHE C 135 -118.29 87.61 52.04
N VAL C 136 -119.20 88.57 51.87
CA VAL C 136 -118.85 90.01 51.94
C VAL C 136 -119.15 90.51 53.35
N ALA C 137 -118.13 91.01 54.04
CA ALA C 137 -118.24 91.49 55.44
C ALA C 137 -118.18 93.02 55.45
N ASP C 138 -119.11 93.68 56.14
CA ASP C 138 -119.21 95.16 56.09
C ASP C 138 -118.42 95.76 57.26
N MET C 139 -117.26 96.35 56.98
CA MET C 139 -116.40 96.92 58.05
C MET C 139 -116.93 98.27 58.51
N SER C 140 -117.96 98.85 57.87
CA SER C 140 -118.63 100.07 58.38
C SER C 140 -119.74 99.63 59.35
N ARG C 141 -119.87 98.32 59.59
CA ARG C 141 -120.87 97.75 60.55
C ARG C 141 -120.18 96.55 61.22
N PRO C 142 -119.27 96.75 62.20
CA PRO C 142 -118.48 95.62 62.74
C PRO C 142 -119.20 94.47 63.45
N TRP C 143 -120.18 94.75 64.31
CA TRP C 143 -120.84 93.67 65.08
C TRP C 143 -121.57 92.70 64.13
N THR C 144 -122.17 93.22 63.07
CA THR C 144 -122.99 92.39 62.14
C THR C 144 -122.11 91.41 61.37
N VAL C 145 -120.79 91.62 61.32
CA VAL C 145 -119.90 90.77 60.47
C VAL C 145 -120.02 89.28 60.84
N MET C 146 -119.92 88.89 62.11
CA MET C 146 -119.98 87.46 62.50
C MET C 146 -121.39 86.93 62.34
N GLU C 147 -122.41 87.74 62.66
CA GLU C 147 -123.82 87.35 62.43
C GLU C 147 -124.01 87.10 60.93
N SER C 148 -123.52 88.00 60.08
CA SER C 148 -123.64 87.89 58.59
C SER C 148 -122.90 86.65 58.11
N LEU C 149 -121.68 86.43 58.57
CA LEU C 149 -120.87 85.32 58.02
C LEU C 149 -121.50 83.99 58.42
N GLN C 150 -121.98 83.85 59.66
CA GLN C 150 -122.64 82.61 60.12
C GLN C 150 -123.96 82.42 59.35
N LYS C 151 -124.71 83.51 59.15
CA LYS C 151 -126.02 83.47 58.45
C LYS C 151 -125.81 82.97 57.02
N TRP C 152 -124.84 83.54 56.29
CA TRP C 152 -124.63 83.20 54.86
C TRP C 152 -123.96 81.83 54.67
N ALA C 153 -123.04 81.47 55.54
CA ALA C 153 -122.42 80.14 55.44
C ALA C 153 -123.48 79.09 55.70
N SER C 154 -124.39 79.34 56.63
CA SER C 154 -125.48 78.39 56.97
C SER C 154 -126.38 78.27 55.75
N VAL C 155 -126.69 79.40 55.09
CA VAL C 155 -127.60 79.42 53.91
C VAL C 155 -126.96 78.62 52.78
N LEU C 156 -125.66 78.75 52.56
CA LEU C 156 -124.95 78.01 51.49
C LEU C 156 -124.97 76.53 51.85
N ARG C 157 -124.75 76.20 53.12
CA ARG C 157 -124.70 74.79 53.55
C ARG C 157 -126.08 74.17 53.39
N GLU C 158 -127.12 74.91 53.75
CA GLU C 158 -128.53 74.47 53.63
C GLU C 158 -128.84 74.21 52.16
N HIS C 159 -128.19 74.95 51.25
CA HIS C 159 -128.34 74.75 49.78
C HIS C 159 -127.53 73.53 49.32
N ILE C 160 -126.31 73.32 49.82
CA ILE C 160 -125.42 72.18 49.43
C ILE C 160 -126.09 70.88 49.87
N ASP C 161 -126.65 70.87 51.09
CA ASP C 161 -127.36 69.67 51.64
C ASP C 161 -128.55 69.33 50.74
N LYS C 162 -129.26 70.34 50.23
CA LYS C 162 -130.43 70.13 49.34
C LYS C 162 -130.05 69.62 47.94
N MET C 163 -128.80 69.86 47.49
CA MET C 163 -128.34 69.41 46.14
C MET C 163 -128.13 67.88 46.14
N LYS C 164 -128.13 67.20 47.30
CA LYS C 164 -128.07 65.71 47.40
C LYS C 164 -126.86 65.18 46.64
N ILE C 165 -125.71 65.82 46.80
CA ILE C 165 -124.48 65.45 46.03
C ILE C 165 -124.08 64.03 46.48
N PRO C 166 -123.65 63.12 45.56
CA PRO C 166 -123.21 61.80 45.97
C PRO C 166 -122.15 61.90 47.09
N PRO C 167 -122.30 61.19 48.23
CA PRO C 167 -121.35 61.34 49.36
C PRO C 167 -119.88 61.04 48.99
N GLU C 168 -119.65 60.17 48.01
CA GLU C 168 -118.30 59.87 47.49
C GLU C 168 -117.73 61.11 46.79
N GLU C 169 -118.53 61.79 45.96
CA GLU C 169 -118.09 63.03 45.27
C GLU C 169 -117.89 64.14 46.31
N MET C 170 -118.75 64.21 47.33
CA MET C 170 -118.59 65.23 48.39
C MET C 170 -117.28 64.94 49.14
N ARG C 171 -116.99 63.70 49.49
CA ARG C 171 -115.71 63.33 50.14
C ARG C 171 -114.51 63.52 49.21
N GLU C 172 -114.67 63.42 47.90
CA GLU C 172 -113.58 63.75 46.95
C GLU C 172 -113.30 65.24 47.04
N LEU C 173 -114.33 66.07 47.01
CA LEU C 173 -114.19 67.55 47.07
C LEU C 173 -113.63 67.93 48.44
N GLU C 174 -114.12 67.31 49.51
CA GLU C 174 -113.66 67.62 50.90
C GLU C 174 -112.19 67.27 51.03
N ARG C 175 -111.75 66.09 50.57
CA ARG C 175 -110.34 65.64 50.69
C ARG C 175 -109.46 66.50 49.78
N LYS C 176 -109.94 66.84 48.58
CA LYS C 176 -109.18 67.70 47.65
C LYS C 176 -109.00 69.06 48.33
N PHE C 177 -110.03 69.60 48.97
CA PHE C 177 -109.94 70.95 49.58
C PHE C 177 -109.00 70.88 50.78
N MET C 178 -109.00 69.77 51.51
CA MET C 178 -108.04 69.60 52.64
C MET C 178 -106.62 69.60 52.06
N LYS C 179 -106.37 68.93 50.93
CA LYS C 179 -105.04 69.00 50.27
C LYS C 179 -104.79 70.40 49.74
N ASP C 180 -105.75 71.08 49.08
CA ASP C 180 -105.56 72.42 48.45
C ASP C 180 -105.29 73.45 49.56
N PHE C 181 -105.60 73.13 50.82
CA PHE C 181 -105.34 73.99 52.01
C PHE C 181 -104.02 73.62 52.68
N GLN C 182 -103.72 72.34 52.89
CA GLN C 182 -102.44 71.86 53.49
C GLN C 182 -101.27 72.07 52.49
N ASP C 183 -101.55 72.13 51.18
CA ASP C 183 -100.53 72.28 50.13
C ASP C 183 -100.21 73.80 50.02
N TYR C 184 -100.56 74.59 51.01
CA TYR C 184 -100.16 76.02 51.06
C TYR C 184 -98.77 76.17 51.69
N ILE C 185 -98.00 77.16 51.22
CA ILE C 185 -96.65 77.51 51.77
C ILE C 185 -96.48 78.99 51.42
N GLU C 186 -95.77 79.74 52.26
CA GLU C 186 -95.48 81.18 52.01
C GLU C 186 -94.70 81.34 50.71
N PRO C 187 -94.99 82.36 49.86
CA PRO C 187 -94.12 82.65 48.72
C PRO C 187 -92.79 83.20 49.26
N LEU C 214 -99.74 65.54 59.08
CA LEU C 214 -100.47 66.82 59.00
C LEU C 214 -100.68 67.25 60.46
N GLY C 215 -101.04 68.50 60.70
CA GLY C 215 -101.36 69.00 62.06
C GLY C 215 -102.62 69.79 61.95
N ASP C 216 -103.50 69.81 62.96
CA ASP C 216 -104.78 70.53 62.76
C ASP C 216 -105.32 71.29 63.94
N ASN C 217 -105.77 72.50 63.69
CA ASN C 217 -106.48 73.34 64.67
C ASN C 217 -107.38 74.17 63.76
N VAL C 218 -107.95 73.58 62.69
CA VAL C 218 -108.64 74.31 61.61
C VAL C 218 -109.76 73.52 60.95
N LEU C 219 -110.57 74.14 60.11
CA LEU C 219 -111.54 73.44 59.25
C LEU C 219 -112.52 72.64 60.11
N THR C 220 -112.97 73.20 61.22
CA THR C 220 -114.01 72.53 62.00
C THR C 220 -115.24 72.43 61.11
N HIS C 221 -115.65 73.53 60.47
CA HIS C 221 -116.82 73.56 59.58
C HIS C 221 -116.48 72.86 58.26
N ASN C 222 -115.26 73.04 57.74
CA ASN C 222 -114.78 72.41 56.49
C ASN C 222 -115.86 72.50 55.42
N LEU C 223 -116.03 73.67 54.82
CA LEU C 223 -117.01 73.82 53.71
C LEU C 223 -116.60 72.80 52.65
N GLY C 224 -115.29 72.58 52.47
CA GLY C 224 -114.79 71.55 51.53
C GLY C 224 -114.77 72.12 50.13
N PRO C 226 -113.67 75.99 47.75
CA PRO C 226 -112.96 77.25 47.88
C PRO C 226 -113.87 78.29 48.56
N VAL C 227 -113.37 79.00 49.57
CA VAL C 227 -114.12 80.08 50.26
C VAL C 227 -113.22 81.29 50.47
N LEU C 228 -113.76 82.49 50.30
CA LEU C 228 -113.00 83.74 50.51
C LEU C 228 -113.90 84.70 51.31
N VAL C 229 -113.37 85.29 52.38
CA VAL C 229 -114.12 86.33 53.14
C VAL C 229 -113.55 87.66 52.66
N VAL C 230 -114.38 88.52 52.09
CA VAL C 230 -113.93 89.86 51.65
C VAL C 230 -114.51 90.92 52.58
N CYS C 231 -113.65 91.55 53.36
CA CYS C 231 -114.06 92.68 54.22
C CYS C 231 -114.11 93.90 53.31
N THR C 232 -115.21 94.65 53.31
CA THR C 232 -115.41 95.82 52.41
C THR C 232 -115.55 97.10 53.24
N LYS C 233 -115.15 98.24 52.66
CA LYS C 233 -115.18 99.57 53.32
C LYS C 233 -114.24 99.62 54.54
N CYS C 234 -113.06 99.02 54.46
CA CYS C 234 -112.10 98.97 55.60
C CYS C 234 -111.67 100.41 55.95
N ASP C 235 -111.85 101.36 55.04
CA ASP C 235 -111.59 102.82 55.30
C ASP C 235 -112.50 103.30 56.44
N ALA C 236 -113.63 102.63 56.70
CA ALA C 236 -114.57 103.00 57.78
C ALA C 236 -113.94 102.79 59.16
N VAL C 237 -112.84 102.05 59.26
CA VAL C 237 -112.09 101.86 60.54
C VAL C 237 -111.73 103.27 61.01
N SER C 238 -111.37 104.18 60.10
CA SER C 238 -110.98 105.58 60.44
C SER C 238 -112.17 106.36 61.00
N VAL C 239 -113.41 105.88 60.86
CA VAL C 239 -114.61 106.53 61.49
C VAL C 239 -114.92 105.84 62.82
N LEU C 240 -114.80 104.52 62.91
CA LEU C 240 -115.06 103.74 64.17
C LEU C 240 -114.09 104.25 65.24
N GLU C 241 -112.83 104.53 64.89
CA GLU C 241 -111.80 105.04 65.83
C GLU C 241 -112.16 106.42 66.37
N LYS C 242 -112.97 107.20 65.66
CA LYS C 242 -113.27 108.61 66.04
C LYS C 242 -114.67 108.81 66.63
N GLU C 243 -115.64 107.98 66.26
CA GLU C 243 -117.06 108.17 66.68
C GLU C 243 -117.52 107.08 67.65
N HIS C 244 -116.86 105.92 67.72
CA HIS C 244 -117.26 104.79 68.60
C HIS C 244 -116.11 104.38 69.56
N ASP C 245 -114.98 105.08 69.49
CA ASP C 245 -113.78 104.70 70.30
C ASP C 245 -113.38 103.24 70.00
N TYR C 246 -113.01 102.94 68.75
CA TYR C 246 -112.52 101.57 68.41
C TYR C 246 -110.99 101.58 68.40
N ARG C 247 -110.38 100.73 69.22
CA ARG C 247 -108.90 100.73 69.32
C ARG C 247 -108.29 99.56 68.55
N ASP C 248 -106.97 99.39 68.65
CA ASP C 248 -106.23 98.26 68.02
C ASP C 248 -106.80 96.97 68.59
N GLU C 249 -106.98 96.91 69.91
CA GLU C 249 -107.57 95.70 70.56
C GLU C 249 -108.93 95.39 69.91
N HIS C 250 -109.73 96.43 69.62
CA HIS C 250 -111.06 96.20 68.99
C HIS C 250 -110.87 95.58 67.60
N ASP C 252 -108.21 93.98 66.47
CA ASP C 252 -107.61 92.63 66.64
C ASP C 252 -108.70 91.63 67.00
N PHE C 253 -109.67 92.02 67.84
CA PHE C 253 -110.80 91.12 68.16
C PHE C 253 -111.61 90.84 66.89
N ILE C 254 -111.84 91.87 66.06
CA ILE C 254 -112.56 91.67 64.76
C ILE C 254 -111.72 90.76 63.88
N GLN C 255 -110.39 90.91 63.90
CA GLN C 255 -109.51 90.13 63.00
C GLN C 255 -109.43 88.69 63.48
N SER C 256 -109.15 88.47 64.76
CA SER C 256 -109.03 87.10 65.33
C SER C 256 -110.31 86.32 65.08
N HIS C 257 -111.47 86.92 65.32
CA HIS C 257 -112.78 86.27 65.08
C HIS C 257 -112.94 85.95 63.59
N LEU C 258 -112.58 86.87 62.71
CA LEU C 258 -112.65 86.66 61.25
C LEU C 258 -111.71 85.52 60.88
N ARG C 259 -110.50 85.50 61.44
CA ARG C 259 -109.49 84.46 61.12
C ARG C 259 -109.95 83.10 61.66
N ARG C 260 -110.54 83.03 62.85
CA ARG C 260 -111.07 81.76 63.41
C ARG C 260 -112.23 81.26 62.54
N PHE C 261 -113.07 82.16 62.04
CA PHE C 261 -114.15 81.78 61.10
C PHE C 261 -113.53 81.26 59.81
N CYS C 262 -112.49 81.92 59.31
CA CYS C 262 -111.81 81.51 58.06
C CYS C 262 -111.19 80.14 58.28
N LEU C 263 -110.62 79.85 59.45
CA LEU C 263 -110.10 78.49 59.74
C LEU C 263 -111.23 77.47 59.69
N GLN C 264 -112.40 77.74 60.23
CA GLN C 264 -113.54 76.76 60.26
C GLN C 264 -113.93 76.41 58.82
N TYR C 265 -113.92 77.35 57.87
CA TYR C 265 -114.34 77.11 56.47
C TYR C 265 -113.14 76.88 55.54
N GLY C 266 -111.91 76.90 56.04
CA GLY C 266 -110.68 76.75 55.23
C GLY C 266 -110.55 77.93 54.31
N ALA C 267 -111.14 79.06 54.66
CA ALA C 267 -111.24 80.23 53.77
C ALA C 267 -110.03 81.16 53.78
N ALA C 268 -109.96 82.03 52.76
CA ALA C 268 -108.97 83.12 52.71
C ALA C 268 -109.67 84.36 53.26
N LEU C 269 -108.92 85.34 53.76
CA LEU C 269 -109.49 86.62 54.27
C LEU C 269 -108.82 87.78 53.53
N ILE C 270 -109.60 88.76 53.05
CA ILE C 270 -108.97 89.96 52.43
C ILE C 270 -109.77 91.22 52.81
N TYR C 271 -109.06 92.29 53.19
CA TYR C 271 -109.67 93.59 53.56
C TYR C 271 -109.59 94.49 52.34
N THR C 272 -110.65 95.22 52.02
CA THR C 272 -110.71 96.04 50.79
C THR C 272 -111.51 97.34 50.94
N SER C 273 -111.22 98.35 50.13
CA SER C 273 -112.08 99.55 50.02
C SER C 273 -112.18 99.88 48.53
N VAL C 274 -113.40 100.02 47.99
CA VAL C 274 -113.59 100.46 46.58
C VAL C 274 -113.36 101.98 46.54
N LYS C 275 -113.54 102.68 47.67
CA LYS C 275 -113.37 104.16 47.78
C LYS C 275 -111.87 104.57 47.78
N GLU C 276 -111.01 103.76 48.42
CA GLU C 276 -109.54 104.03 48.50
C GLU C 276 -108.81 103.01 47.61
N GLU C 277 -109.53 102.17 46.83
CA GLU C 277 -108.98 101.21 45.83
C GLU C 277 -108.11 100.14 46.50
N LYS C 278 -108.19 99.99 47.83
CA LYS C 278 -107.27 99.10 48.59
C LYS C 278 -107.52 97.65 48.25
N ASN C 279 -106.49 96.91 47.82
CA ASN C 279 -106.51 95.43 47.59
C ASN C 279 -107.46 94.98 46.47
N LEU C 280 -107.91 95.85 45.57
CA LEU C 280 -108.78 95.43 44.44
C LEU C 280 -108.02 94.53 43.46
N ASP C 281 -106.84 94.99 43.01
CA ASP C 281 -106.03 94.20 42.04
C ASP C 281 -105.59 92.92 42.74
N LEU C 282 -105.22 93.01 44.02
CA LEU C 282 -104.79 91.82 44.78
C LEU C 282 -105.97 90.83 44.86
N LEU C 283 -107.17 91.35 45.11
CA LEU C 283 -108.38 90.49 45.17
C LEU C 283 -108.60 89.85 43.80
N TYR C 284 -108.49 90.64 42.73
CA TYR C 284 -108.76 90.09 41.37
C TYR C 284 -107.75 88.99 41.06
N LYS C 285 -106.47 89.23 41.35
CA LYS C 285 -105.41 88.23 41.06
C LYS C 285 -105.68 86.98 41.89
N TYR C 286 -106.03 87.15 43.17
CA TYR C 286 -106.29 86.01 44.08
C TYR C 286 -107.52 85.24 43.58
N ILE C 287 -108.56 85.95 43.14
CA ILE C 287 -109.81 85.28 42.68
C ILE C 287 -109.45 84.41 41.46
N VAL C 288 -108.70 84.98 40.52
CA VAL C 288 -108.29 84.22 39.29
C VAL C 288 -107.37 83.07 39.72
N HIS C 289 -106.49 83.31 40.68
CA HIS C 289 -105.57 82.24 41.17
C HIS C 289 -106.37 81.09 41.78
N LYS C 290 -107.40 81.39 42.58
CA LYS C 290 -108.18 80.31 43.26
C LYS C 290 -109.30 79.84 42.35
N THR C 291 -109.21 80.10 41.05
CA THR C 291 -110.23 79.65 40.06
C THR C 291 -109.61 79.07 38.79
N TYR C 292 -108.50 79.64 38.28
CA TYR C 292 -107.90 79.25 36.98
C TYR C 292 -106.45 78.78 37.07
N GLY C 293 -105.88 78.71 38.28
CA GLY C 293 -104.52 78.15 38.45
C GLY C 293 -103.43 79.20 38.31
N PHE C 294 -103.81 80.48 38.21
CA PHE C 294 -102.79 81.54 37.98
C PHE C 294 -101.84 81.59 39.19
N HIS C 295 -100.55 81.79 38.94
CA HIS C 295 -99.56 81.79 40.05
C HIS C 295 -99.80 83.00 40.97
N PHE C 296 -99.71 82.80 42.29
CA PHE C 296 -99.82 83.95 43.22
C PHE C 296 -98.50 84.12 43.97
N THR C 297 -97.91 85.32 43.91
CA THR C 297 -96.58 85.55 44.53
C THR C 297 -96.69 86.45 45.76
N THR C 298 -97.91 86.72 46.26
CA THR C 298 -98.03 87.70 47.37
C THR C 298 -98.22 86.98 48.71
N PRO C 299 -97.32 87.18 49.70
CA PRO C 299 -97.48 86.60 51.05
C PRO C 299 -98.66 87.18 51.86
N ALA C 300 -98.82 86.72 53.09
CA ALA C 300 -99.86 87.23 54.00
C ALA C 300 -99.49 88.63 54.49
N LEU C 301 -100.47 89.54 54.57
CA LEU C 301 -100.27 90.91 55.12
C LEU C 301 -101.13 90.99 56.39
N VAL C 302 -100.53 91.12 57.57
CA VAL C 302 -101.29 91.14 58.86
C VAL C 302 -100.92 92.35 59.74
N VAL C 303 -100.14 93.31 59.23
CA VAL C 303 -99.67 94.50 60.02
C VAL C 303 -100.60 95.70 59.76
N GLU C 304 -101.20 95.80 58.56
CA GLU C 304 -102.06 96.96 58.19
C GLU C 304 -103.47 96.61 58.60
N LYS C 305 -104.02 97.30 59.62
CA LYS C 305 -105.33 96.94 60.24
C LYS C 305 -106.48 97.00 59.22
N GLU C 306 -106.39 97.86 58.20
CA GLU C 306 -107.48 98.03 57.19
C GLU C 306 -107.12 97.40 55.82
N ALA C 307 -105.96 96.76 55.66
CA ALA C 307 -105.52 96.16 54.37
C ALA C 307 -105.06 94.71 54.53
N VAL C 308 -105.50 94.06 55.62
CA VAL C 308 -105.08 92.66 55.96
C VAL C 308 -105.40 91.68 54.83
N PHE C 309 -104.43 90.83 54.48
CA PHE C 309 -104.69 89.75 53.48
C PHE C 309 -104.21 88.41 54.09
N ILE C 310 -105.05 87.38 54.05
CA ILE C 310 -104.69 86.03 54.58
C ILE C 310 -105.02 84.97 53.52
N PRO C 311 -104.09 84.29 52.80
CA PRO C 311 -104.52 83.24 51.87
C PRO C 311 -104.93 81.94 52.58
N ALA C 312 -105.85 81.19 51.97
CA ALA C 312 -106.33 79.91 52.54
C ALA C 312 -105.13 78.98 52.71
N GLY C 313 -104.92 78.43 53.92
CA GLY C 313 -103.76 77.56 54.23
C GLY C 313 -102.62 78.23 54.97
N TRP C 314 -102.57 79.56 55.04
CA TRP C 314 -101.53 80.31 55.80
C TRP C 314 -101.75 80.26 57.30
N ASP C 315 -103.00 80.36 57.76
CA ASP C 315 -103.27 80.63 59.18
C ASP C 315 -103.47 79.43 60.10
N ASN C 316 -103.40 79.66 61.43
CA ASN C 316 -103.68 78.62 62.48
C ASN C 316 -103.85 79.36 63.82
N GLU C 317 -104.40 78.72 64.85
CA GLU C 317 -104.69 79.40 66.14
C GLU C 317 -103.43 80.01 66.77
N LYS C 318 -102.24 79.44 66.54
CA LYS C 318 -100.97 80.04 67.04
C LYS C 318 -100.68 81.37 66.33
N LYS C 319 -100.89 81.45 65.02
CA LYS C 319 -100.72 82.71 64.23
C LYS C 319 -101.81 83.71 64.66
N ILE C 320 -103.00 83.23 65.00
CA ILE C 320 -104.11 84.11 65.52
C ILE C 320 -103.78 84.58 66.94
N ALA C 321 -103.16 83.75 67.78
CA ALA C 321 -102.91 84.06 69.21
C ALA C 321 -102.02 85.28 69.37
N ILE C 322 -101.22 85.63 68.37
CA ILE C 322 -100.34 86.84 68.42
C ILE C 322 -101.24 88.07 68.60
N LEU C 323 -102.43 88.07 68.01
CA LEU C 323 -103.41 89.20 68.15
C LEU C 323 -103.86 89.33 69.60
N HIS C 324 -103.88 88.24 70.37
CA HIS C 324 -104.30 88.25 71.80
C HIS C 324 -103.29 89.01 72.68
N GLU C 325 -102.05 89.21 72.23
CA GLU C 325 -101.00 89.97 72.99
C GLU C 325 -101.46 91.44 73.13
N ASN C 326 -102.31 91.93 72.23
CA ASN C 326 -102.82 93.34 72.24
C ASN C 326 -104.11 93.45 73.06
N PHE C 327 -104.58 92.36 73.69
CA PHE C 327 -105.83 92.37 74.49
C PHE C 327 -105.55 92.89 75.90
N THR C 328 -106.23 93.96 76.31
CA THR C 328 -106.07 94.59 77.65
C THR C 328 -107.39 94.66 78.42
N THR C 329 -108.54 94.60 77.75
CA THR C 329 -109.90 94.67 78.36
C THR C 329 -110.78 93.47 77.98
N VAL C 330 -110.47 92.77 76.88
CA VAL C 330 -111.27 91.60 76.37
C VAL C 330 -110.40 90.35 76.48
N LYS C 331 -111.00 89.17 76.36
CA LYS C 331 -110.27 87.91 76.39
C LYS C 331 -110.44 87.16 75.06
N PRO C 332 -109.55 86.19 74.75
CA PRO C 332 -109.72 85.36 73.55
C PRO C 332 -111.02 84.53 73.54
N GLU C 333 -111.64 84.27 74.70
CA GLU C 333 -112.85 83.41 74.82
C GLU C 333 -114.15 84.21 74.96
N ASP C 334 -114.10 85.55 75.07
CA ASP C 334 -115.31 86.39 75.28
C ASP C 334 -116.11 86.45 73.98
N ALA C 335 -117.43 86.57 74.07
CA ALA C 335 -118.28 86.68 72.85
C ALA C 335 -117.90 87.94 72.06
N TYR C 336 -117.77 87.79 70.73
CA TYR C 336 -117.32 88.90 69.86
C TYR C 336 -118.19 90.13 70.06
N GLU C 337 -119.51 89.96 70.00
CA GLU C 337 -120.45 91.11 70.07
C GLU C 337 -120.33 91.83 71.42
N ASP C 338 -120.12 91.11 72.51
CA ASP C 338 -120.12 91.77 73.85
C ASP C 338 -119.02 92.84 73.92
N PHE C 339 -117.79 92.51 73.48
CA PHE C 339 -116.71 93.54 73.44
C PHE C 339 -117.02 94.61 72.41
N ILE C 340 -117.52 94.19 71.25
CA ILE C 340 -117.76 95.16 70.14
C ILE C 340 -118.81 96.17 70.59
N VAL C 341 -118.66 97.43 70.18
CA VAL C 341 -119.58 98.50 70.67
C VAL C 341 -121.02 98.18 70.26
N LYS C 342 -121.23 97.54 69.10
CA LYS C 342 -122.61 97.31 68.59
C LYS C 342 -123.27 98.69 68.52
N PRO C 343 -122.83 99.60 67.64
CA PRO C 343 -123.30 100.98 67.68
C PRO C 343 -124.82 101.13 67.73
N PRO C 344 -125.35 101.89 68.70
CA PRO C 344 -126.79 102.12 68.81
C PRO C 344 -127.09 103.35 67.93
N VAL C 345 -127.09 103.17 66.61
CA VAL C 345 -127.40 104.27 65.67
C VAL C 345 -128.72 104.89 66.13
N ARG C 346 -128.79 106.20 66.08
CA ARG C 346 -129.98 106.91 66.60
C ARG C 346 -131.06 106.95 65.53
N LYS C 347 -131.66 105.78 65.33
CA LYS C 347 -132.79 105.72 64.38
C LYS C 347 -133.97 106.46 64.99
N LEU C 348 -134.98 106.72 64.17
CA LEU C 348 -136.17 107.43 64.66
C LEU C 348 -136.90 106.45 65.57
N VAL C 349 -136.65 106.60 66.89
CA VAL C 349 -137.33 105.70 67.85
C VAL C 349 -138.77 106.15 67.84
N HIS C 350 -139.65 105.30 67.28
CA HIS C 350 -141.02 105.81 67.12
C HIS C 350 -141.78 105.88 68.43
N ASP C 351 -142.49 106.96 68.66
CA ASP C 351 -143.31 107.13 69.88
C ASP C 351 -144.56 106.25 69.83
N LYS C 352 -145.24 106.09 70.94
CA LYS C 352 -146.50 105.30 70.90
C LYS C 352 -147.56 106.00 70.02
N GLU C 353 -148.38 105.23 69.29
CA GLU C 353 -149.42 105.87 68.50
C GLU C 353 -150.49 106.43 69.47
N LEU C 354 -150.53 107.77 69.58
CA LEU C 354 -151.54 108.41 70.44
C LEU C 354 -152.76 108.64 69.57
N ALA C 355 -153.89 108.13 70.04
CA ALA C 355 -155.13 108.21 69.26
C ALA C 355 -156.22 108.78 70.15
N ALA C 356 -157.01 109.68 69.58
CA ALA C 356 -158.12 110.27 70.33
C ALA C 356 -159.12 109.17 70.70
N GLU C 357 -159.57 109.22 71.95
CA GLU C 357 -160.59 108.26 72.39
C GLU C 357 -161.87 108.51 71.61
N ASP C 358 -162.54 107.43 71.24
CA ASP C 358 -163.82 107.58 70.53
C ASP C 358 -164.85 108.26 71.41
N GLU C 359 -165.89 108.81 70.77
CA GLU C 359 -166.94 109.49 71.56
C GLU C 359 -167.62 108.46 72.47
N GLN C 360 -167.91 107.29 71.93
CA GLN C 360 -168.57 106.25 72.77
C GLN C 360 -167.69 105.80 73.93
N VAL C 361 -166.43 105.51 73.67
CA VAL C 361 -165.57 105.02 74.77
C VAL C 361 -165.28 106.10 75.80
N PHE C 362 -165.05 107.31 75.32
CA PHE C 362 -164.82 108.43 76.26
C PHE C 362 -166.05 108.66 77.10
N LEU C 363 -167.20 108.56 76.46
CA LEU C 363 -168.46 108.77 77.22
C LEU C 363 -168.79 107.61 78.14
N MET C 364 -168.39 106.39 77.80
CA MET C 364 -168.54 105.26 78.76
C MET C 364 -167.61 105.52 79.96
N LYS C 365 -166.40 106.03 79.69
CA LYS C 365 -165.52 106.40 80.82
C LYS C 365 -166.19 107.50 81.65
N GLN C 366 -166.78 108.50 81.01
CA GLN C 366 -167.43 109.58 81.80
C GLN C 366 -168.65 109.04 82.53
N GLN C 367 -169.35 108.10 81.92
CA GLN C 367 -170.46 107.43 82.65
C GLN C 367 -169.97 106.69 83.88
N SER C 368 -168.85 105.99 83.74
CA SER C 368 -168.26 105.33 84.92
C SER C 368 -167.92 106.38 85.93
N LEU C 369 -167.37 107.52 85.50
CA LEU C 369 -166.97 108.46 86.58
C LEU C 369 -168.20 109.01 87.26
N LEU C 370 -169.22 109.40 86.50
CA LEU C 370 -170.44 110.01 87.08
C LEU C 370 -171.17 109.03 87.97
N ALA C 371 -171.27 107.77 87.54
CA ALA C 371 -172.07 106.78 88.30
C ALA C 371 -171.49 106.53 89.69
N LYS C 372 -170.17 106.43 89.80
CA LYS C 372 -169.53 106.19 91.12
C LYS C 372 -169.77 107.40 92.07
N GLN C 373 -169.89 108.60 91.49
CA GLN C 373 -170.00 109.83 92.33
C GLN C 373 -171.32 109.86 93.08
N SER D 37 -70.34 56.77 -18.27
CA SER D 37 -70.09 57.36 -16.95
C SER D 37 -68.65 57.15 -16.52
N SER D 38 -68.45 55.87 -16.18
CA SER D 38 -67.09 55.53 -15.73
C SER D 38 -66.17 56.34 -16.62
N ILE D 39 -66.58 56.48 -17.86
CA ILE D 39 -65.77 57.26 -18.81
C ILE D 39 -65.72 58.72 -18.35
N LEU D 40 -66.88 59.26 -18.06
CA LEU D 40 -66.93 60.68 -17.71
C LEU D 40 -66.17 60.92 -16.42
N SER D 41 -66.32 59.99 -15.51
CA SER D 41 -65.62 60.13 -14.22
C SER D 41 -64.11 60.13 -14.44
N GLU D 42 -63.65 59.28 -15.34
CA GLU D 42 -62.19 59.18 -15.56
C GLU D 42 -61.67 60.44 -16.21
N VAL D 43 -62.45 60.97 -17.13
CA VAL D 43 -62.06 62.26 -17.77
C VAL D 43 -61.93 63.31 -16.72
N SER D 44 -62.91 63.40 -15.86
CA SER D 44 -62.94 64.42 -14.83
C SER D 44 -61.73 64.40 -13.94
N THR D 45 -61.22 63.22 -13.67
CA THR D 45 -60.09 63.11 -12.69
C THR D 45 -58.82 63.70 -13.30
N ARG D 46 -58.91 64.20 -14.52
CA ARG D 46 -57.75 64.81 -15.26
C ARG D 46 -57.94 66.31 -15.44
N ALA D 47 -58.89 66.93 -14.76
CA ALA D 47 -59.20 68.36 -14.99
C ALA D 47 -58.06 69.31 -14.61
N ARG D 48 -57.73 70.26 -15.49
CA ARG D 48 -56.77 71.34 -15.09
C ARG D 48 -57.64 72.12 -14.12
N SER D 49 -57.29 72.15 -12.85
CA SER D 49 -58.26 72.73 -11.88
C SER D 49 -57.98 74.20 -11.61
N LYS D 50 -58.97 74.94 -11.15
CA LYS D 50 -58.76 76.37 -10.78
C LYS D 50 -57.89 76.39 -9.52
N LEU D 51 -57.28 77.53 -9.21
CA LEU D 51 -56.53 77.62 -7.92
C LEU D 51 -57.58 77.41 -6.84
N PRO D 52 -57.25 76.92 -5.62
CA PRO D 52 -58.32 76.59 -4.66
C PRO D 52 -59.10 77.77 -4.08
N SER D 53 -60.41 77.84 -4.39
CA SER D 53 -61.29 78.88 -3.80
C SER D 53 -61.48 78.58 -2.31
N GLY D 54 -61.60 77.29 -1.98
CA GLY D 54 -61.83 76.88 -0.59
C GLY D 54 -60.90 77.58 0.38
N LYS D 55 -59.75 78.10 -0.09
CA LYS D 55 -58.83 78.70 0.87
C LYS D 55 -59.54 79.73 1.73
N ASN D 56 -59.10 79.81 3.04
CA ASN D 56 -59.77 80.68 3.99
C ASN D 56 -58.79 81.60 4.70
N ILE D 57 -59.20 82.80 4.93
CA ILE D 57 -58.49 83.75 5.78
C ILE D 57 -59.36 84.12 6.98
N LEU D 58 -58.85 83.94 8.13
CA LEU D 58 -59.52 84.32 9.36
C LEU D 58 -58.89 85.55 9.98
N VAL D 59 -59.63 86.53 10.26
CA VAL D 59 -59.09 87.79 10.76
C VAL D 59 -59.59 88.05 12.18
N PHE D 60 -58.67 88.35 13.07
CA PHE D 60 -58.97 88.64 14.48
C PHE D 60 -58.45 90.00 14.88
N GLY D 61 -59.10 90.58 15.89
CA GLY D 61 -58.68 91.84 16.45
C GLY D 61 -59.78 92.54 17.24
N GLU D 62 -59.39 93.52 18.05
CA GLU D 62 -60.40 94.30 18.81
C GLU D 62 -61.26 95.15 17.89
N ASP D 63 -62.40 95.50 18.43
CA ASP D 63 -63.32 96.35 17.66
C ASP D 63 -62.64 97.68 17.37
N GLY D 64 -62.79 98.12 16.14
CA GLY D 64 -62.22 99.44 15.85
C GLY D 64 -60.75 99.34 15.47
N SER D 65 -60.23 98.11 15.36
CA SER D 65 -58.81 97.95 15.03
C SER D 65 -58.58 98.12 13.54
N GLY D 66 -59.56 98.09 12.73
CA GLY D 66 -59.44 98.30 11.30
C GLY D 66 -59.50 97.01 10.50
N LYS D 67 -60.02 95.93 11.02
CA LYS D 67 -60.09 94.63 10.38
C LYS D 67 -60.89 94.70 9.09
N THR D 68 -62.11 95.22 9.18
CA THR D 68 -63.02 95.29 8.04
C THR D 68 -62.51 96.26 6.99
N THR D 69 -62.06 97.37 7.46
CA THR D 69 -61.52 98.37 6.55
C THR D 69 -60.33 97.82 5.77
N LEU D 70 -59.48 97.13 6.46
CA LEU D 70 -58.29 96.56 5.85
C LEU D 70 -58.65 95.56 4.75
N MET D 71 -59.50 94.65 5.03
CA MET D 71 -59.86 93.57 4.11
C MET D 71 -60.68 94.11 2.94
N THR D 72 -61.55 95.06 3.21
CA THR D 72 -62.34 95.70 2.16
C THR D 72 -61.43 96.41 1.16
N LYS D 73 -60.48 97.02 1.74
CA LYS D 73 -59.52 97.70 0.88
C LYS D 73 -58.76 96.69 0.00
N LEU D 74 -58.34 95.60 0.55
CA LEU D 74 -57.63 94.56 -0.20
C LEU D 74 -58.53 93.96 -1.28
N GLN D 75 -59.82 93.93 -1.03
CA GLN D 75 -60.79 93.43 -1.99
C GLN D 75 -60.96 94.41 -3.15
N GLY D 76 -60.67 95.64 -2.96
CA GLY D 76 -60.85 96.68 -3.96
C GLY D 76 -62.18 97.38 -3.87
N ALA D 77 -62.84 97.20 -2.73
CA ALA D 77 -64.13 97.84 -2.52
C ALA D 77 -63.99 99.14 -1.74
N GLU D 78 -64.84 100.06 -2.03
CA GLU D 78 -64.72 101.38 -1.41
C GLU D 78 -65.41 101.42 -0.05
N HIS D 79 -66.51 100.69 0.02
CA HIS D 79 -67.22 100.79 1.29
C HIS D 79 -67.66 99.42 1.78
N GLY D 80 -67.05 99.23 3.01
CA GLY D 80 -67.55 98.00 3.60
C GLY D 80 -68.58 98.23 4.69
N LYS D 81 -69.66 97.61 4.50
CA LYS D 81 -70.67 97.70 5.56
C LYS D 81 -70.21 96.94 6.80
N LYS D 82 -70.18 97.71 7.90
CA LYS D 82 -69.64 97.20 9.18
C LYS D 82 -70.60 96.20 9.78
N GLY D 83 -70.07 95.02 9.99
CA GLY D 83 -70.89 94.02 10.66
C GLY D 83 -70.43 93.75 12.06
N ARG D 84 -71.37 93.42 12.93
CA ARG D 84 -71.02 92.96 14.27
C ARG D 84 -71.18 91.44 14.21
N GLY D 85 -70.33 90.69 14.83
CA GLY D 85 -70.28 89.25 14.79
C GLY D 85 -69.19 88.73 13.90
N LEU D 86 -69.60 87.89 12.97
CA LEU D 86 -68.64 87.30 12.01
C LEU D 86 -68.86 87.96 10.66
N GLU D 87 -67.85 88.73 10.29
CA GLU D 87 -67.98 89.47 9.03
C GLU D 87 -67.45 88.64 7.89
N TYR D 88 -67.96 89.01 6.73
CA TYR D 88 -67.62 88.16 5.60
C TYR D 88 -67.17 88.92 4.37
N LEU D 89 -66.39 88.18 3.57
CA LEU D 89 -66.08 88.68 2.23
C LEU D 89 -65.16 87.71 1.50
N TYR D 90 -64.77 88.07 0.31
CA TYR D 90 -63.86 87.19 -0.43
C TYR D 90 -62.89 88.01 -1.28
N LEU D 91 -61.71 87.45 -1.50
CA LEU D 91 -60.78 88.16 -2.40
C LEU D 91 -60.83 87.54 -3.78
N SER D 92 -60.93 88.41 -4.77
CA SER D 92 -60.81 87.93 -6.17
C SER D 92 -59.32 87.97 -6.51
N ILE D 93 -58.78 86.82 -6.86
CA ILE D 93 -57.33 86.76 -7.17
C ILE D 93 -57.17 86.48 -8.65
N HIS D 94 -56.40 87.34 -9.28
CA HIS D 94 -56.27 87.18 -10.75
C HIS D 94 -54.81 86.94 -11.12
N ASP D 95 -54.60 85.88 -11.90
CA ASP D 95 -53.25 85.63 -12.42
C ASP D 95 -53.19 86.11 -13.86
N GLU D 96 -52.48 87.19 -14.08
CA GLU D 96 -52.43 87.77 -15.43
C GLU D 96 -51.68 86.86 -16.39
N ASP D 97 -50.66 86.21 -15.89
CA ASP D 97 -49.82 85.38 -16.78
C ASP D 97 -50.62 84.21 -17.32
N ARG D 98 -51.45 83.62 -16.47
CA ARG D 98 -52.19 82.43 -16.92
C ARG D 98 -53.60 82.85 -17.33
N ASP D 99 -53.88 84.13 -17.13
CA ASP D 99 -55.25 84.56 -17.42
C ASP D 99 -56.23 83.66 -16.67
N ASP D 100 -56.00 83.47 -15.38
CA ASP D 100 -56.88 82.60 -14.56
C ASP D 100 -57.37 83.38 -13.35
N HIS D 101 -58.53 83.00 -12.85
CA HIS D 101 -59.09 83.68 -11.67
C HIS D 101 -59.49 82.66 -10.61
N THR D 102 -59.34 83.08 -9.37
CA THR D 102 -59.76 82.20 -8.25
C THR D 102 -60.20 83.15 -7.12
N ARG D 103 -60.68 82.66 -6.01
CA ARG D 103 -61.21 83.61 -5.01
C ARG D 103 -61.00 83.05 -3.62
N CYS D 104 -60.49 83.86 -2.71
CA CYS D 104 -60.17 83.37 -1.35
C CYS D 104 -61.32 83.71 -0.39
N ASN D 105 -61.81 82.74 0.36
CA ASN D 105 -62.86 83.06 1.38
C ASN D 105 -62.29 83.99 2.46
N VAL D 106 -63.09 84.94 2.97
CA VAL D 106 -62.69 85.95 3.93
C VAL D 106 -63.68 85.93 5.09
N TRP D 107 -63.11 85.92 6.28
CA TRP D 107 -63.98 85.85 7.46
C TRP D 107 -63.31 86.63 8.57
N ILE D 108 -63.99 87.67 9.04
CA ILE D 108 -63.40 88.56 10.08
C ILE D 108 -64.34 88.52 11.26
N LEU D 109 -63.82 88.19 12.44
CA LEU D 109 -64.71 88.03 13.61
C LEU D 109 -64.90 89.36 14.34
N ASP D 110 -66.04 89.51 14.98
CA ASP D 110 -66.29 90.68 15.80
C ASP D 110 -65.35 90.71 16.98
N GLY D 111 -65.04 91.93 17.43
CA GLY D 111 -64.18 92.13 18.59
C GLY D 111 -64.76 91.50 19.85
N ASP D 112 -66.07 91.53 20.02
CA ASP D 112 -66.63 91.00 21.29
C ASP D 112 -66.55 89.48 21.30
N LEU D 113 -66.23 88.91 22.45
CA LEU D 113 -66.25 87.42 22.59
C LEU D 113 -67.70 86.92 22.60
N TYR D 114 -68.67 87.84 22.72
CA TYR D 114 -70.10 87.47 22.68
C TYR D 114 -70.42 86.81 21.34
N HIS D 115 -69.60 87.09 20.31
CA HIS D 115 -69.81 86.50 18.97
C HIS D 115 -68.76 85.44 18.65
N LYS D 116 -68.12 84.87 19.67
CA LYS D 116 -66.99 83.94 19.38
C LYS D 116 -67.49 82.65 18.69
N GLY D 117 -68.64 82.07 19.07
CA GLY D 117 -69.13 80.81 18.50
C GLY D 117 -69.23 80.85 16.99
N LEU D 118 -69.22 82.03 16.39
CA LEU D 118 -69.25 82.09 14.91
C LEU D 118 -67.98 81.51 14.27
N LEU D 119 -66.91 81.35 15.04
CA LEU D 119 -65.66 80.79 14.47
C LEU D 119 -65.87 79.38 13.93
N LYS D 120 -66.70 78.58 14.61
CA LYS D 120 -66.94 77.26 14.07
C LYS D 120 -67.53 77.32 12.66
N PHE D 121 -68.22 78.42 12.34
CA PHE D 121 -68.75 78.65 11.01
C PHE D 121 -67.73 79.22 10.03
N ALA D 122 -66.58 79.68 10.53
CA ALA D 122 -65.53 80.24 9.68
C ALA D 122 -64.48 79.21 9.30
N VAL D 123 -64.18 78.26 10.18
CA VAL D 123 -63.13 77.26 9.97
C VAL D 123 -63.66 75.91 10.41
N SER D 124 -63.40 74.88 9.61
CA SER D 124 -63.79 73.51 9.89
C SER D 124 -62.57 72.60 9.80
N ALA D 125 -62.80 71.32 10.09
CA ALA D 125 -61.69 70.35 10.05
C ALA D 125 -61.11 70.25 8.64
N GLU D 126 -61.96 70.09 7.64
CA GLU D 126 -61.49 69.94 6.26
C GLU D 126 -60.82 71.22 5.78
N SER D 127 -61.37 72.38 6.15
CA SER D 127 -60.90 73.66 5.65
C SER D 127 -59.78 74.27 6.50
N LEU D 128 -59.40 73.64 7.61
CA LEU D 128 -58.37 74.21 8.47
C LEU D 128 -57.01 74.37 7.77
N PRO D 129 -56.48 73.36 7.07
CA PRO D 129 -55.18 73.58 6.39
C PRO D 129 -55.25 74.67 5.33
N GLU D 130 -56.37 74.79 4.63
CA GLU D 130 -56.54 75.83 3.63
C GLU D 130 -56.68 77.21 4.26
N THR D 131 -56.96 77.30 5.56
CA THR D 131 -57.21 78.57 6.21
C THR D 131 -55.90 79.27 6.54
N LEU D 132 -55.86 80.58 6.26
CA LEU D 132 -54.79 81.47 6.66
C LEU D 132 -55.34 82.43 7.70
N VAL D 133 -54.65 82.51 8.85
CA VAL D 133 -55.11 83.30 9.98
C VAL D 133 -54.43 84.66 9.95
N ILE D 134 -55.22 85.73 10.05
CA ILE D 134 -54.74 87.10 10.09
C ILE D 134 -55.16 87.71 11.42
N PHE D 135 -54.21 88.27 12.15
CA PHE D 135 -54.44 88.95 13.42
C PHE D 135 -54.11 90.42 13.28
N VAL D 136 -55.04 91.27 13.68
CA VAL D 136 -54.94 92.71 13.53
C VAL D 136 -54.38 93.30 14.82
N ALA D 137 -53.39 94.19 14.70
CA ALA D 137 -52.80 94.91 15.81
C ALA D 137 -53.03 96.39 15.62
N ASP D 138 -53.71 97.01 16.58
CA ASP D 138 -54.11 98.41 16.49
C ASP D 138 -52.99 99.29 17.00
N MET D 139 -52.36 100.04 16.09
CA MET D 139 -51.30 100.97 16.44
C MET D 139 -51.83 102.33 16.88
N SER D 140 -53.12 102.62 16.69
CA SER D 140 -53.70 103.81 17.28
C SER D 140 -53.90 103.65 18.78
N ARG D 141 -54.02 102.42 19.28
CA ARG D 141 -54.10 102.12 20.70
C ARG D 141 -53.03 101.08 21.00
N PRO D 142 -51.75 101.48 20.97
CA PRO D 142 -50.67 100.48 21.11
C PRO D 142 -50.69 99.75 22.44
N TRP D 143 -51.18 100.39 23.51
CA TRP D 143 -51.09 99.80 24.84
C TRP D 143 -51.93 98.54 24.97
N THR D 144 -53.00 98.40 24.18
CA THR D 144 -53.81 97.19 24.17
C THR D 144 -53.43 96.22 23.07
N VAL D 145 -52.28 96.45 22.40
CA VAL D 145 -51.89 95.55 21.31
C VAL D 145 -51.64 94.14 21.84
N MET D 146 -50.62 93.99 22.69
CA MET D 146 -50.20 92.64 23.11
C MET D 146 -51.34 91.91 23.82
N GLU D 147 -52.04 92.59 24.73
CA GLU D 147 -53.10 91.95 25.48
C GLU D 147 -54.20 91.44 24.56
N SER D 148 -54.63 92.26 23.60
CA SER D 148 -55.65 91.81 22.65
C SER D 148 -55.13 90.69 21.78
N LEU D 149 -53.85 90.73 21.41
CA LEU D 149 -53.28 89.66 20.61
C LEU D 149 -53.27 88.33 21.37
N GLN D 150 -52.91 88.35 22.65
CA GLN D 150 -53.02 87.11 23.42
C GLN D 150 -54.47 86.68 23.59
N LYS D 151 -55.36 87.65 23.71
CA LYS D 151 -56.81 87.35 23.71
C LYS D 151 -57.13 86.60 22.40
N TRP D 152 -56.74 87.15 21.26
CA TRP D 152 -57.13 86.52 19.98
C TRP D 152 -56.43 85.18 19.76
N ALA D 153 -55.16 85.13 20.13
CA ALA D 153 -54.40 83.86 19.98
C ALA D 153 -55.01 82.78 20.89
N SER D 154 -55.36 83.14 22.13
CA SER D 154 -55.95 82.17 23.03
C SER D 154 -57.26 81.65 22.47
N VAL D 155 -58.15 82.56 22.04
CA VAL D 155 -59.46 82.17 21.54
C VAL D 155 -59.32 81.19 20.39
N LEU D 156 -58.34 81.44 19.51
CA LEU D 156 -58.02 80.47 18.47
C LEU D 156 -57.57 79.14 19.07
N ARG D 157 -56.79 79.18 20.16
CA ARG D 157 -56.32 77.94 20.77
C ARG D 157 -57.48 77.11 21.33
N GLU D 158 -58.39 77.74 22.08
CA GLU D 158 -59.57 76.99 22.53
C GLU D 158 -60.41 76.51 21.35
N HIS D 159 -60.47 77.28 20.27
CA HIS D 159 -61.25 76.84 19.12
C HIS D 159 -60.70 75.55 18.54
N ILE D 160 -59.39 75.51 18.29
CA ILE D 160 -58.80 74.28 17.78
C ILE D 160 -58.91 73.17 18.81
N ASP D 161 -58.93 73.50 20.10
CA ASP D 161 -59.17 72.48 21.11
C ASP D 161 -60.56 71.87 20.95
N LYS D 162 -61.58 72.71 20.75
CA LYS D 162 -62.93 72.20 20.53
C LYS D 162 -63.02 71.40 19.25
N MET D 163 -62.20 71.72 18.25
CA MET D 163 -62.35 71.09 16.94
C MET D 163 -62.15 69.57 16.99
N LYS D 164 -61.36 69.08 17.95
CA LYS D 164 -61.09 67.64 18.09
C LYS D 164 -60.46 67.08 16.82
N ILE D 165 -59.23 67.49 16.55
CA ILE D 165 -58.48 66.93 15.42
C ILE D 165 -57.76 65.68 15.90
N PRO D 166 -57.53 64.66 15.06
CA PRO D 166 -56.70 63.52 15.50
C PRO D 166 -55.29 63.96 15.85
N PRO D 167 -54.66 63.37 16.87
CA PRO D 167 -53.27 63.78 17.18
C PRO D 167 -52.30 63.54 16.03
N GLU D 168 -52.49 62.49 15.24
CA GLU D 168 -51.62 62.27 14.08
C GLU D 168 -51.77 63.40 13.08
N GLU D 169 -53.01 63.83 12.82
CA GLU D 169 -53.23 64.95 11.90
C GLU D 169 -52.62 66.23 12.47
N MET D 170 -52.75 66.44 13.78
CA MET D 170 -52.17 67.63 14.41
C MET D 170 -50.65 67.62 14.27
N ARG D 171 -50.02 66.47 14.50
CA ARG D 171 -48.58 66.38 14.32
C ARG D 171 -48.18 66.58 12.86
N GLU D 172 -49.00 66.08 11.94
CA GLU D 172 -48.71 66.28 10.51
C GLU D 172 -48.78 67.77 10.15
N LEU D 173 -49.78 68.47 10.65
CA LEU D 173 -49.89 69.90 10.39
C LEU D 173 -48.73 70.66 10.99
N GLU D 174 -48.33 70.30 12.22
CA GLU D 174 -47.18 70.96 12.83
C GLU D 174 -45.91 70.67 12.05
N ARG D 175 -45.76 69.45 11.55
CA ARG D 175 -44.60 69.11 10.72
C ARG D 175 -44.58 69.96 9.46
N LYS D 176 -45.73 70.12 8.81
CA LYS D 176 -45.80 70.93 7.60
C LYS D 176 -45.45 72.39 7.92
N PHE D 177 -45.99 72.92 9.02
CA PHE D 177 -45.76 74.31 9.37
C PHE D 177 -44.30 74.55 9.73
N MET D 178 -43.71 73.68 10.55
CA MET D 178 -42.31 73.87 10.93
C MET D 178 -41.40 73.65 9.72
N LYS D 179 -41.75 72.72 8.83
CA LYS D 179 -41.02 72.54 7.59
C LYS D 179 -41.01 73.82 6.78
N ASP D 180 -42.18 74.49 6.70
CA ASP D 180 -42.22 75.81 6.08
C ASP D 180 -41.37 76.80 6.85
N PHE D 181 -41.27 76.62 8.16
CA PHE D 181 -40.53 77.57 9.00
C PHE D 181 -39.03 77.53 8.70
N GLN D 182 -38.38 76.39 8.95
CA GLN D 182 -36.92 76.37 8.76
C GLN D 182 -36.53 76.47 7.29
N ASP D 183 -37.42 76.07 6.37
CA ASP D 183 -37.09 76.13 4.96
C ASP D 183 -37.19 77.55 4.39
N TYR D 184 -37.51 78.54 5.20
CA TYR D 184 -37.47 79.92 4.74
C TYR D 184 -36.04 80.34 4.44
N ILE D 185 -35.83 80.90 3.26
CA ILE D 185 -34.60 81.64 2.96
C ILE D 185 -35.00 82.99 2.37
N GLU D 186 -34.07 83.93 2.45
CA GLU D 186 -34.27 85.27 1.88
C GLU D 186 -34.47 85.18 0.37
N PRO D 226 -50.51 78.55 9.49
CA PRO D 226 -49.79 79.83 9.45
C PRO D 226 -50.58 80.93 10.15
N VAL D 227 -49.85 81.88 10.73
CA VAL D 227 -50.43 83.02 11.40
C VAL D 227 -49.70 84.27 10.94
N LEU D 228 -50.45 85.31 10.58
CA LEU D 228 -49.90 86.53 10.02
C LEU D 228 -50.40 87.73 10.83
N VAL D 229 -49.47 88.49 11.39
CA VAL D 229 -49.79 89.66 12.20
C VAL D 229 -49.68 90.89 11.31
N VAL D 230 -50.76 91.66 11.22
CA VAL D 230 -50.83 92.88 10.42
C VAL D 230 -51.10 94.05 11.35
N CYS D 231 -50.26 95.07 11.27
CA CYS D 231 -50.40 96.27 12.09
C CYS D 231 -51.11 97.34 11.30
N THR D 232 -52.17 97.91 11.89
CA THR D 232 -53.04 98.87 11.22
C THR D 232 -52.95 100.22 11.89
N LYS D 233 -53.17 101.27 11.08
CA LYS D 233 -53.09 102.66 11.55
C LYS D 233 -51.74 102.94 12.20
N CYS D 234 -50.66 102.47 11.57
CA CYS D 234 -49.32 102.75 12.05
C CYS D 234 -48.98 104.23 11.97
N ASP D 235 -49.65 104.99 11.11
CA ASP D 235 -49.39 106.42 11.01
C ASP D 235 -49.75 107.16 12.30
N ALA D 236 -50.56 106.54 13.17
CA ALA D 236 -50.82 107.09 14.49
C ALA D 236 -49.56 107.23 15.34
N VAL D 237 -48.46 106.57 14.95
CA VAL D 237 -47.17 106.81 15.58
C VAL D 237 -46.83 108.29 15.56
N SER D 238 -47.19 108.99 14.47
CA SER D 238 -46.92 110.43 14.40
C SER D 238 -47.67 111.18 15.50
N VAL D 239 -48.86 110.70 15.85
CA VAL D 239 -49.58 111.27 16.99
C VAL D 239 -48.85 110.94 18.28
N LEU D 240 -48.35 109.70 18.40
CA LEU D 240 -47.67 109.28 19.62
C LEU D 240 -46.42 110.13 19.88
N GLU D 241 -45.74 110.56 18.81
CA GLU D 241 -44.61 111.46 18.98
C GLU D 241 -45.04 112.77 19.61
N LYS D 242 -46.22 113.26 19.26
CA LYS D 242 -46.71 114.52 19.78
C LYS D 242 -47.54 114.36 21.05
N GLU D 243 -48.64 113.63 20.99
CA GLU D 243 -49.58 113.56 22.11
C GLU D 243 -49.02 112.88 23.34
N HIS D 244 -48.19 111.84 23.17
CA HIS D 244 -47.66 111.06 24.29
C HIS D 244 -46.15 111.12 24.40
N ASP D 245 -45.49 111.98 23.61
CA ASP D 245 -44.04 112.20 23.71
C ASP D 245 -43.26 110.91 23.54
N TYR D 246 -43.73 110.06 22.63
CA TYR D 246 -43.02 108.83 22.31
C TYR D 246 -41.74 109.15 21.54
N ARG D 247 -40.82 108.20 21.57
CA ARG D 247 -39.54 108.34 20.85
C ARG D 247 -39.21 106.98 20.24
N ASP D 248 -38.03 106.91 19.62
CA ASP D 248 -37.62 105.67 18.97
C ASP D 248 -37.47 104.53 19.98
N GLU D 249 -37.21 104.85 21.24
CA GLU D 249 -37.07 103.79 22.24
C GLU D 249 -38.39 103.07 22.48
N HIS D 250 -39.49 103.83 22.58
CA HIS D 250 -40.80 103.21 22.80
C HIS D 250 -41.19 102.34 21.61
N ASP D 252 -39.07 100.89 19.51
CA ASP D 252 -38.23 99.71 19.61
C ASP D 252 -38.79 98.73 20.64
N PHE D 253 -39.27 99.26 21.77
CA PHE D 253 -39.87 98.44 22.81
C PHE D 253 -41.05 97.64 22.28
N ILE D 254 -42.01 98.33 21.66
CA ILE D 254 -43.22 97.66 21.21
C ILE D 254 -42.92 96.69 20.08
N GLN D 255 -42.05 97.08 19.13
CA GLN D 255 -41.81 96.20 18.00
C GLN D 255 -40.95 95.01 18.40
N SER D 256 -40.03 95.18 19.35
CA SER D 256 -39.29 94.04 19.89
C SER D 256 -40.23 93.08 20.59
N HIS D 257 -41.17 93.61 21.38
CA HIS D 257 -42.16 92.75 22.03
C HIS D 257 -42.98 92.00 21.00
N LEU D 258 -43.42 92.71 19.95
CA LEU D 258 -44.25 92.09 18.93
C LEU D 258 -43.48 91.02 18.17
N ARG D 259 -42.20 91.27 17.88
CA ARG D 259 -41.38 90.27 17.21
C ARG D 259 -41.16 89.05 18.10
N ARG D 260 -40.96 89.26 19.40
CA ARG D 260 -40.82 88.13 20.31
C ARG D 260 -42.09 87.31 20.38
N PHE D 261 -43.24 87.99 20.37
CA PHE D 261 -44.53 87.29 20.32
C PHE D 261 -44.66 86.47 19.03
N CYS D 262 -44.25 87.06 17.91
CA CYS D 262 -44.29 86.34 16.65
C CYS D 262 -43.41 85.10 16.71
N LEU D 263 -42.21 85.24 17.29
CA LEU D 263 -41.34 84.08 17.47
C LEU D 263 -42.00 83.03 18.35
N GLN D 264 -42.71 83.47 19.39
CA GLN D 264 -43.41 82.53 20.25
C GLN D 264 -44.44 81.73 19.47
N TYR D 265 -45.13 82.38 18.54
CA TYR D 265 -46.15 81.74 17.71
C TYR D 265 -45.74 81.57 16.24
N GLY D 266 -44.50 81.91 15.89
CA GLY D 266 -44.01 81.66 14.54
C GLY D 266 -44.81 82.34 13.45
N ALA D 267 -45.10 83.63 13.64
CA ALA D 267 -45.92 84.40 12.72
C ALA D 267 -45.06 85.39 11.93
N ALA D 268 -45.67 85.95 10.88
CA ALA D 268 -45.03 86.93 10.02
C ALA D 268 -45.63 88.31 10.29
N LEU D 269 -44.75 89.28 10.54
CA LEU D 269 -45.13 90.63 10.92
C LEU D 269 -45.04 91.57 9.71
N ILE D 270 -46.02 92.47 9.60
CA ILE D 270 -46.03 93.48 8.55
C ILE D 270 -46.72 94.72 9.09
N TYR D 271 -46.27 95.88 8.64
CA TYR D 271 -46.79 97.18 9.05
C TYR D 271 -47.52 97.82 7.88
N THR D 272 -48.70 98.39 8.17
CA THR D 272 -49.60 98.86 7.12
C THR D 272 -50.24 100.18 7.53
N SER D 273 -50.67 100.93 6.52
CA SER D 273 -51.38 102.19 6.74
C SER D 273 -52.28 102.41 5.53
N VAL D 274 -53.58 102.13 5.68
CA VAL D 274 -54.54 102.43 4.62
C VAL D 274 -54.63 103.92 4.39
N LYS D 275 -54.49 104.72 5.46
CA LYS D 275 -54.52 106.17 5.32
C LYS D 275 -53.37 106.65 4.43
N GLU D 276 -52.19 106.05 4.58
CA GLU D 276 -51.04 106.35 3.74
C GLU D 276 -50.79 105.31 2.66
N GLU D 277 -51.61 104.26 2.59
CA GLU D 277 -51.49 103.23 1.55
C GLU D 277 -50.11 102.58 1.59
N LYS D 278 -49.67 102.21 2.78
CA LYS D 278 -48.35 101.66 3.01
C LYS D 278 -48.42 100.14 3.07
N ASN D 279 -47.58 99.48 2.26
CA ASN D 279 -47.41 98.03 2.24
C ASN D 279 -48.68 97.27 1.91
N LEU D 280 -49.67 97.92 1.30
CA LEU D 280 -50.88 97.21 0.90
C LEU D 280 -50.58 96.17 -0.17
N ASP D 281 -49.83 96.55 -1.20
CA ASP D 281 -49.45 95.61 -2.25
C ASP D 281 -48.52 94.54 -1.71
N LEU D 282 -47.60 94.92 -0.82
CA LEU D 282 -46.75 93.93 -0.17
C LEU D 282 -47.58 92.93 0.62
N LEU D 283 -48.56 93.42 1.37
CA LEU D 283 -49.46 92.55 2.11
C LEU D 283 -50.20 91.60 1.16
N TYR D 284 -50.77 92.14 0.09
CA TYR D 284 -51.54 91.31 -0.84
C TYR D 284 -50.67 90.24 -1.47
N LYS D 285 -49.45 90.61 -1.87
CA LYS D 285 -48.53 89.64 -2.45
C LYS D 285 -48.20 88.55 -1.44
N TYR D 286 -47.97 88.93 -0.18
CA TYR D 286 -47.60 87.93 0.82
C TYR D 286 -48.78 86.99 1.10
N ILE D 287 -50.00 87.52 1.15
CA ILE D 287 -51.16 86.66 1.36
C ILE D 287 -51.30 85.68 0.21
N VAL D 288 -51.20 86.17 -1.03
CA VAL D 288 -51.34 85.27 -2.18
C VAL D 288 -50.23 84.22 -2.17
N HIS D 289 -49.01 84.62 -1.80
CA HIS D 289 -47.91 83.68 -1.67
C HIS D 289 -48.24 82.59 -0.67
N LYS D 290 -48.65 82.97 0.54
CA LYS D 290 -48.82 81.98 1.60
C LYS D 290 -50.01 81.07 1.33
N THR D 291 -51.09 81.60 0.73
CA THR D 291 -52.27 80.80 0.48
C THR D 291 -52.12 79.94 -0.77
N TYR D 292 -51.96 80.57 -1.93
CA TYR D 292 -51.92 79.85 -3.20
C TYR D 292 -50.53 79.33 -3.53
N GLY D 293 -49.53 79.58 -2.69
CA GLY D 293 -48.19 79.15 -2.98
C GLY D 293 -47.48 79.95 -4.05
N PHE D 294 -47.94 81.18 -4.30
CA PHE D 294 -47.34 82.01 -5.34
C PHE D 294 -45.94 82.46 -4.91
N HIS D 295 -45.20 83.00 -5.87
CA HIS D 295 -43.84 83.45 -5.59
C HIS D 295 -43.85 84.75 -4.78
N PHE D 296 -42.73 85.00 -4.10
CA PHE D 296 -42.55 86.18 -3.27
C PHE D 296 -41.08 86.53 -3.22
N THR D 297 -40.77 87.83 -3.31
CA THR D 297 -39.40 88.30 -3.45
C THR D 297 -39.02 89.48 -2.58
N THR D 298 -39.98 90.15 -1.94
CA THR D 298 -39.63 91.34 -1.16
C THR D 298 -38.79 90.96 0.05
N PRO D 299 -37.73 91.74 0.39
CA PRO D 299 -36.91 91.35 1.55
C PRO D 299 -37.48 91.87 2.86
N ALA D 300 -36.89 91.44 3.97
CA ALA D 300 -37.36 91.84 5.30
C ALA D 300 -36.83 93.21 5.65
N LEU D 301 -37.75 94.11 6.02
CA LEU D 301 -37.41 95.46 6.46
C LEU D 301 -37.72 95.57 7.95
N VAL D 302 -36.71 95.93 8.74
CA VAL D 302 -36.87 96.09 10.18
C VAL D 302 -36.24 97.40 10.67
N VAL D 303 -35.91 98.30 9.73
CA VAL D 303 -35.27 99.56 10.09
C VAL D 303 -36.29 100.68 10.24
N GLU D 304 -37.18 100.82 9.26
CA GLU D 304 -38.20 101.86 9.34
C GLU D 304 -39.16 101.57 10.50
N LYS D 305 -39.47 102.62 11.27
CA LYS D 305 -40.20 102.45 12.51
C LYS D 305 -41.63 101.98 12.26
N GLU D 306 -42.30 102.53 11.25
CA GLU D 306 -43.71 102.26 10.97
C GLU D 306 -43.92 101.51 9.66
N ALA D 307 -42.90 100.81 9.16
CA ALA D 307 -43.03 100.00 7.95
C ALA D 307 -42.28 98.67 8.12
N VAL D 308 -42.23 98.15 9.35
CA VAL D 308 -41.50 96.92 9.60
C VAL D 308 -42.22 95.75 8.94
N PHE D 309 -41.47 94.95 8.18
CA PHE D 309 -41.99 93.74 7.56
C PHE D 309 -41.02 92.61 7.83
N ILE D 310 -41.54 91.52 8.41
CA ILE D 310 -40.73 90.37 8.79
C ILE D 310 -41.48 89.11 8.32
N PRO D 311 -41.08 88.47 7.22
CA PRO D 311 -41.74 87.21 6.85
C PRO D 311 -41.41 86.11 7.85
N ALA D 312 -42.15 85.01 7.74
CA ALA D 312 -41.99 83.90 8.67
C ALA D 312 -40.59 83.30 8.56
N GLY D 313 -39.99 83.01 9.72
CA GLY D 313 -38.68 82.40 9.79
C GLY D 313 -37.52 83.37 9.83
N TRP D 314 -37.75 84.64 9.49
CA TRP D 314 -36.66 85.61 9.49
C TRP D 314 -36.25 85.99 10.90
N ASP D 315 -37.24 86.22 11.77
CA ASP D 315 -36.95 86.72 13.11
C ASP D 315 -36.20 85.69 13.96
N ASN D 316 -35.40 86.20 14.88
CA ASN D 316 -34.72 85.37 15.89
C ASN D 316 -34.34 86.27 17.05
N GLU D 317 -34.09 85.65 18.20
CA GLU D 317 -33.74 86.41 19.40
C GLU D 317 -32.45 87.20 19.17
N LYS D 318 -31.46 86.58 18.55
CA LYS D 318 -30.24 87.29 18.20
C LYS D 318 -30.55 88.43 17.23
N LYS D 319 -31.40 88.17 16.23
CA LYS D 319 -31.80 89.23 15.32
C LYS D 319 -32.63 90.29 16.03
N ILE D 320 -33.44 89.89 17.02
CA ILE D 320 -34.20 90.86 17.79
C ILE D 320 -33.30 91.70 18.68
N ALA D 321 -32.09 91.22 18.99
CA ALA D 321 -31.23 91.93 19.93
C ALA D 321 -30.75 93.28 19.41
N ILE D 322 -30.90 93.58 18.11
CA ILE D 322 -30.41 94.85 17.60
C ILE D 322 -31.20 96.01 18.20
N LEU D 323 -32.50 95.80 18.44
CA LEU D 323 -33.33 96.86 19.01
C LEU D 323 -32.98 97.12 20.47
N HIS D 324 -32.52 96.09 21.19
CA HIS D 324 -32.21 96.26 22.60
C HIS D 324 -31.02 97.18 22.81
N GLU D 325 -30.17 97.33 21.79
CA GLU D 325 -29.06 98.28 21.89
C GLU D 325 -29.59 99.71 22.01
N ASN D 326 -30.63 100.04 21.25
CA ASN D 326 -31.14 101.42 21.22
C ASN D 326 -31.80 101.82 22.54
N PHE D 327 -32.12 100.87 23.41
CA PHE D 327 -32.69 101.20 24.71
C PHE D 327 -31.65 101.96 25.55
N THR D 328 -32.14 102.94 26.32
CA THR D 328 -31.30 103.69 27.24
C THR D 328 -31.91 103.91 28.63
N THR D 329 -33.21 103.62 28.81
CA THR D 329 -33.85 103.69 30.11
C THR D 329 -34.58 102.40 30.44
N VAL D 330 -35.03 101.68 29.41
CA VAL D 330 -35.78 100.45 29.57
C VAL D 330 -34.84 99.27 29.28
N LYS D 331 -35.30 98.08 29.65
CA LYS D 331 -34.62 96.82 29.39
C LYS D 331 -35.56 95.87 28.67
N PRO D 332 -35.03 94.90 27.92
CA PRO D 332 -35.94 93.97 27.21
C PRO D 332 -36.84 93.17 28.15
N GLU D 333 -36.40 92.92 29.38
CA GLU D 333 -37.22 92.19 30.34
C GLU D 333 -38.25 93.07 31.05
N ASP D 334 -38.22 94.38 30.82
CA ASP D 334 -39.13 95.28 31.53
C ASP D 334 -40.56 95.07 31.05
N ALA D 335 -41.50 95.21 31.97
CA ALA D 335 -42.89 94.92 31.70
C ALA D 335 -43.46 95.90 30.68
N TYR D 336 -44.42 95.42 29.89
CA TYR D 336 -45.07 96.26 28.90
C TYR D 336 -45.92 97.35 29.55
N GLU D 337 -46.67 96.97 30.59
CA GLU D 337 -47.61 97.91 31.20
C GLU D 337 -46.87 99.06 31.90
N ASP D 338 -45.72 98.77 32.50
CA ASP D 338 -45.00 99.80 33.23
C ASP D 338 -44.42 100.85 32.30
N PHE D 339 -43.72 100.42 31.25
CA PHE D 339 -43.08 101.38 30.35
C PHE D 339 -44.10 102.11 29.49
N ILE D 340 -45.01 101.37 28.87
CA ILE D 340 -46.08 101.94 28.07
C ILE D 340 -47.37 101.89 28.91
N VAL D 341 -47.92 103.05 29.21
CA VAL D 341 -49.03 103.19 30.15
C VAL D 341 -50.33 103.33 29.38
N LYS D 342 -51.39 102.75 29.91
CA LYS D 342 -52.72 102.96 29.35
C LYS D 342 -53.25 104.31 29.84
N PRO D 343 -53.50 105.28 28.96
CA PRO D 343 -53.92 106.61 29.44
C PRO D 343 -55.27 106.54 30.15
N PRO D 344 -55.48 107.32 31.23
CA PRO D 344 -56.82 107.36 31.85
C PRO D 344 -57.73 108.36 31.14
N VAL D 345 -58.43 107.91 30.10
CA VAL D 345 -59.25 108.79 29.28
C VAL D 345 -60.28 109.50 30.15
N ARG D 346 -60.42 110.81 29.92
CA ARG D 346 -61.29 111.65 30.74
C ARG D 346 -62.73 111.54 30.25
N LYS D 347 -63.32 110.38 30.51
CA LYS D 347 -64.74 110.20 30.26
C LYS D 347 -65.53 111.10 31.20
N LEU D 348 -66.80 111.30 30.86
CA LEU D 348 -67.67 112.10 31.72
C LEU D 348 -67.94 111.32 33.00
N VAL D 349 -67.14 111.55 34.03
CA VAL D 349 -67.28 110.85 35.30
C VAL D 349 -68.63 111.23 35.89
N HIS D 350 -69.57 110.30 35.88
CA HIS D 350 -70.94 110.61 36.26
C HIS D 350 -71.04 110.92 37.76
N ASP D 351 -71.85 111.90 38.10
CA ASP D 351 -71.98 112.35 39.47
C ASP D 351 -72.77 111.34 40.29
N LYS D 352 -72.65 111.46 41.61
CA LYS D 352 -73.39 110.57 42.50
C LYS D 352 -74.89 110.77 42.33
N GLU D 353 -75.63 109.68 42.37
CA GLU D 353 -77.08 109.74 42.27
C GLU D 353 -77.65 110.45 43.49
N LEU D 354 -78.04 111.71 43.34
CA LEU D 354 -78.66 112.44 44.42
C LEU D 354 -80.14 112.09 44.44
N ALA D 355 -80.64 111.67 45.59
CA ALA D 355 -82.03 111.25 45.75
C ALA D 355 -82.63 111.96 46.95
N ALA D 356 -83.88 112.41 46.80
CA ALA D 356 -84.56 113.06 47.90
C ALA D 356 -84.72 112.10 49.06
N GLU D 357 -84.45 112.59 50.26
CA GLU D 357 -84.62 111.77 51.45
C GLU D 357 -86.08 111.39 51.59
N ASP D 358 -86.32 110.12 51.93
CA ASP D 358 -87.68 109.67 52.15
C ASP D 358 -88.30 110.45 53.30
N GLU D 359 -89.64 110.45 53.33
CA GLU D 359 -90.34 111.14 54.41
C GLU D 359 -89.96 110.53 55.76
N GLN D 360 -89.90 109.20 55.83
CA GLN D 360 -89.59 108.53 57.09
C GLN D 360 -88.15 108.84 57.53
N VAL D 361 -87.19 108.76 56.62
CA VAL D 361 -85.79 108.95 57.03
C VAL D 361 -85.54 110.42 57.38
N PHE D 362 -86.10 111.34 56.59
CA PHE D 362 -85.96 112.76 56.90
C PHE D 362 -86.59 113.09 58.24
N LEU D 363 -87.74 112.47 58.54
CA LEU D 363 -88.41 112.75 59.80
C LEU D 363 -87.73 112.05 60.98
N MET D 364 -87.08 110.91 60.76
CA MET D 364 -86.24 110.35 61.82
C MET D 364 -85.05 111.27 62.10
N LYS D 365 -84.48 111.86 61.05
CA LYS D 365 -83.44 112.87 61.27
C LYS D 365 -83.97 114.06 62.07
N GLN D 366 -85.17 114.54 61.72
CA GLN D 366 -85.75 115.67 62.46
C GLN D 366 -86.08 115.27 63.90
N GLN D 367 -86.51 114.02 64.10
CA GLN D 367 -86.71 113.51 65.46
C GLN D 367 -85.42 113.53 66.25
N SER D 368 -84.33 113.09 65.63
CA SER D 368 -83.04 113.13 66.31
C SER D 368 -82.65 114.55 66.66
N LEU D 369 -82.92 115.50 65.75
CA LEU D 369 -82.60 116.90 66.04
C LEU D 369 -83.45 117.44 67.19
N LEU D 370 -84.76 117.20 67.15
CA LEU D 370 -85.65 117.73 68.19
C LEU D 370 -85.35 117.10 69.55
N ALA D 371 -85.10 115.80 69.58
CA ALA D 371 -84.94 115.11 70.85
C ALA D 371 -83.71 115.60 71.62
N LYS D 372 -82.60 115.81 70.91
CA LYS D 372 -81.39 116.29 71.56
C LYS D 372 -81.52 117.70 72.10
N GLN D 373 -82.42 118.51 71.54
CA GLN D 373 -82.58 119.89 71.96
C GLN D 373 -83.18 119.98 73.36
#